data_4ZZ7
#
_entry.id   4ZZ7
#
_cell.length_a   156.700
_cell.length_b   160.300
_cell.length_c   238.920
_cell.angle_alpha   90.00
_cell.angle_beta   90.00
_cell.angle_gamma   90.00
#
_symmetry.space_group_name_H-M   'P 21 21 2'
#
loop_
_entity.id
_entity.type
_entity.pdbx_description
1 polymer 'Methylmalonate-semialdehyde dehydrogenase'
2 non-polymer NICOTINAMIDE-ADENINE-DINUCLEOTIDE
3 water water
#
_entity_poly.entity_id   1
_entity_poly.type   'polypeptide(L)'
_entity_poly.pdbx_seq_one_letter_code
;GSHMTTIGHLINGQLVTENTRSQNVFNPATGEIGKQLDLASTKTVEQAISAAQHAFPTWRNTPPLKRARVMFRFKELLEQ
HADEICRLIGEEHGKIAHDAMGELQRGIENVEYACGAPELLKGEHSRNVGPGIDSWSEFQPMGVVAGITPFNFPVMVPLW
MFPMAIVCGNCFVLKPSERDPSSTLYIAQLLQEAGLPDGVMNVVNGDKEAVDALLHDDRVKAVSFVGSTPIAEYIYRTAS
ANGKRCQALGGAKNHAIVMPDADMDNAVNQLLGAAFGSSGERCMALSVAVAVGDAAGDALVSKMTQAMQKLKVGPSTDSG
NDFGPVITRQHQEKVIGYINSAEQQGATIVVDGRQPKVPNHENGFFVGGTLIDHVTPEMTSYQEEIFGPVLQVVRVATMQ
DAMDLIDAHEYGNGTCIFTRDGEAARYFSDNIQVGMVGINIPLPVPVAYHSFGGWKRSLFGDLHAYGPDAVRFYTKRKTV
TQRWPSAGVREGAEFSMPTMK
;
_entity_poly.pdbx_strand_id   A,B,C,D,E,F,G,H,I,J,K,L
#
loop_
_chem_comp.id
_chem_comp.type
_chem_comp.name
_chem_comp.formula
NAD non-polymer NICOTINAMIDE-ADENINE-DINUCLEOTIDE 'C21 H27 N7 O14 P2'
#
# COMPACT_ATOMS: atom_id res chain seq x y z
N MET A 4 92.61 -2.40 -87.03
CA MET A 4 92.80 -2.46 -85.52
C MET A 4 92.43 -1.14 -84.83
N THR A 5 91.30 -1.14 -84.12
CA THR A 5 90.71 0.07 -83.53
C THR A 5 91.55 0.61 -82.35
N THR A 6 91.47 1.92 -82.11
CA THR A 6 92.18 2.55 -80.98
C THR A 6 91.22 3.06 -79.89
N ILE A 7 91.43 2.58 -78.67
CA ILE A 7 90.58 2.91 -77.52
C ILE A 7 90.96 4.25 -76.88
N GLY A 8 89.98 5.10 -76.73
CA GLY A 8 90.26 6.46 -76.32
C GLY A 8 89.95 6.76 -74.87
N HIS A 9 89.47 7.98 -74.66
CA HIS A 9 89.21 8.52 -73.36
C HIS A 9 87.89 9.27 -73.41
N LEU A 10 87.19 9.27 -72.29
CA LEU A 10 85.94 10.00 -72.14
C LEU A 10 86.24 11.26 -71.36
N ILE A 11 86.24 12.39 -72.06
CA ILE A 11 86.47 13.68 -71.40
C ILE A 11 85.44 14.71 -71.81
N ASN A 12 84.67 15.17 -70.83
CA ASN A 12 83.55 16.09 -71.05
C ASN A 12 82.55 15.52 -72.07
N GLY A 13 82.17 14.26 -71.88
CA GLY A 13 81.10 13.61 -72.65
C GLY A 13 81.44 13.31 -74.08
N GLN A 14 82.73 13.16 -74.37
CA GLN A 14 83.18 12.94 -75.72
C GLN A 14 84.40 12.07 -75.76
N LEU A 15 84.43 11.18 -76.74
CA LEU A 15 85.59 10.33 -77.00
C LEU A 15 86.73 11.11 -77.62
N VAL A 16 87.89 11.10 -76.98
CA VAL A 16 89.06 11.75 -77.53
C VAL A 16 90.29 10.85 -77.46
N THR A 17 91.26 11.14 -78.31
CA THR A 17 92.44 10.32 -78.33
C THR A 17 93.67 11.16 -78.63
N GLU A 18 94.67 10.99 -77.78
CA GLU A 18 95.84 11.86 -77.78
C GLU A 18 96.81 11.51 -78.89
N ASN A 19 97.09 10.21 -79.03
CA ASN A 19 97.89 9.67 -80.15
C ASN A 19 99.39 9.94 -80.11
N THR A 20 99.95 9.99 -78.91
CA THR A 20 101.40 10.11 -78.77
C THR A 20 102.05 8.81 -78.30
N ARG A 21 101.26 7.90 -77.74
CA ARG A 21 101.78 6.65 -77.20
C ARG A 21 100.67 5.62 -77.04
N SER A 22 100.94 4.36 -77.32
CA SER A 22 99.89 3.35 -77.16
C SER A 22 100.40 1.98 -76.72
N GLN A 23 99.45 1.11 -76.42
CA GLN A 23 99.74 -0.17 -75.83
C GLN A 23 98.75 -1.25 -76.26
N ASN A 24 99.25 -2.47 -76.35
CA ASN A 24 98.43 -3.55 -76.84
C ASN A 24 97.50 -3.99 -75.75
N VAL A 25 96.25 -4.22 -76.08
CA VAL A 25 95.39 -5.04 -75.24
C VAL A 25 95.22 -6.36 -75.98
N PHE A 26 95.29 -7.45 -75.23
CA PHE A 26 95.25 -8.79 -75.78
C PHE A 26 93.87 -9.42 -75.65
N ASN A 27 93.61 -10.43 -76.46
CA ASN A 27 92.62 -11.45 -76.14
C ASN A 27 93.41 -12.56 -75.42
N PRO A 28 93.27 -12.71 -74.10
CA PRO A 28 94.11 -13.67 -73.35
C PRO A 28 93.80 -15.14 -73.59
N ALA A 29 92.63 -15.45 -74.19
CA ALA A 29 92.29 -16.82 -74.66
C ALA A 29 93.17 -17.28 -75.83
N THR A 30 93.22 -16.47 -76.89
CA THR A 30 94.02 -16.76 -78.08
C THR A 30 95.48 -16.32 -77.93
N GLY A 31 95.72 -15.28 -77.15
CA GLY A 31 97.06 -14.72 -77.01
C GLY A 31 97.43 -13.67 -78.06
N GLU A 32 96.42 -13.26 -78.85
CA GLU A 32 96.60 -12.33 -79.97
C GLU A 32 96.22 -10.88 -79.61
N ILE A 33 96.91 -9.92 -80.21
CA ILE A 33 96.65 -8.51 -79.97
C ILE A 33 95.33 -8.13 -80.58
N GLY A 34 94.37 -7.77 -79.74
CA GLY A 34 93.05 -7.36 -80.18
C GLY A 34 93.01 -5.90 -80.58
N LYS A 35 93.35 -5.03 -79.63
CA LYS A 35 93.11 -3.58 -79.77
C LYS A 35 94.30 -2.79 -79.24
N GLN A 36 94.40 -1.53 -79.67
CA GLN A 36 95.40 -0.57 -79.19
C GLN A 36 94.77 0.38 -78.20
N LEU A 37 95.42 0.56 -77.06
CA LEU A 37 94.93 1.47 -76.05
C LEU A 37 95.76 2.72 -76.04
N ASP A 38 95.11 3.85 -76.32
CA ASP A 38 95.76 5.15 -76.22
C ASP A 38 96.15 5.45 -74.76
N LEU A 39 97.39 5.87 -74.54
CA LEU A 39 97.83 6.21 -73.19
C LEU A 39 97.87 7.72 -72.99
N ALA A 40 97.16 8.18 -71.98
CA ALA A 40 97.01 9.61 -71.74
C ALA A 40 98.18 10.17 -70.98
N SER A 41 98.56 11.37 -71.36
CA SER A 41 99.73 12.00 -70.82
C SER A 41 99.26 13.00 -69.81
N THR A 42 100.17 13.61 -69.07
CA THR A 42 99.79 14.55 -68.03
C THR A 42 98.95 15.73 -68.58
N LYS A 43 99.10 16.08 -69.85
CA LYS A 43 98.29 17.15 -70.44
C LYS A 43 96.83 16.76 -70.68
N THR A 44 96.64 15.48 -71.04
CA THR A 44 95.33 14.93 -71.33
C THR A 44 94.56 14.72 -70.05
N VAL A 45 95.20 14.11 -69.05
CA VAL A 45 94.60 13.96 -67.73
C VAL A 45 94.11 15.33 -67.23
N GLU A 46 94.96 16.35 -67.35
CA GLU A 46 94.63 17.70 -66.88
C GLU A 46 93.40 18.27 -67.57
N GLN A 47 93.19 17.96 -68.85
CA GLN A 47 91.92 18.30 -69.52
C GLN A 47 90.73 17.65 -68.80
N ALA A 48 90.86 16.37 -68.44
CA ALA A 48 89.79 15.62 -67.74
C ALA A 48 89.47 16.25 -66.37
N ILE A 49 90.51 16.50 -65.59
CA ILE A 49 90.40 17.22 -64.33
C ILE A 49 89.74 18.60 -64.50
N SER A 50 90.07 19.32 -65.58
CA SER A 50 89.46 20.64 -65.89
C SER A 50 87.99 20.54 -66.27
N ALA A 51 87.64 19.49 -67.00
CA ALA A 51 86.23 19.16 -67.28
C ALA A 51 85.46 18.86 -66.01
N ALA A 52 86.09 18.09 -65.12
CA ALA A 52 85.51 17.73 -63.83
C ALA A 52 85.29 19.00 -63.01
N GLN A 53 86.35 19.75 -62.79
CA GLN A 53 86.29 20.98 -62.01
C GLN A 53 85.28 21.97 -62.57
N HIS A 54 85.19 22.08 -63.88
CA HIS A 54 84.24 22.98 -64.48
C HIS A 54 82.80 22.55 -64.18
N ALA A 55 82.50 21.26 -64.29
CA ALA A 55 81.12 20.74 -64.06
C ALA A 55 80.68 20.68 -62.59
N PHE A 56 81.66 20.66 -61.67
CA PHE A 56 81.44 20.52 -60.23
C PHE A 56 80.48 21.52 -59.57
N PRO A 57 80.67 22.86 -59.74
CA PRO A 57 79.81 23.82 -59.04
C PRO A 57 78.31 23.58 -59.16
N THR A 58 77.83 23.36 -60.37
CA THR A 58 76.40 23.15 -60.55
C THR A 58 76.03 21.78 -60.02
N TRP A 59 76.91 20.78 -60.20
CA TRP A 59 76.61 19.42 -59.76
C TRP A 59 76.54 19.31 -58.22
N ARG A 60 77.47 19.99 -57.56
CA ARG A 60 77.46 20.15 -56.11
C ARG A 60 76.11 20.65 -55.61
N ASN A 61 75.54 21.64 -56.27
CA ASN A 61 74.31 22.25 -55.77
C ASN A 61 73.07 21.56 -56.31
N THR A 62 73.25 20.54 -57.14
CA THR A 62 72.13 19.70 -57.57
C THR A 62 71.60 18.88 -56.38
N PRO A 63 70.26 18.83 -56.23
CA PRO A 63 69.71 18.04 -55.14
C PRO A 63 70.05 16.54 -55.25
N PRO A 64 70.37 15.90 -54.13
CA PRO A 64 70.59 14.46 -54.04
C PRO A 64 69.51 13.64 -54.74
N LEU A 65 68.27 14.06 -54.65
CA LEU A 65 67.19 13.32 -55.32
C LEU A 65 67.45 13.25 -56.82
N LYS A 66 67.72 14.42 -57.39
CA LYS A 66 67.97 14.54 -58.81
C LYS A 66 69.27 13.82 -59.21
N ARG A 67 70.31 13.94 -58.40
CA ARG A 67 71.53 13.20 -58.68
C ARG A 67 71.29 11.69 -58.67
N ALA A 68 70.46 11.22 -57.74
CA ALA A 68 70.24 9.79 -57.56
C ALA A 68 69.45 9.20 -58.72
N ARG A 69 68.55 9.99 -59.29
CA ARG A 69 67.79 9.56 -60.45
C ARG A 69 68.71 9.24 -61.65
N VAL A 70 69.90 9.81 -61.68
CA VAL A 70 70.83 9.43 -62.71
C VAL A 70 71.21 7.99 -62.50
N MET A 71 71.44 7.60 -61.25
CA MET A 71 71.84 6.23 -60.92
C MET A 71 70.73 5.20 -61.08
N PHE A 72 69.50 5.65 -60.87
CA PHE A 72 68.29 4.87 -61.15
C PHE A 72 68.20 4.51 -62.64
N ARG A 73 68.42 5.49 -63.50
CA ARG A 73 68.45 5.31 -64.96
C ARG A 73 69.64 4.48 -65.42
N PHE A 74 70.77 4.75 -64.81
CA PHE A 74 71.97 3.97 -64.99
C PHE A 74 71.76 2.47 -64.64
N LYS A 75 71.06 2.21 -63.53
CA LYS A 75 70.72 0.84 -63.10
C LYS A 75 70.19 0.02 -64.27
N GLU A 76 69.26 0.64 -65.00
CA GLU A 76 68.56 0.05 -66.12
C GLU A 76 69.46 -0.23 -67.29
N LEU A 77 70.23 0.75 -67.68
CA LEU A 77 71.10 0.64 -68.83
C LEU A 77 72.09 -0.48 -68.67
N LEU A 78 72.57 -0.66 -67.45
CA LEU A 78 73.56 -1.66 -67.18
C LEU A 78 72.97 -3.04 -67.41
N GLU A 79 71.73 -3.23 -66.95
CA GLU A 79 70.99 -4.48 -67.10
C GLU A 79 70.56 -4.69 -68.53
N GLN A 80 70.17 -3.61 -69.19
CA GLN A 80 69.84 -3.64 -70.60
C GLN A 80 70.99 -4.07 -71.48
N HIS A 81 72.19 -3.57 -71.18
CA HIS A 81 73.40 -3.90 -71.97
C HIS A 81 74.25 -5.00 -71.31
N ALA A 82 73.60 -5.82 -70.50
CA ALA A 82 74.34 -6.76 -69.66
C ALA A 82 75.14 -7.77 -70.49
N ASP A 83 74.59 -8.25 -71.59
CA ASP A 83 75.32 -9.22 -72.44
C ASP A 83 76.56 -8.61 -73.07
N GLU A 84 76.40 -7.41 -73.62
CA GLU A 84 77.51 -6.74 -74.28
C GLU A 84 78.66 -6.47 -73.31
N ILE A 85 78.32 -5.95 -72.13
CA ILE A 85 79.30 -5.67 -71.07
C ILE A 85 80.07 -6.95 -70.71
N CYS A 86 79.34 -8.04 -70.51
CA CYS A 86 79.94 -9.32 -70.21
C CYS A 86 80.89 -9.86 -71.33
N ARG A 87 80.58 -9.51 -72.58
CA ARG A 87 81.39 -9.87 -73.76
C ARG A 87 82.66 -9.03 -73.81
N LEU A 88 82.53 -7.74 -73.53
CA LEU A 88 83.67 -6.82 -73.39
C LEU A 88 84.60 -7.15 -72.22
N ILE A 89 84.05 -7.76 -71.18
CA ILE A 89 84.88 -8.29 -70.09
C ILE A 89 85.55 -9.58 -70.51
N GLY A 90 84.80 -10.50 -71.10
CA GLY A 90 85.36 -11.77 -71.58
C GLY A 90 86.41 -11.61 -72.67
N GLU A 91 86.31 -10.54 -73.43
CA GLU A 91 87.19 -10.36 -74.58
C GLU A 91 88.62 -9.96 -74.17
N GLU A 92 88.74 -9.27 -73.03
CA GLU A 92 90.02 -8.66 -72.61
C GLU A 92 90.56 -9.21 -71.29
N HIS A 93 89.69 -9.44 -70.32
CA HIS A 93 90.05 -10.18 -69.11
C HIS A 93 90.06 -11.72 -69.34
N GLY A 94 89.01 -12.22 -70.01
CA GLY A 94 88.90 -13.63 -70.37
C GLY A 94 87.83 -14.42 -69.64
N LYS A 95 87.19 -13.78 -68.67
CA LYS A 95 86.29 -14.51 -67.74
C LYS A 95 84.97 -14.87 -68.39
N ILE A 96 84.41 -16.00 -67.97
CA ILE A 96 83.33 -16.57 -68.78
C ILE A 96 82.01 -15.93 -68.32
N ALA A 97 81.00 -16.00 -69.19
CA ALA A 97 79.70 -15.34 -69.00
C ALA A 97 79.27 -15.21 -67.54
N HIS A 98 79.15 -16.34 -66.83
CA HIS A 98 78.63 -16.30 -65.45
C HIS A 98 79.49 -15.48 -64.48
N ASP A 99 80.82 -15.53 -64.59
CA ASP A 99 81.68 -14.70 -63.73
C ASP A 99 81.53 -13.23 -64.09
N ALA A 100 81.41 -12.92 -65.37
CA ALA A 100 81.20 -11.52 -65.78
C ALA A 100 79.84 -11.02 -65.27
N MET A 101 78.79 -11.80 -65.47
CA MET A 101 77.44 -11.50 -64.95
C MET A 101 77.45 -11.35 -63.44
N GLY A 102 78.14 -12.24 -62.75
CA GLY A 102 78.36 -12.11 -61.32
C GLY A 102 78.96 -10.75 -60.96
N GLU A 103 80.03 -10.40 -61.67
CA GLU A 103 80.74 -9.12 -61.50
C GLU A 103 79.79 -7.97 -61.75
N LEU A 104 79.13 -8.00 -62.90
CA LEU A 104 78.18 -6.96 -63.28
C LEU A 104 77.04 -6.78 -62.26
N GLN A 105 76.53 -7.89 -61.74
CA GLN A 105 75.43 -7.86 -60.78
C GLN A 105 75.82 -7.20 -59.46
N ARG A 106 77.04 -7.44 -59.00
CA ARG A 106 77.53 -6.83 -57.77
C ARG A 106 77.78 -5.31 -57.97
N GLY A 107 78.24 -4.96 -59.16
CA GLY A 107 78.38 -3.56 -59.51
C GLY A 107 77.06 -2.81 -59.51
N ILE A 108 76.06 -3.38 -60.18
CA ILE A 108 74.72 -2.83 -60.18
C ILE A 108 74.24 -2.70 -58.75
N GLU A 109 74.58 -3.67 -57.90
CA GLU A 109 74.25 -3.59 -56.48
C GLU A 109 74.77 -2.31 -55.87
N ASN A 110 76.01 -1.96 -56.20
CA ASN A 110 76.61 -0.67 -55.75
C ASN A 110 75.87 0.55 -56.28
N VAL A 111 75.24 0.41 -57.45
CA VAL A 111 74.46 1.47 -58.08
C VAL A 111 73.14 1.59 -57.33
N GLU A 112 72.56 0.44 -56.98
CA GLU A 112 71.31 0.40 -56.23
C GLU A 112 71.51 1.15 -54.95
N TYR A 113 72.56 0.81 -54.22
CA TYR A 113 72.84 1.50 -52.97
C TYR A 113 72.97 3.03 -53.17
N ALA A 114 73.59 3.46 -54.25
CA ALA A 114 73.81 4.90 -54.52
C ALA A 114 72.51 5.64 -54.79
N CYS A 115 71.52 4.90 -55.30
CA CYS A 115 70.21 5.48 -55.55
C CYS A 115 69.62 6.06 -54.26
N GLY A 116 69.99 5.47 -53.11
CA GLY A 116 69.55 5.95 -51.80
C GLY A 116 70.32 7.13 -51.20
N ALA A 117 70.98 7.94 -52.04
CA ALA A 117 71.84 9.03 -51.55
C ALA A 117 71.21 9.92 -50.53
N PRO A 118 69.93 10.27 -50.72
CA PRO A 118 69.35 11.25 -49.77
C PRO A 118 69.32 10.80 -48.35
N GLU A 119 69.01 9.53 -48.14
CA GLU A 119 69.07 8.91 -46.80
C GLU A 119 70.52 8.88 -46.30
N LEU A 120 71.39 8.38 -47.15
CA LEU A 120 72.82 8.27 -46.85
C LEU A 120 73.54 9.56 -46.51
N LEU A 121 73.03 10.70 -47.02
CA LEU A 121 73.68 12.03 -46.87
C LEU A 121 73.10 12.85 -45.76
N LYS A 122 72.19 12.25 -44.97
CA LYS A 122 71.64 12.88 -43.76
C LYS A 122 72.75 13.19 -42.79
N GLY A 123 72.81 14.46 -42.40
CA GLY A 123 73.63 14.90 -41.29
C GLY A 123 72.83 14.78 -40.02
N GLU A 124 73.45 15.16 -38.90
CA GLU A 124 72.87 15.10 -37.56
C GLU A 124 72.56 16.51 -37.04
N HIS A 125 71.31 16.73 -36.58
CA HIS A 125 70.82 18.04 -36.12
C HIS A 125 70.64 18.00 -34.64
N SER A 126 71.12 19.04 -33.96
CA SER A 126 71.11 19.08 -32.49
C SER A 126 70.44 20.37 -32.04
N ARG A 127 69.37 20.23 -31.25
CA ARG A 127 68.63 21.36 -30.70
C ARG A 127 69.24 21.77 -29.36
N ASN A 128 69.48 23.07 -29.23
CA ASN A 128 69.95 23.67 -27.96
C ASN A 128 71.25 23.09 -27.42
N VAL A 129 72.32 23.15 -28.19
CA VAL A 129 73.61 22.73 -27.67
C VAL A 129 74.02 23.66 -26.54
N GLY A 130 73.52 24.88 -26.62
CA GLY A 130 73.47 25.81 -25.53
C GLY A 130 72.14 26.51 -25.62
N PRO A 131 71.86 27.41 -24.68
CA PRO A 131 70.51 27.97 -24.64
C PRO A 131 70.24 28.79 -25.90
N GLY A 132 69.20 28.39 -26.64
CA GLY A 132 68.88 29.03 -27.91
C GLY A 132 70.05 29.05 -28.90
N ILE A 133 70.79 27.95 -28.96
CA ILE A 133 71.86 27.74 -29.93
C ILE A 133 71.70 26.33 -30.50
N ASP A 134 71.45 26.22 -31.80
CA ASP A 134 71.35 24.94 -32.47
C ASP A 134 72.63 24.67 -33.26
N SER A 135 72.89 23.41 -33.55
CA SER A 135 74.04 23.03 -34.36
C SER A 135 73.70 21.79 -35.13
N TRP A 136 74.35 21.61 -36.29
CA TRP A 136 74.10 20.45 -37.18
C TRP A 136 75.25 20.16 -38.10
N SER A 137 75.40 18.88 -38.48
CA SER A 137 76.45 18.48 -39.42
C SER A 137 75.93 18.42 -40.85
N GLU A 138 76.82 18.66 -41.79
CA GLU A 138 76.53 18.46 -43.19
C GLU A 138 77.70 17.72 -43.80
N PHE A 139 77.40 16.80 -44.71
CA PHE A 139 78.42 16.04 -45.46
C PHE A 139 78.48 16.49 -46.92
N GLN A 140 79.26 17.54 -47.14
CA GLN A 140 79.28 18.24 -48.41
C GLN A 140 80.30 17.61 -49.32
N PRO A 141 80.21 17.93 -50.62
CA PRO A 141 81.10 17.24 -51.53
C PRO A 141 82.56 17.73 -51.49
N MET A 142 83.47 16.82 -51.84
CA MET A 142 84.90 17.13 -51.92
C MET A 142 85.25 18.04 -53.12
N GLY A 143 84.82 17.64 -54.30
CA GLY A 143 85.22 18.31 -55.53
C GLY A 143 85.48 17.30 -56.59
N VAL A 144 86.70 17.32 -57.14
CA VAL A 144 87.11 16.33 -58.15
C VAL A 144 87.76 15.20 -57.42
N VAL A 145 87.29 13.99 -57.76
CA VAL A 145 87.70 12.77 -57.10
C VAL A 145 88.25 11.83 -58.13
N ALA A 146 89.33 11.16 -57.77
CA ALA A 146 90.05 10.31 -58.72
C ALA A 146 89.96 8.87 -58.26
N GLY A 147 89.75 7.97 -59.22
CA GLY A 147 89.61 6.54 -58.95
C GLY A 147 90.58 5.74 -59.80
N ILE A 148 91.24 4.76 -59.19
CA ILE A 148 92.24 3.96 -59.89
C ILE A 148 91.99 2.51 -59.60
N THR A 149 91.79 1.71 -60.65
CA THR A 149 91.19 0.39 -60.52
C THR A 149 92.03 -0.70 -61.16
N PRO A 150 91.81 -1.94 -60.74
CA PRO A 150 92.62 -3.03 -61.27
C PRO A 150 92.00 -3.76 -62.50
N PHE A 151 92.73 -4.76 -63.00
CA PHE A 151 92.35 -5.49 -64.18
C PHE A 151 91.29 -6.53 -63.87
N ASN A 152 91.33 -7.13 -62.70
CA ASN A 152 90.49 -8.30 -62.41
C ASN A 152 88.99 -8.05 -62.33
N PHE A 153 88.61 -6.83 -62.00
CA PHE A 153 87.20 -6.42 -61.97
C PHE A 153 87.02 -5.07 -62.65
N PRO A 154 87.10 -5.06 -63.97
CA PRO A 154 87.13 -3.80 -64.67
C PRO A 154 85.80 -3.08 -64.66
N VAL A 155 84.74 -3.77 -64.24
CA VAL A 155 83.41 -3.16 -64.12
C VAL A 155 83.02 -2.89 -62.66
N MET A 156 83.07 -3.93 -61.83
CA MET A 156 82.55 -3.85 -60.49
C MET A 156 83.36 -2.91 -59.65
N VAL A 157 84.67 -3.02 -59.69
CA VAL A 157 85.51 -2.18 -58.82
C VAL A 157 85.33 -0.70 -59.20
N PRO A 158 85.30 -0.34 -60.50
CA PRO A 158 84.96 1.07 -60.77
C PRO A 158 83.59 1.50 -60.24
N LEU A 159 82.62 0.57 -60.22
CA LEU A 159 81.30 0.84 -59.63
C LEU A 159 81.35 0.92 -58.10
N TRP A 160 82.41 0.43 -57.52
CA TRP A 160 82.68 0.72 -56.12
C TRP A 160 82.78 2.20 -55.86
N MET A 161 83.30 2.94 -56.83
CA MET A 161 83.79 4.28 -56.59
C MET A 161 82.88 5.39 -57.12
N PHE A 162 82.71 5.43 -58.44
CA PHE A 162 82.07 6.58 -59.06
C PHE A 162 80.55 6.73 -58.94
N PRO A 163 79.80 5.62 -58.88
CA PRO A 163 78.39 5.81 -58.56
C PRO A 163 78.25 6.62 -57.28
N MET A 164 78.87 6.16 -56.19
CA MET A 164 78.67 6.77 -54.88
C MET A 164 79.30 8.15 -54.84
N ALA A 165 80.49 8.29 -55.43
CA ALA A 165 81.19 9.56 -55.43
C ALA A 165 80.36 10.63 -56.15
N ILE A 166 79.80 10.26 -57.30
CA ILE A 166 79.04 11.19 -58.13
C ILE A 166 77.76 11.59 -57.41
N VAL A 167 77.02 10.61 -56.95
CA VAL A 167 75.75 10.88 -56.29
C VAL A 167 75.97 11.73 -55.03
N CYS A 168 77.14 11.60 -54.40
CA CYS A 168 77.54 12.48 -53.29
C CYS A 168 77.90 13.99 -53.63
N GLY A 169 77.75 14.37 -54.91
CA GLY A 169 77.97 15.74 -55.36
C GLY A 169 79.32 16.01 -55.97
N ASN A 170 80.12 14.97 -56.24
CA ASN A 170 81.47 15.16 -56.81
C ASN A 170 81.51 14.99 -58.33
N CYS A 171 82.63 15.37 -58.92
CA CYS A 171 82.95 14.93 -60.26
C CYS A 171 84.09 13.93 -60.16
N PHE A 172 84.24 13.08 -61.17
CA PHE A 172 85.10 11.90 -61.06
C PHE A 172 85.99 11.80 -62.26
N VAL A 173 87.25 11.42 -62.02
CA VAL A 173 88.17 11.03 -63.10
C VAL A 173 88.69 9.63 -62.79
N LEU A 174 88.41 8.71 -63.72
CA LEU A 174 88.70 7.29 -63.55
C LEU A 174 89.86 6.84 -64.45
N LYS A 175 90.85 6.20 -63.82
CA LYS A 175 92.00 5.62 -64.52
C LYS A 175 91.99 4.09 -64.32
N PRO A 176 91.38 3.36 -65.27
CA PRO A 176 91.27 1.93 -65.17
C PRO A 176 92.44 1.16 -65.70
N SER A 177 92.41 -0.14 -65.47
CA SER A 177 93.52 -0.99 -65.87
C SER A 177 93.65 -0.94 -67.35
N GLU A 178 94.90 -0.85 -67.79
CA GLU A 178 95.23 -0.78 -69.22
C GLU A 178 95.14 -2.17 -69.93
N ARG A 179 94.97 -3.22 -69.15
CA ARG A 179 94.88 -4.57 -69.69
C ARG A 179 93.49 -4.95 -70.22
N ASP A 180 92.43 -4.34 -69.66
CA ASP A 180 91.04 -4.55 -70.08
C ASP A 180 90.16 -3.31 -69.91
N PRO A 181 90.35 -2.31 -70.79
CA PRO A 181 89.70 -1.02 -70.67
C PRO A 181 88.38 -0.83 -71.38
N SER A 182 88.01 -1.71 -72.28
CA SER A 182 86.81 -1.51 -73.10
C SER A 182 85.50 -1.60 -72.30
N SER A 183 85.36 -2.62 -71.45
CA SER A 183 84.16 -2.72 -70.62
C SER A 183 83.92 -1.44 -69.80
N THR A 184 85.00 -0.95 -69.20
CA THR A 184 84.98 0.17 -68.29
C THR A 184 84.56 1.50 -68.94
N LEU A 185 84.98 1.68 -70.19
CA LEU A 185 84.61 2.85 -70.98
C LEU A 185 83.18 2.69 -71.40
N TYR A 186 82.84 1.48 -71.81
CA TYR A 186 81.51 1.17 -72.24
C TYR A 186 80.49 1.55 -71.19
N ILE A 187 80.78 1.21 -69.93
CA ILE A 187 79.84 1.53 -68.85
C ILE A 187 79.83 3.00 -68.51
N ALA A 188 80.98 3.66 -68.61
CA ALA A 188 81.04 5.10 -68.41
C ALA A 188 80.26 5.88 -69.46
N GLN A 189 80.15 5.33 -70.66
CA GLN A 189 79.44 6.00 -71.74
C GLN A 189 77.96 5.86 -71.61
N LEU A 190 77.50 4.85 -70.88
CA LEU A 190 76.07 4.69 -70.63
C LEU A 190 75.57 5.76 -69.69
N LEU A 191 76.51 6.34 -68.96
CA LEU A 191 76.20 7.32 -67.95
C LEU A 191 75.68 8.64 -68.53
N GLN A 192 76.18 9.04 -69.70
CA GLN A 192 75.63 10.23 -70.38
C GLN A 192 74.17 10.06 -70.78
N GLU A 193 73.85 8.88 -71.30
CA GLU A 193 72.46 8.53 -71.68
C GLU A 193 71.54 8.44 -70.47
N ALA A 194 72.10 8.06 -69.31
CA ALA A 194 71.34 8.05 -68.06
C ALA A 194 71.06 9.43 -67.53
N GLY A 195 71.61 10.45 -68.20
CA GLY A 195 71.28 11.85 -67.91
C GLY A 195 72.32 12.59 -67.09
N LEU A 196 73.54 12.07 -67.05
CA LEU A 196 74.60 12.75 -66.33
C LEU A 196 75.11 13.92 -67.15
N PRO A 197 75.30 15.08 -66.51
CA PRO A 197 75.94 16.17 -67.22
C PRO A 197 77.39 15.90 -67.59
N ASP A 198 77.75 16.40 -68.78
CA ASP A 198 79.09 16.25 -69.35
C ASP A 198 80.10 16.75 -68.37
N GLY A 199 81.16 15.98 -68.18
CA GLY A 199 82.29 16.40 -67.38
C GLY A 199 82.28 15.84 -65.98
N VAL A 200 81.11 15.48 -65.49
CA VAL A 200 80.96 14.96 -64.12
C VAL A 200 81.65 13.62 -63.97
N MET A 201 81.57 12.78 -65.02
CA MET A 201 82.33 11.54 -65.07
C MET A 201 83.33 11.61 -66.23
N ASN A 202 84.55 11.15 -65.96
CA ASN A 202 85.60 11.11 -66.96
C ASN A 202 86.36 9.79 -66.84
N VAL A 203 86.79 9.24 -67.98
CA VAL A 203 87.63 8.04 -68.00
C VAL A 203 88.89 8.39 -68.74
N VAL A 204 90.03 8.16 -68.12
CA VAL A 204 91.28 8.57 -68.73
C VAL A 204 92.22 7.36 -68.64
N ASN A 205 92.41 6.70 -69.77
CA ASN A 205 93.28 5.49 -69.86
C ASN A 205 94.76 5.81 -69.86
N GLY A 206 95.55 4.94 -69.26
CA GLY A 206 96.97 5.17 -69.19
C GLY A 206 97.69 4.24 -68.26
N ASP A 207 98.88 4.67 -67.89
CA ASP A 207 99.75 3.93 -67.01
C ASP A 207 100.27 4.90 -65.94
N LYS A 208 101.38 4.55 -65.31
CA LYS A 208 101.92 5.34 -64.19
C LYS A 208 101.84 6.85 -64.41
N GLU A 209 102.09 7.31 -65.63
CA GLU A 209 102.10 8.75 -65.91
C GLU A 209 100.75 9.43 -65.65
N ALA A 210 99.66 8.72 -65.98
CA ALA A 210 98.33 9.28 -65.77
C ALA A 210 98.01 9.23 -64.28
N VAL A 211 98.46 8.17 -63.63
CA VAL A 211 98.27 8.04 -62.20
C VAL A 211 98.93 9.19 -61.47
N ASP A 212 100.21 9.41 -61.74
CA ASP A 212 100.98 10.50 -61.11
C ASP A 212 100.36 11.90 -61.41
N ALA A 213 99.73 12.07 -62.58
CA ALA A 213 99.09 13.36 -62.90
C ALA A 213 97.96 13.63 -61.93
N LEU A 214 97.10 12.63 -61.74
CA LEU A 214 96.02 12.73 -60.76
C LEU A 214 96.53 13.06 -59.31
N LEU A 215 97.52 12.29 -58.86
CA LEU A 215 98.07 12.46 -57.52
C LEU A 215 98.67 13.87 -57.25
N HIS A 216 99.25 14.46 -58.29
CA HIS A 216 99.99 15.71 -58.14
C HIS A 216 99.19 16.97 -58.50
N ASP A 217 98.07 16.81 -59.21
CA ASP A 217 97.18 17.96 -59.49
C ASP A 217 96.40 18.38 -58.23
N ASP A 218 96.52 19.64 -57.87
CA ASP A 218 95.94 20.16 -56.64
C ASP A 218 94.41 20.17 -56.62
N ARG A 219 93.79 20.15 -57.80
CA ARG A 219 92.31 20.08 -57.88
C ARG A 219 91.70 18.71 -57.45
N VAL A 220 92.52 17.65 -57.47
CA VAL A 220 92.07 16.34 -57.08
C VAL A 220 92.13 16.30 -55.58
N LYS A 221 90.97 16.18 -54.96
CA LYS A 221 90.81 16.25 -53.53
C LYS A 221 90.72 14.90 -52.83
N ALA A 222 90.53 13.80 -53.56
CA ALA A 222 90.49 12.48 -52.93
C ALA A 222 90.83 11.39 -53.92
N VAL A 223 91.50 10.35 -53.45
CA VAL A 223 91.91 9.25 -54.32
C VAL A 223 91.51 7.88 -53.77
N SER A 224 90.68 7.16 -54.53
CA SER A 224 90.32 5.75 -54.25
C SER A 224 91.13 4.79 -55.12
N PHE A 225 92.04 4.04 -54.49
CA PHE A 225 92.86 3.05 -55.20
C PHE A 225 92.47 1.68 -54.77
N VAL A 226 92.39 0.78 -55.76
CA VAL A 226 92.22 -0.67 -55.53
C VAL A 226 93.25 -1.36 -56.42
N GLY A 227 94.06 -2.25 -55.84
CA GLY A 227 95.08 -2.96 -56.59
C GLY A 227 96.03 -3.71 -55.68
N SER A 228 97.28 -3.88 -56.13
CA SER A 228 98.32 -4.60 -55.36
C SER A 228 98.84 -3.77 -54.16
N THR A 229 99.35 -4.48 -53.15
CA THR A 229 99.86 -3.82 -51.95
C THR A 229 101.01 -2.88 -52.28
N PRO A 230 102.02 -3.35 -53.07
CA PRO A 230 103.13 -2.43 -53.38
C PRO A 230 102.65 -1.09 -53.93
N ILE A 231 101.77 -1.13 -54.92
CA ILE A 231 101.24 0.10 -55.57
C ILE A 231 100.25 0.83 -54.67
N ALA A 232 99.42 0.11 -53.94
CA ALA A 232 98.55 0.74 -52.93
C ALA A 232 99.36 1.62 -51.98
N GLU A 233 100.47 1.05 -51.49
CA GLU A 233 101.39 1.76 -50.59
C GLU A 233 101.98 3.00 -51.24
N TYR A 234 102.36 2.88 -52.52
CA TYR A 234 102.89 4.00 -53.27
C TYR A 234 101.83 5.09 -53.37
N ILE A 235 100.64 4.69 -53.81
CA ILE A 235 99.52 5.63 -54.04
C ILE A 235 99.13 6.33 -52.74
N TYR A 236 98.97 5.55 -51.66
CA TYR A 236 98.71 6.11 -50.32
C TYR A 236 99.78 7.11 -49.85
N ARG A 237 101.04 6.73 -50.03
CA ARG A 237 102.15 7.57 -49.59
C ARG A 237 102.14 8.86 -50.36
N THR A 238 102.11 8.74 -51.68
CA THR A 238 102.18 9.89 -52.58
C THR A 238 101.03 10.86 -52.33
N ALA A 239 99.81 10.33 -52.35
CA ALA A 239 98.62 11.12 -52.04
C ALA A 239 98.77 11.86 -50.73
N SER A 240 99.21 11.15 -49.70
CA SER A 240 99.39 11.74 -48.37
C SER A 240 100.46 12.82 -48.32
N ALA A 241 101.49 12.68 -49.15
CA ALA A 241 102.50 13.73 -49.33
C ALA A 241 101.96 14.97 -50.03
N ASN A 242 100.93 14.81 -50.84
CA ASN A 242 100.29 15.96 -51.55
C ASN A 242 98.97 16.44 -50.89
N GLY A 243 98.85 16.21 -49.56
CA GLY A 243 97.76 16.75 -48.73
C GLY A 243 96.37 16.10 -48.84
N LYS A 244 96.05 15.54 -50.02
CA LYS A 244 94.76 14.89 -50.26
C LYS A 244 94.55 13.51 -49.62
N ARG A 245 93.30 13.29 -49.18
CA ARG A 245 92.89 12.07 -48.53
C ARG A 245 92.92 10.91 -49.52
N CYS A 246 92.97 9.69 -48.98
CA CYS A 246 93.16 8.51 -49.80
C CYS A 246 92.72 7.25 -49.07
N GLN A 247 92.29 6.26 -49.86
CA GLN A 247 92.03 4.89 -49.42
C GLN A 247 92.67 4.00 -50.49
N ALA A 248 93.60 3.15 -50.08
CA ALA A 248 94.23 2.25 -51.01
C ALA A 248 94.11 0.82 -50.51
N LEU A 249 93.42 0.02 -51.30
CA LEU A 249 93.24 -1.40 -51.00
C LEU A 249 94.23 -2.22 -51.80
N GLY A 250 94.69 -3.31 -51.20
CA GLY A 250 95.88 -4.03 -51.61
C GLY A 250 95.67 -5.51 -51.81
N GLY A 251 96.74 -6.29 -51.63
CA GLY A 251 96.68 -7.74 -51.85
C GLY A 251 96.07 -8.56 -50.74
N ALA A 252 96.12 -9.88 -50.92
CA ALA A 252 95.43 -10.81 -50.05
C ALA A 252 95.97 -12.25 -50.09
N LYS A 253 95.90 -12.93 -48.95
CA LYS A 253 96.08 -14.40 -48.87
C LYS A 253 94.99 -14.99 -47.98
N ASN A 254 93.86 -15.32 -48.59
CA ASN A 254 92.66 -15.66 -47.82
C ASN A 254 92.69 -17.10 -47.37
N HIS A 255 92.63 -17.31 -46.05
CA HIS A 255 92.68 -18.63 -45.43
C HIS A 255 91.30 -19.09 -45.00
N ALA A 256 91.03 -20.39 -45.12
CA ALA A 256 89.82 -21.02 -44.59
C ALA A 256 90.21 -22.15 -43.63
N ILE A 257 89.73 -22.07 -42.40
CA ILE A 257 89.96 -23.10 -41.40
C ILE A 257 88.87 -24.13 -41.58
N VAL A 258 89.24 -25.35 -41.93
CA VAL A 258 88.31 -26.48 -42.02
C VAL A 258 88.41 -27.26 -40.69
N MET A 259 87.40 -27.09 -39.85
CA MET A 259 87.34 -27.76 -38.56
C MET A 259 86.87 -29.19 -38.77
N PRO A 260 87.12 -30.05 -37.77
CA PRO A 260 86.62 -31.43 -37.83
C PRO A 260 85.12 -31.51 -38.07
N ASP A 261 84.33 -30.76 -37.32
CA ASP A 261 82.86 -30.86 -37.40
C ASP A 261 82.25 -30.29 -38.65
N ALA A 262 83.05 -29.62 -39.46
CA ALA A 262 82.59 -29.07 -40.74
C ALA A 262 81.94 -30.07 -41.68
N ASP A 263 80.93 -29.62 -42.42
CA ASP A 263 80.33 -30.37 -43.51
C ASP A 263 81.34 -30.32 -44.65
N MET A 264 82.07 -31.43 -44.84
CA MET A 264 83.15 -31.50 -45.81
C MET A 264 82.64 -31.35 -47.26
N ASP A 265 81.48 -31.94 -47.55
CA ASP A 265 80.91 -31.89 -48.90
C ASP A 265 80.52 -30.47 -49.29
N ASN A 266 79.97 -29.73 -48.34
CA ASN A 266 79.64 -28.33 -48.57
C ASN A 266 80.86 -27.42 -48.70
N ALA A 267 81.90 -27.69 -47.92
CA ALA A 267 83.13 -26.92 -47.95
C ALA A 267 83.84 -27.07 -49.31
N VAL A 268 84.03 -28.31 -49.76
CA VAL A 268 84.70 -28.59 -51.03
C VAL A 268 83.91 -27.90 -52.12
N ASN A 269 82.62 -28.12 -52.14
CA ASN A 269 81.79 -27.57 -53.17
C ASN A 269 81.87 -26.03 -53.21
N GLN A 270 81.91 -25.42 -52.03
CA GLN A 270 82.08 -23.98 -51.97
C GLN A 270 83.50 -23.53 -52.27
N LEU A 271 84.50 -24.33 -51.90
CA LEU A 271 85.91 -24.00 -52.17
C LEU A 271 86.32 -24.04 -53.64
N LEU A 272 85.55 -24.74 -54.47
CA LEU A 272 85.75 -24.76 -55.91
C LEU A 272 85.62 -23.38 -56.52
N GLY A 273 84.48 -22.75 -56.24
CA GLY A 273 84.19 -21.42 -56.76
C GLY A 273 85.08 -20.35 -56.15
N ALA A 274 85.42 -20.51 -54.87
CA ALA A 274 86.23 -19.53 -54.16
C ALA A 274 87.74 -19.57 -54.50
N ALA A 275 88.26 -20.77 -54.76
CA ALA A 275 89.65 -20.93 -55.11
C ALA A 275 89.91 -20.67 -56.59
N PHE A 276 89.12 -21.30 -57.44
CA PHE A 276 89.35 -21.34 -58.91
C PHE A 276 88.44 -20.44 -59.76
N GLY A 277 87.42 -19.89 -59.13
CA GLY A 277 86.55 -18.92 -59.79
C GLY A 277 87.37 -17.75 -60.27
N SER A 278 86.92 -17.15 -61.36
CA SER A 278 87.67 -16.08 -62.03
C SER A 278 89.17 -16.41 -62.09
N SER A 279 89.48 -17.70 -62.30
CA SER A 279 90.84 -18.22 -62.45
C SER A 279 91.74 -17.84 -61.26
N GLY A 280 91.15 -17.77 -60.06
CA GLY A 280 91.82 -17.31 -58.85
C GLY A 280 92.28 -15.85 -58.80
N GLU A 281 91.94 -15.05 -59.81
CA GLU A 281 92.45 -13.68 -59.98
C GLU A 281 91.49 -12.73 -59.32
N ARG A 282 91.46 -12.80 -58.00
CA ARG A 282 90.41 -12.21 -57.18
C ARG A 282 91.06 -11.92 -55.84
N CYS A 283 90.86 -10.69 -55.35
CA CYS A 283 91.27 -10.29 -54.00
C CYS A 283 90.65 -11.05 -52.85
N MET A 284 89.53 -11.72 -53.13
CA MET A 284 88.82 -12.52 -52.14
C MET A 284 88.93 -14.00 -52.42
N ALA A 285 89.81 -14.32 -53.36
CA ALA A 285 90.03 -15.70 -53.74
C ALA A 285 90.57 -16.45 -52.53
N LEU A 286 89.93 -17.57 -52.25
CA LEU A 286 90.35 -18.40 -51.15
C LEU A 286 91.48 -19.34 -51.58
N SER A 287 92.71 -18.95 -51.24
CA SER A 287 93.95 -19.59 -51.73
C SER A 287 94.59 -20.58 -50.75
N VAL A 288 94.17 -20.54 -49.49
CA VAL A 288 94.73 -21.40 -48.46
C VAL A 288 93.63 -22.06 -47.62
N ALA A 289 93.64 -23.38 -47.59
CA ALA A 289 92.74 -24.12 -46.73
C ALA A 289 93.57 -24.65 -45.56
N VAL A 290 93.26 -24.21 -44.36
CA VAL A 290 94.00 -24.66 -43.19
C VAL A 290 93.25 -25.80 -42.51
N ALA A 291 93.66 -27.04 -42.79
CA ALA A 291 92.99 -28.21 -42.25
C ALA A 291 93.50 -28.49 -40.84
N VAL A 292 92.61 -28.42 -39.86
CA VAL A 292 92.98 -28.67 -38.46
C VAL A 292 92.77 -30.16 -38.17
N GLY A 293 93.90 -30.87 -38.04
CA GLY A 293 93.92 -32.33 -37.95
C GLY A 293 93.98 -32.94 -39.33
N ASP A 294 94.17 -34.26 -39.38
CA ASP A 294 94.17 -34.96 -40.66
C ASP A 294 93.98 -36.46 -40.54
N ALA A 295 92.76 -37.00 -40.43
CA ALA A 295 91.47 -36.34 -40.28
C ALA A 295 91.10 -35.43 -41.45
N ALA A 296 90.73 -34.18 -41.16
CA ALA A 296 90.13 -33.27 -42.12
C ALA A 296 91.04 -32.90 -43.30
N GLY A 297 92.34 -32.81 -43.05
CA GLY A 297 93.31 -32.64 -44.11
C GLY A 297 93.11 -33.66 -45.21
N ASP A 298 93.10 -34.95 -44.82
CA ASP A 298 93.05 -36.06 -45.78
C ASP A 298 91.74 -36.10 -46.50
N ALA A 299 90.66 -35.84 -45.76
CA ALA A 299 89.30 -35.86 -46.31
C ALA A 299 89.00 -34.68 -47.26
N LEU A 300 89.52 -33.50 -46.92
CA LEU A 300 89.53 -32.35 -47.82
C LEU A 300 90.24 -32.69 -49.13
N VAL A 301 91.51 -33.07 -49.05
CA VAL A 301 92.32 -33.33 -50.27
C VAL A 301 91.69 -34.43 -51.11
N SER A 302 91.18 -35.47 -50.46
CA SER A 302 90.50 -36.56 -51.14
C SER A 302 89.37 -36.00 -52.00
N LYS A 303 88.40 -35.42 -51.35
CA LYS A 303 87.18 -34.93 -52.03
C LYS A 303 87.39 -33.80 -53.01
N MET A 304 88.37 -32.95 -52.70
CA MET A 304 88.73 -31.82 -53.53
C MET A 304 89.34 -32.29 -54.83
N THR A 305 90.22 -33.29 -54.76
CA THR A 305 90.82 -33.93 -55.95
C THR A 305 89.73 -34.45 -56.88
N GLN A 306 88.72 -35.09 -56.30
CA GLN A 306 87.65 -35.69 -57.08
C GLN A 306 86.81 -34.65 -57.81
N ALA A 307 86.27 -33.68 -57.07
CA ALA A 307 85.48 -32.59 -57.66
C ALA A 307 86.23 -31.74 -58.69
N MET A 308 87.55 -31.63 -58.51
CA MET A 308 88.41 -30.85 -59.37
C MET A 308 88.61 -31.48 -60.74
N GLN A 309 88.37 -32.79 -60.86
CA GLN A 309 88.45 -33.50 -62.14
C GLN A 309 87.40 -33.03 -63.14
N LYS A 310 86.29 -32.52 -62.64
CA LYS A 310 85.18 -32.02 -63.45
C LYS A 310 85.28 -30.52 -63.85
N LEU A 311 86.39 -29.85 -63.53
CA LEU A 311 86.59 -28.44 -63.90
C LEU A 311 86.82 -28.34 -65.37
N LYS A 312 86.33 -27.25 -65.96
CA LYS A 312 86.56 -27.00 -67.37
C LYS A 312 87.26 -25.68 -67.50
N VAL A 313 88.45 -25.70 -68.09
CA VAL A 313 89.21 -24.50 -68.40
C VAL A 313 89.17 -24.29 -69.91
N GLY A 314 88.89 -23.06 -70.32
CA GLY A 314 88.82 -22.72 -71.74
C GLY A 314 88.42 -21.26 -71.98
N PRO A 315 88.17 -20.92 -73.25
CA PRO A 315 87.81 -19.55 -73.61
C PRO A 315 86.36 -19.20 -73.27
N SER A 316 86.12 -17.91 -73.08
CA SER A 316 84.79 -17.39 -72.77
C SER A 316 83.75 -17.68 -73.86
N THR A 317 84.22 -17.96 -75.08
CA THR A 317 83.34 -18.34 -76.20
C THR A 317 82.51 -19.57 -75.89
N ASP A 318 83.11 -20.50 -75.18
CA ASP A 318 82.39 -21.64 -74.65
C ASP A 318 81.93 -21.21 -73.28
N SER A 319 80.64 -20.93 -73.16
CA SER A 319 80.01 -20.86 -71.84
C SER A 319 80.17 -22.25 -71.23
N GLY A 320 79.91 -22.41 -69.95
CA GLY A 320 79.96 -23.75 -69.37
C GLY A 320 81.35 -24.13 -68.93
N ASN A 321 82.37 -23.45 -69.45
CA ASN A 321 83.68 -23.44 -68.81
C ASN A 321 83.61 -22.86 -67.40
N ASP A 322 84.31 -23.48 -66.46
CA ASP A 322 84.35 -22.97 -65.08
C ASP A 322 85.15 -21.67 -64.97
N PHE A 323 86.31 -21.61 -65.63
CA PHE A 323 87.06 -20.37 -65.65
C PHE A 323 87.90 -20.18 -66.89
N GLY A 324 88.37 -18.96 -67.09
CA GLY A 324 89.08 -18.55 -68.29
C GLY A 324 90.60 -18.49 -68.14
N PRO A 325 91.24 -17.78 -69.05
CA PRO A 325 92.67 -17.69 -68.94
C PRO A 325 93.08 -16.68 -67.90
N VAL A 326 94.36 -16.69 -67.63
CA VAL A 326 94.97 -15.67 -66.84
C VAL A 326 95.17 -14.44 -67.73
N ILE A 327 95.43 -13.30 -67.10
CA ILE A 327 95.35 -12.01 -67.78
C ILE A 327 96.43 -11.75 -68.85
N THR A 328 97.67 -12.16 -68.56
CA THR A 328 98.82 -11.95 -69.46
C THR A 328 99.76 -13.14 -69.45
N ARG A 329 100.60 -13.21 -70.46
CA ARG A 329 101.67 -14.24 -70.55
C ARG A 329 102.64 -14.09 -69.40
N GLN A 330 102.99 -12.83 -69.07
CA GLN A 330 103.85 -12.52 -67.93
C GLN A 330 103.25 -13.05 -66.62
N HIS A 331 101.94 -12.86 -66.45
CA HIS A 331 101.24 -13.34 -65.26
C HIS A 331 101.11 -14.85 -65.24
N GLN A 332 100.96 -15.45 -66.42
CA GLN A 332 100.94 -16.90 -66.55
C GLN A 332 102.27 -17.50 -66.09
N GLU A 333 103.36 -16.93 -66.58
CA GLU A 333 104.68 -17.40 -66.21
C GLU A 333 104.84 -17.28 -64.71
N LYS A 334 104.42 -16.14 -64.15
CA LYS A 334 104.49 -15.91 -62.70
C LYS A 334 103.73 -16.97 -61.89
N VAL A 335 102.53 -17.31 -62.35
CA VAL A 335 101.69 -18.30 -61.67
C VAL A 335 102.28 -19.71 -61.79
N ILE A 336 102.66 -20.09 -63.00
CA ILE A 336 103.40 -21.32 -63.24
C ILE A 336 104.57 -21.34 -62.26
N GLY A 337 105.35 -20.24 -62.28
CA GLY A 337 106.49 -20.02 -61.40
C GLY A 337 106.25 -20.44 -59.96
N TYR A 338 105.20 -19.89 -59.36
CA TYR A 338 104.88 -20.17 -57.94
C TYR A 338 104.57 -21.66 -57.69
N ILE A 339 104.06 -22.36 -58.69
CA ILE A 339 103.74 -23.78 -58.57
C ILE A 339 104.99 -24.64 -58.60
N ASN A 340 105.93 -24.32 -59.49
CA ASN A 340 107.26 -24.95 -59.45
C ASN A 340 107.92 -24.73 -58.10
N SER A 341 108.01 -23.45 -57.70
CA SER A 341 108.56 -23.03 -56.41
C SER A 341 108.01 -23.84 -55.26
N ALA A 342 106.72 -24.13 -55.30
CA ALA A 342 106.10 -24.92 -54.24
C ALA A 342 106.57 -26.37 -54.29
N GLU A 343 106.66 -26.90 -55.50
CA GLU A 343 107.19 -28.27 -55.70
C GLU A 343 108.65 -28.40 -55.31
N GLN A 344 109.45 -27.44 -55.76
CA GLN A 344 110.85 -27.35 -55.40
C GLN A 344 111.06 -27.31 -53.88
N GLN A 345 110.27 -26.51 -53.14
CA GLN A 345 110.44 -26.38 -51.67
C GLN A 345 109.83 -27.52 -50.82
N GLY A 346 109.36 -28.59 -51.47
CA GLY A 346 108.91 -29.81 -50.77
C GLY A 346 107.42 -30.13 -50.81
N ALA A 347 106.63 -29.26 -51.46
CA ALA A 347 105.15 -29.39 -51.43
C ALA A 347 104.67 -30.41 -52.44
N THR A 348 103.57 -31.11 -52.09
CA THR A 348 102.95 -32.12 -52.95
C THR A 348 102.01 -31.47 -54.00
N ILE A 349 102.29 -31.70 -55.28
CA ILE A 349 101.45 -31.16 -56.35
C ILE A 349 100.37 -32.20 -56.68
N VAL A 350 99.36 -32.26 -55.82
CA VAL A 350 98.27 -33.25 -55.91
C VAL A 350 97.52 -33.20 -57.23
N VAL A 351 97.18 -32.01 -57.70
CA VAL A 351 96.55 -31.84 -59.02
C VAL A 351 97.33 -30.80 -59.81
N ASP A 352 97.86 -31.19 -60.98
CA ASP A 352 98.79 -30.33 -61.72
C ASP A 352 98.01 -29.70 -62.87
N GLY A 353 98.04 -28.37 -62.91
CA GLY A 353 97.46 -27.61 -63.99
C GLY A 353 98.46 -26.69 -64.65
N ARG A 354 99.75 -27.00 -64.55
CA ARG A 354 100.81 -26.16 -65.13
C ARG A 354 100.81 -26.26 -66.64
N GLN A 355 100.56 -27.48 -67.12
CA GLN A 355 100.49 -27.81 -68.53
C GLN A 355 99.02 -28.16 -68.77
N PRO A 356 98.14 -27.13 -68.77
CA PRO A 356 96.72 -27.45 -68.89
C PRO A 356 96.42 -28.13 -70.21
N LYS A 357 96.94 -27.54 -71.30
CA LYS A 357 96.85 -28.15 -72.62
C LYS A 357 95.43 -28.70 -72.82
N VAL A 358 94.47 -27.93 -72.32
CA VAL A 358 93.08 -28.25 -72.43
C VAL A 358 92.55 -27.61 -73.72
N PRO A 359 92.86 -26.32 -73.98
CA PRO A 359 92.56 -25.82 -75.33
C PRO A 359 93.58 -26.37 -76.27
N ASN A 360 93.31 -26.76 -77.52
CA ASN A 360 92.12 -26.54 -78.37
C ASN A 360 92.13 -25.20 -79.05
N HIS A 361 93.14 -25.05 -79.90
CA HIS A 361 93.35 -23.82 -80.65
C HIS A 361 93.54 -22.67 -79.73
N GLU A 362 94.20 -22.91 -78.59
CA GLU A 362 94.59 -21.82 -77.73
C GLU A 362 95.93 -22.03 -76.99
N ASN A 363 97.00 -21.42 -77.55
CA ASN A 363 98.25 -21.02 -76.83
C ASN A 363 98.09 -19.60 -76.21
N GLY A 364 96.97 -19.37 -75.55
CA GLY A 364 96.76 -18.17 -74.76
C GLY A 364 97.18 -18.46 -73.34
N PHE A 365 96.80 -17.59 -72.41
CA PHE A 365 97.43 -17.58 -71.06
C PHE A 365 96.66 -18.43 -70.05
N PHE A 366 96.57 -19.73 -70.36
CA PHE A 366 95.74 -20.68 -69.64
C PHE A 366 96.49 -21.44 -68.58
N VAL A 367 95.93 -21.46 -67.37
CA VAL A 367 96.42 -22.28 -66.26
C VAL A 367 95.26 -23.07 -65.68
N GLY A 368 95.47 -24.36 -65.49
CA GLY A 368 94.41 -25.21 -65.01
C GLY A 368 94.35 -25.19 -63.51
N GLY A 369 93.22 -25.61 -62.97
CA GLY A 369 93.03 -25.62 -61.52
C GLY A 369 93.99 -26.59 -60.86
N THR A 370 94.83 -26.09 -59.97
CA THR A 370 95.86 -26.89 -59.31
C THR A 370 95.62 -26.97 -57.80
N LEU A 371 95.99 -28.11 -57.20
CA LEU A 371 95.93 -28.33 -55.76
C LEU A 371 97.32 -28.63 -55.26
N ILE A 372 97.80 -27.88 -54.27
CA ILE A 372 99.11 -28.14 -53.63
C ILE A 372 98.83 -28.61 -52.20
N ASP A 373 99.54 -29.62 -51.71
CA ASP A 373 99.31 -30.16 -50.35
C ASP A 373 100.63 -30.11 -49.60
N HIS A 374 100.54 -30.15 -48.26
CA HIS A 374 101.72 -30.09 -47.35
C HIS A 374 102.56 -28.84 -47.56
N VAL A 375 101.89 -27.69 -47.59
CA VAL A 375 102.59 -26.41 -47.76
C VAL A 375 102.90 -25.91 -46.38
N THR A 376 103.95 -25.12 -46.27
CA THR A 376 104.42 -24.63 -44.97
C THR A 376 104.59 -23.11 -44.97
N PRO A 377 104.58 -22.48 -43.76
CA PRO A 377 104.71 -21.02 -43.70
C PRO A 377 106.01 -20.48 -44.25
N GLU A 378 107.01 -21.34 -44.43
CA GLU A 378 108.34 -20.93 -44.89
C GLU A 378 108.47 -20.85 -46.42
N MET A 379 107.46 -21.33 -47.15
CA MET A 379 107.50 -21.39 -48.62
C MET A 379 107.12 -20.04 -49.23
N THR A 380 107.77 -19.68 -50.33
CA THR A 380 107.57 -18.38 -50.96
C THR A 380 106.21 -18.31 -51.62
N SER A 381 105.80 -19.44 -52.16
CA SER A 381 104.48 -19.55 -52.78
C SER A 381 103.32 -19.39 -51.76
N TYR A 382 103.57 -19.68 -50.48
CA TYR A 382 102.60 -19.41 -49.42
C TYR A 382 102.66 -17.98 -48.88
N GLN A 383 103.84 -17.43 -48.74
CA GLN A 383 103.95 -16.07 -48.25
C GLN A 383 103.37 -15.10 -49.26
N GLU A 384 103.61 -15.33 -50.53
CA GLU A 384 103.26 -14.36 -51.58
C GLU A 384 101.94 -14.69 -52.25
N GLU A 385 101.25 -13.67 -52.77
CA GLU A 385 99.94 -13.82 -53.41
C GLU A 385 100.14 -14.30 -54.84
N ILE A 386 99.63 -15.49 -55.15
CA ILE A 386 99.85 -16.12 -56.43
C ILE A 386 98.94 -15.50 -57.46
N PHE A 387 97.67 -15.38 -57.11
CA PHE A 387 96.67 -14.72 -57.94
C PHE A 387 96.45 -15.54 -59.22
N GLY A 388 96.25 -16.83 -59.03
CA GLY A 388 95.93 -17.74 -60.12
C GLY A 388 95.09 -18.88 -59.58
N PRO A 389 94.67 -19.80 -60.46
CA PRO A 389 93.77 -20.88 -60.03
C PRO A 389 94.48 -21.97 -59.20
N VAL A 390 94.86 -21.65 -57.96
CA VAL A 390 95.71 -22.53 -57.17
C VAL A 390 95.18 -22.57 -55.75
N LEU A 391 94.90 -23.77 -55.25
CA LEU A 391 94.51 -23.95 -53.86
C LEU A 391 95.59 -24.67 -53.06
N GLN A 392 96.14 -24.00 -52.05
CA GLN A 392 97.12 -24.57 -51.10
C GLN A 392 96.44 -25.06 -49.82
N VAL A 393 96.89 -26.19 -49.28
CA VAL A 393 96.32 -26.72 -48.02
C VAL A 393 97.41 -26.97 -46.99
N VAL A 394 97.30 -26.26 -45.87
CA VAL A 394 98.18 -26.39 -44.74
C VAL A 394 97.48 -27.28 -43.72
N ARG A 395 98.28 -28.06 -43.01
CA ARG A 395 97.81 -28.92 -41.94
C ARG A 395 98.35 -28.35 -40.63
N VAL A 396 97.50 -28.31 -39.60
CA VAL A 396 97.88 -27.87 -38.25
C VAL A 396 97.15 -28.74 -37.19
N ALA A 397 97.65 -28.64 -35.97
CA ALA A 397 97.19 -29.48 -34.88
C ALA A 397 95.83 -29.00 -34.38
N THR A 398 95.75 -27.71 -34.07
CA THR A 398 94.59 -27.13 -33.38
C THR A 398 94.09 -25.84 -34.01
N MET A 399 92.88 -25.45 -33.63
CA MET A 399 92.20 -24.29 -34.20
C MET A 399 93.01 -23.01 -33.97
N GLN A 400 93.50 -22.88 -32.75
CA GLN A 400 94.33 -21.76 -32.36
C GLN A 400 95.59 -21.67 -33.22
N ASP A 401 96.16 -22.80 -33.65
CA ASP A 401 97.36 -22.78 -34.49
C ASP A 401 97.04 -22.23 -35.85
N ALA A 402 95.87 -22.65 -36.38
CA ALA A 402 95.35 -22.12 -37.64
C ALA A 402 95.13 -20.59 -37.56
N MET A 403 94.51 -20.15 -36.47
CA MET A 403 94.31 -18.70 -36.26
C MET A 403 95.60 -17.85 -36.09
N ASP A 404 96.60 -18.41 -35.41
CA ASP A 404 97.89 -17.75 -35.23
C ASP A 404 98.55 -17.64 -36.58
N LEU A 405 98.46 -18.70 -37.38
CA LEU A 405 99.05 -18.73 -38.72
C LEU A 405 98.45 -17.60 -39.58
N ILE A 406 97.13 -17.40 -39.50
CA ILE A 406 96.46 -16.38 -40.31
C ILE A 406 96.92 -14.99 -39.88
N ASP A 407 96.86 -14.72 -38.57
CA ASP A 407 97.25 -13.43 -37.98
C ASP A 407 98.71 -13.09 -38.27
N ALA A 408 99.56 -14.11 -38.36
CA ALA A 408 100.99 -13.95 -38.68
C ALA A 408 101.21 -13.40 -40.08
N HIS A 409 100.34 -13.78 -41.02
CA HIS A 409 100.50 -13.43 -42.43
C HIS A 409 100.53 -11.92 -42.67
N GLU A 410 101.20 -11.53 -43.74
CA GLU A 410 101.29 -10.12 -44.12
C GLU A 410 99.87 -9.52 -44.27
N TYR A 411 99.10 -10.13 -45.17
CA TYR A 411 97.73 -9.74 -45.47
C TYR A 411 96.66 -10.17 -44.44
N GLY A 412 95.54 -9.46 -44.45
CA GLY A 412 94.36 -9.82 -43.65
C GLY A 412 93.08 -9.33 -44.31
N ASN A 413 92.93 -9.63 -45.61
CA ASN A 413 91.80 -9.11 -46.40
C ASN A 413 90.54 -9.85 -46.04
N GLY A 414 90.52 -11.17 -46.25
CA GLY A 414 89.33 -11.99 -46.01
C GLY A 414 89.67 -13.38 -45.51
N THR A 415 88.78 -13.97 -44.71
CA THR A 415 88.98 -15.30 -44.16
C THR A 415 87.65 -16.00 -44.01
N CYS A 416 87.69 -17.32 -43.83
CA CYS A 416 86.48 -18.14 -43.56
C CYS A 416 86.77 -19.22 -42.54
N ILE A 417 85.74 -19.67 -41.86
CA ILE A 417 85.83 -20.87 -41.06
C ILE A 417 84.68 -21.78 -41.42
N PHE A 418 84.97 -23.06 -41.67
CA PHE A 418 83.93 -24.06 -41.83
C PHE A 418 83.76 -24.78 -40.51
N THR A 419 82.58 -24.66 -39.90
CA THR A 419 82.22 -25.41 -38.70
C THR A 419 80.70 -25.45 -38.49
N ARG A 420 80.25 -26.30 -37.59
CA ARG A 420 78.86 -26.35 -37.16
C ARG A 420 78.69 -25.68 -35.82
N ASP A 421 79.78 -25.57 -35.06
CA ASP A 421 79.75 -25.09 -33.68
C ASP A 421 79.70 -23.56 -33.53
N GLY A 422 78.83 -23.09 -32.64
CA GLY A 422 78.60 -21.68 -32.43
C GLY A 422 79.69 -20.97 -31.67
N GLU A 423 80.25 -21.68 -30.70
CA GLU A 423 81.37 -21.18 -29.88
C GLU A 423 82.62 -20.92 -30.71
N ALA A 424 82.85 -21.79 -31.68
CA ALA A 424 84.04 -21.65 -32.52
C ALA A 424 83.86 -20.53 -33.51
N ALA A 425 82.69 -20.46 -34.12
CA ALA A 425 82.38 -19.36 -35.04
C ALA A 425 82.61 -18.00 -34.40
N ARG A 426 82.04 -17.75 -33.22
CA ARG A 426 82.17 -16.45 -32.56
C ARG A 426 83.61 -16.12 -32.18
N TYR A 427 84.30 -17.09 -31.57
CA TYR A 427 85.67 -16.89 -31.15
C TYR A 427 86.58 -16.53 -32.33
N PHE A 428 86.36 -17.22 -33.47
CA PHE A 428 87.09 -16.94 -34.70
C PHE A 428 86.74 -15.53 -35.22
N SER A 429 85.46 -15.28 -35.43
CA SER A 429 85.02 -13.99 -35.99
C SER A 429 85.37 -12.78 -35.10
N ASP A 430 85.34 -13.00 -33.78
CA ASP A 430 85.68 -11.94 -32.83
C ASP A 430 87.17 -11.63 -32.86
N ASN A 431 88.00 -12.66 -32.75
CA ASN A 431 89.45 -12.49 -32.55
C ASN A 431 90.32 -12.51 -33.76
N ILE A 432 89.81 -12.93 -34.92
CA ILE A 432 90.66 -13.05 -36.13
C ILE A 432 91.02 -11.67 -36.71
N GLN A 433 92.28 -11.49 -37.05
CA GLN A 433 92.79 -10.18 -37.47
C GLN A 433 92.69 -9.96 -38.97
N VAL A 434 91.49 -10.14 -39.52
CA VAL A 434 91.18 -9.79 -40.91
C VAL A 434 89.85 -9.04 -40.98
N GLY A 435 89.73 -8.21 -42.01
CA GLY A 435 88.59 -7.30 -42.15
C GLY A 435 87.25 -7.95 -42.48
N MET A 436 87.27 -8.93 -43.36
CA MET A 436 86.05 -9.60 -43.77
C MET A 436 86.08 -11.09 -43.45
N VAL A 437 85.19 -11.50 -42.57
CA VAL A 437 85.17 -12.82 -41.98
C VAL A 437 83.93 -13.56 -42.46
N GLY A 438 84.12 -14.81 -42.83
CA GLY A 438 83.01 -15.68 -43.23
C GLY A 438 82.81 -16.83 -42.26
N ILE A 439 81.56 -17.23 -42.02
CA ILE A 439 81.23 -18.46 -41.29
C ILE A 439 80.58 -19.35 -42.34
N ASN A 440 81.26 -20.43 -42.71
CA ASN A 440 80.83 -21.32 -43.80
C ASN A 440 80.52 -20.63 -45.13
N ILE A 441 81.16 -19.47 -45.33
CA ILE A 441 81.10 -18.69 -46.57
C ILE A 441 82.56 -18.41 -46.94
N PRO A 442 83.12 -19.12 -47.92
CA PRO A 442 84.52 -18.85 -48.30
C PRO A 442 84.75 -17.46 -48.95
N LEU A 443 83.71 -16.83 -49.51
CA LEU A 443 83.82 -15.50 -50.10
C LEU A 443 82.93 -14.52 -49.37
N PRO A 444 83.31 -14.12 -48.14
CA PRO A 444 82.47 -13.23 -47.34
C PRO A 444 82.60 -11.80 -47.82
N VAL A 445 82.15 -11.58 -49.05
CA VAL A 445 82.16 -10.26 -49.69
C VAL A 445 80.98 -9.43 -49.17
N PRO A 446 81.28 -8.29 -48.52
CA PRO A 446 80.20 -7.47 -48.07
C PRO A 446 79.29 -6.97 -49.21
N VAL A 447 77.99 -6.92 -48.91
CA VAL A 447 77.00 -6.46 -49.84
C VAL A 447 77.11 -4.93 -49.99
N ALA A 448 76.61 -4.40 -51.10
CA ALA A 448 76.65 -2.97 -51.43
C ALA A 448 76.29 -2.00 -50.34
N TYR A 449 75.42 -2.44 -49.42
CA TYR A 449 75.00 -1.64 -48.22
C TYR A 449 75.95 -1.85 -47.03
N HIS A 450 77.05 -2.52 -47.27
CA HIS A 450 78.12 -2.59 -46.31
C HIS A 450 79.40 -2.08 -46.98
N SER A 451 80.50 -2.08 -46.25
CA SER A 451 81.73 -1.62 -46.85
C SER A 451 82.70 -2.75 -46.85
N PHE A 452 83.61 -2.68 -47.82
CA PHE A 452 84.63 -3.70 -48.15
C PHE A 452 85.98 -3.15 -47.77
N GLY A 453 86.75 -3.93 -47.03
CA GLY A 453 88.08 -3.49 -46.69
C GLY A 453 88.79 -4.47 -45.78
N GLY A 454 90.03 -4.78 -46.16
CA GLY A 454 90.87 -5.65 -45.35
C GLY A 454 91.58 -4.93 -44.23
N TRP A 455 92.26 -5.72 -43.39
CA TRP A 455 93.11 -5.24 -42.31
C TRP A 455 94.59 -5.42 -42.66
N LYS A 456 95.45 -4.95 -41.76
CA LYS A 456 96.89 -5.06 -41.92
C LYS A 456 97.37 -4.39 -43.23
N ARG A 457 98.10 -5.13 -44.06
CA ARG A 457 98.72 -4.61 -45.26
C ARG A 457 97.79 -4.70 -46.45
N SER A 458 96.63 -5.34 -46.30
CA SER A 458 95.61 -5.37 -47.35
C SER A 458 94.86 -4.02 -47.60
N LEU A 459 95.03 -3.06 -46.69
CA LEU A 459 94.37 -1.77 -46.80
C LEU A 459 95.14 -0.62 -46.12
N PHE A 460 95.25 0.49 -46.84
CA PHE A 460 95.84 1.69 -46.30
C PHE A 460 94.74 2.76 -46.20
N GLY A 461 94.50 3.22 -44.98
CA GLY A 461 93.49 4.24 -44.69
C GLY A 461 92.62 3.86 -43.50
N ASP A 462 91.59 4.67 -43.26
CA ASP A 462 90.61 4.44 -42.19
C ASP A 462 89.15 4.36 -42.63
N LEU A 463 88.87 4.57 -43.92
CA LEU A 463 87.53 4.40 -44.46
C LEU A 463 87.59 3.40 -45.60
N HIS A 464 86.69 2.42 -45.56
CA HIS A 464 86.76 1.31 -46.49
C HIS A 464 86.01 1.58 -47.78
N ALA A 465 86.06 0.62 -48.69
CA ALA A 465 85.48 0.75 -50.02
C ALA A 465 83.99 0.53 -50.02
N TYR A 466 83.35 1.34 -50.87
CA TYR A 466 81.90 1.38 -51.17
C TYR A 466 81.07 1.45 -49.92
N GLY A 467 79.75 1.34 -50.03
CA GLY A 467 78.90 1.26 -48.83
C GLY A 467 78.84 2.55 -48.05
N PRO A 468 78.61 2.46 -46.71
CA PRO A 468 78.54 3.67 -45.88
C PRO A 468 79.85 4.46 -45.77
N ASP A 469 80.96 3.77 -45.70
CA ASP A 469 82.24 4.43 -45.60
C ASP A 469 82.54 5.28 -46.81
N ALA A 470 82.06 4.86 -47.98
CA ALA A 470 82.28 5.65 -49.19
C ALA A 470 81.52 6.96 -49.14
N VAL A 471 80.39 6.94 -48.47
CA VAL A 471 79.65 8.18 -48.25
C VAL A 471 80.53 9.16 -47.47
N ARG A 472 81.20 8.64 -46.46
CA ARG A 472 82.10 9.43 -45.62
C ARG A 472 83.43 9.78 -46.26
N PHE A 473 83.90 8.91 -47.14
CA PHE A 473 85.15 9.17 -47.85
C PHE A 473 84.94 10.17 -48.95
N TYR A 474 83.79 10.09 -49.63
CA TYR A 474 83.49 11.00 -50.73
C TYR A 474 82.82 12.29 -50.28
N THR A 475 82.74 12.54 -48.98
CA THR A 475 82.31 13.84 -48.50
C THR A 475 83.19 14.42 -47.41
N LYS A 476 82.97 15.70 -47.11
CA LYS A 476 83.63 16.34 -45.96
C LYS A 476 82.64 16.94 -44.96
N ARG A 477 82.93 16.70 -43.68
CA ARG A 477 82.07 17.11 -42.59
C ARG A 477 82.17 18.59 -42.34
N LYS A 478 81.02 19.23 -42.31
CA LYS A 478 80.91 20.64 -41.95
C LYS A 478 79.99 20.71 -40.74
N THR A 479 80.38 21.46 -39.74
CA THR A 479 79.50 21.68 -38.62
C THR A 479 79.14 23.15 -38.57
N VAL A 480 77.82 23.38 -38.54
CA VAL A 480 77.26 24.70 -38.41
C VAL A 480 76.74 24.85 -37.00
N THR A 481 77.02 25.99 -36.37
CA THR A 481 76.45 26.40 -35.06
C THR A 481 75.77 27.76 -35.27
N GLN A 482 74.53 27.88 -34.84
CA GLN A 482 73.67 28.99 -35.22
C GLN A 482 73.07 29.62 -34.00
N ARG A 483 72.98 30.94 -34.03
CA ARG A 483 72.38 31.74 -32.95
C ARG A 483 71.77 32.99 -33.52
N TRP A 484 70.63 33.40 -32.99
CA TRP A 484 69.97 34.63 -33.46
C TRP A 484 69.73 35.58 -32.28
N PRO A 485 70.69 36.45 -32.02
CA PRO A 485 70.67 37.24 -30.81
C PRO A 485 69.68 38.42 -30.78
N SER A 486 69.12 38.81 -31.93
CA SER A 486 68.27 40.00 -32.01
C SER A 486 66.80 39.68 -32.37
N ALA A 487 65.88 39.87 -31.42
CA ALA A 487 64.43 39.59 -31.62
C ALA A 487 63.60 40.82 -32.01
N GLY A 488 64.22 41.75 -32.73
CA GLY A 488 63.58 42.99 -33.14
C GLY A 488 62.34 42.86 -33.98
N VAL A 489 62.35 41.91 -34.93
CA VAL A 489 61.26 41.74 -35.92
C VAL A 489 60.09 41.00 -35.30
N ARG A 490 60.41 40.01 -34.46
CA ARG A 490 59.39 39.22 -33.74
C ARG A 490 58.55 40.03 -32.76
N GLU A 491 59.17 41.07 -32.19
CA GLU A 491 58.51 42.13 -31.41
C GLU A 491 58.40 43.42 -32.33
N GLY A 492 57.25 43.89 -32.81
CA GLY A 492 55.89 43.47 -32.48
C GLY A 492 54.84 44.27 -33.29
N MET B 4 116.04 21.05 -8.00
CA MET B 4 114.76 21.48 -8.66
C MET B 4 113.90 20.27 -9.00
N THR B 5 112.59 20.52 -9.06
CA THR B 5 111.60 19.49 -9.44
C THR B 5 111.63 19.05 -10.93
N THR B 6 111.81 17.74 -11.16
CA THR B 6 111.79 17.11 -12.49
C THR B 6 110.48 16.38 -12.79
N ILE B 7 109.81 16.73 -13.88
CA ILE B 7 108.55 16.07 -14.29
C ILE B 7 108.82 14.80 -15.07
N GLY B 8 108.10 13.74 -14.70
CA GLY B 8 108.37 12.42 -15.26
C GLY B 8 107.44 11.97 -16.39
N HIS B 9 107.31 10.65 -16.50
CA HIS B 9 106.41 10.00 -17.42
C HIS B 9 105.48 9.09 -16.66
N LEU B 10 104.29 8.85 -17.21
CA LEU B 10 103.35 7.85 -16.67
C LEU B 10 103.39 6.64 -17.60
N ILE B 11 104.04 5.57 -17.14
CA ILE B 11 104.20 4.32 -17.91
C ILE B 11 103.76 3.15 -17.03
N ASN B 12 102.82 2.36 -17.54
CA ASN B 12 102.27 1.27 -16.76
C ASN B 12 101.79 1.64 -15.32
N GLY B 13 101.19 2.80 -15.13
CA GLY B 13 100.59 3.15 -13.84
C GLY B 13 101.57 3.73 -12.82
N GLN B 14 102.77 4.06 -13.28
CA GLN B 14 103.79 4.54 -12.37
C GLN B 14 104.54 5.68 -12.98
N LEU B 15 104.89 6.64 -12.12
CA LEU B 15 105.82 7.71 -12.48
C LEU B 15 107.23 7.17 -12.58
N VAL B 16 107.86 7.45 -13.70
CA VAL B 16 109.24 7.12 -13.90
C VAL B 16 109.94 8.29 -14.54
N THR B 17 111.25 8.24 -14.53
CA THR B 17 112.05 9.26 -15.14
C THR B 17 113.26 8.58 -15.74
N GLU B 18 113.70 9.07 -16.90
CA GLU B 18 114.89 8.57 -17.62
C GLU B 18 116.17 9.29 -17.14
N ASN B 19 116.14 10.63 -17.09
CA ASN B 19 117.27 11.48 -16.68
C ASN B 19 118.50 11.42 -17.58
N THR B 20 118.30 11.41 -18.89
CA THR B 20 119.43 11.62 -19.78
C THR B 20 119.45 13.03 -20.30
N ARG B 21 118.28 13.65 -20.43
CA ARG B 21 118.14 14.90 -21.17
C ARG B 21 116.90 15.59 -20.65
N SER B 22 116.90 16.92 -20.55
CA SER B 22 115.72 17.65 -20.00
C SER B 22 115.50 18.98 -20.69
N GLN B 23 114.38 19.60 -20.36
CA GLN B 23 114.07 20.94 -20.85
C GLN B 23 113.38 21.80 -19.79
N ASN B 24 113.61 23.10 -19.89
CA ASN B 24 112.97 24.05 -18.97
C ASN B 24 111.52 24.17 -19.29
N VAL B 25 110.68 24.12 -18.26
CA VAL B 25 109.31 24.64 -18.33
C VAL B 25 109.30 25.96 -17.55
N PHE B 26 108.77 27.01 -18.17
CA PHE B 26 108.74 28.35 -17.58
C PHE B 26 107.42 28.66 -16.88
N ASN B 27 107.44 29.70 -16.05
CA ASN B 27 106.24 30.40 -15.66
C ASN B 27 106.27 31.56 -16.60
N PRO B 28 105.39 31.57 -17.61
CA PRO B 28 105.41 32.63 -18.61
C PRO B 28 104.91 33.97 -18.10
N ALA B 29 104.36 34.01 -16.89
CA ALA B 29 104.04 35.28 -16.24
C ALA B 29 105.31 35.96 -15.77
N THR B 30 106.08 35.25 -14.95
CA THR B 30 107.32 35.81 -14.35
C THR B 30 108.55 35.72 -15.25
N GLY B 31 108.48 34.86 -16.26
CA GLY B 31 109.63 34.60 -17.13
C GLY B 31 110.67 33.68 -16.51
N GLU B 32 110.41 33.13 -15.32
CA GLU B 32 111.37 32.33 -14.59
C GLU B 32 111.20 30.86 -14.82
N ILE B 33 112.28 30.10 -14.65
CA ILE B 33 112.25 28.64 -14.86
C ILE B 33 111.66 27.95 -13.64
N GLY B 34 110.49 27.35 -13.80
CA GLY B 34 109.76 26.74 -12.72
C GLY B 34 110.12 25.30 -12.42
N LYS B 35 110.29 24.48 -13.45
CA LYS B 35 110.47 23.01 -13.30
C LYS B 35 111.32 22.52 -14.45
N GLN B 36 111.72 21.25 -14.39
CA GLN B 36 112.53 20.61 -15.48
C GLN B 36 111.76 19.46 -16.03
N LEU B 37 111.69 19.36 -17.35
CA LEU B 37 110.91 18.31 -17.96
C LEU B 37 111.82 17.26 -18.54
N ASP B 38 111.69 16.06 -18.00
CA ASP B 38 112.45 14.93 -18.48
C ASP B 38 111.97 14.54 -19.90
N LEU B 39 112.94 14.40 -20.79
CA LEU B 39 112.66 14.17 -22.18
C LEU B 39 112.98 12.73 -22.43
N ALA B 40 111.98 12.01 -22.93
CA ALA B 40 112.06 10.59 -23.18
C ALA B 40 112.70 10.27 -24.52
N SER B 41 113.43 9.16 -24.49
CA SER B 41 114.21 8.65 -25.61
C SER B 41 113.43 7.54 -26.29
N THR B 42 113.86 7.14 -27.49
CA THR B 42 113.11 6.12 -28.24
C THR B 42 112.93 4.83 -27.40
N LYS B 43 113.83 4.59 -26.44
CA LYS B 43 113.75 3.41 -25.54
C LYS B 43 112.75 3.58 -24.40
N THR B 44 112.64 4.78 -23.83
CA THR B 44 111.60 5.06 -22.84
C THR B 44 110.23 5.03 -23.55
N VAL B 45 110.12 5.67 -24.71
CA VAL B 45 108.87 5.60 -25.50
C VAL B 45 108.49 4.12 -25.69
N GLU B 46 109.44 3.31 -26.17
CA GLU B 46 109.18 1.90 -26.42
C GLU B 46 108.71 1.13 -25.18
N GLN B 47 109.16 1.52 -23.99
CA GLN B 47 108.63 0.97 -22.74
C GLN B 47 107.16 1.26 -22.55
N ALA B 48 106.74 2.49 -22.90
CA ALA B 48 105.33 2.90 -22.85
C ALA B 48 104.47 2.13 -23.86
N ILE B 49 104.93 2.01 -25.09
CA ILE B 49 104.23 1.19 -26.10
C ILE B 49 104.14 -0.26 -25.59
N SER B 50 105.24 -0.77 -25.04
CA SER B 50 105.27 -2.16 -24.57
C SER B 50 104.24 -2.38 -23.50
N ALA B 51 104.11 -1.39 -22.62
CA ALA B 51 103.12 -1.43 -21.54
C ALA B 51 101.70 -1.39 -22.06
N ALA B 52 101.48 -0.60 -23.11
CA ALA B 52 100.19 -0.51 -23.81
C ALA B 52 99.85 -1.79 -24.56
N GLN B 53 100.82 -2.29 -25.33
CA GLN B 53 100.63 -3.53 -26.05
C GLN B 53 100.31 -4.69 -25.10
N HIS B 54 100.96 -4.70 -23.94
CA HIS B 54 100.76 -5.73 -22.95
C HIS B 54 99.34 -5.68 -22.30
N ALA B 55 98.80 -4.48 -22.13
CA ALA B 55 97.50 -4.27 -21.50
C ALA B 55 96.32 -4.44 -22.46
N PHE B 56 96.60 -4.41 -23.76
CA PHE B 56 95.57 -4.33 -24.77
C PHE B 56 94.69 -5.58 -24.88
N PRO B 57 95.27 -6.80 -24.96
CA PRO B 57 94.40 -7.96 -25.13
C PRO B 57 93.23 -8.09 -24.13
N THR B 58 93.46 -7.90 -22.84
CA THR B 58 92.33 -8.01 -21.90
C THR B 58 91.41 -6.79 -21.94
N TRP B 59 91.98 -5.63 -22.23
CA TRP B 59 91.22 -4.39 -22.35
C TRP B 59 90.32 -4.41 -23.60
N ARG B 60 90.82 -4.96 -24.69
CA ARG B 60 90.08 -5.14 -25.95
C ARG B 60 88.79 -5.96 -25.74
N ASN B 61 88.85 -6.98 -24.90
CA ASN B 61 87.72 -7.88 -24.68
C ASN B 61 86.83 -7.46 -23.52
N THR B 62 87.20 -6.36 -22.86
CA THR B 62 86.44 -5.81 -21.75
C THR B 62 85.17 -5.19 -22.30
N PRO B 63 83.99 -5.55 -21.73
CA PRO B 63 82.71 -4.98 -22.18
C PRO B 63 82.71 -3.45 -22.20
N PRO B 64 82.12 -2.85 -23.25
CA PRO B 64 82.09 -1.39 -23.37
C PRO B 64 81.46 -0.67 -22.18
N LEU B 65 80.50 -1.32 -21.54
CA LEU B 65 79.89 -0.80 -20.32
C LEU B 65 80.88 -0.62 -19.18
N LYS B 66 81.74 -1.63 -19.00
CA LYS B 66 82.76 -1.61 -17.98
C LYS B 66 83.84 -0.58 -18.33
N ARG B 67 84.21 -0.50 -19.61
CA ARG B 67 85.18 0.50 -20.05
C ARG B 67 84.63 1.89 -19.76
N ALA B 68 83.35 2.08 -20.04
CA ALA B 68 82.73 3.39 -19.91
C ALA B 68 82.63 3.83 -18.46
N ARG B 69 82.45 2.88 -17.57
CA ARG B 69 82.30 3.18 -16.17
C ARG B 69 83.57 3.84 -15.60
N VAL B 70 84.73 3.56 -16.19
CA VAL B 70 85.98 4.26 -15.84
C VAL B 70 85.78 5.74 -16.13
N MET B 71 85.30 6.07 -17.32
CA MET B 71 85.07 7.47 -17.68
C MET B 71 84.01 8.10 -16.79
N PHE B 72 83.03 7.32 -16.36
CA PHE B 72 82.06 7.88 -15.38
C PHE B 72 82.76 8.41 -14.12
N ARG B 73 83.73 7.62 -13.62
CA ARG B 73 84.48 7.96 -12.40
C ARG B 73 85.50 9.06 -12.67
N PHE B 74 86.04 9.05 -13.89
CA PHE B 74 86.99 10.04 -14.32
C PHE B 74 86.37 11.41 -14.38
N LYS B 75 85.12 11.47 -14.77
CA LYS B 75 84.36 12.70 -14.86
C LYS B 75 84.21 13.33 -13.49
N GLU B 76 83.90 12.51 -12.49
CA GLU B 76 83.76 12.94 -11.08
C GLU B 76 85.05 13.54 -10.53
N LEU B 77 86.16 12.89 -10.87
CA LEU B 77 87.49 13.28 -10.41
C LEU B 77 87.99 14.58 -11.01
N LEU B 78 87.77 14.73 -12.31
CA LEU B 78 88.21 15.92 -12.98
C LEU B 78 87.51 17.13 -12.39
N GLU B 79 86.22 16.95 -12.08
CA GLU B 79 85.43 17.97 -11.39
C GLU B 79 85.91 18.25 -9.97
N GLN B 80 86.12 17.20 -9.21
CA GLN B 80 86.69 17.30 -7.88
C GLN B 80 88.03 18.03 -7.81
N HIS B 81 88.87 17.85 -8.83
CA HIS B 81 90.22 18.42 -8.84
C HIS B 81 90.33 19.64 -9.70
N ALA B 82 89.20 20.26 -9.98
CA ALA B 82 89.12 21.30 -10.98
C ALA B 82 90.02 22.47 -10.66
N ASP B 83 90.08 22.87 -9.38
CA ASP B 83 90.92 24.02 -8.98
C ASP B 83 92.40 23.77 -9.23
N GLU B 84 92.87 22.60 -8.83
CA GLU B 84 94.29 22.25 -8.94
C GLU B 84 94.72 22.12 -10.42
N ILE B 85 93.82 21.58 -11.25
CA ILE B 85 94.07 21.46 -12.68
C ILE B 85 94.16 22.83 -13.33
N CYS B 86 93.24 23.73 -12.98
CA CYS B 86 93.29 25.09 -13.51
C CYS B 86 94.53 25.87 -13.07
N ARG B 87 94.98 25.58 -11.85
CA ARG B 87 96.18 26.17 -11.29
C ARG B 87 97.44 25.73 -12.06
N LEU B 88 97.52 24.44 -12.37
CA LEU B 88 98.60 23.86 -13.17
C LEU B 88 98.66 24.35 -14.62
N ILE B 89 97.50 24.38 -15.27
CA ILE B 89 97.38 24.95 -16.60
C ILE B 89 97.87 26.37 -16.50
N GLY B 90 97.32 27.14 -15.57
CA GLY B 90 97.68 28.55 -15.39
C GLY B 90 99.15 28.82 -15.16
N GLU B 91 99.78 27.95 -14.41
CA GLU B 91 101.17 28.09 -14.03
C GLU B 91 102.16 27.93 -15.18
N GLU B 92 101.88 27.06 -16.14
CA GLU B 92 102.81 26.78 -17.23
C GLU B 92 102.37 27.35 -18.54
N HIS B 93 101.08 27.37 -18.81
CA HIS B 93 100.56 28.07 -19.99
C HIS B 93 100.44 29.57 -19.72
N GLY B 94 99.79 29.89 -18.61
CA GLY B 94 99.58 31.27 -18.18
C GLY B 94 98.15 31.72 -18.10
N LYS B 95 97.19 30.91 -18.57
CA LYS B 95 95.80 31.37 -18.73
C LYS B 95 95.08 31.42 -17.41
N ILE B 96 94.16 32.37 -17.30
CA ILE B 96 93.59 32.69 -16.00
C ILE B 96 92.45 31.69 -15.72
N ALA B 97 92.17 31.51 -14.43
CA ALA B 97 91.14 30.60 -13.97
C ALA B 97 90.00 30.30 -14.97
N HIS B 98 89.27 31.32 -15.40
CA HIS B 98 88.08 31.10 -16.21
C HIS B 98 88.36 30.45 -17.56
N ASP B 99 89.41 30.84 -18.25
CA ASP B 99 89.76 30.18 -19.51
C ASP B 99 90.17 28.74 -19.23
N ALA B 100 90.91 28.51 -18.13
CA ALA B 100 91.33 27.16 -17.73
C ALA B 100 90.16 26.25 -17.41
N MET B 101 89.23 26.75 -16.59
CA MET B 101 87.97 26.05 -16.30
C MET B 101 87.23 25.75 -17.58
N GLY B 102 87.18 26.72 -18.51
CA GLY B 102 86.46 26.58 -19.77
C GLY B 102 87.02 25.42 -20.55
N GLU B 103 88.34 25.41 -20.66
CA GLU B 103 89.07 24.29 -21.24
C GLU B 103 88.71 22.99 -20.57
N LEU B 104 88.80 22.99 -19.24
CA LEU B 104 88.53 21.80 -18.47
C LEU B 104 87.12 21.29 -18.71
N GLN B 105 86.15 22.22 -18.72
CA GLN B 105 84.72 21.90 -18.95
C GLN B 105 84.48 21.20 -20.27
N ARG B 106 85.04 21.76 -21.33
CA ARG B 106 84.91 21.15 -22.64
C ARG B 106 85.58 19.78 -22.67
N GLY B 107 86.66 19.63 -21.95
CA GLY B 107 87.34 18.35 -21.86
C GLY B 107 86.50 17.30 -21.17
N ILE B 108 85.84 17.71 -20.08
CA ILE B 108 84.91 16.84 -19.34
C ILE B 108 83.71 16.47 -20.24
N GLU B 109 83.28 17.39 -21.08
CA GLU B 109 82.22 17.10 -22.04
C GLU B 109 82.58 15.96 -22.98
N ASN B 110 83.85 15.86 -23.34
CA ASN B 110 84.35 14.76 -24.15
C ASN B 110 84.25 13.47 -23.37
N VAL B 111 84.64 13.57 -22.11
CA VAL B 111 84.54 12.44 -21.21
C VAL B 111 83.07 12.00 -21.07
N GLU B 112 82.14 12.96 -21.00
CA GLU B 112 80.73 12.63 -20.86
C GLU B 112 80.23 11.84 -22.05
N TYR B 113 80.68 12.24 -23.22
CA TYR B 113 80.27 11.62 -24.47
C TYR B 113 80.85 10.23 -24.49
N ALA B 114 82.08 10.10 -24.03
CA ALA B 114 82.73 8.79 -23.96
C ALA B 114 81.99 7.79 -23.07
N CYS B 115 81.33 8.28 -22.04
CA CYS B 115 80.54 7.43 -21.14
C CYS B 115 79.42 6.66 -21.84
N GLY B 116 78.95 7.18 -22.99
CA GLY B 116 77.96 6.51 -23.81
C GLY B 116 78.53 5.60 -24.90
N ALA B 117 79.71 5.04 -24.67
CA ALA B 117 80.39 4.19 -25.65
C ALA B 117 79.56 3.03 -26.22
N PRO B 118 78.68 2.41 -25.41
CA PRO B 118 78.00 1.21 -25.93
C PRO B 118 77.07 1.47 -27.10
N GLU B 119 76.38 2.59 -27.01
CA GLU B 119 75.61 3.17 -28.11
C GLU B 119 76.53 3.51 -29.29
N LEU B 120 77.63 4.21 -29.02
CA LEU B 120 78.48 4.69 -30.10
C LEU B 120 79.17 3.59 -30.86
N LEU B 121 79.38 2.46 -30.18
CA LEU B 121 80.03 1.28 -30.76
C LEU B 121 79.08 0.30 -31.43
N LYS B 122 77.79 0.66 -31.53
CA LYS B 122 76.80 -0.20 -32.23
C LYS B 122 77.16 -0.40 -33.71
N GLY B 123 77.18 -1.67 -34.11
CA GLY B 123 77.37 -2.05 -35.51
C GLY B 123 76.04 -2.06 -36.23
N GLU B 124 76.05 -2.54 -37.46
CA GLU B 124 74.83 -2.62 -38.27
C GLU B 124 74.62 -4.08 -38.58
N HIS B 125 73.49 -4.63 -38.12
CA HIS B 125 73.11 -6.00 -38.39
C HIS B 125 72.17 -5.99 -39.57
N SER B 126 72.36 -6.95 -40.49
CA SER B 126 71.54 -7.09 -41.68
C SER B 126 71.06 -8.53 -41.79
N ARG B 127 69.74 -8.71 -41.77
CA ARG B 127 69.09 -10.02 -41.91
C ARG B 127 68.94 -10.40 -43.39
N ASN B 128 69.38 -11.60 -43.75
CA ASN B 128 69.18 -12.15 -45.08
C ASN B 128 69.73 -11.27 -46.17
N VAL B 129 71.05 -11.20 -46.24
CA VAL B 129 71.72 -10.55 -47.35
C VAL B 129 71.59 -11.43 -48.58
N GLY B 130 71.54 -12.73 -48.33
CA GLY B 130 71.02 -13.71 -49.28
C GLY B 130 70.14 -14.67 -48.51
N PRO B 131 69.54 -15.65 -49.19
CA PRO B 131 68.67 -16.58 -48.46
C PRO B 131 69.46 -17.34 -47.38
N GLY B 132 68.99 -17.22 -46.14
CA GLY B 132 69.62 -17.84 -44.95
C GLY B 132 71.03 -17.38 -44.56
N ILE B 133 71.44 -16.21 -45.05
CA ILE B 133 72.75 -15.66 -44.80
C ILE B 133 72.58 -14.29 -44.18
N ASP B 134 73.10 -14.12 -42.96
CA ASP B 134 73.13 -12.82 -42.27
C ASP B 134 74.52 -12.22 -42.18
N SER B 135 74.58 -10.90 -42.09
CA SER B 135 75.86 -10.21 -42.02
C SER B 135 75.74 -9.02 -41.09
N TRP B 136 76.83 -8.65 -40.47
CA TRP B 136 76.86 -7.49 -39.58
C TRP B 136 78.25 -6.90 -39.47
N SER B 137 78.30 -5.63 -39.12
CA SER B 137 79.57 -4.94 -38.97
C SER B 137 79.92 -4.80 -37.50
N GLU B 138 81.22 -4.80 -37.23
CA GLU B 138 81.73 -4.57 -35.91
C GLU B 138 82.86 -3.57 -36.05
N PHE B 139 82.78 -2.51 -35.28
CA PHE B 139 83.88 -1.59 -35.11
C PHE B 139 84.80 -1.99 -33.94
N GLN B 140 85.82 -2.81 -34.23
CA GLN B 140 86.69 -3.38 -33.20
C GLN B 140 87.87 -2.44 -32.90
N PRO B 141 88.60 -2.69 -31.80
CA PRO B 141 89.70 -1.80 -31.45
C PRO B 141 90.90 -1.91 -32.36
N MET B 142 91.70 -0.86 -32.40
CA MET B 142 92.92 -0.76 -33.21
C MET B 142 94.12 -1.47 -32.55
N GLY B 143 94.27 -1.18 -31.26
CA GLY B 143 95.45 -1.61 -30.50
C GLY B 143 96.06 -0.42 -29.78
N VAL B 144 97.37 -0.23 -29.94
CA VAL B 144 98.06 0.89 -29.30
C VAL B 144 97.93 2.13 -30.16
N VAL B 145 97.43 3.19 -29.57
CA VAL B 145 97.17 4.42 -30.28
C VAL B 145 98.06 5.50 -29.75
N ALA B 146 98.54 6.37 -30.62
CA ALA B 146 99.37 7.50 -30.21
C ALA B 146 98.64 8.85 -30.29
N GLY B 147 98.81 9.68 -29.27
CA GLY B 147 98.26 11.06 -29.24
C GLY B 147 99.34 12.12 -29.04
N ILE B 148 99.30 13.18 -29.86
CA ILE B 148 100.28 14.24 -29.77
C ILE B 148 99.54 15.56 -29.77
N THR B 149 99.74 16.36 -28.72
CA THR B 149 98.90 17.50 -28.45
C THR B 149 99.74 18.74 -28.34
N PRO B 150 99.14 19.90 -28.59
CA PRO B 150 99.83 21.13 -28.59
C PRO B 150 99.76 21.78 -27.20
N PHE B 151 100.36 22.97 -27.08
CA PHE B 151 100.47 23.67 -25.79
C PHE B 151 99.21 24.39 -25.39
N ASN B 152 98.49 24.94 -26.36
CA ASN B 152 97.42 25.89 -26.05
C ASN B 152 96.26 25.32 -25.29
N PHE B 153 96.11 23.99 -25.34
CA PHE B 153 95.11 23.27 -24.58
C PHE B 153 95.67 21.98 -24.03
N PRO B 154 96.50 22.08 -22.99
CA PRO B 154 97.18 20.92 -22.45
C PRO B 154 96.28 19.95 -21.74
N VAL B 155 95.02 20.35 -21.49
CA VAL B 155 94.00 19.45 -20.90
C VAL B 155 92.94 18.99 -21.90
N MET B 156 92.37 19.93 -22.64
CA MET B 156 91.24 19.66 -23.50
C MET B 156 91.61 18.83 -24.72
N VAL B 157 92.65 19.22 -25.44
CA VAL B 157 92.99 18.51 -26.65
C VAL B 157 93.41 17.07 -26.34
N PRO B 158 94.13 16.86 -25.23
CA PRO B 158 94.31 15.46 -24.85
C PRO B 158 92.97 14.75 -24.58
N LEU B 159 92.02 15.45 -23.98
CA LEU B 159 90.70 14.85 -23.70
C LEU B 159 89.82 14.66 -24.92
N TRP B 160 90.23 15.26 -26.05
CA TRP B 160 89.67 14.93 -27.36
C TRP B 160 90.01 13.49 -27.77
N MET B 161 91.18 13.03 -27.34
CA MET B 161 91.76 11.78 -27.85
C MET B 161 91.57 10.60 -26.96
N PHE B 162 92.25 10.57 -25.81
CA PHE B 162 92.32 9.34 -24.98
C PHE B 162 91.02 8.86 -24.31
N PRO B 163 90.14 9.78 -23.90
CA PRO B 163 88.85 9.29 -23.39
C PRO B 163 88.13 8.41 -24.41
N MET B 164 87.86 8.95 -25.59
CA MET B 164 87.22 8.17 -26.65
C MET B 164 88.03 6.95 -27.11
N ALA B 165 89.35 7.10 -27.21
CA ALA B 165 90.22 6.02 -27.71
C ALA B 165 90.22 4.85 -26.76
N ILE B 166 90.36 5.14 -25.47
CA ILE B 166 90.40 4.10 -24.43
C ILE B 166 89.06 3.37 -24.34
N VAL B 167 87.95 4.11 -24.42
CA VAL B 167 86.63 3.52 -24.27
C VAL B 167 86.26 2.67 -25.49
N CYS B 168 86.88 2.96 -26.63
CA CYS B 168 86.76 2.17 -27.86
C CYS B 168 87.57 0.87 -27.83
N GLY B 169 88.30 0.65 -26.71
CA GLY B 169 89.05 -0.60 -26.43
C GLY B 169 90.54 -0.55 -26.72
N ASN B 170 91.09 0.65 -26.93
CA ASN B 170 92.48 0.79 -27.27
C ASN B 170 93.26 1.14 -26.03
N CYS B 171 94.57 0.98 -26.13
CA CYS B 171 95.52 1.56 -25.17
C CYS B 171 96.18 2.76 -25.83
N PHE B 172 96.67 3.67 -25.00
CA PHE B 172 97.06 4.99 -25.49
C PHE B 172 98.48 5.34 -25.06
N VAL B 173 99.22 5.99 -25.95
CA VAL B 173 100.45 6.68 -25.56
C VAL B 173 100.33 8.13 -25.98
N LEU B 174 100.34 9.03 -24.99
CA LEU B 174 100.21 10.50 -25.17
C LEU B 174 101.57 11.17 -25.08
N LYS B 175 101.85 12.04 -26.04
CA LYS B 175 103.05 12.86 -26.02
C LYS B 175 102.62 14.33 -26.06
N PRO B 176 102.53 14.97 -24.88
CA PRO B 176 102.01 16.34 -24.80
C PRO B 176 103.04 17.41 -25.01
N SER B 177 102.57 18.64 -25.14
CA SER B 177 103.49 19.76 -25.35
C SER B 177 104.45 19.88 -24.17
N GLU B 178 105.71 20.09 -24.49
CA GLU B 178 106.74 20.18 -23.48
C GLU B 178 106.75 21.58 -22.84
N ARG B 179 105.93 22.49 -23.34
CA ARG B 179 105.82 23.81 -22.74
C ARG B 179 104.92 23.86 -21.53
N ASP B 180 104.00 22.90 -21.38
CA ASP B 180 103.05 22.87 -20.24
C ASP B 180 102.51 21.46 -19.85
N PRO B 181 103.42 20.57 -19.41
CA PRO B 181 103.08 19.16 -19.25
C PRO B 181 102.46 18.76 -17.90
N SER B 182 102.60 19.58 -16.88
CA SER B 182 102.15 19.20 -15.52
C SER B 182 100.66 18.90 -15.44
N SER B 183 99.84 19.78 -16.04
CA SER B 183 98.40 19.63 -16.04
C SER B 183 97.96 18.36 -16.78
N THR B 184 98.59 18.09 -17.90
CA THR B 184 98.31 16.89 -18.67
C THR B 184 98.62 15.59 -17.91
N LEU B 185 99.79 15.56 -17.26
CA LEU B 185 100.21 14.41 -16.51
C LEU B 185 99.32 14.22 -15.29
N TYR B 186 98.93 15.32 -14.66
CA TYR B 186 98.06 15.34 -13.49
C TYR B 186 96.74 14.63 -13.74
N ILE B 187 96.11 14.91 -14.88
CA ILE B 187 94.80 14.32 -15.18
C ILE B 187 94.91 12.88 -15.60
N ALA B 188 96.00 12.50 -16.27
CA ALA B 188 96.23 11.11 -16.59
C ALA B 188 96.51 10.30 -15.33
N GLN B 189 97.00 10.92 -14.26
CA GLN B 189 97.21 10.18 -13.00
C GLN B 189 95.90 9.83 -12.29
N LEU B 190 94.89 10.67 -12.51
CA LEU B 190 93.55 10.47 -11.97
C LEU B 190 92.87 9.23 -12.54
N LEU B 191 93.36 8.78 -13.68
CA LEU B 191 92.74 7.73 -14.43
C LEU B 191 92.91 6.36 -13.75
N GLN B 192 94.02 6.21 -13.01
CA GLN B 192 94.26 4.97 -12.25
C GLN B 192 93.28 4.89 -11.12
N GLU B 193 93.10 6.00 -10.44
CA GLU B 193 92.14 6.05 -9.33
C GLU B 193 90.70 5.81 -9.79
N ALA B 194 90.43 6.08 -11.07
CA ALA B 194 89.12 5.85 -11.69
C ALA B 194 88.88 4.38 -11.99
N GLY B 195 89.90 3.55 -11.82
CA GLY B 195 89.79 2.13 -12.06
C GLY B 195 90.38 1.66 -13.37
N LEU B 196 91.20 2.46 -14.04
CA LEU B 196 91.75 2.05 -15.32
C LEU B 196 92.89 1.10 -15.04
N PRO B 197 92.95 0.00 -15.76
CA PRO B 197 94.10 -0.88 -15.60
C PRO B 197 95.42 -0.19 -15.91
N ASP B 198 96.48 -0.67 -15.29
CA ASP B 198 97.79 -0.15 -15.60
C ASP B 198 98.04 -0.41 -17.06
N GLY B 199 98.72 0.54 -17.70
CA GLY B 199 99.22 0.35 -19.06
C GLY B 199 98.27 0.77 -20.17
N VAL B 200 96.99 0.89 -19.87
CA VAL B 200 96.01 1.27 -20.87
C VAL B 200 96.23 2.73 -21.30
N MET B 201 96.42 3.61 -20.30
CA MET B 201 96.84 4.98 -20.54
C MET B 201 98.28 5.25 -20.08
N ASN B 202 99.05 5.91 -20.92
CA ASN B 202 100.46 6.25 -20.65
C ASN B 202 100.77 7.64 -21.17
N VAL B 203 101.55 8.41 -20.43
CA VAL B 203 101.99 9.72 -20.89
C VAL B 203 103.51 9.63 -21.02
N VAL B 204 104.03 10.05 -22.16
CA VAL B 204 105.46 10.03 -22.39
C VAL B 204 105.90 11.42 -22.87
N ASN B 205 106.48 12.21 -21.97
CA ASN B 205 107.00 13.55 -22.29
C ASN B 205 108.29 13.55 -23.10
N GLY B 206 108.43 14.53 -23.99
CA GLY B 206 109.59 14.57 -24.84
C GLY B 206 109.50 15.56 -25.97
N ASP B 207 110.36 15.36 -26.97
CA ASP B 207 110.46 16.26 -28.11
C ASP B 207 110.37 15.44 -29.41
N LYS B 208 110.97 15.95 -30.51
CA LYS B 208 110.89 15.29 -31.82
C LYS B 208 111.25 13.81 -31.72
N GLU B 209 112.17 13.50 -30.83
CA GLU B 209 112.60 12.15 -30.66
C GLU B 209 111.52 11.22 -30.18
N ALA B 210 110.75 11.67 -29.20
CA ALA B 210 109.60 10.91 -28.68
C ALA B 210 108.49 10.74 -29.71
N VAL B 211 108.25 11.78 -30.51
CA VAL B 211 107.29 11.74 -31.60
C VAL B 211 107.72 10.72 -32.63
N ASP B 212 108.90 10.91 -33.20
CA ASP B 212 109.45 10.00 -34.23
C ASP B 212 109.42 8.56 -33.76
N ALA B 213 109.71 8.35 -32.47
CA ALA B 213 109.68 7.01 -31.89
C ALA B 213 108.32 6.38 -32.03
N LEU B 214 107.27 7.14 -31.71
CA LEU B 214 105.86 6.69 -31.90
C LEU B 214 105.49 6.48 -33.38
N LEU B 215 105.96 7.36 -34.23
CA LEU B 215 105.60 7.26 -35.62
C LEU B 215 106.17 6.01 -36.27
N HIS B 216 107.32 5.53 -35.78
CA HIS B 216 108.06 4.46 -36.47
C HIS B 216 107.89 3.06 -35.86
N ASP B 217 107.37 2.99 -34.63
CA ASP B 217 107.04 1.72 -34.00
C ASP B 217 105.77 1.04 -34.66
N ASP B 218 105.97 -0.18 -35.17
CA ASP B 218 104.88 -0.92 -35.85
C ASP B 218 103.69 -1.25 -34.96
N ARG B 219 103.90 -1.29 -33.64
CA ARG B 219 102.83 -1.53 -32.66
C ARG B 219 101.84 -0.38 -32.55
N VAL B 220 102.27 0.83 -32.94
CA VAL B 220 101.39 1.99 -32.92
C VAL B 220 100.57 1.97 -34.19
N LYS B 221 99.27 1.98 -34.02
CA LYS B 221 98.35 1.75 -35.12
C LYS B 221 97.53 2.94 -35.61
N ALA B 222 97.62 4.07 -34.91
CA ALA B 222 96.91 5.24 -35.33
C ALA B 222 97.45 6.43 -34.63
N VAL B 223 97.56 7.55 -35.34
CA VAL B 223 98.11 8.76 -34.75
C VAL B 223 97.16 9.92 -34.89
N SER B 224 96.80 10.52 -33.76
CA SER B 224 96.03 11.73 -33.71
C SER B 224 96.98 12.83 -33.32
N PHE B 225 97.10 13.83 -34.18
CA PHE B 225 97.98 14.96 -33.93
C PHE B 225 97.12 16.17 -33.99
N VAL B 226 97.40 17.12 -33.08
CA VAL B 226 96.85 18.47 -33.15
C VAL B 226 97.94 19.50 -32.86
N GLY B 227 98.16 20.40 -33.80
CA GLY B 227 99.15 21.45 -33.63
C GLY B 227 99.24 22.42 -34.79
N SER B 228 100.47 22.72 -35.20
CA SER B 228 100.70 23.64 -36.34
C SER B 228 100.68 22.91 -37.68
N THR B 229 100.26 23.62 -38.73
CA THR B 229 100.18 23.05 -40.07
C THR B 229 101.51 22.38 -40.46
N PRO B 230 102.62 23.13 -40.40
CA PRO B 230 103.92 22.55 -40.82
C PRO B 230 104.24 21.20 -40.18
N ILE B 231 103.89 21.05 -38.89
CA ILE B 231 104.13 19.78 -38.15
C ILE B 231 103.05 18.76 -38.43
N ALA B 232 101.80 19.19 -38.37
CA ALA B 232 100.68 18.35 -38.81
C ALA B 232 101.03 17.66 -40.13
N GLU B 233 101.46 18.43 -41.13
CA GLU B 233 101.89 17.91 -42.43
C GLU B 233 102.95 16.83 -42.32
N TYR B 234 103.95 17.07 -41.49
CA TYR B 234 105.06 16.11 -41.33
C TYR B 234 104.62 14.84 -40.66
N ILE B 235 103.81 14.97 -39.60
CA ILE B 235 103.23 13.83 -38.89
C ILE B 235 102.38 12.96 -39.84
N TYR B 236 101.51 13.60 -40.64
CA TYR B 236 100.64 12.90 -41.59
C TYR B 236 101.43 12.18 -42.64
N ARG B 237 102.46 12.85 -43.18
CA ARG B 237 103.31 12.29 -44.23
C ARG B 237 104.08 11.11 -43.66
N THR B 238 104.59 11.29 -42.45
CA THR B 238 105.43 10.28 -41.82
C THR B 238 104.62 9.08 -41.45
N ALA B 239 103.48 9.27 -40.81
CA ALA B 239 102.59 8.12 -40.44
C ALA B 239 102.02 7.40 -41.64
N SER B 240 101.61 8.15 -42.66
CA SER B 240 101.12 7.53 -43.89
C SER B 240 102.18 6.64 -44.55
N ALA B 241 103.40 7.16 -44.60
CA ALA B 241 104.55 6.42 -45.11
C ALA B 241 104.85 5.10 -44.39
N ASN B 242 104.54 5.05 -43.10
CA ASN B 242 104.76 3.84 -42.28
C ASN B 242 103.56 2.89 -42.30
N GLY B 243 102.48 3.30 -42.95
CA GLY B 243 101.31 2.44 -43.21
C GLY B 243 100.16 2.60 -42.24
N LYS B 244 100.38 3.30 -41.12
CA LYS B 244 99.33 3.56 -40.11
C LYS B 244 98.44 4.77 -40.42
N ARG B 245 97.19 4.72 -39.94
CA ARG B 245 96.17 5.75 -40.23
C ARG B 245 96.42 7.01 -39.43
N CYS B 246 95.88 8.13 -39.87
CA CYS B 246 96.25 9.38 -39.20
C CYS B 246 95.26 10.51 -39.37
N GLN B 247 95.09 11.27 -38.29
CA GLN B 247 94.41 12.55 -38.33
C GLN B 247 95.34 13.63 -37.77
N ALA B 248 95.57 14.69 -38.56
CA ALA B 248 96.48 15.75 -38.15
C ALA B 248 95.88 17.13 -38.35
N LEU B 249 95.49 17.79 -37.27
CA LEU B 249 94.85 19.11 -37.36
C LEU B 249 95.94 20.14 -37.34
N GLY B 250 95.79 21.19 -38.15
CA GLY B 250 96.79 22.24 -38.28
C GLY B 250 96.26 23.62 -37.92
N GLY B 251 96.83 24.64 -38.54
CA GLY B 251 96.61 26.01 -38.15
C GLY B 251 95.35 26.60 -38.76
N ALA B 252 95.27 27.93 -38.65
CA ALA B 252 94.04 28.67 -38.83
C ALA B 252 94.24 30.19 -39.02
N LYS B 253 93.23 30.81 -39.61
CA LYS B 253 93.03 32.26 -39.62
C LYS B 253 91.54 32.51 -39.77
N ASN B 254 90.86 32.58 -38.66
CA ASN B 254 89.42 32.61 -38.72
C ASN B 254 88.93 34.00 -38.93
N HIS B 255 88.03 34.13 -39.90
CA HIS B 255 87.41 35.38 -40.28
C HIS B 255 85.99 35.42 -39.77
N ALA B 256 85.47 36.63 -39.58
CA ALA B 256 84.06 36.86 -39.26
C ALA B 256 83.52 37.93 -40.19
N ILE B 257 82.43 37.62 -40.89
CA ILE B 257 81.79 38.59 -41.73
C ILE B 257 80.87 39.40 -40.86
N VAL B 258 81.03 40.71 -40.89
CA VAL B 258 80.17 41.64 -40.17
C VAL B 258 79.31 42.39 -41.17
N MET B 259 78.13 41.85 -41.43
CA MET B 259 77.17 42.44 -42.34
C MET B 259 76.57 43.71 -41.73
N PRO B 260 76.08 44.63 -42.59
CA PRO B 260 75.42 45.87 -42.17
C PRO B 260 74.21 45.67 -41.25
N ASP B 261 73.51 44.54 -41.39
CA ASP B 261 72.31 44.27 -40.58
C ASP B 261 72.64 43.55 -39.29
N ALA B 262 73.93 43.46 -38.97
CA ALA B 262 74.35 42.80 -37.75
C ALA B 262 74.06 43.65 -36.53
N ASP B 263 73.74 43.00 -35.42
CA ASP B 263 73.75 43.65 -34.11
C ASP B 263 75.21 43.81 -33.73
N MET B 264 75.66 45.07 -33.78
CA MET B 264 77.06 45.39 -33.62
C MET B 264 77.43 45.23 -32.17
N ASP B 265 76.60 45.74 -31.26
CA ASP B 265 76.90 45.62 -29.81
C ASP B 265 77.12 44.18 -29.41
N ASN B 266 76.36 43.28 -30.00
CA ASN B 266 76.49 41.85 -29.74
C ASN B 266 77.73 41.22 -30.40
N ALA B 267 77.99 41.58 -31.65
CA ALA B 267 79.16 41.09 -32.37
C ALA B 267 80.44 41.54 -31.67
N VAL B 268 80.51 42.82 -31.30
CA VAL B 268 81.68 43.38 -30.63
C VAL B 268 81.95 42.65 -29.29
N ASN B 269 80.88 42.34 -28.59
CA ASN B 269 80.98 41.79 -27.26
C ASN B 269 81.45 40.34 -27.26
N GLN B 270 81.06 39.61 -28.29
CA GLN B 270 81.48 38.22 -28.48
C GLN B 270 82.85 38.07 -29.14
N LEU B 271 83.22 39.03 -29.99
CA LEU B 271 84.56 39.10 -30.59
C LEU B 271 85.66 39.32 -29.54
N LEU B 272 85.35 40.04 -28.46
CA LEU B 272 86.31 40.27 -27.34
C LEU B 272 86.90 38.96 -26.80
N GLY B 273 86.02 38.01 -26.54
CA GLY B 273 86.43 36.72 -26.01
C GLY B 273 86.95 35.81 -27.11
N ALA B 274 86.41 35.95 -28.31
CA ALA B 274 86.86 35.14 -29.42
C ALA B 274 88.26 35.53 -29.94
N ALA B 275 88.53 36.84 -30.00
CA ALA B 275 89.82 37.38 -30.46
C ALA B 275 90.90 37.25 -29.41
N PHE B 276 90.56 37.70 -28.20
CA PHE B 276 91.54 37.92 -27.11
C PHE B 276 91.47 36.90 -25.98
N GLY B 277 90.44 36.07 -26.00
CA GLY B 277 90.33 34.98 -25.02
C GLY B 277 91.48 34.00 -25.20
N SER B 278 91.97 33.50 -24.08
CA SER B 278 93.19 32.68 -24.05
C SER B 278 94.40 33.35 -24.74
N SER B 279 94.42 34.69 -24.73
CA SER B 279 95.48 35.51 -25.35
C SER B 279 95.61 35.21 -26.84
N GLY B 280 94.47 34.89 -27.45
CA GLY B 280 94.39 34.54 -28.86
C GLY B 280 95.17 33.31 -29.31
N GLU B 281 95.76 32.58 -28.36
CA GLU B 281 96.54 31.36 -28.65
C GLU B 281 95.60 30.17 -28.82
N ARG B 282 94.75 30.21 -29.84
CA ARG B 282 93.64 29.31 -29.98
C ARG B 282 93.51 28.97 -31.47
N CYS B 283 93.39 27.68 -31.81
CA CYS B 283 93.08 27.24 -33.19
C CYS B 283 91.75 27.85 -33.72
N MET B 284 90.78 28.15 -32.83
CA MET B 284 89.50 28.82 -33.19
C MET B 284 89.45 30.34 -32.92
N ALA B 285 90.58 30.90 -32.51
CA ALA B 285 90.69 32.32 -32.33
C ALA B 285 90.27 33.10 -33.59
N LEU B 286 89.40 34.08 -33.38
CA LEU B 286 88.88 34.92 -34.43
C LEU B 286 89.77 36.13 -34.57
N SER B 287 90.61 36.14 -35.59
CA SER B 287 91.70 37.13 -35.70
C SER B 287 91.49 38.16 -36.81
N VAL B 288 90.45 37.94 -37.63
CA VAL B 288 90.12 38.79 -38.77
C VAL B 288 88.63 39.06 -38.80
N ALA B 289 88.29 40.34 -38.71
CA ALA B 289 86.91 40.75 -38.86
C ALA B 289 86.83 41.42 -40.22
N VAL B 290 86.05 40.84 -41.10
CA VAL B 290 85.87 41.37 -42.44
C VAL B 290 84.58 42.16 -42.48
N ALA B 291 84.70 43.47 -42.52
CA ALA B 291 83.54 44.33 -42.53
C ALA B 291 83.10 44.58 -43.95
N VAL B 292 81.85 44.28 -44.24
CA VAL B 292 81.28 44.58 -45.55
C VAL B 292 80.62 45.96 -45.49
N GLY B 293 81.21 46.89 -46.25
CA GLY B 293 80.87 48.30 -46.17
C GLY B 293 81.59 48.99 -45.02
N ASP B 294 81.43 50.30 -44.94
CA ASP B 294 81.98 51.04 -43.81
C ASP B 294 81.45 52.47 -43.74
N ALA B 295 80.32 52.76 -43.10
CA ALA B 295 79.30 51.85 -42.58
C ALA B 295 79.72 50.97 -41.40
N ALA B 296 79.71 49.66 -41.58
CA ALA B 296 79.96 48.71 -40.48
C ALA B 296 81.42 48.65 -40.03
N GLY B 297 82.35 48.80 -40.97
CA GLY B 297 83.77 48.93 -40.62
C GLY B 297 83.99 49.97 -39.55
N ASP B 298 83.61 51.21 -39.83
CA ASP B 298 83.80 52.31 -38.90
C ASP B 298 83.17 51.99 -37.54
N ALA B 299 81.97 51.39 -37.60
CA ALA B 299 81.13 51.09 -36.40
C ALA B 299 81.66 49.96 -35.53
N LEU B 300 82.20 48.93 -36.17
CA LEU B 300 82.90 47.86 -35.49
C LEU B 300 84.15 48.33 -34.78
N VAL B 301 85.04 49.02 -35.50
CA VAL B 301 86.27 49.54 -34.91
C VAL B 301 85.92 50.50 -33.76
N SER B 302 84.87 51.31 -33.91
CA SER B 302 84.53 52.29 -32.88
C SER B 302 84.13 51.61 -31.60
N LYS B 303 83.29 50.61 -31.72
CA LYS B 303 82.78 49.91 -30.55
C LYS B 303 83.74 48.88 -29.98
N MET B 304 84.58 48.34 -30.84
CA MET B 304 85.61 47.44 -30.43
C MET B 304 86.61 48.23 -29.58
N THR B 305 87.09 49.38 -30.09
CA THR B 305 88.02 50.28 -29.36
C THR B 305 87.54 50.54 -27.91
N GLN B 306 86.25 50.84 -27.78
CA GLN B 306 85.66 51.20 -26.48
C GLN B 306 85.59 50.06 -25.48
N ALA B 307 85.06 48.94 -25.92
CA ALA B 307 85.05 47.72 -25.12
C ALA B 307 86.44 47.23 -24.75
N MET B 308 87.40 47.40 -25.64
CA MET B 308 88.76 46.91 -25.43
C MET B 308 89.54 47.69 -24.34
N GLN B 309 89.13 48.93 -24.05
CA GLN B 309 89.80 49.72 -23.01
C GLN B 309 89.66 49.09 -21.63
N LYS B 310 88.60 48.33 -21.43
CA LYS B 310 88.31 47.69 -20.14
C LYS B 310 88.98 46.31 -19.95
N LEU B 311 89.64 45.80 -21.00
CA LEU B 311 90.44 44.56 -20.90
C LEU B 311 91.58 44.64 -19.86
N LYS B 312 91.85 43.51 -19.25
CA LYS B 312 92.86 43.41 -18.19
C LYS B 312 93.79 42.25 -18.54
N VAL B 313 95.07 42.57 -18.72
CA VAL B 313 96.11 41.58 -19.00
C VAL B 313 96.97 41.41 -17.77
N GLY B 314 97.28 40.16 -17.44
CA GLY B 314 98.13 39.88 -16.30
C GLY B 314 98.30 38.42 -15.95
N PRO B 315 98.95 38.15 -14.80
CA PRO B 315 99.18 36.76 -14.35
C PRO B 315 97.94 36.02 -13.82
N SER B 316 97.96 34.69 -13.94
CA SER B 316 96.81 33.85 -13.47
C SER B 316 96.63 33.82 -11.94
N THR B 317 97.54 34.45 -11.21
CA THR B 317 97.37 34.70 -9.78
C THR B 317 96.28 35.73 -9.45
N ASP B 318 96.09 36.69 -10.34
CA ASP B 318 94.96 37.59 -10.26
C ASP B 318 93.87 37.08 -11.22
N SER B 319 92.78 36.53 -10.68
CA SER B 319 91.56 36.30 -11.47
C SER B 319 90.98 37.67 -11.85
N GLY B 320 90.00 37.69 -12.74
CA GLY B 320 89.48 38.98 -13.20
C GLY B 320 90.36 39.68 -14.23
N ASN B 321 91.59 39.20 -14.41
CA ASN B 321 92.32 39.40 -15.66
C ASN B 321 91.57 38.69 -16.80
N ASP B 322 91.50 39.34 -17.96
CA ASP B 322 90.78 38.78 -19.08
C ASP B 322 91.59 37.68 -19.77
N PHE B 323 92.90 37.89 -19.87
CA PHE B 323 93.80 36.87 -20.39
C PHE B 323 95.19 36.98 -19.81
N GLY B 324 95.98 35.93 -20.03
CA GLY B 324 97.34 35.84 -19.49
C GLY B 324 98.44 36.05 -20.51
N PRO B 325 99.65 35.61 -20.16
CA PRO B 325 100.75 35.82 -21.09
C PRO B 325 100.70 34.89 -22.28
N VAL B 326 101.51 35.22 -23.26
CA VAL B 326 101.85 34.34 -24.36
C VAL B 326 102.81 33.25 -23.84
N ILE B 327 102.88 32.14 -24.56
CA ILE B 327 103.57 30.94 -24.06
C ILE B 327 105.08 31.07 -23.83
N THR B 328 105.77 31.80 -24.71
CA THR B 328 107.25 31.95 -24.62
C THR B 328 107.77 33.30 -25.08
N ARG B 329 109.01 33.60 -24.68
CA ARG B 329 109.72 34.79 -25.13
C ARG B 329 109.82 34.83 -26.66
N GLN B 330 110.27 33.72 -27.26
CA GLN B 330 110.30 33.56 -28.70
C GLN B 330 108.93 33.93 -29.30
N HIS B 331 107.87 33.30 -28.80
CA HIS B 331 106.49 33.57 -29.28
C HIS B 331 106.04 34.99 -29.05
N GLN B 332 106.44 35.61 -27.96
CA GLN B 332 106.14 37.02 -27.71
C GLN B 332 106.81 37.97 -28.72
N GLU B 333 108.10 37.73 -28.98
CA GLU B 333 108.84 38.42 -30.06
C GLU B 333 108.10 38.21 -31.40
N LYS B 334 107.71 36.98 -31.71
CA LYS B 334 107.00 36.66 -32.98
C LYS B 334 105.77 37.54 -33.12
N VAL B 335 104.94 37.57 -32.07
CA VAL B 335 103.67 38.33 -32.07
C VAL B 335 103.91 39.84 -32.23
N ILE B 336 104.86 40.37 -31.48
CA ILE B 336 105.26 41.79 -31.64
C ILE B 336 105.67 42.08 -33.10
N GLY B 337 106.39 41.13 -33.70
CA GLY B 337 106.76 41.14 -35.11
C GLY B 337 105.58 41.24 -36.07
N TYR B 338 104.56 40.40 -35.84
CA TYR B 338 103.34 40.40 -36.68
C TYR B 338 102.61 41.75 -36.62
N ILE B 339 102.77 42.49 -35.52
CA ILE B 339 102.15 43.82 -35.33
C ILE B 339 103.01 44.94 -35.87
N ASN B 340 104.32 44.84 -35.70
CA ASN B 340 105.24 45.73 -36.40
C ASN B 340 105.01 45.70 -37.90
N SER B 341 104.97 44.48 -38.47
CA SER B 341 104.73 44.27 -39.91
C SER B 341 103.54 45.09 -40.36
N ALA B 342 102.40 44.83 -39.72
CA ALA B 342 101.13 45.47 -40.09
C ALA B 342 101.21 46.98 -40.17
N GLU B 343 101.95 47.60 -39.27
CA GLU B 343 102.21 49.06 -39.35
C GLU B 343 103.19 49.51 -40.48
N GLN B 344 104.32 48.79 -40.63
CA GLN B 344 105.24 48.92 -41.76
C GLN B 344 104.44 48.83 -43.09
N GLN B 345 103.82 47.67 -43.37
CA GLN B 345 103.13 47.40 -44.65
C GLN B 345 101.92 48.31 -44.87
N GLY B 346 101.56 49.13 -43.88
CA GLY B 346 100.63 50.25 -44.10
C GLY B 346 99.40 50.35 -43.20
N ALA B 347 99.13 49.33 -42.40
CA ALA B 347 97.89 49.28 -41.59
C ALA B 347 97.86 50.30 -40.43
N THR B 348 96.66 50.50 -39.87
CA THR B 348 96.40 51.47 -38.78
C THR B 348 96.29 50.83 -37.38
N ILE B 349 97.34 50.94 -36.57
CA ILE B 349 97.39 50.26 -35.27
C ILE B 349 96.47 51.02 -34.31
N VAL B 350 95.18 50.70 -34.36
CA VAL B 350 94.12 51.40 -33.60
C VAL B 350 94.19 51.23 -32.07
N VAL B 351 94.60 50.05 -31.60
CA VAL B 351 94.87 49.86 -30.17
C VAL B 351 96.18 49.11 -30.00
N ASP B 352 97.15 49.73 -29.33
CA ASP B 352 98.51 49.23 -29.27
C ASP B 352 98.67 48.46 -27.97
N GLY B 353 99.10 47.22 -28.09
CA GLY B 353 99.41 46.39 -26.93
C GLY B 353 100.77 45.75 -27.02
N ARG B 354 101.65 46.30 -27.85
CA ARG B 354 102.98 45.74 -28.07
C ARG B 354 103.82 45.96 -26.84
N GLN B 355 103.66 47.16 -26.29
CA GLN B 355 104.36 47.56 -25.10
C GLN B 355 103.27 47.54 -24.04
N PRO B 356 102.89 46.33 -23.57
CA PRO B 356 101.80 46.31 -22.59
C PRO B 356 102.26 46.96 -21.31
N LYS B 357 103.45 46.60 -20.82
CA LYS B 357 104.02 47.21 -19.60
C LYS B 357 102.94 47.29 -18.51
N VAL B 358 101.99 46.36 -18.60
CA VAL B 358 100.78 46.38 -17.79
C VAL B 358 101.20 45.79 -16.44
N PRO B 359 101.86 44.61 -16.42
CA PRO B 359 102.50 44.20 -15.17
C PRO B 359 103.74 45.04 -14.93
N ASN B 360 104.17 45.37 -13.71
CA ASN B 360 103.75 44.87 -12.38
C ASN B 360 104.40 43.58 -12.00
N HIS B 361 105.70 43.66 -11.71
CA HIS B 361 106.53 42.50 -11.35
C HIS B 361 106.46 41.35 -12.31
N GLU B 362 106.40 41.66 -13.60
CA GLU B 362 106.42 40.66 -14.63
C GLU B 362 107.09 41.18 -15.93
N ASN B 363 108.39 40.91 -16.09
CA ASN B 363 109.05 40.80 -17.43
C ASN B 363 108.93 39.33 -18.02
N GLY B 364 107.71 38.80 -18.02
CA GLY B 364 107.42 37.60 -18.74
C GLY B 364 106.89 37.98 -20.10
N PHE B 365 106.11 37.08 -20.67
CA PHE B 365 105.89 37.05 -22.09
C PHE B 365 104.51 37.62 -22.40
N PHE B 366 104.32 38.88 -22.02
CA PHE B 366 103.00 39.52 -22.11
C PHE B 366 102.80 40.41 -23.35
N VAL B 367 101.66 40.23 -24.00
CA VAL B 367 101.23 41.06 -25.11
C VAL B 367 99.82 41.54 -24.81
N GLY B 368 99.59 42.84 -25.01
CA GLY B 368 98.30 43.44 -24.76
C GLY B 368 97.35 43.22 -25.93
N GLY B 369 96.08 43.46 -25.71
CA GLY B 369 95.10 43.31 -26.78
C GLY B 369 95.36 44.39 -27.79
N THR B 370 95.44 44.01 -29.07
CA THR B 370 95.64 45.00 -30.13
C THR B 370 94.53 44.88 -31.17
N LEU B 371 94.32 45.99 -31.87
CA LEU B 371 93.30 46.08 -32.89
C LEU B 371 93.98 46.75 -34.06
N ILE B 372 94.09 46.04 -35.19
CA ILE B 372 94.70 46.60 -36.39
C ILE B 372 93.57 46.89 -37.39
N ASP B 373 93.61 48.04 -38.04
CA ASP B 373 92.56 48.42 -39.02
C ASP B 373 93.16 48.78 -40.39
N HIS B 374 92.37 48.57 -41.44
CA HIS B 374 92.77 48.73 -42.85
C HIS B 374 93.80 47.77 -43.36
N VAL B 375 93.60 46.50 -43.05
CA VAL B 375 94.57 45.51 -43.44
C VAL B 375 94.09 45.06 -44.82
N THR B 376 95.01 44.54 -45.62
CA THR B 376 94.72 44.12 -46.98
C THR B 376 95.21 42.71 -47.19
N PRO B 377 94.76 42.04 -48.25
CA PRO B 377 95.20 40.65 -48.51
C PRO B 377 96.69 40.45 -48.77
N GLU B 378 97.38 41.50 -49.22
CA GLU B 378 98.82 41.41 -49.55
C GLU B 378 99.75 41.38 -48.32
N MET B 379 99.27 41.88 -47.17
CA MET B 379 100.09 41.96 -45.96
C MET B 379 100.39 40.57 -45.38
N THR B 380 101.63 40.34 -44.97
CA THR B 380 102.07 39.00 -44.52
C THR B 380 101.32 38.61 -43.24
N SER B 381 101.09 39.63 -42.42
CA SER B 381 100.32 39.53 -41.15
C SER B 381 98.83 39.14 -41.33
N TYR B 382 98.31 39.37 -42.53
CA TYR B 382 97.03 38.83 -42.93
C TYR B 382 97.16 37.35 -43.35
N GLN B 383 98.19 37.03 -44.14
CA GLN B 383 98.39 35.65 -44.64
C GLN B 383 98.72 34.61 -43.54
N GLU B 384 99.69 34.90 -42.66
CA GLU B 384 100.18 33.92 -41.64
C GLU B 384 99.44 33.99 -40.29
N GLU B 385 99.37 32.85 -39.60
CA GLU B 385 98.70 32.79 -38.28
C GLU B 385 99.54 33.52 -37.24
N ILE B 386 98.95 34.55 -36.64
CA ILE B 386 99.62 35.30 -35.60
C ILE B 386 99.64 34.45 -34.35
N PHE B 387 98.48 34.02 -33.92
CA PHE B 387 98.33 33.22 -32.70
C PHE B 387 98.65 34.07 -31.47
N GLY B 388 98.18 35.31 -31.49
CA GLY B 388 98.22 36.20 -30.35
C GLY B 388 96.95 37.05 -30.23
N PRO B 389 96.95 38.01 -29.29
CA PRO B 389 95.74 38.75 -29.01
C PRO B 389 95.63 39.95 -29.91
N VAL B 390 95.40 39.67 -31.18
CA VAL B 390 95.34 40.71 -32.19
C VAL B 390 94.14 40.48 -33.05
N LEU B 391 93.35 41.53 -33.26
CA LEU B 391 92.18 41.47 -34.12
C LEU B 391 92.41 42.43 -35.27
N GLN B 392 92.30 41.94 -36.49
CA GLN B 392 92.52 42.71 -37.68
C GLN B 392 91.20 42.96 -38.34
N VAL B 393 91.05 44.14 -38.94
CA VAL B 393 89.83 44.49 -39.65
C VAL B 393 90.10 44.75 -41.11
N VAL B 394 89.49 43.95 -41.96
CA VAL B 394 89.56 44.12 -43.41
C VAL B 394 88.22 44.65 -43.88
N ARG B 395 88.24 45.68 -44.73
CA ARG B 395 87.00 46.21 -45.32
C ARG B 395 86.85 45.80 -46.77
N VAL B 396 85.64 45.36 -47.12
CA VAL B 396 85.30 44.95 -48.47
C VAL B 396 83.98 45.58 -48.87
N ALA B 397 83.69 45.52 -50.18
CA ALA B 397 82.49 46.15 -50.76
C ALA B 397 81.21 45.36 -50.51
N THR B 398 81.31 44.05 -50.67
CA THR B 398 80.13 43.19 -50.65
C THR B 398 80.41 41.86 -49.91
N MET B 399 79.36 41.21 -49.45
CA MET B 399 79.45 39.90 -48.79
C MET B 399 80.23 38.85 -49.59
N GLN B 400 79.90 38.76 -50.87
CA GLN B 400 80.62 37.82 -51.73
C GLN B 400 82.13 38.07 -51.74
N ASP B 401 82.54 39.33 -51.67
CA ASP B 401 83.97 39.67 -51.65
C ASP B 401 84.59 39.13 -50.38
N ALA B 402 83.87 39.30 -49.27
CA ALA B 402 84.23 38.69 -48.00
C ALA B 402 84.41 37.20 -48.12
N MET B 403 83.39 36.52 -48.64
CA MET B 403 83.46 35.07 -48.78
C MET B 403 84.56 34.64 -49.69
N ASP B 404 84.78 35.38 -50.77
CA ASP B 404 85.83 35.03 -51.75
C ASP B 404 87.19 35.13 -51.07
N LEU B 405 87.34 36.18 -50.25
CA LEU B 405 88.57 36.41 -49.50
C LEU B 405 88.82 35.27 -48.55
N ILE B 406 87.80 34.86 -47.80
CA ILE B 406 87.92 33.72 -46.91
C ILE B 406 88.33 32.45 -47.67
N ASP B 407 87.60 32.11 -48.74
CA ASP B 407 87.85 30.87 -49.53
C ASP B 407 89.24 30.78 -50.14
N ALA B 408 89.78 31.94 -50.51
CA ALA B 408 91.13 32.05 -51.03
C ALA B 408 92.27 31.72 -50.01
N HIS B 409 92.03 31.91 -48.71
CA HIS B 409 93.05 31.71 -47.68
C HIS B 409 93.49 30.24 -47.63
N GLU B 410 94.69 30.06 -47.12
CA GLU B 410 95.35 28.76 -47.05
C GLU B 410 94.56 27.79 -46.18
N TYR B 411 94.20 28.26 -44.99
CA TYR B 411 93.47 27.54 -43.98
C TYR B 411 91.97 27.61 -44.15
N GLY B 412 91.27 26.74 -43.45
CA GLY B 412 89.82 26.80 -43.39
C GLY B 412 89.25 26.13 -42.16
N ASN B 413 89.72 26.54 -41.00
CA ASN B 413 89.31 25.90 -39.78
C ASN B 413 87.92 26.39 -39.36
N GLY B 414 87.83 27.67 -39.08
CA GLY B 414 86.65 28.24 -38.44
C GLY B 414 86.24 29.56 -39.03
N THR B 415 84.95 29.85 -38.99
CA THR B 415 84.44 31.07 -39.58
C THR B 415 83.13 31.45 -38.97
N CYS B 416 82.72 32.69 -39.23
CA CYS B 416 81.49 33.26 -38.66
C CYS B 416 80.88 34.36 -39.53
N ILE B 417 79.57 34.51 -39.46
CA ILE B 417 78.87 35.63 -40.07
C ILE B 417 77.91 36.22 -39.06
N PHE B 418 77.99 37.53 -38.90
CA PHE B 418 77.10 38.23 -38.03
C PHE B 418 76.08 38.82 -38.96
N THR B 419 74.81 38.44 -38.77
CA THR B 419 73.67 38.94 -39.55
C THR B 419 72.33 38.56 -38.90
N ARG B 420 71.28 39.32 -39.20
CA ARG B 420 69.92 38.99 -38.76
C ARG B 420 69.15 38.21 -39.83
N ASP B 421 69.69 38.22 -41.07
CA ASP B 421 69.02 37.76 -42.30
C ASP B 421 69.34 36.32 -42.54
N GLY B 422 68.32 35.50 -42.72
CA GLY B 422 68.50 34.05 -42.87
C GLY B 422 69.08 33.65 -44.20
N GLU B 423 68.64 34.36 -45.24
CA GLU B 423 69.11 34.08 -46.58
C GLU B 423 70.64 34.13 -46.62
N ALA B 424 71.18 35.23 -46.10
CA ALA B 424 72.63 35.44 -45.99
C ALA B 424 73.30 34.39 -45.12
N ALA B 425 72.65 33.99 -44.03
CA ALA B 425 73.21 32.95 -43.17
C ALA B 425 73.35 31.61 -43.86
N ARG B 426 72.31 31.15 -44.56
CA ARG B 426 72.35 29.87 -45.29
C ARG B 426 73.35 29.90 -46.43
N TYR B 427 73.29 30.95 -47.23
CA TYR B 427 74.20 31.12 -48.34
C TYR B 427 75.64 31.15 -47.86
N PHE B 428 75.87 31.74 -46.70
CA PHE B 428 77.17 31.68 -46.08
C PHE B 428 77.50 30.27 -45.61
N SER B 429 76.66 29.70 -44.73
CA SER B 429 76.95 28.40 -44.12
C SER B 429 77.05 27.30 -45.15
N ASP B 430 76.20 27.36 -46.17
CA ASP B 430 76.21 26.35 -47.24
C ASP B 430 77.45 26.37 -48.14
N ASN B 431 77.86 27.55 -48.59
CA ASN B 431 78.91 27.69 -49.63
C ASN B 431 80.34 27.93 -49.16
N ILE B 432 80.50 28.49 -47.96
CA ILE B 432 81.81 28.82 -47.44
C ILE B 432 82.69 27.58 -47.29
N GLN B 433 83.94 27.68 -47.70
CA GLN B 433 84.86 26.55 -47.67
C GLN B 433 85.66 26.48 -46.39
N VAL B 434 84.96 26.33 -45.26
CA VAL B 434 85.58 26.04 -43.96
C VAL B 434 84.76 25.00 -43.17
N GLY B 435 85.44 24.28 -42.28
CA GLY B 435 84.83 23.18 -41.57
C GLY B 435 83.77 23.59 -40.58
N MET B 436 84.09 24.56 -39.75
CA MET B 436 83.21 24.87 -38.64
C MET B 436 82.69 26.28 -38.82
N VAL B 437 81.40 26.42 -39.09
CA VAL B 437 80.86 27.75 -39.40
C VAL B 437 79.86 28.12 -38.35
N GLY B 438 79.94 29.38 -37.91
CA GLY B 438 79.05 29.94 -36.91
C GLY B 438 78.13 31.00 -37.50
N ILE B 439 76.92 31.09 -36.96
CA ILE B 439 75.99 32.15 -37.29
C ILE B 439 75.80 32.95 -36.03
N ASN B 440 76.35 34.17 -36.03
CA ASN B 440 76.45 35.01 -34.84
C ASN B 440 77.12 34.30 -33.69
N ILE B 441 78.08 33.45 -34.04
CA ILE B 441 78.86 32.67 -33.10
C ILE B 441 80.31 32.70 -33.59
N PRO B 442 81.08 33.66 -33.10
CA PRO B 442 82.48 33.76 -33.52
C PRO B 442 83.39 32.58 -33.05
N LEU B 443 82.95 31.73 -32.09
CA LEU B 443 83.64 30.48 -31.73
C LEU B 443 82.73 29.26 -31.93
N PRO B 444 82.49 28.87 -33.19
CA PRO B 444 81.59 27.74 -33.47
C PRO B 444 82.24 26.39 -33.21
N VAL B 445 82.62 26.14 -31.97
CA VAL B 445 83.31 24.93 -31.62
C VAL B 445 82.26 23.87 -31.44
N PRO B 446 82.37 22.76 -32.17
CA PRO B 446 81.39 21.74 -31.94
C PRO B 446 81.52 21.16 -30.53
N VAL B 447 80.38 20.70 -30.04
CA VAL B 447 80.26 20.18 -28.73
C VAL B 447 80.80 18.76 -28.80
N ALA B 448 81.01 18.14 -27.65
CA ALA B 448 81.54 16.78 -27.60
C ALA B 448 80.80 15.72 -28.39
N TYR B 449 79.50 15.92 -28.60
CA TYR B 449 78.71 14.97 -29.42
C TYR B 449 78.67 15.28 -30.92
N HIS B 450 79.48 16.26 -31.34
CA HIS B 450 79.82 16.48 -32.73
C HIS B 450 81.34 16.30 -32.85
N SER B 451 81.89 16.50 -34.05
CA SER B 451 83.32 16.42 -34.25
C SER B 451 83.86 17.73 -34.76
N PHE B 452 85.15 17.93 -34.50
CA PHE B 452 85.90 19.17 -34.74
C PHE B 452 86.90 18.86 -35.79
N GLY B 453 86.89 19.64 -36.86
CA GLY B 453 87.90 19.47 -37.90
C GLY B 453 87.74 20.48 -39.01
N GLY B 454 88.88 21.02 -39.46
CA GLY B 454 88.88 22.09 -40.48
C GLY B 454 89.03 21.53 -41.87
N TRP B 455 88.93 22.40 -42.85
CA TRP B 455 89.04 22.02 -44.25
C TRP B 455 90.32 22.62 -44.82
N LYS B 456 90.62 22.24 -46.06
CA LYS B 456 91.84 22.67 -46.76
C LYS B 456 93.09 22.32 -45.91
N ARG B 457 93.99 23.26 -45.69
CA ARG B 457 95.27 22.99 -45.04
C ARG B 457 95.19 22.87 -43.54
N SER B 458 94.04 23.19 -42.94
CA SER B 458 93.85 23.13 -41.49
C SER B 458 93.76 21.70 -41.01
N LEU B 459 93.52 20.74 -41.90
CA LEU B 459 93.40 19.35 -41.46
C LEU B 459 93.92 18.42 -42.52
N PHE B 460 94.60 17.36 -42.08
CA PHE B 460 95.00 16.24 -42.94
C PHE B 460 94.33 14.97 -42.49
N GLY B 461 93.57 14.36 -43.40
CA GLY B 461 92.89 13.10 -43.14
C GLY B 461 91.44 13.21 -43.52
N ASP B 462 90.66 12.17 -43.19
CA ASP B 462 89.23 12.13 -43.53
C ASP B 462 88.31 11.87 -42.34
N LEU B 463 88.84 11.88 -41.13
CA LEU B 463 87.99 11.74 -39.93
C LEU B 463 88.45 12.75 -38.91
N HIS B 464 87.53 13.58 -38.45
CA HIS B 464 87.84 14.72 -37.62
C HIS B 464 87.94 14.31 -36.19
N ALA B 465 88.20 15.28 -35.32
CA ALA B 465 88.51 15.02 -33.92
C ALA B 465 87.32 14.96 -32.99
N TYR B 466 87.47 14.06 -32.02
CA TYR B 466 86.45 13.76 -31.02
C TYR B 466 85.10 13.50 -31.64
N GLY B 467 84.06 13.37 -30.81
CA GLY B 467 82.68 13.20 -31.29
C GLY B 467 82.46 11.91 -32.04
N PRO B 468 81.54 11.91 -33.03
CA PRO B 468 81.38 10.66 -33.75
C PRO B 468 82.55 10.20 -34.61
N ASP B 469 83.21 11.10 -35.34
CA ASP B 469 84.31 10.69 -36.23
C ASP B 469 85.38 9.95 -35.47
N ALA B 470 85.60 10.31 -34.22
CA ALA B 470 86.59 9.66 -33.39
C ALA B 470 86.30 8.19 -33.07
N VAL B 471 85.05 7.79 -33.05
CA VAL B 471 84.71 6.41 -32.79
C VAL B 471 85.24 5.61 -33.98
N ARG B 472 85.11 6.21 -35.17
CA ARG B 472 85.49 5.54 -36.39
C ARG B 472 86.99 5.56 -36.62
N PHE B 473 87.63 6.63 -36.13
CA PHE B 473 89.05 6.73 -36.24
C PHE B 473 89.75 5.78 -35.29
N TYR B 474 89.20 5.61 -34.10
CA TYR B 474 89.77 4.73 -33.09
C TYR B 474 89.24 3.27 -33.17
N THR B 475 88.57 2.89 -34.24
CA THR B 475 88.19 1.49 -34.43
C THR B 475 88.31 1.16 -35.88
N LYS B 476 88.36 -0.14 -36.18
CA LYS B 476 88.50 -0.61 -37.56
C LYS B 476 87.32 -1.50 -37.90
N ARG B 477 86.78 -1.32 -39.10
CA ARG B 477 85.56 -2.02 -39.52
C ARG B 477 85.87 -3.48 -39.80
N LYS B 478 85.05 -4.36 -39.21
CA LYS B 478 85.03 -5.78 -39.52
C LYS B 478 83.66 -6.09 -40.05
N THR B 479 83.56 -6.86 -41.11
CA THR B 479 82.27 -7.35 -41.55
C THR B 479 82.28 -8.85 -41.51
N VAL B 480 81.34 -9.43 -40.76
CA VAL B 480 81.14 -10.87 -40.73
C VAL B 480 79.99 -11.26 -41.65
N THR B 481 80.13 -12.36 -42.36
CA THR B 481 79.01 -12.94 -43.12
C THR B 481 78.83 -14.42 -42.69
N GLN B 482 77.63 -14.73 -42.20
CA GLN B 482 77.35 -15.99 -41.50
C GLN B 482 76.34 -16.86 -42.23
N ARG B 483 76.60 -18.16 -42.30
CA ARG B 483 75.72 -19.11 -42.95
C ARG B 483 75.89 -20.40 -42.20
N TRP B 484 74.81 -21.16 -42.10
CA TRP B 484 74.86 -22.48 -41.45
C TRP B 484 74.25 -23.54 -42.36
N PRO B 485 75.07 -24.22 -43.17
CA PRO B 485 74.57 -25.13 -44.20
C PRO B 485 73.87 -26.38 -43.69
N SER B 486 74.20 -26.82 -42.48
CA SER B 486 73.74 -28.10 -41.95
C SER B 486 72.79 -28.00 -40.75
N ALA B 487 71.60 -28.57 -40.89
CA ALA B 487 70.57 -28.53 -39.87
C ALA B 487 70.35 -29.88 -39.20
N GLY B 488 71.40 -30.68 -39.09
CA GLY B 488 71.33 -31.97 -38.42
C GLY B 488 70.77 -31.97 -37.01
N VAL B 489 71.39 -31.23 -36.12
CA VAL B 489 71.00 -31.31 -34.69
C VAL B 489 69.55 -30.85 -34.53
N ARG B 490 69.17 -29.80 -35.23
CA ARG B 490 67.80 -29.25 -35.16
C ARG B 490 66.72 -30.29 -35.53
N GLU B 491 67.05 -31.14 -36.51
CA GLU B 491 66.18 -32.22 -36.98
C GLU B 491 66.47 -33.59 -36.31
N MET C 4 29.51 -0.10 -70.22
CA MET C 4 29.59 0.74 -68.97
C MET C 4 30.63 0.21 -67.96
N THR C 5 30.58 -1.09 -67.63
CA THR C 5 31.63 -1.83 -66.87
C THR C 5 31.82 -1.47 -65.38
N THR C 6 32.22 -2.51 -64.62
CA THR C 6 32.28 -2.46 -63.16
C THR C 6 33.69 -2.64 -62.60
N ILE C 7 34.03 -1.82 -61.62
CA ILE C 7 35.35 -1.81 -60.98
C ILE C 7 35.42 -2.78 -59.81
N GLY C 8 36.35 -3.71 -59.89
CA GLY C 8 36.41 -4.81 -58.96
C GLY C 8 37.50 -4.67 -57.93
N HIS C 9 38.01 -5.83 -57.49
CA HIS C 9 39.03 -5.93 -56.45
C HIS C 9 40.26 -6.64 -56.96
N LEU C 10 41.41 -6.21 -56.48
CA LEU C 10 42.66 -6.89 -56.76
C LEU C 10 42.98 -7.76 -55.59
N ILE C 11 42.85 -9.06 -55.80
CA ILE C 11 43.16 -10.04 -54.81
C ILE C 11 43.95 -11.20 -55.40
N ASN C 12 45.02 -11.59 -54.72
CA ASN C 12 45.94 -12.62 -55.21
C ASN C 12 46.24 -12.57 -56.73
N GLY C 13 46.47 -11.33 -57.19
CA GLY C 13 46.87 -11.02 -58.56
C GLY C 13 45.74 -11.11 -59.56
N GLN C 14 44.50 -11.08 -59.10
CA GLN C 14 43.36 -11.26 -59.96
C GLN C 14 42.31 -10.23 -59.67
N LEU C 15 41.65 -9.77 -60.73
CA LEU C 15 40.49 -8.92 -60.61
C LEU C 15 39.27 -9.78 -60.32
N VAL C 16 38.65 -9.56 -59.18
CA VAL C 16 37.44 -10.26 -58.85
C VAL C 16 36.41 -9.27 -58.45
N THR C 17 35.15 -9.67 -58.57
CA THR C 17 34.03 -8.82 -58.25
C THR C 17 33.00 -9.69 -57.52
N GLU C 18 32.41 -9.16 -56.46
CA GLU C 18 31.46 -9.87 -55.60
C GLU C 18 30.03 -9.81 -56.13
N ASN C 19 29.62 -8.63 -56.58
CA ASN C 19 28.30 -8.39 -57.19
C ASN C 19 27.11 -8.50 -56.26
N THR C 20 27.28 -8.06 -55.02
CA THR C 20 26.13 -7.96 -54.11
C THR C 20 25.70 -6.53 -53.86
N ARG C 21 26.54 -5.56 -54.18
CA ARG C 21 26.23 -4.18 -53.85
C ARG C 21 27.21 -3.32 -54.60
N SER C 22 26.70 -2.24 -55.19
CA SER C 22 27.55 -1.34 -55.98
C SER C 22 27.15 0.11 -55.73
N GLN C 23 27.96 1.02 -56.27
CA GLN C 23 27.83 2.46 -56.02
C GLN C 23 28.32 3.16 -57.29
N ASN C 24 27.85 4.38 -57.53
CA ASN C 24 28.33 5.19 -58.68
C ASN C 24 29.70 5.76 -58.40
N VAL C 25 30.59 5.80 -59.39
CA VAL C 25 31.69 6.78 -59.34
C VAL C 25 31.37 7.82 -60.41
N PHE C 26 31.70 9.08 -60.14
CA PHE C 26 31.27 10.17 -60.99
C PHE C 26 32.46 10.75 -61.72
N ASN C 27 32.16 11.64 -62.65
CA ASN C 27 33.13 12.54 -63.25
C ASN C 27 32.74 13.92 -62.77
N PRO C 28 33.37 14.41 -61.69
CA PRO C 28 32.93 15.60 -60.99
C PRO C 28 32.93 16.88 -61.81
N ALA C 29 33.68 16.91 -62.90
CA ALA C 29 33.57 17.99 -63.90
C ALA C 29 32.18 18.06 -64.58
N THR C 30 31.71 16.92 -65.12
CA THR C 30 30.42 16.85 -65.83
C THR C 30 29.27 16.61 -64.89
N GLY C 31 29.58 16.10 -63.70
CA GLY C 31 28.56 15.62 -62.78
C GLY C 31 27.91 14.32 -63.18
N GLU C 32 28.43 13.68 -64.23
CA GLU C 32 27.84 12.47 -64.79
C GLU C 32 28.41 11.21 -64.15
N ILE C 33 27.58 10.16 -64.16
CA ILE C 33 27.99 8.88 -63.63
C ILE C 33 28.98 8.31 -64.59
N GLY C 34 30.16 7.97 -64.11
CA GLY C 34 31.15 7.29 -64.92
C GLY C 34 30.95 5.79 -64.84
N LYS C 35 31.29 5.22 -63.70
CA LYS C 35 31.48 3.76 -63.58
C LYS C 35 30.87 3.23 -62.31
N GLN C 36 30.59 1.94 -62.29
CA GLN C 36 30.03 1.29 -61.09
C GLN C 36 31.15 0.66 -60.28
N LEU C 37 31.14 0.88 -58.96
CA LEU C 37 32.16 0.35 -58.07
C LEU C 37 31.57 -0.75 -57.26
N ASP C 38 32.14 -1.94 -57.33
CA ASP C 38 31.66 -3.06 -56.53
C ASP C 38 32.14 -2.87 -55.12
N LEU C 39 31.24 -2.98 -54.15
CA LEU C 39 31.56 -2.72 -52.76
C LEU C 39 31.68 -4.00 -52.01
N ALA C 40 32.85 -4.23 -51.41
CA ALA C 40 33.19 -5.55 -50.86
C ALA C 40 32.58 -5.74 -49.51
N SER C 41 32.01 -6.92 -49.29
CA SER C 41 31.45 -7.23 -48.00
C SER C 41 32.56 -7.89 -47.15
N THR C 42 32.26 -8.26 -45.92
CA THR C 42 33.29 -8.78 -45.03
C THR C 42 33.85 -10.08 -45.60
N LYS C 43 33.06 -10.84 -46.33
CA LYS C 43 33.56 -12.08 -46.93
C LYS C 43 34.68 -11.81 -47.91
N THR C 44 34.55 -10.77 -48.71
CA THR C 44 35.49 -10.47 -49.77
C THR C 44 36.80 -9.87 -49.23
N VAL C 45 36.67 -9.08 -48.19
CA VAL C 45 37.82 -8.57 -47.46
C VAL C 45 38.62 -9.71 -46.83
N GLU C 46 37.93 -10.70 -46.26
CA GLU C 46 38.60 -11.88 -45.69
C GLU C 46 39.31 -12.74 -46.72
N GLN C 47 38.85 -12.71 -47.95
CA GLN C 47 39.59 -13.35 -49.05
C GLN C 47 40.89 -12.62 -49.37
N ALA C 48 40.84 -11.29 -49.24
CA ALA C 48 42.03 -10.44 -49.35
C ALA C 48 43.03 -10.71 -48.26
N ILE C 49 42.58 -10.82 -47.02
CA ILE C 49 43.44 -11.11 -45.91
C ILE C 49 44.02 -12.52 -46.01
N SER C 50 43.19 -13.52 -46.34
CA SER C 50 43.69 -14.87 -46.58
C SER C 50 44.80 -14.87 -47.63
N ALA C 51 44.56 -14.17 -48.73
CA ALA C 51 45.55 -14.07 -49.80
C ALA C 51 46.90 -13.54 -49.29
N ALA C 52 46.84 -12.40 -48.61
CA ALA C 52 47.98 -11.74 -48.00
C ALA C 52 48.64 -12.61 -46.98
N GLN C 53 47.84 -13.22 -46.09
CA GLN C 53 48.37 -14.10 -45.05
C GLN C 53 49.03 -15.34 -45.65
N HIS C 54 48.48 -15.87 -46.74
CA HIS C 54 49.04 -17.04 -47.40
C HIS C 54 50.37 -16.68 -48.08
N ALA C 55 50.50 -15.44 -48.55
CA ALA C 55 51.73 -14.98 -49.22
C ALA C 55 52.86 -14.63 -48.28
N PHE C 56 52.54 -14.42 -47.01
CA PHE C 56 53.46 -13.76 -46.11
C PHE C 56 54.71 -14.55 -45.75
N PRO C 57 54.56 -15.82 -45.37
CA PRO C 57 55.71 -16.61 -45.01
C PRO C 57 56.88 -16.59 -45.99
N THR C 58 56.64 -16.78 -47.27
CA THR C 58 57.77 -16.82 -48.23
C THR C 58 58.32 -15.44 -48.42
N TRP C 59 57.43 -14.45 -48.48
CA TRP C 59 57.82 -13.05 -48.66
C TRP C 59 58.58 -12.50 -47.42
N ARG C 60 58.15 -12.93 -46.24
CA ARG C 60 58.88 -12.65 -44.99
C ARG C 60 60.36 -13.00 -45.08
N ASN C 61 60.65 -14.15 -45.65
CA ASN C 61 62.02 -14.63 -45.77
C ASN C 61 62.70 -14.20 -47.06
N THR C 62 61.97 -13.50 -47.93
CA THR C 62 62.55 -13.03 -49.17
C THR C 62 63.54 -11.94 -48.80
N PRO C 63 64.80 -12.05 -49.24
CA PRO C 63 65.76 -11.04 -48.88
C PRO C 63 65.31 -9.63 -49.26
N PRO C 64 65.63 -8.64 -48.42
CA PRO C 64 65.31 -7.26 -48.67
C PRO C 64 65.70 -6.79 -50.05
N LEU C 65 66.90 -7.16 -50.48
CA LEU C 65 67.40 -6.76 -51.80
C LEU C 65 66.47 -7.19 -52.91
N LYS C 66 65.99 -8.42 -52.82
CA LYS C 66 65.07 -8.97 -53.79
C LYS C 66 63.73 -8.28 -53.71
N ARG C 67 63.25 -7.97 -52.51
CA ARG C 67 61.96 -7.23 -52.36
C ARG C 67 62.06 -5.81 -52.92
N ALA C 68 63.24 -5.23 -52.77
CA ALA C 68 63.46 -3.85 -53.16
C ALA C 68 63.59 -3.70 -54.66
N ARG C 69 63.98 -4.79 -55.33
CA ARG C 69 64.10 -4.81 -56.80
C ARG C 69 62.74 -4.74 -57.49
N VAL C 70 61.69 -5.17 -56.79
CA VAL C 70 60.32 -5.00 -57.25
C VAL C 70 59.96 -3.52 -57.30
N MET C 71 60.35 -2.79 -56.26
CA MET C 71 60.11 -1.35 -56.24
C MET C 71 60.95 -0.57 -57.25
N PHE C 72 62.16 -1.05 -57.53
CA PHE C 72 62.95 -0.49 -58.64
C PHE C 72 62.21 -0.57 -59.99
N ARG C 73 61.70 -1.76 -60.29
CA ARG C 73 60.91 -1.95 -61.49
C ARG C 73 59.57 -1.23 -61.41
N PHE C 74 58.97 -1.18 -60.22
CA PHE C 74 57.68 -0.51 -60.05
C PHE C 74 57.79 0.96 -60.37
N LYS C 75 58.94 1.55 -60.05
CA LYS C 75 59.20 2.96 -60.31
C LYS C 75 59.16 3.26 -61.79
N GLU C 76 59.85 2.46 -62.60
CA GLU C 76 59.82 2.63 -64.05
C GLU C 76 58.41 2.57 -64.60
N LEU C 77 57.66 1.57 -64.15
CA LEU C 77 56.30 1.37 -64.62
C LEU C 77 55.39 2.55 -64.28
N LEU C 78 55.55 3.11 -63.09
CA LEU C 78 54.81 4.32 -62.73
C LEU C 78 55.10 5.45 -63.70
N GLU C 79 56.35 5.53 -64.14
CA GLU C 79 56.75 6.59 -65.04
C GLU C 79 56.30 6.38 -66.46
N GLN C 80 56.33 5.13 -66.93
CA GLN C 80 55.86 4.83 -68.29
C GLN C 80 54.39 5.09 -68.43
N HIS C 81 53.63 4.73 -67.41
CA HIS C 81 52.19 4.88 -67.44
C HIS C 81 51.72 6.20 -66.79
N ALA C 82 52.59 7.19 -66.73
CA ALA C 82 52.26 8.43 -66.04
C ALA C 82 51.00 9.08 -66.58
N ASP C 83 50.91 9.21 -67.90
CA ASP C 83 49.81 9.93 -68.55
C ASP C 83 48.48 9.24 -68.30
N GLU C 84 48.44 7.91 -68.37
CA GLU C 84 47.20 7.17 -68.10
C GLU C 84 46.87 7.30 -66.63
N ILE C 85 47.87 7.21 -65.76
CA ILE C 85 47.63 7.40 -64.32
C ILE C 85 46.97 8.75 -64.04
N CYS C 86 47.62 9.81 -64.52
CA CYS C 86 47.10 11.18 -64.39
C CYS C 86 45.70 11.35 -64.99
N ARG C 87 45.44 10.67 -66.09
CA ARG C 87 44.13 10.68 -66.75
C ARG C 87 43.02 10.08 -65.88
N LEU C 88 43.34 8.99 -65.18
CA LEU C 88 42.40 8.32 -64.28
C LEU C 88 42.25 9.01 -62.97
N ILE C 89 43.28 9.76 -62.59
CA ILE C 89 43.15 10.61 -61.42
C ILE C 89 42.17 11.69 -61.80
N GLY C 90 42.46 12.32 -62.93
CA GLY C 90 41.67 13.45 -63.43
C GLY C 90 40.22 13.13 -63.68
N GLU C 91 39.97 11.97 -64.22
CA GLU C 91 38.62 11.56 -64.58
C GLU C 91 37.66 11.47 -63.37
N GLU C 92 38.18 11.10 -62.18
CA GLU C 92 37.32 10.79 -61.00
C GLU C 92 37.52 11.78 -59.85
N HIS C 93 38.75 12.19 -59.63
CA HIS C 93 38.99 13.31 -58.72
C HIS C 93 38.67 14.66 -59.37
N GLY C 94 39.12 14.85 -60.61
CA GLY C 94 38.88 16.09 -61.30
C GLY C 94 40.11 16.95 -61.45
N LYS C 95 41.20 16.61 -60.78
CA LYS C 95 42.39 17.47 -60.75
C LYS C 95 43.14 17.46 -62.08
N ILE C 96 43.70 18.61 -62.42
CA ILE C 96 44.21 18.80 -63.78
C ILE C 96 45.66 18.26 -63.88
N ALA C 97 46.07 17.82 -65.07
CA ALA C 97 47.37 17.14 -65.31
C ALA C 97 48.58 17.51 -64.38
N HIS C 98 48.80 18.78 -64.15
CA HIS C 98 49.95 19.20 -63.32
C HIS C 98 49.80 18.93 -61.80
N ASP C 99 48.58 19.00 -61.25
CA ASP C 99 48.37 18.51 -59.87
C ASP C 99 48.51 17.00 -59.83
N ALA C 100 48.00 16.33 -60.85
CA ALA C 100 48.05 14.89 -60.90
C ALA C 100 49.47 14.45 -61.06
N MET C 101 50.21 15.13 -61.93
CA MET C 101 51.63 14.76 -62.13
C MET C 101 52.45 15.05 -60.91
N GLY C 102 52.20 16.16 -60.22
CA GLY C 102 52.82 16.40 -58.92
C GLY C 102 52.55 15.30 -57.87
N GLU C 103 51.28 14.91 -57.74
CA GLU C 103 50.91 13.81 -56.86
C GLU C 103 51.64 12.54 -57.23
N LEU C 104 51.69 12.20 -58.50
CA LEU C 104 52.38 10.98 -58.95
C LEU C 104 53.86 11.02 -58.61
N GLN C 105 54.47 12.17 -58.80
CA GLN C 105 55.91 12.33 -58.63
C GLN C 105 56.29 12.08 -57.19
N ARG C 106 55.55 12.68 -56.27
CA ARG C 106 55.76 12.47 -54.84
C ARG C 106 55.48 11.04 -54.42
N GLY C 107 54.56 10.40 -55.14
CA GLY C 107 54.30 9.00 -54.94
C GLY C 107 55.48 8.17 -55.36
N ILE C 108 56.01 8.46 -56.54
CA ILE C 108 57.18 7.76 -57.06
C ILE C 108 58.33 7.95 -56.07
N GLU C 109 58.42 9.13 -55.46
CA GLU C 109 59.46 9.42 -54.47
C GLU C 109 59.41 8.52 -53.24
N ASN C 110 58.22 8.18 -52.79
CA ASN C 110 58.03 7.14 -51.77
C ASN C 110 58.60 5.76 -52.20
N VAL C 111 58.44 5.45 -53.48
CA VAL C 111 58.88 4.17 -54.03
C VAL C 111 60.39 4.23 -54.12
N GLU C 112 60.94 5.34 -54.60
CA GLU C 112 62.40 5.55 -54.58
C GLU C 112 63.00 5.25 -53.20
N TYR C 113 62.37 5.81 -52.17
CA TYR C 113 62.90 5.68 -50.81
C TYR C 113 62.88 4.23 -50.39
N ALA C 114 61.83 3.51 -50.79
CA ALA C 114 61.66 2.11 -50.39
C ALA C 114 62.63 1.18 -51.08
N CYS C 115 63.13 1.59 -52.26
CA CYS C 115 64.18 0.84 -53.00
C CYS C 115 65.44 0.60 -52.19
N GLY C 116 65.58 1.40 -51.12
CA GLY C 116 66.71 1.32 -50.22
C GLY C 116 66.41 0.56 -48.95
N ALA C 117 65.53 -0.43 -49.03
CA ALA C 117 65.09 -1.13 -47.83
C ALA C 117 66.22 -1.80 -47.07
N PRO C 118 67.24 -2.32 -47.78
CA PRO C 118 68.30 -2.96 -47.01
C PRO C 118 69.04 -2.06 -46.03
N GLU C 119 69.32 -0.82 -46.42
CA GLU C 119 69.85 0.22 -45.52
C GLU C 119 68.91 0.55 -44.35
N LEU C 120 67.62 0.67 -44.65
CA LEU C 120 66.61 1.07 -43.68
C LEU C 120 66.28 -0.03 -42.70
N LEU C 121 66.49 -1.28 -43.09
CA LEU C 121 66.21 -2.44 -42.24
C LEU C 121 67.43 -2.93 -41.40
N LYS C 122 68.52 -2.16 -41.39
CA LYS C 122 69.67 -2.51 -40.57
C LYS C 122 69.27 -2.43 -39.11
N GLY C 123 69.47 -3.54 -38.42
CA GLY C 123 69.44 -3.58 -36.96
C GLY C 123 70.73 -3.08 -36.30
N GLU C 124 70.71 -2.93 -34.98
CA GLU C 124 71.86 -2.48 -34.22
C GLU C 124 72.55 -3.66 -33.57
N HIS C 125 73.82 -3.87 -33.87
CA HIS C 125 74.62 -4.97 -33.28
C HIS C 125 75.51 -4.49 -32.15
N SER C 126 75.56 -5.23 -31.06
CA SER C 126 76.34 -4.84 -29.88
C SER C 126 77.30 -5.92 -29.40
N ARG C 127 78.57 -5.61 -29.44
CA ARG C 127 79.63 -6.53 -29.01
C ARG C 127 79.86 -6.45 -27.49
N ASN C 128 79.98 -7.62 -26.88
CA ASN C 128 80.19 -7.77 -25.43
C ASN C 128 79.30 -6.91 -24.52
N VAL C 129 78.00 -7.18 -24.54
CA VAL C 129 77.10 -6.53 -23.60
C VAL C 129 77.42 -7.05 -22.19
N GLY C 130 77.84 -8.30 -22.18
CA GLY C 130 78.51 -8.92 -21.06
C GLY C 130 79.78 -9.57 -21.57
N PRO C 131 80.56 -10.18 -20.67
CA PRO C 131 81.85 -10.76 -21.09
C PRO C 131 81.57 -11.98 -21.96
N GLY C 132 81.96 -11.88 -23.23
CA GLY C 132 81.69 -12.92 -24.24
C GLY C 132 80.26 -13.05 -24.73
N ILE C 133 79.42 -12.04 -24.48
CA ILE C 133 78.02 -12.08 -24.82
C ILE C 133 77.71 -10.96 -25.81
N ASP C 134 77.11 -11.32 -26.93
CA ASP C 134 76.64 -10.33 -27.91
C ASP C 134 75.12 -10.17 -27.90
N SER C 135 74.64 -9.09 -28.48
CA SER C 135 73.20 -8.83 -28.56
C SER C 135 72.97 -7.95 -29.78
N TRP C 136 71.83 -8.09 -30.45
CA TRP C 136 71.51 -7.22 -31.58
C TRP C 136 70.03 -7.15 -31.80
N SER C 137 69.59 -6.08 -32.46
CA SER C 137 68.19 -5.89 -32.82
C SER C 137 67.91 -6.34 -34.27
N GLU C 138 66.68 -6.81 -34.45
CA GLU C 138 66.13 -7.07 -35.77
C GLU C 138 64.77 -6.42 -35.82
N PHE C 139 64.44 -5.86 -36.97
CA PHE C 139 63.13 -5.33 -37.18
C PHE C 139 62.49 -6.29 -38.18
N GLN C 140 61.67 -7.18 -37.64
CA GLN C 140 61.02 -8.23 -38.42
C GLN C 140 59.61 -7.84 -38.88
N PRO C 141 59.11 -8.47 -39.94
CA PRO C 141 57.81 -8.12 -40.47
C PRO C 141 56.65 -8.41 -39.52
N MET C 142 55.58 -7.62 -39.64
CA MET C 142 54.41 -7.72 -38.82
C MET C 142 53.55 -8.87 -39.26
N GLY C 143 53.43 -9.01 -40.58
CA GLY C 143 52.43 -9.88 -41.18
C GLY C 143 51.54 -9.17 -42.18
N VAL C 144 50.23 -9.25 -41.97
CA VAL C 144 49.25 -8.64 -42.89
C VAL C 144 48.98 -7.29 -42.36
N VAL C 145 49.25 -6.28 -43.18
CA VAL C 145 49.05 -4.87 -42.82
C VAL C 145 47.88 -4.32 -43.61
N ALA C 146 47.10 -3.45 -42.99
CA ALA C 146 45.93 -2.85 -43.62
C ALA C 146 46.15 -1.36 -43.82
N GLY C 147 45.69 -0.85 -44.97
CA GLY C 147 45.80 0.56 -45.33
C GLY C 147 44.48 1.12 -45.82
N ILE C 148 44.12 2.32 -45.33
CA ILE C 148 42.86 2.96 -45.67
C ILE C 148 43.13 4.41 -46.06
N THR C 149 42.65 4.80 -47.25
CA THR C 149 43.15 6.02 -47.86
C THR C 149 42.01 6.90 -48.37
N PRO C 150 42.24 8.22 -48.39
CA PRO C 150 41.22 9.20 -48.71
C PRO C 150 41.17 9.46 -50.20
N PHE C 151 40.28 10.38 -50.60
CA PHE C 151 39.98 10.60 -52.01
C PHE C 151 40.95 11.56 -52.63
N ASN C 152 41.50 12.47 -51.83
CA ASN C 152 42.17 13.61 -52.43
C ASN C 152 43.52 13.34 -53.07
N PHE C 153 44.11 12.22 -52.66
CA PHE C 153 45.32 11.70 -53.25
C PHE C 153 45.18 10.21 -53.45
N PRO C 154 44.41 9.77 -54.46
CA PRO C 154 44.19 8.33 -54.63
C PRO C 154 45.44 7.56 -55.06
N VAL C 155 46.50 8.27 -55.45
CA VAL C 155 47.78 7.63 -55.81
C VAL C 155 48.87 7.78 -54.76
N MET C 156 49.08 9.01 -54.31
CA MET C 156 50.20 9.28 -53.45
C MET C 156 50.03 8.67 -52.07
N VAL C 157 48.86 8.83 -51.49
CA VAL C 157 48.66 8.38 -50.12
C VAL C 157 48.76 6.87 -50.02
N PRO C 158 48.23 6.09 -51.00
CA PRO C 158 48.54 4.67 -51.01
C PRO C 158 50.02 4.41 -51.06
N LEU C 159 50.73 5.11 -51.94
CA LEU C 159 52.21 5.00 -52.08
C LEU C 159 52.99 5.41 -50.82
N TRP C 160 52.34 6.14 -49.91
CA TRP C 160 52.90 6.36 -48.59
C TRP C 160 53.06 5.03 -47.85
N MET C 161 52.09 4.15 -48.04
CA MET C 161 51.93 2.95 -47.23
C MET C 161 52.51 1.69 -47.84
N PHE C 162 51.96 1.20 -48.95
CA PHE C 162 52.27 -0.20 -49.39
C PHE C 162 53.71 -0.46 -49.86
N PRO C 163 54.29 0.50 -50.58
CA PRO C 163 55.71 0.40 -50.94
C PRO C 163 56.58 0.11 -49.73
N MET C 164 56.53 0.94 -48.70
CA MET C 164 57.33 0.65 -47.50
C MET C 164 56.93 -0.63 -46.79
N ALA C 165 55.64 -0.88 -46.68
CA ALA C 165 55.14 -2.02 -45.92
C ALA C 165 55.57 -3.31 -46.56
N ILE C 166 55.41 -3.36 -47.90
CA ILE C 166 55.76 -4.52 -48.70
C ILE C 166 57.26 -4.78 -48.63
N VAL C 167 58.04 -3.72 -48.78
CA VAL C 167 59.48 -3.88 -48.85
C VAL C 167 60.06 -4.23 -47.47
N CYS C 168 59.32 -3.92 -46.41
CA CYS C 168 59.66 -4.39 -45.06
C CYS C 168 59.21 -5.84 -44.80
N GLY C 169 58.74 -6.54 -45.84
CA GLY C 169 58.37 -7.94 -45.73
C GLY C 169 56.93 -8.26 -45.36
N ASN C 170 56.09 -7.25 -45.15
CA ASN C 170 54.66 -7.49 -44.92
C ASN C 170 53.87 -7.79 -46.22
N CYS C 171 52.63 -8.24 -46.01
CA CYS C 171 51.64 -8.30 -47.07
C CYS C 171 50.56 -7.25 -46.78
N PHE C 172 49.93 -6.76 -47.84
CA PHE C 172 49.12 -5.55 -47.74
C PHE C 172 47.70 -5.73 -48.26
N VAL C 173 46.75 -5.12 -47.56
CA VAL C 173 45.38 -5.03 -48.00
C VAL C 173 44.97 -3.58 -47.93
N LEU C 174 44.73 -3.00 -49.10
CA LEU C 174 44.39 -1.59 -49.26
C LEU C 174 42.91 -1.44 -49.46
N LYS C 175 42.33 -0.47 -48.76
CA LYS C 175 40.95 -0.09 -48.96
C LYS C 175 40.90 1.39 -49.27
N PRO C 176 40.93 1.75 -50.56
CA PRO C 176 41.05 3.15 -50.97
C PRO C 176 39.71 3.87 -51.05
N SER C 177 39.73 5.19 -51.23
CA SER C 177 38.49 5.98 -51.32
C SER C 177 37.58 5.51 -52.44
N GLU C 178 36.31 5.33 -52.11
CA GLU C 178 35.31 4.88 -53.11
C GLU C 178 34.99 5.95 -54.20
N ARG C 179 35.38 7.19 -53.95
CA ARG C 179 35.05 8.30 -54.83
C ARG C 179 35.97 8.41 -56.04
N ASP C 180 37.10 7.71 -56.00
CA ASP C 180 38.04 7.66 -57.14
C ASP C 180 38.98 6.46 -57.08
N PRO C 181 38.44 5.26 -57.33
CA PRO C 181 39.21 4.03 -57.15
C PRO C 181 40.01 3.54 -58.36
N SER C 182 39.77 4.06 -59.56
CA SER C 182 40.38 3.51 -60.80
C SER C 182 41.88 3.75 -60.83
N SER C 183 42.30 4.95 -60.46
CA SER C 183 43.71 5.33 -60.48
C SER C 183 44.49 4.53 -59.47
N THR C 184 43.90 4.35 -58.30
CA THR C 184 44.47 3.48 -57.29
C THR C 184 44.63 2.06 -57.78
N LEU C 185 43.56 1.44 -58.29
CA LEU C 185 43.63 0.04 -58.76
C LEU C 185 44.62 -0.10 -59.91
N TYR C 186 44.70 0.90 -60.77
CA TYR C 186 45.61 0.87 -61.92
C TYR C 186 47.06 0.68 -61.47
N ILE C 187 47.47 1.43 -60.45
CA ILE C 187 48.84 1.32 -59.98
C ILE C 187 49.12 0.02 -59.25
N ALA C 188 48.12 -0.51 -58.55
CA ALA C 188 48.28 -1.78 -57.87
C ALA C 188 48.52 -2.92 -58.85
N GLN C 189 47.90 -2.86 -60.02
CA GLN C 189 48.04 -3.91 -61.05
C GLN C 189 49.39 -3.91 -61.71
N LEU C 190 50.00 -2.72 -61.73
CA LEU C 190 51.34 -2.53 -62.31
C LEU C 190 52.32 -3.36 -61.55
N LEU C 191 52.08 -3.41 -60.26
CA LEU C 191 52.91 -4.15 -59.34
C LEU C 191 53.10 -5.60 -59.75
N GLN C 192 52.08 -6.26 -60.27
CA GLN C 192 52.24 -7.67 -60.67
C GLN C 192 53.21 -7.82 -61.83
N GLU C 193 53.19 -6.83 -62.72
CA GLU C 193 54.18 -6.72 -63.80
C GLU C 193 55.59 -6.46 -63.24
N ALA C 194 55.71 -5.63 -62.19
CA ALA C 194 57.00 -5.33 -61.50
C ALA C 194 57.65 -6.53 -60.81
N GLY C 195 56.90 -7.64 -60.73
CA GLY C 195 57.43 -8.92 -60.29
C GLY C 195 57.07 -9.29 -58.87
N LEU C 196 56.00 -8.71 -58.36
CA LEU C 196 55.56 -8.95 -56.98
C LEU C 196 54.77 -10.22 -57.00
N PRO C 197 55.11 -11.15 -56.10
CA PRO C 197 54.26 -12.32 -56.04
C PRO C 197 52.80 -11.99 -55.77
N ASP C 198 51.93 -12.84 -56.30
CA ASP C 198 50.47 -12.81 -56.01
C ASP C 198 50.19 -12.84 -54.50
N GLY C 199 49.26 -11.97 -54.08
CA GLY C 199 48.80 -11.97 -52.69
C GLY C 199 49.45 -10.95 -51.78
N VAL C 200 50.68 -10.58 -52.12
CA VAL C 200 51.48 -9.65 -51.32
C VAL C 200 50.87 -8.23 -51.31
N MET C 201 50.25 -7.82 -52.43
CA MET C 201 49.50 -6.57 -52.47
C MET C 201 48.10 -6.87 -52.89
N ASN C 202 47.13 -6.44 -52.10
CA ASN C 202 45.70 -6.56 -52.45
C ASN C 202 44.97 -5.22 -52.32
N VAL C 203 43.98 -5.03 -53.19
CA VAL C 203 43.15 -3.85 -53.20
C VAL C 203 41.70 -4.26 -53.11
N VAL C 204 41.05 -3.78 -52.06
CA VAL C 204 39.66 -4.14 -51.77
C VAL C 204 38.85 -2.84 -51.67
N ASN C 205 37.97 -2.62 -52.63
CA ASN C 205 37.07 -1.46 -52.67
C ASN C 205 35.74 -1.64 -51.93
N GLY C 206 35.25 -0.55 -51.36
CA GLY C 206 34.07 -0.59 -50.50
C GLY C 206 33.93 0.68 -49.67
N ASP C 207 33.12 0.56 -48.61
CA ASP C 207 32.82 1.67 -47.69
C ASP C 207 33.08 1.21 -46.26
N LYS C 208 32.30 1.65 -45.29
CA LYS C 208 32.54 1.32 -43.88
C LYS C 208 32.64 -0.18 -43.64
N GLU C 209 31.84 -0.96 -44.38
CA GLU C 209 31.77 -2.39 -44.14
C GLU C 209 33.12 -3.05 -44.40
N ALA C 210 33.81 -2.56 -45.41
CA ALA C 210 35.11 -3.08 -45.78
C ALA C 210 36.12 -2.72 -44.73
N VAL C 211 36.04 -1.49 -44.23
CA VAL C 211 36.96 -1.00 -43.23
C VAL C 211 36.83 -1.73 -41.90
N ASP C 212 35.60 -1.83 -41.41
CA ASP C 212 35.28 -2.63 -40.25
C ASP C 212 35.80 -4.07 -40.30
N ALA C 213 35.73 -4.71 -41.46
CA ALA C 213 36.20 -6.08 -41.58
C ALA C 213 37.71 -6.16 -41.41
N LEU C 214 38.42 -5.14 -41.88
CA LEU C 214 39.86 -5.06 -41.69
C LEU C 214 40.19 -4.84 -40.24
N LEU C 215 39.43 -3.98 -39.58
CA LEU C 215 39.67 -3.68 -38.18
C LEU C 215 39.37 -4.81 -37.18
N HIS C 216 38.56 -5.79 -37.59
CA HIS C 216 38.16 -6.88 -36.71
C HIS C 216 38.65 -8.25 -37.12
N ASP C 217 39.57 -8.29 -38.07
CA ASP C 217 40.21 -9.54 -38.40
C ASP C 217 41.53 -9.65 -37.62
N ASP C 218 41.71 -10.77 -36.92
CA ASP C 218 42.86 -10.97 -36.05
C ASP C 218 44.16 -11.08 -36.81
N ARG C 219 44.09 -11.46 -38.09
CA ARG C 219 45.29 -11.57 -38.91
C ARG C 219 45.88 -10.18 -39.29
N VAL C 220 45.08 -9.14 -39.17
CA VAL C 220 45.54 -7.79 -39.51
C VAL C 220 46.31 -7.15 -38.33
N LYS C 221 47.62 -7.05 -38.49
CA LYS C 221 48.49 -6.69 -37.39
C LYS C 221 48.73 -5.19 -37.26
N ALA C 222 48.45 -4.44 -38.31
CA ALA C 222 48.66 -3.01 -38.23
C ALA C 222 47.75 -2.30 -39.20
N VAL C 223 47.29 -1.13 -38.79
CA VAL C 223 46.33 -0.36 -39.58
C VAL C 223 46.86 1.01 -39.80
N SER C 224 47.08 1.38 -41.06
CA SER C 224 47.48 2.74 -41.41
C SER C 224 46.25 3.45 -41.98
N PHE C 225 45.91 4.61 -41.39
CA PHE C 225 44.79 5.44 -41.87
C PHE C 225 45.15 6.91 -42.11
N VAL C 226 44.66 7.41 -43.24
CA VAL C 226 44.77 8.82 -43.57
C VAL C 226 43.43 9.36 -44.07
N GLY C 227 42.80 10.23 -43.32
CA GLY C 227 41.54 10.86 -43.75
C GLY C 227 41.13 11.96 -42.80
N SER C 228 39.84 12.08 -42.52
CA SER C 228 39.35 13.12 -41.60
C SER C 228 39.53 12.68 -40.15
N THR C 229 39.47 13.66 -39.25
CA THR C 229 39.75 13.44 -37.82
C THR C 229 38.66 12.60 -37.15
N PRO C 230 37.39 12.93 -37.41
CA PRO C 230 36.33 12.12 -36.83
C PRO C 230 36.50 10.63 -37.14
N ILE C 231 36.88 10.32 -38.40
CA ILE C 231 37.11 8.93 -38.80
C ILE C 231 38.44 8.43 -38.25
N ALA C 232 39.49 9.21 -38.44
CA ALA C 232 40.79 8.91 -37.86
C ALA C 232 40.69 8.42 -36.41
N GLU C 233 39.96 9.19 -35.62
CA GLU C 233 39.70 8.87 -34.23
C GLU C 233 38.99 7.53 -34.06
N TYR C 234 37.96 7.27 -34.87
CA TYR C 234 37.21 6.00 -34.85
C TYR C 234 38.14 4.84 -35.19
N ILE C 235 38.89 5.00 -36.28
CA ILE C 235 39.82 3.99 -36.69
C ILE C 235 40.85 3.73 -35.56
N TYR C 236 41.35 4.81 -34.93
CA TYR C 236 42.37 4.67 -33.88
C TYR C 236 41.88 4.02 -32.57
N ARG C 237 40.73 4.47 -32.07
CA ARG C 237 40.09 3.86 -30.90
C ARG C 237 39.70 2.39 -31.15
N THR C 238 39.05 2.09 -32.29
CA THR C 238 38.62 0.72 -32.66
C THR C 238 39.79 -0.24 -32.81
N ALA C 239 40.82 0.18 -33.56
CA ALA C 239 42.02 -0.65 -33.74
C ALA C 239 42.65 -0.91 -32.41
N SER C 240 42.83 0.14 -31.64
CA SER C 240 43.46 0.01 -30.32
C SER C 240 42.71 -0.88 -29.33
N ALA C 241 41.39 -0.91 -29.48
CA ALA C 241 40.53 -1.67 -28.61
C ALA C 241 40.59 -3.17 -28.93
N ASN C 242 40.98 -3.52 -30.16
CA ASN C 242 41.20 -4.91 -30.59
C ASN C 242 42.66 -5.34 -30.43
N GLY C 243 43.46 -4.54 -29.71
CA GLY C 243 44.89 -4.80 -29.59
C GLY C 243 45.84 -4.23 -30.66
N LYS C 244 45.55 -4.42 -31.96
CA LYS C 244 46.49 -4.05 -33.06
C LYS C 244 46.95 -2.60 -33.14
N ARG C 245 48.18 -2.43 -33.65
CA ARG C 245 48.83 -1.13 -33.74
C ARG C 245 48.22 -0.30 -34.88
N CYS C 246 48.36 1.02 -34.75
CA CYS C 246 47.64 1.94 -35.63
C CYS C 246 48.25 3.32 -35.67
N GLN C 247 48.22 3.91 -36.86
CA GLN C 247 48.56 5.31 -37.08
C GLN C 247 47.44 5.89 -37.91
N ALA C 248 46.84 6.98 -37.43
CA ALA C 248 45.66 7.57 -38.07
C ALA C 248 45.83 9.08 -38.15
N LEU C 249 45.93 9.58 -39.37
CA LEU C 249 46.23 10.98 -39.60
C LEU C 249 44.92 11.65 -39.95
N GLY C 250 44.73 12.83 -39.39
CA GLY C 250 43.43 13.48 -39.36
C GLY C 250 43.44 14.68 -40.24
N GLY C 251 42.58 15.63 -39.94
CA GLY C 251 42.38 16.81 -40.77
C GLY C 251 43.27 17.94 -40.35
N ALA C 252 42.98 19.12 -40.91
CA ALA C 252 43.84 20.28 -40.72
C ALA C 252 43.19 21.63 -40.94
N LYS C 253 43.84 22.66 -40.40
CA LYS C 253 43.59 24.06 -40.69
C LYS C 253 44.92 24.76 -40.68
N ASN C 254 45.61 24.70 -41.80
CA ASN C 254 46.97 25.26 -41.86
C ASN C 254 46.99 26.78 -41.97
N HIS C 255 47.77 27.40 -41.09
CA HIS C 255 47.93 28.86 -41.04
C HIS C 255 49.30 29.27 -41.54
N ALA C 256 49.39 30.47 -42.07
CA ALA C 256 50.66 31.10 -42.46
C ALA C 256 50.72 32.46 -41.80
N ILE C 257 51.88 32.78 -41.24
CA ILE C 257 52.09 34.08 -40.67
C ILE C 257 52.81 34.84 -41.74
N VAL C 258 52.27 36.00 -42.11
CA VAL C 258 52.91 36.91 -43.04
C VAL C 258 53.42 38.07 -42.22
N MET C 259 54.73 38.15 -42.07
CA MET C 259 55.37 39.20 -41.28
C MET C 259 55.55 40.45 -42.11
N PRO C 260 55.63 41.63 -41.45
CA PRO C 260 55.93 42.88 -42.15
C PRO C 260 57.14 42.80 -43.07
N ASP C 261 58.19 42.07 -42.67
CA ASP C 261 59.43 42.00 -43.50
C ASP C 261 59.39 41.01 -44.65
N ALA C 262 58.32 40.24 -44.75
CA ALA C 262 58.22 39.24 -45.79
C ALA C 262 58.16 39.90 -47.12
N ASP C 263 58.61 39.20 -48.14
CA ASP C 263 58.39 39.60 -49.52
C ASP C 263 56.97 39.21 -49.93
N MET C 264 56.11 40.22 -50.00
CA MET C 264 54.68 40.02 -50.20
C MET C 264 54.36 39.42 -51.58
N ASP C 265 55.12 39.79 -52.60
CA ASP C 265 54.92 39.24 -53.94
C ASP C 265 55.09 37.73 -53.88
N ASN C 266 56.27 37.29 -53.45
CA ASN C 266 56.59 35.85 -53.31
C ASN C 266 55.58 35.13 -52.43
N ALA C 267 55.13 35.79 -51.37
CA ALA C 267 54.18 35.20 -50.47
C ALA C 267 52.86 34.95 -51.16
N VAL C 268 52.40 35.95 -51.90
CA VAL C 268 51.12 35.85 -52.61
C VAL C 268 51.19 34.85 -53.75
N ASN C 269 52.30 34.83 -54.45
CA ASN C 269 52.47 33.87 -55.53
C ASN C 269 52.45 32.43 -54.99
N GLN C 270 53.07 32.20 -53.85
CA GLN C 270 53.10 30.84 -53.27
C GLN C 270 51.80 30.42 -52.62
N LEU C 271 51.12 31.37 -52.02
CA LEU C 271 49.81 31.14 -51.42
C LEU C 271 48.69 30.83 -52.43
N LEU C 272 48.90 31.15 -53.70
CA LEU C 272 47.94 30.79 -54.77
C LEU C 272 47.87 29.29 -54.95
N GLY C 273 49.03 28.69 -55.19
CA GLY C 273 49.17 27.25 -55.27
C GLY C 273 48.75 26.55 -54.00
N ALA C 274 49.20 27.06 -52.86
CA ALA C 274 49.03 26.34 -51.61
C ALA C 274 47.59 26.34 -51.20
N ALA C 275 46.96 27.49 -51.32
CA ALA C 275 45.56 27.64 -50.93
C ALA C 275 44.58 26.97 -51.90
N PHE C 276 44.77 27.22 -53.19
CA PHE C 276 43.80 26.83 -54.21
C PHE C 276 44.18 25.62 -55.03
N GLY C 277 45.42 25.18 -54.93
CA GLY C 277 45.90 24.06 -55.73
C GLY C 277 45.20 22.80 -55.28
N SER C 278 44.93 21.92 -56.23
CA SER C 278 43.99 20.79 -56.02
C SER C 278 42.62 21.21 -55.47
N SER C 279 42.17 22.40 -55.82
CA SER C 279 40.84 22.90 -55.44
C SER C 279 40.72 23.06 -53.92
N GLY C 280 41.86 23.24 -53.27
CA GLY C 280 41.93 23.35 -51.82
C GLY C 280 41.66 22.08 -51.03
N GLU C 281 41.56 20.95 -51.73
CA GLU C 281 41.23 19.66 -51.13
C GLU C 281 42.50 18.94 -50.74
N ARG C 282 43.25 19.57 -49.85
CA ARG C 282 44.55 19.10 -49.43
C ARG C 282 44.59 19.18 -47.90
N CYS C 283 45.18 18.17 -47.26
CA CYS C 283 45.48 18.21 -45.81
C CYS C 283 46.53 19.29 -45.47
N MET C 284 47.39 19.59 -46.45
CA MET C 284 48.40 20.62 -46.32
C MET C 284 48.00 21.94 -46.99
N ALA C 285 46.71 22.08 -47.27
CA ALA C 285 46.18 23.28 -47.87
C ALA C 285 46.38 24.42 -46.90
N LEU C 286 46.83 25.54 -47.46
CA LEU C 286 47.10 26.71 -46.68
C LEU C 286 45.88 27.58 -46.72
N SER C 287 44.99 27.33 -45.75
CA SER C 287 43.65 27.88 -45.73
C SER C 287 43.47 29.16 -44.93
N VAL C 288 44.42 29.48 -44.06
CA VAL C 288 44.38 30.71 -43.25
C VAL C 288 45.70 31.47 -43.34
N ALA C 289 45.60 32.75 -43.70
CA ALA C 289 46.73 33.68 -43.70
C ALA C 289 46.50 34.63 -42.54
N VAL C 290 47.42 34.62 -41.59
CA VAL C 290 47.36 35.46 -40.43
C VAL C 290 48.30 36.61 -40.65
N ALA C 291 47.76 37.77 -41.00
CA ALA C 291 48.58 38.95 -41.26
C ALA C 291 48.88 39.69 -39.96
N VAL C 292 50.16 39.89 -39.68
CA VAL C 292 50.58 40.61 -38.48
C VAL C 292 50.79 42.06 -38.90
N GLY C 293 49.91 42.92 -38.37
CA GLY C 293 49.78 44.30 -38.82
C GLY C 293 48.82 44.43 -39.99
N ASP C 294 48.55 45.67 -40.38
CA ASP C 294 47.79 45.97 -41.59
C ASP C 294 47.90 47.44 -41.93
N ALA C 295 48.99 47.93 -42.54
CA ALA C 295 50.25 47.25 -42.93
C ALA C 295 50.12 46.07 -43.92
N ALA C 296 50.45 44.86 -43.46
CA ALA C 296 50.53 43.67 -44.31
C ALA C 296 49.15 43.11 -44.68
N GLY C 297 48.19 43.18 -43.78
CA GLY C 297 46.83 42.73 -44.09
C GLY C 297 46.31 43.30 -45.39
N ASP C 298 46.30 44.62 -45.47
CA ASP C 298 45.77 45.33 -46.63
C ASP C 298 46.50 44.96 -47.92
N ALA C 299 47.83 45.01 -47.87
CA ALA C 299 48.69 44.68 -49.01
C ALA C 299 48.51 43.24 -49.48
N LEU C 300 48.32 42.31 -48.53
CA LEU C 300 48.08 40.89 -48.84
C LEU C 300 46.76 40.75 -49.58
N VAL C 301 45.69 41.28 -49.00
CA VAL C 301 44.37 41.13 -49.61
C VAL C 301 44.31 41.84 -50.96
N SER C 302 45.02 42.96 -51.06
CA SER C 302 45.09 43.69 -52.32
C SER C 302 45.73 42.80 -53.38
N LYS C 303 47.01 42.50 -53.21
CA LYS C 303 47.79 41.73 -54.19
C LYS C 303 47.21 40.34 -54.51
N MET C 304 46.65 39.70 -53.48
CA MET C 304 45.95 38.41 -53.61
C MET C 304 44.73 38.52 -54.53
N THR C 305 43.87 39.51 -54.27
CA THR C 305 42.74 39.79 -55.16
C THR C 305 43.19 39.86 -56.61
N GLN C 306 44.25 40.63 -56.87
CA GLN C 306 44.81 40.84 -58.21
C GLN C 306 45.23 39.53 -58.86
N ALA C 307 46.06 38.77 -58.15
CA ALA C 307 46.52 37.46 -58.65
C ALA C 307 45.38 36.41 -58.79
N MET C 308 44.33 36.56 -57.98
CA MET C 308 43.21 35.62 -57.99
C MET C 308 42.31 35.75 -59.24
N GLN C 309 42.35 36.92 -59.88
CA GLN C 309 41.61 37.16 -61.15
C GLN C 309 42.13 36.29 -62.31
N LYS C 310 43.42 36.00 -62.31
CA LYS C 310 44.03 35.20 -63.38
C LYS C 310 43.77 33.69 -63.26
N LEU C 311 43.31 33.25 -62.09
CA LEU C 311 43.00 31.84 -61.84
C LEU C 311 41.95 31.34 -62.78
N LYS C 312 42.15 30.13 -63.27
CA LYS C 312 41.24 29.48 -64.19
C LYS C 312 40.70 28.19 -63.55
N VAL C 313 39.38 28.08 -63.45
CA VAL C 313 38.69 26.90 -62.97
C VAL C 313 37.96 26.17 -64.11
N GLY C 314 38.23 24.88 -64.24
CA GLY C 314 37.60 24.09 -65.27
C GLY C 314 38.04 22.65 -65.24
N PRO C 315 37.57 21.84 -66.20
CA PRO C 315 37.78 20.42 -66.19
C PRO C 315 39.17 20.00 -66.59
N SER C 316 39.58 18.80 -66.19
CA SER C 316 40.95 18.31 -66.44
C SER C 316 41.25 18.08 -67.89
N THR C 317 40.23 18.02 -68.73
CA THR C 317 40.37 17.92 -70.18
C THR C 317 41.11 19.13 -70.72
N ASP C 318 40.93 20.27 -70.06
CA ASP C 318 41.65 21.50 -70.38
C ASP C 318 42.86 21.63 -69.45
N SER C 319 44.02 21.24 -69.95
CA SER C 319 45.31 21.60 -69.32
C SER C 319 45.46 23.11 -69.36
N GLY C 320 46.11 23.69 -68.36
CA GLY C 320 46.16 25.15 -68.30
C GLY C 320 45.09 25.80 -67.43
N ASN C 321 44.08 25.04 -67.05
CA ASN C 321 43.34 25.35 -65.84
C ASN C 321 44.28 25.27 -64.63
N ASP C 322 43.97 26.03 -63.60
CA ASP C 322 44.72 25.98 -62.37
C ASP C 322 44.24 24.92 -61.39
N PHE C 323 42.94 24.67 -61.36
CA PHE C 323 42.39 23.59 -60.55
C PHE C 323 41.00 23.19 -61.00
N GLY C 324 40.57 22.02 -60.59
CA GLY C 324 39.35 21.44 -61.11
C GLY C 324 38.22 21.48 -60.12
N PRO C 325 37.21 20.63 -60.35
CA PRO C 325 36.09 20.63 -59.43
C PRO C 325 36.38 19.98 -58.08
N VAL C 326 35.42 20.19 -57.19
CA VAL C 326 35.36 19.57 -55.89
C VAL C 326 34.85 18.14 -56.13
N ILE C 327 35.01 17.26 -55.16
CA ILE C 327 34.84 15.80 -55.37
C ILE C 327 33.40 15.30 -55.57
N THR C 328 32.43 15.90 -54.88
CA THR C 328 31.02 15.48 -54.92
C THR C 328 30.11 16.65 -54.76
N ARG C 329 28.86 16.47 -55.18
CA ARG C 329 27.85 17.47 -54.98
C ARG C 329 27.70 17.81 -53.50
N GLN C 330 27.69 16.78 -52.67
CA GLN C 330 27.58 16.97 -51.23
C GLN C 330 28.69 17.91 -50.78
N HIS C 331 29.91 17.62 -51.23
CA HIS C 331 31.06 18.41 -50.80
C HIS C 331 30.96 19.86 -51.29
N GLN C 332 30.51 20.05 -52.52
CA GLN C 332 30.26 21.39 -53.06
C GLN C 332 29.28 22.15 -52.19
N GLU C 333 28.17 21.51 -51.87
CA GLU C 333 27.17 22.11 -51.00
C GLU C 333 27.78 22.50 -49.65
N LYS C 334 28.62 21.63 -49.08
CA LYS C 334 29.34 21.93 -47.83
C LYS C 334 30.27 23.14 -47.95
N VAL C 335 31.11 23.16 -48.97
CA VAL C 335 32.01 24.30 -49.16
C VAL C 335 31.23 25.63 -49.31
N ILE C 336 30.19 25.62 -50.12
CA ILE C 336 29.31 26.80 -50.29
C ILE C 336 28.69 27.19 -48.95
N GLY C 337 28.24 26.20 -48.17
CA GLY C 337 27.75 26.41 -46.82
C GLY C 337 28.71 27.22 -45.94
N TYR C 338 29.98 26.83 -45.95
CA TYR C 338 31.01 27.47 -45.11
C TYR C 338 31.22 28.92 -45.51
N ILE C 339 31.19 29.21 -46.80
CA ILE C 339 31.36 30.57 -47.29
C ILE C 339 30.15 31.39 -46.81
N ASN C 340 28.96 30.82 -46.94
CA ASN C 340 27.76 31.49 -46.48
C ASN C 340 27.90 31.82 -45.01
N SER C 341 28.27 30.83 -44.21
CA SER C 341 28.50 31.01 -42.77
C SER C 341 29.50 32.12 -42.43
N ALA C 342 30.53 32.25 -43.25
CA ALA C 342 31.54 33.24 -42.99
C ALA C 342 30.99 34.63 -43.20
N GLU C 343 30.36 34.83 -44.35
CA GLU C 343 29.70 36.10 -44.67
C GLU C 343 28.68 36.47 -43.60
N GLN C 344 27.79 35.53 -43.30
CA GLN C 344 26.73 35.72 -42.32
C GLN C 344 27.21 36.06 -40.92
N GLN C 345 28.40 35.57 -40.54
CA GLN C 345 28.98 35.86 -39.22
C GLN C 345 29.85 37.13 -39.20
N GLY C 346 29.96 37.76 -40.36
CA GLY C 346 30.47 39.10 -40.44
C GLY C 346 31.71 39.24 -41.26
N ALA C 347 32.16 38.15 -41.87
CA ALA C 347 33.38 38.20 -42.66
C ALA C 347 33.12 38.88 -44.00
N THR C 348 34.17 39.39 -44.62
CA THR C 348 34.12 40.09 -45.91
C THR C 348 34.51 39.13 -47.05
N ILE C 349 33.55 38.81 -47.92
CA ILE C 349 33.84 37.96 -49.08
C ILE C 349 34.48 38.81 -50.19
N VAL C 350 35.79 39.01 -50.11
CA VAL C 350 36.50 39.89 -51.05
C VAL C 350 36.36 39.38 -52.47
N VAL C 351 36.59 38.09 -52.66
CA VAL C 351 36.43 37.43 -53.96
C VAL C 351 35.45 36.28 -53.75
N ASP C 352 34.35 36.28 -54.48
CA ASP C 352 33.26 35.33 -54.30
C ASP C 352 33.47 34.33 -55.40
N GLY C 353 33.44 33.06 -55.04
CA GLY C 353 33.46 31.97 -56.01
C GLY C 353 32.43 30.94 -55.67
N ARG C 354 31.37 31.35 -55.00
CA ARG C 354 30.23 30.48 -54.72
C ARG C 354 29.49 30.10 -55.99
N GLN C 355 29.40 31.07 -56.90
CA GLN C 355 28.71 30.92 -58.16
C GLN C 355 29.76 31.05 -59.26
N PRO C 356 30.62 30.03 -59.41
CA PRO C 356 31.68 30.13 -60.39
C PRO C 356 31.10 30.24 -61.78
N LYS C 357 30.19 29.33 -62.15
CA LYS C 357 29.55 29.35 -63.47
C LYS C 357 30.55 29.48 -64.62
N VAL C 358 31.84 29.29 -64.32
CA VAL C 358 32.92 29.55 -65.28
C VAL C 358 32.69 28.53 -66.39
N PRO C 359 32.55 27.23 -66.03
CA PRO C 359 32.10 26.31 -67.06
C PRO C 359 30.70 26.73 -67.49
N ASN C 360 30.28 26.70 -68.77
CA ASN C 360 30.87 26.03 -69.95
C ASN C 360 30.58 24.56 -69.97
N HIS C 361 29.34 24.24 -70.28
CA HIS C 361 28.95 22.85 -70.50
C HIS C 361 29.28 22.00 -69.32
N GLU C 362 29.18 22.60 -68.13
CA GLU C 362 29.47 21.88 -66.91
C GLU C 362 28.64 22.37 -65.72
N ASN C 363 27.55 21.64 -65.43
CA ASN C 363 26.93 21.58 -64.10
C ASN C 363 27.48 20.35 -63.27
N GLY C 364 28.81 20.32 -63.16
CA GLY C 364 29.48 19.47 -62.22
C GLY C 364 29.75 20.26 -60.97
N PHE C 365 30.67 19.79 -60.14
CA PHE C 365 30.75 20.23 -58.75
C PHE C 365 31.82 21.31 -58.55
N PHE C 366 31.75 22.35 -59.36
CA PHE C 366 32.72 23.46 -59.33
C PHE C 366 32.51 24.52 -58.22
N VAL C 367 33.63 24.96 -57.66
CA VAL C 367 33.70 26.08 -56.75
C VAL C 367 34.91 26.90 -57.17
N GLY C 368 34.72 28.22 -57.36
CA GLY C 368 35.79 29.15 -57.76
C GLY C 368 36.65 29.59 -56.60
N GLY C 369 37.81 30.15 -56.87
CA GLY C 369 38.71 30.60 -55.81
C GLY C 369 38.12 31.74 -54.99
N THR C 370 37.98 31.56 -53.68
CA THR C 370 37.36 32.59 -52.84
C THR C 370 38.30 33.13 -51.72
N LEU C 371 38.24 34.44 -51.51
CA LEU C 371 39.01 35.15 -50.49
C LEU C 371 38.04 35.70 -49.46
N ILE C 372 38.29 35.39 -48.19
CA ILE C 372 37.47 35.87 -47.09
C ILE C 372 38.33 36.63 -46.10
N ASP C 373 38.01 37.91 -45.87
CA ASP C 373 38.80 38.79 -45.01
C ASP C 373 38.04 39.10 -43.75
N HIS C 374 38.79 39.58 -42.76
CA HIS C 374 38.28 39.92 -41.42
C HIS C 374 37.64 38.75 -40.73
N VAL C 375 38.32 37.60 -40.72
CA VAL C 375 37.75 36.41 -40.09
C VAL C 375 38.28 36.34 -38.69
N THR C 376 37.48 35.75 -37.82
CA THR C 376 37.75 35.76 -36.41
C THR C 376 37.69 34.34 -35.85
N PRO C 377 38.35 34.11 -34.71
CA PRO C 377 38.36 32.77 -34.12
C PRO C 377 37.01 32.24 -33.68
N GLU C 378 35.99 33.11 -33.63
CA GLU C 378 34.64 32.70 -33.18
C GLU C 378 33.76 32.25 -34.37
N MET C 379 34.31 32.35 -35.58
CA MET C 379 33.64 31.86 -36.77
C MET C 379 33.77 30.37 -36.96
N THR C 380 32.63 29.69 -37.10
CA THR C 380 32.57 28.27 -37.43
C THR C 380 33.44 27.91 -38.64
N SER C 381 33.36 28.71 -39.70
CA SER C 381 34.15 28.47 -40.92
C SER C 381 35.65 28.51 -40.68
N TYR C 382 36.08 29.27 -39.68
CA TYR C 382 37.47 29.31 -39.26
C TYR C 382 37.83 28.12 -38.41
N GLN C 383 36.95 27.76 -37.48
CA GLN C 383 37.23 26.62 -36.61
C GLN C 383 37.29 25.33 -37.40
N GLU C 384 36.39 25.18 -38.37
CA GLU C 384 36.26 23.93 -39.09
C GLU C 384 37.05 23.90 -40.40
N GLU C 385 37.44 22.69 -40.82
CA GLU C 385 38.17 22.46 -42.07
C GLU C 385 37.19 22.50 -43.24
N ILE C 386 37.41 23.45 -44.15
CA ILE C 386 36.50 23.68 -45.26
C ILE C 386 36.78 22.70 -46.38
N PHE C 387 38.07 22.55 -46.65
CA PHE C 387 38.57 21.57 -47.61
C PHE C 387 38.11 21.90 -49.02
N GLY C 388 38.15 23.18 -49.35
CA GLY C 388 37.82 23.67 -50.69
C GLY C 388 38.74 24.80 -51.09
N PRO C 389 38.48 25.47 -52.22
CA PRO C 389 39.37 26.54 -52.68
C PRO C 389 39.12 27.91 -52.01
N VAL C 390 39.31 27.97 -50.71
CA VAL C 390 38.99 29.13 -49.90
C VAL C 390 40.22 29.52 -49.12
N LEU C 391 40.52 30.82 -49.06
CA LEU C 391 41.59 31.36 -48.22
C LEU C 391 40.95 32.39 -47.30
N GLN C 392 41.33 32.35 -46.03
CA GLN C 392 40.76 33.20 -45.00
C GLN C 392 41.88 34.01 -44.43
N VAL C 393 41.58 35.26 -44.07
CA VAL C 393 42.60 36.14 -43.51
C VAL C 393 42.13 36.60 -42.16
N VAL C 394 43.04 36.46 -41.20
CA VAL C 394 42.91 36.98 -39.85
C VAL C 394 43.93 38.11 -39.77
N ARG C 395 43.59 39.15 -39.05
CA ARG C 395 44.54 40.24 -38.79
C ARG C 395 44.81 40.28 -37.30
N VAL C 396 46.10 40.34 -36.96
CA VAL C 396 46.54 40.35 -35.58
C VAL C 396 47.60 41.42 -35.41
N ALA C 397 47.81 41.82 -34.16
CA ALA C 397 48.71 42.90 -33.81
C ALA C 397 50.16 42.48 -33.88
N THR C 398 50.47 41.35 -33.23
CA THR C 398 51.86 40.90 -33.09
C THR C 398 52.06 39.40 -33.53
N MET C 399 53.29 39.03 -33.86
CA MET C 399 53.62 37.65 -34.21
C MET C 399 53.27 36.62 -33.13
N GLN C 400 53.45 36.97 -31.85
CA GLN C 400 53.06 36.08 -30.75
C GLN C 400 51.56 35.80 -30.74
N ASP C 401 50.77 36.79 -31.16
CA ASP C 401 49.31 36.66 -31.20
C ASP C 401 48.90 35.65 -32.26
N ALA C 402 49.63 35.62 -33.36
CA ALA C 402 49.37 34.70 -34.47
C ALA C 402 49.80 33.30 -34.10
N MET C 403 50.86 33.20 -33.30
CA MET C 403 51.30 31.91 -32.85
C MET C 403 50.34 31.36 -31.82
N ASP C 404 49.79 32.23 -30.96
CA ASP C 404 48.80 31.81 -29.94
C ASP C 404 47.56 31.31 -30.61
N LEU C 405 47.15 32.05 -31.64
CA LEU C 405 45.98 31.72 -32.44
C LEU C 405 46.12 30.34 -33.10
N ILE C 406 47.31 30.06 -33.64
CA ILE C 406 47.61 28.77 -34.24
C ILE C 406 47.60 27.64 -33.20
N ASP C 407 48.30 27.86 -32.10
CA ASP C 407 48.41 26.86 -31.03
C ASP C 407 47.04 26.59 -30.40
N ALA C 408 46.18 27.60 -30.38
CA ALA C 408 44.85 27.42 -29.82
C ALA C 408 43.94 26.49 -30.61
N HIS C 409 44.23 26.31 -31.90
CA HIS C 409 43.38 25.55 -32.81
C HIS C 409 43.37 24.04 -32.49
N GLU C 410 42.30 23.40 -32.91
CA GLU C 410 42.10 21.94 -32.78
C GLU C 410 43.21 21.12 -33.48
N TYR C 411 43.45 21.48 -34.73
CA TYR C 411 44.45 20.88 -35.57
C TYR C 411 45.83 21.49 -35.40
N GLY C 412 46.84 20.77 -35.88
CA GLY C 412 48.21 21.30 -35.96
C GLY C 412 49.03 20.50 -36.93
N ASN C 413 48.53 20.38 -38.14
CA ASN C 413 49.14 19.51 -39.13
C ASN C 413 50.36 20.22 -39.72
N GLY C 414 50.08 21.35 -40.38
CA GLY C 414 51.05 22.10 -41.18
C GLY C 414 50.96 23.57 -40.85
N THR C 415 52.06 24.28 -41.03
CA THR C 415 52.13 25.73 -40.80
C THR C 415 53.34 26.38 -41.47
N CYS C 416 53.27 27.69 -41.66
CA CYS C 416 54.31 28.46 -42.38
C CYS C 416 54.47 29.87 -41.83
N ILE C 417 55.69 30.39 -41.92
CA ILE C 417 55.94 31.79 -41.63
C ILE C 417 56.70 32.42 -42.79
N PHE C 418 56.20 33.55 -43.27
CA PHE C 418 56.90 34.27 -44.32
C PHE C 418 57.69 35.38 -43.67
N THR C 419 59.00 35.33 -43.82
CA THR C 419 59.85 36.35 -43.23
C THR C 419 61.25 36.25 -43.77
N ARG C 420 62.02 37.31 -43.58
CA ARG C 420 63.44 37.38 -43.94
C ARG C 420 64.35 37.24 -42.73
N ASP C 421 63.79 37.29 -41.53
CA ASP C 421 64.54 37.40 -40.27
C ASP C 421 64.82 36.05 -39.66
N GLY C 422 66.09 35.75 -39.39
CA GLY C 422 66.50 34.45 -38.88
C GLY C 422 65.97 34.12 -37.49
N GLU C 423 65.85 35.13 -36.64
CA GLU C 423 65.40 34.92 -35.25
C GLU C 423 63.93 34.54 -35.15
N ALA C 424 63.12 35.23 -35.96
CA ALA C 424 61.66 34.98 -36.02
C ALA C 424 61.36 33.61 -36.59
N ALA C 425 62.16 33.17 -37.56
CA ALA C 425 62.05 31.84 -38.11
C ALA C 425 62.39 30.72 -37.12
N ARG C 426 63.43 30.88 -36.31
CA ARG C 426 63.76 29.83 -35.31
C ARG C 426 62.75 29.76 -34.18
N TYR C 427 62.44 30.92 -33.62
CA TYR C 427 61.44 31.03 -32.55
C TYR C 427 60.13 30.40 -32.97
N PHE C 428 59.73 30.66 -34.21
CA PHE C 428 58.56 30.03 -34.83
C PHE C 428 58.74 28.50 -34.89
N SER C 429 59.78 28.03 -35.57
CA SER C 429 59.91 26.61 -35.82
C SER C 429 60.14 25.85 -34.52
N ASP C 430 60.72 26.51 -33.54
CA ASP C 430 61.01 25.83 -32.28
C ASP C 430 59.78 25.68 -31.40
N ASN C 431 59.04 26.78 -31.19
CA ASN C 431 57.90 26.84 -30.27
C ASN C 431 56.50 26.47 -30.81
N ILE C 432 56.30 26.58 -32.12
CA ILE C 432 54.97 26.35 -32.69
C ILE C 432 54.59 24.90 -32.50
N GLN C 433 53.31 24.70 -32.17
CA GLN C 433 52.79 23.40 -31.82
C GLN C 433 52.11 22.81 -33.02
N VAL C 434 52.88 22.60 -34.08
CA VAL C 434 52.44 21.85 -35.23
C VAL C 434 53.58 20.96 -35.74
N GLY C 435 53.21 19.80 -36.27
CA GLY C 435 54.14 18.79 -36.77
C GLY C 435 55.02 19.16 -37.95
N MET C 436 54.47 19.83 -38.95
CA MET C 436 55.29 20.25 -40.10
C MET C 436 55.29 21.75 -40.33
N VAL C 437 56.48 22.31 -40.23
CA VAL C 437 56.70 23.72 -40.18
C VAL C 437 57.40 24.10 -41.47
N GLY C 438 56.96 25.22 -42.06
CA GLY C 438 57.63 25.80 -43.20
C GLY C 438 58.18 27.21 -42.96
N ILE C 439 59.32 27.49 -43.56
CA ILE C 439 59.89 28.80 -43.51
C ILE C 439 59.92 29.30 -44.93
N ASN C 440 59.11 30.31 -45.19
CA ASN C 440 58.83 30.73 -46.56
C ASN C 440 58.53 29.54 -47.46
N ILE C 441 57.82 28.54 -46.92
CA ILE C 441 57.31 27.34 -47.65
C ILE C 441 55.89 27.08 -47.15
N PRO C 442 54.88 27.45 -47.96
CA PRO C 442 53.50 27.29 -47.51
C PRO C 442 53.00 25.84 -47.49
N LEU C 443 53.63 24.96 -48.27
CA LEU C 443 53.33 23.50 -48.23
C LEU C 443 54.59 22.82 -47.79
N PRO C 444 54.82 22.77 -46.47
CA PRO C 444 56.05 22.18 -45.98
C PRO C 444 55.93 20.64 -45.84
N VAL C 445 55.68 19.98 -46.97
CA VAL C 445 55.50 18.55 -46.99
C VAL C 445 56.88 17.86 -46.89
N PRO C 446 57.06 17.04 -45.87
CA PRO C 446 58.30 16.27 -45.83
C PRO C 446 58.56 15.37 -47.06
N VAL C 447 59.80 15.32 -47.47
CA VAL C 447 60.18 14.50 -48.61
C VAL C 447 60.16 13.03 -48.24
N ALA C 448 59.96 12.18 -49.23
CA ALA C 448 59.94 10.74 -49.06
C ALA C 448 60.90 10.14 -48.01
N TYR C 449 62.08 10.72 -47.86
CA TYR C 449 63.09 10.26 -46.88
C TYR C 449 62.97 10.92 -45.49
N HIS C 450 61.86 11.60 -45.27
CA HIS C 450 61.45 12.06 -43.96
C HIS C 450 60.02 11.53 -43.76
N SER C 451 59.44 11.82 -42.60
CA SER C 451 58.11 11.34 -42.27
C SER C 451 57.16 12.50 -42.08
N PHE C 452 55.91 12.27 -42.47
CA PHE C 452 54.83 13.26 -42.52
C PHE C 452 53.95 12.96 -41.37
N GLY C 453 53.60 13.97 -40.61
CA GLY C 453 52.66 13.81 -39.53
C GLY C 453 52.40 15.09 -38.77
N GLY C 454 51.12 15.33 -38.49
CA GLY C 454 50.70 16.47 -37.68
C GLY C 454 50.75 16.18 -36.20
N TRP C 455 50.44 17.23 -35.42
CA TRP C 455 50.34 17.18 -33.96
C TRP C 455 48.90 17.39 -33.49
N LYS C 456 48.67 17.26 -32.19
CA LYS C 456 47.35 17.48 -31.61
C LYS C 456 46.34 16.57 -32.34
N ARG C 457 45.14 17.05 -32.59
CA ARG C 457 44.09 16.21 -33.18
C ARG C 457 44.29 15.84 -34.66
N SER C 458 45.39 16.26 -35.28
CA SER C 458 45.70 15.95 -36.68
C SER C 458 46.36 14.59 -36.88
N LEU C 459 46.75 13.94 -35.78
CA LEU C 459 47.39 12.63 -35.82
C LEU C 459 47.12 11.84 -34.55
N PHE C 460 46.81 10.56 -34.71
CA PHE C 460 46.67 9.66 -33.56
C PHE C 460 47.69 8.58 -33.69
N GLY C 461 48.51 8.42 -32.65
CA GLY C 461 49.61 7.48 -32.65
C GLY C 461 50.94 8.15 -32.41
N ASP C 462 51.98 7.32 -32.36
CA ASP C 462 53.35 7.76 -32.04
C ASP C 462 54.35 7.58 -33.15
N LEU C 463 53.95 6.98 -34.27
CA LEU C 463 54.81 6.87 -35.47
C LEU C 463 54.11 7.45 -36.68
N HIS C 464 54.82 8.29 -37.41
CA HIS C 464 54.21 9.03 -38.50
C HIS C 464 54.28 8.27 -39.81
N ALA C 465 53.92 8.97 -40.88
CA ALA C 465 53.69 8.35 -42.18
C ALA C 465 54.89 8.43 -43.11
N TYR C 466 55.08 7.33 -43.83
CA TYR C 466 56.19 7.14 -44.74
C TYR C 466 57.54 7.48 -44.07
N GLY C 467 58.62 7.46 -44.84
CA GLY C 467 59.93 7.80 -44.25
C GLY C 467 60.42 6.82 -43.22
N PRO C 468 61.34 7.26 -42.33
CA PRO C 468 61.88 6.38 -41.31
C PRO C 468 60.88 5.79 -40.34
N ASP C 469 59.82 6.52 -40.04
CA ASP C 469 58.81 6.04 -39.07
C ASP C 469 57.99 4.91 -39.61
N ALA C 470 57.76 4.94 -40.91
CA ALA C 470 57.04 3.87 -41.55
C ALA C 470 57.76 2.53 -41.44
N VAL C 471 59.10 2.56 -41.45
CA VAL C 471 59.92 1.36 -41.24
C VAL C 471 59.68 0.80 -39.83
N ARG C 472 59.51 1.68 -38.87
CA ARG C 472 59.33 1.25 -37.50
C ARG C 472 57.95 0.81 -37.29
N PHE C 473 57.03 1.46 -37.99
CA PHE C 473 55.63 1.09 -37.87
C PHE C 473 55.31 -0.20 -38.61
N TYR C 474 55.97 -0.48 -39.74
CA TYR C 474 55.73 -1.71 -40.51
C TYR C 474 56.62 -2.87 -40.11
N THR C 475 57.36 -2.70 -39.01
CA THR C 475 58.12 -3.80 -38.36
C THR C 475 57.98 -3.87 -36.84
N LYS C 476 58.43 -4.97 -36.27
CA LYS C 476 58.48 -5.12 -34.83
C LYS C 476 59.87 -5.57 -34.36
N ARG C 477 60.30 -4.96 -33.27
CA ARG C 477 61.61 -5.13 -32.72
C ARG C 477 61.73 -6.47 -32.03
N LYS C 478 62.69 -7.26 -32.48
CA LYS C 478 63.16 -8.44 -31.76
C LYS C 478 64.60 -8.18 -31.31
N THR C 479 64.95 -8.60 -30.09
CA THR C 479 66.27 -8.37 -29.59
C THR C 479 66.91 -9.70 -29.21
N VAL C 480 67.98 -10.10 -29.87
CA VAL C 480 68.62 -11.37 -29.57
C VAL C 480 69.86 -11.17 -28.67
N THR C 481 70.02 -12.04 -27.69
CA THR C 481 71.20 -12.03 -26.81
C THR C 481 71.85 -13.41 -26.88
N GLN C 482 73.11 -13.47 -27.30
CA GLN C 482 73.79 -14.71 -27.65
C GLN C 482 75.00 -14.97 -26.79
N ARG C 483 75.22 -16.25 -26.53
CA ARG C 483 76.35 -16.70 -25.72
C ARG C 483 76.69 -18.16 -26.02
N TRP C 484 77.96 -18.48 -26.01
CA TRP C 484 78.39 -19.80 -26.33
C TRP C 484 79.30 -20.35 -25.24
N PRO C 485 78.69 -20.90 -24.18
CA PRO C 485 79.51 -21.32 -23.06
C PRO C 485 80.36 -22.52 -23.40
N SER C 486 79.82 -23.46 -24.18
CA SER C 486 80.43 -24.78 -24.33
C SER C 486 81.52 -24.76 -25.41
N ALA C 487 82.76 -24.57 -24.98
CA ALA C 487 83.93 -24.41 -25.86
C ALA C 487 84.67 -25.74 -26.16
N GLY C 488 83.91 -26.81 -26.40
CA GLY C 488 84.45 -28.16 -26.65
C GLY C 488 85.16 -28.42 -27.98
N VAL C 489 84.59 -27.88 -29.07
CA VAL C 489 85.16 -28.04 -30.41
C VAL C 489 86.42 -27.18 -30.57
N ARG C 490 86.36 -25.96 -30.04
CA ARG C 490 87.48 -25.03 -30.13
C ARG C 490 88.68 -25.50 -29.30
N MET D 4 52.44 3.56 13.64
CA MET D 4 52.28 3.25 12.18
C MET D 4 52.53 4.50 11.35
N THR D 5 53.66 4.52 10.65
CA THR D 5 53.94 5.60 9.69
C THR D 5 53.00 5.50 8.45
N THR D 6 52.77 6.65 7.82
CA THR D 6 51.94 6.73 6.63
C THR D 6 52.79 7.26 5.48
N ILE D 7 52.75 6.51 4.37
CA ILE D 7 53.52 6.80 3.17
C ILE D 7 52.72 7.72 2.26
N GLY D 8 53.33 8.82 1.85
CA GLY D 8 52.65 9.83 1.07
C GLY D 8 53.10 9.89 -0.37
N HIS D 9 53.14 11.13 -0.86
CA HIS D 9 53.32 11.45 -2.27
C HIS D 9 54.38 12.52 -2.45
N LEU D 10 55.21 12.35 -3.46
CA LEU D 10 56.17 13.37 -3.84
C LEU D 10 55.47 14.21 -4.86
N ILE D 11 55.16 15.46 -4.50
CA ILE D 11 54.59 16.40 -5.47
C ILE D 11 55.35 17.71 -5.36
N ASN D 12 55.65 18.33 -6.49
CA ASN D 12 56.52 19.51 -6.54
C ASN D 12 57.62 19.53 -5.44
N GLY D 13 58.32 18.40 -5.31
CA GLY D 13 59.47 18.30 -4.42
C GLY D 13 59.20 18.18 -2.91
N GLN D 14 57.95 18.01 -2.53
CA GLN D 14 57.58 17.93 -1.13
C GLN D 14 56.76 16.69 -0.88
N LEU D 15 56.94 16.09 0.30
CA LEU D 15 56.11 14.97 0.71
C LEU D 15 54.80 15.49 1.21
N VAL D 16 53.70 15.01 0.63
CA VAL D 16 52.37 15.45 1.05
C VAL D 16 51.52 14.20 1.26
N THR D 17 50.35 14.39 1.82
CA THR D 17 49.48 13.28 2.10
C THR D 17 48.05 13.78 2.20
N GLU D 18 47.14 13.02 1.61
CA GLU D 18 45.72 13.36 1.46
C GLU D 18 44.93 12.92 2.70
N ASN D 19 45.16 11.68 3.13
CA ASN D 19 44.54 11.11 4.33
C ASN D 19 43.06 10.74 4.20
N THR D 20 42.55 10.60 2.98
CA THR D 20 41.11 10.25 2.83
C THR D 20 40.89 8.75 2.83
N ARG D 21 41.94 7.98 2.60
CA ARG D 21 41.81 6.53 2.42
C ARG D 21 43.21 5.94 2.31
N SER D 22 43.38 4.75 2.87
CA SER D 22 44.72 4.14 2.98
C SER D 22 44.67 2.65 2.72
N GLN D 23 45.83 2.01 2.82
CA GLN D 23 45.94 0.58 2.58
C GLN D 23 47.22 -0.01 3.12
N ASN D 24 47.12 -1.25 3.59
CA ASN D 24 48.21 -1.91 4.25
C ASN D 24 49.36 -2.25 3.30
N VAL D 25 50.60 -1.91 3.70
CA VAL D 25 51.78 -2.52 3.06
C VAL D 25 52.38 -3.48 4.06
N PHE D 26 52.72 -4.66 3.55
CA PHE D 26 53.12 -5.77 4.38
C PHE D 26 54.65 -5.95 4.33
N ASN D 27 55.16 -6.59 5.38
CA ASN D 27 56.44 -7.25 5.37
C ASN D 27 56.17 -8.73 5.05
N PRO D 28 56.28 -9.12 3.78
CA PRO D 28 55.87 -10.47 3.40
C PRO D 28 56.63 -11.60 4.07
N ALA D 29 57.79 -11.31 4.64
CA ALA D 29 58.52 -12.33 5.39
C ALA D 29 57.78 -12.71 6.68
N THR D 30 57.35 -11.72 7.46
CA THR D 30 56.65 -11.97 8.71
C THR D 30 55.15 -12.08 8.55
N GLY D 31 54.62 -11.45 7.50
CA GLY D 31 53.18 -11.39 7.28
C GLY D 31 52.49 -10.30 8.08
N GLU D 32 53.26 -9.43 8.73
CA GLU D 32 52.72 -8.38 9.58
C GLU D 32 52.54 -7.10 8.75
N ILE D 33 51.64 -6.25 9.19
CA ILE D 33 51.45 -4.97 8.55
C ILE D 33 52.58 -4.07 9.00
N GLY D 34 53.30 -3.51 8.05
CA GLY D 34 54.41 -2.60 8.35
C GLY D 34 53.97 -1.16 8.40
N LYS D 35 53.33 -0.72 7.32
CA LYS D 35 53.14 0.70 7.05
C LYS D 35 51.77 0.89 6.40
N GLN D 36 51.21 2.09 6.57
CA GLN D 36 50.03 2.52 5.80
C GLN D 36 50.45 3.33 4.57
N LEU D 37 49.88 2.98 3.43
CA LEU D 37 50.11 3.73 2.23
C LEU D 37 48.90 4.59 1.93
N ASP D 38 49.06 5.93 1.94
CA ASP D 38 48.00 6.86 1.53
C ASP D 38 47.73 6.66 0.04
N LEU D 39 46.46 6.56 -0.32
CA LEU D 39 46.02 6.37 -1.71
C LEU D 39 45.45 7.67 -2.25
N ALA D 40 46.07 8.20 -3.29
CA ALA D 40 45.66 9.46 -3.88
C ALA D 40 44.29 9.32 -4.56
N SER D 41 43.51 10.39 -4.48
CA SER D 41 42.26 10.54 -5.24
C SER D 41 42.48 11.48 -6.44
N THR D 42 41.47 11.62 -7.28
CA THR D 42 41.65 12.37 -8.53
C THR D 42 42.17 13.78 -8.21
N LYS D 43 41.74 14.38 -7.12
CA LYS D 43 42.20 15.73 -6.79
C LYS D 43 43.70 15.79 -6.50
N THR D 44 44.23 14.79 -5.81
CA THR D 44 45.66 14.80 -5.46
C THR D 44 46.52 14.51 -6.69
N VAL D 45 46.07 13.60 -7.57
CA VAL D 45 46.74 13.35 -8.84
C VAL D 45 46.80 14.62 -9.67
N GLU D 46 45.67 15.29 -9.80
CA GLU D 46 45.63 16.56 -10.52
C GLU D 46 46.63 17.61 -9.98
N GLN D 47 46.92 17.55 -8.68
CA GLN D 47 47.95 18.42 -8.07
C GLN D 47 49.34 18.07 -8.55
N ALA D 48 49.61 16.77 -8.64
CA ALA D 48 50.86 16.25 -9.23
C ALA D 48 50.99 16.66 -10.71
N ILE D 49 49.93 16.47 -11.49
CA ILE D 49 49.94 16.87 -12.88
C ILE D 49 50.16 18.38 -13.01
N SER D 50 49.44 19.17 -12.22
CA SER D 50 49.59 20.65 -12.26
C SER D 50 51.01 21.08 -11.95
N ALA D 51 51.65 20.36 -11.02
CA ALA D 51 53.05 20.61 -10.69
C ALA D 51 53.97 20.27 -11.86
N ALA D 52 53.71 19.16 -12.54
CA ALA D 52 54.47 18.76 -13.74
C ALA D 52 54.25 19.73 -14.90
N GLN D 53 53.00 20.08 -15.15
CA GLN D 53 52.66 21.03 -16.19
C GLN D 53 53.36 22.34 -15.94
N HIS D 54 53.31 22.78 -14.68
CA HIS D 54 53.92 24.03 -14.27
C HIS D 54 55.44 24.05 -14.43
N ALA D 55 56.10 22.92 -14.19
CA ALA D 55 57.56 22.81 -14.38
C ALA D 55 58.03 22.61 -15.84
N PHE D 56 57.13 22.30 -16.75
CA PHE D 56 57.51 21.84 -18.08
C PHE D 56 58.16 22.92 -18.93
N PRO D 57 57.49 24.07 -19.11
CA PRO D 57 58.02 25.05 -20.07
C PRO D 57 59.53 25.32 -19.96
N THR D 58 60.03 25.45 -18.73
CA THR D 58 61.43 25.80 -18.50
C THR D 58 62.33 24.60 -18.53
N TRP D 59 61.79 23.42 -18.21
CA TRP D 59 62.52 22.16 -18.41
C TRP D 59 62.60 21.77 -19.90
N ARG D 60 61.53 22.02 -20.65
CA ARG D 60 61.50 21.81 -22.09
C ARG D 60 62.66 22.47 -22.83
N ASN D 61 62.99 23.70 -22.41
CA ASN D 61 64.04 24.53 -23.05
C ASN D 61 65.41 24.44 -22.44
N THR D 62 65.52 23.70 -21.36
CA THR D 62 66.80 23.38 -20.77
C THR D 62 67.60 22.51 -21.72
N PRO D 63 68.87 22.87 -21.98
CA PRO D 63 69.65 22.08 -22.93
C PRO D 63 69.81 20.62 -22.52
N PRO D 64 69.73 19.69 -23.48
CA PRO D 64 69.93 18.27 -23.16
C PRO D 64 71.20 17.96 -22.31
N LEU D 65 72.26 18.71 -22.52
CA LEU D 65 73.51 18.50 -21.76
C LEU D 65 73.29 18.69 -20.28
N LYS D 66 72.70 19.83 -19.93
CA LYS D 66 72.33 20.17 -18.56
C LYS D 66 71.29 19.21 -17.96
N ARG D 67 70.32 18.76 -18.77
CA ARG D 67 69.36 17.74 -18.30
C ARG D 67 70.08 16.43 -17.96
N ALA D 68 71.08 16.08 -18.77
CA ALA D 68 71.78 14.83 -18.63
C ALA D 68 72.69 14.81 -17.41
N ARG D 69 73.16 15.98 -17.02
CA ARG D 69 74.00 16.15 -15.84
C ARG D 69 73.26 15.83 -14.53
N VAL D 70 71.93 15.98 -14.55
CA VAL D 70 71.08 15.60 -13.43
C VAL D 70 71.11 14.08 -13.31
N MET D 71 71.13 13.37 -14.44
CA MET D 71 71.24 11.92 -14.44
C MET D 71 72.61 11.44 -14.02
N PHE D 72 73.65 12.20 -14.34
CA PHE D 72 75.02 11.86 -13.89
C PHE D 72 75.08 11.87 -12.37
N ARG D 73 74.58 12.93 -11.75
CA ARG D 73 74.54 13.01 -10.29
C ARG D 73 73.58 12.01 -9.71
N PHE D 74 72.53 11.69 -10.46
CA PHE D 74 71.54 10.69 -10.02
C PHE D 74 72.14 9.29 -9.99
N LYS D 75 73.02 9.02 -10.96
CA LYS D 75 73.72 7.77 -10.98
C LYS D 75 74.48 7.54 -9.69
N GLU D 76 75.27 8.52 -9.29
CA GLU D 76 76.11 8.34 -8.11
C GLU D 76 75.29 8.26 -6.84
N LEU D 77 74.24 9.06 -6.75
CA LEU D 77 73.32 8.98 -5.61
C LEU D 77 72.69 7.60 -5.48
N LEU D 78 72.23 7.02 -6.58
CA LEU D 78 71.77 5.63 -6.57
C LEU D 78 72.79 4.65 -6.03
N GLU D 79 74.04 4.79 -6.46
CA GLU D 79 75.12 3.95 -5.99
C GLU D 79 75.49 4.15 -4.52
N GLN D 80 75.53 5.40 -4.08
CA GLN D 80 75.86 5.69 -2.69
C GLN D 80 74.82 5.14 -1.75
N HIS D 81 73.55 5.20 -2.14
CA HIS D 81 72.46 4.81 -1.26
C HIS D 81 72.02 3.38 -1.55
N ALA D 82 72.90 2.58 -2.14
CA ALA D 82 72.48 1.28 -2.66
C ALA D 82 71.97 0.34 -1.56
N ASP D 83 72.67 0.26 -0.44
CA ASP D 83 72.28 -0.63 0.66
C ASP D 83 70.86 -0.31 1.20
N GLU D 84 70.57 0.96 1.50
CA GLU D 84 69.24 1.36 2.04
C GLU D 84 68.15 1.12 1.02
N ILE D 85 68.45 1.27 -0.29
CA ILE D 85 67.48 1.01 -1.35
C ILE D 85 67.19 -0.48 -1.40
N CYS D 86 68.19 -1.31 -1.25
CA CYS D 86 67.96 -2.75 -1.24
C CYS D 86 67.26 -3.20 0.04
N ARG D 87 67.50 -2.49 1.13
CA ARG D 87 66.77 -2.74 2.38
C ARG D 87 65.27 -2.48 2.16
N LEU D 88 64.98 -1.27 1.69
CA LEU D 88 63.63 -0.86 1.33
C LEU D 88 62.92 -1.82 0.36
N ILE D 89 63.65 -2.33 -0.62
CA ILE D 89 63.10 -3.30 -1.55
C ILE D 89 62.81 -4.56 -0.77
N GLY D 90 63.85 -5.09 -0.12
CA GLY D 90 63.76 -6.28 0.74
C GLY D 90 62.64 -6.24 1.77
N GLU D 91 62.44 -5.07 2.39
CA GLU D 91 61.41 -4.92 3.41
C GLU D 91 59.99 -5.14 2.88
N GLU D 92 59.71 -4.69 1.66
CA GLU D 92 58.33 -4.67 1.14
C GLU D 92 58.07 -5.69 0.05
N HIS D 93 59.03 -5.89 -0.83
CA HIS D 93 58.92 -6.98 -1.79
C HIS D 93 59.24 -8.29 -1.13
N GLY D 94 60.29 -8.28 -0.31
CA GLY D 94 60.77 -9.49 0.36
C GLY D 94 62.09 -10.00 -0.19
N LYS D 95 62.52 -9.48 -1.34
CA LYS D 95 63.63 -10.09 -2.10
C LYS D 95 64.92 -9.85 -1.39
N ILE D 96 65.85 -10.77 -1.55
CA ILE D 96 67.05 -10.73 -0.73
C ILE D 96 68.09 -9.81 -1.40
N ALA D 97 69.02 -9.32 -0.60
CA ALA D 97 70.01 -8.35 -1.03
C ALA D 97 70.51 -8.46 -2.49
N HIS D 98 71.03 -9.63 -2.87
CA HIS D 98 71.62 -9.84 -4.19
C HIS D 98 70.61 -9.67 -5.32
N ASP D 99 69.36 -10.11 -5.13
CA ASP D 99 68.29 -9.81 -6.10
C ASP D 99 68.04 -8.33 -6.14
N ALA D 100 67.90 -7.71 -4.97
CA ALA D 100 67.71 -6.26 -4.91
C ALA D 100 68.83 -5.47 -5.64
N MET D 101 70.09 -5.80 -5.35
CA MET D 101 71.24 -5.17 -6.01
C MET D 101 71.25 -5.37 -7.51
N GLY D 102 70.95 -6.60 -7.96
CA GLY D 102 70.77 -6.88 -9.38
C GLY D 102 69.79 -5.94 -10.06
N GLU D 103 68.61 -5.77 -9.45
CA GLU D 103 67.57 -4.86 -9.95
C GLU D 103 68.10 -3.43 -10.02
N LEU D 104 68.70 -2.96 -8.93
CA LEU D 104 69.20 -1.60 -8.82
C LEU D 104 70.30 -1.36 -9.84
N GLN D 105 71.18 -2.33 -10.05
CA GLN D 105 72.21 -2.20 -11.05
C GLN D 105 71.60 -1.97 -12.43
N ARG D 106 70.64 -2.82 -12.80
CA ARG D 106 70.05 -2.70 -14.13
C ARG D 106 69.27 -1.38 -14.24
N GLY D 107 68.76 -0.89 -13.13
CA GLY D 107 68.18 0.45 -13.05
C GLY D 107 69.20 1.56 -13.22
N ILE D 108 70.37 1.39 -12.65
CA ILE D 108 71.43 2.36 -12.80
C ILE D 108 71.84 2.44 -14.28
N GLU D 109 71.93 1.29 -14.94
CA GLU D 109 72.25 1.24 -16.38
C GLU D 109 71.29 2.07 -17.26
N ASN D 110 70.00 2.06 -16.91
CA ASN D 110 69.04 2.92 -17.60
C ASN D 110 69.38 4.38 -17.45
N VAL D 111 69.85 4.73 -16.25
CA VAL D 111 70.30 6.08 -15.95
C VAL D 111 71.57 6.39 -16.72
N GLU D 112 72.52 5.47 -16.71
CA GLU D 112 73.73 5.67 -17.49
C GLU D 112 73.37 6.03 -18.92
N TYR D 113 72.57 5.17 -19.55
CA TYR D 113 72.17 5.40 -20.96
C TYR D 113 71.50 6.76 -21.21
N ALA D 114 70.64 7.17 -20.28
CA ALA D 114 70.00 8.51 -20.32
C ALA D 114 70.99 9.68 -20.21
N CYS D 115 72.13 9.42 -19.58
CA CYS D 115 73.19 10.46 -19.47
C CYS D 115 73.68 10.88 -20.85
N GLY D 116 73.53 10.00 -21.84
CA GLY D 116 73.89 10.30 -23.22
C GLY D 116 72.82 10.94 -24.09
N ALA D 117 71.87 11.64 -23.47
CA ALA D 117 70.70 12.21 -24.19
C ALA D 117 71.01 13.05 -25.42
N PRO D 118 72.04 13.92 -25.35
CA PRO D 118 72.34 14.78 -26.52
C PRO D 118 72.67 14.03 -27.79
N GLU D 119 73.38 12.91 -27.66
CA GLU D 119 73.53 11.96 -28.76
C GLU D 119 72.17 11.44 -29.15
N LEU D 120 71.43 10.93 -28.18
CA LEU D 120 70.12 10.28 -28.46
C LEU D 120 69.02 11.14 -29.07
N LEU D 121 69.04 12.42 -28.75
CA LEU D 121 68.08 13.39 -29.29
C LEU D 121 68.53 14.04 -30.60
N LYS D 122 69.49 13.43 -31.29
CA LYS D 122 69.91 13.98 -32.58
C LYS D 122 68.76 13.82 -33.56
N GLY D 123 68.49 14.87 -34.30
CA GLY D 123 67.59 14.84 -35.46
C GLY D 123 68.39 14.56 -36.71
N GLU D 124 67.70 14.43 -37.83
CA GLU D 124 68.34 14.14 -39.10
C GLU D 124 68.22 15.36 -39.99
N HIS D 125 69.36 15.84 -40.48
CA HIS D 125 69.44 17.08 -41.26
C HIS D 125 69.72 16.76 -42.71
N SER D 126 68.90 17.35 -43.58
CA SER D 126 68.92 17.07 -45.03
C SER D 126 69.19 18.34 -45.83
N ARG D 127 70.28 18.33 -46.60
CA ARG D 127 70.66 19.48 -47.43
C ARG D 127 70.00 19.35 -48.79
N ASN D 128 69.37 20.44 -49.23
CA ASN D 128 68.79 20.55 -50.57
C ASN D 128 67.81 19.44 -50.89
N VAL D 129 66.73 19.37 -50.13
CA VAL D 129 65.65 18.48 -50.49
C VAL D 129 64.99 18.96 -51.78
N GLY D 130 65.00 20.27 -51.96
CA GLY D 130 64.69 20.94 -53.22
C GLY D 130 65.83 21.91 -53.45
N PRO D 131 65.85 22.61 -54.59
CA PRO D 131 67.02 23.49 -54.76
C PRO D 131 66.98 24.67 -53.75
N GLY D 132 68.04 24.77 -52.95
CA GLY D 132 68.17 25.83 -51.93
C GLY D 132 67.29 25.66 -50.69
N ILE D 133 66.76 24.45 -50.52
CA ILE D 133 65.75 24.18 -49.51
C ILE D 133 66.28 23.06 -48.66
N ASP D 134 66.52 23.35 -47.39
CA ASP D 134 66.90 22.34 -46.43
C ASP D 134 65.71 21.90 -45.60
N SER D 135 65.90 20.78 -44.91
CA SER D 135 64.86 20.19 -44.06
C SER D 135 65.51 19.37 -42.98
N TRP D 136 64.92 19.32 -41.80
CA TRP D 136 65.43 18.50 -40.70
C TRP D 136 64.35 18.16 -39.71
N SER D 137 64.63 17.12 -38.92
CA SER D 137 63.71 16.61 -37.94
C SER D 137 64.13 16.99 -36.54
N GLU D 138 63.16 17.21 -35.68
CA GLU D 138 63.41 17.41 -34.26
C GLU D 138 62.48 16.52 -33.43
N PHE D 139 63.05 15.87 -32.42
CA PHE D 139 62.26 15.09 -31.48
C PHE D 139 62.07 15.91 -30.18
N GLN D 140 61.05 16.77 -30.20
CA GLN D 140 60.73 17.64 -29.07
C GLN D 140 59.98 16.89 -27.97
N PRO D 141 59.97 17.42 -26.72
CA PRO D 141 59.27 16.81 -25.59
C PRO D 141 57.76 16.69 -25.74
N MET D 142 57.15 15.68 -25.13
CA MET D 142 55.70 15.52 -25.11
C MET D 142 54.98 16.53 -24.20
N GLY D 143 55.50 16.73 -22.99
CA GLY D 143 54.82 17.50 -21.96
C GLY D 143 54.84 16.71 -20.66
N VAL D 144 53.68 16.46 -20.08
CA VAL D 144 53.59 15.66 -18.86
C VAL D 144 53.35 14.23 -19.26
N VAL D 145 54.22 13.37 -18.78
CA VAL D 145 54.16 11.95 -19.10
C VAL D 145 53.76 11.14 -17.86
N ALA D 146 52.96 10.11 -18.06
CA ALA D 146 52.56 9.25 -16.95
C ALA D 146 53.24 7.88 -17.05
N GLY D 147 53.62 7.35 -15.87
CA GLY D 147 54.26 6.07 -15.72
C GLY D 147 53.59 5.24 -14.63
N ILE D 148 53.32 3.97 -14.94
CA ILE D 148 52.57 3.07 -14.06
C ILE D 148 53.32 1.74 -14.01
N THR D 149 53.77 1.34 -12.83
CA THR D 149 54.72 0.26 -12.74
C THR D 149 54.17 -0.83 -11.86
N PRO D 150 54.77 -2.05 -11.91
CA PRO D 150 54.35 -3.18 -11.11
C PRO D 150 55.17 -3.37 -9.84
N PHE D 151 54.75 -4.33 -9.03
CA PHE D 151 55.36 -4.64 -7.72
C PHE D 151 56.68 -5.39 -7.80
N ASN D 152 56.83 -6.27 -8.78
CA ASN D 152 57.99 -7.14 -8.83
C ASN D 152 59.33 -6.44 -8.96
N PHE D 153 59.31 -5.28 -9.62
CA PHE D 153 60.49 -4.41 -9.73
C PHE D 153 60.14 -2.97 -9.37
N PRO D 154 60.08 -2.65 -8.07
CA PRO D 154 59.74 -1.27 -7.63
C PRO D 154 60.77 -0.20 -7.93
N VAL D 155 61.97 -0.63 -8.29
CA VAL D 155 63.05 0.30 -8.60
C VAL D 155 63.40 0.29 -10.07
N MET D 156 63.70 -0.88 -10.62
CA MET D 156 64.14 -0.96 -12.00
C MET D 156 63.11 -0.48 -13.01
N VAL D 157 61.89 -1.00 -12.93
CA VAL D 157 60.89 -0.67 -13.92
C VAL D 157 60.64 0.83 -13.92
N PRO D 158 60.48 1.47 -12.76
CA PRO D 158 60.39 2.93 -12.80
C PRO D 158 61.56 3.59 -13.50
N LEU D 159 62.75 3.08 -13.24
CA LEU D 159 63.95 3.57 -13.91
C LEU D 159 64.01 3.27 -15.40
N TRP D 160 63.21 2.33 -15.90
CA TRP D 160 63.01 2.24 -17.34
C TRP D 160 62.40 3.54 -17.93
N MET D 161 61.51 4.17 -17.18
CA MET D 161 60.67 5.25 -17.69
C MET D 161 61.22 6.65 -17.37
N PHE D 162 61.19 7.07 -16.11
CA PHE D 162 61.37 8.51 -15.84
C PHE D 162 62.75 9.14 -16.15
N PRO D 163 63.86 8.39 -15.96
CA PRO D 163 65.16 8.91 -16.39
C PRO D 163 65.12 9.32 -17.88
N MET D 164 64.77 8.40 -18.76
CA MET D 164 64.80 8.74 -20.17
C MET D 164 63.78 9.84 -20.45
N ALA D 165 62.58 9.66 -19.92
CA ALA D 165 61.48 10.59 -20.16
C ALA D 165 61.82 12.00 -19.75
N ILE D 166 62.46 12.12 -18.58
CA ILE D 166 62.86 13.43 -18.02
C ILE D 166 63.99 14.03 -18.83
N VAL D 167 64.98 13.22 -19.12
CA VAL D 167 66.12 13.73 -19.85
C VAL D 167 65.75 14.05 -21.30
N CYS D 168 64.65 13.48 -21.83
CA CYS D 168 64.05 13.91 -23.11
C CYS D 168 63.22 15.20 -23.01
N GLY D 169 63.27 15.86 -21.85
CA GLY D 169 62.67 17.18 -21.67
C GLY D 169 61.24 17.16 -21.20
N ASN D 170 60.71 16.00 -20.82
CA ASN D 170 59.36 15.90 -20.23
C ASN D 170 59.33 16.05 -18.71
N CYS D 171 58.14 16.21 -18.18
CA CYS D 171 57.88 16.08 -16.77
C CYS D 171 57.11 14.78 -16.54
N PHE D 172 57.20 14.25 -15.32
CA PHE D 172 56.75 12.87 -15.02
C PHE D 172 55.83 12.73 -13.79
N VAL D 173 54.82 11.87 -13.91
CA VAL D 173 54.01 11.53 -12.76
C VAL D 173 54.05 10.02 -12.68
N LEU D 174 54.67 9.50 -11.63
CA LEU D 174 54.85 8.09 -11.46
C LEU D 174 53.77 7.56 -10.54
N LYS D 175 53.22 6.40 -10.92
CA LYS D 175 52.20 5.74 -10.14
C LYS D 175 52.65 4.29 -9.93
N PRO D 176 53.42 4.05 -8.86
CA PRO D 176 54.00 2.73 -8.63
C PRO D 176 53.11 1.79 -7.88
N SER D 177 53.52 0.53 -7.86
CA SER D 177 52.74 -0.47 -7.16
C SER D 177 52.50 -0.08 -5.72
N GLU D 178 51.26 -0.19 -5.30
CA GLU D 178 50.89 0.05 -3.90
C GLU D 178 51.46 -0.99 -2.92
N ARG D 179 51.92 -2.13 -3.42
CA ARG D 179 52.42 -3.23 -2.60
C ARG D 179 53.84 -3.06 -2.03
N ASP D 180 54.66 -2.23 -2.69
CA ASP D 180 56.03 -1.95 -2.26
C ASP D 180 56.51 -0.57 -2.75
N PRO D 181 55.92 0.50 -2.18
CA PRO D 181 56.21 1.86 -2.64
C PRO D 181 57.41 2.53 -2.01
N SER D 182 57.89 2.02 -0.87
CA SER D 182 58.93 2.72 -0.09
C SER D 182 60.22 2.98 -0.89
N SER D 183 60.69 1.96 -1.61
CA SER D 183 61.87 2.04 -2.48
C SER D 183 61.73 2.98 -3.67
N THR D 184 60.55 2.96 -4.28
CA THR D 184 60.26 3.79 -5.44
C THR D 184 60.34 5.26 -5.07
N LEU D 185 59.82 5.55 -3.89
CA LEU D 185 59.69 6.91 -3.38
C LEU D 185 61.03 7.42 -2.97
N TYR D 186 61.85 6.49 -2.50
CA TYR D 186 63.15 6.83 -2.03
C TYR D 186 64.02 7.30 -3.18
N ILE D 187 63.98 6.60 -4.31
CA ILE D 187 64.78 7.02 -5.47
C ILE D 187 64.32 8.35 -6.05
N ALA D 188 63.02 8.56 -6.16
CA ALA D 188 62.52 9.85 -6.64
C ALA D 188 62.99 11.06 -5.78
N GLN D 189 63.19 10.81 -4.48
CA GLN D 189 63.61 11.84 -3.53
C GLN D 189 65.05 12.19 -3.71
N LEU D 190 65.84 11.21 -4.10
CA LEU D 190 67.23 11.44 -4.43
C LEU D 190 67.38 12.33 -5.63
N LEU D 191 66.37 12.32 -6.48
CA LEU D 191 66.42 13.09 -7.70
C LEU D 191 66.49 14.57 -7.42
N GLN D 192 65.84 15.05 -6.36
CA GLN D 192 65.93 16.49 -6.01
C GLN D 192 67.37 16.86 -5.62
N GLU D 193 67.97 16.00 -4.82
CA GLU D 193 69.38 16.16 -4.46
C GLU D 193 70.30 16.15 -5.66
N ALA D 194 69.97 15.38 -6.69
CA ALA D 194 70.76 15.34 -7.93
C ALA D 194 70.67 16.61 -8.74
N GLY D 195 69.80 17.56 -8.35
CA GLY D 195 69.67 18.85 -9.02
C GLY D 195 68.49 19.00 -9.97
N LEU D 196 67.48 18.15 -9.81
CA LEU D 196 66.28 18.25 -10.63
C LEU D 196 65.36 19.34 -10.08
N PRO D 197 64.86 20.24 -10.96
CA PRO D 197 63.91 21.21 -10.46
C PRO D 197 62.68 20.56 -9.87
N ASP D 198 62.04 21.28 -8.96
CA ASP D 198 60.81 20.80 -8.36
C ASP D 198 59.72 20.68 -9.42
N GLY D 199 59.02 19.55 -9.38
CA GLY D 199 57.84 19.32 -10.22
C GLY D 199 58.12 18.47 -11.44
N VAL D 200 59.36 18.48 -11.90
CA VAL D 200 59.73 17.71 -13.07
C VAL D 200 59.47 16.21 -12.87
N MET D 201 59.74 15.73 -11.64
CA MET D 201 59.38 14.37 -11.23
C MET D 201 58.41 14.42 -10.05
N ASN D 202 57.41 13.57 -10.12
CA ASN D 202 56.38 13.44 -9.09
C ASN D 202 55.98 11.99 -8.98
N VAL D 203 55.59 11.61 -7.78
CA VAL D 203 55.26 10.25 -7.50
C VAL D 203 53.99 10.28 -6.77
N VAL D 204 52.97 9.66 -7.34
CA VAL D 204 51.65 9.72 -6.75
C VAL D 204 51.21 8.28 -6.50
N ASN D 205 51.05 7.95 -5.25
CA ASN D 205 50.68 6.61 -4.84
C ASN D 205 49.18 6.41 -4.80
N GLY D 206 48.75 5.19 -5.05
CA GLY D 206 47.33 4.92 -5.19
C GLY D 206 47.01 3.63 -5.92
N ASP D 207 45.73 3.49 -6.25
CA ASP D 207 45.20 2.29 -6.86
C ASP D 207 44.57 2.67 -8.22
N LYS D 208 43.58 1.92 -8.66
CA LYS D 208 42.88 2.18 -9.92
C LYS D 208 42.34 3.62 -10.06
N GLU D 209 41.85 4.21 -8.99
CA GLU D 209 41.39 5.60 -9.02
C GLU D 209 42.46 6.63 -9.49
N ALA D 210 43.72 6.44 -9.08
CA ALA D 210 44.82 7.37 -9.40
C ALA D 210 45.28 7.17 -10.85
N VAL D 211 45.31 5.90 -11.27
CA VAL D 211 45.56 5.49 -12.66
C VAL D 211 44.54 6.14 -13.62
N ASP D 212 43.26 5.95 -13.31
CA ASP D 212 42.17 6.57 -14.08
C ASP D 212 42.27 8.09 -14.13
N ALA D 213 42.68 8.72 -13.05
CA ALA D 213 42.88 10.18 -13.05
C ALA D 213 43.90 10.56 -14.12
N LEU D 214 44.98 9.80 -14.19
CA LEU D 214 46.04 10.02 -15.16
C LEU D 214 45.57 9.79 -16.59
N LEU D 215 44.77 8.74 -16.83
CA LEU D 215 44.26 8.43 -18.18
C LEU D 215 43.22 9.44 -18.68
N HIS D 216 42.51 10.05 -17.75
CA HIS D 216 41.45 10.98 -18.13
C HIS D 216 41.85 12.45 -18.08
N ASP D 217 43.07 12.75 -17.61
CA ASP D 217 43.60 14.11 -17.67
C ASP D 217 44.20 14.42 -19.05
N ASP D 218 43.72 15.50 -19.67
CA ASP D 218 44.17 15.95 -20.99
C ASP D 218 45.60 16.47 -21.01
N ARG D 219 46.12 16.86 -19.85
CA ARG D 219 47.52 17.35 -19.79
C ARG D 219 48.54 16.25 -19.88
N VAL D 220 48.17 15.03 -19.52
CA VAL D 220 49.02 13.87 -19.70
C VAL D 220 48.96 13.51 -21.16
N LYS D 221 50.12 13.54 -21.82
CA LYS D 221 50.23 13.25 -23.24
C LYS D 221 50.77 11.87 -23.62
N ALA D 222 51.28 11.10 -22.66
CA ALA D 222 51.83 9.77 -22.93
C ALA D 222 51.79 8.92 -21.68
N VAL D 223 51.53 7.63 -21.85
CA VAL D 223 51.34 6.73 -20.71
C VAL D 223 52.13 5.45 -20.94
N SER D 224 53.15 5.26 -20.12
CA SER D 224 53.90 4.02 -20.13
C SER D 224 53.31 3.17 -19.04
N PHE D 225 52.88 1.97 -19.40
CA PHE D 225 52.45 0.97 -18.44
C PHE D 225 53.30 -0.28 -18.51
N VAL D 226 53.62 -0.83 -17.36
CA VAL D 226 54.22 -2.16 -17.24
C VAL D 226 53.48 -2.93 -16.16
N GLY D 227 52.91 -4.07 -16.53
CA GLY D 227 52.14 -4.88 -15.63
C GLY D 227 51.59 -6.12 -16.30
N SER D 228 50.44 -6.58 -15.83
CA SER D 228 49.85 -7.81 -16.34
C SER D 228 49.11 -7.51 -17.65
N THR D 229 48.85 -8.53 -18.46
CA THR D 229 48.13 -8.36 -19.72
C THR D 229 46.72 -7.81 -19.54
N PRO D 230 45.94 -8.39 -18.64
CA PRO D 230 44.57 -7.87 -18.51
C PRO D 230 44.50 -6.37 -18.27
N ILE D 231 45.38 -5.86 -17.41
CA ILE D 231 45.40 -4.42 -17.08
C ILE D 231 46.06 -3.64 -18.21
N ALA D 232 47.21 -4.12 -18.70
CA ALA D 232 47.85 -3.57 -19.90
C ALA D 232 46.83 -3.35 -21.02
N GLU D 233 45.99 -4.36 -21.24
CA GLU D 233 44.96 -4.28 -22.27
C GLU D 233 43.98 -3.16 -22.00
N TYR D 234 43.59 -3.03 -20.73
CA TYR D 234 42.71 -1.94 -20.28
C TYR D 234 43.38 -0.59 -20.47
N ILE D 235 44.60 -0.46 -19.95
CA ILE D 235 45.33 0.83 -20.02
C ILE D 235 45.53 1.29 -21.47
N TYR D 236 45.85 0.35 -22.35
CA TYR D 236 46.06 0.67 -23.73
C TYR D 236 44.77 1.18 -24.37
N ARG D 237 43.71 0.39 -24.24
CA ARG D 237 42.41 0.71 -24.80
C ARG D 237 42.00 2.08 -24.30
N THR D 238 42.10 2.27 -22.99
CA THR D 238 41.57 3.46 -22.33
C THR D 238 42.34 4.72 -22.73
N ALA D 239 43.67 4.61 -22.83
CA ALA D 239 44.53 5.73 -23.23
C ALA D 239 44.27 6.12 -24.66
N SER D 240 44.19 5.11 -25.51
CA SER D 240 43.85 5.30 -26.91
C SER D 240 42.48 5.95 -27.14
N ALA D 241 41.51 5.58 -26.33
CA ALA D 241 40.20 6.24 -26.37
C ALA D 241 40.25 7.69 -25.94
N ASN D 242 41.23 8.05 -25.13
CA ASN D 242 41.42 9.46 -24.75
C ASN D 242 42.47 10.21 -25.58
N GLY D 243 42.80 9.71 -26.79
CA GLY D 243 43.73 10.37 -27.77
C GLY D 243 45.27 10.27 -27.54
N LYS D 244 45.69 10.24 -26.26
CA LYS D 244 47.09 10.07 -25.89
C LYS D 244 47.74 8.74 -26.26
N ARG D 245 49.05 8.82 -26.48
CA ARG D 245 49.85 7.71 -27.02
C ARG D 245 50.24 6.82 -25.87
N CYS D 246 50.46 5.54 -26.16
CA CYS D 246 50.62 4.56 -25.08
C CYS D 246 51.49 3.38 -25.45
N GLN D 247 52.22 2.88 -24.45
CA GLN D 247 52.90 1.60 -24.51
C GLN D 247 52.49 0.89 -23.24
N ALA D 248 52.16 -0.38 -23.35
CA ALA D 248 51.73 -1.14 -22.22
C ALA D 248 52.30 -2.54 -22.31
N LEU D 249 53.13 -2.89 -21.34
CA LEU D 249 53.75 -4.19 -21.32
C LEU D 249 52.93 -5.12 -20.41
N GLY D 250 52.92 -6.42 -20.74
CA GLY D 250 52.00 -7.40 -20.18
C GLY D 250 52.72 -8.63 -19.65
N GLY D 251 51.98 -9.71 -19.47
CA GLY D 251 52.51 -10.90 -18.79
C GLY D 251 53.37 -11.79 -19.67
N ALA D 252 53.76 -12.94 -19.13
CA ALA D 252 54.69 -13.83 -19.81
C ALA D 252 54.52 -15.29 -19.42
N LYS D 253 54.92 -16.19 -20.34
CA LYS D 253 55.22 -17.61 -20.02
C LYS D 253 56.44 -18.00 -20.81
N ASN D 254 57.60 -17.81 -20.19
CA ASN D 254 58.84 -17.95 -20.92
C ASN D 254 59.31 -19.36 -20.93
N HIS D 255 59.56 -19.88 -22.14
CA HIS D 255 59.99 -21.25 -22.34
C HIS D 255 61.49 -21.29 -22.64
N ALA D 256 62.13 -22.41 -22.31
CA ALA D 256 63.46 -22.72 -22.81
C ALA D 256 63.41 -24.08 -23.47
N ILE D 257 63.97 -24.17 -24.66
CA ILE D 257 64.18 -25.45 -25.31
C ILE D 257 65.54 -25.96 -24.79
N VAL D 258 65.57 -27.20 -24.30
CA VAL D 258 66.81 -27.88 -23.96
C VAL D 258 67.08 -28.97 -24.99
N MET D 259 68.04 -28.71 -25.85
CA MET D 259 68.34 -29.59 -26.96
C MET D 259 69.22 -30.68 -26.45
N PRO D 260 69.26 -31.80 -27.19
CA PRO D 260 70.18 -32.91 -26.84
C PRO D 260 71.65 -32.50 -26.65
N ASP D 261 72.14 -31.60 -27.51
CA ASP D 261 73.57 -31.28 -27.56
C ASP D 261 74.01 -30.32 -26.45
N ALA D 262 73.05 -29.72 -25.77
CA ALA D 262 73.34 -28.76 -24.73
C ALA D 262 74.01 -29.40 -23.55
N ASP D 263 74.90 -28.65 -22.91
CA ASP D 263 75.54 -29.11 -21.65
C ASP D 263 74.52 -29.02 -20.51
N MET D 264 74.01 -30.17 -20.12
CA MET D 264 72.85 -30.21 -19.22
C MET D 264 73.14 -29.60 -17.84
N ASP D 265 74.40 -29.67 -17.39
CA ASP D 265 74.80 -29.01 -16.15
C ASP D 265 74.67 -27.49 -16.21
N ASN D 266 75.31 -26.87 -17.21
CA ASN D 266 75.15 -25.43 -17.52
C ASN D 266 73.64 -25.07 -17.59
N ALA D 267 72.87 -25.87 -18.32
CA ALA D 267 71.44 -25.63 -18.49
C ALA D 267 70.70 -25.56 -17.16
N VAL D 268 70.93 -26.57 -16.34
CA VAL D 268 70.27 -26.72 -15.06
C VAL D 268 70.71 -25.67 -14.06
N ASN D 269 72.02 -25.40 -13.97
CA ASN D 269 72.52 -24.33 -13.10
C ASN D 269 71.86 -22.98 -13.50
N GLN D 270 71.74 -22.74 -14.80
CA GLN D 270 71.21 -21.47 -15.31
C GLN D 270 69.70 -21.38 -15.20
N LEU D 271 69.03 -22.53 -15.22
CA LEU D 271 67.58 -22.58 -14.98
C LEU D 271 67.17 -22.36 -13.54
N LEU D 272 68.03 -22.69 -12.57
CA LEU D 272 67.75 -22.39 -11.15
C LEU D 272 67.42 -20.94 -10.93
N GLY D 273 68.35 -20.06 -11.28
CA GLY D 273 68.16 -18.64 -11.09
C GLY D 273 67.07 -18.08 -11.96
N ALA D 274 66.84 -18.71 -13.11
CA ALA D 274 65.85 -18.20 -14.06
C ALA D 274 64.44 -18.56 -13.61
N ALA D 275 64.29 -19.78 -13.12
CA ALA D 275 63.00 -20.23 -12.62
C ALA D 275 62.69 -19.65 -11.27
N PHE D 276 63.65 -19.72 -10.35
CA PHE D 276 63.37 -19.46 -8.93
C PHE D 276 63.90 -18.14 -8.38
N GLY D 277 64.71 -17.43 -9.17
CA GLY D 277 65.21 -16.13 -8.76
C GLY D 277 64.08 -15.13 -8.59
N SER D 278 64.22 -14.27 -7.59
CA SER D 278 63.16 -13.35 -7.17
C SER D 278 61.84 -14.07 -6.89
N SER D 279 61.96 -15.31 -6.40
CA SER D 279 60.83 -16.20 -6.15
C SER D 279 59.96 -16.44 -7.41
N GLY D 280 60.58 -16.37 -8.58
CA GLY D 280 59.88 -16.48 -9.84
C GLY D 280 58.94 -15.36 -10.20
N GLU D 281 58.92 -14.28 -9.40
CA GLU D 281 58.04 -13.13 -9.63
C GLU D 281 58.75 -12.19 -10.60
N ARG D 282 58.79 -12.60 -11.86
CA ARG D 282 59.61 -11.95 -12.85
C ARG D 282 58.99 -12.14 -14.22
N CYS D 283 58.89 -11.05 -14.98
CA CYS D 283 58.33 -11.05 -16.33
C CYS D 283 59.19 -11.80 -17.32
N MET D 284 60.45 -12.02 -16.95
CA MET D 284 61.38 -12.85 -17.72
C MET D 284 61.78 -14.15 -17.01
N ALA D 285 61.12 -14.45 -15.90
CA ALA D 285 61.25 -15.75 -15.24
C ALA D 285 61.07 -16.83 -16.30
N LEU D 286 61.93 -17.81 -16.23
CA LEU D 286 61.89 -18.89 -17.18
C LEU D 286 61.06 -20.02 -16.55
N SER D 287 59.77 -20.07 -16.85
CA SER D 287 58.84 -20.90 -16.08
C SER D 287 58.49 -22.26 -16.68
N VAL D 288 58.80 -22.46 -17.96
CA VAL D 288 58.65 -23.75 -18.67
C VAL D 288 59.99 -24.16 -19.32
N ALA D 289 60.35 -25.42 -19.15
CA ALA D 289 61.53 -25.97 -19.77
C ALA D 289 60.98 -27.04 -20.71
N VAL D 290 61.07 -26.79 -22.01
CA VAL D 290 60.68 -27.77 -23.01
C VAL D 290 61.91 -28.62 -23.33
N ALA D 291 61.87 -29.90 -22.99
CA ALA D 291 62.99 -30.81 -23.26
C ALA D 291 62.69 -31.65 -24.48
N VAL D 292 63.60 -31.64 -25.44
CA VAL D 292 63.36 -32.32 -26.71
C VAL D 292 64.06 -33.67 -26.65
N GLY D 293 63.28 -34.73 -26.84
CA GLY D 293 63.68 -36.10 -26.54
C GLY D 293 63.57 -36.34 -25.04
N ASP D 294 63.73 -37.60 -24.62
CA ASP D 294 63.85 -37.92 -23.19
C ASP D 294 64.46 -39.30 -22.92
N ALA D 295 65.77 -39.49 -23.00
CA ALA D 295 66.83 -38.50 -23.32
C ALA D 295 66.85 -37.33 -22.32
N ALA D 296 66.87 -36.10 -22.85
CA ALA D 296 67.09 -34.88 -22.07
C ALA D 296 66.04 -34.68 -20.99
N GLY D 297 64.79 -34.97 -21.30
CA GLY D 297 63.70 -34.89 -20.33
C GLY D 297 64.03 -35.51 -18.97
N ASP D 298 64.51 -36.74 -18.99
CA ASP D 298 64.84 -37.49 -17.77
C ASP D 298 66.04 -36.89 -17.07
N ALA D 299 67.11 -36.70 -17.82
CA ALA D 299 68.32 -36.09 -17.30
C ALA D 299 67.98 -34.73 -16.66
N LEU D 300 67.16 -33.90 -17.33
CA LEU D 300 66.82 -32.55 -16.83
C LEU D 300 66.16 -32.64 -15.48
N VAL D 301 65.11 -33.43 -15.42
CA VAL D 301 64.36 -33.59 -14.19
C VAL D 301 65.24 -34.21 -13.09
N SER D 302 66.05 -35.19 -13.47
CA SER D 302 66.99 -35.81 -12.55
C SER D 302 67.92 -34.75 -11.92
N LYS D 303 68.84 -34.16 -12.70
CA LYS D 303 69.79 -33.16 -12.18
C LYS D 303 69.10 -31.96 -11.50
N MET D 304 67.95 -31.53 -12.02
CA MET D 304 67.25 -30.35 -11.48
C MET D 304 66.88 -30.62 -10.03
N THR D 305 66.20 -31.73 -9.82
CA THR D 305 65.84 -32.18 -8.47
C THR D 305 67.00 -32.08 -7.49
N GLN D 306 68.15 -32.62 -7.87
CA GLN D 306 69.37 -32.57 -7.05
C GLN D 306 69.78 -31.15 -6.73
N ALA D 307 69.91 -30.32 -7.76
CA ALA D 307 70.34 -28.94 -7.60
C ALA D 307 69.34 -28.14 -6.80
N MET D 308 68.09 -28.58 -6.83
CA MET D 308 67.00 -27.90 -6.16
C MET D 308 67.08 -28.09 -4.66
N GLN D 309 67.62 -29.21 -4.21
CA GLN D 309 67.79 -29.51 -2.76
C GLN D 309 68.69 -28.53 -1.99
N LYS D 310 69.61 -27.87 -2.67
CA LYS D 310 70.49 -26.91 -2.02
C LYS D 310 69.80 -25.55 -1.86
N LEU D 311 68.55 -25.39 -2.35
CA LEU D 311 67.86 -24.09 -2.38
C LEU D 311 67.48 -23.59 -1.02
N LYS D 312 67.70 -22.31 -0.78
CA LYS D 312 67.42 -21.70 0.53
C LYS D 312 66.36 -20.63 0.38
N VAL D 313 65.20 -20.90 0.96
CA VAL D 313 64.09 -19.96 1.00
C VAL D 313 64.06 -19.34 2.39
N GLY D 314 63.79 -18.03 2.47
CA GLY D 314 63.79 -17.35 3.74
C GLY D 314 63.89 -15.85 3.62
N PRO D 315 63.78 -15.13 4.74
CA PRO D 315 63.70 -13.66 4.75
C PRO D 315 64.96 -12.97 4.28
N SER D 316 64.80 -11.73 3.79
CA SER D 316 65.92 -10.90 3.29
C SER D 316 66.86 -10.42 4.37
N THR D 317 66.52 -10.67 5.63
CA THR D 317 67.39 -10.42 6.77
C THR D 317 68.55 -11.42 6.81
N ASP D 318 68.31 -12.61 6.30
CA ASP D 318 69.39 -13.57 6.09
C ASP D 318 69.84 -13.46 4.61
N SER D 319 70.98 -12.82 4.35
CA SER D 319 71.61 -12.93 3.02
C SER D 319 71.99 -14.40 2.87
N GLY D 320 72.25 -14.87 1.67
CA GLY D 320 72.59 -16.29 1.56
C GLY D 320 71.39 -17.13 1.25
N ASN D 321 70.19 -16.64 1.54
CA ASN D 321 69.00 -17.19 0.91
C ASN D 321 69.02 -16.93 -0.58
N ASP D 322 68.60 -17.92 -1.36
CA ASP D 322 68.45 -17.76 -2.79
C ASP D 322 67.29 -16.81 -3.11
N PHE D 323 66.14 -16.99 -2.45
CA PHE D 323 65.02 -16.12 -2.74
C PHE D 323 64.16 -15.92 -1.53
N GLY D 324 63.19 -15.01 -1.68
CA GLY D 324 62.37 -14.55 -0.56
C GLY D 324 60.94 -14.98 -0.72
N PRO D 325 60.04 -14.36 0.05
CA PRO D 325 58.63 -14.68 -0.06
C PRO D 325 57.96 -14.06 -1.29
N VAL D 326 56.83 -14.64 -1.62
CA VAL D 326 55.85 -14.10 -2.54
C VAL D 326 55.22 -12.82 -1.93
N ILE D 327 54.66 -11.96 -2.78
CA ILE D 327 54.27 -10.57 -2.40
C ILE D 327 53.14 -10.41 -1.35
N THR D 328 52.11 -11.24 -1.47
CA THR D 328 50.94 -11.17 -0.62
C THR D 328 50.45 -12.56 -0.32
N ARG D 329 49.55 -12.64 0.65
CA ARG D 329 48.85 -13.86 0.97
C ARG D 329 47.94 -14.27 -0.19
N GLN D 330 47.20 -13.33 -0.76
CA GLN D 330 46.37 -13.60 -1.93
C GLN D 330 47.18 -14.28 -3.02
N HIS D 331 48.41 -13.80 -3.24
CA HIS D 331 49.29 -14.33 -4.29
C HIS D 331 49.81 -15.70 -3.92
N GLN D 332 50.35 -15.83 -2.71
CA GLN D 332 50.73 -17.14 -2.16
C GLN D 332 49.68 -18.22 -2.41
N GLU D 333 48.45 -18.00 -1.93
CA GLU D 333 47.32 -18.87 -2.21
C GLU D 333 47.16 -19.17 -3.72
N LYS D 334 47.21 -18.14 -4.56
CA LYS D 334 47.08 -18.31 -6.00
C LYS D 334 48.16 -19.29 -6.53
N VAL D 335 49.41 -19.06 -6.14
CA VAL D 335 50.52 -19.89 -6.56
C VAL D 335 50.33 -21.34 -6.12
N ILE D 336 49.97 -21.52 -4.85
CA ILE D 336 49.63 -22.85 -4.37
C ILE D 336 48.50 -23.49 -5.21
N GLY D 337 47.50 -22.67 -5.57
CA GLY D 337 46.39 -23.11 -6.40
C GLY D 337 46.81 -23.68 -7.75
N TYR D 338 47.75 -23.01 -8.39
CA TYR D 338 48.25 -23.47 -9.67
C TYR D 338 48.96 -24.83 -9.53
N ILE D 339 49.71 -24.99 -8.46
CA ILE D 339 50.36 -26.26 -8.17
C ILE D 339 49.33 -27.37 -7.93
N ASN D 340 48.31 -27.08 -7.14
CA ASN D 340 47.21 -28.03 -6.96
C ASN D 340 46.50 -28.32 -8.26
N SER D 341 46.33 -27.30 -9.11
CA SER D 341 45.71 -27.48 -10.42
C SER D 341 46.53 -28.44 -11.29
N ALA D 342 47.85 -28.29 -11.24
CA ALA D 342 48.74 -29.09 -12.03
C ALA D 342 48.63 -30.52 -11.58
N GLU D 343 48.72 -30.73 -10.27
CA GLU D 343 48.64 -32.08 -9.69
C GLU D 343 47.37 -32.79 -10.17
N GLN D 344 46.24 -32.14 -9.93
CA GLN D 344 44.94 -32.69 -10.25
C GLN D 344 44.71 -32.98 -11.73
N GLN D 345 45.34 -32.18 -12.61
CA GLN D 345 45.20 -32.36 -14.05
C GLN D 345 46.22 -33.34 -14.61
N GLY D 346 47.01 -33.97 -13.76
CA GLY D 346 47.81 -35.12 -14.15
C GLY D 346 49.30 -34.97 -14.03
N ALA D 347 49.75 -33.75 -13.72
CA ALA D 347 51.17 -33.49 -13.69
C ALA D 347 51.80 -34.14 -12.47
N THR D 348 53.04 -34.55 -12.64
CA THR D 348 53.85 -35.07 -11.59
C THR D 348 54.44 -33.87 -10.84
N ILE D 349 54.24 -33.82 -9.53
CA ILE D 349 54.89 -32.83 -8.68
C ILE D 349 56.21 -33.38 -8.14
N VAL D 350 57.29 -33.18 -8.88
CA VAL D 350 58.55 -33.84 -8.56
C VAL D 350 59.11 -33.31 -7.24
N VAL D 351 59.18 -31.99 -7.10
CA VAL D 351 59.63 -31.35 -5.87
C VAL D 351 58.47 -30.44 -5.47
N ASP D 352 57.95 -30.65 -4.27
CA ASP D 352 56.74 -29.98 -3.80
C ASP D 352 57.16 -28.96 -2.78
N GLY D 353 56.82 -27.71 -3.02
CA GLY D 353 57.16 -26.60 -2.12
C GLY D 353 55.95 -25.80 -1.71
N ARG D 354 54.78 -26.43 -1.78
CA ARG D 354 53.51 -25.81 -1.39
C ARG D 354 53.56 -25.54 0.11
N GLN D 355 54.21 -26.45 0.83
CA GLN D 355 54.26 -26.47 2.29
C GLN D 355 55.71 -26.25 2.72
N PRO D 356 56.25 -25.05 2.43
CA PRO D 356 57.69 -24.87 2.58
C PRO D 356 58.09 -25.00 4.01
N LYS D 357 57.38 -24.28 4.90
CA LYS D 357 57.61 -24.37 6.32
C LYS D 357 59.10 -24.22 6.64
N VAL D 358 59.87 -23.73 5.69
CA VAL D 358 61.31 -23.70 5.87
C VAL D 358 61.53 -22.66 6.97
N PRO D 359 60.90 -21.47 6.86
CA PRO D 359 60.97 -20.63 8.03
C PRO D 359 60.17 -21.34 9.10
N ASN D 360 60.49 -21.25 10.40
CA ASN D 360 61.51 -20.44 11.07
C ASN D 360 61.01 -19.07 11.41
N HIS D 361 60.10 -19.05 12.37
CA HIS D 361 59.54 -17.81 12.90
C HIS D 361 58.92 -16.96 11.81
N GLU D 362 58.34 -17.63 10.82
CA GLU D 362 57.69 -16.96 9.72
C GLU D 362 56.54 -17.81 9.17
N ASN D 363 55.31 -17.46 9.60
CA ASN D 363 54.07 -17.68 8.83
C ASN D 363 53.75 -16.51 7.83
N GLY D 364 54.76 -15.98 7.15
CA GLY D 364 54.58 -15.08 6.02
C GLY D 364 54.41 -15.81 4.69
N PHE D 365 54.52 -15.09 3.58
CA PHE D 365 53.96 -15.54 2.30
C PHE D 365 55.05 -16.27 1.48
N PHE D 366 55.54 -17.37 2.05
CA PHE D 366 56.57 -18.20 1.43
C PHE D 366 56.01 -19.36 0.62
N VAL D 367 56.68 -19.64 -0.50
CA VAL D 367 56.47 -20.82 -1.34
C VAL D 367 57.83 -21.28 -1.76
N GLY D 368 58.14 -22.55 -1.52
CA GLY D 368 59.44 -23.12 -1.85
C GLY D 368 59.53 -23.42 -3.33
N GLY D 369 60.74 -23.69 -3.81
CA GLY D 369 60.89 -24.08 -5.20
C GLY D 369 60.11 -25.34 -5.47
N THR D 370 59.31 -25.35 -6.54
CA THR D 370 58.63 -26.59 -6.93
C THR D 370 58.91 -26.95 -8.38
N LEU D 371 58.91 -28.27 -8.66
CA LEU D 371 59.16 -28.83 -9.99
C LEU D 371 58.00 -29.70 -10.36
N ILE D 372 57.45 -29.43 -11.53
CA ILE D 372 56.33 -30.16 -12.08
C ILE D 372 56.77 -30.76 -13.40
N ASP D 373 56.57 -32.07 -13.56
CA ASP D 373 56.96 -32.78 -14.77
C ASP D 373 55.72 -33.16 -15.52
N HIS D 374 55.90 -33.61 -16.76
CA HIS D 374 54.84 -34.13 -17.64
C HIS D 374 53.67 -33.14 -17.73
N VAL D 375 53.96 -31.89 -18.03
CA VAL D 375 52.86 -30.92 -18.16
C VAL D 375 52.53 -30.85 -19.64
N THR D 376 51.29 -30.51 -19.93
CA THR D 376 50.78 -30.55 -21.28
C THR D 376 50.08 -29.23 -21.59
N PRO D 377 49.95 -28.92 -22.90
CA PRO D 377 49.33 -27.67 -23.31
C PRO D 377 47.91 -27.45 -22.80
N GLU D 378 47.19 -28.53 -22.51
CA GLU D 378 45.77 -28.42 -22.08
C GLU D 378 45.61 -28.05 -20.60
N MET D 379 46.69 -28.02 -19.82
CA MET D 379 46.61 -27.73 -18.40
C MET D 379 46.49 -26.23 -18.12
N THR D 380 45.64 -25.86 -17.18
CA THR D 380 45.40 -24.45 -16.85
C THR D 380 46.64 -23.73 -16.30
N SER D 381 47.45 -24.44 -15.51
CA SER D 381 48.70 -23.91 -14.92
C SER D 381 49.84 -23.71 -15.93
N TYR D 382 49.73 -24.36 -17.08
CA TYR D 382 50.62 -24.12 -18.22
C TYR D 382 50.12 -22.90 -19.01
N GLN D 383 48.82 -22.88 -19.31
CA GLN D 383 48.25 -21.78 -20.09
C GLN D 383 48.43 -20.43 -19.43
N GLU D 384 48.35 -20.39 -18.11
CA GLU D 384 48.39 -19.11 -17.38
C GLU D 384 49.75 -18.84 -16.76
N GLU D 385 49.99 -17.56 -16.47
CA GLU D 385 51.22 -17.13 -15.80
C GLU D 385 51.14 -17.33 -14.28
N ILE D 386 51.96 -18.22 -13.76
CA ILE D 386 51.93 -18.56 -12.32
C ILE D 386 52.53 -17.42 -11.53
N PHE D 387 53.71 -17.02 -11.94
CA PHE D 387 54.40 -15.90 -11.34
C PHE D 387 54.80 -16.21 -9.91
N GLY D 388 55.49 -17.34 -9.80
CA GLY D 388 56.03 -17.83 -8.55
C GLY D 388 57.21 -18.78 -8.76
N PRO D 389 57.69 -19.40 -7.66
CA PRO D 389 58.87 -20.24 -7.75
C PRO D 389 58.51 -21.63 -8.24
N VAL D 390 58.14 -21.69 -9.52
CA VAL D 390 57.71 -22.93 -10.18
C VAL D 390 58.35 -23.08 -11.54
N LEU D 391 58.78 -24.29 -11.82
CA LEU D 391 59.28 -24.68 -13.11
C LEU D 391 58.51 -25.89 -13.55
N GLN D 392 58.00 -25.81 -14.78
CA GLN D 392 57.22 -26.86 -15.36
C GLN D 392 58.05 -27.41 -16.47
N VAL D 393 57.99 -28.71 -16.68
CA VAL D 393 58.72 -29.39 -17.74
C VAL D 393 57.71 -29.99 -18.70
N VAL D 394 57.96 -29.76 -19.98
CA VAL D 394 57.17 -30.32 -21.05
C VAL D 394 58.15 -31.12 -21.85
N ARG D 395 57.68 -32.24 -22.38
CA ARG D 395 58.49 -33.16 -23.18
C ARG D 395 57.96 -33.23 -24.59
N VAL D 396 58.84 -33.12 -25.58
CA VAL D 396 58.45 -33.15 -27.01
C VAL D 396 59.48 -33.93 -27.83
N ALA D 397 59.04 -34.35 -29.00
CA ALA D 397 59.85 -35.24 -29.85
C ALA D 397 60.96 -34.46 -30.54
N THR D 398 60.59 -33.36 -31.19
CA THR D 398 61.51 -32.55 -31.98
C THR D 398 61.53 -31.08 -31.54
N MET D 399 62.55 -30.37 -32.00
CA MET D 399 62.71 -28.95 -31.70
C MET D 399 61.62 -28.10 -32.30
N GLN D 400 61.16 -28.47 -33.49
CA GLN D 400 60.04 -27.77 -34.11
C GLN D 400 58.77 -27.87 -33.24
N ASP D 401 58.58 -29.01 -32.56
CA ASP D 401 57.39 -29.20 -31.76
C ASP D 401 57.44 -28.25 -30.59
N ALA D 402 58.66 -28.07 -30.07
CA ALA D 402 58.91 -27.09 -29.00
C ALA D 402 58.63 -25.64 -29.43
N MET D 403 59.09 -25.29 -30.62
CA MET D 403 58.89 -23.96 -31.16
C MET D 403 57.41 -23.72 -31.47
N ASP D 404 56.73 -24.71 -32.05
CA ASP D 404 55.27 -24.61 -32.34
C ASP D 404 54.48 -24.39 -31.06
N LEU D 405 54.87 -25.14 -30.04
CA LEU D 405 54.31 -25.00 -28.68
C LEU D 405 54.49 -23.61 -28.11
N ILE D 406 55.68 -23.01 -28.26
CA ILE D 406 55.92 -21.60 -27.85
C ILE D 406 55.04 -20.65 -28.67
N ASP D 407 55.15 -20.71 -30.00
CA ASP D 407 54.43 -19.80 -30.89
C ASP D 407 52.94 -19.87 -30.60
N ALA D 408 52.46 -21.05 -30.21
CA ALA D 408 51.03 -21.21 -29.94
C ALA D 408 50.63 -20.55 -28.65
N HIS D 409 51.57 -20.28 -27.75
CA HIS D 409 51.20 -19.66 -26.45
C HIS D 409 50.70 -18.22 -26.55
N GLU D 410 49.80 -17.84 -25.66
CA GLU D 410 49.23 -16.48 -25.59
C GLU D 410 50.30 -15.38 -25.59
N TYR D 411 51.25 -15.54 -24.66
CA TYR D 411 52.37 -14.64 -24.46
C TYR D 411 53.55 -14.96 -25.36
N GLY D 412 54.41 -13.95 -25.50
CA GLY D 412 55.62 -14.05 -26.29
C GLY D 412 56.59 -12.98 -25.82
N ASN D 413 56.88 -13.01 -24.54
CA ASN D 413 57.82 -12.04 -23.99
C ASN D 413 59.27 -12.45 -24.26
N GLY D 414 59.64 -13.60 -23.69
CA GLY D 414 61.02 -14.02 -23.61
C GLY D 414 61.16 -15.50 -23.82
N THR D 415 62.29 -15.91 -24.40
CA THR D 415 62.56 -17.33 -24.63
C THR D 415 64.06 -17.61 -24.71
N CYS D 416 64.42 -18.87 -24.56
CA CYS D 416 65.81 -19.30 -24.57
C CYS D 416 65.96 -20.65 -25.26
N ILE D 417 67.09 -20.86 -25.90
CA ILE D 417 67.44 -22.17 -26.43
C ILE D 417 68.83 -22.51 -25.93
N PHE D 418 68.96 -23.73 -25.41
CA PHE D 418 70.23 -24.23 -24.92
C PHE D 418 70.76 -25.16 -25.98
N THR D 419 71.87 -24.80 -26.62
CA THR D 419 72.46 -25.66 -27.64
C THR D 419 73.85 -25.19 -27.94
N ARG D 420 74.57 -26.05 -28.65
CA ARG D 420 75.92 -25.74 -29.13
C ARG D 420 75.99 -25.46 -30.63
N ASP D 421 74.98 -25.90 -31.37
CA ASP D 421 74.98 -25.82 -32.83
C ASP D 421 74.49 -24.44 -33.35
N GLY D 422 75.17 -23.93 -34.36
CA GLY D 422 74.89 -22.58 -34.87
C GLY D 422 73.63 -22.47 -35.71
N GLU D 423 73.36 -23.53 -36.48
CA GLU D 423 72.18 -23.56 -37.35
C GLU D 423 70.90 -23.44 -36.52
N ALA D 424 70.86 -24.25 -35.44
CA ALA D 424 69.67 -24.37 -34.59
C ALA D 424 69.34 -23.06 -33.93
N ALA D 425 70.39 -22.38 -33.49
CA ALA D 425 70.30 -21.08 -32.85
C ALA D 425 69.78 -20.01 -33.79
N ARG D 426 70.27 -19.94 -35.03
CA ARG D 426 69.75 -18.96 -35.99
C ARG D 426 68.31 -19.28 -36.37
N TYR D 427 68.03 -20.55 -36.65
CA TYR D 427 66.69 -20.93 -37.05
C TYR D 427 65.75 -20.55 -35.92
N PHE D 428 66.15 -20.89 -34.71
CA PHE D 428 65.39 -20.50 -33.54
C PHE D 428 65.23 -18.97 -33.39
N SER D 429 66.32 -18.21 -33.48
CA SER D 429 66.25 -16.77 -33.20
C SER D 429 65.58 -15.95 -34.30
N ASP D 430 65.64 -16.46 -35.52
CA ASP D 430 64.97 -15.82 -36.62
C ASP D 430 63.45 -16.04 -36.59
N ASN D 431 63.03 -17.30 -36.44
CA ASN D 431 61.63 -17.70 -36.58
C ASN D 431 60.73 -17.65 -35.35
N ILE D 432 61.31 -17.72 -34.17
CA ILE D 432 60.48 -17.80 -32.98
C ILE D 432 59.69 -16.52 -32.86
N GLN D 433 58.43 -16.63 -32.48
CA GLN D 433 57.55 -15.49 -32.38
C GLN D 433 57.56 -14.99 -30.95
N VAL D 434 58.76 -14.65 -30.46
CA VAL D 434 58.89 -13.87 -29.22
C VAL D 434 59.89 -12.71 -29.34
N GLY D 435 59.67 -11.69 -28.51
CA GLY D 435 60.37 -10.44 -28.62
C GLY D 435 61.81 -10.51 -28.19
N MET D 436 62.07 -11.18 -27.07
CA MET D 436 63.42 -11.26 -26.58
C MET D 436 63.89 -12.69 -26.56
N VAL D 437 64.95 -12.94 -27.31
CA VAL D 437 65.47 -14.27 -27.55
C VAL D 437 66.87 -14.43 -26.94
N GLY D 438 67.10 -15.58 -26.31
CA GLY D 438 68.39 -15.94 -25.76
C GLY D 438 68.93 -17.20 -26.40
N ILE D 439 70.23 -17.19 -26.72
CA ILE D 439 71.00 -18.38 -27.06
C ILE D 439 71.89 -18.66 -25.84
N ASN D 440 71.61 -19.76 -25.15
CA ASN D 440 72.30 -20.09 -23.89
C ASN D 440 72.30 -18.92 -22.89
N ILE D 441 71.17 -18.20 -22.85
CA ILE D 441 70.92 -17.06 -21.93
C ILE D 441 69.46 -17.18 -21.46
N PRO D 442 69.23 -17.62 -20.22
CA PRO D 442 67.85 -17.88 -19.86
C PRO D 442 67.05 -16.57 -19.62
N LEU D 443 67.73 -15.50 -19.19
CA LEU D 443 67.06 -14.19 -19.08
C LEU D 443 67.62 -13.24 -20.13
N PRO D 444 67.13 -13.31 -21.38
CA PRO D 444 67.71 -12.49 -22.41
C PRO D 444 67.14 -11.09 -22.31
N VAL D 445 67.36 -10.47 -21.16
CA VAL D 445 66.88 -9.14 -20.89
C VAL D 445 67.80 -8.14 -21.58
N PRO D 446 67.25 -7.31 -22.49
CA PRO D 446 68.11 -6.36 -23.20
C PRO D 446 68.82 -5.33 -22.29
N VAL D 447 70.00 -4.92 -22.71
CA VAL D 447 70.79 -3.99 -21.96
C VAL D 447 70.18 -2.60 -22.13
N ALA D 448 70.49 -1.67 -21.22
CA ALA D 448 69.88 -0.34 -21.23
C ALA D 448 69.89 0.41 -22.57
N TYR D 449 70.91 0.15 -23.42
CA TYR D 449 71.07 0.76 -24.77
C TYR D 449 70.41 -0.06 -25.89
N HIS D 450 69.59 -1.03 -25.50
CA HIS D 450 68.59 -1.63 -26.36
C HIS D 450 67.21 -1.45 -25.72
N SER D 451 66.17 -2.00 -26.33
CA SER D 451 64.86 -1.85 -25.79
C SER D 451 64.24 -3.18 -25.48
N PHE D 452 63.43 -3.17 -24.42
CA PHE D 452 62.73 -4.33 -23.89
C PHE D 452 61.32 -4.31 -24.40
N GLY D 453 60.86 -5.48 -24.84
CA GLY D 453 59.46 -5.64 -25.22
C GLY D 453 59.12 -6.97 -25.84
N GLY D 454 57.97 -7.51 -25.42
CA GLY D 454 57.46 -8.77 -25.93
C GLY D 454 56.63 -8.62 -27.19
N TRP D 455 56.19 -9.76 -27.70
CA TRP D 455 55.34 -9.85 -28.89
C TRP D 455 53.97 -10.37 -28.48
N LYS D 456 53.05 -10.47 -29.44
CA LYS D 456 51.73 -11.04 -29.18
C LYS D 456 51.06 -10.29 -28.02
N ARG D 457 50.47 -10.98 -27.06
CA ARG D 457 49.76 -10.32 -25.93
C ARG D 457 50.66 -9.89 -24.74
N SER D 458 51.98 -9.92 -24.93
CA SER D 458 52.90 -9.47 -23.90
C SER D 458 53.21 -7.98 -24.04
N LEU D 459 52.78 -7.38 -25.14
CA LEU D 459 52.90 -5.93 -25.33
C LEU D 459 51.75 -5.33 -26.16
N PHE D 460 51.40 -4.09 -25.87
CA PHE D 460 50.43 -3.39 -26.66
C PHE D 460 51.07 -2.09 -27.09
N GLY D 461 51.15 -1.86 -28.41
CA GLY D 461 51.88 -0.70 -28.96
C GLY D 461 52.95 -1.03 -29.99
N ASP D 462 53.64 0.02 -30.44
CA ASP D 462 54.67 -0.06 -31.47
C ASP D 462 56.00 0.51 -31.05
N LEU D 463 56.11 0.94 -29.79
CA LEU D 463 57.38 1.38 -29.24
C LEU D 463 57.65 0.67 -27.92
N HIS D 464 58.81 0.02 -27.84
CA HIS D 464 59.11 -0.80 -26.71
C HIS D 464 59.74 0.01 -25.59
N ALA D 465 59.99 -0.67 -24.47
CA ALA D 465 60.42 -0.02 -23.24
C ALA D 465 61.90 0.30 -23.18
N TYR D 466 62.19 1.37 -22.44
CA TYR D 466 63.53 1.96 -22.33
C TYR D 466 64.34 2.07 -23.65
N GLY D 467 65.65 2.20 -23.52
CA GLY D 467 66.55 2.55 -24.62
C GLY D 467 66.10 3.34 -25.86
N PRO D 468 66.47 2.87 -27.05
CA PRO D 468 66.17 3.72 -28.21
C PRO D 468 64.69 4.03 -28.40
N ASP D 469 63.83 3.06 -28.15
CA ASP D 469 62.43 3.29 -28.38
C ASP D 469 61.87 4.28 -27.42
N ALA D 470 62.37 4.26 -26.20
CA ALA D 470 61.92 5.19 -25.17
C ALA D 470 62.18 6.63 -25.55
N VAL D 471 63.23 6.86 -26.32
CA VAL D 471 63.53 8.18 -26.85
C VAL D 471 62.45 8.60 -27.84
N ARG D 472 62.02 7.67 -28.69
CA ARG D 472 60.99 7.98 -29.68
C ARG D 472 59.59 8.07 -29.10
N PHE D 473 59.39 7.32 -28.02
CA PHE D 473 58.11 7.34 -27.31
C PHE D 473 57.93 8.58 -26.43
N TYR D 474 58.98 9.04 -25.75
CA TYR D 474 58.91 10.27 -24.91
C TYR D 474 59.20 11.60 -25.67
N THR D 475 59.19 11.59 -27.00
CA THR D 475 59.37 12.81 -27.76
C THR D 475 58.43 12.74 -28.96
N LYS D 476 58.21 13.83 -29.68
CA LYS D 476 57.39 13.79 -30.90
C LYS D 476 58.10 14.46 -32.06
N ARG D 477 57.93 13.88 -33.24
CA ARG D 477 58.60 14.35 -34.46
C ARG D 477 58.03 15.66 -35.06
N LYS D 478 58.94 16.61 -35.23
CA LYS D 478 58.67 17.83 -35.98
C LYS D 478 59.64 17.86 -37.12
N THR D 479 59.14 18.07 -38.33
CA THR D 479 59.99 18.26 -39.47
C THR D 479 59.87 19.70 -39.94
N VAL D 480 60.99 20.40 -39.99
CA VAL D 480 61.02 21.78 -40.49
C VAL D 480 61.53 21.79 -41.92
N THR D 481 60.89 22.56 -42.80
CA THR D 481 61.41 22.74 -44.15
C THR D 481 61.65 24.22 -44.35
N GLN D 482 62.86 24.58 -44.77
CA GLN D 482 63.35 25.95 -44.72
C GLN D 482 63.77 26.43 -46.08
N ARG D 483 63.41 27.67 -46.38
CA ARG D 483 63.73 28.30 -47.65
C ARG D 483 63.83 29.78 -47.47
N TRP D 484 64.80 30.41 -48.14
CA TRP D 484 65.03 31.86 -48.02
C TRP D 484 64.96 32.60 -49.38
N PRO D 485 63.76 33.07 -49.76
CA PRO D 485 63.51 33.63 -51.10
C PRO D 485 64.36 34.78 -51.53
N SER D 486 64.34 35.89 -50.81
CA SER D 486 64.99 37.13 -51.26
C SER D 486 66.42 37.33 -50.72
N ALA D 487 67.37 37.51 -51.64
CA ALA D 487 68.79 37.69 -51.28
C ALA D 487 69.23 39.19 -51.21
N GLY D 488 68.28 40.07 -50.90
CA GLY D 488 68.53 41.52 -50.86
C GLY D 488 69.75 41.96 -50.06
N VAL D 489 69.85 41.43 -48.83
CA VAL D 489 70.94 41.75 -47.88
C VAL D 489 72.32 41.31 -48.41
N ARG D 490 72.37 40.14 -49.01
CA ARG D 490 73.52 39.68 -49.81
C ARG D 490 74.02 40.72 -50.84
N GLU D 491 73.08 41.29 -51.60
CA GLU D 491 73.42 42.20 -52.72
C GLU D 491 72.86 43.62 -52.54
N MET E 4 27.61 -15.95 -37.45
CA MET E 4 27.18 -15.86 -36.01
C MET E 4 26.47 -14.56 -35.66
N THR E 5 25.45 -14.65 -34.81
CA THR E 5 24.62 -13.48 -34.44
C THR E 5 25.36 -12.62 -33.43
N THR E 6 25.04 -11.34 -33.43
CA THR E 6 25.64 -10.37 -32.53
C THR E 6 24.57 -9.67 -31.70
N ILE E 7 24.68 -9.81 -30.38
CA ILE E 7 23.71 -9.24 -29.45
C ILE E 7 24.02 -7.78 -29.20
N GLY E 8 23.04 -6.91 -29.40
CA GLY E 8 23.21 -5.48 -29.22
C GLY E 8 22.65 -4.91 -27.92
N HIS E 9 22.01 -3.74 -28.08
CA HIS E 9 21.55 -2.90 -26.98
C HIS E 9 20.15 -2.38 -27.26
N LEU E 10 19.30 -2.43 -26.25
CA LEU E 10 17.99 -1.81 -26.32
C LEU E 10 18.21 -0.41 -25.83
N ILE E 11 17.98 0.55 -26.70
CA ILE E 11 18.05 1.96 -26.35
C ILE E 11 16.92 2.67 -27.07
N ASN E 12 16.22 3.55 -26.36
CA ASN E 12 15.03 4.22 -26.88
C ASN E 12 14.15 3.31 -27.73
N GLY E 13 13.92 2.11 -27.21
CA GLY E 13 13.06 1.13 -27.83
C GLY E 13 13.52 0.67 -29.18
N GLN E 14 14.82 0.52 -29.36
CA GLN E 14 15.36 0.12 -30.66
C GLN E 14 16.65 -0.64 -30.45
N LEU E 15 16.78 -1.79 -31.11
CA LEU E 15 18.02 -2.56 -31.06
C LEU E 15 19.10 -1.93 -31.89
N VAL E 16 20.26 -1.72 -31.29
CA VAL E 16 21.41 -1.10 -31.98
C VAL E 16 22.66 -1.77 -31.53
N THR E 17 23.72 -1.58 -32.31
CA THR E 17 24.96 -2.31 -32.14
C THR E 17 26.10 -1.38 -32.50
N GLU E 18 27.06 -1.21 -31.59
CA GLU E 18 28.20 -0.26 -31.75
C GLU E 18 29.34 -0.80 -32.62
N ASN E 19 29.67 -2.07 -32.44
CA ASN E 19 30.59 -2.78 -33.30
C ASN E 19 32.04 -2.27 -33.25
N THR E 20 32.46 -1.77 -32.11
CA THR E 20 33.89 -1.51 -31.93
C THR E 20 34.58 -2.65 -31.18
N ARG E 21 33.84 -3.44 -30.43
CA ARG E 21 34.43 -4.50 -29.61
C ARG E 21 33.36 -5.47 -29.18
N SER E 22 33.70 -6.76 -29.20
CA SER E 22 32.78 -7.84 -28.92
C SER E 22 33.43 -8.95 -28.11
N GLN E 23 32.61 -9.89 -27.65
CA GLN E 23 33.04 -10.93 -26.72
C GLN E 23 32.13 -12.14 -26.84
N ASN E 24 32.69 -13.31 -26.55
CA ASN E 24 31.96 -14.57 -26.70
C ASN E 24 30.97 -14.77 -25.58
N VAL E 25 29.74 -15.15 -25.92
CA VAL E 25 28.85 -15.79 -24.94
C VAL E 25 28.87 -17.26 -25.30
N PHE E 26 28.93 -18.10 -24.28
CA PHE E 26 29.02 -19.53 -24.46
C PHE E 26 27.69 -20.24 -24.26
N ASN E 27 27.61 -21.47 -24.75
CA ASN E 27 26.67 -22.45 -24.24
C ASN E 27 27.50 -23.29 -23.26
N PRO E 28 27.25 -23.14 -21.94
CA PRO E 28 28.11 -23.81 -20.96
C PRO E 28 27.96 -25.31 -20.89
N ALA E 29 26.91 -25.86 -21.50
CA ALA E 29 26.72 -27.30 -21.53
C ALA E 29 27.70 -27.93 -22.51
N THR E 30 27.72 -27.42 -23.73
CA THR E 30 28.64 -27.86 -24.79
C THR E 30 30.05 -27.26 -24.68
N GLY E 31 30.15 -26.03 -24.21
CA GLY E 31 31.41 -25.33 -24.13
C GLY E 31 31.71 -24.53 -25.39
N GLU E 32 30.74 -24.47 -26.30
CA GLU E 32 30.95 -23.83 -27.59
C GLU E 32 30.45 -22.39 -27.57
N ILE E 33 31.00 -21.57 -28.46
CA ILE E 33 30.69 -20.16 -28.53
C ILE E 33 29.42 -20.06 -29.31
N GLY E 34 28.38 -19.55 -28.68
CA GLY E 34 27.07 -19.50 -29.31
C GLY E 34 26.81 -18.21 -30.05
N LYS E 35 27.17 -17.10 -29.41
CA LYS E 35 26.81 -15.74 -29.89
C LYS E 35 27.91 -14.75 -29.53
N GLN E 36 27.95 -13.61 -30.22
CA GLN E 36 28.88 -12.54 -29.89
C GLN E 36 28.12 -11.42 -29.23
N LEU E 37 28.73 -10.81 -28.22
CA LEU E 37 28.12 -9.71 -27.46
C LEU E 37 28.83 -8.38 -27.70
N ASP E 38 28.17 -7.46 -28.40
CA ASP E 38 28.71 -6.12 -28.56
C ASP E 38 28.89 -5.49 -27.19
N LEU E 39 30.08 -4.95 -26.93
CA LEU E 39 30.43 -4.32 -25.65
C LEU E 39 30.42 -2.80 -25.71
N ALA E 40 29.52 -2.18 -24.98
CA ALA E 40 29.27 -0.76 -25.08
C ALA E 40 30.41 0.05 -24.46
N SER E 41 30.82 1.07 -25.20
CA SER E 41 31.82 2.03 -24.78
C SER E 41 31.05 3.19 -24.19
N THR E 42 31.76 4.20 -23.70
CA THR E 42 31.13 5.31 -22.95
C THR E 42 30.14 6.13 -23.82
N LYS E 43 30.39 6.19 -25.13
CA LYS E 43 29.50 6.93 -26.04
C LYS E 43 28.14 6.26 -26.17
N THR E 44 28.12 4.93 -26.29
CA THR E 44 26.88 4.15 -26.40
C THR E 44 26.07 4.26 -25.12
N VAL E 45 26.76 4.15 -23.99
CA VAL E 45 26.13 4.37 -22.68
C VAL E 45 25.50 5.77 -22.56
N GLU E 46 26.15 6.81 -23.06
CA GLU E 46 25.57 8.15 -22.97
C GLU E 46 24.32 8.31 -23.83
N GLN E 47 24.22 7.53 -24.90
CA GLN E 47 23.04 7.59 -25.76
C GLN E 47 21.82 7.00 -25.05
N ALA E 48 22.07 5.93 -24.30
CA ALA E 48 21.09 5.31 -23.40
C ALA E 48 20.65 6.27 -22.28
N ILE E 49 21.62 6.90 -21.64
CA ILE E 49 21.34 7.90 -20.60
C ILE E 49 20.59 9.08 -21.24
N SER E 50 21.04 9.53 -22.41
CA SER E 50 20.36 10.63 -23.14
C SER E 50 18.91 10.28 -23.48
N ALA E 51 18.66 8.99 -23.75
CA ALA E 51 17.32 8.49 -24.04
C ALA E 51 16.41 8.49 -22.80
N ALA E 52 16.99 8.05 -21.68
CA ALA E 52 16.35 8.07 -20.35
C ALA E 52 16.03 9.51 -19.91
N GLN E 53 17.02 10.38 -20.00
CA GLN E 53 16.87 11.75 -19.56
C GLN E 53 15.82 12.45 -20.38
N HIS E 54 15.74 12.10 -21.65
CA HIS E 54 14.80 12.75 -22.53
C HIS E 54 13.36 12.25 -22.25
N ALA E 55 13.23 10.98 -21.92
CA ALA E 55 11.94 10.37 -21.59
C ALA E 55 11.40 10.64 -20.18
N PHE E 56 12.23 11.23 -19.31
CA PHE E 56 11.93 11.35 -17.89
C PHE E 56 10.87 12.40 -17.50
N PRO E 57 10.94 13.63 -18.02
CA PRO E 57 9.99 14.63 -17.54
C PRO E 57 8.52 14.22 -17.65
N THR E 58 8.14 13.64 -18.80
CA THR E 58 6.75 13.25 -19.03
C THR E 58 6.44 12.04 -18.17
N TRP E 59 7.38 11.10 -18.09
CA TRP E 59 7.17 9.88 -17.30
C TRP E 59 7.04 10.18 -15.79
N ARG E 60 7.84 11.14 -15.33
CA ARG E 60 7.78 11.70 -13.98
C ARG E 60 6.37 12.13 -13.62
N ASN E 61 5.70 12.82 -14.54
CA ASN E 61 4.35 13.37 -14.31
C ASN E 61 3.20 12.45 -14.71
N THR E 62 3.52 11.24 -15.18
CA THR E 62 2.51 10.24 -15.55
C THR E 62 1.97 9.63 -14.27
N PRO E 63 0.64 9.71 -14.04
CA PRO E 63 0.00 9.16 -12.84
C PRO E 63 0.45 7.75 -12.53
N PRO E 64 0.91 7.51 -11.30
CA PRO E 64 1.28 6.17 -10.87
C PRO E 64 0.32 5.07 -11.33
N LEU E 65 -0.99 5.36 -11.37
CA LEU E 65 -1.97 4.39 -11.89
C LEU E 65 -1.68 3.95 -13.29
N LYS E 66 -1.40 4.92 -14.15
CA LYS E 66 -1.10 4.64 -15.56
C LYS E 66 0.28 3.99 -15.72
N ARG E 67 1.23 4.36 -14.86
CA ARG E 67 2.54 3.71 -14.87
C ARG E 67 2.38 2.23 -14.51
N ALA E 68 1.51 1.97 -13.54
CA ALA E 68 1.32 0.63 -12.99
C ALA E 68 0.69 -0.32 -13.99
N ARG E 69 -0.24 0.22 -14.78
CA ARG E 69 -0.87 -0.54 -15.86
C ARG E 69 0.12 -1.17 -16.87
N VAL E 70 1.31 -0.56 -17.00
CA VAL E 70 2.36 -1.10 -17.85
C VAL E 70 2.82 -2.42 -17.26
N MET E 71 2.98 -2.43 -15.93
CA MET E 71 3.46 -3.62 -15.21
C MET E 71 2.41 -4.73 -15.12
N PHE E 72 1.13 -4.35 -15.13
CA PHE E 72 0.03 -5.31 -15.26
C PHE E 72 0.11 -6.06 -16.57
N ARG E 73 0.28 -5.32 -17.65
CA ARG E 73 0.46 -5.90 -18.96
C ARG E 73 1.76 -6.72 -19.03
N PHE E 74 2.82 -6.19 -18.44
CA PHE E 74 4.14 -6.84 -18.43
C PHE E 74 4.10 -8.18 -17.71
N LYS E 75 3.25 -8.25 -16.70
CA LYS E 75 3.07 -9.46 -15.93
C LYS E 75 2.62 -10.62 -16.81
N GLU E 76 1.66 -10.32 -17.66
CA GLU E 76 1.06 -11.34 -18.52
C GLU E 76 1.99 -11.78 -19.62
N LEU E 77 2.65 -10.80 -20.23
CA LEU E 77 3.64 -11.06 -21.29
C LEU E 77 4.77 -11.99 -20.86
N LEU E 78 5.23 -11.83 -19.63
CA LEU E 78 6.24 -12.73 -19.11
C LEU E 78 5.68 -14.13 -18.94
N GLU E 79 4.43 -14.23 -18.49
CA GLU E 79 3.79 -15.54 -18.35
C GLU E 79 3.52 -16.17 -19.71
N GLN E 80 3.07 -15.36 -20.67
CA GLN E 80 2.92 -15.83 -22.02
C GLN E 80 4.24 -16.37 -22.59
N HIS E 81 5.30 -15.58 -22.50
CA HIS E 81 6.62 -15.89 -23.09
C HIS E 81 7.52 -16.68 -22.15
N ALA E 82 6.94 -17.42 -21.21
CA ALA E 82 7.71 -18.04 -20.14
C ALA E 82 8.67 -19.11 -20.63
N ASP E 83 8.26 -19.87 -21.65
CA ASP E 83 9.06 -21.00 -22.16
C ASP E 83 10.31 -20.53 -22.90
N GLU E 84 10.16 -19.49 -23.73
CA GLU E 84 11.31 -18.95 -24.51
C GLU E 84 12.27 -18.28 -23.54
N ILE E 85 11.72 -17.59 -22.54
CA ILE E 85 12.54 -16.96 -21.52
C ILE E 85 13.35 -18.02 -20.78
N CYS E 86 12.75 -19.14 -20.45
CA CYS E 86 13.47 -20.21 -19.74
C CYS E 86 14.52 -20.87 -20.62
N ARG E 87 14.18 -21.02 -21.90
CA ARG E 87 15.08 -21.52 -22.92
C ARG E 87 16.28 -20.61 -23.08
N LEU E 88 16.04 -19.31 -23.22
CA LEU E 88 17.11 -18.31 -23.30
C LEU E 88 18.00 -18.34 -22.04
N ILE E 89 17.39 -18.52 -20.87
CA ILE E 89 18.17 -18.63 -19.65
C ILE E 89 19.03 -19.87 -19.69
N GLY E 90 18.40 -21.00 -19.99
CA GLY E 90 19.12 -22.30 -20.08
C GLY E 90 20.27 -22.33 -21.08
N GLU E 91 20.10 -21.65 -22.20
CA GLU E 91 21.06 -21.69 -23.29
C GLU E 91 22.42 -21.08 -22.89
N GLU E 92 22.40 -19.99 -22.10
CA GLU E 92 23.61 -19.18 -21.75
C GLU E 92 24.08 -19.37 -20.29
N HIS E 93 23.12 -19.37 -19.35
CA HIS E 93 23.41 -19.71 -17.97
C HIS E 93 23.64 -21.18 -17.80
N GLY E 94 22.85 -22.00 -18.50
CA GLY E 94 22.93 -23.45 -18.36
C GLY E 94 21.90 -24.09 -17.45
N LYS E 95 21.08 -23.29 -16.76
CA LYS E 95 20.12 -23.83 -15.76
C LYS E 95 18.90 -24.46 -16.37
N ILE E 96 18.44 -25.55 -15.76
CA ILE E 96 17.45 -26.39 -16.38
C ILE E 96 16.07 -25.76 -16.15
N ALA E 97 15.11 -26.12 -17.01
CA ALA E 97 13.74 -25.55 -17.03
C ALA E 97 13.14 -25.13 -15.68
N HIS E 98 13.12 -26.06 -14.73
CA HIS E 98 12.46 -25.81 -13.46
C HIS E 98 13.18 -24.76 -12.60
N ASP E 99 14.51 -24.64 -12.69
CA ASP E 99 15.23 -23.52 -11.99
C ASP E 99 14.97 -22.21 -12.68
N ALA E 100 15.02 -22.23 -14.01
CA ALA E 100 14.61 -21.08 -14.79
C ALA E 100 13.21 -20.60 -14.44
N MET E 101 12.24 -21.51 -14.38
CA MET E 101 10.83 -21.12 -14.11
C MET E 101 10.75 -20.52 -12.73
N GLY E 102 11.45 -21.12 -11.79
CA GLY E 102 11.54 -20.60 -10.43
C GLY E 102 11.98 -19.16 -10.46
N GLU E 103 13.09 -18.92 -11.12
CA GLU E 103 13.63 -17.58 -11.24
C GLU E 103 12.61 -16.62 -11.84
N LEU E 104 12.00 -17.04 -12.96
CA LEU E 104 11.02 -16.20 -13.66
C LEU E 104 9.88 -15.85 -12.72
N GLN E 105 9.41 -16.86 -11.98
CA GLN E 105 8.24 -16.72 -11.14
C GLN E 105 8.50 -15.65 -10.10
N ARG E 106 9.62 -15.76 -9.40
CA ARG E 106 10.01 -14.74 -8.41
C ARG E 106 10.24 -13.35 -9.01
N GLY E 107 10.71 -13.30 -10.25
CA GLY E 107 10.80 -12.05 -11.02
C GLY E 107 9.45 -11.47 -11.38
N ILE E 108 8.48 -12.35 -11.61
CA ILE E 108 7.10 -11.92 -11.88
C ILE E 108 6.46 -11.34 -10.61
N GLU E 109 6.76 -11.94 -9.47
CA GLU E 109 6.26 -11.41 -8.19
C GLU E 109 6.74 -9.98 -7.88
N ASN E 110 7.97 -9.65 -8.27
CA ASN E 110 8.47 -8.26 -8.18
C ASN E 110 7.64 -7.32 -9.00
N VAL E 111 7.20 -7.83 -10.15
CA VAL E 111 6.33 -7.08 -11.07
C VAL E 111 4.94 -6.95 -10.44
N GLU E 112 4.43 -8.05 -9.88
CA GLU E 112 3.13 -8.01 -9.19
C GLU E 112 3.08 -6.89 -8.16
N TYR E 113 4.11 -6.78 -7.33
CA TYR E 113 4.18 -5.80 -6.27
C TYR E 113 4.29 -4.40 -6.84
N ALA E 114 5.04 -4.23 -7.92
CA ALA E 114 5.14 -2.93 -8.56
C ALA E 114 3.81 -2.48 -9.17
N CYS E 115 2.93 -3.42 -9.47
CA CYS E 115 1.60 -3.08 -9.94
C CYS E 115 0.84 -2.24 -8.91
N GLY E 116 1.19 -2.41 -7.63
CA GLY E 116 0.54 -1.66 -6.56
C GLY E 116 1.21 -0.34 -6.22
N ALA E 117 1.83 0.30 -7.21
CA ALA E 117 2.65 1.49 -6.93
C ALA E 117 1.92 2.66 -6.26
N PRO E 118 0.63 2.91 -6.61
CA PRO E 118 -0.03 4.06 -6.01
C PRO E 118 -0.08 3.98 -4.50
N GLU E 119 -0.41 2.80 -3.97
CA GLU E 119 -0.41 2.53 -2.51
C GLU E 119 0.99 2.77 -1.96
N LEU E 120 1.99 2.22 -2.66
CA LEU E 120 3.35 2.26 -2.19
C LEU E 120 3.96 3.65 -2.25
N LEU E 121 3.44 4.49 -3.14
CA LEU E 121 3.91 5.88 -3.28
C LEU E 121 3.25 6.93 -2.36
N LYS E 122 2.37 6.46 -1.48
CA LYS E 122 1.67 7.38 -0.60
C LYS E 122 2.71 8.08 0.28
N GLY E 123 2.53 9.37 0.47
CA GLY E 123 3.25 10.08 1.52
C GLY E 123 2.40 10.22 2.79
N GLU E 124 2.93 10.97 3.73
CA GLU E 124 2.27 11.19 5.00
C GLU E 124 1.87 12.64 5.02
N HIS E 125 0.59 12.87 5.33
CA HIS E 125 0.01 14.22 5.38
C HIS E 125 -0.32 14.55 6.81
N SER E 126 0.16 15.69 7.31
CA SER E 126 -0.02 16.06 8.71
C SER E 126 -0.87 17.31 8.83
N ARG E 127 -1.97 17.23 9.57
CA ARG E 127 -2.84 18.40 9.76
C ARG E 127 -2.26 19.25 10.91
N ASN E 128 -2.27 20.56 10.71
CA ASN E 128 -1.99 21.60 11.74
C ASN E 128 -0.70 21.37 12.54
N VAL E 129 0.41 21.32 11.82
CA VAL E 129 1.72 21.19 12.43
C VAL E 129 2.04 22.46 13.21
N GLY E 130 1.44 23.55 12.72
CA GLY E 130 1.30 24.81 13.46
C GLY E 130 -0.18 25.20 13.37
N PRO E 131 -0.57 26.31 14.04
CA PRO E 131 -1.97 26.72 13.92
C PRO E 131 -2.28 27.18 12.49
N GLY E 132 -3.23 26.50 11.84
CA GLY E 132 -3.52 26.71 10.40
C GLY E 132 -2.34 26.48 9.48
N ILE E 133 -1.46 25.55 9.81
CA ILE E 133 -0.31 25.23 8.96
C ILE E 133 -0.23 23.73 8.74
N ASP E 134 -0.41 23.31 7.49
CA ASP E 134 -0.33 21.90 7.13
C ASP E 134 1.06 21.59 6.60
N SER E 135 1.37 20.29 6.49
CA SER E 135 2.67 19.80 5.98
C SER E 135 2.57 18.34 5.56
N TRP E 136 3.14 17.99 4.42
CA TRP E 136 3.13 16.61 3.95
C TRP E 136 4.38 16.25 3.19
N SER E 137 4.70 14.96 3.20
CA SER E 137 5.80 14.38 2.43
C SER E 137 5.37 13.88 1.06
N GLU E 138 6.25 14.02 0.08
CA GLU E 138 6.09 13.38 -1.24
C GLU E 138 7.38 12.60 -1.54
N PHE E 139 7.22 11.45 -2.20
CA PHE E 139 8.36 10.63 -2.61
C PHE E 139 8.44 10.70 -4.15
N GLN E 140 9.09 11.77 -4.61
CA GLN E 140 9.20 12.11 -6.03
C GLN E 140 10.30 11.32 -6.71
N PRO E 141 10.23 11.20 -8.04
CA PRO E 141 11.23 10.41 -8.77
C PRO E 141 12.66 10.94 -8.75
N MET E 142 13.65 10.04 -8.73
CA MET E 142 15.07 10.42 -8.83
C MET E 142 15.47 11.07 -10.17
N GLY E 143 15.17 10.38 -11.27
CA GLY E 143 15.53 10.79 -12.64
C GLY E 143 16.06 9.55 -13.36
N VAL E 144 17.31 9.57 -13.79
CA VAL E 144 17.89 8.39 -14.44
C VAL E 144 18.48 7.49 -13.39
N VAL E 145 18.11 6.23 -13.44
CA VAL E 145 18.60 5.26 -12.47
C VAL E 145 19.37 4.20 -13.19
N ALA E 146 20.40 3.68 -12.55
CA ALA E 146 21.27 2.70 -13.18
C ALA E 146 21.21 1.39 -12.41
N GLY E 147 21.18 0.28 -13.13
CA GLY E 147 21.19 -1.01 -12.48
C GLY E 147 22.20 -1.93 -13.11
N ILE E 148 22.88 -2.69 -12.26
CA ILE E 148 23.98 -3.54 -12.67
C ILE E 148 23.80 -4.91 -12.02
N THR E 149 23.61 -5.94 -12.85
CA THR E 149 23.14 -7.23 -12.39
C THR E 149 24.11 -8.34 -12.73
N PRO E 150 24.11 -9.41 -11.94
CA PRO E 150 25.04 -10.52 -12.09
C PRO E 150 24.51 -11.62 -13.01
N PHE E 151 25.31 -12.67 -13.19
CA PHE E 151 25.03 -13.69 -14.21
C PHE E 151 24.02 -14.67 -13.73
N ASN E 152 24.06 -14.98 -12.43
CA ASN E 152 23.31 -16.13 -11.90
C ASN E 152 21.78 -16.01 -11.98
N PHE E 153 21.30 -14.78 -11.98
CA PHE E 153 19.88 -14.49 -12.16
C PHE E 153 19.69 -13.41 -13.20
N PRO E 154 19.75 -13.77 -14.49
CA PRO E 154 19.68 -12.75 -15.53
C PRO E 154 18.28 -12.17 -15.73
N VAL E 155 17.26 -12.85 -15.22
CA VAL E 155 15.89 -12.34 -15.28
C VAL E 155 15.43 -11.79 -13.94
N MET E 156 15.59 -12.58 -12.88
CA MET E 156 15.03 -12.19 -11.58
C MET E 156 15.62 -10.92 -11.02
N VAL E 157 16.94 -10.85 -10.97
CA VAL E 157 17.61 -9.75 -10.31
C VAL E 157 17.39 -8.44 -11.06
N PRO E 158 17.46 -8.44 -12.41
CA PRO E 158 17.01 -7.18 -13.08
C PRO E 158 15.57 -6.84 -12.76
N LEU E 159 14.72 -7.84 -12.62
CA LEU E 159 13.33 -7.59 -12.19
C LEU E 159 13.21 -7.14 -10.71
N TRP E 160 14.28 -7.32 -9.91
CA TRP E 160 14.36 -6.62 -8.60
C TRP E 160 14.39 -5.10 -8.76
N MET E 161 15.00 -4.63 -9.83
CA MET E 161 15.32 -3.23 -9.99
C MET E 161 14.32 -2.44 -10.84
N PHE E 162 14.34 -2.67 -12.15
CA PHE E 162 13.64 -1.76 -13.08
C PHE E 162 12.11 -1.73 -12.97
N PRO E 163 11.47 -2.86 -12.58
CA PRO E 163 10.02 -2.81 -12.41
C PRO E 163 9.61 -1.77 -11.36
N MET E 164 10.12 -1.87 -10.14
CA MET E 164 9.80 -0.87 -9.14
C MET E 164 10.32 0.53 -9.52
N ALA E 165 11.56 0.60 -10.00
CA ALA E 165 12.19 1.86 -10.36
C ALA E 165 11.40 2.66 -11.41
N ILE E 166 10.89 1.94 -12.43
CA ILE E 166 10.15 2.56 -13.53
C ILE E 166 8.81 3.03 -13.02
N VAL E 167 8.15 2.19 -12.24
CA VAL E 167 6.82 2.49 -11.75
C VAL E 167 6.86 3.63 -10.72
N CYS E 168 8.03 3.83 -10.08
CA CYS E 168 8.27 5.00 -9.20
C CYS E 168 8.56 6.31 -9.95
N GLY E 169 8.55 6.23 -11.28
CA GLY E 169 8.56 7.43 -12.11
C GLY E 169 9.90 7.79 -12.70
N ASN E 170 10.88 6.92 -12.47
CA ASN E 170 12.20 7.04 -13.06
C ASN E 170 12.31 6.38 -14.43
N CYS E 171 13.40 6.69 -15.13
CA CYS E 171 13.82 5.96 -16.34
C CYS E 171 15.11 5.24 -16.02
N PHE E 172 15.38 4.15 -16.71
CA PHE E 172 16.33 3.17 -16.23
C PHE E 172 17.33 2.84 -17.30
N VAL E 173 18.56 2.55 -16.87
CA VAL E 173 19.58 2.03 -17.75
C VAL E 173 20.20 0.81 -17.10
N LEU E 174 19.93 -0.35 -17.68
CA LEU E 174 20.38 -1.62 -17.14
C LEU E 174 21.66 -2.02 -17.82
N LYS E 175 22.60 -2.53 -17.04
CA LYS E 175 23.83 -3.08 -17.57
C LYS E 175 24.01 -4.49 -16.99
N PRO E 176 23.49 -5.52 -17.69
CA PRO E 176 23.47 -6.89 -17.15
C PRO E 176 24.72 -7.71 -17.45
N SER E 177 24.88 -8.81 -16.72
CA SER E 177 26.00 -9.72 -16.94
C SER E 177 26.23 -10.11 -18.39
N GLU E 178 27.44 -9.86 -18.85
CA GLU E 178 27.84 -10.18 -20.22
C GLU E 178 27.84 -11.67 -20.51
N ARG E 179 27.83 -12.49 -19.46
CA ARG E 179 27.90 -13.93 -19.64
C ARG E 179 26.62 -14.56 -20.10
N ASP E 180 25.49 -13.91 -19.84
CA ASP E 180 24.18 -14.43 -20.28
C ASP E 180 23.16 -13.32 -20.54
N PRO E 181 23.37 -12.52 -21.62
CA PRO E 181 22.60 -11.30 -21.86
C PRO E 181 21.31 -11.43 -22.64
N SER E 182 21.05 -12.59 -23.25
CA SER E 182 19.90 -12.75 -24.17
C SER E 182 18.55 -12.77 -23.48
N SER E 183 18.47 -13.54 -22.41
CA SER E 183 17.26 -13.60 -21.58
C SER E 183 16.88 -12.21 -21.04
N THR E 184 17.87 -11.51 -20.50
CA THR E 184 17.67 -10.18 -19.97
C THR E 184 17.15 -9.18 -21.00
N LEU E 185 17.77 -9.20 -22.18
CA LEU E 185 17.35 -8.31 -23.26
C LEU E 185 15.96 -8.66 -23.71
N TYR E 186 15.70 -9.96 -23.79
CA TYR E 186 14.45 -10.46 -24.32
C TYR E 186 13.24 -9.93 -23.52
N ILE E 187 13.35 -9.99 -22.20
CA ILE E 187 12.29 -9.48 -21.35
C ILE E 187 12.15 -7.97 -21.49
N ALA E 188 13.27 -7.27 -21.54
CA ALA E 188 13.21 -5.82 -21.61
C ALA E 188 12.48 -5.34 -22.88
N GLN E 189 12.54 -6.13 -23.94
CA GLN E 189 11.87 -5.82 -25.20
C GLN E 189 10.34 -5.94 -25.10
N LEU E 190 9.91 -6.93 -24.30
CA LEU E 190 8.50 -7.14 -23.97
C LEU E 190 7.87 -5.93 -23.29
N LEU E 191 8.70 -5.12 -22.65
CA LEU E 191 8.25 -3.91 -21.99
C LEU E 191 7.71 -2.84 -22.96
N GLN E 192 8.22 -2.82 -24.18
CA GLN E 192 7.71 -1.86 -25.17
C GLN E 192 6.29 -2.26 -25.57
N GLU E 193 6.09 -3.56 -25.72
CA GLU E 193 4.77 -4.12 -26.07
C GLU E 193 3.74 -3.95 -24.93
N ALA E 194 4.22 -3.98 -23.69
CA ALA E 194 3.37 -3.66 -22.54
C ALA E 194 2.96 -2.20 -22.49
N GLY E 195 3.42 -1.37 -23.43
CA GLY E 195 3.02 0.04 -23.49
C GLY E 195 3.98 1.04 -22.85
N LEU E 196 5.18 0.60 -22.52
CA LEU E 196 6.12 1.53 -21.92
C LEU E 196 6.62 2.49 -22.99
N PRO E 197 6.61 3.80 -22.69
CA PRO E 197 7.22 4.71 -23.67
C PRO E 197 8.70 4.39 -23.97
N ASP E 198 9.09 4.63 -25.23
CA ASP E 198 10.50 4.53 -25.65
C ASP E 198 11.42 5.35 -24.75
N GLY E 199 12.51 4.74 -24.30
CA GLY E 199 13.50 5.46 -23.52
C GLY E 199 13.44 5.31 -22.01
N VAL E 200 12.25 4.96 -21.49
CA VAL E 200 12.05 4.78 -20.04
C VAL E 200 12.79 3.54 -19.54
N MET E 201 12.84 2.51 -20.37
CA MET E 201 13.73 1.38 -20.10
C MET E 201 14.82 1.30 -21.18
N ASN E 202 16.04 0.96 -20.74
CA ASN E 202 17.20 0.79 -21.62
C ASN E 202 18.12 -0.34 -21.15
N VAL E 203 18.64 -1.11 -22.10
CA VAL E 203 19.55 -2.17 -21.76
C VAL E 203 20.79 -1.89 -22.57
N VAL E 204 21.91 -1.74 -21.87
CA VAL E 204 23.21 -1.48 -22.49
C VAL E 204 24.16 -2.60 -22.03
N ASN E 205 24.38 -3.58 -22.90
CA ASN E 205 25.34 -4.65 -22.62
C ASN E 205 26.79 -4.19 -22.76
N GLY E 206 27.67 -4.90 -22.04
CA GLY E 206 29.05 -4.46 -21.88
C GLY E 206 29.76 -5.04 -20.66
N ASP E 207 30.93 -4.48 -20.38
CA ASP E 207 31.79 -4.92 -19.27
C ASP E 207 32.12 -3.71 -18.39
N LYS E 208 33.22 -3.81 -17.64
CA LYS E 208 33.62 -2.77 -16.70
C LYS E 208 33.62 -1.32 -17.23
N GLU E 209 33.94 -1.13 -18.52
CA GLU E 209 33.94 0.22 -19.10
C GLU E 209 32.52 0.78 -19.15
N ALA E 210 31.56 -0.07 -19.43
CA ALA E 210 30.17 0.37 -19.54
C ALA E 210 29.71 0.84 -18.16
N VAL E 211 30.09 0.07 -17.13
CA VAL E 211 29.80 0.42 -15.73
C VAL E 211 30.39 1.77 -15.31
N ASP E 212 31.69 1.97 -15.50
CA ASP E 212 32.34 3.25 -15.21
C ASP E 212 31.67 4.43 -15.89
N ALA E 213 31.18 4.22 -17.10
CA ALA E 213 30.45 5.27 -17.80
C ALA E 213 29.24 5.68 -16.99
N LEU E 214 28.44 4.69 -16.57
CA LEU E 214 27.26 4.96 -15.74
C LEU E 214 27.66 5.71 -14.47
N LEU E 215 28.74 5.24 -13.84
CA LEU E 215 29.19 5.79 -12.54
C LEU E 215 29.70 7.21 -12.62
N HIS E 216 30.22 7.62 -13.76
CA HIS E 216 30.75 8.96 -13.92
C HIS E 216 29.85 9.92 -14.71
N ASP E 217 28.61 9.53 -15.02
CA ASP E 217 27.67 10.41 -15.72
C ASP E 217 26.74 11.12 -14.71
N ASP E 218 26.81 12.45 -14.69
CA ASP E 218 26.08 13.29 -13.72
C ASP E 218 24.55 13.14 -13.74
N ARG E 219 24.02 12.73 -14.88
CA ARG E 219 22.59 12.52 -15.01
C ARG E 219 22.09 11.27 -14.25
N VAL E 220 22.99 10.32 -13.99
CA VAL E 220 22.64 9.11 -13.27
C VAL E 220 22.55 9.42 -11.79
N LYS E 221 21.34 9.36 -11.23
CA LYS E 221 21.07 9.82 -9.87
C LYS E 221 21.13 8.73 -8.79
N ALA E 222 21.08 7.47 -9.22
CA ALA E 222 21.11 6.31 -8.31
C ALA E 222 21.69 5.05 -8.97
N VAL E 223 22.33 4.20 -8.17
CA VAL E 223 22.96 2.98 -8.69
C VAL E 223 22.63 1.75 -7.86
N SER E 224 21.88 0.83 -8.44
CA SER E 224 21.57 -0.44 -7.78
C SER E 224 22.48 -1.48 -8.38
N PHE E 225 23.40 -1.97 -7.57
CA PHE E 225 24.29 -3.05 -7.95
C PHE E 225 24.01 -4.27 -7.12
N VAL E 226 24.08 -5.41 -7.78
CA VAL E 226 23.98 -6.72 -7.16
C VAL E 226 25.06 -7.55 -7.83
N GLY E 227 25.94 -8.15 -7.04
CA GLY E 227 27.07 -8.93 -7.55
C GLY E 227 27.98 -9.40 -6.44
N SER E 228 29.26 -9.57 -6.73
CA SER E 228 30.23 -10.03 -5.72
C SER E 228 30.67 -8.86 -4.85
N THR E 229 31.14 -9.18 -3.64
CA THR E 229 31.52 -8.16 -2.64
C THR E 229 32.64 -7.22 -3.11
N PRO E 230 33.76 -7.78 -3.61
CA PRO E 230 34.84 -6.93 -4.07
C PRO E 230 34.42 -5.86 -5.06
N ILE E 231 33.50 -6.21 -5.96
CA ILE E 231 32.99 -5.28 -6.99
C ILE E 231 31.95 -4.38 -6.39
N ALA E 232 31.13 -4.96 -5.52
CA ALA E 232 30.12 -4.21 -4.77
C ALA E 232 30.81 -3.03 -4.11
N GLU E 233 31.86 -3.36 -3.34
CA GLU E 233 32.66 -2.38 -2.62
C GLU E 233 33.26 -1.32 -3.54
N TYR E 234 33.66 -1.73 -4.73
CA TYR E 234 34.19 -0.79 -5.71
C TYR E 234 33.05 0.13 -6.12
N ILE E 235 31.92 -0.45 -6.49
CA ILE E 235 30.80 0.32 -7.04
C ILE E 235 30.27 1.33 -5.99
N TYR E 236 30.13 0.84 -4.75
CA TYR E 236 29.70 1.67 -3.62
C TYR E 236 30.61 2.87 -3.37
N ARG E 237 31.91 2.61 -3.18
CA ARG E 237 32.92 3.67 -3.04
C ARG E 237 32.89 4.68 -4.19
N THR E 238 32.80 4.18 -5.43
CA THR E 238 32.87 5.04 -6.61
C THR E 238 31.65 5.93 -6.80
N ALA E 239 30.48 5.30 -6.70
CA ALA E 239 29.20 6.00 -6.83
C ALA E 239 29.09 7.05 -5.74
N SER E 240 29.54 6.69 -4.54
CA SER E 240 29.53 7.61 -3.39
C SER E 240 30.50 8.76 -3.58
N ALA E 241 31.66 8.46 -4.17
CA ALA E 241 32.65 9.47 -4.52
C ALA E 241 32.20 10.46 -5.59
N ASN E 242 31.18 10.11 -6.38
CA ASN E 242 30.62 11.01 -7.42
C ASN E 242 29.32 11.72 -6.99
N GLY E 243 28.95 11.55 -5.72
CA GLY E 243 27.73 12.16 -5.11
C GLY E 243 26.49 11.28 -5.02
N LYS E 244 26.18 10.57 -6.11
CA LYS E 244 24.96 9.77 -6.22
C LYS E 244 24.78 8.60 -5.22
N ARG E 245 23.53 8.38 -4.82
CA ARG E 245 23.15 7.30 -3.90
C ARG E 245 23.28 5.90 -4.53
N CYS E 246 23.46 4.89 -3.68
CA CYS E 246 23.79 3.57 -4.16
C CYS E 246 23.48 2.53 -3.14
N GLN E 247 23.10 1.36 -3.63
CA GLN E 247 22.92 0.18 -2.80
C GLN E 247 23.69 -0.86 -3.55
N ALA E 248 24.50 -1.61 -2.85
CA ALA E 248 25.37 -2.57 -3.49
C ALA E 248 25.34 -3.85 -2.74
N LEU E 249 24.74 -4.86 -3.36
CA LEU E 249 24.68 -6.17 -2.74
C LEU E 249 25.85 -7.02 -3.19
N GLY E 250 26.35 -7.83 -2.25
CA GLY E 250 27.56 -8.58 -2.42
C GLY E 250 27.33 -10.08 -2.32
N GLY E 251 28.36 -10.79 -1.85
CA GLY E 251 28.38 -12.25 -1.83
C GLY E 251 27.83 -12.81 -0.53
N ALA E 252 28.21 -14.05 -0.24
CA ALA E 252 27.57 -14.83 0.82
C ALA E 252 28.26 -16.17 1.16
N LYS E 253 28.12 -16.60 2.41
CA LYS E 253 28.42 -17.98 2.85
C LYS E 253 27.33 -18.41 3.83
N ASN E 254 26.26 -18.94 3.30
CA ASN E 254 25.06 -19.21 4.08
C ASN E 254 25.24 -20.53 4.82
N HIS E 255 25.15 -20.47 6.15
CA HIS E 255 25.25 -21.62 7.05
C HIS E 255 23.89 -22.06 7.55
N ALA E 256 23.73 -23.36 7.77
CA ALA E 256 22.51 -23.92 8.36
C ALA E 256 22.83 -24.77 9.57
N ILE E 257 22.26 -24.36 10.71
CA ILE E 257 22.43 -25.09 11.96
C ILE E 257 21.42 -26.23 11.98
N VAL E 258 21.91 -27.47 12.11
CA VAL E 258 21.02 -28.65 12.25
C VAL E 258 21.01 -29.11 13.70
N MET E 259 19.93 -28.80 14.42
CA MET E 259 19.84 -29.07 15.86
C MET E 259 19.45 -30.53 16.06
N PRO E 260 19.79 -31.13 17.24
CA PRO E 260 19.53 -32.56 17.51
C PRO E 260 18.04 -32.94 17.39
N ASP E 261 17.17 -32.01 17.78
CA ASP E 261 15.71 -32.19 17.74
C ASP E 261 15.06 -31.95 16.38
N ALA E 262 15.88 -31.65 15.36
CA ALA E 262 15.39 -31.51 13.99
C ALA E 262 14.98 -32.86 13.41
N ASP E 263 14.13 -32.84 12.39
CA ASP E 263 13.92 -34.01 11.54
C ASP E 263 15.04 -34.05 10.49
N MET E 264 15.93 -35.02 10.60
CA MET E 264 17.11 -35.10 9.71
C MET E 264 16.72 -35.36 8.25
N ASP E 265 15.64 -36.11 8.04
CA ASP E 265 15.12 -36.34 6.70
C ASP E 265 14.69 -35.04 5.99
N ASN E 266 13.86 -34.23 6.65
CA ASN E 266 13.39 -32.93 6.08
C ASN E 266 14.58 -32.00 5.83
N ALA E 267 15.60 -32.07 6.70
CA ALA E 267 16.80 -31.24 6.58
C ALA E 267 17.64 -31.59 5.36
N VAL E 268 17.85 -32.89 5.16
CA VAL E 268 18.69 -33.36 4.07
C VAL E 268 18.04 -33.13 2.71
N ASN E 269 16.77 -33.54 2.57
CA ASN E 269 16.00 -33.28 1.35
C ASN E 269 16.09 -31.79 0.98
N GLN E 270 15.86 -30.91 1.96
CA GLN E 270 15.85 -29.46 1.74
C GLN E 270 17.24 -28.90 1.45
N LEU E 271 18.25 -29.51 2.07
CA LEU E 271 19.64 -29.09 1.85
C LEU E 271 20.15 -29.43 0.43
N LEU E 272 19.58 -30.46 -0.19
CA LEU E 272 19.88 -30.76 -1.60
C LEU E 272 19.61 -29.58 -2.50
N GLY E 273 18.36 -29.11 -2.48
CA GLY E 273 17.92 -28.02 -3.33
C GLY E 273 18.67 -26.75 -3.04
N ALA E 274 18.97 -26.53 -1.76
CA ALA E 274 19.63 -25.30 -1.32
C ALA E 274 21.11 -25.22 -1.71
N ALA E 275 21.83 -26.33 -1.48
CA ALA E 275 23.25 -26.42 -1.80
C ALA E 275 23.52 -26.59 -3.29
N PHE E 276 22.84 -27.54 -3.93
CA PHE E 276 23.11 -27.87 -5.34
C PHE E 276 22.17 -27.22 -6.39
N GLY E 277 21.07 -26.61 -5.93
CA GLY E 277 20.15 -25.97 -6.83
C GLY E 277 20.80 -24.79 -7.53
N SER E 278 20.50 -24.66 -8.83
CA SER E 278 21.21 -23.75 -9.75
C SER E 278 22.76 -23.95 -9.72
N SER E 279 23.17 -25.22 -9.59
CA SER E 279 24.58 -25.60 -9.54
C SER E 279 25.28 -24.93 -8.36
N GLY E 280 24.50 -24.56 -7.34
CA GLY E 280 24.99 -23.74 -6.24
C GLY E 280 25.32 -22.31 -6.60
N GLU E 281 25.16 -21.91 -7.86
CA GLU E 281 25.48 -20.54 -8.29
C GLU E 281 24.38 -19.58 -7.82
N ARG E 282 24.36 -19.37 -6.51
CA ARG E 282 23.24 -18.72 -5.84
C ARG E 282 23.69 -17.97 -4.57
N CYS E 283 23.28 -16.72 -4.49
CA CYS E 283 23.60 -15.83 -3.38
C CYS E 283 22.99 -16.22 -2.04
N MET E 284 21.97 -17.06 -2.08
CA MET E 284 21.35 -17.70 -0.89
C MET E 284 21.60 -19.21 -0.84
N ALA E 285 22.53 -19.71 -1.64
CA ALA E 285 22.83 -21.13 -1.68
C ALA E 285 23.39 -21.51 -0.34
N LEU E 286 22.87 -22.60 0.20
CA LEU E 286 23.25 -23.04 1.52
C LEU E 286 24.52 -23.93 1.45
N SER E 287 25.67 -23.25 1.59
CA SER E 287 26.98 -23.84 1.32
C SER E 287 27.62 -24.46 2.54
N VAL E 288 27.16 -24.09 3.73
CA VAL E 288 27.70 -24.63 4.97
C VAL E 288 26.57 -25.24 5.82
N ALA E 289 26.71 -26.51 6.20
CA ALA E 289 25.82 -27.15 7.15
C ALA E 289 26.56 -27.41 8.46
N VAL E 290 26.28 -26.56 9.45
CA VAL E 290 26.84 -26.66 10.80
C VAL E 290 26.03 -27.69 11.60
N ALA E 291 26.62 -28.86 11.81
CA ALA E 291 26.00 -29.91 12.62
C ALA E 291 26.45 -29.75 14.07
N VAL E 292 25.49 -29.51 14.97
CA VAL E 292 25.76 -29.43 16.41
C VAL E 292 25.67 -30.85 16.97
N GLY E 293 26.81 -31.36 17.45
CA GLY E 293 26.96 -32.74 17.83
C GLY E 293 27.00 -33.68 16.63
N ASP E 294 27.49 -34.91 16.86
CA ASP E 294 27.48 -35.99 15.85
C ASP E 294 27.55 -37.41 16.46
N ALA E 295 26.43 -38.08 16.74
CA ALA E 295 25.07 -37.54 16.66
C ALA E 295 24.77 -36.93 15.27
N ALA E 296 24.19 -35.73 15.24
CA ALA E 296 23.74 -35.07 14.01
C ALA E 296 24.74 -35.18 12.84
N GLY E 297 25.93 -34.61 13.00
CA GLY E 297 26.94 -34.55 11.92
C GLY E 297 27.27 -35.85 11.19
N ASP E 298 27.20 -36.98 11.89
CA ASP E 298 27.42 -38.30 11.28
C ASP E 298 26.17 -38.74 10.52
N ALA E 299 25.01 -38.54 11.13
CA ALA E 299 23.74 -38.82 10.48
C ALA E 299 23.64 -37.96 9.21
N LEU E 300 23.86 -36.65 9.37
CA LEU E 300 23.73 -35.66 8.28
C LEU E 300 24.53 -36.10 7.08
N VAL E 301 25.79 -36.43 7.31
CA VAL E 301 26.70 -36.86 6.26
C VAL E 301 26.29 -38.21 5.66
N SER E 302 25.80 -39.11 6.53
CA SER E 302 25.33 -40.42 6.11
C SER E 302 24.17 -40.30 5.10
N LYS E 303 23.08 -39.69 5.54
CA LYS E 303 21.88 -39.51 4.71
C LYS E 303 22.14 -38.55 3.49
N MET E 304 23.00 -37.54 3.68
CA MET E 304 23.27 -36.56 2.62
C MET E 304 24.00 -37.22 1.47
N THR E 305 24.92 -38.13 1.80
CA THR E 305 25.61 -38.95 0.81
C THR E 305 24.66 -39.89 0.05
N GLN E 306 23.69 -40.48 0.75
CA GLN E 306 22.67 -41.34 0.12
C GLN E 306 21.80 -40.58 -0.89
N ALA E 307 21.27 -39.44 -0.46
CA ALA E 307 20.40 -38.61 -1.30
C ALA E 307 21.17 -38.06 -2.50
N MET E 308 22.47 -37.86 -2.30
CA MET E 308 23.37 -37.28 -3.31
C MET E 308 23.69 -38.22 -4.50
N GLN E 309 23.46 -39.51 -4.34
CA GLN E 309 23.62 -40.51 -5.43
C GLN E 309 22.54 -40.42 -6.50
N LYS E 310 21.35 -39.96 -6.11
CA LYS E 310 20.22 -39.84 -7.02
C LYS E 310 20.30 -38.55 -7.87
N LEU E 311 21.32 -37.72 -7.63
CA LEU E 311 21.48 -36.44 -8.35
C LEU E 311 21.89 -36.60 -9.80
N LYS E 312 21.28 -35.80 -10.66
CA LYS E 312 21.44 -35.88 -12.10
C LYS E 312 21.98 -34.56 -12.66
N VAL E 313 23.22 -34.59 -13.12
CA VAL E 313 23.87 -33.40 -13.67
C VAL E 313 23.86 -33.57 -15.18
N GLY E 314 23.50 -32.51 -15.90
CA GLY E 314 23.43 -32.57 -17.34
C GLY E 314 22.85 -31.31 -17.93
N PRO E 315 22.73 -31.26 -19.27
CA PRO E 315 22.33 -30.05 -20.00
C PRO E 315 20.85 -29.75 -19.90
N SER E 316 20.50 -28.48 -20.10
CA SER E 316 19.11 -28.04 -19.97
C SER E 316 18.19 -28.65 -21.04
N THR E 317 18.77 -29.19 -22.12
CA THR E 317 18.00 -29.92 -23.15
C THR E 317 17.30 -31.19 -22.62
N ASP E 318 17.83 -31.75 -21.53
CA ASP E 318 17.19 -32.81 -20.75
C ASP E 318 16.57 -32.19 -19.47
N SER E 319 15.27 -31.93 -19.50
CA SER E 319 14.51 -31.68 -18.27
C SER E 319 14.72 -32.87 -17.35
N GLY E 320 14.42 -32.72 -16.07
CA GLY E 320 14.60 -33.84 -15.13
C GLY E 320 16.01 -33.99 -14.59
N ASN E 321 16.96 -33.26 -15.15
CA ASN E 321 18.22 -33.01 -14.49
C ASN E 321 18.02 -32.03 -13.34
N ASP E 322 18.71 -32.30 -12.24
CA ASP E 322 18.61 -31.48 -11.03
C ASP E 322 19.27 -30.09 -11.21
N PHE E 323 20.47 -30.07 -11.81
CA PHE E 323 21.13 -28.81 -12.13
C PHE E 323 22.07 -28.92 -13.33
N GLY E 324 22.41 -27.77 -13.92
CA GLY E 324 23.22 -27.72 -15.12
C GLY E 324 24.71 -27.41 -14.88
N PRO E 325 25.39 -26.87 -15.92
CA PRO E 325 26.78 -26.54 -15.78
C PRO E 325 27.01 -25.20 -15.10
N VAL E 326 28.28 -24.99 -14.80
CA VAL E 326 28.73 -23.78 -14.20
C VAL E 326 28.84 -22.79 -15.36
N ILE E 327 28.90 -21.51 -15.03
CA ILE E 327 28.85 -20.46 -16.03
C ILE E 327 29.98 -20.45 -17.08
N THR E 328 31.25 -20.60 -16.64
CA THR E 328 32.43 -20.51 -17.55
C THR E 328 33.46 -21.60 -17.26
N ARG E 329 34.45 -21.68 -18.16
CA ARG E 329 35.62 -22.53 -17.92
C ARG E 329 36.41 -22.01 -16.74
N GLN E 330 36.59 -20.70 -16.66
CA GLN E 330 37.35 -20.10 -15.57
C GLN E 330 36.71 -20.42 -14.22
N HIS E 331 35.40 -20.20 -14.16
CA HIS E 331 34.61 -20.46 -12.97
C HIS E 331 34.64 -21.95 -12.57
N GLN E 332 34.52 -22.85 -13.56
CA GLN E 332 34.69 -24.28 -13.31
C GLN E 332 36.02 -24.56 -12.64
N GLU E 333 37.11 -24.06 -13.23
CA GLU E 333 38.46 -24.22 -12.70
C GLU E 333 38.58 -23.65 -11.28
N LYS E 334 37.93 -22.53 -11.03
CA LYS E 334 37.95 -21.90 -9.70
C LYS E 334 37.21 -22.69 -8.63
N VAL E 335 36.04 -23.22 -8.98
CA VAL E 335 35.30 -24.17 -8.13
C VAL E 335 36.15 -25.41 -7.84
N ILE E 336 36.61 -26.06 -8.91
CA ILE E 336 37.50 -27.23 -8.79
C ILE E 336 38.64 -26.90 -7.83
N GLY E 337 39.21 -25.71 -8.00
CA GLY E 337 40.32 -25.21 -7.17
C GLY E 337 40.04 -25.16 -5.69
N TYR E 338 38.85 -24.69 -5.35
CA TYR E 338 38.35 -24.72 -3.97
C TYR E 338 38.23 -26.14 -3.40
N ILE E 339 37.77 -27.08 -4.22
CA ILE E 339 37.67 -28.46 -3.78
C ILE E 339 39.07 -29.05 -3.54
N ASN E 340 40.05 -28.59 -4.32
CA ASN E 340 41.44 -29.05 -4.18
C ASN E 340 42.08 -28.51 -2.92
N SER E 341 41.86 -27.21 -2.69
CA SER E 341 42.33 -26.49 -1.50
C SER E 341 41.81 -27.09 -0.18
N ALA E 342 40.55 -27.53 -0.20
CA ALA E 342 39.89 -28.13 0.95
C ALA E 342 40.53 -29.45 1.28
N GLU E 343 40.74 -30.27 0.26
CA GLU E 343 41.35 -31.58 0.43
C GLU E 343 42.76 -31.43 0.99
N GLN E 344 43.49 -30.51 0.38
CA GLN E 344 44.89 -30.24 0.71
C GLN E 344 45.13 -29.61 2.09
N GLN E 345 44.08 -29.03 2.67
CA GLN E 345 44.14 -28.50 4.04
C GLN E 345 43.55 -29.48 5.06
N GLY E 346 43.14 -30.67 4.59
CA GLY E 346 42.76 -31.79 5.45
C GLY E 346 41.32 -32.25 5.42
N ALA E 347 40.47 -31.62 4.60
CA ALA E 347 39.04 -31.93 4.61
C ALA E 347 38.73 -33.23 3.86
N THR E 348 37.88 -34.04 4.47
CA THR E 348 37.43 -35.26 3.87
C THR E 348 36.52 -34.87 2.71
N ILE E 349 36.91 -35.31 1.52
CA ILE E 349 36.04 -35.26 0.36
C ILE E 349 35.17 -36.50 0.37
N VAL E 350 33.97 -36.42 0.97
CA VAL E 350 33.07 -37.59 1.06
C VAL E 350 32.64 -38.00 -0.35
N VAL E 351 32.02 -37.06 -1.06
CA VAL E 351 31.54 -37.26 -2.42
C VAL E 351 32.33 -36.30 -3.30
N ASP E 352 33.00 -36.85 -4.32
CA ASP E 352 33.79 -36.03 -5.24
C ASP E 352 33.01 -35.77 -6.50
N GLY E 353 33.02 -34.53 -6.95
CA GLY E 353 32.42 -34.15 -8.22
C GLY E 353 33.32 -33.23 -9.04
N ARG E 354 34.64 -33.36 -8.85
CA ARG E 354 35.62 -32.65 -9.68
C ARG E 354 35.70 -33.25 -11.08
N GLN E 355 35.47 -34.56 -11.18
CA GLN E 355 35.56 -35.30 -12.44
C GLN E 355 34.19 -35.81 -12.87
N PRO E 356 33.17 -34.90 -12.97
CA PRO E 356 31.81 -35.40 -13.06
C PRO E 356 31.68 -36.44 -14.15
N LYS E 357 32.12 -36.07 -15.36
CA LYS E 357 32.13 -36.97 -16.49
C LYS E 357 30.75 -37.57 -16.80
N VAL E 358 29.70 -37.03 -16.17
CA VAL E 358 28.34 -37.58 -16.29
C VAL E 358 27.87 -37.33 -17.74
N PRO E 359 28.16 -36.13 -18.31
CA PRO E 359 28.02 -36.03 -19.76
C PRO E 359 29.13 -36.84 -20.43
N ASN E 360 28.89 -37.64 -21.47
CA ASN E 360 27.72 -37.63 -22.39
C ASN E 360 27.79 -36.43 -23.27
N HIS E 361 28.68 -36.54 -24.25
CA HIS E 361 28.74 -35.61 -25.37
C HIS E 361 28.92 -34.15 -24.93
N GLU E 362 29.46 -33.94 -23.73
CA GLU E 362 29.63 -32.58 -23.20
C GLU E 362 30.90 -32.45 -22.38
N ASN E 363 31.92 -31.86 -23.00
CA ASN E 363 33.07 -31.24 -22.31
C ASN E 363 32.80 -29.75 -22.00
N GLY E 364 31.60 -29.45 -21.54
CA GLY E 364 31.26 -28.13 -21.06
C GLY E 364 31.69 -27.96 -19.61
N PHE E 365 31.16 -26.93 -18.95
CA PHE E 365 31.70 -26.49 -17.67
C PHE E 365 31.00 -27.14 -16.47
N PHE E 366 30.92 -28.46 -16.49
CA PHE E 366 30.15 -29.24 -15.53
C PHE E 366 30.98 -29.59 -14.29
N VAL E 367 30.34 -29.46 -13.13
CA VAL E 367 30.91 -29.85 -11.84
C VAL E 367 29.80 -30.57 -11.14
N GLY E 368 30.11 -31.78 -10.65
CA GLY E 368 29.13 -32.66 -10.01
C GLY E 368 28.94 -32.20 -8.58
N GLY E 369 27.93 -32.75 -7.92
CA GLY E 369 27.73 -32.46 -6.50
C GLY E 369 28.90 -32.96 -5.68
N THR E 370 29.39 -32.10 -4.78
CA THR E 370 30.50 -32.50 -3.91
C THR E 370 30.20 -32.16 -2.46
N LEU E 371 30.44 -33.14 -1.60
CA LEU E 371 30.23 -33.03 -0.16
C LEU E 371 31.62 -33.02 0.46
N ILE E 372 31.86 -32.05 1.33
CA ILE E 372 33.14 -31.95 1.98
C ILE E 372 32.94 -31.91 3.48
N ASP E 373 33.53 -32.86 4.18
CA ASP E 373 33.36 -33.03 5.63
C ASP E 373 34.55 -32.49 6.40
N HIS E 374 34.37 -32.40 7.71
CA HIS E 374 35.43 -31.99 8.65
C HIS E 374 36.20 -30.76 8.14
N VAL E 375 35.46 -29.71 7.82
CA VAL E 375 36.07 -28.45 7.42
C VAL E 375 36.12 -27.56 8.66
N THR E 376 37.14 -26.70 8.70
CA THR E 376 37.40 -25.81 9.83
C THR E 376 37.43 -24.35 9.40
N PRO E 377 37.27 -23.44 10.37
CA PRO E 377 37.28 -21.99 10.03
C PRO E 377 38.55 -21.49 9.33
N GLU E 378 39.68 -22.15 9.59
CA GLU E 378 40.99 -21.73 9.07
C GLU E 378 41.10 -21.99 7.57
N MET E 379 40.36 -22.96 7.05
CA MET E 379 40.42 -23.31 5.62
C MET E 379 39.97 -22.14 4.72
N THR E 380 40.61 -22.01 3.56
CA THR E 380 40.37 -20.90 2.67
C THR E 380 39.10 -21.16 1.84
N SER E 381 38.84 -22.43 1.52
CA SER E 381 37.59 -22.80 0.85
C SER E 381 36.35 -22.46 1.70
N TYR E 382 36.51 -22.43 3.02
CA TYR E 382 35.43 -22.07 3.94
C TYR E 382 35.29 -20.55 4.06
N GLN E 383 36.41 -19.85 4.22
CA GLN E 383 36.36 -18.39 4.37
C GLN E 383 35.77 -17.68 3.15
N GLU E 384 36.07 -18.23 1.97
CA GLU E 384 35.69 -17.61 0.72
C GLU E 384 34.42 -18.25 0.12
N GLU E 385 33.85 -17.57 -0.88
CA GLU E 385 32.63 -18.04 -1.56
C GLU E 385 33.02 -18.92 -2.76
N ILE E 386 32.73 -20.22 -2.67
CA ILE E 386 33.00 -21.16 -3.75
C ILE E 386 32.08 -20.91 -4.94
N PHE E 387 30.79 -20.75 -4.65
CA PHE E 387 29.79 -20.43 -5.65
C PHE E 387 29.67 -21.53 -6.70
N GLY E 388 29.55 -22.76 -6.23
CA GLY E 388 29.41 -23.93 -7.11
C GLY E 388 28.75 -25.05 -6.34
N PRO E 389 28.53 -26.21 -6.96
CA PRO E 389 27.79 -27.30 -6.31
C PRO E 389 28.65 -27.98 -5.25
N VAL E 390 28.87 -27.26 -4.17
CA VAL E 390 29.70 -27.70 -3.06
C VAL E 390 28.98 -27.44 -1.75
N LEU E 391 28.90 -28.47 -0.91
CA LEU E 391 28.38 -28.39 0.43
C LEU E 391 29.49 -28.73 1.42
N GLN E 392 29.70 -27.84 2.39
CA GLN E 392 30.75 -27.98 3.39
C GLN E 392 30.16 -28.19 4.79
N VAL E 393 30.69 -29.17 5.53
CA VAL E 393 30.20 -29.52 6.87
C VAL E 393 31.23 -29.14 7.93
N VAL E 394 30.76 -28.37 8.90
CA VAL E 394 31.56 -27.98 10.02
C VAL E 394 30.90 -28.71 11.16
N ARG E 395 31.68 -29.09 12.18
CA ARG E 395 31.10 -29.74 13.35
C ARG E 395 31.42 -28.92 14.57
N VAL E 396 30.37 -28.60 15.33
CA VAL E 396 30.48 -27.75 16.52
C VAL E 396 29.76 -28.37 17.71
N ALA E 397 30.17 -27.92 18.89
CA ALA E 397 29.76 -28.49 20.18
C ALA E 397 28.32 -28.12 20.55
N THR E 398 28.06 -26.82 20.57
CA THR E 398 26.78 -26.28 20.96
C THR E 398 26.23 -25.35 19.86
N MET E 399 24.97 -24.99 20.03
CA MET E 399 24.26 -24.05 19.16
C MET E 399 24.86 -22.65 19.19
N GLN E 400 25.26 -22.21 20.38
CA GLN E 400 25.95 -20.94 20.52
C GLN E 400 27.28 -20.95 19.75
N ASP E 401 27.95 -22.09 19.67
CA ASP E 401 29.20 -22.17 18.94
C ASP E 401 28.93 -21.96 17.43
N ALA E 402 27.88 -22.62 16.92
CA ALA E 402 27.42 -22.41 15.54
C ALA E 402 27.13 -20.94 15.27
N MET E 403 26.41 -20.28 16.16
CA MET E 403 26.07 -18.85 15.97
C MET E 403 27.28 -17.91 16.05
N ASP E 404 28.27 -18.24 16.87
CA ASP E 404 29.47 -17.45 16.97
C ASP E 404 30.34 -17.67 15.73
N LEU E 405 30.23 -18.87 15.15
CA LEU E 405 30.89 -19.21 13.88
C LEU E 405 30.34 -18.36 12.72
N ILE E 406 29.02 -18.31 12.62
CA ILE E 406 28.31 -17.57 11.57
C ILE E 406 28.53 -16.07 11.72
N ASP E 407 28.43 -15.59 12.96
CA ASP E 407 28.67 -14.17 13.27
C ASP E 407 30.10 -13.75 12.93
N ALA E 408 31.04 -14.67 13.16
CA ALA E 408 32.46 -14.42 12.90
C ALA E 408 32.82 -14.30 11.40
N HIS E 409 32.02 -14.93 10.54
CA HIS E 409 32.27 -14.93 9.08
C HIS E 409 32.07 -13.55 8.40
N GLU E 410 32.87 -13.31 7.35
CA GLU E 410 32.90 -12.04 6.61
C GLU E 410 31.49 -11.62 6.14
N TYR E 411 30.82 -12.56 5.50
CA TYR E 411 29.46 -12.42 4.98
C TYR E 411 28.37 -12.70 6.01
N GLY E 412 27.20 -12.13 5.74
CA GLY E 412 26.04 -12.32 6.59
C GLY E 412 24.78 -12.09 5.81
N ASN E 413 24.64 -12.84 4.72
CA ASN E 413 23.51 -12.66 3.79
C ASN E 413 22.29 -13.42 4.32
N GLY E 414 22.37 -14.75 4.29
CA GLY E 414 21.25 -15.61 4.60
C GLY E 414 21.68 -16.68 5.57
N THR E 415 20.71 -17.26 6.26
CA THR E 415 20.98 -18.37 7.17
C THR E 415 19.74 -19.14 7.47
N CYS E 416 19.90 -20.32 8.06
CA CYS E 416 18.78 -21.18 8.40
C CYS E 416 19.08 -21.98 9.65
N ILE E 417 18.03 -22.30 10.43
CA ILE E 417 18.15 -23.22 11.55
C ILE E 417 17.07 -24.29 11.38
N PHE E 418 17.45 -25.55 11.54
CA PHE E 418 16.48 -26.64 11.55
C PHE E 418 16.22 -27.02 12.98
N THR E 419 14.99 -26.85 13.45
CA THR E 419 14.64 -27.21 14.83
C THR E 419 13.12 -27.29 14.96
N ARG E 420 12.65 -27.88 16.05
CA ARG E 420 11.22 -27.87 16.42
C ARG E 420 10.94 -26.94 17.61
N ASP E 421 12.00 -26.57 18.34
CA ASP E 421 11.93 -25.80 19.57
C ASP E 421 11.69 -24.29 19.31
N GLY E 422 10.61 -23.79 19.91
CA GLY E 422 10.21 -22.38 19.80
C GLY E 422 11.24 -21.43 20.39
N GLU E 423 11.88 -21.87 21.47
CA GLU E 423 12.89 -21.05 22.16
C GLU E 423 14.16 -20.82 21.32
N ALA E 424 14.63 -21.90 20.70
CA ALA E 424 15.85 -21.86 19.89
C ALA E 424 15.64 -20.97 18.67
N ALA E 425 14.53 -21.19 17.99
CA ALA E 425 14.19 -20.41 16.81
C ALA E 425 14.24 -18.92 17.06
N ARG E 426 13.65 -18.43 18.17
CA ARG E 426 13.66 -16.97 18.45
C ARG E 426 15.02 -16.45 18.84
N TYR E 427 15.69 -17.18 19.74
CA TYR E 427 17.03 -16.81 20.15
C TYR E 427 17.94 -16.74 18.94
N PHE E 428 17.81 -17.74 18.05
CA PHE E 428 18.56 -17.79 16.81
C PHE E 428 18.25 -16.58 15.93
N SER E 429 16.96 -16.42 15.61
CA SER E 429 16.50 -15.33 14.76
C SER E 429 16.74 -13.93 15.35
N ASP E 430 16.67 -13.80 16.67
CA ASP E 430 16.83 -12.49 17.26
C ASP E 430 18.30 -12.06 17.24
N ASN E 431 19.18 -12.95 17.67
CA ASN E 431 20.60 -12.60 17.87
C ASN E 431 21.57 -12.81 16.69
N ILE E 432 21.17 -13.58 15.68
CA ILE E 432 22.10 -13.91 14.59
C ILE E 432 22.36 -12.67 13.76
N GLN E 433 23.62 -12.45 13.38
CA GLN E 433 24.03 -11.25 12.63
C GLN E 433 24.01 -11.49 11.12
N VAL E 434 22.84 -11.84 10.59
CA VAL E 434 22.64 -11.93 9.13
C VAL E 434 21.31 -11.26 8.77
N GLY E 435 21.23 -10.78 7.53
CA GLY E 435 20.04 -10.09 7.05
C GLY E 435 18.80 -10.95 6.84
N MET E 436 18.95 -12.15 6.33
CA MET E 436 17.79 -13.00 6.08
C MET E 436 17.86 -14.31 6.83
N VAL E 437 16.99 -14.46 7.83
CA VAL E 437 16.98 -15.61 8.72
C VAL E 437 15.89 -16.58 8.27
N GLY E 438 16.20 -17.86 8.22
CA GLY E 438 15.21 -18.89 7.92
C GLY E 438 14.99 -19.78 9.11
N ILE E 439 13.75 -20.24 9.30
CA ILE E 439 13.40 -21.24 10.32
C ILE E 439 12.79 -22.43 9.60
N ASN E 440 13.54 -23.52 9.53
CA ASN E 440 13.16 -24.69 8.72
C ASN E 440 12.86 -24.26 7.30
N ILE E 441 13.63 -23.26 6.83
CA ILE E 441 13.56 -22.72 5.48
C ILE E 441 15.01 -22.44 5.03
N PRO E 442 15.59 -23.30 4.17
CA PRO E 442 17.00 -23.15 3.80
C PRO E 442 17.28 -21.97 2.86
N LEU E 443 16.26 -21.57 2.13
CA LEU E 443 16.35 -20.41 1.28
C LEU E 443 15.39 -19.33 1.74
N PRO E 444 15.73 -18.61 2.82
CA PRO E 444 14.83 -17.60 3.30
C PRO E 444 14.92 -16.34 2.47
N VAL E 445 14.43 -16.44 1.24
CA VAL E 445 14.42 -15.33 0.32
C VAL E 445 13.13 -14.57 0.49
N PRO E 446 13.22 -13.35 1.00
CA PRO E 446 12.02 -12.52 1.15
C PRO E 446 11.13 -12.49 -0.11
N VAL E 447 9.84 -12.39 0.12
CA VAL E 447 8.89 -12.31 -0.98
C VAL E 447 8.90 -10.87 -1.54
N ALA E 448 8.33 -10.69 -2.73
CA ALA E 448 8.31 -9.42 -3.44
C ALA E 448 7.80 -8.23 -2.69
N TYR E 449 6.94 -8.45 -1.70
CA TYR E 449 6.38 -7.37 -0.84
C TYR E 449 7.19 -7.21 0.46
N HIS E 450 8.33 -7.90 0.52
CA HIS E 450 9.42 -7.59 1.45
C HIS E 450 10.73 -7.24 0.70
N SER E 451 11.74 -6.80 1.45
CA SER E 451 13.01 -6.44 0.84
C SER E 451 14.13 -7.41 1.23
N PHE E 452 14.99 -7.65 0.25
CA PHE E 452 16.12 -8.57 0.32
C PHE E 452 17.37 -7.75 0.62
N GLY E 453 18.16 -8.19 1.58
CA GLY E 453 19.44 -7.56 1.84
C GLY E 453 20.12 -8.20 3.02
N GLY E 454 21.40 -8.50 2.85
CA GLY E 454 22.24 -9.14 3.87
C GLY E 454 22.89 -8.12 4.77
N TRP E 455 23.66 -8.63 5.73
CA TRP E 455 24.39 -7.80 6.71
C TRP E 455 25.90 -7.89 6.53
N LYS E 456 26.60 -7.02 7.24
CA LYS E 456 28.06 -6.99 7.26
C LYS E 456 28.60 -6.67 5.85
N ARG E 457 29.41 -7.57 5.28
CA ARG E 457 30.03 -7.41 3.96
C ARG E 457 29.18 -7.86 2.76
N SER E 458 28.03 -8.50 3.04
CA SER E 458 27.07 -8.88 2.00
C SER E 458 26.15 -7.76 1.49
N LEU E 459 26.26 -6.57 2.07
CA LEU E 459 25.55 -5.40 1.56
C LEU E 459 26.24 -4.09 1.92
N PHE E 460 26.22 -3.15 0.97
CA PHE E 460 26.67 -1.79 1.19
C PHE E 460 25.56 -0.77 0.97
N GLY E 461 25.20 -0.10 2.05
CA GLY E 461 24.17 0.93 2.04
C GLY E 461 23.16 0.75 3.14
N ASP E 462 22.08 1.51 3.04
CA ASP E 462 21.05 1.51 4.08
C ASP E 462 19.64 1.19 3.59
N LEU E 463 19.49 0.86 2.32
CA LEU E 463 18.18 0.51 1.78
C LEU E 463 18.33 -0.73 0.95
N HIS E 464 17.59 -1.77 1.31
CA HIS E 464 17.75 -3.07 0.70
C HIS E 464 17.10 -3.20 -0.67
N ALA E 465 17.21 -4.40 -1.25
CA ALA E 465 16.75 -4.69 -2.62
C ALA E 465 15.25 -5.01 -2.74
N TYR E 466 14.64 -4.45 -3.79
CA TYR E 466 13.20 -4.54 -4.09
C TYR E 466 12.27 -4.21 -2.91
N GLY E 467 10.98 -4.47 -3.09
CA GLY E 467 10.01 -4.35 -2.02
C GLY E 467 9.95 -2.92 -1.50
N PRO E 468 9.46 -2.75 -0.26
CA PRO E 468 9.33 -1.41 0.34
C PRO E 468 10.60 -0.57 0.23
N ASP E 469 11.77 -1.17 0.45
CA ASP E 469 13.00 -0.39 0.44
C ASP E 469 13.27 0.18 -0.93
N ALA E 470 13.07 -0.63 -1.97
CA ALA E 470 13.29 -0.11 -3.33
C ALA E 470 12.51 1.19 -3.58
N VAL E 471 11.26 1.22 -3.10
CA VAL E 471 10.39 2.40 -3.19
C VAL E 471 11.09 3.62 -2.63
N ARG E 472 11.74 3.44 -1.47
CA ARG E 472 12.48 4.55 -0.82
C ARG E 472 13.75 4.88 -1.58
N PHE E 473 14.44 3.83 -2.02
CA PHE E 473 15.66 4.02 -2.77
C PHE E 473 15.42 4.71 -4.13
N TYR E 474 14.36 4.34 -4.83
CA TYR E 474 14.08 4.90 -6.17
C TYR E 474 13.24 6.18 -6.15
N THR E 475 13.13 6.79 -4.97
CA THR E 475 12.48 8.08 -4.80
C THR E 475 13.23 8.90 -3.75
N LYS E 476 12.92 10.19 -3.71
CA LYS E 476 13.56 11.15 -2.79
C LYS E 476 12.52 11.99 -2.06
N ARG E 477 12.78 12.18 -0.76
CA ARG E 477 11.78 12.75 0.12
C ARG E 477 11.68 14.26 -0.11
N LYS E 478 10.48 14.74 -0.43
CA LYS E 478 10.20 16.19 -0.38
C LYS E 478 9.18 16.44 0.68
N THR E 479 9.43 17.42 1.53
CA THR E 479 8.49 17.83 2.57
C THR E 479 8.01 19.27 2.27
N VAL E 480 6.72 19.44 2.01
CA VAL E 480 6.11 20.76 1.75
C VAL E 480 5.41 21.26 3.01
N THR E 481 5.46 22.56 3.27
CA THR E 481 4.83 23.13 4.46
C THR E 481 3.99 24.28 3.98
N GLN E 482 2.70 24.29 4.29
CA GLN E 482 1.77 25.15 3.59
C GLN E 482 1.10 26.00 4.63
N ARG E 483 0.85 27.25 4.24
CA ARG E 483 0.13 28.25 5.04
C ARG E 483 -0.59 29.22 4.12
N TRP E 484 -1.68 29.80 4.60
CA TRP E 484 -2.44 30.76 3.81
C TRP E 484 -2.84 31.96 4.69
N PRO E 485 -2.02 33.02 4.70
CA PRO E 485 -2.12 34.06 5.74
C PRO E 485 -3.24 35.08 5.55
N SER E 486 -3.53 35.44 4.31
CA SER E 486 -4.38 36.59 4.04
C SER E 486 -5.86 36.21 4.01
N ALA E 487 -6.71 37.10 4.54
CA ALA E 487 -8.16 36.90 4.57
C ALA E 487 -8.72 36.91 3.15
N GLY E 488 -8.49 38.04 2.46
CA GLY E 488 -8.80 38.20 1.03
C GLY E 488 -10.22 37.94 0.56
N VAL E 489 -10.34 37.01 -0.40
CA VAL E 489 -11.63 36.71 -1.04
C VAL E 489 -12.61 35.97 -0.10
N ARG E 490 -12.07 35.26 0.89
CA ARG E 490 -12.90 34.56 1.88
C ARG E 490 -13.97 35.45 2.56
N GLU E 491 -13.70 36.76 2.66
CA GLU E 491 -14.64 37.71 3.28
C GLU E 491 -14.57 39.08 2.59
N MET F 4 40.49 30.08 34.14
CA MET F 4 39.84 29.94 32.79
C MET F 4 38.93 28.69 32.68
N THR F 5 39.45 27.55 33.16
CA THR F 5 38.81 26.20 33.09
C THR F 5 38.79 25.61 31.68
N THR F 6 39.13 24.33 31.62
CA THR F 6 39.16 23.58 30.38
C THR F 6 37.86 22.80 30.26
N ILE F 7 37.36 22.68 29.04
CA ILE F 7 36.19 21.84 28.73
C ILE F 7 36.60 20.44 28.27
N GLY F 8 36.11 19.42 28.96
CA GLY F 8 36.51 18.04 28.70
C GLY F 8 35.57 17.26 27.80
N HIS F 9 35.54 15.94 28.04
CA HIS F 9 34.78 14.96 27.28
C HIS F 9 33.87 14.17 28.22
N LEU F 10 32.77 13.66 27.69
CA LEU F 10 31.89 12.73 28.41
C LEU F 10 32.11 11.34 27.83
N ILE F 11 32.74 10.46 28.62
CA ILE F 11 33.05 9.09 28.19
C ILE F 11 32.73 8.11 29.30
N ASN F 12 31.82 7.18 29.03
CA ASN F 12 31.38 6.19 30.02
C ASN F 12 30.83 6.94 31.27
N GLY F 13 30.03 7.97 31.00
CA GLY F 13 29.40 8.76 32.05
C GLY F 13 30.33 9.54 32.97
N GLN F 14 31.53 9.86 32.51
CA GLN F 14 32.51 10.60 33.34
C GLN F 14 33.25 11.68 32.55
N LEU F 15 33.39 12.86 33.16
CA LEU F 15 34.20 13.95 32.60
C LEU F 15 35.67 13.56 32.63
N VAL F 16 36.26 13.49 31.45
CA VAL F 16 37.70 13.24 31.29
C VAL F 16 38.29 14.32 30.39
N THR F 17 39.60 14.46 30.47
CA THR F 17 40.35 15.43 29.66
C THR F 17 41.73 14.84 29.35
N GLU F 18 42.14 14.94 28.10
CA GLU F 18 43.41 14.38 27.63
C GLU F 18 44.59 15.25 28.07
N ASN F 19 44.49 16.56 27.77
CA ASN F 19 45.53 17.56 28.04
C ASN F 19 46.79 17.42 27.17
N THR F 20 46.64 17.02 25.90
CA THR F 20 47.77 17.01 24.96
C THR F 20 47.69 18.15 23.94
N ARG F 21 46.57 18.87 23.91
CA ARG F 21 46.32 19.87 22.85
C ARG F 21 44.99 20.53 23.12
N SER F 22 44.92 21.85 22.91
CA SER F 22 43.72 22.61 23.22
C SER F 22 43.46 23.75 22.23
N GLN F 23 42.36 24.45 22.44
CA GLN F 23 41.94 25.51 21.55
C GLN F 23 41.00 26.49 22.25
N ASN F 24 41.00 27.71 21.77
CA ASN F 24 40.23 28.79 22.39
C ASN F 24 38.79 28.80 21.97
N VAL F 25 37.87 28.80 22.93
CA VAL F 25 36.47 29.08 22.62
C VAL F 25 36.19 30.53 23.02
N PHE F 26 35.55 31.26 22.11
CA PHE F 26 35.39 32.70 22.24
C PHE F 26 34.02 33.05 22.78
N ASN F 27 33.92 34.24 23.36
CA ASN F 27 32.64 34.92 23.52
C ASN F 27 32.58 35.91 22.38
N PRO F 28 31.83 35.59 21.32
CA PRO F 28 31.88 36.39 20.11
C PRO F 28 31.30 37.83 20.24
N ALA F 29 30.58 38.12 21.33
CA ALA F 29 30.09 39.48 21.59
C ALA F 29 31.25 40.42 21.96
N THR F 30 32.05 40.01 22.93
CA THR F 30 33.22 40.77 23.40
C THR F 30 34.45 40.60 22.47
N GLY F 31 34.62 39.39 21.95
CA GLY F 31 35.82 39.01 21.21
C GLY F 31 36.80 38.24 22.08
N GLU F 32 36.49 38.12 23.38
CA GLU F 32 37.45 37.62 24.36
C GLU F 32 37.42 36.12 24.57
N ILE F 33 38.61 35.52 24.77
CA ILE F 33 38.74 34.11 25.07
C ILE F 33 38.11 33.85 26.43
N GLY F 34 37.10 32.98 26.44
CA GLY F 34 36.43 32.57 27.68
C GLY F 34 36.95 31.28 28.29
N LYS F 35 37.15 30.26 27.46
CA LYS F 35 37.52 28.93 27.97
C LYS F 35 38.50 28.27 27.03
N GLN F 36 39.05 27.15 27.47
CA GLN F 36 39.84 26.28 26.60
C GLN F 36 39.03 25.02 26.36
N LEU F 37 39.03 24.56 25.11
CA LEU F 37 38.46 23.25 24.75
C LEU F 37 39.58 22.25 24.54
N ASP F 38 39.56 21.15 25.30
CA ASP F 38 40.48 20.03 25.08
C ASP F 38 40.09 19.36 23.75
N LEU F 39 41.10 19.01 22.97
CA LEU F 39 40.90 18.41 21.66
C LEU F 39 41.36 16.96 21.69
N ALA F 40 40.40 16.05 21.59
CA ALA F 40 40.64 14.61 21.69
C ALA F 40 41.40 14.06 20.50
N SER F 41 42.36 13.18 20.81
CA SER F 41 43.18 12.48 19.82
C SER F 41 42.51 11.16 19.47
N THR F 42 43.08 10.43 18.54
CA THR F 42 42.47 9.18 18.10
C THR F 42 42.36 8.17 19.26
N LYS F 43 43.25 8.27 20.25
CA LYS F 43 43.25 7.36 21.39
C LYS F 43 42.07 7.64 22.33
N THR F 44 41.75 8.93 22.50
CA THR F 44 40.65 9.35 23.37
C THR F 44 39.33 8.94 22.74
N VAL F 45 39.17 9.22 21.44
CA VAL F 45 38.01 8.75 20.66
C VAL F 45 37.82 7.22 20.78
N GLU F 46 38.89 6.43 20.64
CA GLU F 46 38.82 4.96 20.79
C GLU F 46 38.32 4.52 22.16
N GLN F 47 38.62 5.31 23.18
CA GLN F 47 38.06 5.10 24.52
C GLN F 47 36.52 5.33 24.51
N ALA F 48 36.09 6.37 23.81
CA ALA F 48 34.66 6.67 23.63
C ALA F 48 33.90 5.55 22.91
N ILE F 49 34.52 5.06 21.84
CA ILE F 49 33.98 3.96 21.05
C ILE F 49 34.02 2.66 21.86
N SER F 50 35.10 2.41 22.59
CA SER F 50 35.16 1.18 23.43
C SER F 50 34.02 1.14 24.47
N ALA F 51 33.78 2.32 25.08
CA ALA F 51 32.69 2.54 26.05
C ALA F 51 31.33 2.27 25.41
N ALA F 52 31.13 2.85 24.23
CA ALA F 52 29.92 2.68 23.44
C ALA F 52 29.69 1.21 23.16
N GLN F 53 30.69 0.55 22.59
CA GLN F 53 30.56 -0.86 22.22
C GLN F 53 30.33 -1.78 23.43
N HIS F 54 31.02 -1.53 24.53
CA HIS F 54 30.83 -2.28 25.76
C HIS F 54 29.36 -2.19 26.30
N ALA F 55 28.76 -1.00 26.18
CA ALA F 55 27.39 -0.71 26.64
C ALA F 55 26.27 -1.22 25.74
N PHE F 56 26.59 -1.51 24.48
CA PHE F 56 25.63 -1.90 23.44
C PHE F 56 24.86 -3.22 23.63
N PRO F 57 25.55 -4.33 23.88
CA PRO F 57 24.79 -5.58 23.95
C PRO F 57 23.58 -5.58 24.90
N THR F 58 23.69 -4.97 26.09
CA THR F 58 22.55 -4.91 27.03
C THR F 58 21.56 -3.81 26.66
N TRP F 59 22.06 -2.71 26.10
CA TRP F 59 21.19 -1.64 25.62
C TRP F 59 20.41 -2.08 24.38
N ARG F 60 20.99 -2.97 23.58
CA ARG F 60 20.33 -3.55 22.41
C ARG F 60 19.08 -4.32 22.84
N ASN F 61 19.27 -5.16 23.86
CA ASN F 61 18.20 -6.03 24.39
C ASN F 61 17.24 -5.40 25.41
N THR F 62 17.47 -4.14 25.73
CA THR F 62 16.50 -3.33 26.45
C THR F 62 15.23 -3.18 25.57
N PRO F 63 14.04 -3.38 26.17
CA PRO F 63 12.77 -3.13 25.48
C PRO F 63 12.60 -1.68 25.04
N PRO F 64 12.11 -1.46 23.81
CA PRO F 64 11.88 -0.09 23.32
C PRO F 64 11.13 0.82 24.33
N LEU F 65 10.16 0.29 25.08
CA LEU F 65 9.50 1.08 26.12
C LEU F 65 10.47 1.62 27.14
N LYS F 66 11.25 0.71 27.71
CA LYS F 66 12.23 1.10 28.70
C LYS F 66 13.16 2.22 28.17
N ARG F 67 13.75 2.00 27.00
CA ARG F 67 14.64 2.98 26.36
C ARG F 67 13.94 4.31 26.21
N ALA F 68 12.67 4.26 25.80
CA ALA F 68 11.90 5.48 25.57
C ALA F 68 11.68 6.32 26.83
N ARG F 69 11.44 5.63 27.95
CA ARG F 69 11.20 6.31 29.23
C ARG F 69 12.38 7.20 29.66
N VAL F 70 13.58 6.83 29.25
CA VAL F 70 14.76 7.67 29.43
C VAL F 70 14.55 9.02 28.77
N MET F 71 14.02 9.01 27.56
CA MET F 71 13.81 10.22 26.77
C MET F 71 12.66 11.05 27.30
N PHE F 72 11.68 10.39 27.93
CA PHE F 72 10.58 11.08 28.62
C PHE F 72 11.14 11.97 29.75
N ARG F 73 12.04 11.39 30.53
CA ARG F 73 12.71 12.11 31.63
C ARG F 73 13.65 13.18 31.10
N PHE F 74 14.33 12.84 30.01
CA PHE F 74 15.29 13.73 29.38
C PHE F 74 14.60 15.00 28.94
N LYS F 75 13.37 14.85 28.45
CA LYS F 75 12.50 15.97 28.04
C LYS F 75 12.13 16.92 29.19
N GLU F 76 11.85 16.32 30.35
CA GLU F 76 11.68 17.07 31.59
C GLU F 76 12.89 17.93 31.89
N LEU F 77 14.06 17.29 31.83
CA LEU F 77 15.30 17.91 32.26
C LEU F 77 15.70 19.08 31.37
N LEU F 78 15.45 18.94 30.08
CA LEU F 78 15.79 20.01 29.16
C LEU F 78 14.95 21.22 29.51
N GLU F 79 13.62 21.04 29.56
CA GLU F 79 12.67 22.09 29.96
C GLU F 79 13.06 22.81 31.26
N GLN F 80 13.44 22.03 32.27
CA GLN F 80 13.83 22.57 33.58
C GLN F 80 15.10 23.42 33.54
N HIS F 81 16.11 22.88 32.86
CA HIS F 81 17.39 23.55 32.65
C HIS F 81 17.41 24.41 31.36
N ALA F 82 16.31 25.10 31.04
CA ALA F 82 16.18 25.80 29.75
C ALA F 82 16.91 27.12 29.74
N ASP F 83 16.85 27.84 30.86
CA ASP F 83 17.54 29.12 30.99
C ASP F 83 19.08 28.95 30.99
N GLU F 84 19.60 27.93 31.68
CA GLU F 84 21.06 27.63 31.67
C GLU F 84 21.55 27.20 30.28
N ILE F 85 20.78 26.36 29.60
CA ILE F 85 21.11 25.93 28.26
C ILE F 85 21.18 27.16 27.34
N CYS F 86 20.11 27.94 27.32
CA CYS F 86 20.06 29.12 26.46
C CYS F 86 21.16 30.17 26.76
N ARG F 87 21.68 30.15 27.99
CA ARG F 87 22.80 30.99 28.39
C ARG F 87 24.10 30.41 27.80
N LEU F 88 24.33 29.11 27.97
CA LEU F 88 25.49 28.39 27.36
C LEU F 88 25.57 28.42 25.81
N ILE F 89 24.41 28.55 25.16
CA ILE F 89 24.34 28.80 23.72
C ILE F 89 24.79 30.24 23.50
N GLY F 90 24.05 31.18 24.09
CA GLY F 90 24.34 32.63 23.94
C GLY F 90 25.74 33.10 24.32
N GLU F 91 26.38 32.40 25.25
CA GLU F 91 27.73 32.74 25.70
C GLU F 91 28.75 32.49 24.58
N GLU F 92 28.62 31.36 23.89
CA GLU F 92 29.63 30.87 22.93
C GLU F 92 29.23 31.11 21.46
N HIS F 93 27.99 30.82 21.09
CA HIS F 93 27.50 31.09 19.73
C HIS F 93 27.22 32.59 19.54
N GLY F 94 26.66 33.20 20.59
CA GLY F 94 26.30 34.61 20.57
C GLY F 94 24.82 34.90 20.45
N LYS F 95 24.03 33.86 20.15
CA LYS F 95 22.62 34.05 19.81
C LYS F 95 21.81 34.38 21.05
N ILE F 96 20.80 35.22 20.87
CA ILE F 96 20.10 35.81 22.01
C ILE F 96 19.00 34.86 22.48
N ALA F 97 18.61 35.03 23.74
CA ALA F 97 17.59 34.21 24.41
C ALA F 97 16.52 33.57 23.51
N HIS F 98 15.72 34.40 22.82
CA HIS F 98 14.61 33.86 22.03
C HIS F 98 15.06 32.93 20.88
N ASP F 99 16.23 33.18 20.26
CA ASP F 99 16.76 32.24 19.24
C ASP F 99 17.24 30.95 19.87
N ALA F 100 17.86 31.06 21.04
CA ALA F 100 18.32 29.87 21.76
C ALA F 100 17.13 29.03 22.25
N MET F 101 16.14 29.67 22.86
CA MET F 101 14.91 28.99 23.29
C MET F 101 14.18 28.31 22.15
N GLY F 102 14.12 28.97 21.00
CA GLY F 102 13.55 28.40 19.77
C GLY F 102 14.32 27.18 19.34
N GLU F 103 15.65 27.28 19.35
CA GLU F 103 16.54 26.16 19.02
C GLU F 103 16.23 25.00 19.95
N LEU F 104 16.24 25.29 21.24
CA LEU F 104 16.02 24.28 22.28
C LEU F 104 14.67 23.61 22.12
N GLN F 105 13.64 24.40 21.79
CA GLN F 105 12.26 23.90 21.66
C GLN F 105 12.18 22.85 20.58
N ARG F 106 12.76 23.17 19.42
CA ARG F 106 12.79 22.24 18.29
C ARG F 106 13.61 21.00 18.63
N GLY F 107 14.64 21.16 19.43
CA GLY F 107 15.40 20.03 19.90
C GLY F 107 14.54 19.11 20.75
N ILE F 108 13.80 19.70 21.67
CA ILE F 108 12.93 18.95 22.55
C ILE F 108 11.87 18.19 21.72
N GLU F 109 11.42 18.81 20.63
CA GLU F 109 10.47 18.18 19.72
C GLU F 109 10.99 16.84 19.13
N ASN F 110 12.29 16.77 18.86
CA ASN F 110 12.93 15.53 18.39
C ASN F 110 12.97 14.46 19.46
N VAL F 111 13.07 14.92 20.71
CA VAL F 111 13.06 14.03 21.90
C VAL F 111 11.65 13.50 22.13
N GLU F 112 10.67 14.39 21.97
CA GLU F 112 9.26 14.01 22.04
C GLU F 112 8.98 12.86 21.06
N TYR F 113 9.45 13.02 19.83
CA TYR F 113 9.19 12.03 18.80
C TYR F 113 9.87 10.73 19.14
N ALA F 114 11.07 10.82 19.70
CA ALA F 114 11.79 9.62 20.13
C ALA F 114 11.06 8.89 21.25
N CYS F 115 10.31 9.65 22.05
CA CYS F 115 9.54 9.08 23.15
C CYS F 115 8.55 8.01 22.68
N GLY F 116 8.11 8.11 21.41
CA GLY F 116 7.23 7.11 20.78
C GLY F 116 7.94 5.98 20.05
N ALA F 117 9.10 5.57 20.54
CA ALA F 117 9.95 4.64 19.81
C ALA F 117 9.27 3.34 19.46
N PRO F 118 8.44 2.78 20.36
CA PRO F 118 7.85 1.49 20.04
C PRO F 118 6.94 1.51 18.80
N GLU F 119 6.19 2.59 18.66
CA GLU F 119 5.38 2.81 17.45
C GLU F 119 6.29 2.80 16.21
N LEU F 120 7.41 3.51 16.29
CA LEU F 120 8.33 3.73 15.17
C LEU F 120 9.15 2.51 14.82
N LEU F 121 9.36 1.64 15.80
CA LEU F 121 10.12 0.43 15.61
C LEU F 121 9.28 -0.77 15.17
N LYS F 122 8.02 -0.54 14.80
CA LYS F 122 7.17 -1.64 14.38
C LYS F 122 7.66 -2.16 13.04
N GLY F 123 7.83 -3.46 12.92
CA GLY F 123 8.11 -4.09 11.63
C GLY F 123 6.83 -4.63 11.04
N GLU F 124 6.93 -5.26 9.87
CA GLU F 124 5.76 -5.70 9.11
C GLU F 124 5.67 -7.18 9.16
N HIS F 125 4.55 -7.69 9.63
CA HIS F 125 4.30 -9.13 9.72
C HIS F 125 3.36 -9.59 8.62
N SER F 126 3.71 -10.72 8.01
CA SER F 126 2.96 -11.28 6.89
C SER F 126 2.57 -12.72 7.13
N ARG F 127 1.27 -12.97 7.05
CA ARG F 127 0.74 -14.30 7.23
C ARG F 127 0.75 -15.00 5.88
N ASN F 128 1.27 -16.22 5.88
CA ASN F 128 1.18 -17.13 4.73
C ASN F 128 1.75 -16.55 3.46
N VAL F 129 3.05 -16.28 3.51
CA VAL F 129 3.77 -15.91 2.31
C VAL F 129 3.80 -17.12 1.35
N GLY F 130 3.78 -18.29 1.95
CA GLY F 130 3.51 -19.54 1.28
C GLY F 130 2.60 -20.32 2.21
N PRO F 131 2.22 -21.56 1.82
CA PRO F 131 1.28 -22.33 2.65
C PRO F 131 1.86 -22.75 4.03
N GLY F 132 1.40 -22.05 5.09
CA GLY F 132 1.88 -22.26 6.47
C GLY F 132 3.26 -21.69 6.76
N ILE F 133 3.64 -20.67 6.01
CA ILE F 133 4.94 -20.06 6.15
C ILE F 133 4.68 -18.60 6.40
N ASP F 134 5.15 -18.10 7.52
CA ASP F 134 5.00 -16.68 7.88
C ASP F 134 6.33 -15.97 7.72
N SER F 135 6.29 -14.64 7.58
CA SER F 135 7.47 -13.85 7.44
C SER F 135 7.29 -12.45 8.05
N TRP F 136 8.32 -11.91 8.66
CA TRP F 136 8.21 -10.56 9.21
C TRP F 136 9.51 -9.79 9.19
N SER F 137 9.43 -8.46 9.18
CA SER F 137 10.60 -7.64 9.20
C SER F 137 10.92 -7.17 10.61
N GLU F 138 12.21 -7.06 10.91
CA GLU F 138 12.68 -6.45 12.15
C GLU F 138 13.74 -5.41 11.86
N PHE F 139 13.60 -4.25 12.49
CA PHE F 139 14.56 -3.16 12.31
C PHE F 139 15.44 -3.13 13.53
N GLN F 140 16.46 -3.97 13.49
CA GLN F 140 17.42 -4.12 14.60
C GLN F 140 18.47 -2.99 14.69
N PRO F 141 19.08 -2.83 15.88
CA PRO F 141 20.07 -1.76 16.05
C PRO F 141 21.40 -2.02 15.33
N MET F 142 22.03 -0.93 14.88
CA MET F 142 23.33 -0.99 14.18
C MET F 142 24.45 -1.43 15.10
N GLY F 143 24.67 -0.67 16.16
CA GLY F 143 25.83 -0.84 17.03
C GLY F 143 26.25 0.51 17.58
N VAL F 144 27.48 0.92 17.30
CA VAL F 144 27.91 2.24 17.70
C VAL F 144 27.66 3.21 16.56
N VAL F 145 27.16 4.38 16.90
CA VAL F 145 26.79 5.36 15.92
C VAL F 145 27.64 6.57 16.24
N ALA F 146 27.99 7.34 15.21
CA ALA F 146 28.79 8.53 15.36
C ALA F 146 28.04 9.68 14.74
N GLY F 147 28.20 10.84 15.36
CA GLY F 147 27.47 12.04 14.97
C GLY F 147 28.40 13.23 15.04
N ILE F 148 28.34 14.08 14.01
CA ILE F 148 29.23 15.21 13.86
C ILE F 148 28.39 16.43 13.54
N THR F 149 28.40 17.41 14.44
CA THR F 149 27.45 18.55 14.36
C THR F 149 28.13 19.90 14.14
N PRO F 150 27.39 20.89 13.63
CA PRO F 150 27.94 22.22 13.38
C PRO F 150 27.82 23.15 14.58
N PHE F 151 28.26 24.38 14.38
CA PHE F 151 28.28 25.42 15.42
C PHE F 151 26.95 26.17 15.55
N ASN F 152 26.31 26.40 14.39
CA ASN F 152 25.09 27.21 14.33
C ASN F 152 23.92 26.69 15.15
N PHE F 153 23.95 25.39 15.48
CA PHE F 153 22.93 24.76 16.30
C PHE F 153 23.62 23.71 17.17
N PRO F 154 24.24 24.15 18.29
CA PRO F 154 24.95 23.20 19.15
C PRO F 154 24.03 22.32 20.00
N VAL F 155 22.74 22.65 20.05
CA VAL F 155 21.76 21.88 20.85
C VAL F 155 20.82 21.03 19.97
N MET F 156 20.12 21.71 19.04
CA MET F 156 19.11 21.09 18.18
C MET F 156 19.64 20.02 17.26
N VAL F 157 20.74 20.30 16.57
CA VAL F 157 21.25 19.38 15.56
C VAL F 157 21.86 18.14 16.21
N PRO F 158 22.47 18.27 17.38
CA PRO F 158 22.77 17.02 18.07
C PRO F 158 21.49 16.28 18.47
N LEU F 159 20.48 17.00 18.94
CA LEU F 159 19.20 16.37 19.30
C LEU F 159 18.48 15.73 18.10
N TRP F 160 18.85 16.18 16.88
CA TRP F 160 18.45 15.49 15.65
C TRP F 160 18.89 14.02 15.67
N MET F 161 20.08 13.76 16.16
CA MET F 161 20.72 12.48 15.97
C MET F 161 20.60 11.49 17.15
N PHE F 162 21.15 11.85 18.31
CA PHE F 162 21.34 10.87 19.39
C PHE F 162 20.07 10.43 20.17
N PRO F 163 19.15 11.37 20.44
CA PRO F 163 17.88 10.94 20.98
C PRO F 163 17.25 9.76 20.20
N MET F 164 17.13 9.88 18.87
CA MET F 164 16.54 8.78 18.09
C MET F 164 17.48 7.56 18.09
N ALA F 165 18.75 7.82 17.76
CA ALA F 165 19.78 6.77 17.66
C ALA F 165 19.84 5.90 18.92
N ILE F 166 19.72 6.54 20.07
CA ILE F 166 19.77 5.87 21.35
C ILE F 166 18.50 5.04 21.61
N VAL F 167 17.35 5.66 21.37
CA VAL F 167 16.09 5.00 21.64
C VAL F 167 15.91 3.82 20.67
N CYS F 168 16.49 3.93 19.47
CA CYS F 168 16.54 2.81 18.50
C CYS F 168 17.49 1.65 18.87
N GLY F 169 18.13 1.73 20.03
CA GLY F 169 18.91 0.61 20.57
C GLY F 169 20.40 0.65 20.28
N ASN F 170 20.90 1.78 19.78
CA ASN F 170 22.33 1.98 19.55
C ASN F 170 23.00 2.74 20.70
N CYS F 171 24.33 2.79 20.62
CA CYS F 171 25.13 3.66 21.50
C CYS F 171 25.80 4.67 20.61
N PHE F 172 26.07 5.85 21.17
CA PHE F 172 26.40 7.02 20.37
C PHE F 172 27.73 7.69 20.80
N VAL F 173 28.41 8.32 19.83
CA VAL F 173 29.59 9.11 20.08
C VAL F 173 29.45 10.40 19.31
N LEU F 174 29.30 11.50 20.03
CA LEU F 174 29.03 12.80 19.45
C LEU F 174 30.33 13.61 19.40
N LYS F 175 30.55 14.32 18.29
CA LYS F 175 31.73 15.16 18.11
C LYS F 175 31.27 16.52 17.63
N PRO F 176 30.99 17.43 18.56
CA PRO F 176 30.33 18.71 18.20
C PRO F 176 31.30 19.83 17.85
N SER F 177 30.75 20.91 17.30
CA SER F 177 31.57 22.02 16.85
C SER F 177 32.42 22.51 18.00
N GLU F 178 33.73 22.57 17.76
CA GLU F 178 34.71 23.05 18.75
C GLU F 178 34.52 24.53 19.12
N ARG F 179 33.76 25.26 18.30
CA ARG F 179 33.47 26.67 18.50
C ARG F 179 32.35 26.97 19.49
N ASP F 180 31.54 25.98 19.86
CA ASP F 180 30.57 26.12 20.97
C ASP F 180 30.16 24.75 21.55
N PRO F 181 31.02 24.16 22.41
CA PRO F 181 30.79 22.81 22.97
C PRO F 181 30.13 22.76 24.34
N SER F 182 29.97 23.91 25.00
CA SER F 182 29.53 23.90 26.39
C SER F 182 28.04 23.60 26.50
N SER F 183 27.23 24.25 25.67
CA SER F 183 25.80 23.95 25.63
C SER F 183 25.59 22.50 25.23
N THR F 184 26.30 22.10 24.18
CA THR F 184 26.26 20.74 23.68
C THR F 184 26.63 19.69 24.74
N LEU F 185 27.69 19.94 25.48
CA LEU F 185 28.13 19.01 26.52
C LEU F 185 27.10 18.95 27.63
N TYR F 186 26.55 20.11 27.98
CA TYR F 186 25.62 20.23 29.08
C TYR F 186 24.42 19.31 28.93
N ILE F 187 23.75 19.39 27.79
CA ILE F 187 22.56 18.56 27.56
C ILE F 187 22.89 17.07 27.53
N ALA F 188 24.08 16.68 27.11
CA ALA F 188 24.44 15.26 27.15
C ALA F 188 24.66 14.77 28.58
N GLN F 189 25.06 15.68 29.48
CA GLN F 189 25.23 15.33 30.88
C GLN F 189 23.89 15.06 31.57
N LEU F 190 22.87 15.84 31.23
CA LEU F 190 21.52 15.59 31.73
C LEU F 190 21.03 14.16 31.45
N LEU F 191 21.53 13.57 30.38
CA LEU F 191 21.10 12.25 29.93
C LEU F 191 21.41 11.13 30.91
N GLN F 192 22.55 11.24 31.59
CA GLN F 192 22.85 10.30 32.69
C GLN F 192 21.82 10.43 33.81
N GLU F 193 21.48 11.69 34.17
CA GLU F 193 20.45 11.96 35.19
C GLU F 193 19.08 11.39 34.82
N ALA F 194 18.77 11.37 33.52
CA ALA F 194 17.52 10.80 33.05
C ALA F 194 17.44 9.28 33.20
N GLY F 195 18.56 8.64 33.53
CA GLY F 195 18.59 7.18 33.78
C GLY F 195 19.38 6.38 32.78
N LEU F 196 20.07 7.08 31.85
CA LEU F 196 20.77 6.42 30.74
C LEU F 196 22.00 5.67 31.25
N PRO F 197 22.10 4.34 30.95
CA PRO F 197 23.32 3.62 31.33
C PRO F 197 24.59 4.32 30.87
N ASP F 198 25.67 4.13 31.62
CA ASP F 198 26.95 4.76 31.31
C ASP F 198 27.51 4.14 30.02
N GLY F 199 27.99 5.01 29.14
CA GLY F 199 28.58 4.61 27.85
C GLY F 199 27.66 4.69 26.63
N VAL F 200 26.35 4.63 26.84
CA VAL F 200 25.37 4.63 25.75
C VAL F 200 25.44 5.93 24.95
N MET F 201 25.55 7.04 25.66
CA MET F 201 25.86 8.32 25.04
C MET F 201 27.28 8.72 25.46
N ASN F 202 28.00 9.33 24.51
CA ASN F 202 29.38 9.80 24.69
C ASN F 202 29.60 11.07 23.89
N VAL F 203 30.25 12.06 24.49
CA VAL F 203 30.59 13.31 23.81
C VAL F 203 32.10 13.41 23.77
N VAL F 204 32.66 13.55 22.58
CA VAL F 204 34.11 13.65 22.40
C VAL F 204 34.37 14.90 21.58
N ASN F 205 35.02 15.88 22.20
CA ASN F 205 35.32 17.16 21.59
C ASN F 205 36.71 17.13 20.90
N GLY F 206 36.83 17.93 19.83
CA GLY F 206 37.99 17.86 18.95
C GLY F 206 37.83 18.56 17.61
N ASP F 207 38.65 18.10 16.66
CA ASP F 207 38.72 18.66 15.31
C ASP F 207 38.92 17.48 14.35
N LYS F 208 39.49 17.74 13.17
CA LYS F 208 39.66 16.72 12.12
C LYS F 208 40.22 15.38 12.64
N GLU F 209 41.13 15.44 13.60
CA GLU F 209 41.73 14.22 14.12
C GLU F 209 40.69 13.33 14.77
N ALA F 210 39.81 13.97 15.54
CA ALA F 210 38.71 13.29 16.21
C ALA F 210 37.76 12.69 15.16
N VAL F 211 37.33 13.53 14.22
CA VAL F 211 36.46 13.08 13.11
C VAL F 211 37.06 11.86 12.40
N ASP F 212 38.31 11.98 11.93
CA ASP F 212 38.99 10.88 11.22
C ASP F 212 39.09 9.59 12.00
N ALA F 213 39.25 9.71 13.30
CA ALA F 213 39.28 8.53 14.14
C ALA F 213 37.96 7.78 14.02
N LEU F 214 36.84 8.53 14.09
CA LEU F 214 35.48 7.97 14.03
C LEU F 214 35.23 7.28 12.72
N LEU F 215 35.56 7.98 11.64
CA LEU F 215 35.44 7.47 10.26
C LEU F 215 36.25 6.19 9.95
N HIS F 216 37.37 6.01 10.64
CA HIS F 216 38.28 4.87 10.35
C HIS F 216 38.25 3.76 11.40
N ASP F 217 37.34 3.85 12.38
CA ASP F 217 37.17 2.78 13.35
C ASP F 217 36.08 1.80 12.87
N ASP F 218 36.42 0.53 12.70
CA ASP F 218 35.43 -0.47 12.22
C ASP F 218 34.19 -0.68 13.12
N ARG F 219 34.30 -0.36 14.40
CA ARG F 219 33.18 -0.44 15.34
C ARG F 219 32.07 0.59 15.09
N VAL F 220 32.44 1.71 14.45
CA VAL F 220 31.49 2.73 14.06
C VAL F 220 30.73 2.27 12.82
N LYS F 221 29.46 1.90 13.02
CA LYS F 221 28.64 1.36 11.94
C LYS F 221 27.80 2.39 11.17
N ALA F 222 27.67 3.62 11.67
CA ALA F 222 26.92 4.65 10.96
C ALA F 222 27.38 6.06 11.32
N VAL F 223 27.25 7.00 10.37
CA VAL F 223 27.83 8.34 10.54
C VAL F 223 26.86 9.44 10.10
N SER F 224 26.27 10.15 11.04
CA SER F 224 25.43 11.29 10.70
C SER F 224 26.32 12.51 10.77
N PHE F 225 26.28 13.36 9.73
CA PHE F 225 27.00 14.64 9.68
C PHE F 225 26.10 15.77 9.24
N VAL F 226 26.23 16.92 9.89
CA VAL F 226 25.56 18.17 9.48
C VAL F 226 26.52 19.35 9.51
N GLY F 227 26.52 20.13 8.43
CA GLY F 227 27.48 21.23 8.29
C GLY F 227 27.57 21.77 6.86
N SER F 228 28.82 21.96 6.40
CA SER F 228 29.11 22.57 5.08
C SER F 228 29.27 21.54 3.97
N THR F 229 28.85 21.90 2.76
CA THR F 229 28.88 20.94 1.64
C THR F 229 30.26 20.32 1.37
N PRO F 230 31.33 21.13 1.30
CA PRO F 230 32.69 20.60 1.09
C PRO F 230 33.13 19.56 2.09
N ILE F 231 32.82 19.83 3.36
CA ILE F 231 33.10 18.91 4.47
C ILE F 231 32.15 17.69 4.46
N ALA F 232 30.85 17.94 4.21
CA ALA F 232 29.87 16.85 4.01
C ALA F 232 30.38 15.82 2.96
N GLU F 233 30.77 16.34 1.79
CA GLU F 233 31.32 15.52 0.72
C GLU F 233 32.47 14.64 1.17
N TYR F 234 33.41 15.25 1.86
CA TYR F 234 34.56 14.51 2.38
C TYR F 234 34.10 13.41 3.35
N ILE F 235 33.14 13.74 4.23
CA ILE F 235 32.67 12.78 5.23
C ILE F 235 31.95 11.62 4.54
N TYR F 236 31.04 11.97 3.62
CA TYR F 236 30.29 10.97 2.88
C TYR F 236 31.29 10.04 2.16
N ARG F 237 32.14 10.63 1.32
CA ARG F 237 33.11 9.86 0.54
C ARG F 237 33.97 8.97 1.44
N THR F 238 34.56 9.56 2.48
CA THR F 238 35.42 8.81 3.39
C THR F 238 34.69 7.64 4.08
N ALA F 239 33.47 7.89 4.55
CA ALA F 239 32.67 6.87 5.24
C ALA F 239 32.35 5.70 4.32
N SER F 240 31.86 6.07 3.13
CA SER F 240 31.47 5.08 2.11
C SER F 240 32.63 4.16 1.73
N ALA F 241 33.82 4.78 1.58
CA ALA F 241 35.07 4.04 1.31
C ALA F 241 35.34 2.97 2.35
N ASN F 242 35.04 3.26 3.61
CA ASN F 242 35.25 2.32 4.73
C ASN F 242 34.13 1.30 4.94
N GLY F 243 33.04 1.43 4.18
CA GLY F 243 31.95 0.42 4.15
C GLY F 243 30.70 0.81 4.94
N LYS F 244 30.88 1.66 5.94
CA LYS F 244 29.78 2.15 6.79
C LYS F 244 28.85 3.19 6.16
N ARG F 245 27.57 3.03 6.46
CA ARG F 245 26.51 3.93 5.99
C ARG F 245 26.66 5.32 6.59
N CYS F 246 26.01 6.28 5.95
CA CYS F 246 26.25 7.69 6.27
C CYS F 246 25.19 8.60 5.68
N GLN F 247 24.93 9.70 6.36
CA GLN F 247 24.11 10.78 5.84
C GLN F 247 24.83 12.06 6.17
N ALA F 248 24.86 13.01 5.23
CA ALA F 248 25.70 14.18 5.37
C ALA F 248 25.01 15.34 4.78
N LEU F 249 24.61 16.28 5.62
CA LEU F 249 23.88 17.46 5.14
C LEU F 249 24.84 18.61 4.98
N GLY F 250 24.69 19.33 3.89
CA GLY F 250 25.61 20.41 3.50
C GLY F 250 24.96 21.77 3.56
N GLY F 251 25.48 22.70 2.77
CA GLY F 251 25.12 24.12 2.87
C GLY F 251 23.88 24.41 2.06
N ALA F 252 23.63 25.69 1.78
CA ALA F 252 22.39 26.08 1.14
C ALA F 252 22.34 27.54 0.66
N LYS F 253 21.39 27.79 -0.24
CA LYS F 253 21.09 29.14 -0.73
C LYS F 253 19.59 29.25 -0.99
N ASN F 254 18.86 29.54 0.08
CA ASN F 254 17.42 29.49 0.07
C ASN F 254 16.83 30.70 -0.62
N HIS F 255 15.87 30.45 -1.51
CA HIS F 255 15.28 31.49 -2.33
C HIS F 255 13.83 31.60 -1.97
N ALA F 256 13.26 32.77 -2.18
CA ALA F 256 11.84 33.01 -1.93
C ALA F 256 11.28 33.85 -3.05
N ILE F 257 10.34 33.28 -3.77
CA ILE F 257 9.71 33.95 -4.89
C ILE F 257 8.63 34.81 -4.25
N VAL F 258 8.61 36.08 -4.61
CA VAL F 258 7.59 36.99 -4.08
C VAL F 258 6.63 37.33 -5.19
N MET F 259 5.45 36.71 -5.20
CA MET F 259 4.54 36.90 -6.33
C MET F 259 3.88 38.28 -6.32
N PRO F 260 3.39 38.76 -7.49
CA PRO F 260 2.59 40.01 -7.56
C PRO F 260 1.27 40.02 -6.77
N ASP F 261 0.75 38.85 -6.39
CA ASP F 261 -0.50 38.78 -5.60
C ASP F 261 -0.25 38.70 -4.08
N ALA F 262 1.01 38.43 -3.74
CA ALA F 262 1.42 38.23 -2.36
C ALA F 262 1.03 39.38 -1.49
N ASP F 263 0.70 39.09 -0.24
CA ASP F 263 0.67 40.13 0.78
C ASP F 263 2.15 40.49 1.12
N MET F 264 2.56 41.68 0.69
CA MET F 264 3.95 42.12 0.81
C MET F 264 4.35 42.34 2.28
N ASP F 265 3.41 42.86 3.07
CA ASP F 265 3.64 43.15 4.48
C ASP F 265 3.94 41.89 5.26
N ASN F 266 3.06 40.90 5.11
CA ASN F 266 3.33 39.57 5.64
C ASN F 266 4.65 38.97 5.11
N ALA F 267 4.89 39.14 3.82
CA ALA F 267 6.14 38.66 3.20
C ALA F 267 7.40 39.32 3.80
N VAL F 268 7.36 40.64 3.99
CA VAL F 268 8.53 41.38 4.50
C VAL F 268 8.79 41.00 5.95
N ASN F 269 7.74 41.11 6.77
CA ASN F 269 7.78 40.74 8.19
C ASN F 269 8.41 39.35 8.45
N GLN F 270 8.01 38.35 7.65
CA GLN F 270 8.50 36.98 7.82
C GLN F 270 9.91 36.78 7.24
N LEU F 271 10.31 37.63 6.30
CA LEU F 271 11.66 37.61 5.71
C LEU F 271 12.72 38.21 6.63
N LEU F 272 12.29 39.15 7.47
CA LEU F 272 13.15 39.68 8.55
C LEU F 272 13.74 38.60 9.46
N GLY F 273 12.85 37.75 9.99
CA GLY F 273 13.23 36.61 10.83
C GLY F 273 14.00 35.55 10.06
N ALA F 274 13.62 35.34 8.81
CA ALA F 274 14.19 34.26 8.01
C ALA F 274 15.61 34.55 7.56
N ALA F 275 15.79 35.77 7.06
CA ALA F 275 17.09 36.22 6.53
C ALA F 275 18.07 36.58 7.62
N PHE F 276 17.60 37.27 8.66
CA PHE F 276 18.48 37.82 9.69
C PHE F 276 18.49 37.02 10.99
N GLY F 277 17.51 36.15 11.19
CA GLY F 277 17.44 35.37 12.44
C GLY F 277 18.65 34.49 12.63
N SER F 278 19.05 34.36 13.90
CA SER F 278 20.30 33.71 14.30
C SER F 278 21.55 34.27 13.63
N SER F 279 21.49 35.56 13.30
CA SER F 279 22.54 36.29 12.56
C SER F 279 22.78 35.66 11.19
N GLY F 280 21.68 35.28 10.52
CA GLY F 280 21.73 34.56 9.24
C GLY F 280 22.60 33.30 9.16
N GLU F 281 23.07 32.77 10.31
CA GLU F 281 23.98 31.61 10.35
C GLU F 281 23.17 30.31 10.49
N ARG F 282 22.39 30.00 9.47
CA ARG F 282 21.36 28.97 9.53
C ARG F 282 21.33 28.28 8.17
N CYS F 283 21.38 26.95 8.17
CA CYS F 283 21.19 26.11 6.96
C CYS F 283 19.81 26.31 6.27
N MET F 284 18.85 26.89 6.99
CA MET F 284 17.53 27.25 6.43
C MET F 284 17.26 28.75 6.33
N ALA F 285 18.33 29.55 6.49
CA ALA F 285 18.29 31.02 6.32
C ALA F 285 17.93 31.41 4.88
N LEU F 286 16.92 32.27 4.77
CA LEU F 286 16.39 32.66 3.48
C LEU F 286 17.20 33.84 2.95
N SER F 287 18.26 33.51 2.22
CA SER F 287 19.29 34.44 1.76
C SER F 287 19.03 35.16 0.42
N VAL F 288 18.05 34.71 -0.37
CA VAL F 288 17.71 35.38 -1.66
C VAL F 288 16.21 35.59 -1.84
N ALA F 289 15.82 36.76 -2.29
CA ALA F 289 14.41 37.09 -2.42
C ALA F 289 14.08 37.44 -3.86
N VAL F 290 13.71 36.43 -4.63
CA VAL F 290 13.44 36.60 -6.05
C VAL F 290 12.10 37.32 -6.22
N ALA F 291 12.15 38.52 -6.76
CA ALA F 291 10.94 39.30 -7.02
C ALA F 291 10.55 39.15 -8.49
N VAL F 292 9.34 38.62 -8.68
CA VAL F 292 8.77 38.52 -10.01
C VAL F 292 8.05 39.83 -10.33
N GLY F 293 8.59 40.52 -11.33
CA GLY F 293 8.14 41.86 -11.72
C GLY F 293 8.94 42.89 -10.94
N ASP F 294 8.58 44.16 -11.14
CA ASP F 294 9.07 45.28 -10.30
C ASP F 294 8.41 46.63 -10.64
N ALA F 295 7.20 46.97 -10.16
CA ALA F 295 6.23 46.16 -9.38
C ALA F 295 6.68 45.70 -7.99
N ALA F 296 6.76 44.38 -7.77
CA ALA F 296 7.14 43.80 -6.48
C ALA F 296 8.59 44.10 -6.08
N GLY F 297 9.52 43.99 -7.02
CA GLY F 297 10.92 44.30 -6.78
C GLY F 297 11.10 45.59 -6.00
N ASP F 298 10.41 46.63 -6.46
CA ASP F 298 10.52 47.95 -5.83
C ASP F 298 9.82 48.03 -4.46
N ALA F 299 8.59 47.50 -4.39
CA ALA F 299 7.80 47.42 -3.15
C ALA F 299 8.41 46.50 -2.04
N LEU F 300 9.21 45.51 -2.45
CA LEU F 300 9.91 44.62 -1.51
C LEU F 300 11.08 45.33 -0.81
N VAL F 301 11.95 45.90 -1.64
CA VAL F 301 13.14 46.61 -1.18
C VAL F 301 12.78 47.89 -0.39
N SER F 302 11.70 48.56 -0.81
CA SER F 302 11.21 49.74 -0.12
C SER F 302 10.85 49.36 1.32
N LYS F 303 9.85 48.49 1.45
CA LYS F 303 9.28 48.08 2.75
C LYS F 303 10.27 47.31 3.63
N MET F 304 11.18 46.57 2.99
CA MET F 304 12.21 45.81 3.71
C MET F 304 13.22 46.74 4.36
N THR F 305 13.58 47.81 3.64
CA THR F 305 14.48 48.83 4.16
C THR F 305 13.88 49.53 5.38
N GLN F 306 12.58 49.79 5.35
CA GLN F 306 11.89 50.46 6.47
C GLN F 306 11.91 49.60 7.72
N ALA F 307 11.38 48.39 7.61
CA ALA F 307 11.36 47.47 8.73
C ALA F 307 12.77 47.14 9.26
N MET F 308 13.77 47.15 8.38
CA MET F 308 15.17 46.84 8.75
C MET F 308 15.91 47.97 9.52
N GLN F 309 15.30 49.15 9.61
CA GLN F 309 15.77 50.23 10.51
C GLN F 309 15.52 49.90 11.97
N LYS F 310 14.44 49.16 12.24
CA LYS F 310 14.04 48.82 13.61
C LYS F 310 14.92 47.73 14.23
N LEU F 311 15.72 47.04 13.42
CA LEU F 311 16.56 45.91 13.90
C LEU F 311 17.54 46.34 14.99
N LYS F 312 17.85 45.42 15.89
CA LYS F 312 18.79 45.68 17.00
C LYS F 312 19.82 44.54 17.11
N VAL F 313 21.06 44.87 16.76
CA VAL F 313 22.14 43.93 16.82
C VAL F 313 22.89 44.22 18.10
N GLY F 314 23.22 43.16 18.84
CA GLY F 314 23.92 43.30 20.11
C GLY F 314 24.10 41.99 20.83
N PRO F 315 24.75 42.02 22.02
CA PRO F 315 25.09 40.79 22.71
C PRO F 315 23.87 40.10 23.31
N SER F 316 24.03 38.82 23.61
CA SER F 316 22.98 38.01 24.23
C SER F 316 22.56 38.47 25.65
N THR F 317 23.47 39.16 26.34
CA THR F 317 23.22 39.76 27.66
C THR F 317 22.00 40.71 27.65
N ASP F 318 21.79 41.39 26.52
CA ASP F 318 20.63 42.24 26.29
C ASP F 318 19.60 41.46 25.49
N SER F 319 18.54 41.03 26.15
CA SER F 319 17.36 40.49 25.46
C SER F 319 16.61 41.66 24.82
N GLY F 320 15.87 41.41 23.75
CA GLY F 320 15.25 42.52 22.99
C GLY F 320 16.06 42.90 21.76
N ASN F 321 17.35 42.55 21.76
CA ASN F 321 18.12 42.43 20.52
C ASN F 321 17.59 41.34 19.57
N ASP F 322 17.40 41.68 18.29
CA ASP F 322 16.91 40.73 17.28
C ASP F 322 17.88 39.58 16.94
N PHE F 323 19.18 39.88 16.90
CA PHE F 323 20.21 38.84 16.72
C PHE F 323 21.55 39.23 17.29
N GLY F 324 22.44 38.23 17.43
CA GLY F 324 23.73 38.37 18.05
C GLY F 324 24.85 38.52 17.05
N PRO F 325 26.09 38.28 17.50
CA PRO F 325 27.22 38.34 16.59
C PRO F 325 27.40 37.07 15.77
N VAL F 326 28.27 37.22 14.77
CA VAL F 326 28.77 36.10 13.99
C VAL F 326 29.71 35.26 14.86
N ILE F 327 29.93 34.03 14.46
CA ILE F 327 30.64 33.07 15.28
C ILE F 327 32.12 33.40 15.59
N THR F 328 32.90 33.81 14.58
CA THR F 328 34.38 34.02 14.70
C THR F 328 34.87 35.25 13.92
N ARG F 329 36.09 35.69 14.26
CA ARG F 329 36.74 36.80 13.56
C ARG F 329 36.77 36.45 12.09
N GLN F 330 37.40 35.30 11.81
CA GLN F 330 37.54 34.78 10.44
C GLN F 330 36.22 34.83 9.68
N HIS F 331 35.15 34.35 10.32
CA HIS F 331 33.81 34.31 9.73
C HIS F 331 33.21 35.70 9.54
N GLN F 332 33.54 36.64 10.40
CA GLN F 332 33.13 38.04 10.17
C GLN F 332 33.79 38.64 8.92
N GLU F 333 35.10 38.51 8.84
CA GLU F 333 35.87 38.92 7.65
C GLU F 333 35.36 38.28 6.33
N LYS F 334 34.99 37.00 6.37
CA LYS F 334 34.41 36.33 5.19
C LYS F 334 33.11 37.01 4.77
N VAL F 335 32.23 37.25 5.73
CA VAL F 335 30.91 37.83 5.46
C VAL F 335 31.05 39.26 4.93
N ILE F 336 32.00 40.00 5.50
CA ILE F 336 32.36 41.33 5.01
C ILE F 336 32.86 41.19 3.56
N GLY F 337 33.75 40.20 3.35
CA GLY F 337 34.31 39.87 2.04
C GLY F 337 33.26 39.65 0.96
N TYR F 338 32.19 38.95 1.31
CA TYR F 338 31.07 38.73 0.40
C TYR F 338 30.32 40.02 0.04
N ILE F 339 30.10 40.91 1.02
CA ILE F 339 29.40 42.19 0.78
C ILE F 339 30.24 43.16 -0.08
N ASN F 340 31.56 43.13 0.13
CA ASN F 340 32.52 43.86 -0.73
C ASN F 340 32.45 43.36 -2.18
N SER F 341 32.53 42.03 -2.33
CA SER F 341 32.38 41.34 -3.63
C SER F 341 31.09 41.74 -4.39
N ALA F 342 29.99 41.86 -3.68
CA ALA F 342 28.69 42.14 -4.27
C ALA F 342 28.61 43.55 -4.83
N GLU F 343 29.00 44.51 -3.99
CA GLU F 343 29.05 45.92 -4.36
C GLU F 343 29.95 46.14 -5.59
N GLN F 344 31.12 45.54 -5.50
CA GLN F 344 32.13 45.65 -6.54
C GLN F 344 31.66 45.07 -7.89
N GLN F 345 31.02 43.90 -7.86
CA GLN F 345 30.49 43.28 -9.08
C GLN F 345 29.20 43.96 -9.60
N GLY F 346 28.77 45.05 -8.96
CA GLY F 346 27.72 45.94 -9.49
C GLY F 346 26.51 46.12 -8.60
N ALA F 347 26.35 45.23 -7.62
CA ALA F 347 25.13 45.22 -6.84
C ALA F 347 24.95 46.52 -6.06
N THR F 348 23.70 46.90 -5.85
CA THR F 348 23.35 48.06 -5.03
C THR F 348 23.23 47.67 -3.55
N ILE F 349 24.25 47.99 -2.74
CA ILE F 349 24.17 47.76 -1.30
C ILE F 349 23.14 48.73 -0.72
N VAL F 350 21.89 48.30 -0.60
CA VAL F 350 20.83 49.21 -0.11
C VAL F 350 21.07 49.58 1.36
N VAL F 351 21.03 48.59 2.25
CA VAL F 351 21.30 48.81 3.69
C VAL F 351 22.67 48.23 4.00
N ASP F 352 23.62 49.08 4.41
CA ASP F 352 25.00 48.64 4.64
C ASP F 352 25.30 48.36 6.11
N GLY F 353 25.57 47.10 6.42
CA GLY F 353 25.88 46.69 7.78
C GLY F 353 27.28 46.12 7.92
N ARG F 354 28.17 46.44 6.98
CA ARG F 354 29.59 46.00 7.06
C ARG F 354 30.28 46.71 8.19
N GLN F 355 29.79 47.92 8.44
CA GLN F 355 30.23 48.72 9.55
C GLN F 355 29.01 48.83 10.46
N PRO F 356 28.83 47.83 11.36
CA PRO F 356 27.67 47.84 12.25
C PRO F 356 27.87 48.89 13.33
N LYS F 357 28.83 48.63 14.22
CA LYS F 357 29.25 49.58 15.25
C LYS F 357 28.21 49.80 16.34
N VAL F 358 27.10 49.06 16.29
CA VAL F 358 25.95 49.29 17.17
C VAL F 358 26.36 49.03 18.63
N PRO F 359 27.24 48.02 18.87
CA PRO F 359 28.01 47.99 20.13
C PRO F 359 29.11 49.06 20.10
N ASN F 360 29.30 49.88 21.13
CA ASN F 360 28.87 49.72 22.55
C ASN F 360 29.68 48.64 23.27
N HIS F 361 30.91 49.02 23.65
CA HIS F 361 31.81 48.23 24.50
C HIS F 361 32.20 46.87 23.94
N GLU F 362 32.04 46.73 22.62
CA GLU F 362 32.25 45.46 21.97
C GLU F 362 32.91 45.73 20.63
N ASN F 363 34.11 45.17 20.52
CA ASN F 363 34.78 44.89 19.27
C ASN F 363 34.78 43.34 19.09
N GLY F 364 33.60 42.74 19.21
CA GLY F 364 33.43 41.32 18.93
C GLY F 364 33.06 41.16 17.48
N PHE F 365 32.48 40.02 17.14
CA PHE F 365 32.32 39.62 15.73
C PHE F 365 30.94 39.99 15.17
N PHE F 366 30.57 41.27 15.33
CA PHE F 366 29.24 41.76 14.92
C PHE F 366 29.15 42.16 13.45
N VAL F 367 28.06 41.76 12.80
CA VAL F 367 27.74 42.23 11.46
C VAL F 367 26.29 42.67 11.48
N GLY F 368 26.00 43.78 10.83
CA GLY F 368 24.68 44.37 10.82
C GLY F 368 23.84 43.77 9.72
N GLY F 369 22.54 44.02 9.80
CA GLY F 369 21.60 43.58 8.79
C GLY F 369 21.81 44.35 7.50
N THR F 370 22.12 43.63 6.43
CA THR F 370 22.40 44.26 5.13
C THR F 370 21.41 43.77 4.08
N LEU F 371 21.08 44.66 3.15
CA LEU F 371 20.18 44.37 2.03
C LEU F 371 20.96 44.68 0.74
N ILE F 372 21.04 43.69 -0.15
CA ILE F 372 21.76 43.82 -1.42
C ILE F 372 20.77 43.66 -2.60
N ASP F 373 20.52 44.75 -3.33
CA ASP F 373 19.60 44.73 -4.50
C ASP F 373 20.35 44.51 -5.85
N HIS F 374 19.57 44.19 -6.89
CA HIS F 374 20.04 44.06 -8.29
C HIS F 374 21.20 43.12 -8.39
N VAL F 375 21.05 41.95 -7.79
CA VAL F 375 22.10 40.94 -7.83
C VAL F 375 21.77 40.03 -9.01
N THR F 376 22.80 39.30 -9.47
CA THR F 376 22.70 38.47 -10.66
C THR F 376 23.39 37.12 -10.49
N PRO F 377 22.93 36.09 -11.24
CA PRO F 377 23.50 34.74 -11.17
C PRO F 377 25.00 34.64 -11.38
N GLU F 378 25.60 35.64 -12.00
CA GLU F 378 27.05 35.62 -12.26
C GLU F 378 27.89 36.11 -11.08
N MET F 379 27.26 36.73 -10.08
CA MET F 379 27.99 37.23 -8.90
C MET F 379 28.43 36.11 -7.95
N THR F 380 29.65 36.21 -7.42
CA THR F 380 30.23 35.19 -6.52
C THR F 380 29.45 35.08 -5.21
N SER F 381 29.01 36.23 -4.71
CA SER F 381 28.22 36.33 -3.47
C SER F 381 26.87 35.63 -3.55
N TYR F 382 26.29 35.61 -4.75
CA TYR F 382 25.06 34.87 -5.02
C TYR F 382 25.34 33.35 -5.12
N GLN F 383 26.43 32.97 -5.77
CA GLN F 383 26.70 31.56 -6.02
C GLN F 383 27.07 30.82 -4.75
N GLU F 384 27.79 31.51 -3.87
CA GLU F 384 28.32 30.86 -2.68
C GLU F 384 27.48 31.20 -1.47
N GLU F 385 27.59 30.36 -0.44
CA GLU F 385 26.84 30.55 0.82
C GLU F 385 27.54 31.54 1.75
N ILE F 386 26.92 32.72 1.93
CA ILE F 386 27.46 33.77 2.81
C ILE F 386 27.43 33.27 4.26
N PHE F 387 26.23 32.89 4.72
CA PHE F 387 26.05 32.37 6.09
C PHE F 387 26.28 33.54 7.07
N GLY F 388 25.58 34.64 6.84
CA GLY F 388 25.60 35.80 7.71
C GLY F 388 24.44 36.69 7.37
N PRO F 389 24.20 37.74 8.18
CA PRO F 389 22.99 38.56 8.11
C PRO F 389 22.93 39.42 6.86
N VAL F 390 22.71 38.75 5.73
CA VAL F 390 22.64 39.38 4.42
C VAL F 390 21.45 38.83 3.67
N LEU F 391 20.72 39.73 3.03
CA LEU F 391 19.65 39.36 2.13
C LEU F 391 19.98 39.89 0.73
N GLN F 392 19.93 39.01 -0.25
CA GLN F 392 20.08 39.42 -1.63
C GLN F 392 18.72 39.51 -2.30
N VAL F 393 18.56 40.47 -3.19
CA VAL F 393 17.34 40.62 -3.95
C VAL F 393 17.68 40.54 -5.43
N VAL F 394 17.06 39.59 -6.11
CA VAL F 394 17.20 39.35 -7.53
C VAL F 394 15.85 39.67 -8.14
N ARG F 395 15.85 40.22 -9.35
CA ARG F 395 14.61 40.55 -10.06
C ARG F 395 14.55 39.80 -11.35
N VAL F 396 13.33 39.37 -11.69
CA VAL F 396 13.08 38.55 -12.86
C VAL F 396 11.68 38.84 -13.43
N ALA F 397 11.48 38.40 -14.67
CA ALA F 397 10.27 38.72 -15.43
C ALA F 397 9.06 37.90 -14.98
N THR F 398 9.24 36.59 -14.92
CA THR F 398 8.15 35.65 -14.68
C THR F 398 8.52 34.65 -13.57
N MET F 399 7.50 34.03 -12.99
CA MET F 399 7.68 32.99 -11.98
C MET F 399 8.56 31.81 -12.43
N GLN F 400 8.39 31.38 -13.68
CA GLN F 400 9.22 30.30 -14.25
C GLN F 400 10.72 30.66 -14.24
N ASP F 401 11.03 31.91 -14.56
CA ASP F 401 12.40 32.41 -14.56
C ASP F 401 12.97 32.37 -13.13
N ALA F 402 12.10 32.56 -12.15
CA ALA F 402 12.44 32.40 -10.74
C ALA F 402 12.72 30.96 -10.34
N MET F 403 11.85 30.04 -10.75
CA MET F 403 12.05 28.60 -10.49
C MET F 403 13.28 28.04 -11.24
N ASP F 404 13.46 28.46 -12.51
CA ASP F 404 14.65 28.11 -13.32
C ASP F 404 15.96 28.54 -12.63
N LEU F 405 15.93 29.73 -12.05
CA LEU F 405 17.07 30.29 -11.29
C LEU F 405 17.40 29.46 -10.04
N ILE F 406 16.37 29.10 -9.28
CA ILE F 406 16.54 28.23 -8.11
C ILE F 406 17.06 26.85 -8.53
N ASP F 407 16.44 26.26 -9.56
CA ASP F 407 16.77 24.89 -9.98
C ASP F 407 18.22 24.83 -10.46
N ALA F 408 18.69 25.93 -11.05
CA ALA F 408 20.05 26.01 -11.59
C ALA F 408 21.14 26.09 -10.52
N HIS F 409 20.78 26.47 -9.31
CA HIS F 409 21.79 26.70 -8.26
C HIS F 409 22.37 25.39 -7.72
N GLU F 410 23.60 25.47 -7.26
CA GLU F 410 24.29 24.30 -6.70
C GLU F 410 23.47 23.55 -5.60
N TYR F 411 22.96 24.32 -4.65
CA TYR F 411 22.19 23.82 -3.52
C TYR F 411 20.69 23.74 -3.79
N GLY F 412 20.01 22.92 -2.99
CA GLY F 412 18.55 22.78 -3.02
C GLY F 412 17.98 22.30 -1.68
N ASN F 413 18.30 23.04 -0.64
CA ASN F 413 17.91 22.67 0.73
C ASN F 413 16.50 23.16 1.03
N GLY F 414 16.27 24.45 0.91
CA GLY F 414 14.99 25.02 1.31
C GLY F 414 14.55 26.08 0.33
N THR F 415 13.25 26.30 0.24
CA THR F 415 12.71 27.32 -0.64
C THR F 415 11.29 27.72 -0.25
N CYS F 416 10.90 28.95 -0.57
CA CYS F 416 9.58 29.45 -0.18
C CYS F 416 8.96 30.16 -1.37
N ILE F 417 7.64 30.18 -1.41
CA ILE F 417 6.91 31.06 -2.33
C ILE F 417 5.85 31.82 -1.53
N PHE F 418 5.74 33.13 -1.76
CA PHE F 418 4.67 33.93 -1.18
C PHE F 418 3.63 34.20 -2.26
N THR F 419 2.39 33.79 -1.98
CA THR F 419 1.31 33.95 -2.93
C THR F 419 -0.02 33.57 -2.27
N ARG F 420 -1.11 33.99 -2.90
CA ARG F 420 -2.46 33.59 -2.51
C ARG F 420 -3.05 32.55 -3.48
N ASP F 421 -2.50 32.47 -4.70
CA ASP F 421 -3.00 31.59 -5.75
C ASP F 421 -2.65 30.14 -5.43
N GLY F 422 -3.64 29.26 -5.63
CA GLY F 422 -3.49 27.83 -5.40
C GLY F 422 -2.67 27.12 -6.46
N GLU F 423 -3.01 27.37 -7.72
CA GLU F 423 -2.29 26.83 -8.89
C GLU F 423 -0.80 27.10 -8.86
N ALA F 424 -0.43 28.33 -8.48
CA ALA F 424 0.97 28.72 -8.44
C ALA F 424 1.70 27.92 -7.36
N ALA F 425 1.03 27.75 -6.22
CA ALA F 425 1.58 27.01 -5.08
C ALA F 425 1.88 25.55 -5.43
N ARG F 426 0.88 24.82 -5.93
CA ARG F 426 1.09 23.40 -6.27
C ARG F 426 2.18 23.25 -7.34
N TYR F 427 2.11 24.09 -8.36
CA TYR F 427 3.06 24.01 -9.46
C TYR F 427 4.47 24.20 -8.88
N PHE F 428 4.60 25.21 -8.02
CA PHE F 428 5.86 25.49 -7.37
C PHE F 428 6.33 24.30 -6.54
N SER F 429 5.47 23.83 -5.65
CA SER F 429 5.84 22.78 -4.69
C SER F 429 6.07 21.43 -5.35
N ASP F 430 5.34 21.14 -6.44
CA ASP F 430 5.56 19.88 -7.17
C ASP F 430 6.93 19.89 -7.89
N ASN F 431 7.12 20.87 -8.79
CA ASN F 431 8.25 20.92 -9.73
C ASN F 431 9.60 21.43 -9.19
N ILE F 432 9.57 22.20 -8.12
CA ILE F 432 10.81 22.84 -7.64
C ILE F 432 11.81 21.78 -7.16
N GLN F 433 13.07 21.98 -7.48
CA GLN F 433 14.10 20.97 -7.19
C GLN F 433 14.83 21.29 -5.91
N VAL F 434 14.05 21.36 -4.83
CA VAL F 434 14.60 21.45 -3.46
C VAL F 434 13.82 20.56 -2.46
N GLY F 435 14.53 20.02 -1.49
CA GLY F 435 13.97 19.09 -0.52
C GLY F 435 12.86 19.60 0.39
N MET F 436 12.90 20.89 0.74
CA MET F 436 11.94 21.47 1.71
C MET F 436 11.30 22.78 1.25
N VAL F 437 9.99 22.72 1.07
CA VAL F 437 9.29 23.69 0.29
C VAL F 437 8.26 24.45 1.14
N GLY F 438 8.36 25.77 1.15
CA GLY F 438 7.48 26.60 1.95
C GLY F 438 6.45 27.29 1.09
N ILE F 439 5.22 27.40 1.60
CA ILE F 439 4.16 28.13 0.95
C ILE F 439 3.71 29.18 1.95
N ASN F 440 4.14 30.42 1.71
CA ASN F 440 4.00 31.51 2.66
C ASN F 440 4.71 31.20 3.99
N ILE F 441 5.75 30.37 3.91
CA ILE F 441 6.54 29.98 5.08
C ILE F 441 8.00 30.04 4.72
N PRO F 442 8.68 31.11 5.18
CA PRO F 442 10.08 31.32 4.78
C PRO F 442 11.08 30.32 5.41
N LEU F 443 10.68 29.69 6.50
CA LEU F 443 11.49 28.63 7.10
C LEU F 443 10.73 27.30 7.16
N PRO F 444 10.58 26.62 6.00
CA PRO F 444 9.80 25.39 5.94
C PRO F 444 10.55 24.16 6.53
N VAL F 445 10.91 24.28 7.81
CA VAL F 445 11.67 23.25 8.53
C VAL F 445 10.70 22.17 9.00
N PRO F 446 10.87 20.92 8.52
CA PRO F 446 9.95 19.86 8.94
C PRO F 446 9.95 19.69 10.45
N VAL F 447 8.77 19.36 10.95
CA VAL F 447 8.60 19.14 12.37
C VAL F 447 9.33 17.84 12.72
N ALA F 448 9.64 17.64 13.99
CA ALA F 448 10.30 16.43 14.47
C ALA F 448 9.71 15.09 14.01
N TYR F 449 8.41 15.05 13.69
CA TYR F 449 7.77 13.83 13.14
C TYR F 449 7.78 13.67 11.60
N HIS F 450 8.44 14.61 10.94
CA HIS F 450 8.86 14.48 9.55
C HIS F 450 10.37 14.60 9.54
N SER F 451 10.96 14.49 8.36
CA SER F 451 12.41 14.41 8.24
C SER F 451 12.96 15.48 7.34
N PHE F 452 14.14 15.93 7.75
CA PHE F 452 14.84 17.09 7.22
C PHE F 452 15.92 16.66 6.26
N GLY F 453 15.83 17.12 5.03
CA GLY F 453 16.90 16.89 4.09
C GLY F 453 16.70 17.67 2.80
N GLY F 454 17.82 18.08 2.23
CA GLY F 454 17.83 18.81 0.99
C GLY F 454 18.10 17.90 -0.19
N TRP F 455 18.01 18.50 -1.37
CA TRP F 455 18.27 17.87 -2.67
C TRP F 455 19.57 18.38 -3.28
N LYS F 456 19.98 17.72 -4.36
CA LYS F 456 21.20 18.07 -5.10
C LYS F 456 22.35 18.09 -4.10
N ARG F 457 23.15 19.16 -4.12
CA ARG F 457 24.38 19.27 -3.32
C ARG F 457 24.24 19.53 -1.82
N SER F 458 23.02 19.87 -1.39
CA SER F 458 22.70 20.08 0.01
C SER F 458 22.66 18.78 0.85
N LEU F 459 22.56 17.60 0.24
CA LEU F 459 22.59 16.34 1.02
C LEU F 459 23.30 15.19 0.26
N PHE F 460 23.97 14.33 1.02
CA PHE F 460 24.60 13.13 0.48
C PHE F 460 24.06 11.92 1.19
N GLY F 461 23.46 11.01 0.41
CA GLY F 461 22.81 9.83 0.93
C GLY F 461 21.37 9.77 0.49
N ASP F 462 20.68 8.75 0.99
CA ASP F 462 19.27 8.43 0.64
C ASP F 462 18.25 8.39 1.83
N LEU F 463 18.73 8.71 3.05
CA LEU F 463 17.92 8.79 4.28
C LEU F 463 18.18 10.13 4.98
N HIS F 464 17.12 10.90 5.20
CA HIS F 464 17.24 12.28 5.66
C HIS F 464 17.35 12.35 7.18
N ALA F 465 17.42 13.57 7.70
CA ALA F 465 17.69 13.82 9.14
C ALA F 465 16.47 13.79 10.05
N TYR F 466 16.65 13.14 11.19
CA TYR F 466 15.57 12.89 12.19
C TYR F 466 14.25 12.36 11.61
N GLY F 467 13.22 12.25 12.44
CA GLY F 467 11.92 11.77 11.94
C GLY F 467 11.96 10.31 11.47
N PRO F 468 10.98 9.91 10.65
CA PRO F 468 10.82 8.58 10.12
C PRO F 468 12.05 7.99 9.47
N ASP F 469 12.80 8.79 8.72
CA ASP F 469 14.05 8.33 8.06
C ASP F 469 15.13 7.96 9.05
N ALA F 470 15.34 8.83 10.04
CA ALA F 470 16.29 8.55 11.12
C ALA F 470 16.10 7.20 11.79
N VAL F 471 14.87 6.73 11.87
CA VAL F 471 14.57 5.41 12.44
C VAL F 471 15.20 4.34 11.55
N ARG F 472 15.04 4.52 10.25
CA ARG F 472 15.52 3.60 9.26
C ARG F 472 17.02 3.69 9.12
N PHE F 473 17.55 4.91 9.24
CA PHE F 473 18.98 5.11 9.20
C PHE F 473 19.70 4.54 10.42
N TYR F 474 19.11 4.64 11.63
CA TYR F 474 19.74 4.07 12.85
C TYR F 474 19.44 2.58 13.11
N THR F 475 18.82 1.91 12.13
CA THR F 475 18.53 0.47 12.21
C THR F 475 18.73 -0.18 10.84
N LYS F 476 18.98 -1.48 10.87
CA LYS F 476 19.18 -2.25 9.64
C LYS F 476 18.09 -3.31 9.62
N ARG F 477 17.67 -3.69 8.41
CA ARG F 477 16.49 -4.56 8.20
C ARG F 477 16.91 -6.04 8.30
N LYS F 478 16.24 -6.78 9.19
CA LYS F 478 16.31 -8.23 9.20
C LYS F 478 14.94 -8.75 8.76
N THR F 479 14.93 -9.80 7.95
CA THR F 479 13.68 -10.43 7.54
C THR F 479 13.71 -11.93 7.88
N VAL F 480 12.84 -12.32 8.80
CA VAL F 480 12.72 -13.72 9.19
C VAL F 480 11.62 -14.39 8.39
N THR F 481 11.89 -15.60 7.91
CA THR F 481 10.86 -16.43 7.26
C THR F 481 10.79 -17.76 8.04
N GLN F 482 9.60 -18.08 8.54
CA GLN F 482 9.37 -19.15 9.50
C GLN F 482 8.41 -20.21 9.01
N ARG F 483 8.68 -21.44 9.42
CA ARG F 483 7.91 -22.61 9.02
C ARG F 483 8.11 -23.70 10.08
N TRP F 484 7.11 -24.54 10.24
CA TRP F 484 7.16 -25.58 11.25
C TRP F 484 6.62 -26.86 10.66
N PRO F 485 7.49 -27.70 10.09
CA PRO F 485 7.01 -28.85 9.32
C PRO F 485 6.48 -29.98 10.19
N SER F 486 7.28 -30.39 11.17
CA SER F 486 7.00 -31.57 11.96
C SER F 486 5.96 -31.23 13.03
N ALA F 487 4.75 -31.80 12.87
CA ALA F 487 3.65 -31.62 13.82
C ALA F 487 4.01 -32.25 15.17
N GLY F 488 4.19 -33.57 15.19
CA GLY F 488 4.80 -34.27 16.34
C GLY F 488 4.01 -34.30 17.63
N VAL F 489 3.86 -33.14 18.26
CA VAL F 489 3.17 -32.96 19.56
C VAL F 489 1.63 -32.88 19.42
N ARG F 490 1.16 -32.27 18.33
CA ARG F 490 -0.28 -32.03 18.07
C ARG F 490 -1.31 -33.18 18.22
N GLU F 491 -1.13 -34.37 17.62
CA GLU F 491 0.06 -34.80 16.85
C GLU F 491 -0.21 -34.88 15.35
N MET G 4 -39.84 -15.39 -23.12
CA MET G 4 -39.07 -14.43 -22.25
C MET G 4 -38.23 -15.16 -21.18
N THR G 5 -36.96 -14.73 -21.06
CA THR G 5 -35.94 -15.41 -20.23
C THR G 5 -35.91 -14.94 -18.79
N THR G 6 -35.55 -15.88 -17.92
CA THR G 6 -35.58 -15.69 -16.48
C THR G 6 -34.17 -15.67 -15.92
N ILE G 7 -33.86 -14.62 -15.17
CA ILE G 7 -32.56 -14.47 -14.53
C ILE G 7 -32.48 -15.19 -13.15
N GLY G 8 -31.41 -15.94 -12.95
CA GLY G 8 -31.25 -16.71 -11.71
C GLY G 8 -30.28 -16.18 -10.64
N HIS G 9 -29.65 -17.15 -9.97
CA HIS G 9 -28.74 -16.87 -8.86
C HIS G 9 -27.47 -17.68 -9.07
N LEU G 10 -26.35 -17.07 -8.72
CA LEU G 10 -25.06 -17.74 -8.76
C LEU G 10 -24.81 -18.31 -7.37
N ILE G 11 -24.96 -19.63 -7.24
CA ILE G 11 -24.72 -20.30 -5.97
C ILE G 11 -23.81 -21.48 -6.25
N ASN G 12 -22.71 -21.54 -5.48
CA ASN G 12 -21.68 -22.58 -5.63
C ASN G 12 -21.17 -22.78 -7.07
N GLY G 13 -21.01 -21.68 -7.80
CA GLY G 13 -20.52 -21.72 -9.17
C GLY G 13 -21.51 -22.21 -10.22
N GLN G 14 -22.80 -22.17 -9.91
CA GLN G 14 -23.83 -22.62 -10.85
C GLN G 14 -25.04 -21.73 -10.83
N LEU G 15 -25.65 -21.57 -12.01
CA LEU G 15 -26.94 -20.85 -12.19
C LEU G 15 -28.15 -21.71 -11.82
N VAL G 16 -28.82 -21.30 -10.75
CA VAL G 16 -29.97 -22.00 -10.20
C VAL G 16 -31.11 -21.01 -10.04
N THR G 17 -32.32 -21.56 -10.00
CA THR G 17 -33.49 -20.70 -9.93
C THR G 17 -34.54 -21.34 -9.02
N GLU G 18 -35.23 -20.52 -8.23
CA GLU G 18 -36.24 -20.98 -7.26
C GLU G 18 -37.61 -21.21 -7.91
N ASN G 19 -38.02 -20.24 -8.73
CA ASN G 19 -39.28 -20.32 -9.48
C ASN G 19 -40.51 -20.35 -8.59
N THR G 20 -40.46 -19.63 -7.48
CA THR G 20 -41.64 -19.44 -6.67
C THR G 20 -42.15 -18.02 -6.76
N ARG G 21 -41.31 -17.09 -7.15
CA ARG G 21 -41.72 -15.71 -7.23
C ARG G 21 -40.77 -14.99 -8.20
N SER G 22 -41.27 -13.98 -8.91
CA SER G 22 -40.48 -13.32 -9.95
C SER G 22 -40.91 -11.89 -10.22
N GLN G 23 -40.02 -11.12 -10.85
CA GLN G 23 -40.20 -9.68 -11.01
C GLN G 23 -39.70 -9.15 -12.35
N ASN G 24 -40.43 -8.16 -12.87
CA ASN G 24 -40.15 -7.57 -14.15
C ASN G 24 -38.95 -6.68 -14.07
N VAL G 25 -37.98 -6.94 -14.94
CA VAL G 25 -36.89 -5.99 -15.15
C VAL G 25 -37.20 -5.30 -16.48
N PHE G 26 -37.14 -3.98 -16.46
CA PHE G 26 -37.57 -3.17 -17.59
C PHE G 26 -36.38 -2.74 -18.43
N ASN G 27 -36.63 -2.42 -19.70
CA ASN G 27 -35.74 -1.57 -20.46
C ASN G 27 -36.28 -0.16 -20.32
N PRO G 28 -35.61 0.68 -19.51
CA PRO G 28 -36.19 1.97 -19.12
C PRO G 28 -36.24 3.01 -20.21
N ALA G 29 -35.55 2.77 -21.32
CA ALA G 29 -35.65 3.60 -22.53
C ALA G 29 -37.00 3.40 -23.22
N THR G 30 -37.32 2.14 -23.55
CA THR G 30 -38.59 1.83 -24.25
C THR G 30 -39.82 1.78 -23.31
N GLY G 31 -39.60 1.43 -22.05
CA GLY G 31 -40.66 1.25 -21.07
C GLY G 31 -41.24 -0.16 -21.07
N GLU G 32 -40.59 -1.07 -21.79
CA GLU G 32 -41.06 -2.45 -21.95
C GLU G 32 -40.38 -3.43 -20.99
N ILE G 33 -41.09 -4.50 -20.65
CA ILE G 33 -40.60 -5.54 -19.78
C ILE G 33 -39.64 -6.40 -20.58
N GLY G 34 -38.37 -6.36 -20.21
CA GLY G 34 -37.35 -7.14 -20.91
C GLY G 34 -37.31 -8.58 -20.45
N LYS G 35 -37.09 -8.77 -19.16
CA LYS G 35 -36.76 -10.10 -18.61
C LYS G 35 -37.42 -10.24 -17.25
N GLN G 36 -37.57 -11.49 -16.83
CA GLN G 36 -38.07 -11.82 -15.50
C GLN G 36 -36.90 -12.12 -14.55
N LEU G 37 -36.97 -11.57 -13.34
CA LEU G 37 -35.96 -11.78 -12.31
C LEU G 37 -36.51 -12.66 -11.19
N ASP G 38 -35.99 -13.87 -11.08
CA ASP G 38 -36.34 -14.79 -9.99
C ASP G 38 -35.95 -14.19 -8.66
N LEU G 39 -36.87 -14.19 -7.70
CA LEU G 39 -36.60 -13.62 -6.37
C LEU G 39 -36.35 -14.73 -5.39
N ALA G 40 -35.26 -14.58 -4.62
CA ALA G 40 -34.83 -15.59 -3.67
C ALA G 40 -35.57 -15.44 -2.33
N SER G 41 -36.07 -16.56 -1.83
CA SER G 41 -36.71 -16.63 -0.52
C SER G 41 -35.57 -16.92 0.42
N THR G 42 -35.84 -16.99 1.71
CA THR G 42 -34.78 -17.21 2.68
C THR G 42 -34.15 -18.58 2.47
N LYS G 43 -34.90 -19.57 2.01
CA LYS G 43 -34.30 -20.91 1.80
C LYS G 43 -33.22 -20.86 0.71
N THR G 44 -33.41 -19.98 -0.28
CA THR G 44 -32.45 -19.84 -1.38
C THR G 44 -31.19 -19.11 -0.91
N VAL G 45 -31.38 -18.10 -0.07
CA VAL G 45 -30.27 -17.35 0.51
C VAL G 45 -29.41 -18.26 1.42
N GLU G 46 -30.06 -19.04 2.27
CA GLU G 46 -29.34 -19.99 3.10
C GLU G 46 -28.46 -20.98 2.36
N GLN G 47 -28.90 -21.42 1.19
CA GLN G 47 -28.06 -22.27 0.33
C GLN G 47 -26.80 -21.52 -0.09
N ALA G 48 -26.98 -20.26 -0.50
CA ALA G 48 -25.86 -19.37 -0.79
C ALA G 48 -24.92 -19.26 0.40
N ILE G 49 -25.48 -18.89 1.54
CA ILE G 49 -24.68 -18.77 2.77
C ILE G 49 -24.01 -20.08 3.13
N SER G 50 -24.69 -21.22 2.95
CA SER G 50 -24.05 -22.50 3.22
C SER G 50 -22.85 -22.79 2.30
N ALA G 51 -23.02 -22.45 1.02
CA ALA G 51 -21.99 -22.68 0.01
C ALA G 51 -20.74 -21.88 0.30
N ALA G 52 -20.95 -20.64 0.76
CA ALA G 52 -19.88 -19.73 1.20
C ALA G 52 -19.17 -20.27 2.44
N GLN G 53 -19.94 -20.73 3.41
CA GLN G 53 -19.38 -21.25 4.65
C GLN G 53 -18.58 -22.52 4.36
N HIS G 54 -19.07 -23.32 3.42
CA HIS G 54 -18.41 -24.55 3.05
C HIS G 54 -17.06 -24.26 2.37
N ALA G 55 -17.00 -23.18 1.61
CA ALA G 55 -15.79 -22.82 0.85
C ALA G 55 -14.77 -22.01 1.67
N PHE G 56 -15.17 -21.57 2.85
CA PHE G 56 -14.41 -20.62 3.64
C PHE G 56 -13.14 -21.18 4.29
N PRO G 57 -13.21 -22.38 4.91
CA PRO G 57 -11.99 -22.92 5.51
C PRO G 57 -10.75 -22.99 4.58
N THR G 58 -10.89 -23.56 3.39
CA THR G 58 -9.73 -23.71 2.50
C THR G 58 -9.33 -22.35 1.89
N TRP G 59 -10.32 -21.53 1.57
CA TRP G 59 -10.06 -20.19 1.04
C TRP G 59 -9.37 -19.30 2.09
N ARG G 60 -9.79 -19.41 3.34
CA ARG G 60 -9.18 -18.68 4.44
C ARG G 60 -7.70 -18.96 4.55
N ASN G 61 -7.31 -20.20 4.32
CA ASN G 61 -5.90 -20.57 4.47
C ASN G 61 -5.09 -20.40 3.18
N THR G 62 -5.76 -19.94 2.12
CA THR G 62 -5.11 -19.74 0.84
C THR G 62 -4.20 -18.53 0.97
N PRO G 63 -2.95 -18.66 0.51
CA PRO G 63 -2.04 -17.52 0.61
C PRO G 63 -2.59 -16.29 -0.12
N PRO G 64 -2.46 -15.10 0.50
CA PRO G 64 -2.90 -13.86 -0.13
C PRO G 64 -2.40 -13.70 -1.57
N LEU G 65 -1.16 -14.12 -1.87
CA LEU G 65 -0.64 -14.04 -3.26
C LEU G 65 -1.51 -14.80 -4.22
N LYS G 66 -1.84 -16.04 -3.87
CA LYS G 66 -2.65 -16.89 -4.71
C LYS G 66 -4.08 -16.36 -4.88
N ARG G 67 -4.65 -15.81 -3.81
CA ARG G 67 -5.98 -15.19 -3.88
C ARG G 67 -5.93 -13.98 -4.84
N ALA G 68 -4.90 -13.17 -4.70
CA ALA G 68 -4.74 -11.97 -5.52
C ALA G 68 -4.64 -12.32 -7.01
N ARG G 69 -3.94 -13.40 -7.33
CA ARG G 69 -3.79 -13.78 -8.73
C ARG G 69 -5.14 -13.99 -9.42
N VAL G 70 -6.15 -14.43 -8.66
CA VAL G 70 -7.54 -14.48 -9.15
C VAL G 70 -8.03 -13.10 -9.59
N MET G 71 -7.82 -12.09 -8.75
CA MET G 71 -8.16 -10.72 -9.12
C MET G 71 -7.30 -10.22 -10.32
N PHE G 72 -6.02 -10.61 -10.38
CA PHE G 72 -5.21 -10.23 -11.56
C PHE G 72 -5.90 -10.74 -12.84
N ARG G 73 -6.38 -12.00 -12.84
CA ARG G 73 -7.05 -12.57 -14.01
C ARG G 73 -8.41 -11.93 -14.23
N PHE G 74 -9.12 -11.69 -13.13
CA PHE G 74 -10.41 -11.05 -13.15
C PHE G 74 -10.39 -9.70 -13.87
N LYS G 75 -9.40 -8.88 -13.51
CA LYS G 75 -9.07 -7.63 -14.21
C LYS G 75 -9.03 -7.77 -15.74
N GLU G 76 -8.30 -8.74 -16.26
CA GLU G 76 -8.25 -8.99 -17.72
C GLU G 76 -9.63 -9.25 -18.30
N LEU G 77 -10.37 -10.14 -17.67
CA LEU G 77 -11.65 -10.55 -18.21
C LEU G 77 -12.62 -9.37 -18.22
N LEU G 78 -12.66 -8.58 -17.15
CA LEU G 78 -13.47 -7.36 -17.13
C LEU G 78 -13.13 -6.41 -18.31
N GLU G 79 -11.84 -6.35 -18.64
CA GLU G 79 -11.35 -5.53 -19.77
C GLU G 79 -11.70 -6.15 -21.12
N GLN G 80 -11.50 -7.45 -21.25
CA GLN G 80 -11.95 -8.21 -22.43
C GLN G 80 -13.43 -8.09 -22.72
N HIS G 81 -14.24 -8.19 -21.67
CA HIS G 81 -15.70 -8.21 -21.78
C HIS G 81 -16.38 -6.82 -21.59
N ALA G 82 -15.67 -5.75 -21.81
CA ALA G 82 -16.13 -4.44 -21.42
C ALA G 82 -17.35 -3.97 -22.21
N ASP G 83 -17.39 -4.27 -23.50
CA ASP G 83 -18.52 -3.87 -24.33
C ASP G 83 -19.82 -4.57 -23.91
N GLU G 84 -19.74 -5.88 -23.65
CA GLU G 84 -20.93 -6.69 -23.28
C GLU G 84 -21.46 -6.23 -21.93
N ILE G 85 -20.56 -5.75 -21.07
CA ILE G 85 -20.91 -5.29 -19.72
C ILE G 85 -21.64 -3.96 -19.77
N CYS G 86 -21.09 -3.04 -20.55
CA CYS G 86 -21.70 -1.71 -20.76
C CYS G 86 -23.03 -1.77 -21.53
N ARG G 87 -23.18 -2.78 -22.36
CA ARG G 87 -24.46 -3.10 -22.97
C ARG G 87 -25.45 -3.53 -21.90
N LEU G 88 -25.03 -4.49 -21.08
CA LEU G 88 -25.86 -5.03 -20.02
C LEU G 88 -26.26 -3.97 -19.01
N ILE G 89 -25.33 -3.05 -18.74
CA ILE G 89 -25.65 -1.89 -17.92
C ILE G 89 -26.67 -1.00 -18.67
N GLY G 90 -26.35 -0.67 -19.92
CA GLY G 90 -27.19 0.16 -20.78
C GLY G 90 -28.59 -0.40 -20.94
N GLU G 91 -28.70 -1.71 -21.10
CA GLU G 91 -29.99 -2.37 -21.32
C GLU G 91 -30.99 -2.10 -20.16
N GLU G 92 -30.54 -2.25 -18.91
CA GLU G 92 -31.43 -2.28 -17.74
C GLU G 92 -31.45 -0.97 -16.93
N HIS G 93 -30.29 -0.39 -16.71
CA HIS G 93 -30.17 0.91 -16.04
C HIS G 93 -30.53 2.01 -17.00
N GLY G 94 -30.05 1.88 -18.26
CA GLY G 94 -30.32 2.85 -19.31
C GLY G 94 -29.18 3.76 -19.70
N LYS G 95 -28.16 3.83 -18.86
CA LYS G 95 -27.08 4.81 -19.05
C LYS G 95 -26.28 4.50 -20.30
N ILE G 96 -25.71 5.54 -20.88
CA ILE G 96 -25.12 5.41 -22.22
C ILE G 96 -23.66 4.87 -22.11
N ALA G 97 -23.15 4.35 -23.22
CA ALA G 97 -21.80 3.75 -23.27
C ALA G 97 -20.72 4.40 -22.36
N HIS G 98 -20.53 5.71 -22.48
CA HIS G 98 -19.40 6.37 -21.82
C HIS G 98 -19.50 6.39 -20.29
N ASP G 99 -20.71 6.55 -19.75
CA ASP G 99 -20.97 6.45 -18.30
C ASP G 99 -20.74 5.02 -17.82
N ALA G 100 -21.25 4.07 -18.60
CA ALA G 100 -21.13 2.66 -18.29
C ALA G 100 -19.66 2.28 -18.27
N MET G 101 -18.90 2.64 -19.30
CA MET G 101 -17.45 2.43 -19.30
C MET G 101 -16.75 3.17 -18.16
N GLY G 102 -17.18 4.40 -17.89
CA GLY G 102 -16.64 5.15 -16.74
C GLY G 102 -16.85 4.41 -15.41
N GLU G 103 -18.03 3.79 -15.29
CA GLU G 103 -18.39 2.99 -14.13
C GLU G 103 -17.57 1.71 -14.07
N LEU G 104 -17.39 1.05 -15.20
CA LEU G 104 -16.64 -0.20 -15.24
C LEU G 104 -15.17 0.05 -14.95
N GLN G 105 -14.64 1.17 -15.41
CA GLN G 105 -13.24 1.48 -15.25
C GLN G 105 -12.92 1.66 -13.75
N ARG G 106 -13.77 2.43 -13.08
CA ARG G 106 -13.59 2.72 -11.66
C ARG G 106 -13.73 1.45 -10.83
N GLY G 107 -14.59 0.55 -11.27
CA GLY G 107 -14.70 -0.79 -10.68
C GLY G 107 -13.45 -1.61 -10.90
N ILE G 108 -12.91 -1.54 -12.11
CA ILE G 108 -11.65 -2.21 -12.41
C ILE G 108 -10.51 -1.71 -11.52
N GLU G 109 -10.47 -0.41 -11.28
CA GLU G 109 -9.50 0.16 -10.35
C GLU G 109 -9.60 -0.40 -8.92
N ASN G 110 -10.80 -0.80 -8.48
CA ASN G 110 -10.97 -1.53 -7.22
C ASN G 110 -10.35 -2.91 -7.23
N VAL G 111 -10.40 -3.56 -8.39
CA VAL G 111 -9.75 -4.88 -8.59
C VAL G 111 -8.23 -4.78 -8.61
N GLU G 112 -7.72 -3.73 -9.27
CA GLU G 112 -6.28 -3.41 -9.29
C GLU G 112 -5.76 -3.25 -7.88
N TYR G 113 -6.44 -2.44 -7.10
CA TYR G 113 -6.03 -2.26 -5.72
C TYR G 113 -6.09 -3.59 -4.93
N ALA G 114 -7.03 -4.46 -5.29
CA ALA G 114 -7.22 -5.77 -4.64
C ALA G 114 -6.11 -6.71 -4.97
N CYS G 115 -5.48 -6.52 -6.13
CA CYS G 115 -4.35 -7.33 -6.53
C CYS G 115 -3.13 -7.16 -5.63
N GLY G 116 -3.06 -6.03 -4.91
CA GLY G 116 -1.99 -5.78 -3.95
C GLY G 116 -2.29 -6.22 -2.53
N ALA G 117 -3.10 -7.27 -2.39
CA ALA G 117 -3.57 -7.74 -1.09
C ALA G 117 -2.46 -8.04 -0.06
N PRO G 118 -1.38 -8.71 -0.47
CA PRO G 118 -0.33 -9.04 0.50
C PRO G 118 0.23 -7.83 1.23
N GLU G 119 0.51 -6.76 0.48
CA GLU G 119 0.93 -5.49 1.04
C GLU G 119 -0.11 -4.99 2.05
N LEU G 120 -1.37 -5.00 1.64
CA LEU G 120 -2.44 -4.36 2.42
C LEU G 120 -2.77 -5.15 3.67
N LEU G 121 -2.51 -6.47 3.65
CA LEU G 121 -2.77 -7.41 4.79
C LEU G 121 -1.62 -7.53 5.79
N LYS G 122 -0.60 -6.69 5.65
CA LYS G 122 0.52 -6.67 6.56
C LYS G 122 0.06 -6.27 7.93
N GLY G 123 0.47 -7.05 8.93
CA GLY G 123 0.24 -6.66 10.31
C GLY G 123 1.43 -5.91 10.85
N GLU G 124 1.42 -5.61 12.14
CA GLU G 124 2.52 -4.91 12.77
C GLU G 124 3.21 -5.84 13.74
N HIS G 125 4.52 -5.95 13.59
CA HIS G 125 5.36 -6.80 14.43
C HIS G 125 6.16 -5.94 15.39
N SER G 126 6.19 -6.34 16.67
CA SER G 126 6.81 -5.57 17.75
C SER G 126 7.80 -6.46 18.47
N ARG G 127 9.07 -6.06 18.42
CA ARG G 127 10.14 -6.76 19.10
C ARG G 127 10.23 -6.31 20.55
N ASN G 128 10.33 -7.27 21.47
CA ASN G 128 10.53 -6.99 22.89
C ASN G 128 9.55 -5.98 23.46
N VAL G 129 8.28 -6.36 23.45
CA VAL G 129 7.29 -5.58 24.15
C VAL G 129 7.67 -5.56 25.61
N GLY G 130 8.09 -6.74 26.09
CA GLY G 130 8.77 -6.91 27.36
C GLY G 130 10.08 -7.66 27.08
N PRO G 131 10.88 -7.95 28.13
CA PRO G 131 12.16 -8.68 27.93
C PRO G 131 11.97 -10.12 27.42
N GLY G 132 12.54 -10.42 26.26
CA GLY G 132 12.31 -11.70 25.57
C GLY G 132 10.84 -12.04 25.24
N ILE G 133 10.01 -11.01 25.01
CA ILE G 133 8.61 -11.16 24.66
C ILE G 133 8.29 -10.32 23.41
N ASP G 134 7.92 -11.02 22.33
CA ASP G 134 7.52 -10.42 21.03
C ASP G 134 6.00 -10.41 20.89
N SER G 135 5.46 -9.44 20.15
CA SER G 135 4.00 -9.41 19.87
C SER G 135 3.74 -8.91 18.45
N TRP G 136 2.71 -9.43 17.79
CA TRP G 136 2.29 -8.91 16.47
C TRP G 136 0.79 -9.00 16.27
N SER G 137 0.28 -8.08 15.44
CA SER G 137 -1.11 -8.12 14.94
C SER G 137 -1.23 -8.92 13.63
N GLU G 138 -2.34 -9.63 13.48
CA GLU G 138 -2.71 -10.25 12.20
C GLU G 138 -4.13 -9.87 11.92
N PHE G 139 -4.40 -9.41 10.70
CA PHE G 139 -5.77 -9.11 10.29
C PHE G 139 -6.26 -10.31 9.52
N GLN G 140 -7.10 -11.10 10.18
CA GLN G 140 -7.52 -12.42 9.70
C GLN G 140 -8.92 -12.29 9.10
N PRO G 141 -9.35 -13.28 8.29
CA PRO G 141 -10.67 -13.16 7.63
C PRO G 141 -11.86 -13.28 8.58
N MET G 142 -13.01 -12.76 8.14
CA MET G 142 -14.24 -12.68 8.93
C MET G 142 -15.04 -13.95 8.81
N GLY G 143 -15.10 -14.46 7.58
CA GLY G 143 -15.92 -15.62 7.25
C GLY G 143 -16.74 -15.31 6.03
N VAL G 144 -18.06 -15.41 6.18
CA VAL G 144 -19.02 -15.09 5.15
C VAL G 144 -19.39 -13.62 5.29
N VAL G 145 -19.32 -12.89 4.18
CA VAL G 145 -19.63 -11.47 4.17
C VAL G 145 -20.76 -11.25 3.22
N ALA G 146 -21.64 -10.31 3.57
CA ALA G 146 -22.82 -10.02 2.79
C ALA G 146 -22.71 -8.63 2.19
N GLY G 147 -23.24 -8.49 0.98
CA GLY G 147 -23.09 -7.25 0.23
C GLY G 147 -24.42 -6.91 -0.40
N ILE G 148 -24.84 -5.66 -0.22
CA ILE G 148 -26.13 -5.19 -0.70
C ILE G 148 -25.95 -3.88 -1.47
N THR G 149 -26.37 -3.89 -2.73
CA THR G 149 -25.98 -2.83 -3.66
C THR G 149 -27.15 -2.17 -4.37
N PRO G 150 -26.97 -0.88 -4.70
CA PRO G 150 -28.04 -0.13 -5.30
C PRO G 150 -28.09 -0.39 -6.81
N PHE G 151 -29.04 0.28 -7.47
CA PHE G 151 -29.30 0.16 -8.92
C PHE G 151 -28.39 1.05 -9.75
N ASN G 152 -28.05 2.21 -9.20
CA ASN G 152 -27.35 3.25 -9.96
C ASN G 152 -26.00 2.85 -10.48
N PHE G 153 -25.33 1.94 -9.77
CA PHE G 153 -24.06 1.34 -10.20
C PHE G 153 -24.08 -0.17 -9.97
N PRO G 154 -24.64 -0.92 -10.92
CA PRO G 154 -24.71 -2.38 -10.77
C PRO G 154 -23.39 -3.09 -10.93
N VAL G 155 -22.39 -2.38 -11.40
CA VAL G 155 -21.06 -2.98 -11.56
C VAL G 155 -20.08 -2.45 -10.53
N MET G 156 -19.95 -1.13 -10.47
CA MET G 156 -18.93 -0.51 -9.67
C MET G 156 -19.18 -0.76 -8.18
N VAL G 157 -20.40 -0.57 -7.71
CA VAL G 157 -20.59 -0.67 -6.27
C VAL G 157 -20.39 -2.11 -5.79
N PRO G 158 -20.85 -3.11 -6.55
CA PRO G 158 -20.41 -4.46 -6.19
C PRO G 158 -18.90 -4.62 -6.12
N LEU G 159 -18.18 -4.18 -7.14
CA LEU G 159 -16.70 -4.24 -7.13
C LEU G 159 -16.01 -3.42 -6.01
N TRP G 160 -16.73 -2.48 -5.41
CA TRP G 160 -16.31 -1.85 -4.16
C TRP G 160 -16.10 -2.90 -3.03
N MET G 161 -16.95 -3.92 -3.08
CA MET G 161 -17.13 -4.86 -1.98
C MET G 161 -16.39 -6.17 -2.18
N PHE G 162 -16.82 -6.98 -3.13
CA PHE G 162 -16.40 -8.38 -3.15
C PHE G 162 -14.95 -8.61 -3.56
N PRO G 163 -14.41 -7.78 -4.47
CA PRO G 163 -13.00 -7.91 -4.82
C PRO G 163 -12.08 -7.80 -3.61
N MET G 164 -12.22 -6.77 -2.81
CA MET G 164 -11.37 -6.65 -1.62
C MET G 164 -11.65 -7.71 -0.59
N ALA G 165 -12.94 -8.04 -0.44
CA ALA G 165 -13.40 -8.95 0.60
C ALA G 165 -12.92 -10.33 0.31
N ILE G 166 -12.99 -10.73 -0.95
CA ILE G 166 -12.59 -12.07 -1.32
C ILE G 166 -11.08 -12.17 -1.16
N VAL G 167 -10.37 -11.12 -1.55
CA VAL G 167 -8.90 -11.20 -1.49
C VAL G 167 -8.37 -11.17 -0.06
N CYS G 168 -9.17 -10.63 0.85
CA CYS G 168 -8.88 -10.66 2.28
C CYS G 168 -9.17 -12.02 2.93
N GLY G 169 -9.69 -12.98 2.13
CA GLY G 169 -9.91 -14.37 2.57
C GLY G 169 -11.31 -14.71 3.08
N ASN G 170 -12.31 -13.92 2.70
CA ASN G 170 -13.69 -14.17 3.07
C ASN G 170 -14.40 -14.77 1.89
N CYS G 171 -15.55 -15.40 2.16
CA CYS G 171 -16.51 -15.71 1.09
C CYS G 171 -17.63 -14.70 1.09
N PHE G 172 -18.32 -14.62 -0.03
CA PHE G 172 -19.19 -13.48 -0.29
C PHE G 172 -20.57 -13.91 -0.78
N VAL G 173 -21.60 -13.21 -0.33
CA VAL G 173 -22.94 -13.34 -0.87
C VAL G 173 -23.37 -11.93 -1.20
N LEU G 174 -23.59 -11.68 -2.48
CA LEU G 174 -24.02 -10.41 -2.97
C LEU G 174 -25.53 -10.45 -3.15
N LYS G 175 -26.21 -9.38 -2.77
CA LYS G 175 -27.61 -9.21 -3.14
C LYS G 175 -27.78 -7.86 -3.84
N PRO G 176 -27.71 -7.87 -5.19
CA PRO G 176 -27.83 -6.62 -5.96
C PRO G 176 -29.24 -6.17 -6.28
N SER G 177 -29.30 -4.92 -6.75
CA SER G 177 -30.53 -4.28 -7.20
C SER G 177 -31.31 -5.15 -8.15
N GLU G 178 -32.58 -5.39 -7.81
CA GLU G 178 -33.52 -6.16 -8.65
C GLU G 178 -33.89 -5.40 -9.93
N ARG G 179 -33.65 -4.09 -9.94
CA ARG G 179 -33.89 -3.27 -11.12
C ARG G 179 -32.87 -3.45 -12.28
N ASP G 180 -31.61 -3.81 -12.00
CA ASP G 180 -30.64 -4.08 -13.08
C ASP G 180 -29.62 -5.16 -12.75
N PRO G 181 -30.08 -6.41 -12.64
CA PRO G 181 -29.29 -7.50 -12.10
C PRO G 181 -28.42 -8.27 -13.09
N SER G 182 -28.58 -8.00 -14.38
CA SER G 182 -27.93 -8.83 -15.40
C SER G 182 -26.44 -8.51 -15.53
N SER G 183 -26.09 -7.22 -15.54
CA SER G 183 -24.70 -6.81 -15.58
C SER G 183 -23.94 -7.30 -14.36
N THR G 184 -24.58 -7.19 -13.20
CA THR G 184 -24.00 -7.63 -11.92
C THR G 184 -23.75 -9.15 -11.86
N LEU G 185 -24.67 -9.95 -12.38
CA LEU G 185 -24.49 -11.41 -12.46
C LEU G 185 -23.41 -11.78 -13.47
N TYR G 186 -23.30 -11.00 -14.53
CA TYR G 186 -22.32 -11.23 -15.57
C TYR G 186 -20.86 -11.23 -15.07
N ILE G 187 -20.49 -10.21 -14.32
CA ILE G 187 -19.12 -10.06 -13.81
C ILE G 187 -18.78 -11.09 -12.77
N ALA G 188 -19.78 -11.50 -12.01
CA ALA G 188 -19.58 -12.59 -11.05
C ALA G 188 -19.26 -13.92 -11.75
N GLN G 189 -19.90 -14.16 -12.89
CA GLN G 189 -19.68 -15.38 -13.66
C GLN G 189 -18.27 -15.44 -14.21
N LEU G 190 -17.73 -14.28 -14.55
CA LEU G 190 -16.35 -14.17 -15.00
C LEU G 190 -15.34 -14.66 -13.96
N LEU G 191 -15.68 -14.44 -12.69
CA LEU G 191 -14.85 -14.77 -11.53
C LEU G 191 -14.51 -16.27 -11.42
N GLN G 192 -15.45 -17.12 -11.83
CA GLN G 192 -15.21 -18.57 -11.91
C GLN G 192 -14.10 -18.86 -12.92
N GLU G 193 -14.23 -18.27 -14.11
CA GLU G 193 -13.25 -18.39 -15.18
C GLU G 193 -11.90 -17.85 -14.73
N ALA G 194 -11.91 -16.79 -13.92
CA ALA G 194 -10.67 -16.21 -13.35
C ALA G 194 -9.94 -17.12 -12.34
N GLY G 195 -10.53 -18.27 -12.01
CA GLY G 195 -9.89 -19.29 -11.19
C GLY G 195 -10.37 -19.33 -9.75
N LEU G 196 -11.46 -18.62 -9.46
CA LEU G 196 -12.03 -18.62 -8.13
C LEU G 196 -12.74 -19.94 -7.84
N PRO G 197 -12.44 -20.58 -6.70
CA PRO G 197 -13.13 -21.81 -6.37
C PRO G 197 -14.59 -21.58 -6.18
N ASP G 198 -15.36 -22.63 -6.37
CA ASP G 198 -16.80 -22.54 -6.26
C ASP G 198 -17.20 -22.24 -4.83
N GLY G 199 -18.20 -21.37 -4.72
CA GLY G 199 -18.84 -21.05 -3.43
C GLY G 199 -18.31 -19.82 -2.75
N VAL G 200 -17.14 -19.36 -3.21
CA VAL G 200 -16.46 -18.20 -2.63
C VAL G 200 -17.22 -16.94 -2.98
N MET G 201 -17.63 -16.81 -4.24
CA MET G 201 -18.50 -15.73 -4.65
C MET G 201 -19.86 -16.31 -4.94
N ASN G 202 -20.87 -15.59 -4.47
CA ASN G 202 -22.28 -15.95 -4.67
C ASN G 202 -23.10 -14.70 -4.91
N VAL G 203 -24.04 -14.79 -5.84
CA VAL G 203 -24.94 -13.70 -6.10
C VAL G 203 -26.33 -14.25 -5.97
N VAL G 204 -27.12 -13.59 -5.15
CA VAL G 204 -28.48 -14.00 -4.85
C VAL G 204 -29.39 -12.77 -5.07
N ASN G 205 -30.11 -12.76 -6.18
CA ASN G 205 -31.11 -11.72 -6.46
C ASN G 205 -32.42 -11.84 -5.69
N GLY G 206 -33.08 -10.71 -5.47
CA GLY G 206 -34.27 -10.68 -4.65
C GLY G 206 -34.62 -9.31 -4.10
N ASP G 207 -35.40 -9.31 -3.02
CA ASP G 207 -35.95 -8.09 -2.45
C ASP G 207 -35.59 -8.04 -0.96
N LYS G 208 -36.39 -7.31 -0.17
CA LYS G 208 -36.18 -7.28 1.27
C LYS G 208 -36.10 -8.70 1.87
N GLU G 209 -36.90 -9.64 1.39
CA GLU G 209 -36.89 -10.98 2.00
C GLU G 209 -35.47 -11.61 1.98
N ALA G 210 -34.75 -11.44 0.86
CA ALA G 210 -33.36 -11.93 0.71
C ALA G 210 -32.34 -11.21 1.64
N VAL G 211 -32.48 -9.89 1.70
CA VAL G 211 -31.69 -9.02 2.58
C VAL G 211 -31.89 -9.39 4.05
N ASP G 212 -33.14 -9.58 4.46
CA ASP G 212 -33.44 -9.99 5.84
C ASP G 212 -32.81 -11.35 6.14
N ALA G 213 -32.82 -12.26 5.17
CA ALA G 213 -32.17 -13.57 5.36
C ALA G 213 -30.66 -13.40 5.67
N LEU G 214 -30.00 -12.57 4.89
CA LEU G 214 -28.60 -12.28 5.16
C LEU G 214 -28.36 -11.68 6.54
N LEU G 215 -29.16 -10.70 6.92
CA LEU G 215 -28.98 -10.00 8.19
C LEU G 215 -29.23 -10.86 9.44
N HIS G 216 -30.01 -11.94 9.31
CA HIS G 216 -30.42 -12.75 10.48
C HIS G 216 -29.72 -14.10 10.57
N ASP G 217 -29.05 -14.50 9.51
CA ASP G 217 -28.28 -15.73 9.53
C ASP G 217 -26.99 -15.51 10.33
N ASP G 218 -26.78 -16.34 11.36
CA ASP G 218 -25.63 -16.20 12.26
C ASP G 218 -24.29 -16.34 11.54
N ARG G 219 -24.28 -17.06 10.41
CA ARG G 219 -23.04 -17.30 9.67
C ARG G 219 -22.49 -16.08 8.91
N VAL G 220 -23.36 -15.10 8.67
CA VAL G 220 -22.99 -13.84 8.04
C VAL G 220 -22.41 -12.93 9.10
N LYS G 221 -21.11 -12.65 8.96
CA LYS G 221 -20.30 -11.95 9.98
C LYS G 221 -20.04 -10.45 9.71
N ALA G 222 -20.27 -10.01 8.47
CA ALA G 222 -20.22 -8.58 8.11
C ALA G 222 -21.19 -8.23 6.97
N VAL G 223 -21.66 -6.99 6.98
CA VAL G 223 -22.64 -6.52 6.02
C VAL G 223 -22.20 -5.17 5.45
N SER G 224 -22.00 -5.13 4.13
CA SER G 224 -21.70 -3.89 3.43
C SER G 224 -22.91 -3.47 2.64
N PHE G 225 -23.48 -2.31 3.00
CA PHE G 225 -24.62 -1.74 2.29
C PHE G 225 -24.30 -0.40 1.64
N VAL G 226 -24.83 -0.22 0.43
CA VAL G 226 -24.85 1.07 -0.24
C VAL G 226 -26.20 1.28 -0.92
N GLY G 227 -26.75 2.49 -0.78
CA GLY G 227 -28.10 2.83 -1.25
C GLY G 227 -28.66 4.09 -0.60
N SER G 228 -29.96 4.10 -0.27
CA SER G 228 -30.64 5.27 0.32
C SER G 228 -30.56 5.27 1.83
N THR G 229 -30.63 6.45 2.43
CA THR G 229 -30.42 6.61 3.87
C THR G 229 -31.44 5.93 4.76
N PRO G 230 -32.73 5.99 4.37
CA PRO G 230 -33.72 5.29 5.18
C PRO G 230 -33.47 3.77 5.24
N ILE G 231 -33.01 3.21 4.13
CA ILE G 231 -32.69 1.78 4.08
C ILE G 231 -31.38 1.51 4.79
N ALA G 232 -30.39 2.35 4.54
CA ALA G 232 -29.11 2.26 5.22
C ALA G 232 -29.30 2.19 6.73
N GLU G 233 -30.21 3.00 7.26
CA GLU G 233 -30.47 3.07 8.72
C GLU G 233 -31.10 1.77 9.23
N TYR G 234 -32.02 1.23 8.46
CA TYR G 234 -32.62 -0.05 8.81
C TYR G 234 -31.53 -1.11 8.86
N ILE G 235 -30.64 -1.11 7.86
CA ILE G 235 -29.68 -2.19 7.70
C ILE G 235 -28.69 -2.13 8.83
N TYR G 236 -28.24 -0.91 9.10
CA TYR G 236 -27.31 -0.68 10.18
C TYR G 236 -27.91 -1.14 11.50
N ARG G 237 -29.06 -0.59 11.85
CA ARG G 237 -29.77 -0.95 13.09
C ARG G 237 -29.96 -2.48 13.19
N THR G 238 -30.48 -3.09 12.12
CA THR G 238 -30.82 -4.52 12.13
C THR G 238 -29.58 -5.35 12.38
N ALA G 239 -28.54 -5.08 11.62
CA ALA G 239 -27.31 -5.82 11.72
C ALA G 239 -26.68 -5.68 13.11
N SER G 240 -26.64 -4.46 13.60
CA SER G 240 -26.16 -4.14 14.96
C SER G 240 -26.88 -4.87 16.10
N ALA G 241 -28.17 -5.04 15.93
CA ALA G 241 -28.98 -5.77 16.87
C ALA G 241 -28.63 -7.24 16.79
N ASN G 242 -28.31 -7.75 15.60
CA ASN G 242 -27.94 -9.16 15.43
C ASN G 242 -26.49 -9.49 15.76
N GLY G 243 -25.72 -8.47 16.15
CA GLY G 243 -24.34 -8.64 16.67
C GLY G 243 -23.20 -8.37 15.68
N LYS G 244 -23.48 -8.64 14.40
CA LYS G 244 -22.52 -8.45 13.30
C LYS G 244 -22.18 -6.99 12.99
N ARG G 245 -21.01 -6.79 12.41
CA ARG G 245 -20.51 -5.45 12.05
C ARG G 245 -21.14 -5.01 10.76
N CYS G 246 -21.11 -3.71 10.54
CA CYS G 246 -21.80 -3.18 9.39
C CYS G 246 -21.30 -1.80 8.96
N GLN G 247 -21.31 -1.58 7.66
CA GLN G 247 -21.11 -0.23 7.10
C GLN G 247 -22.25 0.01 6.13
N ALA G 248 -22.93 1.14 6.27
CA ALA G 248 -24.09 1.40 5.46
C ALA G 248 -23.97 2.80 4.96
N LEU G 249 -23.98 2.93 3.65
CA LEU G 249 -23.84 4.23 3.01
C LEU G 249 -25.19 4.68 2.47
N GLY G 250 -25.48 5.96 2.65
CA GLY G 250 -26.80 6.50 2.40
C GLY G 250 -26.80 7.54 1.31
N GLY G 251 -27.86 8.34 1.30
CA GLY G 251 -28.07 9.37 0.28
C GLY G 251 -27.21 10.60 0.46
N ALA G 252 -27.56 11.63 -0.29
CA ALA G 252 -26.72 12.81 -0.42
C ALA G 252 -27.41 14.00 -1.06
N LYS G 253 -26.95 15.19 -0.67
CA LYS G 253 -27.25 16.45 -1.34
C LYS G 253 -25.94 17.20 -1.44
N ASN G 254 -25.23 16.96 -2.52
CA ASN G 254 -23.92 17.55 -2.71
C ASN G 254 -24.05 19.00 -3.16
N HIS G 255 -23.26 19.88 -2.57
CA HIS G 255 -23.30 21.30 -2.88
C HIS G 255 -21.98 21.68 -3.54
N ALA G 256 -21.97 22.79 -4.26
CA ALA G 256 -20.73 23.36 -4.75
C ALA G 256 -20.73 24.86 -4.54
N ILE G 257 -19.66 25.36 -3.94
CA ILE G 257 -19.50 26.77 -3.71
C ILE G 257 -18.81 27.35 -4.94
N VAL G 258 -19.51 28.26 -5.62
CA VAL G 258 -18.97 29.01 -6.73
C VAL G 258 -18.51 30.38 -6.23
N MET G 259 -17.23 30.48 -5.89
CA MET G 259 -16.69 31.76 -5.45
C MET G 259 -16.60 32.78 -6.60
N PRO G 260 -16.51 34.07 -6.26
CA PRO G 260 -16.37 35.13 -7.28
C PRO G 260 -15.12 35.01 -8.15
N ASP G 261 -14.03 34.54 -7.55
CA ASP G 261 -12.75 34.43 -8.26
C ASP G 261 -12.64 33.17 -9.11
N ALA G 262 -13.75 32.46 -9.25
CA ALA G 262 -13.76 31.19 -9.96
C ALA G 262 -13.80 31.39 -11.47
N ASP G 263 -13.02 30.57 -12.19
CA ASP G 263 -13.14 30.46 -13.61
C ASP G 263 -14.49 29.80 -13.85
N MET G 264 -15.40 30.57 -14.42
CA MET G 264 -16.81 30.22 -14.55
C MET G 264 -17.10 29.26 -15.71
N ASP G 265 -16.26 29.33 -16.75
CA ASP G 265 -16.38 28.41 -17.90
C ASP G 265 -15.96 27.01 -17.49
N ASN G 266 -14.90 26.92 -16.70
CA ASN G 266 -14.47 25.67 -16.08
C ASN G 266 -15.52 25.09 -15.12
N ALA G 267 -16.12 25.95 -14.31
CA ALA G 267 -17.11 25.51 -13.33
C ALA G 267 -18.31 24.89 -14.02
N VAL G 268 -18.89 25.63 -14.97
CA VAL G 268 -20.11 25.26 -15.66
C VAL G 268 -19.93 24.02 -16.53
N ASN G 269 -18.83 24.00 -17.29
CA ASN G 269 -18.46 22.80 -18.06
C ASN G 269 -18.43 21.57 -17.16
N GLN G 270 -17.83 21.70 -15.98
CA GLN G 270 -17.69 20.57 -15.07
C GLN G 270 -18.98 20.22 -14.33
N LEU G 271 -19.74 21.24 -13.98
CA LEU G 271 -21.05 21.05 -13.35
C LEU G 271 -22.07 20.35 -14.25
N LEU G 272 -21.87 20.38 -15.57
CA LEU G 272 -22.71 19.62 -16.51
C LEU G 272 -22.66 18.14 -16.17
N GLY G 273 -21.45 17.59 -16.17
CA GLY G 273 -21.21 16.17 -15.97
C GLY G 273 -21.63 15.71 -14.59
N ALA G 274 -21.36 16.56 -13.61
CA ALA G 274 -21.63 16.25 -12.21
C ALA G 274 -23.14 16.15 -11.96
N ALA G 275 -23.85 17.21 -12.32
CA ALA G 275 -25.29 17.31 -12.12
C ALA G 275 -26.10 16.32 -12.98
N PHE G 276 -25.78 16.25 -14.27
CA PHE G 276 -26.61 15.55 -15.25
C PHE G 276 -26.04 14.21 -15.72
N GLY G 277 -24.77 13.98 -15.41
CA GLY G 277 -24.15 12.70 -15.74
C GLY G 277 -24.90 11.58 -15.03
N SER G 278 -24.94 10.41 -15.68
CA SER G 278 -25.73 9.25 -15.22
C SER G 278 -27.18 9.67 -14.86
N SER G 279 -27.69 10.68 -15.59
CA SER G 279 -29.04 11.21 -15.41
C SER G 279 -29.33 11.75 -14.00
N GLY G 280 -28.25 12.15 -13.31
CA GLY G 280 -28.31 12.63 -11.92
C GLY G 280 -28.54 11.56 -10.86
N GLU G 281 -28.55 10.30 -11.28
CA GLU G 281 -28.86 9.17 -10.38
C GLU G 281 -27.54 8.65 -9.80
N ARG G 282 -26.97 9.46 -8.90
CA ARG G 282 -25.61 9.27 -8.45
C ARG G 282 -25.50 9.81 -7.00
N CYS G 283 -24.91 9.00 -6.10
CA CYS G 283 -24.65 9.39 -4.68
C CYS G 283 -23.65 10.56 -4.58
N MET G 284 -22.84 10.78 -5.63
CA MET G 284 -21.97 11.96 -5.72
C MET G 284 -22.41 13.06 -6.71
N ALA G 285 -23.63 12.95 -7.21
CA ALA G 285 -24.20 13.92 -8.16
C ALA G 285 -24.34 15.30 -7.52
N LEU G 286 -23.67 16.28 -8.11
CA LEU G 286 -23.69 17.66 -7.61
C LEU G 286 -25.00 18.39 -7.98
N SER G 287 -25.97 18.35 -7.08
CA SER G 287 -27.34 18.78 -7.35
C SER G 287 -27.66 20.20 -6.85
N VAL G 288 -26.74 20.84 -6.12
CA VAL G 288 -26.96 22.20 -5.60
C VAL G 288 -25.73 23.06 -5.88
N ALA G 289 -25.94 24.21 -6.51
CA ALA G 289 -24.85 25.12 -6.83
C ALA G 289 -25.02 26.40 -6.01
N VAL G 290 -24.22 26.56 -4.96
CA VAL G 290 -24.36 27.69 -4.06
C VAL G 290 -23.55 28.83 -4.62
N ALA G 291 -24.23 29.82 -5.16
CA ALA G 291 -23.58 31.01 -5.69
C ALA G 291 -23.48 32.06 -4.60
N VAL G 292 -22.23 32.35 -4.20
CA VAL G 292 -21.91 33.45 -3.29
C VAL G 292 -21.84 34.73 -4.14
N GLY G 293 -22.76 35.65 -3.87
CA GLY G 293 -22.89 36.87 -4.65
C GLY G 293 -23.84 36.66 -5.82
N ASP G 294 -24.11 37.75 -6.54
CA ASP G 294 -24.78 37.70 -7.84
C ASP G 294 -24.76 39.03 -8.62
N ALA G 295 -23.68 39.38 -9.33
CA ALA G 295 -22.35 38.72 -9.45
C ALA G 295 -22.31 37.32 -10.11
N ALA G 296 -22.05 36.27 -9.31
CA ALA G 296 -21.86 34.91 -9.81
C ALA G 296 -23.19 34.16 -10.05
N GLY G 297 -24.19 34.42 -9.22
CA GLY G 297 -25.53 33.84 -9.39
C GLY G 297 -26.17 34.05 -10.76
N ASP G 298 -26.03 35.26 -11.30
CA ASP G 298 -26.50 35.57 -12.67
C ASP G 298 -25.61 34.95 -13.75
N ALA G 299 -24.30 35.15 -13.64
CA ALA G 299 -23.31 34.63 -14.61
C ALA G 299 -23.25 33.08 -14.69
N LEU G 300 -23.63 32.42 -13.58
CA LEU G 300 -23.78 30.97 -13.51
C LEU G 300 -25.00 30.58 -14.33
N VAL G 301 -26.17 31.01 -13.87
CA VAL G 301 -27.43 30.58 -14.48
C VAL G 301 -27.42 30.90 -15.97
N SER G 302 -26.82 32.03 -16.33
CA SER G 302 -26.62 32.41 -17.71
C SER G 302 -25.86 31.30 -18.45
N LYS G 303 -24.57 31.15 -18.16
CA LYS G 303 -23.71 30.20 -18.90
C LYS G 303 -24.17 28.75 -18.79
N MET G 304 -24.86 28.42 -17.69
CA MET G 304 -25.38 27.07 -17.47
C MET G 304 -26.53 26.78 -18.42
N THR G 305 -27.43 27.76 -18.56
CA THR G 305 -28.56 27.66 -19.49
C THR G 305 -28.09 27.48 -20.94
N GLN G 306 -27.05 28.21 -21.33
CA GLN G 306 -26.41 28.07 -22.66
C GLN G 306 -25.84 26.66 -22.96
N ALA G 307 -24.91 26.21 -22.14
CA ALA G 307 -24.34 24.87 -22.30
C ALA G 307 -25.38 23.76 -22.14
N MET G 308 -26.44 24.00 -21.37
CA MET G 308 -27.51 23.01 -21.18
C MET G 308 -28.36 22.74 -22.44
N GLN G 309 -28.42 23.68 -23.39
CA GLN G 309 -29.14 23.45 -24.67
C GLN G 309 -28.49 22.37 -25.57
N LYS G 310 -27.18 22.17 -25.41
CA LYS G 310 -26.41 21.16 -26.18
C LYS G 310 -26.50 19.71 -25.63
N LEU G 311 -27.28 19.53 -24.57
CA LEU G 311 -27.50 18.23 -23.95
C LEU G 311 -28.46 17.34 -24.71
N LYS G 312 -28.04 16.10 -24.95
CA LYS G 312 -28.84 15.12 -25.66
C LYS G 312 -29.32 14.01 -24.72
N VAL G 313 -30.64 13.89 -24.61
CA VAL G 313 -31.29 12.88 -23.79
C VAL G 313 -31.90 11.86 -24.75
N GLY G 314 -31.58 10.59 -24.53
CA GLY G 314 -32.09 9.53 -25.39
C GLY G 314 -31.55 8.19 -24.95
N PRO G 315 -31.92 7.09 -25.65
CA PRO G 315 -31.51 5.73 -25.25
C PRO G 315 -30.02 5.44 -25.41
N SER G 316 -29.58 4.32 -24.84
CA SER G 316 -28.17 3.92 -24.90
C SER G 316 -27.74 3.44 -26.30
N THR G 317 -28.72 2.96 -27.08
CA THR G 317 -28.55 2.53 -28.49
C THR G 317 -27.88 3.61 -29.35
N ASP G 318 -28.27 4.85 -29.12
CA ASP G 318 -27.56 6.00 -29.66
C ASP G 318 -26.48 6.44 -28.66
N SER G 319 -25.22 6.15 -28.99
CA SER G 319 -24.09 6.76 -28.28
C SER G 319 -24.09 8.21 -28.69
N GLY G 320 -23.37 9.04 -27.95
CA GLY G 320 -23.32 10.48 -28.26
C GLY G 320 -24.39 11.25 -27.52
N ASN G 321 -25.41 10.54 -27.03
CA ASN G 321 -26.28 11.08 -25.99
C ASN G 321 -25.45 11.41 -24.73
N ASP G 322 -25.87 12.47 -24.02
CA ASP G 322 -25.22 12.88 -22.80
C ASP G 322 -25.64 12.00 -21.62
N PHE G 323 -26.95 11.71 -21.50
CA PHE G 323 -27.46 10.77 -20.50
C PHE G 323 -28.76 10.09 -20.90
N GLY G 324 -29.07 9.00 -20.23
CA GLY G 324 -30.20 8.14 -20.57
C GLY G 324 -31.41 8.30 -19.67
N PRO G 325 -32.33 7.32 -19.69
CA PRO G 325 -33.53 7.47 -18.88
C PRO G 325 -33.28 7.21 -17.41
N VAL G 326 -34.26 7.62 -16.62
CA VAL G 326 -34.35 7.32 -15.19
C VAL G 326 -34.71 5.84 -15.06
N ILE G 327 -34.48 5.26 -13.89
CA ILE G 327 -34.59 3.80 -13.68
C ILE G 327 -36.02 3.19 -13.77
N THR G 328 -37.02 3.85 -13.19
CA THR G 328 -38.40 3.36 -13.21
C THR G 328 -39.41 4.49 -13.40
N ARG G 329 -40.62 4.09 -13.81
CA ARG G 329 -41.76 5.01 -13.98
C ARG G 329 -42.01 5.73 -12.65
N GLN G 330 -42.14 4.94 -11.57
CA GLN G 330 -42.27 5.44 -10.19
C GLN G 330 -41.25 6.54 -9.85
N HIS G 331 -40.00 6.30 -10.26
CA HIS G 331 -38.91 7.24 -10.03
C HIS G 331 -39.03 8.46 -10.92
N GLN G 332 -39.45 8.26 -12.18
CA GLN G 332 -39.68 9.38 -13.09
C GLN G 332 -40.75 10.32 -12.52
N GLU G 333 -41.87 9.75 -12.09
CA GLU G 333 -42.96 10.53 -11.50
C GLU G 333 -42.47 11.27 -10.26
N LYS G 334 -41.73 10.58 -9.39
CA LYS G 334 -41.12 11.22 -8.21
C LYS G 334 -40.20 12.41 -8.56
N VAL G 335 -39.36 12.24 -9.59
CA VAL G 335 -38.50 13.34 -10.07
C VAL G 335 -39.35 14.49 -10.63
N ILE G 336 -40.37 14.15 -11.40
CA ILE G 336 -41.27 15.16 -11.92
C ILE G 336 -41.85 15.92 -10.73
N GLY G 337 -42.40 15.16 -9.77
CA GLY G 337 -42.97 15.68 -8.52
C GLY G 337 -42.13 16.72 -7.80
N TYR G 338 -40.83 16.46 -7.69
CA TYR G 338 -39.91 17.43 -7.04
C TYR G 338 -39.73 18.74 -7.84
N ILE G 339 -39.81 18.67 -9.16
CA ILE G 339 -39.70 19.88 -10.00
C ILE G 339 -41.00 20.71 -9.90
N ASN G 340 -42.12 20.02 -9.72
CA ASN G 340 -43.42 20.66 -9.51
C ASN G 340 -43.50 21.34 -8.15
N SER G 341 -43.01 20.64 -7.12
CA SER G 341 -42.95 21.19 -5.77
C SER G 341 -41.99 22.39 -5.66
N ALA G 342 -40.95 22.43 -6.51
CA ALA G 342 -40.03 23.57 -6.54
C ALA G 342 -40.71 24.80 -7.14
N GLU G 343 -41.35 24.61 -8.29
CA GLU G 343 -42.11 25.68 -8.94
C GLU G 343 -43.26 26.18 -8.07
N GLN G 344 -43.98 25.25 -7.44
CA GLN G 344 -45.07 25.60 -6.51
C GLN G 344 -44.62 26.37 -5.27
N GLN G 345 -43.43 26.05 -4.75
CA GLN G 345 -42.85 26.79 -3.62
C GLN G 345 -41.94 27.98 -4.02
N GLY G 346 -42.11 28.50 -5.24
CA GLY G 346 -41.55 29.81 -5.61
C GLY G 346 -40.29 29.83 -6.44
N ALA G 347 -39.82 28.65 -6.85
CA ALA G 347 -38.56 28.55 -7.59
C ALA G 347 -38.76 28.85 -9.06
N THR G 348 -37.79 29.57 -9.64
CA THR G 348 -37.73 29.87 -11.08
C THR G 348 -37.22 28.66 -11.89
N ILE G 349 -38.13 27.94 -12.55
CA ILE G 349 -37.79 26.79 -13.40
C ILE G 349 -37.14 27.28 -14.70
N VAL G 350 -35.85 27.59 -14.62
CA VAL G 350 -35.16 28.24 -15.73
C VAL G 350 -35.25 27.38 -16.97
N VAL G 351 -34.73 26.16 -16.89
CA VAL G 351 -34.80 25.19 -18.00
C VAL G 351 -35.71 24.08 -17.53
N ASP G 352 -36.84 23.91 -18.21
CA ASP G 352 -37.80 22.85 -17.89
C ASP G 352 -37.55 21.60 -18.72
N GLY G 353 -37.36 20.48 -18.04
CA GLY G 353 -37.19 19.16 -18.66
C GLY G 353 -38.28 18.17 -18.28
N ARG G 354 -39.31 18.62 -17.55
CA ARG G 354 -40.39 17.74 -17.08
C ARG G 354 -41.06 16.99 -18.25
N GLN G 355 -41.30 17.71 -19.32
CA GLN G 355 -41.82 17.14 -20.55
C GLN G 355 -40.64 17.07 -21.51
N PRO G 356 -39.85 15.98 -21.46
CA PRO G 356 -38.69 15.97 -22.34
C PRO G 356 -39.13 15.77 -23.77
N LYS G 357 -39.90 14.71 -24.01
CA LYS G 357 -40.43 14.40 -25.34
C LYS G 357 -39.35 14.40 -26.42
N VAL G 358 -38.08 14.28 -26.02
CA VAL G 358 -36.94 14.31 -26.97
C VAL G 358 -36.88 12.96 -27.72
N PRO G 359 -37.17 11.83 -27.04
CA PRO G 359 -37.47 10.61 -27.79
C PRO G 359 -38.89 10.73 -28.31
N ASN G 360 -39.21 10.37 -29.56
CA ASN G 360 -38.50 9.50 -30.53
C ASN G 360 -38.69 8.04 -30.21
N HIS G 361 -39.93 7.59 -30.47
CA HIS G 361 -40.31 6.17 -30.39
C HIS G 361 -40.15 5.58 -29.00
N GLU G 362 -40.21 6.44 -27.99
CA GLU G 362 -39.95 6.06 -26.60
C GLU G 362 -40.83 6.88 -25.62
N ASN G 363 -41.86 6.21 -25.09
CA ASN G 363 -42.56 6.60 -23.86
C ASN G 363 -41.94 5.82 -22.66
N GLY G 364 -40.63 5.94 -22.51
CA GLY G 364 -39.94 5.32 -21.39
C GLY G 364 -39.76 6.38 -20.33
N PHE G 365 -38.82 6.12 -19.41
CA PHE G 365 -38.75 6.87 -18.17
C PHE G 365 -37.78 8.04 -18.28
N PHE G 366 -38.01 8.90 -19.27
CA PHE G 366 -37.10 10.01 -19.57
C PHE G 366 -37.43 11.29 -18.82
N VAL G 367 -36.36 11.99 -18.41
CA VAL G 367 -36.47 13.32 -17.83
C VAL G 367 -35.28 14.13 -18.39
N GLY G 368 -35.56 15.31 -18.92
CA GLY G 368 -34.53 16.20 -19.44
C GLY G 368 -33.81 16.93 -18.33
N GLY G 369 -32.63 17.45 -18.64
CA GLY G 369 -31.85 18.23 -17.69
C GLY G 369 -32.57 19.53 -17.33
N THR G 370 -32.79 19.75 -16.04
CA THR G 370 -33.48 20.96 -15.63
C THR G 370 -32.54 21.86 -14.85
N LEU G 371 -32.93 23.13 -14.72
CA LEU G 371 -32.20 24.13 -13.96
C LEU G 371 -33.20 24.93 -13.13
N ILE G 372 -33.22 24.70 -11.83
CA ILE G 372 -34.07 25.46 -10.92
C ILE G 372 -33.21 26.55 -10.23
N ASP G 373 -33.62 27.82 -10.36
CA ASP G 373 -32.93 28.96 -9.72
C ASP G 373 -33.75 29.46 -8.55
N HIS G 374 -33.12 30.28 -7.72
CA HIS G 374 -33.77 30.92 -6.57
C HIS G 374 -34.47 29.88 -5.68
N VAL G 375 -33.70 28.88 -5.24
CA VAL G 375 -34.20 27.87 -4.28
C VAL G 375 -33.72 28.18 -2.87
N THR G 376 -34.54 27.83 -1.90
CA THR G 376 -34.32 28.23 -0.52
C THR G 376 -34.29 27.03 0.39
N PRO G 377 -33.54 27.13 1.50
CA PRO G 377 -33.47 26.02 2.46
C PRO G 377 -34.81 25.37 2.79
N GLU G 378 -35.87 26.17 2.83
CA GLU G 378 -37.20 25.71 3.27
C GLU G 378 -37.98 24.88 2.23
N MET G 379 -37.51 24.87 0.99
CA MET G 379 -38.16 24.06 -0.05
C MET G 379 -37.93 22.57 0.18
N THR G 380 -38.96 21.76 -0.09
CA THR G 380 -38.89 20.29 0.10
C THR G 380 -37.94 19.65 -0.90
N SER G 381 -37.97 20.15 -2.12
CA SER G 381 -37.09 19.65 -3.18
C SER G 381 -35.61 19.88 -2.85
N TYR G 382 -35.30 20.92 -2.08
CA TYR G 382 -33.93 21.19 -1.64
C TYR G 382 -33.51 20.27 -0.49
N GLN G 383 -34.43 20.05 0.45
CA GLN G 383 -34.11 19.28 1.66
C GLN G 383 -33.90 17.80 1.38
N GLU G 384 -34.59 17.30 0.36
CA GLU G 384 -34.58 15.89 0.06
C GLU G 384 -33.72 15.61 -1.17
N GLU G 385 -33.36 14.35 -1.34
CA GLU G 385 -32.58 13.89 -2.49
C GLU G 385 -33.54 13.62 -3.63
N ILE G 386 -33.35 14.36 -4.73
CA ILE G 386 -34.15 14.19 -5.93
C ILE G 386 -33.72 12.93 -6.68
N PHE G 387 -32.42 12.83 -6.99
CA PHE G 387 -31.83 11.64 -7.63
C PHE G 387 -32.31 11.59 -9.09
N GLY G 388 -32.11 12.71 -9.76
CA GLY G 388 -32.48 12.88 -11.14
C GLY G 388 -31.70 14.05 -11.72
N PRO G 389 -31.93 14.35 -13.01
CA PRO G 389 -31.07 15.32 -13.71
C PRO G 389 -31.44 16.78 -13.44
N VAL G 390 -31.19 17.22 -12.21
CA VAL G 390 -31.67 18.51 -11.71
C VAL G 390 -30.53 19.23 -11.07
N LEU G 391 -30.22 20.43 -11.51
CA LEU G 391 -29.28 21.27 -10.80
C LEU G 391 -29.98 22.48 -10.17
N GLN G 392 -30.02 22.53 -8.85
CA GLN G 392 -30.60 23.67 -8.10
C GLN G 392 -29.55 24.72 -7.79
N VAL G 393 -30.02 25.95 -7.64
CA VAL G 393 -29.14 27.08 -7.42
C VAL G 393 -29.69 27.86 -6.23
N VAL G 394 -28.78 28.10 -5.30
CA VAL G 394 -29.03 28.86 -4.11
C VAL G 394 -28.15 30.08 -4.25
N ARG G 395 -28.63 31.20 -3.73
CA ARG G 395 -27.89 32.45 -3.73
C ARG G 395 -27.65 32.83 -2.28
N VAL G 396 -26.41 33.19 -1.96
CA VAL G 396 -26.05 33.62 -0.59
C VAL G 396 -25.08 34.79 -0.60
N ALA G 397 -24.98 35.45 0.54
CA ALA G 397 -24.23 36.69 0.65
C ALA G 397 -22.72 36.46 0.66
N THR G 398 -22.26 35.64 1.61
CA THR G 398 -20.82 35.30 1.83
C THR G 398 -20.54 33.78 1.78
N MET G 399 -19.27 33.46 1.56
CA MET G 399 -18.78 32.07 1.57
C MET G 399 -19.20 31.29 2.83
N GLN G 400 -18.99 31.93 3.99
CA GLN G 400 -19.37 31.38 5.30
C GLN G 400 -20.85 31.00 5.36
N ASP G 401 -21.72 31.81 4.74
CA ASP G 401 -23.16 31.51 4.67
C ASP G 401 -23.38 30.24 3.85
N ALA G 402 -22.60 30.08 2.78
CA ALA G 402 -22.63 28.86 1.98
C ALA G 402 -22.24 27.66 2.84
N MET G 403 -21.15 27.79 3.59
CA MET G 403 -20.66 26.68 4.41
C MET G 403 -21.61 26.29 5.52
N ASP G 404 -22.20 27.29 6.15
CA ASP G 404 -23.24 27.06 7.19
C ASP G 404 -24.42 26.33 6.61
N LEU G 405 -24.76 26.64 5.35
CA LEU G 405 -25.88 26.01 4.68
C LEU G 405 -25.61 24.52 4.39
N ILE G 406 -24.40 24.22 3.93
CA ILE G 406 -23.98 22.83 3.71
C ILE G 406 -24.00 22.04 5.03
N ASP G 407 -23.32 22.55 6.07
CA ASP G 407 -23.29 21.91 7.40
C ASP G 407 -24.68 21.72 8.03
N ALA G 408 -25.61 22.63 7.71
CA ALA G 408 -26.99 22.54 8.19
C ALA G 408 -27.74 21.38 7.57
N HIS G 409 -27.37 20.99 6.34
CA HIS G 409 -28.08 19.92 5.63
C HIS G 409 -27.97 18.52 6.31
N GLU G 410 -28.99 17.68 6.12
CA GLU G 410 -29.06 16.34 6.72
C GLU G 410 -27.86 15.49 6.31
N TYR G 411 -27.64 15.43 5.00
CA TYR G 411 -26.52 14.70 4.40
C TYR G 411 -25.21 15.46 4.47
N GLY G 412 -24.14 14.73 4.16
CA GLY G 412 -22.79 15.27 4.09
C GLY G 412 -21.88 14.30 3.38
N ASN G 413 -22.30 13.84 2.22
CA ASN G 413 -21.52 12.87 1.44
C ASN G 413 -20.34 13.54 0.73
N GLY G 414 -20.64 14.45 -0.20
CA GLY G 414 -19.63 15.08 -1.06
C GLY G 414 -19.90 16.55 -1.29
N THR G 415 -18.82 17.32 -1.46
CA THR G 415 -18.94 18.74 -1.72
C THR G 415 -17.78 19.25 -2.58
N CYS G 416 -17.95 20.44 -3.14
CA CYS G 416 -16.91 21.09 -3.92
C CYS G 416 -16.80 22.60 -3.63
N ILE G 417 -15.66 23.17 -3.97
CA ILE G 417 -15.49 24.61 -4.01
C ILE G 417 -14.68 24.99 -5.27
N PHE G 418 -15.31 25.82 -6.12
CA PHE G 418 -14.64 26.39 -7.26
C PHE G 418 -13.99 27.69 -6.83
N THR G 419 -12.66 27.73 -6.81
CA THR G 419 -11.93 28.96 -6.45
C THR G 419 -10.45 28.86 -6.78
N ARG G 420 -9.82 30.03 -6.95
CA ARG G 420 -8.39 30.14 -7.27
C ARG G 420 -7.53 30.41 -6.03
N ASP G 421 -8.14 31.02 -5.02
CA ASP G 421 -7.43 31.40 -3.79
C ASP G 421 -7.22 30.16 -2.91
N GLY G 422 -5.97 29.99 -2.47
CA GLY G 422 -5.58 28.84 -1.67
C GLY G 422 -6.09 28.89 -0.25
N GLU G 423 -6.17 30.10 0.30
CA GLU G 423 -6.69 30.27 1.66
C GLU G 423 -8.16 29.82 1.79
N ALA G 424 -8.97 30.13 0.80
CA ALA G 424 -10.36 29.70 0.81
C ALA G 424 -10.47 28.20 0.68
N ALA G 425 -9.55 27.61 -0.11
CA ALA G 425 -9.54 26.17 -0.35
C ALA G 425 -9.31 25.44 0.93
N ARG G 426 -8.24 25.78 1.62
CA ARG G 426 -7.93 25.10 2.88
C ARG G 426 -9.05 25.28 3.89
N TYR G 427 -9.48 26.53 4.09
CA TYR G 427 -10.53 26.82 5.07
C TYR G 427 -11.79 26.02 4.81
N PHE G 428 -12.12 25.82 3.55
CA PHE G 428 -13.27 25.01 3.17
C PHE G 428 -13.00 23.52 3.47
N SER G 429 -11.91 22.99 2.91
CA SER G 429 -11.62 21.58 3.08
C SER G 429 -11.36 21.21 4.54
N ASP G 430 -10.78 22.13 5.32
CA ASP G 430 -10.52 21.85 6.74
C ASP G 430 -11.78 21.79 7.58
N ASN G 431 -12.62 22.82 7.46
CA ASN G 431 -13.82 23.00 8.30
C ASN G 431 -15.13 22.42 7.79
N ILE G 432 -15.21 22.05 6.52
CA ILE G 432 -16.51 21.63 5.99
C ILE G 432 -16.86 20.22 6.48
N GLN G 433 -18.10 20.05 6.96
CA GLN G 433 -18.54 18.79 7.57
C GLN G 433 -19.14 17.85 6.53
N VAL G 434 -18.34 17.54 5.51
CA VAL G 434 -18.66 16.47 4.59
C VAL G 434 -17.44 15.56 4.40
N GLY G 435 -17.73 14.28 4.16
CA GLY G 435 -16.71 13.26 4.08
C GLY G 435 -15.71 13.43 2.95
N MET G 436 -16.20 13.81 1.77
CA MET G 436 -15.37 13.91 0.58
C MET G 436 -15.43 15.30 -0.10
N VAL G 437 -14.28 15.98 -0.12
CA VAL G 437 -14.19 17.39 -0.47
C VAL G 437 -13.41 17.62 -1.75
N GLY G 438 -14.05 18.31 -2.69
CA GLY G 438 -13.41 18.77 -3.93
C GLY G 438 -12.97 20.23 -3.96
N ILE G 439 -11.75 20.47 -4.44
CA ILE G 439 -11.25 21.78 -4.84
C ILE G 439 -11.20 21.81 -6.36
N ASN G 440 -12.18 22.47 -6.98
CA ASN G 440 -12.32 22.51 -8.44
C ASN G 440 -12.47 21.11 -9.00
N ILE G 441 -13.18 20.30 -8.23
CA ILE G 441 -13.56 18.95 -8.60
C ILE G 441 -14.99 18.72 -8.07
N PRO G 442 -15.99 18.77 -8.95
CA PRO G 442 -17.39 18.55 -8.56
C PRO G 442 -17.77 17.10 -8.26
N LEU G 443 -16.93 16.17 -8.70
CA LEU G 443 -17.06 14.78 -8.29
C LEU G 443 -15.74 14.38 -7.66
N PRO G 444 -15.55 14.70 -6.36
CA PRO G 444 -14.30 14.35 -5.67
C PRO G 444 -14.37 12.93 -5.11
N VAL G 445 -14.56 11.96 -6.02
CA VAL G 445 -14.66 10.55 -5.69
C VAL G 445 -13.23 10.15 -5.41
N PRO G 446 -12.96 9.55 -4.24
CA PRO G 446 -11.66 8.95 -4.00
C PRO G 446 -11.30 7.88 -5.02
N VAL G 447 -10.01 7.64 -5.16
CA VAL G 447 -9.52 6.62 -6.08
C VAL G 447 -9.50 5.29 -5.32
N ALA G 448 -9.46 4.17 -6.03
CA ALA G 448 -9.44 2.80 -5.45
C ALA G 448 -8.48 2.55 -4.29
N TYR G 449 -7.43 3.37 -4.19
CA TYR G 449 -6.43 3.28 -3.10
C TYR G 449 -6.69 4.31 -1.97
N HIS G 450 -7.91 4.85 -1.96
CA HIS G 450 -8.47 5.61 -0.85
C HIS G 450 -9.89 5.10 -0.57
N SER G 451 -10.52 5.60 0.48
CA SER G 451 -11.82 5.08 0.90
C SER G 451 -12.93 6.08 0.75
N PHE G 452 -14.13 5.56 0.45
CA PHE G 452 -15.30 6.36 0.04
C PHE G 452 -16.22 6.39 1.22
N GLY G 453 -16.58 7.58 1.67
CA GLY G 453 -17.52 7.68 2.77
C GLY G 453 -17.96 9.08 3.11
N GLY G 454 -19.27 9.19 3.35
CA GLY G 454 -19.92 10.41 3.78
C GLY G 454 -19.95 10.55 5.28
N TRP G 455 -20.23 11.77 5.70
CA TRP G 455 -20.40 12.17 7.11
C TRP G 455 -21.88 12.38 7.42
N LYS G 456 -22.15 12.59 8.70
CA LYS G 456 -23.52 12.78 9.20
C LYS G 456 -24.41 11.60 8.75
N ARG G 457 -25.56 11.87 8.14
CA ARG G 457 -26.53 10.84 7.80
C ARG G 457 -26.25 10.12 6.47
N SER G 458 -25.16 10.50 5.79
CA SER G 458 -24.73 9.86 4.52
C SER G 458 -24.06 8.47 4.73
N LEU G 459 -23.58 8.22 5.94
CA LEU G 459 -22.95 6.96 6.26
C LEU G 459 -23.19 6.57 7.71
N PHE G 460 -23.51 5.30 7.88
CA PHE G 460 -23.59 4.67 9.20
C PHE G 460 -22.41 3.71 9.34
N GLY G 461 -21.62 3.92 10.37
CA GLY G 461 -20.43 3.12 10.63
C GLY G 461 -19.22 4.00 10.87
N ASP G 462 -18.08 3.33 11.06
CA ASP G 462 -16.79 4.00 11.34
C ASP G 462 -15.66 3.62 10.38
N LEU G 463 -15.95 2.71 9.45
CA LEU G 463 -15.02 2.29 8.40
C LEU G 463 -15.69 2.44 7.04
N HIS G 464 -15.03 3.15 6.15
CA HIS G 464 -15.62 3.54 4.90
C HIS G 464 -15.39 2.52 3.81
N ALA G 465 -15.94 2.81 2.62
CA ALA G 465 -16.11 1.85 1.55
C ALA G 465 -14.86 1.72 0.68
N TYR G 466 -14.62 0.47 0.27
CA TYR G 466 -13.39 0.06 -0.40
C TYR G 466 -12.13 0.70 0.19
N GLY G 467 -11.02 0.58 -0.52
CA GLY G 467 -9.78 1.24 -0.10
C GLY G 467 -9.14 0.56 1.11
N PRO G 468 -8.37 1.35 1.86
CA PRO G 468 -7.73 0.84 3.06
C PRO G 468 -8.73 0.37 4.14
N ASP G 469 -9.83 1.13 4.30
CA ASP G 469 -10.88 0.85 5.30
C ASP G 469 -11.55 -0.47 5.00
N ALA G 470 -11.72 -0.80 3.72
CA ALA G 470 -12.29 -2.07 3.37
C ALA G 470 -11.49 -3.24 3.89
N VAL G 471 -10.17 -3.10 3.89
CA VAL G 471 -9.26 -4.14 4.36
C VAL G 471 -9.53 -4.37 5.84
N ARG G 472 -9.79 -3.29 6.58
CA ARG G 472 -10.03 -3.37 8.04
C ARG G 472 -11.45 -3.82 8.38
N PHE G 473 -12.38 -3.48 7.49
CA PHE G 473 -13.77 -3.92 7.62
C PHE G 473 -13.94 -5.38 7.25
N TYR G 474 -13.23 -5.84 6.21
CA TYR G 474 -13.28 -7.26 5.81
C TYR G 474 -12.31 -8.17 6.56
N THR G 475 -11.67 -7.67 7.60
CA THR G 475 -10.84 -8.51 8.51
C THR G 475 -11.05 -8.17 9.99
N LYS G 476 -10.53 -9.03 10.87
CA LYS G 476 -10.64 -8.81 12.32
C LYS G 476 -9.29 -8.98 12.96
N ARG G 477 -8.96 -8.05 13.85
CA ARG G 477 -7.64 -7.95 14.45
C ARG G 477 -7.41 -8.99 15.53
N LYS G 478 -6.37 -9.79 15.31
CA LYS G 478 -5.87 -10.75 16.29
C LYS G 478 -4.53 -10.27 16.75
N THR G 479 -4.31 -10.19 18.06
CA THR G 479 -3.02 -9.80 18.60
C THR G 479 -2.37 -10.96 19.35
N VAL G 480 -1.26 -11.49 18.81
CA VAL G 480 -0.49 -12.58 19.45
C VAL G 480 0.63 -12.06 20.36
N THR G 481 0.84 -12.69 21.51
CA THR G 481 1.95 -12.32 22.41
C THR G 481 2.72 -13.57 22.79
N GLN G 482 3.97 -13.62 22.35
CA GLN G 482 4.74 -14.84 22.32
C GLN G 482 5.90 -14.76 23.29
N ARG G 483 6.17 -15.89 23.93
CA ARG G 483 7.26 -16.02 24.91
C ARG G 483 7.72 -17.45 25.00
N TRP G 484 9.01 -17.61 25.21
CA TRP G 484 9.63 -18.93 25.25
C TRP G 484 10.51 -19.09 26.50
N PRO G 485 9.94 -19.67 27.59
CA PRO G 485 10.53 -19.60 28.93
C PRO G 485 11.74 -20.51 29.18
N SER G 486 11.68 -21.74 28.68
CA SER G 486 12.69 -22.76 28.99
C SER G 486 13.56 -23.03 27.78
N ALA G 487 14.87 -22.87 27.96
CA ALA G 487 15.88 -23.00 26.90
C ALA G 487 16.74 -24.27 27.05
N GLY G 488 16.08 -25.41 27.27
CA GLY G 488 16.75 -26.71 27.40
C GLY G 488 17.45 -27.20 26.12
N VAL G 489 16.80 -26.99 24.97
CA VAL G 489 17.29 -27.52 23.67
C VAL G 489 18.61 -26.85 23.21
N ARG G 490 18.83 -25.60 23.62
CA ARG G 490 20.07 -24.88 23.28
C ARG G 490 21.36 -25.53 23.80
N MET H 4 -16.93 10.94 56.34
CA MET H 4 -17.89 10.74 55.20
C MET H 4 -18.11 12.00 54.33
N THR H 5 -18.14 11.81 53.01
CA THR H 5 -18.28 12.91 52.05
C THR H 5 -19.19 12.54 50.89
N THR H 6 -19.49 13.54 50.05
CA THR H 6 -20.26 13.37 48.81
C THR H 6 -19.36 13.60 47.59
N ILE H 7 -19.15 12.57 46.78
CA ILE H 7 -18.36 12.64 45.54
C ILE H 7 -19.18 13.29 44.42
N GLY H 8 -18.50 14.12 43.65
CA GLY H 8 -19.19 14.91 42.64
C GLY H 8 -18.85 14.59 41.21
N HIS H 9 -18.99 15.61 40.39
CA HIS H 9 -18.80 15.52 38.96
C HIS H 9 -17.76 16.58 38.60
N LEU H 10 -16.99 16.29 37.57
CA LEU H 10 -16.06 17.27 36.99
C LEU H 10 -16.61 17.79 35.67
N ILE H 11 -17.13 19.02 35.70
CA ILE H 11 -17.76 19.59 34.52
C ILE H 11 -17.24 21.01 34.29
N ASN H 12 -16.68 21.23 33.12
CA ASN H 12 -15.99 22.48 32.80
C ASN H 12 -14.95 22.91 33.85
N GLY H 13 -14.12 21.95 34.27
CA GLY H 13 -13.01 22.22 35.19
C GLY H 13 -13.40 22.54 36.63
N GLN H 14 -14.57 22.09 37.06
CA GLN H 14 -15.06 22.38 38.40
C GLN H 14 -15.86 21.26 38.95
N LEU H 15 -15.75 21.06 40.26
CA LEU H 15 -16.57 20.09 40.98
C LEU H 15 -17.98 20.65 41.15
N VAL H 16 -18.95 19.84 40.79
CA VAL H 16 -20.33 20.23 40.97
C VAL H 16 -21.08 19.02 41.41
N THR H 17 -22.19 19.26 42.09
CA THR H 17 -23.01 18.20 42.63
C THR H 17 -24.48 18.62 42.46
N GLU H 18 -25.27 17.76 41.82
CA GLU H 18 -26.70 17.97 41.61
C GLU H 18 -27.50 17.91 42.91
N ASN H 19 -27.25 16.87 43.73
CA ASN H 19 -27.94 16.60 45.01
C ASN H 19 -29.45 16.31 44.91
N THR H 20 -29.80 15.41 43.99
CA THR H 20 -31.14 14.81 43.95
C THR H 20 -31.13 13.31 44.16
N ARG H 21 -30.01 12.67 43.90
CA ARG H 21 -29.94 11.21 43.93
C ARG H 21 -28.52 10.77 44.23
N SER H 22 -28.36 9.79 45.10
CA SER H 22 -27.03 9.41 45.56
C SER H 22 -26.92 7.92 45.77
N GLN H 23 -25.67 7.50 45.93
CA GLN H 23 -25.35 6.07 45.99
C GLN H 23 -24.26 5.77 46.99
N ASN H 24 -24.47 4.70 47.75
CA ASN H 24 -23.46 4.27 48.70
C ASN H 24 -22.32 3.65 47.95
N VAL H 25 -21.11 4.09 48.26
CA VAL H 25 -19.89 3.39 47.81
C VAL H 25 -19.32 2.74 49.05
N PHE H 26 -18.90 1.50 48.87
CA PHE H 26 -18.52 0.69 49.98
C PHE H 26 -17.01 0.62 50.07
N ASN H 27 -16.54 0.14 51.21
CA ASN H 27 -15.22 -0.38 51.34
C ASN H 27 -15.35 -1.91 51.44
N PRO H 28 -15.19 -2.62 50.32
CA PRO H 28 -15.49 -4.05 50.28
C PRO H 28 -14.67 -4.94 51.21
N ALA H 29 -13.56 -4.41 51.74
CA ALA H 29 -12.80 -5.11 52.77
C ALA H 29 -13.59 -5.20 54.08
N THR H 30 -14.10 -4.08 54.58
CA THR H 30 -14.87 -4.07 55.83
C THR H 30 -16.35 -4.43 55.63
N GLY H 31 -16.94 -3.99 54.52
CA GLY H 31 -18.38 -4.11 54.30
C GLY H 31 -19.12 -2.83 54.59
N GLU H 32 -18.45 -1.86 55.20
CA GLU H 32 -19.08 -0.62 55.64
C GLU H 32 -19.20 0.39 54.51
N ILE H 33 -20.12 1.32 54.66
CA ILE H 33 -20.33 2.39 53.72
C ILE H 33 -19.28 3.44 54.01
N GLY H 34 -18.47 3.74 53.00
CA GLY H 34 -17.38 4.72 53.11
C GLY H 34 -17.79 6.13 52.73
N LYS H 35 -18.50 6.27 51.60
CA LYS H 35 -18.81 7.58 51.02
C LYS H 35 -20.14 7.57 50.29
N GLN H 36 -20.62 8.75 49.93
CA GLN H 36 -21.82 8.91 49.11
C GLN H 36 -21.45 9.46 47.72
N LEU H 37 -21.95 8.82 46.65
CA LEU H 37 -21.74 9.27 45.26
C LEU H 37 -23.00 9.88 44.71
N ASP H 38 -22.88 11.14 44.24
CA ASP H 38 -23.97 11.89 43.60
C ASP H 38 -24.19 11.31 42.21
N LEU H 39 -25.41 10.93 41.88
CA LEU H 39 -25.71 10.35 40.57
C LEU H 39 -26.40 11.37 39.70
N ALA H 40 -25.77 11.69 38.56
CA ALA H 40 -26.26 12.69 37.62
C ALA H 40 -27.50 12.24 36.85
N SER H 41 -28.41 13.19 36.63
CA SER H 41 -29.65 12.96 35.88
C SER H 41 -29.41 13.58 34.54
N THR H 42 -30.35 13.44 33.60
CA THR H 42 -30.07 13.85 32.22
C THR H 42 -29.75 15.35 32.11
N LYS H 43 -30.18 16.13 33.09
CA LYS H 43 -29.88 17.56 33.09
C LYS H 43 -28.39 17.84 33.32
N THR H 44 -27.80 17.12 34.26
CA THR H 44 -26.40 17.31 34.66
C THR H 44 -25.46 16.71 33.60
N VAL H 45 -25.87 15.62 32.97
CA VAL H 45 -25.15 15.07 31.84
C VAL H 45 -25.14 16.14 30.75
N GLU H 46 -26.31 16.65 30.36
CA GLU H 46 -26.43 17.70 29.32
C GLU H 46 -25.58 18.94 29.58
N GLN H 47 -25.43 19.32 30.84
CA GLN H 47 -24.46 20.36 31.19
C GLN H 47 -23.05 19.96 30.77
N ALA H 48 -22.66 18.72 31.07
CA ALA H 48 -21.34 18.19 30.72
C ALA H 48 -21.13 18.15 29.21
N ILE H 49 -22.12 17.63 28.50
CA ILE H 49 -22.05 17.60 27.06
C ILE H 49 -21.92 19.04 26.52
N SER H 50 -22.74 19.95 27.03
CA SER H 50 -22.68 21.35 26.59
C SER H 50 -21.30 21.93 26.83
N ALA H 51 -20.68 21.59 27.96
CA ALA H 51 -19.36 22.11 28.27
C ALA H 51 -18.35 21.58 27.29
N ALA H 52 -18.50 20.30 26.91
CA ALA H 52 -17.65 19.64 25.94
C ALA H 52 -17.78 20.27 24.58
N GLN H 53 -19.03 20.43 24.15
CA GLN H 53 -19.33 21.01 22.84
C GLN H 53 -18.79 22.41 22.73
N HIS H 54 -18.83 23.14 23.85
CA HIS H 54 -18.36 24.52 23.87
C HIS H 54 -16.83 24.61 23.75
N ALA H 55 -16.11 23.65 24.30
CA ALA H 55 -14.64 23.65 24.28
C ALA H 55 -14.07 23.01 23.01
N PHE H 56 -14.91 22.26 22.29
CA PHE H 56 -14.50 21.54 21.08
C PHE H 56 -13.85 22.35 19.94
N PRO H 57 -14.50 23.45 19.47
CA PRO H 57 -13.99 24.18 18.30
C PRO H 57 -12.55 24.69 18.41
N THR H 58 -12.18 25.24 19.55
CA THR H 58 -10.79 25.66 19.77
C THR H 58 -9.85 24.47 20.01
N TRP H 59 -10.36 23.42 20.63
CA TRP H 59 -9.55 22.23 20.86
C TRP H 59 -9.34 21.46 19.56
N ARG H 60 -10.39 21.39 18.74
CA ARG H 60 -10.31 20.83 17.39
C ARG H 60 -9.15 21.39 16.56
N ASN H 61 -8.98 22.71 16.60
CA ASN H 61 -7.91 23.37 15.82
C ASN H 61 -6.56 23.47 16.54
N THR H 62 -6.47 22.93 17.73
CA THR H 62 -5.22 22.97 18.46
C THR H 62 -4.25 22.01 17.77
N PRO H 63 -2.99 22.42 17.61
CA PRO H 63 -2.02 21.52 16.97
C PRO H 63 -1.80 20.23 17.75
N PRO H 64 -1.72 19.08 17.06
CA PRO H 64 -1.53 17.78 17.72
C PRO H 64 -0.32 17.71 18.62
N LEU H 65 0.70 18.51 18.32
CA LEU H 65 1.83 18.66 19.21
C LEU H 65 1.46 19.29 20.54
N LYS H 66 0.67 20.35 20.49
CA LYS H 66 0.27 21.07 21.70
C LYS H 66 -0.65 20.20 22.58
N ARG H 67 -1.64 19.57 21.94
CA ARG H 67 -2.51 18.60 22.63
C ARG H 67 -1.68 17.52 23.34
N ALA H 68 -0.68 16.97 22.65
CA ALA H 68 0.14 15.88 23.19
C ALA H 68 0.97 16.30 24.40
N ARG H 69 1.37 17.57 24.43
CA ARG H 69 2.13 18.10 25.54
C ARG H 69 1.32 18.05 26.83
N VAL H 70 -0.01 18.09 26.72
CA VAL H 70 -0.86 17.87 27.91
C VAL H 70 -0.66 16.46 28.46
N MET H 71 -0.64 15.48 27.57
CA MET H 71 -0.48 14.08 27.98
C MET H 71 0.94 13.76 28.49
N PHE H 72 1.93 14.52 28.01
CA PHE H 72 3.30 14.43 28.55
C PHE H 72 3.34 14.82 30.03
N ARG H 73 2.72 15.96 30.36
CA ARG H 73 2.65 16.46 31.74
C ARG H 73 1.72 15.58 32.57
N PHE H 74 0.64 15.10 31.95
CA PHE H 74 -0.28 14.18 32.61
C PHE H 74 0.42 12.89 33.00
N LYS H 75 1.38 12.43 32.20
CA LYS H 75 2.13 11.21 32.53
C LYS H 75 2.91 11.40 33.83
N GLU H 76 3.57 12.54 33.96
CA GLU H 76 4.35 12.83 35.17
C GLU H 76 3.44 12.87 36.38
N LEU H 77 2.32 13.53 36.22
CA LEU H 77 1.37 13.77 37.29
C LEU H 77 0.85 12.47 37.89
N LEU H 78 0.52 11.53 37.02
CA LEU H 78 0.07 10.20 37.43
C LEU H 78 1.14 9.49 38.23
N GLU H 79 2.39 9.68 37.87
CA GLU H 79 3.49 8.95 38.53
C GLU H 79 3.79 9.54 39.90
N GLN H 80 3.74 10.87 39.97
CA GLN H 80 3.98 11.61 41.20
C GLN H 80 2.91 11.21 42.20
N HIS H 81 1.64 11.21 41.77
CA HIS H 81 0.49 10.81 42.59
C HIS H 81 0.15 9.31 42.59
N ALA H 82 1.13 8.46 42.40
CA ALA H 82 0.82 7.05 42.23
C ALA H 82 0.33 6.38 43.53
N ASP H 83 0.94 6.75 44.66
CA ASP H 83 0.51 6.22 45.95
C ASP H 83 -0.92 6.58 46.31
N GLU H 84 -1.34 7.81 46.03
CA GLU H 84 -2.71 8.29 46.38
C GLU H 84 -3.77 7.66 45.49
N ILE H 85 -3.41 7.42 44.23
CA ILE H 85 -4.25 6.77 43.22
C ILE H 85 -4.44 5.30 43.54
N CYS H 86 -3.36 4.61 43.88
CA CYS H 86 -3.44 3.22 44.31
C CYS H 86 -4.20 3.05 45.63
N ARG H 87 -4.08 4.07 46.48
CA ARG H 87 -4.80 4.12 47.75
C ARG H 87 -6.31 4.27 47.55
N LEU H 88 -6.70 5.15 46.65
CA LEU H 88 -8.11 5.35 46.29
C LEU H 88 -8.73 4.16 45.58
N ILE H 89 -7.96 3.48 44.72
CA ILE H 89 -8.42 2.26 44.07
C ILE H 89 -8.57 1.21 45.14
N GLY H 90 -7.55 1.09 45.99
CA GLY H 90 -7.54 0.07 47.05
C GLY H 90 -8.76 0.13 47.95
N GLU H 91 -9.15 1.36 48.28
CA GLU H 91 -10.21 1.63 49.22
C GLU H 91 -11.59 1.17 48.74
N GLU H 92 -11.86 1.37 47.45
CA GLU H 92 -13.20 1.18 46.87
C GLU H 92 -13.37 -0.09 46.03
N HIS H 93 -12.31 -0.48 45.32
CA HIS H 93 -12.29 -1.75 44.57
C HIS H 93 -11.82 -2.85 45.49
N GLY H 94 -10.84 -2.50 46.31
CA GLY H 94 -10.28 -3.42 47.26
C GLY H 94 -8.98 -4.08 46.86
N LYS H 95 -8.52 -3.86 45.64
CA LYS H 95 -7.31 -4.56 45.15
C LYS H 95 -6.08 -4.02 45.85
N ILE H 96 -5.11 -4.89 46.05
CA ILE H 96 -4.01 -4.55 46.94
C ILE H 96 -2.95 -3.81 46.12
N ALA H 97 -2.10 -3.06 46.80
CA ALA H 97 -1.09 -2.15 46.17
C ALA H 97 -0.52 -2.54 44.81
N HIS H 98 0.02 -3.75 44.71
CA HIS H 98 0.67 -4.17 43.48
C HIS H 98 -0.27 -4.34 42.26
N ASP H 99 -1.49 -4.84 42.49
CA ASP H 99 -2.52 -4.93 41.44
C ASP H 99 -2.92 -3.51 40.95
N ALA H 100 -3.00 -2.55 41.87
CA ALA H 100 -3.35 -1.18 41.56
C ALA H 100 -2.23 -0.43 40.87
N MET H 101 -0.99 -0.63 41.33
CA MET H 101 0.19 -0.10 40.62
C MET H 101 0.26 -0.65 39.21
N GLY H 102 -0.02 -1.94 39.05
CA GLY H 102 0.04 -2.60 37.75
C GLY H 102 -0.99 -2.03 36.79
N GLU H 103 -2.21 -1.87 37.29
CA GLU H 103 -3.26 -1.18 36.57
C GLU H 103 -2.78 0.20 36.20
N LEU H 104 -2.33 0.97 37.19
CA LEU H 104 -1.89 2.34 36.93
C LEU H 104 -0.81 2.42 35.87
N GLN H 105 0.09 1.46 35.83
CA GLN H 105 1.21 1.51 34.89
C GLN H 105 0.71 1.25 33.48
N ARG H 106 -0.17 0.27 33.33
CA ARG H 106 -0.71 -0.01 32.01
C ARG H 106 -1.53 1.17 31.47
N GLY H 107 -2.10 1.96 32.37
CA GLY H 107 -2.84 3.16 31.99
C GLY H 107 -1.92 4.32 31.66
N ILE H 108 -0.79 4.39 32.36
CA ILE H 108 0.28 5.33 32.02
C ILE H 108 0.83 5.03 30.61
N GLU H 109 1.04 3.74 30.31
CA GLU H 109 1.42 3.32 28.99
C GLU H 109 0.48 3.83 27.89
N ASN H 110 -0.81 3.81 28.11
CA ASN H 110 -1.77 4.43 27.19
C ASN H 110 -1.55 5.94 26.96
N VAL H 111 -1.20 6.62 28.05
CA VAL H 111 -0.86 8.05 28.00
C VAL H 111 0.42 8.30 27.22
N GLU H 112 1.39 7.38 27.35
CA GLU H 112 2.67 7.42 26.62
C GLU H 112 2.44 7.35 25.12
N TYR H 113 1.63 6.38 24.71
CA TYR H 113 1.36 6.18 23.31
C TYR H 113 0.68 7.41 22.77
N ALA H 114 -0.26 7.94 23.55
CA ALA H 114 -0.99 9.17 23.16
C ALA H 114 -0.10 10.41 22.96
N CYS H 115 1.00 10.48 23.71
CA CYS H 115 2.00 11.55 23.56
C CYS H 115 2.59 11.61 22.14
N GLY H 116 2.50 10.49 21.40
CA GLY H 116 2.92 10.42 19.97
C GLY H 116 1.84 10.70 18.91
N ALA H 117 0.87 11.55 19.26
CA ALA H 117 -0.33 11.77 18.44
C ALA H 117 -0.03 12.27 17.03
N PRO H 118 0.89 13.23 16.90
CA PRO H 118 1.22 13.73 15.55
C PRO H 118 1.63 12.66 14.51
N GLU H 119 2.34 11.63 14.97
CA GLU H 119 2.71 10.47 14.16
C GLU H 119 1.49 9.63 13.82
N LEU H 120 0.64 9.40 14.83
CA LEU H 120 -0.50 8.52 14.67
C LEU H 120 -1.60 9.16 13.87
N LEU H 121 -1.65 10.49 13.85
CA LEU H 121 -2.68 11.25 13.13
C LEU H 121 -2.33 11.49 11.66
N LYS H 122 -1.20 10.96 11.20
CA LYS H 122 -0.80 11.17 9.81
C LYS H 122 -1.83 10.52 8.90
N GLY H 123 -2.34 11.34 7.99
CA GLY H 123 -3.08 10.86 6.84
C GLY H 123 -2.16 10.35 5.74
N GLU H 124 -2.76 9.97 4.62
CA GLU H 124 -2.03 9.47 3.48
C GLU H 124 -2.17 10.47 2.35
N HIS H 125 -1.04 10.99 1.85
CA HIS H 125 -1.02 11.92 0.70
C HIS H 125 -0.70 11.17 -0.60
N SER H 126 -1.49 11.43 -1.66
CA SER H 126 -1.29 10.83 -2.98
C SER H 126 -1.09 11.86 -4.11
N ARG H 127 0.07 11.78 -4.79
CA ARG H 127 0.40 12.69 -5.91
C ARG H 127 -0.08 12.11 -7.26
N ASN H 128 -0.77 12.96 -8.01
CA ASN H 128 -1.23 12.65 -9.38
C ASN H 128 -2.13 11.44 -9.43
N VAL H 129 -3.24 11.53 -8.72
CA VAL H 129 -4.29 10.50 -8.81
C VAL H 129 -4.98 10.56 -10.18
N GLY H 130 -4.88 11.75 -10.76
CA GLY H 130 -5.09 12.01 -12.19
C GLY H 130 -4.13 13.12 -12.56
N PRO H 131 -4.03 13.47 -13.84
CA PRO H 131 -2.95 14.39 -14.20
C PRO H 131 -3.20 15.74 -13.55
N GLY H 132 -2.15 16.30 -12.96
CA GLY H 132 -2.25 17.54 -12.20
C GLY H 132 -3.31 17.59 -11.11
N ILE H 133 -3.54 16.45 -10.44
CA ILE H 133 -4.57 16.34 -9.40
C ILE H 133 -3.94 15.59 -8.26
N ASP H 134 -3.89 16.23 -7.12
CA ASP H 134 -3.43 15.62 -5.89
C ASP H 134 -4.63 15.25 -5.01
N SER H 135 -4.47 14.23 -4.17
CA SER H 135 -5.49 13.85 -3.16
C SER H 135 -4.88 13.37 -1.84
N TRP H 136 -5.52 13.70 -0.73
CA TRP H 136 -5.06 13.18 0.57
C TRP H 136 -6.18 12.89 1.51
N SER H 137 -5.89 12.06 2.52
CA SER H 137 -6.82 11.75 3.62
C SER H 137 -6.45 12.55 4.85
N GLU H 138 -7.47 13.04 5.56
CA GLU H 138 -7.29 13.60 6.91
C GLU H 138 -8.18 12.82 7.87
N PHE H 139 -7.65 12.56 9.05
CA PHE H 139 -8.42 11.94 10.10
C PHE H 139 -8.80 13.01 11.12
N GLN H 140 -9.93 13.66 10.90
CA GLN H 140 -10.34 14.79 11.73
C GLN H 140 -11.09 14.37 12.99
N PRO H 141 -11.20 15.28 13.98
CA PRO H 141 -11.91 14.95 15.21
C PRO H 141 -13.40 14.78 15.01
N MET H 142 -13.98 13.91 15.84
CA MET H 142 -15.41 13.61 15.84
C MET H 142 -16.25 14.75 16.43
N GLY H 143 -15.83 15.20 17.60
CA GLY H 143 -16.59 16.17 18.40
C GLY H 143 -16.56 15.74 19.86
N VAL H 144 -17.73 15.71 20.50
CA VAL H 144 -17.87 15.16 21.86
C VAL H 144 -17.93 13.64 21.79
N VAL H 145 -17.05 12.99 22.56
CA VAL H 145 -16.96 11.53 22.65
C VAL H 145 -17.40 11.09 24.05
N ALA H 146 -18.06 9.94 24.12
CA ALA H 146 -18.55 9.42 25.39
C ALA H 146 -17.80 8.16 25.72
N GLY H 147 -17.40 8.01 26.98
CA GLY H 147 -16.77 6.80 27.47
C GLY H 147 -17.56 6.29 28.67
N ILE H 148 -17.68 4.96 28.75
CA ILE H 148 -18.40 4.26 29.82
C ILE H 148 -17.55 3.04 30.21
N THR H 149 -17.20 2.98 31.50
CA THR H 149 -16.18 2.09 31.99
C THR H 149 -16.66 1.33 33.20
N PRO H 150 -16.07 0.15 33.43
CA PRO H 150 -16.53 -0.73 34.47
C PRO H 150 -15.81 -0.49 35.80
N PHE H 151 -16.20 -1.28 36.80
CA PHE H 151 -15.62 -1.21 38.14
C PHE H 151 -14.23 -1.84 38.30
N ASN H 152 -13.97 -2.96 37.60
CA ASN H 152 -12.70 -3.70 37.79
C ASN H 152 -11.41 -2.92 37.52
N PHE H 153 -11.53 -1.91 36.66
CA PHE H 153 -10.41 -1.11 36.29
C PHE H 153 -10.83 0.32 36.25
N PRO H 154 -11.01 0.94 37.41
CA PRO H 154 -11.48 2.31 37.44
C PRO H 154 -10.49 3.34 36.93
N VAL H 155 -9.23 2.96 36.74
CA VAL H 155 -8.20 3.88 36.21
C VAL H 155 -7.74 3.53 34.79
N MET H 156 -7.29 2.29 34.62
CA MET H 156 -6.74 1.85 33.35
C MET H 156 -7.75 1.97 32.20
N VAL H 157 -8.94 1.36 32.36
CA VAL H 157 -9.92 1.35 31.28
C VAL H 157 -10.33 2.76 30.88
N PRO H 158 -10.47 3.68 31.84
CA PRO H 158 -10.71 5.07 31.38
C PRO H 158 -9.53 5.62 30.61
N LEU H 159 -8.33 5.21 30.99
CA LEU H 159 -7.12 5.63 30.30
C LEU H 159 -6.97 5.00 28.93
N TRP H 160 -7.70 3.92 28.67
CA TRP H 160 -7.83 3.38 27.30
C TRP H 160 -8.46 4.40 26.37
N MET H 161 -9.37 5.19 26.93
CA MET H 161 -10.29 6.02 26.14
C MET H 161 -9.85 7.48 26.07
N PHE H 162 -9.92 8.22 27.17
CA PHE H 162 -9.86 9.68 27.06
C PHE H 162 -8.51 10.27 26.70
N PRO H 163 -7.41 9.59 27.04
CA PRO H 163 -6.09 10.05 26.58
C PRO H 163 -5.98 10.13 25.06
N MET H 164 -6.34 9.04 24.39
CA MET H 164 -6.29 9.05 22.94
C MET H 164 -7.34 9.94 22.32
N ALA H 165 -8.57 9.85 22.81
CA ALA H 165 -9.68 10.65 22.26
C ALA H 165 -9.38 12.12 22.34
N ILE H 166 -8.80 12.55 23.48
CA ILE H 166 -8.56 13.96 23.71
C ILE H 166 -7.40 14.39 22.86
N VAL H 167 -6.37 13.57 22.84
CA VAL H 167 -5.20 13.92 22.03
C VAL H 167 -5.55 13.93 20.53
N CYS H 168 -6.55 13.14 20.11
CA CYS H 168 -7.09 13.20 18.75
C CYS H 168 -7.96 14.45 18.42
N GLY H 169 -8.16 15.34 19.38
CA GLY H 169 -8.86 16.59 19.16
C GLY H 169 -10.32 16.60 19.58
N ASN H 170 -10.76 15.55 20.26
CA ASN H 170 -12.13 15.47 20.75
C ASN H 170 -12.20 16.00 22.19
N CYS H 171 -13.42 16.18 22.65
CA CYS H 171 -13.75 16.51 24.02
C CYS H 171 -14.50 15.30 24.58
N PHE H 172 -14.36 15.05 25.87
CA PHE H 172 -14.78 13.77 26.44
C PHE H 172 -15.76 13.92 27.63
N VAL H 173 -16.72 12.98 27.69
CA VAL H 173 -17.57 12.87 28.85
C VAL H 173 -17.50 11.42 29.35
N LEU H 174 -16.94 11.25 30.54
CA LEU H 174 -16.73 9.93 31.08
C LEU H 174 -17.84 9.62 32.07
N LYS H 175 -18.40 8.42 31.97
CA LYS H 175 -19.34 7.91 32.95
C LYS H 175 -18.81 6.60 33.52
N PRO H 176 -17.99 6.70 34.60
CA PRO H 176 -17.34 5.55 35.19
C PRO H 176 -18.21 4.83 36.18
N SER H 177 -17.80 3.60 36.51
CA SER H 177 -18.54 2.76 37.45
C SER H 177 -18.83 3.49 38.76
N GLU H 178 -20.11 3.49 39.13
CA GLU H 178 -20.56 4.02 40.42
C GLU H 178 -19.95 3.29 41.67
N ARG H 179 -19.48 2.05 41.48
CA ARG H 179 -18.98 1.24 42.59
C ARG H 179 -17.63 1.70 43.09
N ASP H 180 -16.83 2.37 42.25
CA ASP H 180 -15.46 2.87 42.63
C ASP H 180 -15.03 4.15 41.90
N PRO H 181 -15.75 5.24 42.11
CA PRO H 181 -15.55 6.43 41.31
C PRO H 181 -14.38 7.34 41.70
N SER H 182 -13.83 7.20 42.91
CA SER H 182 -12.91 8.23 43.41
C SER H 182 -11.51 8.21 42.74
N SER H 183 -10.97 7.02 42.53
CA SER H 183 -9.72 6.90 41.78
C SER H 183 -9.89 7.50 40.42
N THR H 184 -10.97 7.11 39.73
CA THR H 184 -11.30 7.59 38.38
C THR H 184 -11.39 9.11 38.36
N LEU H 185 -12.05 9.68 39.35
CA LEU H 185 -12.17 11.14 39.42
C LEU H 185 -10.82 11.80 39.71
N TYR H 186 -10.07 11.27 40.66
CA TYR H 186 -8.79 11.87 41.06
C TYR H 186 -7.91 12.12 39.85
N ILE H 187 -7.85 11.14 38.95
CA ILE H 187 -6.96 11.24 37.78
C ILE H 187 -7.51 12.21 36.77
N ALA H 188 -8.83 12.29 36.66
CA ALA H 188 -9.44 13.29 35.78
C ALA H 188 -9.00 14.68 36.23
N GLN H 189 -9.00 14.88 37.55
CA GLN H 189 -8.71 16.17 38.12
C GLN H 189 -7.28 16.60 37.81
N LEU H 190 -6.37 15.64 37.76
CA LEU H 190 -4.96 15.90 37.43
C LEU H 190 -4.75 16.48 36.05
N LEU H 191 -5.70 16.21 35.15
CA LEU H 191 -5.65 16.69 33.78
C LEU H 191 -5.72 18.22 33.68
N GLN H 192 -6.53 18.85 34.52
CA GLN H 192 -6.59 20.32 34.55
C GLN H 192 -5.25 20.91 34.89
N GLU H 193 -4.54 20.26 35.83
CA GLU H 193 -3.18 20.69 36.23
C GLU H 193 -2.13 20.46 35.13
N ALA H 194 -2.38 19.45 34.29
CA ALA H 194 -1.57 19.17 33.10
C ALA H 194 -1.75 20.20 31.97
N GLY H 195 -2.63 21.16 32.17
CA GLY H 195 -2.81 22.27 31.23
C GLY H 195 -3.97 22.09 30.26
N LEU H 196 -4.74 21.02 30.41
CA LEU H 196 -5.91 20.80 29.55
C LEU H 196 -6.95 21.91 29.78
N PRO H 197 -7.45 22.53 28.70
CA PRO H 197 -8.53 23.51 28.90
C PRO H 197 -9.82 22.92 29.55
N ASP H 198 -10.56 23.81 30.21
CA ASP H 198 -11.81 23.46 30.92
C ASP H 198 -12.84 22.97 29.91
N GLY H 199 -13.49 21.86 30.23
CA GLY H 199 -14.55 21.32 29.41
C GLY H 199 -14.14 20.27 28.38
N VAL H 200 -12.85 20.19 28.08
CA VAL H 200 -12.36 19.16 27.16
C VAL H 200 -12.52 17.77 27.80
N MET H 201 -12.15 17.64 29.08
CA MET H 201 -12.41 16.41 29.84
C MET H 201 -13.48 16.66 30.89
N ASN H 202 -14.51 15.80 30.89
CA ASN H 202 -15.54 15.81 31.91
C ASN H 202 -15.81 14.42 32.48
N VAL H 203 -16.08 14.36 33.78
CA VAL H 203 -16.46 13.11 34.42
C VAL H 203 -17.81 13.34 35.05
N VAL H 204 -18.74 12.47 34.67
CA VAL H 204 -20.09 12.53 35.12
C VAL H 204 -20.44 11.14 35.69
N ASN H 205 -20.46 11.04 37.01
CA ASN H 205 -20.92 9.84 37.74
C ASN H 205 -22.42 9.66 37.74
N GLY H 206 -22.85 8.40 37.70
CA GLY H 206 -24.25 8.08 37.53
C GLY H 206 -24.53 6.62 37.29
N ASP H 207 -25.75 6.35 36.85
CA ASP H 207 -26.24 4.99 36.67
C ASP H 207 -26.80 4.91 35.27
N LYS H 208 -27.71 3.96 35.01
CA LYS H 208 -28.26 3.72 33.68
C LYS H 208 -28.83 4.98 33.04
N GLU H 209 -29.33 5.89 33.89
CA GLU H 209 -29.97 7.12 33.44
C GLU H 209 -28.97 8.14 32.92
N ALA H 210 -27.81 8.26 33.55
CA ALA H 210 -26.69 9.02 32.94
C ALA H 210 -26.30 8.47 31.56
N VAL H 211 -26.03 7.16 31.51
CA VAL H 211 -25.66 6.45 30.30
C VAL H 211 -26.68 6.68 29.20
N ASP H 212 -27.97 6.62 29.56
CA ASP H 212 -29.05 6.79 28.58
C ASP H 212 -29.06 8.19 28.02
N ALA H 213 -28.78 9.18 28.86
CA ALA H 213 -28.66 10.54 28.41
C ALA H 213 -27.55 10.69 27.39
N LEU H 214 -26.43 9.97 27.60
CA LEU H 214 -25.28 10.04 26.68
C LEU H 214 -25.64 9.45 25.33
N LEU H 215 -26.39 8.37 25.36
CA LEU H 215 -26.72 7.67 24.14
C LEU H 215 -27.77 8.38 23.30
N HIS H 216 -28.55 9.31 23.88
CA HIS H 216 -29.69 9.96 23.18
C HIS H 216 -29.51 11.44 22.87
N ASP H 217 -28.43 12.06 23.37
CA ASP H 217 -28.09 13.44 23.01
C ASP H 217 -27.34 13.47 21.66
N ASP H 218 -27.88 14.23 20.68
CA ASP H 218 -27.36 14.22 19.30
C ASP H 218 -25.92 14.70 19.17
N ARG H 219 -25.46 15.51 20.14
CA ARG H 219 -24.09 16.02 20.17
C ARG H 219 -22.98 15.01 20.50
N VAL H 220 -23.36 13.82 20.98
CA VAL H 220 -22.39 12.77 21.24
C VAL H 220 -22.24 11.98 19.95
N LYS H 221 -21.00 11.98 19.44
CA LYS H 221 -20.69 11.45 18.12
C LYS H 221 -20.12 10.02 18.13
N ALA H 222 -19.63 9.58 19.28
CA ALA H 222 -19.04 8.25 19.44
C ALA H 222 -19.10 7.77 20.88
N VAL H 223 -19.30 6.48 21.06
CA VAL H 223 -19.44 5.86 22.39
C VAL H 223 -18.47 4.68 22.53
N SER H 224 -17.52 4.76 23.46
CA SER H 224 -16.71 3.60 23.86
C SER H 224 -17.24 2.99 25.14
N PHE H 225 -17.55 1.70 25.10
CA PHE H 225 -18.02 0.93 26.26
C PHE H 225 -17.16 -0.29 26.56
N VAL H 226 -16.86 -0.50 27.83
CA VAL H 226 -16.20 -1.70 28.29
C VAL H 226 -16.89 -2.20 29.55
N GLY H 227 -17.32 -3.45 29.54
CA GLY H 227 -18.01 -4.08 30.68
C GLY H 227 -18.56 -5.46 30.32
N SER H 228 -19.71 -5.84 30.89
CA SER H 228 -20.32 -7.13 30.62
C SER H 228 -20.97 -7.12 29.24
N THR H 229 -21.05 -8.30 28.62
CA THR H 229 -21.70 -8.47 27.31
C THR H 229 -23.17 -8.00 27.31
N PRO H 230 -23.99 -8.47 28.28
CA PRO H 230 -25.40 -8.03 28.28
C PRO H 230 -25.57 -6.53 28.12
N ILE H 231 -24.75 -5.76 28.80
CA ILE H 231 -24.80 -4.30 28.73
C ILE H 231 -24.13 -3.77 27.46
N ALA H 232 -23.04 -4.40 27.03
CA ALA H 232 -22.40 -4.01 25.77
C ALA H 232 -23.38 -4.15 24.59
N GLU H 233 -24.06 -5.29 24.53
CA GLU H 233 -25.09 -5.48 23.50
C GLU H 233 -26.12 -4.36 23.50
N TYR H 234 -26.56 -3.93 24.68
CA TYR H 234 -27.56 -2.87 24.81
C TYR H 234 -27.00 -1.54 24.29
N ILE H 235 -25.81 -1.17 24.78
CA ILE H 235 -25.13 0.09 24.41
C ILE H 235 -24.84 0.12 22.90
N TYR H 236 -24.29 -0.98 22.38
CA TYR H 236 -24.09 -1.10 20.94
C TYR H 236 -25.39 -0.92 20.16
N ARG H 237 -26.41 -1.71 20.50
CA ARG H 237 -27.74 -1.63 19.86
C ARG H 237 -28.33 -0.21 19.97
N THR H 238 -28.31 0.33 21.18
CA THR H 238 -28.90 1.65 21.44
C THR H 238 -28.18 2.75 20.65
N ALA H 239 -26.85 2.73 20.72
CA ALA H 239 -26.03 3.74 20.06
C ALA H 239 -26.16 3.68 18.54
N SER H 240 -26.23 2.46 18.00
CA SER H 240 -26.37 2.27 16.56
C SER H 240 -27.71 2.80 16.06
N ALA H 241 -28.78 2.39 16.74
CA ALA H 241 -30.13 2.90 16.48
C ALA H 241 -30.19 4.45 16.48
N ASN H 242 -29.41 5.09 17.34
CA ASN H 242 -29.29 6.57 17.35
C ASN H 242 -28.23 7.15 16.38
N GLY H 243 -27.78 6.34 15.43
CA GLY H 243 -26.88 6.78 14.36
C GLY H 243 -25.39 6.87 14.68
N LYS H 244 -25.05 7.16 15.94
CA LYS H 244 -23.65 7.32 16.36
C LYS H 244 -22.81 6.02 16.47
N ARG H 245 -21.51 6.13 16.20
CA ARG H 245 -20.59 4.98 16.13
C ARG H 245 -20.26 4.45 17.50
N CYS H 246 -19.94 3.17 17.59
CA CYS H 246 -19.74 2.56 18.88
C CYS H 246 -18.79 1.34 18.86
N GLN H 247 -18.06 1.22 19.98
CA GLN H 247 -17.29 0.04 20.30
C GLN H 247 -17.64 -0.35 21.71
N ALA H 248 -18.06 -1.59 21.87
CA ALA H 248 -18.52 -2.09 23.14
C ALA H 248 -17.85 -3.41 23.41
N LEU H 249 -17.04 -3.45 24.46
CA LEU H 249 -16.36 -4.66 24.83
C LEU H 249 -17.12 -5.34 25.95
N GLY H 250 -17.19 -6.65 25.90
CA GLY H 250 -18.02 -7.43 26.81
C GLY H 250 -17.22 -8.39 27.64
N GLY H 251 -17.85 -9.50 28.01
CA GLY H 251 -17.24 -10.46 28.93
C GLY H 251 -16.32 -11.46 28.28
N ALA H 252 -15.97 -12.49 29.04
CA ALA H 252 -14.96 -13.44 28.63
C ALA H 252 -14.94 -14.73 29.45
N LYS H 253 -14.45 -15.80 28.84
CA LYS H 253 -14.12 -17.07 29.53
C LYS H 253 -12.84 -17.58 28.92
N ASN H 254 -11.74 -17.10 29.48
CA ASN H 254 -10.44 -17.32 28.88
C ASN H 254 -9.93 -18.67 29.26
N HIS H 255 -9.58 -19.47 28.24
CA HIS H 255 -9.02 -20.81 28.40
C HIS H 255 -7.52 -20.81 28.13
N ALA H 256 -6.81 -21.76 28.75
CA ALA H 256 -5.41 -22.05 28.48
C ALA H 256 -5.25 -23.53 28.25
N ILE H 257 -4.66 -23.92 27.12
CA ILE H 257 -4.40 -25.32 26.82
C ILE H 257 -3.04 -25.66 27.37
N VAL H 258 -2.98 -26.58 28.33
CA VAL H 258 -1.69 -27.05 28.89
C VAL H 258 -1.27 -28.33 28.15
N MET H 259 -0.33 -28.20 27.23
CA MET H 259 0.13 -29.33 26.40
C MET H 259 1.12 -30.18 27.20
N PRO H 260 1.31 -31.49 26.84
CA PRO H 260 2.21 -32.43 27.55
C PRO H 260 3.66 -31.97 27.65
N ASP H 261 4.16 -31.36 26.58
CA ASP H 261 5.55 -30.89 26.55
C ASP H 261 5.81 -29.64 27.38
N ALA H 262 4.76 -29.03 27.94
CA ALA H 262 4.88 -27.75 28.63
C ALA H 262 5.62 -27.87 29.94
N ASP H 263 6.31 -26.80 30.31
CA ASP H 263 6.93 -26.71 31.62
C ASP H 263 5.86 -26.42 32.67
N MET H 264 5.46 -27.46 33.41
CA MET H 264 4.31 -27.38 34.32
C MET H 264 4.53 -26.40 35.48
N ASP H 265 5.78 -26.28 35.93
CA ASP H 265 6.14 -25.35 37.02
C ASP H 265 6.00 -23.89 36.61
N ASN H 266 6.30 -23.61 35.33
CA ASN H 266 6.08 -22.28 34.74
C ASN H 266 4.59 -22.00 34.58
N ALA H 267 3.87 -22.95 34.00
CA ALA H 267 2.45 -22.78 33.73
C ALA H 267 1.69 -22.47 35.01
N VAL H 268 1.90 -23.31 36.02
CA VAL H 268 1.17 -23.23 37.30
C VAL H 268 1.45 -21.92 38.02
N ASN H 269 2.74 -21.55 38.06
CA ASN H 269 3.17 -20.27 38.63
C ASN H 269 2.42 -19.13 37.94
N GLN H 270 2.37 -19.18 36.62
CA GLN H 270 1.80 -18.11 35.85
C GLN H 270 0.26 -18.09 35.91
N LEU H 271 -0.36 -19.25 35.97
CA LEU H 271 -1.81 -19.35 36.17
C LEU H 271 -2.29 -18.81 37.52
N LEU H 272 -1.40 -18.81 38.52
CA LEU H 272 -1.69 -18.23 39.85
C LEU H 272 -2.14 -16.78 39.75
N GLY H 273 -1.29 -15.99 39.12
CA GLY H 273 -1.56 -14.56 38.93
C GLY H 273 -2.72 -14.33 37.99
N ALA H 274 -2.83 -15.17 36.95
CA ALA H 274 -3.80 -15.04 35.88
C ALA H 274 -5.22 -15.36 36.30
N ALA H 275 -5.36 -16.42 37.07
CA ALA H 275 -6.66 -16.87 37.56
C ALA H 275 -7.15 -16.05 38.79
N PHE H 276 -6.23 -15.78 39.72
CA PHE H 276 -6.60 -15.24 41.03
C PHE H 276 -6.18 -13.81 41.27
N GLY H 277 -5.42 -13.26 40.33
CA GLY H 277 -5.01 -11.86 40.41
C GLY H 277 -6.21 -10.95 40.20
N SER H 278 -6.17 -9.84 40.94
CA SER H 278 -7.31 -8.93 41.04
C SER H 278 -8.62 -9.69 41.44
N SER H 279 -8.48 -10.71 42.28
CA SER H 279 -9.60 -11.53 42.80
C SER H 279 -10.40 -12.19 41.66
N GLY H 280 -9.72 -12.45 40.54
CA GLY H 280 -10.32 -12.91 39.28
C GLY H 280 -11.34 -12.00 38.61
N GLU H 281 -11.34 -10.73 39.00
CA GLU H 281 -12.30 -9.72 38.50
C GLU H 281 -11.64 -8.96 37.34
N ARG H 282 -11.53 -9.67 36.23
CA ARG H 282 -10.75 -9.26 35.09
C ARG H 282 -11.36 -9.81 33.78
N CYS H 283 -11.45 -8.97 32.75
CA CYS H 283 -11.90 -9.38 31.39
C CYS H 283 -10.88 -10.32 30.72
N MET H 284 -9.64 -10.26 31.18
CA MET H 284 -8.59 -11.19 30.74
C MET H 284 -8.18 -12.31 31.72
N ALA H 285 -8.93 -12.45 32.82
CA ALA H 285 -8.70 -13.48 33.84
C ALA H 285 -8.79 -14.89 33.27
N LEU H 286 -7.78 -15.70 33.54
CA LEU H 286 -7.70 -17.04 32.99
C LEU H 286 -8.42 -18.06 33.87
N SER H 287 -9.68 -18.29 33.56
CA SER H 287 -10.59 -18.97 34.47
C SER H 287 -10.80 -20.47 34.16
N VAL H 288 -10.28 -20.93 33.02
CA VAL H 288 -10.40 -22.33 32.60
C VAL H 288 -9.03 -22.81 32.12
N ALA H 289 -8.62 -23.97 32.62
CA ALA H 289 -7.37 -24.57 32.21
C ALA H 289 -7.77 -25.88 31.60
N VAL H 290 -7.53 -25.99 30.30
CA VAL H 290 -7.79 -27.21 29.56
C VAL H 290 -6.50 -27.97 29.60
N ALA H 291 -6.54 -29.14 30.22
CA ALA H 291 -5.40 -30.03 30.28
C ALA H 291 -5.61 -31.19 29.32
N VAL H 292 -4.84 -31.17 28.24
CA VAL H 292 -4.84 -32.26 27.25
C VAL H 292 -4.07 -33.46 27.83
N GLY H 293 -4.77 -34.60 27.88
CA GLY H 293 -4.28 -35.80 28.55
C GLY H 293 -4.33 -35.67 30.06
N ASP H 294 -4.02 -36.76 30.74
CA ASP H 294 -3.89 -36.74 32.20
C ASP H 294 -3.26 -38.02 32.67
N ALA H 295 -1.94 -38.12 32.77
CA ALA H 295 -0.92 -37.17 32.29
C ALA H 295 -0.97 -35.75 32.92
N ALA H 296 -1.10 -34.72 32.08
CA ALA H 296 -1.00 -33.33 32.52
C ALA H 296 -2.11 -32.93 33.50
N GLY H 297 -3.34 -33.38 33.26
CA GLY H 297 -4.49 -33.05 34.13
C GLY H 297 -4.30 -33.27 35.62
N ASP H 298 -3.63 -34.37 35.99
CA ASP H 298 -3.31 -34.68 37.40
C ASP H 298 -2.16 -33.82 37.92
N ALA H 299 -1.07 -33.80 37.14
CA ALA H 299 0.13 -32.98 37.41
C ALA H 299 -0.17 -31.49 37.61
N LEU H 300 -1.17 -30.99 36.87
CA LEU H 300 -1.64 -29.60 37.00
C LEU H 300 -2.32 -29.39 38.36
N VAL H 301 -3.37 -30.18 38.60
CA VAL H 301 -4.21 -30.05 39.79
C VAL H 301 -3.40 -30.27 41.08
N SER H 302 -2.50 -31.25 41.05
CA SER H 302 -1.59 -31.46 42.16
C SER H 302 -0.75 -30.21 42.44
N LYS H 303 -0.02 -29.73 41.43
CA LYS H 303 0.93 -28.61 41.57
C LYS H 303 0.20 -27.30 41.80
N MET H 304 -0.95 -27.14 41.18
CA MET H 304 -1.83 -25.98 41.42
C MET H 304 -2.28 -25.91 42.89
N THR H 305 -2.87 -27.00 43.40
CA THR H 305 -3.25 -27.12 44.82
C THR H 305 -2.11 -26.76 45.82
N GLN H 306 -0.90 -27.23 45.56
CA GLN H 306 0.28 -26.90 46.38
C GLN H 306 0.58 -25.39 46.46
N ALA H 307 0.71 -24.77 45.29
CA ALA H 307 1.02 -23.32 45.20
C ALA H 307 -0.13 -22.43 45.67
N MET H 308 -1.36 -22.93 45.58
CA MET H 308 -2.55 -22.18 45.97
C MET H 308 -2.66 -22.01 47.47
N GLN H 309 -2.09 -22.93 48.25
CA GLN H 309 -2.11 -22.83 49.71
C GLN H 309 -1.24 -21.71 50.25
N LYS H 310 -0.31 -21.23 49.44
CA LYS H 310 0.54 -20.09 49.82
C LYS H 310 -0.14 -18.72 49.56
N LEU H 311 -1.39 -18.76 49.08
CA LEU H 311 -2.16 -17.55 48.74
C LEU H 311 -2.79 -16.86 49.95
N LYS H 312 -2.62 -15.54 50.00
CA LYS H 312 -3.08 -14.71 51.10
C LYS H 312 -4.20 -13.79 50.60
N VAL H 313 -5.39 -13.96 51.13
CA VAL H 313 -6.52 -13.08 50.82
C VAL H 313 -6.70 -12.17 52.01
N GLY H 314 -6.92 -10.89 51.75
CA GLY H 314 -7.15 -9.93 52.82
C GLY H 314 -7.30 -8.52 52.30
N PRO H 315 -7.42 -7.54 53.21
CA PRO H 315 -7.53 -6.13 52.82
C PRO H 315 -6.24 -5.53 52.20
N SER H 316 -6.43 -4.45 51.42
CA SER H 316 -5.32 -3.74 50.78
C SER H 316 -4.48 -2.95 51.79
N THR H 317 -4.94 -2.87 53.03
CA THR H 317 -4.19 -2.25 54.12
C THR H 317 -2.95 -3.06 54.44
N ASP H 318 -3.07 -4.37 54.26
CA ASP H 318 -1.92 -5.25 54.31
C ASP H 318 -1.50 -5.55 52.86
N SER H 319 -0.45 -4.84 52.43
CA SER H 319 0.39 -5.24 51.30
C SER H 319 0.80 -6.70 51.46
N GLY H 320 1.26 -7.31 50.39
CA GLY H 320 1.72 -8.70 50.50
C GLY H 320 0.60 -9.72 50.56
N ASN H 321 -0.64 -9.26 50.72
CA ASN H 321 -1.79 -10.07 50.32
C ASN H 321 -1.70 -10.25 48.83
N ASP H 322 -2.04 -11.45 48.35
CA ASP H 322 -2.07 -11.73 46.90
C ASP H 322 -3.24 -11.08 46.15
N PHE H 323 -4.42 -11.04 46.79
CA PHE H 323 -5.56 -10.30 46.24
C PHE H 323 -6.55 -9.91 47.32
N GLY H 324 -7.50 -9.05 46.94
CA GLY H 324 -8.48 -8.49 47.86
C GLY H 324 -9.89 -9.02 47.74
N PRO H 325 -10.85 -8.28 48.28
CA PRO H 325 -12.22 -8.76 48.22
C PRO H 325 -12.85 -8.51 46.86
N VAL H 326 -13.93 -9.24 46.63
CA VAL H 326 -14.79 -9.02 45.49
C VAL H 326 -15.46 -7.62 45.65
N ILE H 327 -16.04 -7.09 44.58
CA ILE H 327 -16.58 -5.71 44.58
C ILE H 327 -17.80 -5.40 45.47
N THR H 328 -18.78 -6.30 45.49
CA THR H 328 -20.03 -6.17 46.27
C THR H 328 -20.46 -7.47 47.00
N ARG H 329 -21.40 -7.32 47.92
CA ARG H 329 -22.03 -8.45 48.59
C ARG H 329 -22.82 -9.26 47.60
N GLN H 330 -23.61 -8.55 46.78
CA GLN H 330 -24.34 -9.17 45.68
C GLN H 330 -23.44 -10.03 44.76
N HIS H 331 -22.23 -9.51 44.46
CA HIS H 331 -21.27 -10.21 43.60
C HIS H 331 -20.60 -11.35 44.31
N GLN H 332 -20.35 -11.17 45.62
CA GLN H 332 -19.84 -12.28 46.46
C GLN H 332 -20.77 -13.48 46.45
N GLU H 333 -22.05 -13.21 46.69
CA GLU H 333 -23.08 -14.23 46.61
C GLU H 333 -23.11 -14.89 45.22
N LYS H 334 -23.03 -14.10 44.15
CA LYS H 334 -23.03 -14.65 42.78
C LYS H 334 -21.83 -15.57 42.50
N VAL H 335 -20.66 -15.19 43.03
CA VAL H 335 -19.46 -16.02 42.91
C VAL H 335 -19.62 -17.31 43.69
N ILE H 336 -20.14 -17.18 44.91
CA ILE H 336 -20.41 -18.36 45.76
C ILE H 336 -21.40 -19.29 45.05
N GLY H 337 -22.48 -18.68 44.54
CA GLY H 337 -23.53 -19.36 43.77
C GLY H 337 -23.00 -20.25 42.66
N TYR H 338 -22.05 -19.72 41.90
CA TYR H 338 -21.42 -20.49 40.83
C TYR H 338 -20.67 -21.72 41.37
N ILE H 339 -19.94 -21.53 42.46
CA ILE H 339 -19.14 -22.61 43.07
C ILE H 339 -20.05 -23.71 43.61
N ASN H 340 -21.18 -23.30 44.18
CA ASN H 340 -22.22 -24.25 44.57
C ASN H 340 -22.74 -25.02 43.36
N SER H 341 -23.17 -24.29 42.33
CA SER H 341 -23.68 -24.91 41.09
C SER H 341 -22.70 -25.92 40.53
N ALA H 342 -21.43 -25.54 40.47
CA ALA H 342 -20.36 -26.44 40.02
C ALA H 342 -20.43 -27.79 40.73
N GLU H 343 -20.28 -27.74 42.06
CA GLU H 343 -20.27 -28.93 42.92
C GLU H 343 -21.49 -29.80 42.70
N GLN H 344 -22.65 -29.15 42.74
CA GLN H 344 -23.96 -29.77 42.53
C GLN H 344 -24.12 -30.44 41.16
N GLN H 345 -23.48 -29.89 40.13
CA GLN H 345 -23.51 -30.51 38.78
C GLN H 345 -22.41 -31.55 38.55
N GLY H 346 -21.65 -31.90 39.59
CA GLY H 346 -20.73 -33.06 39.55
C GLY H 346 -19.25 -32.73 39.70
N ALA H 347 -18.93 -31.44 39.72
CA ALA H 347 -17.55 -31.00 39.70
C ALA H 347 -16.89 -31.20 41.08
N THR H 348 -15.58 -31.43 41.03
CA THR H 348 -14.76 -31.71 42.22
C THR H 348 -14.11 -30.44 42.80
N ILE H 349 -14.67 -29.96 43.89
CA ILE H 349 -14.12 -28.78 44.56
C ILE H 349 -12.81 -29.17 45.24
N VAL H 350 -11.70 -29.07 44.51
CA VAL H 350 -10.38 -29.44 45.06
C VAL H 350 -9.95 -28.50 46.19
N VAL H 351 -9.85 -27.20 45.90
CA VAL H 351 -9.55 -26.19 46.93
C VAL H 351 -10.76 -25.28 47.16
N ASP H 352 -11.39 -25.39 48.34
CA ASP H 352 -12.60 -24.62 48.63
C ASP H 352 -12.21 -23.24 49.16
N GLY H 353 -12.90 -22.23 48.65
CA GLY H 353 -12.72 -20.86 49.11
C GLY H 353 -14.02 -20.10 49.26
N ARG H 354 -15.12 -20.84 49.44
CA ARG H 354 -16.45 -20.24 49.61
C ARG H 354 -16.57 -19.61 51.00
N GLN H 355 -15.87 -20.20 51.96
CA GLN H 355 -15.92 -19.78 53.37
C GLN H 355 -14.51 -19.33 53.78
N PRO H 356 -14.05 -18.22 53.18
CA PRO H 356 -12.63 -17.89 53.29
C PRO H 356 -12.27 -17.56 54.70
N LYS H 357 -13.10 -16.72 55.34
CA LYS H 357 -12.99 -16.45 56.76
C LYS H 357 -11.57 -16.02 57.15
N VAL H 358 -10.70 -15.80 56.15
CA VAL H 358 -9.26 -15.56 56.40
C VAL H 358 -9.12 -14.26 57.18
N PRO H 359 -9.90 -13.21 56.79
CA PRO H 359 -10.07 -12.09 57.70
C PRO H 359 -10.98 -12.53 58.85
N ASN H 360 -10.73 -12.24 60.14
CA ASN H 360 -9.83 -11.24 60.74
C ASN H 360 -10.40 -9.85 60.67
N HIS H 361 -11.38 -9.62 61.54
CA HIS H 361 -12.01 -8.31 61.67
C HIS H 361 -12.63 -7.86 60.35
N GLU H 362 -13.02 -8.82 59.51
CA GLU H 362 -13.65 -8.52 58.24
C GLU H 362 -14.74 -9.55 57.86
N ASN H 363 -16.00 -9.11 57.96
CA ASN H 363 -17.16 -9.62 57.21
C ASN H 363 -17.43 -8.75 55.94
N GLY H 364 -16.38 -8.58 55.12
CA GLY H 364 -16.50 -7.89 53.86
C GLY H 364 -16.74 -8.92 52.80
N PHE H 365 -16.43 -8.58 51.55
CA PHE H 365 -16.95 -9.34 50.40
C PHE H 365 -15.94 -10.33 49.86
N PHE H 366 -15.32 -11.08 50.78
CA PHE H 366 -14.16 -11.89 50.44
C PHE H 366 -14.56 -13.23 49.88
N VAL H 367 -13.80 -13.70 48.88
CA VAL H 367 -13.89 -15.06 48.34
C VAL H 367 -12.48 -15.62 48.09
N GLY H 368 -12.22 -16.80 48.65
CA GLY H 368 -10.89 -17.39 48.64
C GLY H 368 -10.64 -18.04 47.30
N GLY H 369 -9.36 -18.21 46.97
CA GLY H 369 -8.98 -18.82 45.70
C GLY H 369 -9.54 -20.23 45.69
N THR H 370 -10.32 -20.59 44.67
CA THR H 370 -10.86 -21.96 44.57
C THR H 370 -10.47 -22.69 43.28
N LEU H 371 -10.26 -24.00 43.42
CA LEU H 371 -9.91 -24.86 42.31
C LEU H 371 -11.02 -25.89 42.09
N ILE H 372 -11.57 -25.92 40.87
CA ILE H 372 -12.63 -26.85 40.50
C ILE H 372 -12.09 -27.75 39.39
N ASP H 373 -12.12 -29.06 39.62
CA ASP H 373 -11.62 -30.05 38.66
C ASP H 373 -12.80 -30.79 38.01
N HIS H 374 -12.50 -31.54 36.95
CA HIS H 374 -13.47 -32.36 36.21
C HIS H 374 -14.75 -31.61 35.85
N VAL H 375 -14.58 -30.47 35.20
CA VAL H 375 -15.73 -29.70 34.78
C VAL H 375 -16.06 -30.05 33.33
N THR H 376 -17.31 -29.83 32.95
CA THR H 376 -17.81 -30.23 31.64
C THR H 376 -18.58 -29.08 30.95
N PRO H 377 -18.64 -29.09 29.60
CA PRO H 377 -19.27 -27.98 28.86
C PRO H 377 -20.74 -27.75 29.18
N GLU H 378 -21.40 -28.73 29.77
CA GLU H 378 -22.84 -28.65 30.09
C GLU H 378 -23.09 -27.85 31.38
N MET H 379 -22.10 -27.80 32.27
CA MET H 379 -22.19 -27.04 33.53
C MET H 379 -22.42 -25.54 33.30
N THR H 380 -23.29 -24.94 34.12
CA THR H 380 -23.63 -23.49 34.03
C THR H 380 -22.46 -22.58 34.45
N SER H 381 -21.73 -23.03 35.48
CA SER H 381 -20.50 -22.36 35.94
C SER H 381 -19.37 -22.32 34.89
N TYR H 382 -19.35 -23.31 34.00
CA TYR H 382 -18.44 -23.31 32.87
C TYR H 382 -18.90 -22.33 31.78
N GLN H 383 -20.18 -22.36 31.39
CA GLN H 383 -20.70 -21.56 30.26
C GLN H 383 -20.75 -20.05 30.49
N GLU H 384 -20.90 -19.65 31.77
CA GLU H 384 -21.06 -18.24 32.15
C GLU H 384 -19.84 -17.69 32.86
N GLU H 385 -19.64 -16.38 32.74
CA GLU H 385 -18.54 -15.71 33.39
C GLU H 385 -18.75 -15.66 34.89
N ILE H 386 -17.84 -16.28 35.65
CA ILE H 386 -17.85 -16.22 37.10
C ILE H 386 -17.36 -14.86 37.60
N PHE H 387 -16.20 -14.43 37.10
CA PHE H 387 -15.58 -13.11 37.41
C PHE H 387 -15.17 -13.00 38.88
N GLY H 388 -14.58 -14.09 39.36
CA GLY H 388 -14.10 -14.17 40.75
C GLY H 388 -12.84 -15.01 40.78
N PRO H 389 -12.29 -15.30 41.97
CA PRO H 389 -11.02 -16.04 42.05
C PRO H 389 -11.20 -17.56 41.98
N VAL H 390 -11.65 -18.02 40.83
CA VAL H 390 -11.93 -19.42 40.59
C VAL H 390 -11.17 -19.85 39.35
N LEU H 391 -10.69 -21.09 39.35
CA LEU H 391 -10.11 -21.71 38.16
C LEU H 391 -10.95 -22.95 37.94
N GLN H 392 -11.21 -23.29 36.69
CA GLN H 392 -11.89 -24.53 36.35
C GLN H 392 -10.89 -25.35 35.57
N VAL H 393 -10.99 -26.68 35.66
CA VAL H 393 -10.06 -27.58 34.95
C VAL H 393 -10.79 -28.62 34.13
N VAL H 394 -10.56 -28.56 32.82
CA VAL H 394 -11.18 -29.45 31.86
C VAL H 394 -10.13 -30.46 31.38
N ARG H 395 -10.59 -31.69 31.17
CA ARG H 395 -9.75 -32.80 30.80
C ARG H 395 -10.20 -33.33 29.45
N VAL H 396 -9.32 -33.20 28.46
CA VAL H 396 -9.60 -33.58 27.08
C VAL H 396 -8.47 -34.46 26.51
N ALA H 397 -8.80 -35.17 25.43
CA ALA H 397 -7.93 -36.21 24.88
C ALA H 397 -6.76 -35.62 24.07
N THR H 398 -7.12 -34.76 23.12
CA THR H 398 -6.18 -34.20 22.17
C THR H 398 -6.30 -32.67 22.09
N MET H 399 -5.24 -32.05 21.59
CA MET H 399 -5.14 -30.59 21.44
C MET H 399 -6.33 -30.01 20.68
N GLN H 400 -6.66 -30.62 19.55
CA GLN H 400 -7.78 -30.18 18.72
C GLN H 400 -9.08 -30.08 19.52
N ASP H 401 -9.29 -31.04 20.43
CA ASP H 401 -10.50 -31.08 21.26
C ASP H 401 -10.55 -29.85 22.17
N ALA H 402 -9.40 -29.53 22.73
CA ALA H 402 -9.21 -28.30 23.49
C ALA H 402 -9.54 -27.02 22.68
N MET H 403 -9.14 -26.98 21.42
CA MET H 403 -9.43 -25.84 20.55
C MET H 403 -10.89 -25.81 20.05
N ASP H 404 -11.49 -26.98 19.85
CA ASP H 404 -12.90 -27.06 19.46
C ASP H 404 -13.74 -26.60 20.63
N LEU H 405 -13.25 -26.86 21.84
CA LEU H 405 -13.95 -26.52 23.07
C LEU H 405 -13.96 -25.02 23.24
N ILE H 406 -12.80 -24.41 22.95
CA ILE H 406 -12.62 -22.96 23.00
C ILE H 406 -13.47 -22.33 21.92
N ASP H 407 -13.33 -22.79 20.68
CA ASP H 407 -14.09 -22.20 19.57
C ASP H 407 -15.64 -22.30 19.77
N ALA H 408 -16.09 -23.35 20.46
CA ALA H 408 -17.52 -23.54 20.71
C ALA H 408 -18.11 -22.54 21.72
N HIS H 409 -17.30 -21.97 22.60
CA HIS H 409 -17.80 -21.09 23.66
C HIS H 409 -18.38 -19.82 23.10
N GLU H 410 -19.25 -19.18 23.88
CA GLU H 410 -19.89 -17.93 23.50
C GLU H 410 -18.87 -16.82 23.30
N TYR H 411 -18.00 -16.66 24.30
CA TYR H 411 -16.94 -15.67 24.34
C TYR H 411 -15.64 -16.07 23.60
N GLY H 412 -14.88 -15.08 23.14
CA GLY H 412 -13.58 -15.33 22.54
C GLY H 412 -12.61 -14.19 22.80
N ASN H 413 -12.49 -13.76 24.05
CA ASN H 413 -11.69 -12.58 24.37
C ASN H 413 -10.18 -12.87 24.38
N GLY H 414 -9.78 -13.79 25.24
CA GLY H 414 -8.37 -14.08 25.48
C GLY H 414 -8.13 -15.57 25.60
N THR H 415 -6.95 -16.01 25.16
CA THR H 415 -6.59 -17.42 25.28
C THR H 415 -5.10 -17.57 25.33
N CYS H 416 -4.67 -18.76 25.73
CA CYS H 416 -3.25 -19.05 25.94
C CYS H 416 -2.92 -20.51 25.68
N ILE H 417 -1.70 -20.76 25.26
CA ILE H 417 -1.20 -22.13 25.10
C ILE H 417 0.17 -22.20 25.74
N PHE H 418 0.34 -23.17 26.63
CA PHE H 418 1.65 -23.48 27.24
C PHE H 418 2.23 -24.64 26.45
N THR H 419 3.30 -24.36 25.73
CA THR H 419 3.99 -25.40 24.96
C THR H 419 5.38 -24.90 24.59
N ARG H 420 6.24 -25.84 24.20
CA ARG H 420 7.59 -25.53 23.71
C ARG H 420 7.72 -25.70 22.19
N ASP H 421 6.75 -26.37 21.57
CA ASP H 421 6.76 -26.73 20.14
C ASP H 421 6.30 -25.58 19.25
N GLY H 422 7.16 -25.17 18.32
CA GLY H 422 6.81 -24.14 17.36
C GLY H 422 5.58 -24.48 16.52
N GLU H 423 5.53 -25.70 15.98
CA GLU H 423 4.43 -26.10 15.12
C GLU H 423 3.07 -25.89 15.79
N ALA H 424 3.00 -26.26 17.08
CA ALA H 424 1.76 -26.22 17.85
C ALA H 424 1.33 -24.81 18.16
N ALA H 425 2.30 -23.97 18.48
CA ALA H 425 2.04 -22.57 18.74
C ALA H 425 1.54 -21.81 17.49
N ARG H 426 2.00 -22.18 16.30
CA ARG H 426 1.50 -21.49 15.12
C ARG H 426 0.11 -22.00 14.80
N TYR H 427 -0.08 -23.31 14.87
CA TYR H 427 -1.41 -23.88 14.58
C TYR H 427 -2.48 -23.29 15.50
N PHE H 428 -2.11 -23.05 16.76
CA PHE H 428 -3.04 -22.52 17.75
C PHE H 428 -3.34 -21.05 17.45
N SER H 429 -2.29 -20.22 17.45
CA SER H 429 -2.41 -18.78 17.20
C SER H 429 -3.02 -18.42 15.86
N ASP H 430 -2.79 -19.23 14.84
CA ASP H 430 -3.42 -19.01 13.54
C ASP H 430 -4.92 -19.31 13.59
N ASN H 431 -5.28 -20.52 14.04
CA ASN H 431 -6.67 -21.02 13.88
C ASN H 431 -7.66 -20.71 15.01
N ILE H 432 -7.17 -20.46 16.22
CA ILE H 432 -8.07 -20.26 17.35
C ILE H 432 -8.95 -19.02 17.14
N GLN H 433 -10.25 -19.16 17.40
CA GLN H 433 -11.19 -18.04 17.28
C GLN H 433 -11.27 -17.21 18.55
N VAL H 434 -10.12 -16.64 18.93
CA VAL H 434 -10.11 -15.54 19.91
C VAL H 434 -9.22 -14.37 19.47
N GLY H 435 -9.65 -13.17 19.86
CA GLY H 435 -8.98 -11.93 19.52
C GLY H 435 -7.57 -11.78 20.09
N MET H 436 -7.40 -12.09 21.37
CA MET H 436 -6.07 -11.98 22.01
C MET H 436 -5.44 -13.32 22.42
N VAL H 437 -4.41 -13.76 21.72
CA VAL H 437 -3.81 -15.08 21.98
C VAL H 437 -2.39 -14.95 22.48
N GLY H 438 -2.06 -15.76 23.51
CA GLY H 438 -0.73 -15.85 24.12
C GLY H 438 -0.06 -17.22 24.00
N ILE H 439 1.25 -17.22 23.76
CA ILE H 439 2.09 -18.42 23.71
C ILE H 439 2.96 -18.44 24.95
N ASN H 440 2.62 -19.30 25.91
CA ASN H 440 3.23 -19.31 27.26
C ASN H 440 3.08 -17.96 27.96
N ILE H 441 1.93 -17.31 27.73
CA ILE H 441 1.56 -16.03 28.33
C ILE H 441 0.08 -16.12 28.66
N PRO H 442 -0.27 -16.37 29.93
CA PRO H 442 -1.69 -16.55 30.28
C PRO H 442 -2.51 -15.24 30.20
N LEU H 443 -1.86 -14.08 30.28
CA LEU H 443 -2.55 -12.78 30.13
C LEU H 443 -2.02 -11.99 28.91
N PRO H 444 -2.31 -12.46 27.68
CA PRO H 444 -1.81 -11.80 26.47
C PRO H 444 -2.44 -10.43 26.18
N VAL H 445 -2.33 -9.51 27.14
CA VAL H 445 -2.92 -8.18 27.01
C VAL H 445 -2.02 -7.32 26.14
N PRO H 446 -2.58 -6.83 25.02
CA PRO H 446 -1.75 -6.05 24.13
C PRO H 446 -1.26 -4.81 24.82
N VAL H 447 -0.13 -4.34 24.33
CA VAL H 447 0.55 -3.22 24.90
C VAL H 447 -0.19 -1.98 24.40
N ALA H 448 0.12 -0.84 24.99
CA ALA H 448 -0.53 0.43 24.66
C ALA H 448 -0.42 0.87 23.21
N TYR H 449 0.65 0.43 22.54
CA TYR H 449 0.86 0.63 21.08
C TYR H 449 0.34 -0.55 20.22
N HIS H 450 -0.50 -1.39 20.82
CA HIS H 450 -1.36 -2.31 20.10
C HIS H 450 -2.79 -2.07 20.53
N SER H 451 -3.75 -2.83 19.98
CA SER H 451 -5.14 -2.61 20.31
C SER H 451 -5.72 -3.87 20.94
N PHE H 452 -6.51 -3.65 21.98
CA PHE H 452 -7.15 -4.70 22.79
C PHE H 452 -8.53 -4.93 22.24
N GLY H 453 -8.90 -6.20 22.14
CA GLY H 453 -10.25 -6.53 21.70
C GLY H 453 -10.44 -8.00 21.36
N GLY H 454 -11.57 -8.53 21.82
CA GLY H 454 -11.95 -9.90 21.53
C GLY H 454 -12.81 -10.10 20.29
N TRP H 455 -13.20 -11.36 20.12
CA TRP H 455 -13.95 -11.86 19.00
C TRP H 455 -15.24 -12.45 19.49
N LYS H 456 -16.14 -12.72 18.55
CA LYS H 456 -17.45 -13.28 18.84
C LYS H 456 -18.16 -12.34 19.82
N ARG H 457 -18.70 -12.88 20.92
CA ARG H 457 -19.60 -12.12 21.81
C ARG H 457 -18.90 -11.20 22.83
N SER H 458 -17.57 -11.17 22.76
CA SER H 458 -16.73 -10.38 23.67
C SER H 458 -16.48 -8.96 23.17
N LEU H 459 -16.96 -8.66 21.96
CA LEU H 459 -16.82 -7.33 21.41
C LEU H 459 -17.83 -7.09 20.32
N PHE H 460 -18.41 -5.89 20.34
CA PHE H 460 -19.35 -5.44 19.33
C PHE H 460 -18.68 -4.25 18.64
N GLY H 461 -18.65 -4.29 17.31
CA GLY H 461 -18.01 -3.28 16.47
C GLY H 461 -16.85 -3.88 15.67
N ASP H 462 -16.12 -2.99 15.00
CA ASP H 462 -15.02 -3.39 14.12
C ASP H 462 -13.68 -2.70 14.43
N LEU H 463 -13.70 -1.73 15.35
CA LEU H 463 -12.46 -1.09 15.80
C LEU H 463 -12.28 -1.33 17.29
N HIS H 464 -11.08 -1.81 17.64
CA HIS H 464 -10.80 -2.27 18.98
C HIS H 464 -10.32 -1.17 19.94
N ALA H 465 -10.03 -1.58 21.18
CA ALA H 465 -9.76 -0.65 22.26
C ALA H 465 -8.31 -0.17 22.30
N TYR H 466 -8.17 1.11 22.62
CA TYR H 466 -6.90 1.85 22.59
C TYR H 466 -5.97 1.49 21.43
N GLY H 467 -4.77 2.09 21.42
CA GLY H 467 -3.75 1.83 20.41
C GLY H 467 -4.12 2.40 19.04
N PRO H 468 -3.69 1.72 17.96
CA PRO H 468 -3.98 2.25 16.62
C PRO H 468 -5.47 2.37 16.31
N ASP H 469 -6.28 1.41 16.75
CA ASP H 469 -7.71 1.41 16.42
C ASP H 469 -8.46 2.55 17.05
N ALA H 470 -8.02 2.93 18.25
CA ALA H 470 -8.58 4.06 18.97
C ALA H 470 -8.34 5.40 18.28
N VAL H 471 -7.28 5.47 17.49
CA VAL H 471 -7.06 6.63 16.63
C VAL H 471 -8.13 6.67 15.52
N ARG H 472 -8.41 5.52 14.93
CA ARG H 472 -9.41 5.44 13.87
C ARG H 472 -10.82 5.56 14.40
N PHE H 473 -11.04 5.09 15.62
CA PHE H 473 -12.35 5.16 16.22
C PHE H 473 -12.70 6.56 16.73
N TYR H 474 -11.68 7.29 17.23
CA TYR H 474 -11.85 8.69 17.68
C TYR H 474 -11.54 9.74 16.60
N THR H 475 -11.53 9.35 15.33
CA THR H 475 -11.50 10.30 14.19
C THR H 475 -12.35 9.82 13.03
N LYS H 476 -12.66 10.76 12.13
CA LYS H 476 -13.43 10.47 10.93
C LYS H 476 -12.65 10.83 9.66
N ARG H 477 -12.73 9.95 8.67
CA ARG H 477 -11.96 10.08 7.43
C ARG H 477 -12.56 11.13 6.53
N LYS H 478 -11.75 12.13 6.21
CA LYS H 478 -12.04 13.05 5.12
C LYS H 478 -11.05 12.84 4.00
N THR H 479 -11.52 12.87 2.76
CA THR H 479 -10.65 12.68 1.62
C THR H 479 -10.79 13.89 0.72
N VAL H 480 -9.73 14.68 0.64
CA VAL H 480 -9.68 15.86 -0.21
C VAL H 480 -9.10 15.49 -1.56
N THR H 481 -9.73 16.00 -2.62
CA THR H 481 -9.18 15.91 -3.99
C THR H 481 -9.08 17.31 -4.58
N GLN H 482 -7.86 17.72 -4.83
CA GLN H 482 -7.52 19.10 -5.18
C GLN H 482 -7.06 19.20 -6.62
N ARG H 483 -7.57 20.20 -7.33
CA ARG H 483 -7.07 20.51 -8.67
C ARG H 483 -7.06 22.03 -8.86
N TRP H 484 -6.08 22.53 -9.61
CA TRP H 484 -6.00 23.97 -9.94
C TRP H 484 -5.94 24.14 -11.47
N PRO H 485 -7.06 24.57 -12.09
CA PRO H 485 -7.15 24.57 -13.56
C PRO H 485 -6.54 25.80 -14.26
N SER H 486 -6.78 26.98 -13.70
CA SER H 486 -6.34 28.23 -14.31
C SER H 486 -5.00 28.68 -13.73
N ALA H 487 -3.99 28.75 -14.59
CA ALA H 487 -2.69 29.35 -14.26
C ALA H 487 -2.73 30.88 -14.51
N GLY H 488 -1.55 31.49 -14.60
CA GLY H 488 -1.43 32.91 -15.01
C GLY H 488 -1.16 33.87 -13.86
N VAL H 489 -0.27 33.47 -12.96
CA VAL H 489 0.19 34.32 -11.87
C VAL H 489 1.68 34.10 -11.73
N MET I 4 -95.14 -7.76 80.59
CA MET I 4 -94.46 -8.72 79.64
C MET I 4 -94.08 -8.03 78.32
N THR I 5 -92.91 -8.40 77.78
CA THR I 5 -92.35 -7.77 76.56
C THR I 5 -93.24 -7.90 75.33
N THR I 6 -93.43 -6.77 74.66
CA THR I 6 -94.28 -6.67 73.48
C THR I 6 -93.46 -6.17 72.30
N ILE I 7 -93.27 -7.03 71.31
CA ILE I 7 -92.57 -6.71 70.10
C ILE I 7 -93.46 -5.90 69.17
N GLY I 8 -92.92 -4.77 68.68
CA GLY I 8 -93.66 -3.78 67.88
C GLY I 8 -93.34 -3.76 66.39
N HIS I 9 -93.44 -2.56 65.80
CA HIS I 9 -93.21 -2.36 64.37
C HIS I 9 -92.19 -1.26 64.11
N LEU I 10 -91.36 -1.45 63.08
CA LEU I 10 -90.52 -0.36 62.56
C LEU I 10 -91.18 0.41 61.40
N ILE I 11 -91.63 1.63 61.70
CA ILE I 11 -92.32 2.46 60.76
C ILE I 11 -91.70 3.86 60.82
N ASN I 12 -91.18 4.33 59.70
CA ASN I 12 -90.49 5.63 59.65
C ASN I 12 -89.42 5.81 60.73
N GLY I 13 -88.66 4.74 60.95
CA GLY I 13 -87.49 4.78 61.81
C GLY I 13 -87.80 4.80 63.27
N GLN I 14 -89.04 4.43 63.62
CA GLN I 14 -89.50 4.41 65.02
C GLN I 14 -90.24 3.12 65.36
N LEU I 15 -89.98 2.63 66.57
CA LEU I 15 -90.73 1.54 67.16
C LEU I 15 -92.08 2.10 67.56
N VAL I 16 -93.12 1.45 67.04
CA VAL I 16 -94.49 1.76 67.40
C VAL I 16 -95.23 0.47 67.61
N THR I 17 -96.31 0.56 68.35
CA THR I 17 -97.06 -0.61 68.69
C THR I 17 -98.51 -0.18 68.69
N GLU I 18 -99.37 -0.95 68.01
CA GLU I 18 -100.80 -0.69 67.90
C GLU I 18 -101.62 -1.10 69.14
N ASN I 19 -101.34 -2.29 69.68
CA ASN I 19 -101.96 -2.83 70.91
C ASN I 19 -103.48 -3.17 70.84
N THR I 20 -104.00 -3.40 69.63
CA THR I 20 -105.37 -3.91 69.54
C THR I 20 -105.42 -5.43 69.42
N ARG I 21 -104.28 -6.07 69.20
CA ARG I 21 -104.23 -7.51 68.96
C ARG I 21 -102.81 -8.05 69.05
N SER I 22 -102.62 -9.21 69.65
CA SER I 22 -101.28 -9.77 69.86
C SER I 22 -101.25 -11.28 69.88
N GLN I 23 -100.07 -11.84 69.68
CA GLN I 23 -99.89 -13.29 69.58
C GLN I 23 -98.66 -13.77 70.33
N ASN I 24 -98.74 -14.98 70.86
CA ASN I 24 -97.64 -15.55 71.64
C ASN I 24 -96.47 -15.90 70.76
N VAL I 25 -95.25 -15.54 71.16
CA VAL I 25 -94.04 -16.13 70.54
C VAL I 25 -93.41 -17.09 71.58
N PHE I 26 -92.95 -18.24 71.10
CA PHE I 26 -92.52 -19.30 71.98
C PHE I 26 -91.00 -19.37 72.01
N ASN I 27 -90.48 -20.04 73.02
CA ASN I 27 -89.17 -20.59 72.93
C ASN I 27 -89.38 -22.07 72.67
N PRO I 28 -89.22 -22.53 71.43
CA PRO I 28 -89.61 -23.88 71.03
C PRO I 28 -88.80 -25.00 71.66
N ALA I 29 -87.64 -24.67 72.24
CA ALA I 29 -86.92 -25.61 73.12
C ALA I 29 -87.72 -25.97 74.39
N THR I 30 -88.05 -24.96 75.19
CA THR I 30 -88.76 -25.13 76.47
C THR I 30 -90.27 -25.28 76.37
N GLY I 31 -90.85 -24.69 75.33
CA GLY I 31 -92.31 -24.73 75.13
C GLY I 31 -93.04 -23.56 75.74
N GLU I 32 -92.28 -22.64 76.33
CA GLU I 32 -92.81 -21.59 77.20
C GLU I 32 -92.90 -20.32 76.42
N ILE I 33 -93.90 -19.51 76.74
CA ILE I 33 -94.21 -18.31 75.97
C ILE I 33 -93.23 -17.23 76.37
N GLY I 34 -92.43 -16.78 75.42
CA GLY I 34 -91.35 -15.86 75.71
C GLY I 34 -91.82 -14.43 75.69
N LYS I 35 -92.54 -14.07 74.62
CA LYS I 35 -92.83 -12.67 74.32
C LYS I 35 -94.15 -12.61 73.59
N GLN I 36 -94.75 -11.42 73.63
CA GLN I 36 -95.96 -11.12 72.88
C GLN I 36 -95.54 -10.34 71.67
N LEU I 37 -96.17 -10.64 70.54
CA LEU I 37 -95.91 -9.95 69.29
C LEU I 37 -97.14 -9.14 68.90
N ASP I 38 -96.99 -7.84 68.72
CA ASP I 38 -98.12 -7.01 68.28
C ASP I 38 -98.47 -7.32 66.80
N LEU I 39 -99.75 -7.48 66.50
CA LEU I 39 -100.20 -7.82 65.16
C LEU I 39 -100.80 -6.57 64.55
N ALA I 40 -100.29 -6.18 63.39
CA ALA I 40 -100.66 -4.91 62.80
C ALA I 40 -101.92 -5.09 62.00
N SER I 41 -102.85 -4.16 62.19
CA SER I 41 -104.11 -4.14 61.46
C SER I 41 -103.88 -3.36 60.18
N THR I 42 -104.91 -3.26 59.33
CA THR I 42 -104.73 -2.62 58.02
C THR I 42 -104.38 -1.11 58.19
N LYS I 43 -104.86 -0.47 59.25
CA LYS I 43 -104.50 0.91 59.51
C LYS I 43 -102.99 1.03 59.77
N THR I 44 -102.45 0.16 60.61
CA THR I 44 -101.04 0.23 60.93
C THR I 44 -100.18 -0.05 59.71
N VAL I 45 -100.63 -1.00 58.89
CA VAL I 45 -99.93 -1.33 57.63
C VAL I 45 -99.96 -0.11 56.68
N GLU I 46 -101.10 0.56 56.60
CA GLU I 46 -101.19 1.74 55.76
C GLU I 46 -100.20 2.82 56.19
N GLN I 47 -99.95 2.98 57.50
CA GLN I 47 -98.96 3.99 57.98
C GLN I 47 -97.56 3.63 57.55
N ALA I 48 -97.25 2.33 57.52
CA ALA I 48 -95.96 1.88 57.04
C ALA I 48 -95.84 2.18 55.54
N ILE I 49 -96.88 1.89 54.80
CA ILE I 49 -96.88 2.18 53.38
C ILE I 49 -96.73 3.69 53.12
N SER I 50 -97.43 4.52 53.90
CA SER I 50 -97.37 5.98 53.78
C SER I 50 -96.00 6.52 54.11
N ALA I 51 -95.36 5.90 55.09
CA ALA I 51 -94.00 6.26 55.44
C ALA I 51 -93.02 5.97 54.30
N ALA I 52 -93.21 4.84 53.63
CA ALA I 52 -92.39 4.43 52.50
C ALA I 52 -92.68 5.23 51.24
N GLN I 53 -93.95 5.46 50.95
CA GLN I 53 -94.31 6.31 49.81
C GLN I 53 -93.70 7.69 50.00
N HIS I 54 -93.63 8.18 51.23
CA HIS I 54 -93.16 9.53 51.52
C HIS I 54 -91.62 9.65 51.41
N ALA I 55 -90.92 8.59 51.76
CA ALA I 55 -89.46 8.51 51.63
C ALA I 55 -89.00 8.28 50.20
N PHE I 56 -89.92 7.81 49.33
CA PHE I 56 -89.57 7.27 48.01
C PHE I 56 -88.96 8.28 47.04
N PRO I 57 -89.59 9.46 46.87
CA PRO I 57 -89.12 10.41 45.84
C PRO I 57 -87.65 10.86 45.94
N THR I 58 -87.19 11.23 47.13
CA THR I 58 -85.76 11.56 47.26
C THR I 58 -84.85 10.31 47.14
N TRP I 59 -85.35 9.15 47.56
CA TRP I 59 -84.56 7.90 47.52
C TRP I 59 -84.45 7.31 46.10
N ARG I 60 -85.53 7.47 45.36
CA ARG I 60 -85.58 7.14 43.95
C ARG I 60 -84.44 7.86 43.24
N ASN I 61 -84.31 9.15 43.50
CA ASN I 61 -83.29 9.97 42.82
C ASN I 61 -81.91 10.00 43.48
N THR I 62 -81.76 9.28 44.59
CA THR I 62 -80.45 9.16 45.24
C THR I 62 -79.57 8.31 44.33
N PRO I 63 -78.29 8.68 44.17
CA PRO I 63 -77.45 7.91 43.26
C PRO I 63 -77.13 6.51 43.77
N PRO I 64 -77.18 5.49 42.89
CA PRO I 64 -76.89 4.09 43.24
C PRO I 64 -75.67 3.87 44.10
N LEU I 65 -74.61 4.64 43.82
CA LEU I 65 -73.38 4.60 44.61
C LEU I 65 -73.58 4.91 46.06
N LYS I 66 -74.34 5.96 46.33
CA LYS I 66 -74.68 6.38 47.71
C LYS I 66 -75.64 5.38 48.39
N ARG I 67 -76.67 4.96 47.66
CA ARG I 67 -77.55 3.89 48.10
C ARG I 67 -76.76 2.63 48.48
N ALA I 68 -75.77 2.27 47.66
CA ALA I 68 -74.96 1.06 47.89
C ALA I 68 -74.13 1.17 49.16
N ARG I 69 -73.69 2.39 49.48
CA ARG I 69 -72.84 2.67 50.66
C ARG I 69 -73.54 2.37 51.98
N VAL I 70 -74.87 2.44 51.97
CA VAL I 70 -75.69 1.97 53.11
C VAL I 70 -75.52 0.48 53.33
N MET I 71 -75.49 -0.30 52.25
CA MET I 71 -75.26 -1.74 52.35
C MET I 71 -73.80 -2.07 52.73
N PHE I 72 -72.86 -1.25 52.32
CA PHE I 72 -71.49 -1.36 52.84
C PHE I 72 -71.42 -1.21 54.37
N ARG I 73 -72.13 -0.24 54.93
CA ARG I 73 -72.17 -0.04 56.38
C ARG I 73 -73.03 -1.05 57.06
N PHE I 74 -74.14 -1.43 56.41
CA PHE I 74 -75.01 -2.50 56.89
C PHE I 74 -74.26 -3.83 57.03
N LYS I 75 -73.36 -4.08 56.09
CA LYS I 75 -72.60 -5.31 56.04
C LYS I 75 -71.68 -5.51 57.22
N GLU I 76 -70.99 -4.43 57.60
CA GLU I 76 -70.19 -4.33 58.85
C GLU I 76 -71.02 -4.58 60.09
N LEU I 77 -72.20 -3.97 60.15
CA LEU I 77 -73.09 -4.08 61.31
C LEU I 77 -73.65 -5.46 61.51
N LEU I 78 -74.02 -6.11 60.41
CA LEU I 78 -74.44 -7.49 60.48
C LEU I 78 -73.35 -8.36 61.07
N GLU I 79 -72.14 -8.16 60.62
CA GLU I 79 -71.00 -8.93 61.12
C GLU I 79 -70.71 -8.64 62.58
N GLN I 80 -70.74 -7.36 62.95
CA GLN I 80 -70.48 -6.94 64.34
C GLN I 80 -71.46 -7.45 65.35
N HIS I 81 -72.74 -7.52 64.99
CA HIS I 81 -73.80 -8.01 65.87
C HIS I 81 -74.18 -9.43 65.53
N ALA I 82 -73.24 -10.22 65.01
CA ALA I 82 -73.57 -11.58 64.59
C ALA I 82 -74.02 -12.46 65.76
N ASP I 83 -73.33 -12.38 66.89
CA ASP I 83 -73.68 -13.20 68.06
C ASP I 83 -75.05 -12.92 68.65
N GLU I 84 -75.48 -11.66 68.67
CA GLU I 84 -76.82 -11.29 69.20
C GLU I 84 -77.89 -11.74 68.23
N ILE I 85 -77.63 -11.58 66.93
CA ILE I 85 -78.56 -12.02 65.86
C ILE I 85 -78.80 -13.53 65.91
N CYS I 86 -77.71 -14.29 65.97
CA CYS I 86 -77.79 -15.72 66.13
C CYS I 86 -78.57 -16.13 67.38
N ARG I 87 -78.38 -15.39 68.47
CA ARG I 87 -79.08 -15.67 69.73
C ARG I 87 -80.59 -15.47 69.57
N LEU I 88 -80.95 -14.34 68.99
CA LEU I 88 -82.34 -14.02 68.65
C LEU I 88 -82.97 -15.04 67.70
N ILE I 89 -82.17 -15.59 66.78
CA ILE I 89 -82.64 -16.63 65.88
C ILE I 89 -82.91 -17.90 66.67
N GLY I 90 -81.91 -18.35 67.41
CA GLY I 90 -82.03 -19.55 68.28
C GLY I 90 -83.10 -19.47 69.37
N GLU I 91 -83.38 -18.27 69.84
CA GLU I 91 -84.33 -18.09 70.92
C GLU I 91 -85.73 -18.42 70.45
N GLU I 92 -86.05 -18.06 69.20
CA GLU I 92 -87.42 -18.14 68.66
C GLU I 92 -87.65 -19.19 67.57
N HIS I 93 -86.66 -19.41 66.73
CA HIS I 93 -86.68 -20.50 65.76
C HIS I 93 -86.27 -21.77 66.43
N GLY I 94 -85.25 -21.64 67.28
CA GLY I 94 -84.66 -22.76 68.00
C GLY I 94 -83.35 -23.32 67.48
N LYS I 95 -82.96 -22.90 66.28
CA LYS I 95 -81.78 -23.47 65.59
C LYS I 95 -80.50 -23.10 66.27
N ILE I 96 -79.50 -23.95 66.11
CA ILE I 96 -78.32 -23.85 66.96
C ILE I 96 -77.30 -22.90 66.29
N ALA I 97 -76.41 -22.33 67.08
CA ALA I 97 -75.42 -21.34 66.62
C ALA I 97 -74.93 -21.50 65.19
N HIS I 98 -74.48 -22.70 64.85
CA HIS I 98 -73.82 -22.89 63.56
C HIS I 98 -74.77 -22.76 62.37
N ASP I 99 -76.00 -23.28 62.50
CA ASP I 99 -77.02 -23.09 61.47
C ASP I 99 -77.43 -21.61 61.38
N ALA I 100 -77.60 -20.96 62.53
CA ALA I 100 -77.92 -19.53 62.56
C ALA I 100 -76.80 -18.67 61.96
N MET I 101 -75.55 -19.03 62.22
CA MET I 101 -74.42 -18.31 61.63
C MET I 101 -74.38 -18.52 60.13
N GLY I 102 -74.60 -19.76 59.69
CA GLY I 102 -74.70 -20.08 58.26
C GLY I 102 -75.75 -19.23 57.60
N GLU I 103 -76.95 -19.18 58.19
CA GLU I 103 -78.04 -18.35 57.70
C GLU I 103 -77.56 -16.90 57.59
N LEU I 104 -76.99 -16.38 58.68
CA LEU I 104 -76.56 -14.99 58.70
C LEU I 104 -75.51 -14.75 57.65
N GLN I 105 -74.60 -15.69 57.46
CA GLN I 105 -73.55 -15.54 56.47
C GLN I 105 -74.14 -15.40 55.06
N ARG I 106 -75.03 -16.31 54.69
CA ARG I 106 -75.62 -16.27 53.35
C ARG I 106 -76.41 -14.96 53.14
N GLY I 107 -77.02 -14.45 54.19
CA GLY I 107 -77.70 -13.16 54.10
C GLY I 107 -76.73 -12.02 53.88
N ILE I 108 -75.55 -12.10 54.48
CA ILE I 108 -74.55 -11.07 54.29
C ILE I 108 -74.04 -11.07 52.84
N GLU I 109 -73.85 -12.25 52.28
CA GLU I 109 -73.52 -12.31 50.86
C GLU I 109 -74.52 -11.58 49.96
N ASN I 110 -75.81 -11.70 50.27
CA ASN I 110 -76.84 -10.94 49.55
C ASN I 110 -76.61 -9.42 49.61
N VAL I 111 -76.18 -8.97 50.79
CA VAL I 111 -75.88 -7.57 51.04
C VAL I 111 -74.65 -7.19 50.27
N GLU I 112 -73.65 -8.06 50.33
CA GLU I 112 -72.43 -7.89 49.55
C GLU I 112 -72.78 -7.68 48.09
N TYR I 113 -73.64 -8.53 47.53
CA TYR I 113 -74.02 -8.40 46.11
C TYR I 113 -74.70 -7.08 45.84
N ALA I 114 -75.54 -6.64 46.78
CA ALA I 114 -76.29 -5.39 46.65
C ALA I 114 -75.37 -4.20 46.66
N CYS I 115 -74.23 -4.33 47.34
CA CYS I 115 -73.21 -3.29 47.30
C CYS I 115 -72.75 -2.95 45.88
N GLY I 116 -72.88 -3.91 44.96
CA GLY I 116 -72.55 -3.71 43.54
C GLY I 116 -73.71 -3.18 42.71
N ALA I 117 -74.58 -2.37 43.32
CA ALA I 117 -75.81 -1.92 42.65
C ALA I 117 -75.55 -1.23 41.31
N PRO I 118 -74.53 -0.35 41.24
CA PRO I 118 -74.34 0.48 40.01
C PRO I 118 -73.99 -0.32 38.75
N GLU I 119 -73.15 -1.33 38.93
CA GLU I 119 -72.93 -2.32 37.88
C GLU I 119 -74.26 -2.99 37.48
N LEU I 120 -74.99 -3.54 38.45
CA LEU I 120 -76.21 -4.30 38.18
C LEU I 120 -77.32 -3.46 37.58
N LEU I 121 -77.35 -2.16 37.93
CA LEU I 121 -78.36 -1.21 37.43
C LEU I 121 -78.07 -0.68 36.04
N LYS I 122 -77.06 -1.20 35.36
CA LYS I 122 -76.66 -0.71 34.05
C LYS I 122 -77.72 -1.04 33.05
N GLY I 123 -78.14 -0.03 32.31
CA GLY I 123 -79.00 -0.19 31.14
C GLY I 123 -78.18 -0.50 29.90
N GLU I 124 -78.87 -0.69 28.78
CA GLU I 124 -78.21 -0.97 27.51
C GLU I 124 -78.39 0.26 26.64
N HIS I 125 -77.29 0.72 26.07
CA HIS I 125 -77.30 1.92 25.23
C HIS I 125 -77.09 1.52 23.79
N SER I 126 -77.97 1.94 22.90
CA SER I 126 -77.85 1.67 21.45
C SER I 126 -77.60 2.92 20.61
N ARG I 127 -76.44 2.94 19.95
CA ARG I 127 -76.11 4.01 18.99
C ARG I 127 -76.82 3.79 17.62
N ASN I 128 -77.41 4.86 17.09
CA ASN I 128 -78.07 4.88 15.77
C ASN I 128 -79.02 3.73 15.50
N VAL I 129 -80.15 3.73 16.19
CA VAL I 129 -81.17 2.71 15.89
C VAL I 129 -81.81 3.04 14.57
N GLY I 130 -81.78 4.35 14.28
CA GLY I 130 -81.95 4.89 12.96
C GLY I 130 -80.93 6.01 12.77
N PRO I 131 -80.89 6.62 11.57
CA PRO I 131 -79.85 7.61 11.30
C PRO I 131 -80.00 8.77 12.25
N GLY I 132 -79.00 8.97 13.09
CA GLY I 132 -79.00 10.09 14.07
C GLY I 132 -79.88 9.92 15.32
N ILE I 133 -80.46 8.73 15.46
CA ILE I 133 -81.38 8.41 16.52
C ILE I 133 -80.72 7.41 17.47
N ASP I 134 -80.61 7.79 18.73
CA ASP I 134 -80.09 6.91 19.78
C ASP I 134 -81.21 6.39 20.69
N SER I 135 -81.01 5.20 21.28
CA SER I 135 -81.96 4.61 22.20
C SER I 135 -81.24 3.94 23.34
N TRP I 136 -81.80 4.03 24.54
CA TRP I 136 -81.25 3.28 25.66
C TRP I 136 -82.31 2.90 26.67
N SER I 137 -82.07 1.81 27.39
CA SER I 137 -82.98 1.32 28.43
C SER I 137 -82.55 1.79 29.82
N GLU I 138 -83.51 2.05 30.69
CA GLU I 138 -83.22 2.30 32.11
C GLU I 138 -84.11 1.42 32.91
N PHE I 139 -83.55 0.82 33.95
CA PHE I 139 -84.32 0.05 34.90
C PHE I 139 -84.59 0.92 36.14
N GLN I 140 -85.75 1.57 36.14
CA GLN I 140 -86.07 2.54 37.19
C GLN I 140 -86.74 1.86 38.35
N PRO I 141 -86.74 2.53 39.51
CA PRO I 141 -87.38 1.95 40.69
C PRO I 141 -88.86 1.86 40.55
N MET I 142 -89.46 0.93 41.32
CA MET I 142 -90.88 0.60 41.25
C MET I 142 -91.66 1.57 42.12
N GLY I 143 -91.21 1.76 43.36
CA GLY I 143 -91.91 2.58 44.36
C GLY I 143 -91.89 1.85 45.69
N VAL I 144 -93.06 1.61 46.25
CA VAL I 144 -93.13 0.86 47.51
C VAL I 144 -93.20 -0.60 47.18
N VAL I 145 -92.38 -1.39 47.86
CA VAL I 145 -92.28 -2.85 47.62
C VAL I 145 -92.64 -3.60 48.92
N ALA I 146 -93.39 -4.69 48.79
CA ALA I 146 -93.75 -5.51 49.93
C ALA I 146 -92.96 -6.80 49.90
N GLY I 147 -92.44 -7.19 51.05
CA GLY I 147 -91.84 -8.51 51.23
C GLY I 147 -92.55 -9.32 52.32
N ILE I 148 -92.75 -10.60 52.05
CA ILE I 148 -93.39 -11.51 52.99
C ILE I 148 -92.47 -12.72 53.14
N THR I 149 -92.08 -13.00 54.39
CA THR I 149 -91.06 -13.97 54.65
C THR I 149 -91.48 -15.02 55.65
N PRO I 150 -90.87 -16.21 55.55
CA PRO I 150 -91.26 -17.33 56.36
C PRO I 150 -90.43 -17.42 57.62
N PHE I 151 -90.77 -18.43 58.43
CA PHE I 151 -90.22 -18.61 59.77
C PHE I 151 -88.85 -19.22 59.71
N ASN I 152 -88.68 -20.19 58.83
CA ASN I 152 -87.48 -21.04 58.84
C ASN I 152 -86.17 -20.32 58.55
N PHE I 153 -86.26 -19.17 57.89
CA PHE I 153 -85.14 -18.22 57.72
C PHE I 153 -85.50 -16.77 58.07
N PRO I 154 -85.50 -16.45 59.36
CA PRO I 154 -85.97 -15.11 59.74
C PRO I 154 -85.04 -13.96 59.38
N VAL I 155 -83.79 -14.28 59.03
CA VAL I 155 -82.77 -13.28 58.66
C VAL I 155 -82.37 -13.39 57.19
N MET I 156 -82.04 -14.57 56.72
CA MET I 156 -81.62 -14.70 55.33
C MET I 156 -82.67 -14.32 54.26
N VAL I 157 -83.89 -14.85 54.36
CA VAL I 157 -84.90 -14.66 53.34
C VAL I 157 -85.32 -13.18 53.27
N PRO I 158 -85.43 -12.49 54.42
CA PRO I 158 -85.63 -11.03 54.32
C PRO I 158 -84.44 -10.34 53.66
N LEU I 159 -83.24 -10.78 53.97
CA LEU I 159 -82.05 -10.30 53.27
C LEU I 159 -81.97 -10.70 51.79
N TRP I 160 -82.67 -11.76 51.38
CA TRP I 160 -82.88 -12.00 49.95
C TRP I 160 -83.55 -10.79 49.28
N MET I 161 -84.45 -10.12 50.00
CA MET I 161 -85.39 -9.18 49.41
C MET I 161 -84.99 -7.72 49.56
N PHE I 162 -84.98 -7.19 50.79
CA PHE I 162 -84.90 -5.74 50.98
C PHE I 162 -83.55 -5.07 50.67
N PRO I 163 -82.43 -5.75 50.91
CA PRO I 163 -81.14 -5.18 50.51
C PRO I 163 -81.06 -4.83 49.04
N MET I 164 -81.49 -5.73 48.16
CA MET I 164 -81.52 -5.41 46.72
C MET I 164 -82.63 -4.41 46.42
N ALA I 165 -83.82 -4.62 46.98
CA ALA I 165 -84.95 -3.77 46.67
C ALA I 165 -84.63 -2.32 47.00
N ILE I 166 -83.95 -2.12 48.13
CA ILE I 166 -83.68 -0.78 48.61
C ILE I 166 -82.55 -0.13 47.81
N VAL I 167 -81.55 -0.91 47.47
CA VAL I 167 -80.43 -0.38 46.69
C VAL I 167 -80.83 -0.05 45.24
N CYS I 168 -81.88 -0.72 44.73
CA CYS I 168 -82.49 -0.44 43.42
C CYS I 168 -83.47 0.74 43.45
N GLY I 169 -83.53 1.47 44.57
CA GLY I 169 -84.27 2.72 44.61
C GLY I 169 -85.71 2.66 45.14
N ASN I 170 -86.12 1.48 45.61
CA ASN I 170 -87.42 1.34 46.23
C ASN I 170 -87.37 1.58 47.74
N CYS I 171 -88.56 1.77 48.32
CA CYS I 171 -88.78 1.74 49.75
C CYS I 171 -89.51 0.44 50.02
N PHE I 172 -89.40 -0.09 51.24
CA PHE I 172 -89.79 -1.47 51.52
C PHE I 172 -90.70 -1.55 52.74
N VAL I 173 -91.59 -2.54 52.69
CA VAL I 173 -92.43 -2.88 53.84
C VAL I 173 -92.37 -4.38 54.02
N LEU I 174 -91.72 -4.83 55.09
CA LEU I 174 -91.49 -6.23 55.35
C LEU I 174 -92.51 -6.76 56.34
N LYS I 175 -93.14 -7.88 55.98
CA LYS I 175 -94.08 -8.57 56.88
C LYS I 175 -93.51 -9.95 57.17
N PRO I 176 -92.70 -10.07 58.25
CA PRO I 176 -92.05 -11.34 58.57
C PRO I 176 -92.89 -12.33 59.33
N SER I 177 -92.44 -13.57 59.37
CA SER I 177 -93.13 -14.60 60.12
C SER I 177 -93.40 -14.16 61.54
N GLU I 178 -94.62 -14.42 62.00
CA GLU I 178 -95.03 -14.06 63.36
C GLU I 178 -94.42 -15.03 64.40
N ARG I 179 -93.83 -16.12 63.94
CA ARG I 179 -93.35 -17.15 64.81
C ARG I 179 -91.97 -16.81 65.42
N ASP I 180 -91.16 -16.03 64.69
CA ASP I 180 -89.83 -15.60 65.14
C ASP I 180 -89.43 -14.25 64.56
N PRO I 181 -90.08 -13.17 65.03
CA PRO I 181 -89.87 -11.79 64.51
C PRO I 181 -88.66 -11.01 65.08
N SER I 182 -88.12 -11.46 66.20
CA SER I 182 -87.17 -10.67 66.97
C SER I 182 -85.82 -10.49 66.27
N SER I 183 -85.29 -11.56 65.69
CA SER I 183 -84.09 -11.47 64.83
C SER I 183 -84.31 -10.56 63.64
N THR I 184 -85.47 -10.68 63.00
CA THR I 184 -85.78 -9.89 61.84
C THR I 184 -85.81 -8.42 62.17
N LEU I 185 -86.48 -8.04 63.25
CA LEU I 185 -86.63 -6.63 63.60
C LEU I 185 -85.29 -6.04 63.91
N TYR I 186 -84.48 -6.83 64.58
CA TYR I 186 -83.19 -6.40 65.06
C TYR I 186 -82.28 -5.99 63.91
N ILE I 187 -82.23 -6.78 62.83
CA ILE I 187 -81.46 -6.40 61.62
C ILE I 187 -82.05 -5.21 60.85
N ALA I 188 -83.35 -5.04 60.84
CA ALA I 188 -83.96 -3.90 60.15
C ALA I 188 -83.57 -2.62 60.87
N GLN I 189 -83.44 -2.69 62.18
CA GLN I 189 -83.05 -1.53 62.99
C GLN I 189 -81.61 -1.12 62.81
N LEU I 190 -80.75 -2.08 62.45
CA LEU I 190 -79.33 -1.82 62.22
C LEU I 190 -79.13 -0.90 61.05
N LEU I 191 -80.08 -0.95 60.12
CA LEU I 191 -80.05 -0.21 58.88
C LEU I 191 -80.13 1.34 59.07
N GLN I 192 -80.87 1.77 60.09
CA GLN I 192 -80.94 3.19 60.49
C GLN I 192 -79.54 3.68 60.79
N GLU I 193 -78.83 2.91 61.61
CA GLU I 193 -77.43 3.22 61.98
C GLU I 193 -76.52 3.19 60.76
N ALA I 194 -76.79 2.29 59.82
CA ALA I 194 -76.03 2.20 58.59
C ALA I 194 -76.29 3.36 57.61
N GLY I 195 -77.15 4.31 58.00
CA GLY I 195 -77.32 5.56 57.26
C GLY I 195 -78.53 5.60 56.35
N LEU I 196 -79.47 4.67 56.54
CA LEU I 196 -80.65 4.62 55.67
C LEU I 196 -81.62 5.68 56.14
N PRO I 197 -82.15 6.48 55.21
CA PRO I 197 -83.17 7.41 55.63
C PRO I 197 -84.38 6.77 56.27
N ASP I 198 -85.05 7.54 57.13
CA ASP I 198 -86.28 7.11 57.76
C ASP I 198 -87.34 6.86 56.69
N GLY I 199 -88.06 5.76 56.80
CA GLY I 199 -89.17 5.50 55.91
C GLY I 199 -88.83 4.61 54.75
N VAL I 200 -87.55 4.48 54.44
CA VAL I 200 -87.15 3.65 53.31
C VAL I 200 -87.28 2.16 53.62
N MET I 201 -86.95 1.75 54.85
CA MET I 201 -87.22 0.37 55.29
C MET I 201 -88.16 0.32 56.48
N ASN I 202 -89.22 -0.45 56.36
CA ASN I 202 -90.19 -0.62 57.42
C ASN I 202 -90.52 -2.08 57.67
N VAL I 203 -90.80 -2.38 58.93
CA VAL I 203 -91.18 -3.75 59.32
C VAL I 203 -92.50 -3.69 60.04
N VAL I 204 -93.43 -4.52 59.58
CA VAL I 204 -94.77 -4.52 60.07
C VAL I 204 -95.13 -5.99 60.37
N ASN I 205 -95.26 -6.31 61.64
CA ASN I 205 -95.59 -7.64 62.09
C ASN I 205 -97.08 -7.91 62.14
N GLY I 206 -97.44 -9.17 61.91
CA GLY I 206 -98.82 -9.55 61.84
C GLY I 206 -99.06 -10.89 61.16
N ASP I 207 -100.31 -11.07 60.74
CA ASP I 207 -100.82 -12.33 60.26
C ASP I 207 -101.48 -12.11 58.90
N LYS I 208 -102.49 -12.91 58.57
CA LYS I 208 -103.18 -12.79 57.31
C LYS I 208 -103.65 -11.34 57.04
N GLU I 209 -104.05 -10.60 58.08
CA GLU I 209 -104.60 -9.25 57.91
C GLU I 209 -103.59 -8.23 57.39
N ALA I 210 -102.38 -8.30 57.94
CA ALA I 210 -101.24 -7.48 57.48
C ALA I 210 -100.82 -7.80 56.04
N VAL I 211 -100.88 -9.08 55.67
CA VAL I 211 -100.62 -9.49 54.31
C VAL I 211 -101.66 -8.99 53.32
N ASP I 212 -102.95 -9.15 53.65
CA ASP I 212 -104.06 -8.64 52.81
C ASP I 212 -103.97 -7.14 52.65
N ALA I 213 -103.52 -6.45 53.70
CA ALA I 213 -103.32 -5.01 53.65
C ALA I 213 -102.28 -4.64 52.57
N LEU I 214 -101.16 -5.34 52.55
CA LEU I 214 -100.15 -5.14 51.51
C LEU I 214 -100.61 -5.48 50.10
N LEU I 215 -101.37 -6.56 49.95
CA LEU I 215 -101.84 -6.96 48.61
C LEU I 215 -102.90 -6.01 48.04
N HIS I 216 -103.63 -5.28 48.89
CA HIS I 216 -104.79 -4.50 48.46
C HIS I 216 -104.57 -3.01 48.43
N ASP I 217 -103.44 -2.54 48.94
CA ASP I 217 -103.12 -1.13 48.83
C ASP I 217 -102.44 -0.84 47.46
N ASP I 218 -102.99 0.15 46.75
CA ASP I 218 -102.56 0.47 45.37
C ASP I 218 -101.12 0.94 45.29
N ARG I 219 -100.66 1.54 46.38
CA ARG I 219 -99.29 2.05 46.46
C ARG I 219 -98.20 0.96 46.42
N VAL I 220 -98.55 -0.27 46.77
CA VAL I 220 -97.61 -1.37 46.73
C VAL I 220 -97.54 -1.88 45.31
N LYS I 221 -96.36 -1.77 44.73
CA LYS I 221 -96.15 -2.04 43.32
C LYS I 221 -95.54 -3.40 43.04
N ALA I 222 -95.03 -4.07 44.05
CA ALA I 222 -94.48 -5.42 43.88
C ALA I 222 -94.39 -6.17 45.20
N VAL I 223 -94.60 -7.46 45.11
CA VAL I 223 -94.71 -8.32 46.29
C VAL I 223 -93.79 -9.50 46.09
N SER I 224 -92.83 -9.66 46.98
CA SER I 224 -91.99 -10.87 47.02
C SER I 224 -92.50 -11.72 48.15
N PHE I 225 -92.78 -12.99 47.85
CA PHE I 225 -93.19 -13.94 48.87
C PHE I 225 -92.32 -15.16 48.84
N VAL I 226 -92.03 -15.70 50.02
CA VAL I 226 -91.40 -17.00 50.18
C VAL I 226 -92.10 -17.71 51.32
N GLY I 227 -92.59 -18.91 51.08
CA GLY I 227 -93.37 -19.66 52.07
C GLY I 227 -93.87 -20.95 51.47
N SER I 228 -94.97 -21.50 51.99
CA SER I 228 -95.53 -22.76 51.50
C SER I 228 -96.19 -22.54 50.16
N THR I 229 -96.40 -23.63 49.41
CA THR I 229 -97.00 -23.53 48.09
C THR I 229 -98.45 -23.04 48.13
N PRO I 230 -99.28 -23.60 49.04
CA PRO I 230 -100.69 -23.15 49.17
C PRO I 230 -100.88 -21.70 49.52
N ILE I 231 -99.96 -21.13 50.29
CA ILE I 231 -99.96 -19.70 50.58
C ILE I 231 -99.36 -18.97 49.37
N ALA I 232 -98.25 -19.46 48.86
CA ALA I 232 -97.67 -18.88 47.64
C ALA I 232 -98.70 -18.71 46.53
N GLU I 233 -99.54 -19.72 46.35
CA GLU I 233 -100.57 -19.69 45.32
C GLU I 233 -101.58 -18.59 45.60
N TYR I 234 -101.99 -18.49 46.86
CA TYR I 234 -102.96 -17.47 47.27
C TYR I 234 -102.37 -16.10 47.02
N ILE I 235 -101.12 -15.92 47.42
CA ILE I 235 -100.47 -14.63 47.32
C ILE I 235 -100.32 -14.18 45.85
N TYR I 236 -99.82 -15.10 45.02
CA TYR I 236 -99.61 -14.85 43.60
C TYR I 236 -100.91 -14.52 42.88
N ARG I 237 -101.96 -15.33 43.10
CA ARG I 237 -103.29 -15.07 42.50
C ARG I 237 -103.85 -13.73 42.93
N THR I 238 -103.76 -13.43 44.22
CA THR I 238 -104.34 -12.21 44.80
C THR I 238 -103.61 -10.92 44.38
N ALA I 239 -102.28 -10.92 44.40
CA ALA I 239 -101.51 -9.76 43.96
C ALA I 239 -101.78 -9.54 42.47
N SER I 240 -101.71 -10.62 41.70
CA SER I 240 -101.97 -10.55 40.26
C SER I 240 -103.38 -10.01 39.88
N ALA I 241 -104.36 -10.26 40.74
CA ALA I 241 -105.72 -9.75 40.53
C ALA I 241 -105.82 -8.24 40.89
N ASN I 242 -104.90 -7.78 41.72
CA ASN I 242 -104.78 -6.37 42.11
C ASN I 242 -103.77 -5.65 41.22
N GLY I 243 -103.34 -6.34 40.15
CA GLY I 243 -102.54 -5.74 39.08
C GLY I 243 -101.04 -5.71 39.30
N LYS I 244 -100.59 -5.83 40.55
CA LYS I 244 -99.14 -5.73 40.88
C LYS I 244 -98.39 -7.01 40.65
N ARG I 245 -97.12 -6.82 40.28
CA ARG I 245 -96.24 -7.92 39.92
C ARG I 245 -95.87 -8.69 41.18
N CYS I 246 -95.44 -9.91 41.00
CA CYS I 246 -95.26 -10.78 42.14
C CYS I 246 -94.33 -11.91 41.81
N GLN I 247 -93.57 -12.32 42.81
CA GLN I 247 -92.83 -13.58 42.79
C GLN I 247 -93.15 -14.27 44.12
N ALA I 248 -93.58 -15.52 44.03
CA ALA I 248 -94.02 -16.26 45.19
C ALA I 248 -93.41 -17.64 45.12
N LEU I 249 -92.45 -17.86 46.02
CA LEU I 249 -91.75 -19.13 46.08
C LEU I 249 -92.45 -20.05 47.09
N GLY I 250 -92.55 -21.33 46.76
CA GLY I 250 -93.33 -22.29 47.54
C GLY I 250 -92.49 -23.42 48.07
N GLY I 251 -93.17 -24.54 48.36
CA GLY I 251 -92.54 -25.68 49.04
C GLY I 251 -91.66 -26.52 48.14
N ALA I 252 -91.23 -27.66 48.67
CA ALA I 252 -90.29 -28.53 48.00
C ALA I 252 -90.38 -29.98 48.47
N LYS I 253 -89.95 -30.92 47.62
CA LYS I 253 -89.57 -32.31 48.02
C LYS I 253 -88.31 -32.74 47.24
N ASN I 254 -87.16 -32.47 47.84
CA ASN I 254 -85.90 -32.50 47.11
C ASN I 254 -85.39 -33.90 47.11
N HIS I 255 -85.06 -34.41 45.93
CA HIS I 255 -84.62 -35.78 45.75
C HIS I 255 -83.14 -35.73 45.41
N ALA I 256 -82.41 -36.75 45.83
CA ALA I 256 -81.03 -36.96 45.48
C ALA I 256 -80.89 -38.37 44.95
N ILE I 257 -80.41 -38.49 43.71
CA ILE I 257 -80.12 -39.78 43.13
C ILE I 257 -78.75 -40.22 43.66
N VAL I 258 -78.65 -41.44 44.19
CA VAL I 258 -77.37 -42.05 44.58
C VAL I 258 -77.05 -43.18 43.58
N MET I 259 -76.16 -42.87 42.63
CA MET I 259 -75.76 -43.82 41.59
C MET I 259 -74.77 -44.84 42.12
N PRO I 260 -74.72 -46.04 41.49
CA PRO I 260 -73.81 -47.12 41.92
C PRO I 260 -72.33 -46.71 42.01
N ASP I 261 -71.93 -45.79 41.14
CA ASP I 261 -70.54 -45.33 41.10
C ASP I 261 -70.25 -44.22 42.10
N ALA I 262 -71.22 -43.84 42.90
CA ALA I 262 -71.03 -42.74 43.82
C ALA I 262 -70.19 -43.16 45.01
N ASP I 263 -69.46 -42.21 45.53
CA ASP I 263 -68.74 -42.38 46.76
C ASP I 263 -69.81 -42.36 47.86
N MET I 264 -70.11 -43.53 48.44
CA MET I 264 -71.21 -43.67 49.40
C MET I 264 -70.98 -42.95 50.74
N ASP I 265 -69.72 -42.84 51.16
CA ASP I 265 -69.39 -42.15 52.43
C ASP I 265 -69.55 -40.64 52.34
N ASN I 266 -69.06 -40.05 51.26
CA ASN I 266 -69.29 -38.64 50.97
C ASN I 266 -70.78 -38.27 50.87
N ALA I 267 -71.56 -39.13 50.21
CA ALA I 267 -72.98 -38.91 50.06
C ALA I 267 -73.65 -38.93 51.42
N VAL I 268 -73.39 -39.97 52.19
CA VAL I 268 -74.05 -40.13 53.48
C VAL I 268 -73.67 -38.99 54.42
N ASN I 269 -72.39 -38.66 54.43
CA ASN I 269 -71.92 -37.57 55.26
C ASN I 269 -72.63 -36.26 54.91
N GLN I 270 -72.84 -36.01 53.62
CA GLN I 270 -73.45 -34.76 53.16
C GLN I 270 -74.98 -34.77 53.34
N LEU I 271 -75.59 -35.92 53.06
CA LEU I 271 -77.03 -36.09 53.28
C LEU I 271 -77.48 -35.85 54.74
N LEU I 272 -76.56 -36.03 55.70
CA LEU I 272 -76.81 -35.74 57.12
C LEU I 272 -77.19 -34.28 57.36
N GLY I 273 -76.32 -33.38 56.91
CA GLY I 273 -76.59 -31.95 57.00
C GLY I 273 -77.75 -31.51 56.11
N ALA I 274 -77.89 -32.13 54.94
CA ALA I 274 -78.93 -31.74 54.02
C ALA I 274 -80.29 -32.09 54.59
N ALA I 275 -80.44 -33.32 55.04
CA ALA I 275 -81.76 -33.84 55.47
C ALA I 275 -82.17 -33.34 56.83
N PHE I 276 -81.24 -33.35 57.78
CA PHE I 276 -81.53 -33.05 59.18
C PHE I 276 -81.06 -31.68 59.66
N GLY I 277 -80.18 -31.03 58.88
CA GLY I 277 -79.76 -29.66 59.15
C GLY I 277 -80.98 -28.76 59.30
N SER I 278 -80.87 -27.81 60.23
CA SER I 278 -81.99 -26.95 60.67
C SER I 278 -83.27 -27.77 60.84
N SER I 279 -83.15 -28.97 61.40
CA SER I 279 -84.29 -29.80 61.77
C SER I 279 -85.14 -30.22 60.56
N GLY I 280 -84.53 -30.22 59.39
CA GLY I 280 -85.26 -30.38 58.13
C GLY I 280 -86.15 -29.21 57.70
N GLU I 281 -86.21 -28.13 58.50
CA GLU I 281 -87.20 -27.05 58.32
C GLU I 281 -86.64 -26.09 57.29
N ARG I 282 -86.54 -26.57 56.06
CA ARG I 282 -85.76 -25.94 55.04
C ARG I 282 -86.29 -26.30 53.67
N CYS I 283 -86.44 -25.31 52.83
CA CYS I 283 -86.93 -25.51 51.47
C CYS I 283 -85.99 -26.24 50.55
N MET I 284 -84.72 -26.26 50.94
CA MET I 284 -83.74 -26.97 50.19
C MET I 284 -83.31 -28.18 50.92
N ALA I 285 -84.08 -28.60 51.94
CA ALA I 285 -83.78 -29.82 52.67
C ALA I 285 -83.89 -30.99 51.72
N LEU I 286 -82.94 -31.92 51.84
CA LEU I 286 -82.94 -33.09 50.99
C LEU I 286 -83.66 -34.22 51.67
N SER I 287 -84.95 -34.38 51.35
CA SER I 287 -85.86 -35.23 52.12
C SER I 287 -86.05 -36.66 51.55
N VAL I 288 -85.66 -36.84 50.29
CA VAL I 288 -85.78 -38.11 49.60
C VAL I 288 -84.46 -38.48 48.98
N ALA I 289 -84.02 -39.71 49.27
CA ALA I 289 -82.81 -40.25 48.67
C ALA I 289 -83.22 -41.42 47.79
N VAL I 290 -83.14 -41.23 46.47
CA VAL I 290 -83.48 -42.27 45.50
C VAL I 290 -82.26 -43.15 45.24
N ALA I 291 -82.28 -44.37 45.77
CA ALA I 291 -81.19 -45.29 45.53
C ALA I 291 -81.47 -46.13 44.30
N VAL I 292 -80.62 -45.99 43.28
CA VAL I 292 -80.70 -46.80 42.04
C VAL I 292 -80.00 -48.16 42.24
N GLY I 293 -80.82 -49.23 42.19
CA GLY I 293 -80.40 -50.58 42.54
C GLY I 293 -80.26 -50.76 44.04
N ASP I 294 -80.01 -51.98 44.48
CA ASP I 294 -79.80 -52.28 45.90
C ASP I 294 -79.06 -53.59 46.18
N ALA I 295 -77.72 -53.62 46.19
CA ALA I 295 -76.78 -52.53 45.82
C ALA I 295 -76.92 -51.26 46.68
N ALA I 296 -76.89 -50.10 46.03
CA ALA I 296 -76.79 -48.79 46.71
C ALA I 296 -77.79 -48.58 47.84
N GLY I 297 -79.01 -49.11 47.68
CA GLY I 297 -80.08 -48.97 48.67
C GLY I 297 -79.73 -49.50 50.04
N ASP I 298 -79.28 -50.74 50.07
CA ASP I 298 -78.90 -51.38 51.32
C ASP I 298 -77.72 -50.63 51.92
N ALA I 299 -76.67 -50.43 51.13
CA ALA I 299 -75.47 -49.71 51.58
C ALA I 299 -75.82 -48.35 52.18
N LEU I 300 -76.72 -47.64 51.51
CA LEU I 300 -77.14 -46.30 51.93
C LEU I 300 -77.78 -46.38 53.30
N VAL I 301 -78.84 -47.15 53.42
CA VAL I 301 -79.57 -47.27 54.68
C VAL I 301 -78.72 -47.84 55.83
N SER I 302 -77.69 -48.63 55.51
CA SER I 302 -76.77 -49.13 56.53
C SER I 302 -75.92 -47.99 57.08
N LYS I 303 -75.12 -47.38 56.20
CA LYS I 303 -74.18 -46.33 56.59
C LYS I 303 -74.89 -45.11 57.15
N MET I 304 -76.08 -44.83 56.61
CA MET I 304 -76.89 -43.70 57.08
C MET I 304 -77.28 -43.94 58.52
N THR I 305 -77.82 -45.13 58.80
CA THR I 305 -78.22 -45.55 60.17
C THR I 305 -77.08 -45.42 61.17
N GLN I 306 -75.88 -45.77 60.75
CA GLN I 306 -74.69 -45.62 61.59
C GLN I 306 -74.35 -44.17 61.97
N ALA I 307 -74.26 -43.32 60.95
CA ALA I 307 -73.93 -41.91 61.12
C ALA I 307 -75.02 -41.19 61.91
N MET I 308 -76.25 -41.66 61.78
CA MET I 308 -77.40 -41.03 62.42
C MET I 308 -77.40 -41.20 63.95
N GLN I 309 -76.79 -42.27 64.45
CA GLN I 309 -76.68 -42.50 65.91
C GLN I 309 -75.89 -41.41 66.62
N LYS I 310 -74.95 -40.81 65.89
CA LYS I 310 -74.11 -39.76 66.43
C LYS I 310 -74.85 -38.41 66.57
N LEU I 311 -76.04 -38.31 65.97
CA LEU I 311 -76.81 -37.08 65.95
C LEU I 311 -77.25 -36.63 67.34
N LYS I 312 -77.05 -35.33 67.60
CA LYS I 312 -77.43 -34.73 68.86
C LYS I 312 -78.54 -33.70 68.61
N VAL I 313 -79.67 -33.91 69.26
CA VAL I 313 -80.82 -33.00 69.21
C VAL I 313 -80.91 -32.34 70.57
N GLY I 314 -80.91 -31.02 70.58
CA GLY I 314 -81.13 -30.31 71.82
C GLY I 314 -81.33 -28.83 71.59
N PRO I 315 -81.46 -28.05 72.68
CA PRO I 315 -81.73 -26.61 72.60
C PRO I 315 -80.53 -25.85 72.11
N SER I 316 -80.74 -24.61 71.67
CA SER I 316 -79.62 -23.80 71.15
C SER I 316 -78.56 -23.45 72.22
N THR I 317 -78.95 -23.48 73.48
CA THR I 317 -78.07 -23.14 74.58
C THR I 317 -76.85 -24.05 74.66
N ASP I 318 -77.00 -25.28 74.19
CA ASP I 318 -75.86 -26.18 74.02
C ASP I 318 -75.37 -26.18 72.54
N SER I 319 -74.32 -25.40 72.25
CA SER I 319 -73.59 -25.55 70.97
C SER I 319 -73.11 -27.00 70.91
N GLY I 320 -72.93 -27.53 69.72
CA GLY I 320 -72.52 -28.92 69.57
C GLY I 320 -73.68 -29.88 69.29
N ASN I 321 -74.89 -29.49 69.69
CA ASN I 321 -76.07 -30.11 69.11
C ASN I 321 -76.06 -29.91 67.58
N ASP I 322 -76.56 -30.90 66.84
CA ASP I 322 -76.65 -30.83 65.37
C ASP I 322 -77.87 -30.05 64.85
N PHE I 323 -79.00 -30.16 65.54
CA PHE I 323 -80.17 -29.36 65.25
C PHE I 323 -81.14 -29.20 66.40
N GLY I 324 -82.00 -28.20 66.29
CA GLY I 324 -82.89 -27.81 67.39
C GLY I 324 -84.30 -28.35 67.32
N PRO I 325 -85.23 -27.66 67.99
CA PRO I 325 -86.60 -28.07 67.91
C PRO I 325 -87.24 -27.62 66.59
N VAL I 326 -88.37 -28.25 66.31
CA VAL I 326 -89.28 -27.81 65.29
C VAL I 326 -89.88 -26.48 65.79
N ILE I 327 -90.52 -25.73 64.91
CA ILE I 327 -91.00 -24.36 65.22
C ILE I 327 -92.14 -24.21 66.26
N THR I 328 -93.08 -25.16 66.27
CA THR I 328 -94.30 -25.07 67.08
C THR I 328 -94.79 -26.44 67.51
N ARG I 329 -95.74 -26.44 68.44
CA ARG I 329 -96.39 -27.67 68.83
C ARG I 329 -97.15 -28.21 67.62
N GLN I 330 -97.92 -27.37 66.94
CA GLN I 330 -98.74 -27.81 65.79
C GLN I 330 -97.89 -28.49 64.70
N HIS I 331 -96.72 -27.92 64.48
CA HIS I 331 -95.78 -28.46 63.49
C HIS I 331 -95.09 -29.74 63.94
N GLN I 332 -94.81 -29.86 65.23
CA GLN I 332 -94.33 -31.13 65.78
C GLN I 332 -95.34 -32.22 65.47
N GLU I 333 -96.58 -32.01 65.90
CA GLU I 333 -97.68 -32.98 65.75
C GLU I 333 -97.87 -33.35 64.28
N LYS I 334 -97.67 -32.39 63.38
CA LYS I 334 -97.75 -32.65 61.94
C LYS I 334 -96.61 -33.54 61.43
N VAL I 335 -95.40 -33.30 61.93
CA VAL I 335 -94.24 -34.10 61.56
C VAL I 335 -94.34 -35.51 62.09
N ILE I 336 -94.82 -35.63 63.33
CA ILE I 336 -95.11 -36.92 63.94
C ILE I 336 -96.14 -37.65 63.07
N GLY I 337 -97.21 -36.92 62.73
CA GLY I 337 -98.28 -37.44 61.87
C GLY I 337 -97.76 -38.08 60.61
N TYR I 338 -96.87 -37.37 59.93
CA TYR I 338 -96.26 -37.87 58.70
C TYR I 338 -95.45 -39.13 58.87
N ILE I 339 -94.76 -39.25 59.98
CA ILE I 339 -94.05 -40.49 60.28
C ILE I 339 -95.04 -41.65 60.58
N ASN I 340 -96.13 -41.37 61.27
CA ASN I 340 -97.13 -42.39 61.57
C ASN I 340 -97.75 -42.88 60.27
N SER I 341 -98.07 -41.95 59.40
CA SER I 341 -98.64 -42.23 58.07
C SER I 341 -97.72 -43.07 57.18
N ALA I 342 -96.43 -42.80 57.24
CA ALA I 342 -95.44 -43.60 56.51
C ALA I 342 -95.44 -45.04 57.00
N GLU I 343 -95.43 -45.21 58.33
CA GLU I 343 -95.49 -46.53 58.94
C GLU I 343 -96.80 -47.22 58.55
N GLN I 344 -97.92 -46.53 58.73
CA GLN I 344 -99.25 -47.06 58.41
C GLN I 344 -99.39 -47.57 56.96
N GLN I 345 -98.68 -46.97 56.02
CA GLN I 345 -98.79 -47.36 54.62
C GLN I 345 -97.69 -48.31 54.19
N GLY I 346 -96.94 -48.86 55.13
CA GLY I 346 -96.06 -49.98 54.83
C GLY I 346 -94.60 -49.65 54.69
N ALA I 347 -94.22 -48.45 55.10
CA ALA I 347 -92.80 -48.09 55.08
C ALA I 347 -92.09 -48.56 56.36
N THR I 348 -90.82 -48.90 56.20
CA THR I 348 -89.96 -49.36 57.29
C THR I 348 -89.41 -48.12 58.02
N ILE I 349 -89.75 -47.98 59.30
CA ILE I 349 -89.20 -46.89 60.13
C ILE I 349 -87.87 -47.38 60.68
N VAL I 350 -86.79 -47.12 59.95
CA VAL I 350 -85.48 -47.70 60.32
C VAL I 350 -84.99 -47.05 61.61
N VAL I 351 -84.87 -45.73 61.57
CA VAL I 351 -84.52 -44.94 62.75
C VAL I 351 -85.72 -44.09 63.15
N ASP I 352 -86.19 -44.24 64.39
CA ASP I 352 -87.43 -43.60 64.85
C ASP I 352 -87.05 -42.37 65.66
N GLY I 353 -87.72 -41.27 65.39
CA GLY I 353 -87.47 -40.06 66.15
C GLY I 353 -88.74 -39.39 66.58
N ARG I 354 -89.83 -40.15 66.59
CA ARG I 354 -91.13 -39.64 67.06
C ARG I 354 -91.12 -39.34 68.55
N GLN I 355 -90.37 -40.16 69.29
CA GLN I 355 -90.27 -40.09 70.74
C GLN I 355 -88.81 -39.78 71.09
N PRO I 356 -88.38 -38.53 70.88
CA PRO I 356 -86.97 -38.23 71.05
C PRO I 356 -86.58 -38.33 72.49
N LYS I 357 -87.37 -37.70 73.37
CA LYS I 357 -87.14 -37.74 74.82
C LYS I 357 -85.70 -37.40 75.18
N VAL I 358 -84.96 -36.90 74.20
CA VAL I 358 -83.51 -36.72 74.30
C VAL I 358 -83.31 -35.62 75.34
N PRO I 359 -83.98 -34.45 75.17
CA PRO I 359 -84.07 -33.55 76.30
C PRO I 359 -84.97 -34.19 77.33
N ASN I 360 -84.71 -34.11 78.64
CA ASN I 360 -83.80 -33.19 79.35
C ASN I 360 -84.39 -31.81 79.46
N HIS I 361 -85.34 -31.70 80.37
CA HIS I 361 -85.95 -30.43 80.75
C HIS I 361 -86.64 -29.72 79.62
N GLU I 362 -87.08 -30.51 78.64
CA GLU I 362 -87.69 -29.94 77.45
C GLU I 362 -88.83 -30.79 76.86
N ASN I 363 -90.04 -30.61 77.40
CA ASN I 363 -91.31 -30.83 76.67
C ASN I 363 -91.61 -29.62 75.68
N GLY I 364 -90.62 -29.25 74.89
CA GLY I 364 -90.78 -28.27 73.86
C GLY I 364 -91.08 -29.07 72.64
N PHE I 365 -90.71 -28.56 71.47
CA PHE I 365 -91.26 -29.07 70.19
C PHE I 365 -90.26 -29.88 69.38
N PHE I 366 -89.72 -30.92 70.02
CA PHE I 366 -88.53 -31.63 69.51
C PHE I 366 -88.83 -32.92 68.77
N VAL I 367 -88.21 -33.10 67.61
CA VAL I 367 -88.33 -34.34 66.84
C VAL I 367 -86.91 -34.76 66.47
N GLY I 368 -86.61 -36.04 66.71
CA GLY I 368 -85.29 -36.56 66.39
C GLY I 368 -85.14 -36.89 64.91
N GLY I 369 -83.91 -37.18 64.53
CA GLY I 369 -83.65 -37.68 63.17
C GLY I 369 -84.40 -38.97 62.97
N THR I 370 -85.11 -39.06 61.87
CA THR I 370 -85.75 -40.33 61.53
C THR I 370 -85.42 -40.68 60.09
N LEU I 371 -85.32 -41.98 59.84
CA LEU I 371 -84.99 -42.55 58.53
C LEU I 371 -86.15 -43.48 58.20
N ILE I 372 -86.72 -43.28 57.02
CA ILE I 372 -87.81 -44.12 56.53
C ILE I 372 -87.33 -44.78 55.25
N ASP I 373 -87.57 -46.08 55.15
CA ASP I 373 -87.11 -46.89 54.03
C ASP I 373 -88.31 -47.49 53.32
N HIS I 374 -88.07 -47.94 52.10
CA HIS I 374 -89.05 -48.66 51.27
C HIS I 374 -90.31 -47.82 51.10
N VAL I 375 -90.13 -46.52 50.83
CA VAL I 375 -91.28 -45.63 50.62
C VAL I 375 -91.61 -45.69 49.15
N THR I 376 -92.87 -45.41 48.85
CA THR I 376 -93.38 -45.57 47.51
C THR I 376 -94.06 -44.24 47.07
N PRO I 377 -94.25 -44.04 45.75
CA PRO I 377 -94.92 -42.80 45.27
C PRO I 377 -96.35 -42.61 45.74
N GLU I 378 -97.03 -43.70 46.09
CA GLU I 378 -98.45 -43.65 46.45
C GLU I 378 -98.66 -43.24 47.91
N MET I 379 -97.60 -43.22 48.72
CA MET I 379 -97.69 -42.79 50.12
C MET I 379 -97.91 -41.30 50.21
N THR I 380 -98.71 -40.88 51.18
CA THR I 380 -99.04 -39.48 51.35
C THR I 380 -97.83 -38.74 51.94
N SER I 381 -97.12 -39.35 52.89
CA SER I 381 -95.89 -38.75 53.45
C SER I 381 -94.78 -38.51 52.40
N TYR I 382 -94.86 -39.19 51.26
CA TYR I 382 -93.95 -38.98 50.14
C TYR I 382 -94.44 -37.83 49.27
N GLN I 383 -95.72 -37.81 48.94
CA GLN I 383 -96.29 -36.78 48.06
C GLN I 383 -96.23 -35.37 48.63
N GLU I 384 -96.34 -35.24 49.94
CA GLU I 384 -96.41 -33.92 50.59
C GLU I 384 -95.09 -33.55 51.27
N GLU I 385 -94.94 -32.27 51.58
CA GLU I 385 -93.75 -31.75 52.23
C GLU I 385 -93.85 -31.90 53.75
N ILE I 386 -92.97 -32.74 54.30
CA ILE I 386 -92.97 -32.99 55.75
C ILE I 386 -92.41 -31.76 56.49
N PHE I 387 -91.25 -31.30 56.04
CA PHE I 387 -90.60 -30.13 56.59
C PHE I 387 -90.13 -30.37 58.01
N GLY I 388 -89.58 -31.57 58.24
CA GLY I 388 -89.08 -31.97 59.55
C GLY I 388 -87.83 -32.80 59.39
N PRO I 389 -87.25 -33.28 60.49
CA PRO I 389 -85.95 -33.99 60.37
C PRO I 389 -86.13 -35.45 59.96
N VAL I 390 -86.55 -35.64 58.71
CA VAL I 390 -86.94 -36.95 58.17
C VAL I 390 -86.26 -37.13 56.80
N LEU I 391 -85.77 -38.35 56.55
CA LEU I 391 -85.21 -38.71 55.26
C LEU I 391 -85.85 -39.98 54.78
N GLN I 392 -86.48 -39.93 53.61
CA GLN I 392 -87.18 -41.08 53.06
C GLN I 392 -86.35 -41.66 51.95
N VAL I 393 -86.26 -42.98 51.89
CA VAL I 393 -85.46 -43.65 50.85
C VAL I 393 -86.40 -44.37 49.90
N VAL I 394 -86.26 -44.10 48.61
CA VAL I 394 -87.09 -44.73 47.59
C VAL I 394 -86.14 -45.57 46.77
N ARG I 395 -86.62 -46.73 46.32
CA ARG I 395 -85.72 -47.63 45.61
C ARG I 395 -86.23 -47.84 44.20
N VAL I 396 -85.34 -47.71 43.23
CA VAL I 396 -85.69 -47.84 41.80
C VAL I 396 -84.61 -48.61 41.06
N ALA I 397 -84.97 -49.12 39.88
CA ALA I 397 -84.11 -50.03 39.12
C ALA I 397 -82.99 -49.30 38.40
N THR I 398 -83.36 -48.26 37.65
CA THR I 398 -82.44 -47.51 36.77
C THR I 398 -82.48 -46.00 37.06
N MET I 399 -81.50 -45.29 36.51
CA MET I 399 -81.40 -43.83 36.68
C MET I 399 -82.52 -43.07 35.99
N GLN I 400 -83.02 -43.60 34.88
CA GLN I 400 -84.15 -42.98 34.22
C GLN I 400 -85.40 -43.10 35.11
N ASP I 401 -85.52 -44.20 35.84
CA ASP I 401 -86.68 -44.42 36.69
C ASP I 401 -86.68 -43.38 37.83
N ALA I 402 -85.49 -43.01 38.28
CA ALA I 402 -85.34 -42.04 39.38
C ALA I 402 -85.72 -40.64 38.90
N MET I 403 -85.30 -40.29 37.70
CA MET I 403 -85.60 -38.98 37.14
C MET I 403 -87.09 -38.82 36.77
N ASP I 404 -87.72 -39.92 36.34
CA ASP I 404 -89.14 -39.90 36.05
C ASP I 404 -89.92 -39.62 37.33
N LEU I 405 -89.47 -40.25 38.41
CA LEU I 405 -90.08 -40.09 39.72
C LEU I 405 -90.01 -38.61 40.13
N ILE I 406 -88.81 -38.05 40.02
CA ILE I 406 -88.56 -36.64 40.33
C ILE I 406 -89.42 -35.72 39.49
N ASP I 407 -89.44 -35.94 38.18
CA ASP I 407 -90.20 -35.11 37.23
C ASP I 407 -91.69 -35.20 37.48
N ALA I 408 -92.15 -36.36 37.96
CA ALA I 408 -93.57 -36.58 38.30
C ALA I 408 -94.06 -35.80 39.55
N HIS I 409 -93.14 -35.50 40.47
CA HIS I 409 -93.52 -34.86 41.72
C HIS I 409 -94.07 -33.46 41.52
N GLU I 410 -94.92 -33.06 42.46
CA GLU I 410 -95.57 -31.74 42.47
C GLU I 410 -94.56 -30.64 42.41
N TYR I 411 -93.61 -30.73 43.33
CA TYR I 411 -92.52 -29.76 43.48
C TYR I 411 -91.34 -30.04 42.56
N GLY I 412 -90.48 -29.04 42.42
CA GLY I 412 -89.26 -29.14 41.61
C GLY I 412 -88.33 -27.98 41.95
N ASN I 413 -87.95 -27.90 43.20
CA ASN I 413 -87.15 -26.77 43.71
C ASN I 413 -85.69 -27.13 43.52
N GLY I 414 -85.26 -28.14 44.25
CA GLY I 414 -83.86 -28.51 44.32
C GLY I 414 -83.70 -30.01 44.25
N THR I 415 -82.60 -30.43 43.66
CA THR I 415 -82.31 -31.85 43.44
C THR I 415 -80.81 -32.04 43.36
N CYS I 416 -80.37 -33.30 43.36
CA CYS I 416 -78.96 -33.63 43.38
C CYS I 416 -78.74 -35.01 42.83
N ILE I 417 -77.52 -35.27 42.40
CA ILE I 417 -77.07 -36.57 41.87
C ILE I 417 -75.66 -36.87 42.37
N PHE I 418 -75.51 -38.00 43.02
CA PHE I 418 -74.19 -38.42 43.47
C PHE I 418 -73.65 -39.38 42.43
N THR I 419 -72.57 -38.98 41.77
CA THR I 419 -71.93 -39.80 40.74
C THR I 419 -70.53 -39.27 40.46
N ARG I 420 -69.75 -40.11 39.81
CA ARG I 420 -68.41 -39.76 39.38
C ARG I 420 -68.37 -39.58 37.89
N ASP I 421 -69.35 -40.16 37.19
CA ASP I 421 -69.41 -40.18 35.73
C ASP I 421 -69.87 -38.82 35.18
N GLY I 422 -69.21 -38.34 34.13
CA GLY I 422 -69.52 -37.05 33.51
C GLY I 422 -70.75 -37.07 32.62
N GLU I 423 -70.93 -38.16 31.89
CA GLU I 423 -72.12 -38.34 31.04
C GLU I 423 -73.41 -38.24 31.87
N ALA I 424 -73.42 -38.94 33.00
CA ALA I 424 -74.58 -39.03 33.85
C ALA I 424 -74.92 -37.66 34.36
N ALA I 425 -73.88 -36.97 34.82
CA ALA I 425 -74.04 -35.65 35.39
C ALA I 425 -74.71 -34.65 34.46
N ARG I 426 -74.31 -34.61 33.19
CA ARG I 426 -74.95 -33.69 32.24
C ARG I 426 -76.36 -34.10 31.92
N TYR I 427 -76.55 -35.37 31.60
CA TYR I 427 -77.88 -35.85 31.29
C TYR I 427 -78.81 -35.43 32.41
N PHE I 428 -78.38 -35.64 33.65
CA PHE I 428 -79.21 -35.29 34.80
C PHE I 428 -79.51 -33.80 34.86
N SER I 429 -78.44 -33.01 34.87
CA SER I 429 -78.53 -31.55 35.02
C SER I 429 -79.23 -30.85 33.83
N ASP I 430 -79.13 -31.46 32.66
CA ASP I 430 -79.80 -30.92 31.51
C ASP I 430 -81.30 -31.23 31.53
N ASN I 431 -81.65 -32.50 31.75
CA ASN I 431 -83.04 -32.96 31.51
C ASN I 431 -83.97 -32.93 32.69
N ILE I 432 -83.42 -32.80 33.89
CA ILE I 432 -84.24 -32.86 35.11
C ILE I 432 -85.10 -31.60 35.19
N GLN I 433 -86.37 -31.78 35.59
CA GLN I 433 -87.36 -30.70 35.67
C GLN I 433 -87.41 -30.12 37.09
N VAL I 434 -86.27 -29.58 37.50
CA VAL I 434 -86.13 -28.83 38.73
C VAL I 434 -85.16 -27.68 38.51
N GLY I 435 -85.40 -26.60 39.23
CA GLY I 435 -84.69 -25.35 39.05
C GLY I 435 -83.29 -25.29 39.58
N MET I 436 -83.00 -26.01 40.67
CA MET I 436 -81.70 -25.93 41.30
C MET I 436 -81.02 -27.29 41.41
N VAL I 437 -79.94 -27.47 40.65
CA VAL I 437 -79.35 -28.80 40.46
C VAL I 437 -77.93 -28.97 41.06
N GLY I 438 -77.74 -30.05 41.79
CA GLY I 438 -76.47 -30.34 42.44
C GLY I 438 -75.82 -31.58 41.87
N ILE I 439 -74.54 -31.48 41.62
CA ILE I 439 -73.72 -32.60 41.22
C ILE I 439 -72.82 -32.88 42.42
N ASN I 440 -73.16 -33.92 43.18
CA ASN I 440 -72.49 -34.21 44.44
C ASN I 440 -72.62 -33.07 45.46
N ILE I 441 -73.73 -32.33 45.36
CA ILE I 441 -74.04 -31.21 46.23
C ILE I 441 -75.50 -31.38 46.60
N PRO I 442 -75.79 -31.92 47.78
CA PRO I 442 -77.16 -32.15 48.19
C PRO I 442 -77.93 -30.86 48.53
N LEU I 443 -77.23 -29.76 48.81
CA LEU I 443 -77.86 -28.42 48.94
C LEU I 443 -77.34 -27.43 47.89
N PRO I 444 -77.82 -27.53 46.63
CA PRO I 444 -77.29 -26.69 45.56
C PRO I 444 -77.90 -25.31 45.58
N VAL I 445 -77.74 -24.59 46.69
CA VAL I 445 -78.31 -23.26 46.84
C VAL I 445 -77.47 -22.29 46.04
N PRO I 446 -78.10 -21.53 45.11
CA PRO I 446 -77.32 -20.53 44.38
C PRO I 446 -76.75 -19.42 45.28
N VAL I 447 -75.58 -18.98 44.90
CA VAL I 447 -74.85 -17.98 45.64
C VAL I 447 -75.51 -16.63 45.35
N ALA I 448 -75.26 -15.67 46.24
CA ALA I 448 -75.80 -14.29 46.18
C ALA I 448 -75.82 -13.64 44.82
N TYR I 449 -74.79 -13.91 44.02
CA TYR I 449 -74.67 -13.38 42.63
C TYR I 449 -75.28 -14.30 41.59
N HIS I 450 -76.11 -15.23 42.03
CA HIS I 450 -77.02 -15.95 41.15
C HIS I 450 -78.43 -15.76 41.69
N SER I 451 -79.43 -16.43 41.12
CA SER I 451 -80.78 -16.35 41.65
C SER I 451 -81.36 -17.70 42.04
N PHE I 452 -82.13 -17.69 43.12
CA PHE I 452 -82.76 -18.88 43.71
C PHE I 452 -84.18 -18.95 43.19
N GLY I 453 -84.59 -20.11 42.73
CA GLY I 453 -86.00 -20.34 42.35
C GLY I 453 -86.25 -21.72 41.76
N GLY I 454 -87.33 -22.35 42.21
CA GLY I 454 -87.75 -23.67 41.74
C GLY I 454 -88.56 -23.67 40.44
N TRP I 455 -89.04 -24.85 40.09
CA TRP I 455 -89.82 -25.06 38.89
C TRP I 455 -91.11 -25.69 39.32
N LYS I 456 -92.04 -25.78 38.37
CA LYS I 456 -93.35 -26.35 38.62
C LYS I 456 -94.03 -25.61 39.81
N ARG I 457 -94.53 -26.36 40.80
CA ARG I 457 -95.33 -25.78 41.88
C ARG I 457 -94.48 -25.21 43.04
N SER I 458 -93.16 -25.18 42.83
CA SER I 458 -92.25 -24.61 43.82
C SER I 458 -92.08 -23.13 43.66
N LEU I 459 -92.59 -22.56 42.57
CA LEU I 459 -92.49 -21.13 42.34
C LEU I 459 -93.60 -20.64 41.47
N PHE I 460 -94.04 -19.41 41.70
CA PHE I 460 -95.02 -18.75 40.85
C PHE I 460 -94.44 -17.42 40.40
N GLY I 461 -94.24 -17.30 39.10
CA GLY I 461 -93.66 -16.08 38.52
C GLY I 461 -92.64 -16.40 37.45
N ASP I 462 -92.04 -15.36 36.92
CA ASP I 462 -91.04 -15.51 35.86
C ASP I 462 -89.65 -14.96 36.21
N LEU I 463 -89.53 -14.29 37.37
CA LEU I 463 -88.24 -13.79 37.89
C LEU I 463 -87.98 -14.36 39.28
N HIS I 464 -86.80 -14.95 39.45
CA HIS I 464 -86.46 -15.69 40.66
C HIS I 464 -85.87 -14.80 41.75
N ALA I 465 -85.53 -15.41 42.87
CA ALA I 465 -85.26 -14.71 44.12
C ALA I 465 -83.81 -14.26 44.26
N TYR I 466 -83.64 -13.08 44.86
CA TYR I 466 -82.34 -12.35 44.90
C TYR I 466 -81.51 -12.43 43.61
N GLY I 467 -80.30 -11.89 43.62
CA GLY I 467 -79.39 -12.01 42.48
C GLY I 467 -79.80 -11.17 41.31
N PRO I 468 -79.32 -11.49 40.09
CA PRO I 468 -79.63 -10.68 38.91
C PRO I 468 -81.12 -10.52 38.64
N ASP I 469 -81.92 -11.54 38.99
CA ASP I 469 -83.36 -11.50 38.77
C ASP I 469 -84.00 -10.54 39.70
N ALA I 470 -83.49 -10.45 40.94
CA ALA I 470 -84.02 -9.48 41.89
C ALA I 470 -83.82 -8.01 41.44
N VAL I 471 -82.77 -7.80 40.67
CA VAL I 471 -82.57 -6.51 40.02
C VAL I 471 -83.73 -6.22 39.08
N ARG I 472 -84.10 -7.21 38.27
CA ARG I 472 -85.19 -7.04 37.29
C ARG I 472 -86.58 -6.99 37.88
N PHE I 473 -86.75 -7.66 39.00
CA PHE I 473 -88.04 -7.71 39.69
C PHE I 473 -88.25 -6.46 40.55
N TYR I 474 -87.18 -5.93 41.15
CA TYR I 474 -87.27 -4.65 41.87
C TYR I 474 -87.08 -3.41 41.00
N THR I 475 -87.09 -3.56 39.67
CA THR I 475 -87.06 -2.40 38.74
C THR I 475 -88.06 -2.58 37.59
N LYS I 476 -88.41 -1.48 36.92
CA LYS I 476 -89.22 -1.56 35.68
C LYS I 476 -88.48 -0.92 34.50
N ARG I 477 -88.59 -1.59 33.35
CA ARG I 477 -87.86 -1.21 32.15
C ARG I 477 -88.54 -0.02 31.51
N LYS I 478 -87.75 1.05 31.29
CA LYS I 478 -88.13 2.20 30.47
C LYS I 478 -87.20 2.23 29.27
N THR I 479 -87.74 2.51 28.09
CA THR I 479 -86.93 2.65 26.89
C THR I 479 -87.05 4.07 26.32
N VAL I 480 -85.96 4.81 26.31
CA VAL I 480 -85.92 6.14 25.73
C VAL I 480 -85.42 6.04 24.28
N THR I 481 -86.07 6.79 23.38
CA THR I 481 -85.58 6.98 22.03
C THR I 481 -85.40 8.46 21.75
N GLN I 482 -84.17 8.86 21.43
CA GLN I 482 -83.79 10.27 21.36
C GLN I 482 -83.41 10.70 19.95
N ARG I 483 -83.98 11.84 19.56
CA ARG I 483 -83.70 12.46 18.27
C ARG I 483 -83.62 13.96 18.43
N TRP I 484 -82.71 14.58 17.67
CA TRP I 484 -82.49 16.03 17.70
C TRP I 484 -82.54 16.61 16.29
N PRO I 485 -83.68 17.20 15.90
CA PRO I 485 -83.96 17.43 14.48
C PRO I 485 -83.26 18.62 13.84
N SER I 486 -83.24 19.76 14.53
CA SER I 486 -82.72 20.99 13.94
C SER I 486 -81.39 21.35 14.58
N ALA I 487 -80.45 21.80 13.74
CA ALA I 487 -79.14 22.29 14.17
C ALA I 487 -79.30 23.63 14.91
N GLY I 488 -79.34 24.76 14.20
CA GLY I 488 -79.57 26.09 14.81
C GLY I 488 -78.44 26.66 15.65
N VAL I 489 -78.13 25.97 16.73
CA VAL I 489 -77.04 26.32 17.64
C VAL I 489 -75.69 25.89 17.03
N ARG I 490 -75.68 24.74 16.35
CA ARG I 490 -74.52 24.31 15.53
C ARG I 490 -74.19 25.32 14.43
N GLU I 491 -75.22 25.63 13.63
CA GLU I 491 -75.16 26.46 12.41
C GLU I 491 -74.56 25.63 11.25
N THR J 5 -54.46 -16.12 -17.12
CA THR J 5 -55.29 -15.77 -15.93
C THR J 5 -54.41 -15.14 -14.81
N THR J 6 -54.39 -13.80 -14.72
CA THR J 6 -53.62 -13.07 -13.68
C THR J 6 -54.55 -12.54 -12.60
N ILE J 7 -54.32 -12.98 -11.35
CA ILE J 7 -55.17 -12.63 -10.20
C ILE J 7 -54.81 -11.28 -9.62
N GLY J 8 -55.82 -10.43 -9.49
CA GLY J 8 -55.63 -9.04 -9.12
C GLY J 8 -56.08 -8.71 -7.70
N HIS J 9 -56.52 -7.47 -7.54
CA HIS J 9 -56.88 -6.92 -6.24
C HIS J 9 -58.24 -6.26 -6.36
N LEU J 10 -59.05 -6.42 -5.33
CA LEU J 10 -60.33 -5.76 -5.22
C LEU J 10 -60.07 -4.46 -4.47
N ILE J 11 -60.28 -3.34 -5.15
CA ILE J 11 -60.14 -2.04 -4.55
C ILE J 11 -61.29 -1.16 -5.04
N ASN J 12 -61.96 -0.52 -4.09
CA ASN J 12 -63.14 0.30 -4.36
C ASN J 12 -64.14 -0.37 -5.34
N GLY J 13 -64.42 -1.63 -5.06
CA GLY J 13 -65.44 -2.40 -5.77
C GLY J 13 -65.05 -2.87 -7.15
N GLN J 14 -63.75 -2.75 -7.48
CA GLN J 14 -63.25 -3.02 -8.83
C GLN J 14 -62.02 -3.86 -8.76
N LEU J 15 -61.89 -4.80 -9.70
CA LEU J 15 -60.67 -5.58 -9.90
C LEU J 15 -59.66 -4.67 -10.56
N VAL J 16 -58.46 -4.59 -10.00
CA VAL J 16 -57.36 -3.89 -10.65
C VAL J 16 -56.11 -4.70 -10.47
N THR J 17 -55.13 -4.38 -11.31
CA THR J 17 -53.86 -5.10 -11.30
C THR J 17 -52.74 -4.09 -11.51
N GLU J 18 -51.61 -4.34 -10.85
CA GLU J 18 -50.45 -3.45 -10.89
C GLU J 18 -49.45 -3.86 -11.98
N ASN J 19 -49.13 -5.16 -12.00
CA ASN J 19 -48.28 -5.78 -13.04
C ASN J 19 -46.82 -5.38 -13.00
N THR J 20 -46.30 -5.13 -11.81
CA THR J 20 -44.85 -4.90 -11.63
C THR J 20 -44.13 -6.07 -10.96
N ARG J 21 -44.87 -7.05 -10.46
CA ARG J 21 -44.29 -8.20 -9.77
C ARG J 21 -45.35 -9.29 -9.61
N SER J 22 -44.94 -10.54 -9.70
CA SER J 22 -45.91 -11.61 -9.74
C SER J 22 -45.43 -12.90 -9.10
N GLN J 23 -46.37 -13.81 -8.91
CA GLN J 23 -46.11 -15.01 -8.14
C GLN J 23 -46.94 -16.18 -8.62
N ASN J 24 -46.30 -17.35 -8.63
CA ASN J 24 -46.89 -18.57 -9.16
C ASN J 24 -47.79 -19.18 -8.12
N VAL J 25 -49.06 -19.34 -8.46
CA VAL J 25 -49.94 -20.12 -7.60
C VAL J 25 -49.97 -21.50 -8.26
N PHE J 26 -49.77 -22.53 -7.43
CA PHE J 26 -49.69 -23.90 -7.88
C PHE J 26 -51.08 -24.59 -7.87
N ASN J 27 -51.07 -25.82 -8.36
CA ASN J 27 -52.07 -26.79 -8.03
C ASN J 27 -51.27 -27.85 -7.32
N PRO J 28 -51.33 -27.90 -5.98
CA PRO J 28 -50.44 -28.76 -5.19
C PRO J 28 -50.60 -30.28 -5.38
N ALA J 29 -51.73 -30.69 -5.98
CA ALA J 29 -51.94 -32.08 -6.38
C ALA J 29 -50.95 -32.44 -7.48
N THR J 30 -51.00 -31.70 -8.59
CA THR J 30 -50.27 -32.01 -9.81
C THR J 30 -48.80 -31.57 -9.68
N GLY J 31 -48.62 -30.43 -9.04
CA GLY J 31 -47.30 -29.78 -8.96
C GLY J 31 -47.10 -28.71 -10.01
N GLU J 32 -48.11 -28.51 -10.87
CA GLU J 32 -48.01 -27.60 -12.00
C GLU J 32 -48.40 -26.22 -11.55
N ILE J 33 -48.02 -25.21 -12.34
CA ILE J 33 -48.37 -23.81 -12.08
C ILE J 33 -49.74 -23.54 -12.70
N GLY J 34 -50.72 -23.18 -11.86
CA GLY J 34 -52.08 -22.92 -12.31
C GLY J 34 -52.30 -21.50 -12.82
N LYS J 35 -51.86 -20.50 -12.05
CA LYS J 35 -52.20 -19.10 -12.31
C LYS J 35 -51.08 -18.16 -11.83
N GLN J 36 -51.18 -16.90 -12.23
CA GLN J 36 -50.25 -15.86 -11.75
C GLN J 36 -50.95 -14.89 -10.79
N LEU J 37 -50.31 -14.63 -9.66
CA LEU J 37 -50.83 -13.69 -8.67
C LEU J 37 -50.04 -12.39 -8.69
N ASP J 38 -50.74 -11.29 -9.01
CA ASP J 38 -50.12 -9.98 -9.03
C ASP J 38 -49.83 -9.56 -7.61
N LEU J 39 -48.62 -9.09 -7.33
CA LEU J 39 -48.22 -8.70 -5.98
C LEU J 39 -48.18 -7.21 -5.83
N ALA J 40 -49.07 -6.71 -4.98
CA ALA J 40 -49.19 -5.29 -4.72
C ALA J 40 -47.97 -4.72 -4.01
N SER J 41 -47.52 -3.58 -4.51
CA SER J 41 -46.50 -2.76 -3.88
C SER J 41 -47.18 -1.70 -3.00
N THR J 42 -46.34 -0.99 -2.23
CA THR J 42 -46.82 -0.02 -1.22
C THR J 42 -47.78 1.02 -1.80
N LYS J 43 -47.59 1.36 -3.08
CA LYS J 43 -48.44 2.32 -3.76
C LYS J 43 -49.84 1.75 -3.98
N THR J 44 -49.93 0.48 -4.33
CA THR J 44 -51.22 -0.18 -4.56
C THR J 44 -51.95 -0.43 -3.25
N VAL J 45 -51.22 -0.73 -2.19
CA VAL J 45 -51.83 -0.89 -0.89
C VAL J 45 -52.44 0.44 -0.46
N GLU J 46 -51.72 1.53 -0.69
CA GLU J 46 -52.25 2.86 -0.37
C GLU J 46 -53.50 3.24 -1.14
N GLN J 47 -53.66 2.72 -2.34
CA GLN J 47 -54.92 2.92 -3.04
C GLN J 47 -56.06 2.25 -2.28
N ALA J 48 -55.81 1.04 -1.79
CA ALA J 48 -56.77 0.29 -1.02
C ALA J 48 -57.15 1.06 0.25
N ILE J 49 -56.14 1.53 0.97
CA ILE J 49 -56.33 2.29 2.21
C ILE J 49 -57.12 3.57 1.93
N SER J 50 -56.73 4.29 0.89
CA SER J 50 -57.46 5.51 0.48
C SER J 50 -58.93 5.19 0.12
N ALA J 51 -59.13 4.04 -0.51
CA ALA J 51 -60.48 3.60 -0.84
C ALA J 51 -61.29 3.31 0.46
N ALA J 52 -60.63 2.67 1.44
CA ALA J 52 -61.25 2.36 2.72
C ALA J 52 -61.55 3.64 3.45
N GLN J 53 -60.55 4.49 3.57
CA GLN J 53 -60.71 5.72 4.34
C GLN J 53 -61.87 6.57 3.80
N HIS J 54 -61.99 6.62 2.48
CA HIS J 54 -62.96 7.47 1.82
C HIS J 54 -64.39 6.93 2.07
N ALA J 55 -64.55 5.62 2.14
CA ALA J 55 -65.86 5.00 2.40
C ALA J 55 -66.34 5.09 3.85
N PHE J 56 -65.39 5.23 4.77
CA PHE J 56 -65.61 5.11 6.20
C PHE J 56 -66.62 6.11 6.81
N PRO J 57 -66.44 7.44 6.58
CA PRO J 57 -67.35 8.42 7.21
C PRO J 57 -68.84 8.11 7.12
N THR J 58 -69.34 7.74 5.94
CA THR J 58 -70.75 7.36 5.79
C THR J 58 -71.07 5.99 6.39
N TRP J 59 -70.13 5.06 6.23
CA TRP J 59 -70.31 3.69 6.75
C TRP J 59 -70.32 3.64 8.30
N ARG J 60 -69.48 4.49 8.89
CA ARG J 60 -69.41 4.74 10.33
C ARG J 60 -70.75 5.16 10.90
N ASN J 61 -71.46 6.04 10.20
CA ASN J 61 -72.77 6.50 10.64
C ASN J 61 -73.95 5.71 10.06
N THR J 62 -73.67 4.68 9.28
CA THR J 62 -74.74 3.80 8.80
C THR J 62 -75.21 2.97 10.00
N PRO J 63 -76.53 2.90 10.24
CA PRO J 63 -77.03 2.15 11.41
C PRO J 63 -76.57 0.69 11.44
N PRO J 64 -76.25 0.17 12.62
CA PRO J 64 -75.84 -1.24 12.72
C PRO J 64 -76.86 -2.20 12.07
N LEU J 65 -78.14 -1.90 12.21
CA LEU J 65 -79.18 -2.74 11.60
C LEU J 65 -78.91 -2.89 10.11
N LYS J 66 -78.77 -1.74 9.44
CA LYS J 66 -78.58 -1.68 7.98
C LYS J 66 -77.24 -2.30 7.54
N ARG J 67 -76.19 -2.14 8.35
CA ARG J 67 -74.91 -2.80 8.14
C ARG J 67 -75.00 -4.34 8.24
N ALA J 68 -75.76 -4.83 9.19
CA ALA J 68 -75.99 -6.27 9.37
C ALA J 68 -76.80 -6.88 8.21
N ARG J 69 -77.71 -6.09 7.65
CA ARG J 69 -78.50 -6.60 6.52
C ARG J 69 -77.60 -6.98 5.33
N VAL J 70 -76.45 -6.33 5.21
CA VAL J 70 -75.44 -6.72 4.24
C VAL J 70 -74.95 -8.16 4.50
N MET J 71 -74.72 -8.48 5.76
CA MET J 71 -74.28 -9.83 6.15
C MET J 71 -75.39 -10.86 6.02
N PHE J 72 -76.65 -10.45 6.24
CA PHE J 72 -77.77 -11.35 6.01
C PHE J 72 -77.74 -11.86 4.56
N ARG J 73 -77.54 -10.92 3.63
CA ARG J 73 -77.50 -11.23 2.22
C ARG J 73 -76.20 -11.97 1.81
N PHE J 74 -75.09 -11.60 2.43
CA PHE J 74 -73.82 -12.29 2.22
C PHE J 74 -73.86 -13.78 2.59
N LYS J 75 -74.56 -14.08 3.68
CA LYS J 75 -74.80 -15.44 4.14
C LYS J 75 -75.36 -16.32 3.04
N GLU J 76 -76.41 -15.80 2.39
CA GLU J 76 -77.11 -16.51 1.33
C GLU J 76 -76.19 -16.79 0.21
N LEU J 77 -75.40 -15.78 -0.16
CA LEU J 77 -74.51 -15.86 -1.32
C LEU J 77 -73.45 -16.94 -1.16
N LEU J 78 -72.95 -17.06 0.07
CA LEU J 78 -71.94 -18.04 0.36
C LEU J 78 -72.53 -19.41 0.20
N GLU J 79 -73.77 -19.58 0.66
CA GLU J 79 -74.48 -20.86 0.57
C GLU J 79 -74.81 -21.25 -0.89
N GLN J 80 -75.28 -20.26 -1.65
CA GLN J 80 -75.54 -20.43 -3.08
C GLN J 80 -74.28 -20.76 -3.85
N HIS J 81 -73.20 -20.02 -3.60
CA HIS J 81 -71.92 -20.24 -4.28
C HIS J 81 -71.00 -21.28 -3.56
N ALA J 82 -71.57 -22.19 -2.79
CA ALA J 82 -70.77 -23.10 -1.96
C ALA J 82 -69.86 -24.02 -2.76
N ASP J 83 -70.38 -24.59 -3.85
CA ASP J 83 -69.64 -25.57 -4.65
C ASP J 83 -68.41 -24.94 -5.36
N GLU J 84 -68.59 -23.71 -5.86
CA GLU J 84 -67.53 -22.98 -6.58
C GLU J 84 -66.46 -22.53 -5.61
N ILE J 85 -66.85 -22.17 -4.39
CA ILE J 85 -65.91 -21.76 -3.34
C ILE J 85 -65.06 -22.95 -2.89
N CYS J 86 -65.70 -24.08 -2.63
CA CYS J 86 -64.98 -25.33 -2.28
C CYS J 86 -64.03 -25.85 -3.36
N ARG J 87 -64.42 -25.66 -4.61
CA ARG J 87 -63.58 -25.99 -5.76
C ARG J 87 -62.34 -25.07 -5.80
N LEU J 88 -62.58 -23.75 -5.71
CA LEU J 88 -61.51 -22.76 -5.64
C LEU J 88 -60.53 -22.99 -4.49
N ILE J 89 -61.03 -23.37 -3.33
CA ILE J 89 -60.18 -23.84 -2.21
C ILE J 89 -59.37 -25.11 -2.57
N GLY J 90 -60.07 -26.16 -3.02
CA GLY J 90 -59.44 -27.40 -3.51
C GLY J 90 -58.39 -27.20 -4.60
N GLU J 91 -58.63 -26.26 -5.51
CA GLU J 91 -57.75 -26.03 -6.64
C GLU J 91 -56.37 -25.64 -6.14
N GLU J 92 -56.30 -24.69 -5.23
CA GLU J 92 -55.02 -24.09 -4.83
C GLU J 92 -54.48 -24.62 -3.50
N HIS J 93 -55.33 -24.82 -2.49
CA HIS J 93 -54.88 -25.35 -1.19
C HIS J 93 -54.67 -26.85 -1.33
N GLY J 94 -55.61 -27.50 -2.01
CA GLY J 94 -55.57 -28.93 -2.28
C GLY J 94 -56.60 -29.75 -1.53
N LYS J 95 -57.29 -29.14 -0.56
CA LYS J 95 -58.15 -29.88 0.39
C LYS J 95 -59.42 -30.34 -0.29
N ILE J 96 -59.96 -31.46 0.16
CA ILE J 96 -61.03 -32.13 -0.60
C ILE J 96 -62.38 -31.50 -0.20
N ALA J 97 -63.38 -31.64 -1.05
CA ALA J 97 -64.73 -31.07 -0.81
C ALA J 97 -65.15 -30.93 0.65
N HIS J 98 -65.13 -32.03 1.42
CA HIS J 98 -65.69 -32.00 2.76
C HIS J 98 -64.93 -31.09 3.72
N ASP J 99 -63.60 -31.08 3.67
CA ASP J 99 -62.82 -30.10 4.48
C ASP J 99 -63.16 -28.68 4.06
N ALA J 100 -63.15 -28.43 2.76
CA ALA J 100 -63.53 -27.12 2.21
C ALA J 100 -64.95 -26.70 2.59
N MET J 101 -65.93 -27.62 2.53
CA MET J 101 -67.29 -27.32 3.05
C MET J 101 -67.24 -27.00 4.54
N GLY J 102 -66.56 -27.85 5.30
CA GLY J 102 -66.40 -27.68 6.74
C GLY J 102 -65.81 -26.33 7.10
N GLU J 103 -64.84 -25.88 6.31
CA GLU J 103 -64.28 -24.54 6.48
C GLU J 103 -65.31 -23.43 6.20
N LEU J 104 -65.94 -23.53 5.03
CA LEU J 104 -66.95 -22.58 4.58
C LEU J 104 -68.12 -22.54 5.54
N GLN J 105 -68.51 -23.69 6.10
CA GLN J 105 -69.63 -23.71 7.04
C GLN J 105 -69.30 -22.82 8.23
N ARG J 106 -68.11 -23.02 8.80
CA ARG J 106 -67.72 -22.27 9.98
C ARG J 106 -67.51 -20.80 9.68
N GLY J 107 -67.11 -20.50 8.44
CA GLY J 107 -66.99 -19.12 8.03
C GLY J 107 -68.35 -18.43 8.00
N ILE J 108 -69.37 -19.15 7.54
CA ILE J 108 -70.75 -18.64 7.49
C ILE J 108 -71.28 -18.39 8.91
N GLU J 109 -70.90 -19.26 9.84
CA GLU J 109 -71.29 -19.09 11.21
C GLU J 109 -70.78 -17.77 11.77
N ASN J 110 -69.56 -17.40 11.38
CA ASN J 110 -69.06 -16.07 11.71
C ASN J 110 -69.91 -14.94 11.16
N VAL J 111 -70.42 -15.13 9.94
CA VAL J 111 -71.28 -14.14 9.29
C VAL J 111 -72.63 -14.10 9.97
N GLU J 112 -73.15 -15.29 10.28
CA GLU J 112 -74.37 -15.44 11.06
C GLU J 112 -74.32 -14.60 12.32
N TYR J 113 -73.24 -14.75 13.09
CA TYR J 113 -73.04 -13.99 14.33
C TYR J 113 -72.94 -12.49 14.10
N ALA J 114 -72.36 -12.09 12.98
CA ALA J 114 -72.26 -10.70 12.62
C ALA J 114 -73.65 -10.09 12.33
N CYS J 115 -74.56 -10.90 11.80
CA CYS J 115 -75.92 -10.43 11.58
C CYS J 115 -76.59 -9.91 12.85
N GLY J 116 -76.13 -10.34 14.02
CA GLY J 116 -76.62 -9.82 15.30
C GLY J 116 -75.89 -8.59 15.83
N ALA J 117 -75.37 -7.75 14.95
CA ALA J 117 -74.52 -6.64 15.36
C ALA J 117 -75.16 -5.71 16.39
N PRO J 118 -76.45 -5.35 16.18
CA PRO J 118 -77.02 -4.33 17.09
C PRO J 118 -77.05 -4.74 18.57
N GLU J 119 -77.24 -6.03 18.80
CA GLU J 119 -77.16 -6.60 20.13
C GLU J 119 -75.72 -6.51 20.62
N LEU J 120 -74.80 -6.84 19.72
CA LEU J 120 -73.40 -6.96 20.08
C LEU J 120 -72.73 -5.60 20.36
N LEU J 121 -73.26 -4.54 19.75
CA LEU J 121 -72.73 -3.17 19.93
C LEU J 121 -73.39 -2.35 21.06
N LYS J 122 -74.32 -2.95 21.79
CA LYS J 122 -74.89 -2.28 22.96
C LYS J 122 -73.78 -1.86 23.90
N GLY J 123 -73.79 -0.59 24.25
CA GLY J 123 -72.97 -0.07 25.35
C GLY J 123 -73.78 -0.11 26.65
N GLU J 124 -73.19 0.42 27.72
CA GLU J 124 -73.76 0.35 29.03
C GLU J 124 -74.16 1.74 29.42
N HIS J 125 -75.46 1.95 29.66
CA HIS J 125 -75.97 3.24 30.17
C HIS J 125 -76.04 3.21 31.68
N SER J 126 -75.73 4.33 32.34
CA SER J 126 -75.81 4.40 33.79
C SER J 126 -76.61 5.60 34.21
N ARG J 127 -77.66 5.37 34.98
CA ARG J 127 -78.47 6.46 35.53
C ARG J 127 -77.85 7.02 36.83
N ASN J 128 -77.77 8.34 36.93
CA ASN J 128 -77.40 9.08 38.13
C ASN J 128 -76.07 8.64 38.73
N VAL J 129 -75.00 8.79 37.95
CA VAL J 129 -73.66 8.50 38.49
C VAL J 129 -73.28 9.49 39.57
N GLY J 130 -73.73 10.73 39.38
CA GLY J 130 -73.83 11.77 40.42
C GLY J 130 -75.27 12.28 40.35
N PRO J 131 -75.65 13.23 41.23
CA PRO J 131 -77.06 13.68 41.19
C PRO J 131 -77.34 14.41 39.87
N GLY J 132 -78.36 13.93 39.16
CA GLY J 132 -78.81 14.51 37.88
C GLY J 132 -77.75 14.48 36.80
N ILE J 133 -77.00 13.38 36.76
CA ILE J 133 -75.86 13.23 35.87
C ILE J 133 -75.83 11.78 35.41
N ASP J 134 -76.12 11.56 34.13
CA ASP J 134 -76.07 10.22 33.55
C ASP J 134 -74.75 9.99 32.86
N SER J 135 -74.48 8.74 32.49
CA SER J 135 -73.24 8.40 31.78
C SER J 135 -73.39 7.09 31.05
N TRP J 136 -72.83 6.99 29.86
CA TRP J 136 -72.99 5.76 29.08
C TRP J 136 -71.80 5.49 28.17
N SER J 137 -71.57 4.23 27.84
CA SER J 137 -70.45 3.88 26.97
C SER J 137 -70.92 3.67 25.55
N GLU J 138 -70.07 4.02 24.60
CA GLU J 138 -70.32 3.68 23.19
C GLU J 138 -69.06 3.07 22.65
N PHE J 139 -69.23 1.94 21.97
CA PHE J 139 -68.13 1.24 21.32
C PHE J 139 -68.12 1.61 19.85
N GLN J 140 -67.39 2.67 19.54
CA GLN J 140 -67.45 3.30 18.22
C GLN J 140 -66.46 2.65 17.27
N PRO J 141 -66.64 2.83 15.95
CA PRO J 141 -65.70 2.26 14.96
C PRO J 141 -64.28 2.84 14.99
N MET J 142 -63.30 2.00 14.70
CA MET J 142 -61.87 2.38 14.67
C MET J 142 -61.49 3.18 13.43
N GLY J 143 -62.00 2.76 12.27
CA GLY J 143 -61.67 3.38 11.00
C GLY J 143 -61.29 2.30 10.01
N VAL J 144 -60.07 2.40 9.45
CA VAL J 144 -59.55 1.41 8.50
C VAL J 144 -58.83 0.26 9.23
N VAL J 145 -59.31 -0.96 9.01
CA VAL J 145 -58.78 -2.11 9.72
C VAL J 145 -58.07 -3.02 8.73
N ALA J 146 -56.96 -3.60 9.17
CA ALA J 146 -56.14 -4.42 8.31
C ALA J 146 -56.23 -5.85 8.76
N GLY J 147 -56.34 -6.76 7.79
CA GLY J 147 -56.43 -8.19 8.06
C GLY J 147 -55.38 -8.92 7.25
N ILE J 148 -54.70 -9.87 7.89
CA ILE J 148 -53.66 -10.64 7.23
C ILE J 148 -53.83 -12.13 7.64
N THR J 149 -54.09 -12.98 6.65
CA THR J 149 -54.56 -14.34 6.90
C THR J 149 -53.70 -15.41 6.24
N PRO J 150 -53.64 -16.59 6.83
CA PRO J 150 -52.73 -17.58 6.37
C PRO J 150 -53.32 -18.41 5.21
N PHE J 151 -52.57 -19.42 4.79
CA PHE J 151 -52.95 -20.26 3.66
C PHE J 151 -53.94 -21.38 4.01
N ASN J 152 -53.90 -21.87 5.25
CA ASN J 152 -54.62 -23.09 5.58
C ASN J 152 -56.15 -22.93 5.56
N PHE J 153 -56.60 -21.69 5.77
CA PHE J 153 -58.02 -21.37 5.83
C PHE J 153 -58.27 -20.09 5.08
N PRO J 154 -58.21 -20.17 3.74
CA PRO J 154 -58.29 -19.00 2.90
C PRO J 154 -59.69 -18.41 2.79
N VAL J 155 -60.69 -19.13 3.32
CA VAL J 155 -62.07 -18.63 3.43
C VAL J 155 -62.47 -18.35 4.89
N MET J 156 -62.20 -19.30 5.80
CA MET J 156 -62.70 -19.15 7.16
C MET J 156 -61.99 -18.04 7.93
N VAL J 157 -60.67 -17.99 7.86
CA VAL J 157 -59.91 -17.04 8.67
C VAL J 157 -60.14 -15.58 8.24
N PRO J 158 -60.33 -15.32 6.95
CA PRO J 158 -60.81 -13.98 6.57
C PRO J 158 -62.25 -13.65 7.07
N LEU J 159 -63.12 -14.65 7.10
CA LEU J 159 -64.46 -14.52 7.70
C LEU J 159 -64.44 -14.36 9.23
N TRP J 160 -63.34 -14.75 9.88
CA TRP J 160 -63.10 -14.38 11.29
C TRP J 160 -63.08 -12.86 11.46
N MET J 161 -62.47 -12.19 10.51
CA MET J 161 -62.15 -10.77 10.63
C MET J 161 -63.17 -9.78 10.00
N PHE J 162 -63.32 -9.83 8.67
CA PHE J 162 -63.97 -8.71 7.96
C PHE J 162 -65.48 -8.64 8.13
N PRO J 163 -66.17 -9.77 8.26
CA PRO J 163 -67.60 -9.67 8.57
C PRO J 163 -67.81 -8.87 9.86
N MET J 164 -67.21 -9.30 10.96
CA MET J 164 -67.41 -8.59 12.23
C MET J 164 -66.86 -7.15 12.25
N ALA J 165 -65.71 -6.95 11.60
CA ALA J 165 -65.08 -5.64 11.58
C ALA J 165 -65.90 -4.68 10.71
N ILE J 166 -66.46 -5.18 9.62
CA ILE J 166 -67.28 -4.34 8.75
C ILE J 166 -68.62 -3.97 9.42
N VAL J 167 -69.23 -4.91 10.11
CA VAL J 167 -70.54 -4.65 10.74
C VAL J 167 -70.41 -3.78 12.01
N CYS J 168 -69.21 -3.73 12.59
CA CYS J 168 -68.88 -2.76 13.63
C CYS J 168 -68.56 -1.38 13.07
N GLY J 169 -68.77 -1.16 11.79
CA GLY J 169 -68.63 0.18 11.23
C GLY J 169 -67.25 0.52 10.68
N ASN J 170 -66.37 -0.47 10.57
CA ASN J 170 -65.08 -0.27 9.93
C ASN J 170 -65.09 -0.57 8.44
N CYS J 171 -64.03 -0.07 7.79
CA CYS J 171 -63.66 -0.43 6.44
C CYS J 171 -62.41 -1.28 6.57
N PHE J 172 -62.21 -2.18 5.61
CA PHE J 172 -61.27 -3.29 5.78
C PHE J 172 -60.29 -3.41 4.63
N VAL J 173 -59.06 -3.80 4.93
CA VAL J 173 -58.08 -4.13 3.87
C VAL J 173 -57.43 -5.48 4.13
N LEU J 174 -57.85 -6.48 3.36
CA LEU J 174 -57.40 -7.87 3.52
C LEU J 174 -56.14 -8.19 2.69
N LYS J 175 -55.15 -8.80 3.34
CA LYS J 175 -53.95 -9.28 2.69
C LYS J 175 -53.83 -10.78 2.93
N PRO J 176 -54.48 -11.59 2.05
CA PRO J 176 -54.55 -13.02 2.28
C PRO J 176 -53.33 -13.75 1.79
N SER J 177 -53.28 -15.04 2.10
CA SER J 177 -52.13 -15.83 1.66
C SER J 177 -51.97 -15.83 0.17
N GLU J 178 -50.74 -15.57 -0.27
CA GLU J 178 -50.41 -15.57 -1.69
C GLU J 178 -50.45 -16.96 -2.33
N ARG J 179 -50.38 -18.00 -1.51
CA ARG J 179 -50.41 -19.37 -2.00
C ARG J 179 -51.78 -19.84 -2.53
N ASP J 180 -52.91 -19.41 -1.93
CA ASP J 180 -54.29 -19.78 -2.39
C ASP J 180 -55.26 -18.59 -2.35
N PRO J 181 -55.02 -17.60 -3.22
CA PRO J 181 -55.69 -16.28 -3.31
C PRO J 181 -57.10 -16.26 -3.90
N SER J 182 -57.41 -17.26 -4.73
CA SER J 182 -58.63 -17.23 -5.56
C SER J 182 -59.97 -17.30 -4.78
N SER J 183 -60.04 -18.22 -3.80
CA SER J 183 -61.22 -18.38 -2.92
C SER J 183 -61.55 -17.10 -2.16
N THR J 184 -60.51 -16.55 -1.53
CA THR J 184 -60.60 -15.35 -0.71
C THR J 184 -61.18 -14.23 -1.54
N LEU J 185 -60.62 -14.06 -2.74
CA LEU J 185 -61.03 -12.98 -3.61
C LEU J 185 -62.46 -13.19 -4.03
N TYR J 186 -62.83 -14.44 -4.30
CA TYR J 186 -64.18 -14.77 -4.75
C TYR J 186 -65.23 -14.32 -3.73
N ILE J 187 -64.99 -14.66 -2.46
CA ILE J 187 -65.96 -14.37 -1.41
C ILE J 187 -66.09 -12.88 -1.16
N ALA J 188 -64.99 -12.16 -1.26
CA ALA J 188 -65.05 -10.74 -1.16
C ALA J 188 -65.85 -10.12 -2.29
N GLN J 189 -65.76 -10.68 -3.49
CA GLN J 189 -66.49 -10.16 -4.67
C GLN J 189 -67.98 -10.32 -4.50
N LEU J 190 -68.37 -11.39 -3.83
CA LEU J 190 -69.77 -11.61 -3.44
C LEU J 190 -70.36 -10.48 -2.62
N LEU J 191 -69.50 -9.88 -1.81
CA LEU J 191 -69.86 -8.83 -0.88
C LEU J 191 -70.33 -7.51 -1.51
N GLN J 192 -69.96 -7.23 -2.76
CA GLN J 192 -70.58 -6.10 -3.50
C GLN J 192 -72.02 -6.46 -3.85
N GLU J 193 -72.22 -7.70 -4.33
CA GLU J 193 -73.55 -8.20 -4.65
C GLU J 193 -74.51 -8.20 -3.44
N ALA J 194 -73.99 -8.49 -2.26
CA ALA J 194 -74.81 -8.49 -1.04
C ALA J 194 -75.25 -7.09 -0.59
N GLY J 195 -74.80 -6.06 -1.29
CA GLY J 195 -75.23 -4.67 -1.04
C GLY J 195 -74.18 -3.78 -0.40
N LEU J 196 -72.95 -4.27 -0.23
CA LEU J 196 -71.93 -3.50 0.48
C LEU J 196 -71.39 -2.35 -0.38
N PRO J 197 -71.43 -1.12 0.16
CA PRO J 197 -70.85 0.00 -0.56
C PRO J 197 -69.39 -0.26 -0.91
N ASP J 198 -68.95 0.38 -1.99
CA ASP J 198 -67.62 0.19 -2.54
C ASP J 198 -66.60 0.92 -1.69
N GLY J 199 -65.46 0.25 -1.50
CA GLY J 199 -64.39 0.74 -0.64
C GLY J 199 -64.41 0.13 0.75
N VAL J 200 -65.58 -0.32 1.22
CA VAL J 200 -65.72 -0.81 2.59
C VAL J 200 -64.93 -2.12 2.79
N MET J 201 -64.89 -2.95 1.75
CA MET J 201 -64.04 -4.14 1.75
C MET J 201 -63.05 -4.02 0.60
N ASN J 202 -61.79 -4.30 0.87
CA ASN J 202 -60.80 -4.47 -0.17
C ASN J 202 -59.88 -5.61 0.13
N VAL J 203 -59.47 -6.29 -0.94
CA VAL J 203 -58.52 -7.37 -0.84
C VAL J 203 -57.31 -6.86 -1.59
N VAL J 204 -56.15 -7.06 -1.01
CA VAL J 204 -54.93 -6.58 -1.58
C VAL J 204 -53.96 -7.75 -1.49
N ASN J 205 -53.60 -8.29 -2.64
CA ASN J 205 -52.76 -9.48 -2.71
C ASN J 205 -51.31 -9.10 -2.76
N GLY J 206 -50.47 -9.94 -2.16
CA GLY J 206 -49.07 -9.61 -2.04
C GLY J 206 -48.24 -10.46 -1.10
N ASP J 207 -47.10 -9.90 -0.71
CA ASP J 207 -46.13 -10.58 0.14
C ASP J 207 -45.72 -9.61 1.23
N LYS J 208 -44.54 -9.81 1.82
CA LYS J 208 -44.15 -9.03 2.99
C LYS J 208 -44.24 -7.52 2.76
N GLU J 209 -43.91 -7.05 1.55
CA GLU J 209 -44.00 -5.61 1.23
C GLU J 209 -45.42 -5.07 1.40
N ALA J 210 -46.42 -5.82 0.96
CA ALA J 210 -47.82 -5.45 1.18
C ALA J 210 -48.12 -5.34 2.67
N VAL J 211 -47.68 -6.35 3.43
CA VAL J 211 -47.91 -6.36 4.87
C VAL J 211 -47.31 -5.13 5.54
N ASP J 212 -46.01 -4.89 5.30
CA ASP J 212 -45.31 -3.70 5.84
C ASP J 212 -46.00 -2.40 5.45
N ALA J 213 -46.54 -2.33 4.25
CA ALA J 213 -47.30 -1.15 3.86
C ALA J 213 -48.46 -0.87 4.83
N LEU J 214 -49.22 -1.92 5.17
CA LEU J 214 -50.36 -1.81 6.11
C LEU J 214 -49.90 -1.42 7.53
N LEU J 215 -48.84 -2.04 8.00
CA LEU J 215 -48.35 -1.75 9.33
C LEU J 215 -47.72 -0.36 9.48
N HIS J 216 -47.40 0.33 8.39
CA HIS J 216 -46.71 1.64 8.50
C HIS J 216 -47.55 2.86 8.10
N ASP J 217 -48.70 2.63 7.44
CA ASP J 217 -49.70 3.67 7.10
C ASP J 217 -50.51 4.03 8.37
N ASP J 218 -50.52 5.31 8.70
CA ASP J 218 -51.22 5.81 9.92
C ASP J 218 -52.74 5.63 9.90
N ARG J 219 -53.31 5.63 8.71
CA ARG J 219 -54.75 5.45 8.55
C ARG J 219 -55.25 4.07 8.99
N VAL J 220 -54.34 3.07 9.06
CA VAL J 220 -54.68 1.73 9.56
C VAL J 220 -54.65 1.70 11.06
N LYS J 221 -55.82 1.57 11.67
CA LYS J 221 -55.96 1.76 13.12
C LYS J 221 -55.89 0.49 13.96
N ALA J 222 -56.03 -0.66 13.32
CA ALA J 222 -55.98 -1.96 13.99
C ALA J 222 -55.57 -3.06 13.03
N VAL J 223 -54.88 -4.06 13.55
CA VAL J 223 -54.33 -5.12 12.74
C VAL J 223 -54.67 -6.46 13.34
N SER J 224 -55.29 -7.33 12.55
CA SER J 224 -55.59 -8.70 12.95
C SER J 224 -54.77 -9.65 12.09
N PHE J 225 -53.97 -10.49 12.71
CA PHE J 225 -53.12 -11.42 11.99
C PHE J 225 -53.31 -12.85 12.48
N VAL J 226 -53.35 -13.79 11.56
CA VAL J 226 -53.35 -15.21 11.91
C VAL J 226 -52.35 -15.95 11.05
N GLY J 227 -51.38 -16.60 11.67
CA GLY J 227 -50.39 -17.37 10.92
C GLY J 227 -49.48 -18.10 11.88
N SER J 228 -48.18 -18.11 11.54
CA SER J 228 -47.13 -18.71 12.37
C SER J 228 -46.66 -17.78 13.49
N THR J 229 -46.07 -18.35 14.53
CA THR J 229 -45.64 -17.56 15.68
C THR J 229 -44.55 -16.55 15.30
N PRO J 230 -43.49 -17.01 14.61
CA PRO J 230 -42.40 -16.10 14.23
C PRO J 230 -42.88 -14.85 13.53
N ILE J 231 -43.86 -15.01 12.63
CA ILE J 231 -44.43 -13.85 11.92
C ILE J 231 -45.39 -13.04 12.81
N ALA J 232 -46.28 -13.75 13.53
CA ALA J 232 -47.16 -13.14 14.51
C ALA J 232 -46.37 -12.17 15.36
N GLU J 233 -45.26 -12.66 15.92
CA GLU J 233 -44.43 -11.83 16.77
C GLU J 233 -43.92 -10.62 16.01
N TYR J 234 -43.48 -10.81 14.76
CA TYR J 234 -43.02 -9.68 13.96
C TYR J 234 -44.14 -8.65 13.78
N ILE J 235 -45.34 -9.14 13.44
CA ILE J 235 -46.48 -8.27 13.15
C ILE J 235 -46.86 -7.51 14.40
N TYR J 236 -46.93 -8.22 15.52
CA TYR J 236 -47.30 -7.61 16.80
C TYR J 236 -46.31 -6.55 17.26
N ARG J 237 -45.01 -6.84 17.15
CA ARG J 237 -43.99 -5.87 17.55
C ARG J 237 -43.99 -4.64 16.65
N THR J 238 -44.17 -4.89 15.37
CA THR J 238 -44.18 -3.82 14.37
C THR J 238 -45.39 -2.92 14.57
N ALA J 239 -46.58 -3.52 14.70
CA ALA J 239 -47.80 -2.74 14.93
C ALA J 239 -47.77 -1.98 16.25
N SER J 240 -47.22 -2.61 17.28
CA SER J 240 -47.10 -1.96 18.57
C SER J 240 -46.18 -0.73 18.58
N ALA J 241 -45.02 -0.87 17.94
CA ALA J 241 -44.09 0.23 17.71
C ALA J 241 -44.73 1.43 17.01
N ASN J 242 -45.63 1.16 16.06
CA ASN J 242 -46.34 2.19 15.30
C ASN J 242 -47.63 2.69 15.97
N GLY J 243 -47.92 2.19 17.17
CA GLY J 243 -48.97 2.75 18.04
C GLY J 243 -50.34 2.05 17.95
N LYS J 244 -50.61 1.44 16.81
CA LYS J 244 -51.89 0.81 16.55
C LYS J 244 -52.08 -0.54 17.28
N ARG J 245 -53.34 -0.78 17.62
CA ARG J 245 -53.74 -1.98 18.33
C ARG J 245 -53.65 -3.23 17.47
N CYS J 246 -53.45 -4.39 18.10
CA CYS J 246 -53.09 -5.56 17.34
C CYS J 246 -53.44 -6.86 18.04
N GLN J 247 -53.86 -7.84 17.24
CA GLN J 247 -54.03 -9.20 17.69
C GLN J 247 -53.27 -10.07 16.70
N ALA J 248 -52.54 -11.05 17.21
CA ALA J 248 -51.74 -11.88 16.35
C ALA J 248 -51.69 -13.28 16.87
N LEU J 249 -52.35 -14.18 16.14
CA LEU J 249 -52.43 -15.57 16.53
C LEU J 249 -51.36 -16.35 15.80
N GLY J 250 -50.75 -17.27 16.52
CA GLY J 250 -49.55 -17.96 16.09
C GLY J 250 -49.75 -19.45 15.98
N GLY J 251 -48.66 -20.18 16.15
CA GLY J 251 -48.66 -21.62 15.96
C GLY J 251 -49.13 -22.39 17.17
N ALA J 252 -49.00 -23.70 17.08
CA ALA J 252 -49.58 -24.61 18.04
C ALA J 252 -48.91 -25.98 18.00
N LYS J 253 -48.92 -26.67 19.13
CA LYS J 253 -48.63 -28.10 19.21
C LYS J 253 -49.68 -28.65 20.14
N ASN J 254 -50.77 -29.11 19.55
CA ASN J 254 -51.90 -29.55 20.36
C ASN J 254 -51.74 -30.97 20.83
N HIS J 255 -51.88 -31.16 22.15
CA HIS J 255 -51.83 -32.47 22.79
C HIS J 255 -53.21 -32.97 23.17
N ALA J 256 -53.32 -34.28 23.33
CA ALA J 256 -54.50 -34.89 23.89
C ALA J 256 -54.10 -35.95 24.89
N ILE J 257 -54.70 -35.91 26.07
CA ILE J 257 -54.47 -36.91 27.08
C ILE J 257 -55.47 -38.04 26.88
N VAL J 258 -54.98 -39.26 26.72
CA VAL J 258 -55.81 -40.45 26.63
C VAL J 258 -55.72 -41.19 27.97
N MET J 259 -56.74 -40.98 28.81
CA MET J 259 -56.79 -41.56 30.14
C MET J 259 -57.20 -43.01 30.04
N PRO J 260 -56.82 -43.82 31.05
CA PRO J 260 -57.16 -45.25 31.07
C PRO J 260 -58.67 -45.55 30.99
N ASP J 261 -59.52 -44.68 31.54
CA ASP J 261 -61.00 -44.87 31.53
C ASP J 261 -61.70 -44.42 30.24
N ALA J 262 -60.92 -43.89 29.29
CA ALA J 262 -61.44 -43.48 27.99
C ALA J 262 -61.94 -44.67 27.22
N ASP J 263 -62.95 -44.41 26.39
CA ASP J 263 -63.33 -45.32 25.33
C ASP J 263 -62.30 -45.12 24.23
N MET J 264 -61.46 -46.12 24.00
CA MET J 264 -60.42 -46.03 22.98
C MET J 264 -61.01 -46.07 21.55
N ASP J 265 -62.14 -46.77 21.39
CA ASP J 265 -62.83 -46.82 20.09
C ASP J 265 -63.40 -45.48 19.63
N ASN J 266 -63.71 -44.61 20.59
CA ASN J 266 -64.15 -43.28 20.26
C ASN J 266 -62.93 -42.40 19.94
N ALA J 267 -61.88 -42.53 20.76
CA ALA J 267 -60.74 -41.61 20.75
C ALA J 267 -59.97 -41.67 19.45
N VAL J 268 -59.67 -42.89 19.03
CA VAL J 268 -58.94 -43.13 17.81
C VAL J 268 -59.72 -42.62 16.60
N ASN J 269 -61.00 -42.98 16.50
CA ASN J 269 -61.85 -42.44 15.41
C ASN J 269 -61.81 -40.88 15.33
N GLN J 270 -61.77 -40.22 16.49
CA GLN J 270 -61.77 -38.75 16.55
C GLN J 270 -60.39 -38.13 16.30
N LEU J 271 -59.35 -38.84 16.74
CA LEU J 271 -57.96 -38.47 16.43
C LEU J 271 -57.62 -38.60 14.95
N LEU J 272 -58.29 -39.49 14.23
CA LEU J 272 -58.11 -39.58 12.77
C LEU J 272 -58.32 -38.20 12.13
N GLY J 273 -59.54 -37.67 12.31
CA GLY J 273 -59.96 -36.42 11.70
C GLY J 273 -59.22 -35.23 12.25
N ALA J 274 -58.77 -35.33 13.50
CA ALA J 274 -58.09 -34.23 14.20
C ALA J 274 -56.62 -34.11 13.83
N ALA J 275 -55.93 -35.24 13.83
CA ALA J 275 -54.51 -35.30 13.45
C ALA J 275 -54.26 -35.16 11.93
N PHE J 276 -55.00 -35.91 11.11
CA PHE J 276 -54.77 -35.98 9.65
C PHE J 276 -55.71 -35.14 8.80
N GLY J 277 -56.83 -34.71 9.38
CA GLY J 277 -57.76 -33.84 8.64
C GLY J 277 -57.10 -32.53 8.20
N SER J 278 -57.48 -32.07 7.02
CA SER J 278 -56.84 -30.91 6.34
C SER J 278 -55.33 -31.12 6.18
N SER J 279 -54.93 -32.39 6.04
CA SER J 279 -53.53 -32.80 5.80
C SER J 279 -52.62 -32.48 7.02
N GLY J 280 -53.23 -32.29 8.19
CA GLY J 280 -52.55 -31.74 9.38
C GLY J 280 -52.16 -30.27 9.31
N GLU J 281 -52.65 -29.56 8.29
CA GLU J 281 -52.33 -28.14 8.05
C GLU J 281 -53.37 -27.27 8.76
N ARG J 282 -53.26 -27.22 10.08
N ARG J 282 -53.28 -27.24 10.08
CA ARG J 282 -54.30 -26.66 10.93
CA ARG J 282 -54.32 -26.72 10.96
C ARG J 282 -53.72 -26.18 12.28
C ARG J 282 -53.72 -26.19 12.28
N CYS J 283 -54.08 -24.95 12.66
CA CYS J 283 -53.63 -24.34 13.94
C CYS J 283 -54.20 -25.09 15.12
N MET J 284 -55.30 -25.82 14.91
CA MET J 284 -55.93 -26.71 15.91
C MET J 284 -55.73 -28.24 15.69
N ALA J 285 -54.84 -28.60 14.78
CA ALA J 285 -54.56 -30.01 14.48
C ALA J 285 -54.00 -30.70 15.71
N LEU J 286 -54.56 -31.85 16.04
CA LEU J 286 -54.15 -32.56 17.21
C LEU J 286 -52.95 -33.43 16.85
N SER J 287 -51.77 -32.86 17.00
CA SER J 287 -50.52 -33.48 16.52
C SER J 287 -49.81 -34.35 17.56
N VAL J 288 -50.22 -34.28 18.83
CA VAL J 288 -49.62 -35.11 19.89
C VAL J 288 -50.71 -35.85 20.68
N ALA J 289 -50.48 -37.15 20.89
CA ALA J 289 -51.34 -37.95 21.75
C ALA J 289 -50.52 -38.45 22.95
N VAL J 290 -50.77 -37.87 24.11
CA VAL J 290 -50.11 -38.27 25.33
C VAL J 290 -50.97 -39.40 25.91
N ALA J 291 -50.47 -40.63 25.86
CA ALA J 291 -51.20 -41.79 26.42
C ALA J 291 -50.63 -42.08 27.79
N VAL J 292 -51.50 -42.06 28.81
CA VAL J 292 -51.07 -42.26 30.22
C VAL J 292 -51.14 -43.75 30.57
N GLY J 293 -50.01 -44.29 31.07
CA GLY J 293 -49.79 -45.73 31.20
C GLY J 293 -49.61 -46.35 29.83
N ASP J 294 -49.39 -47.67 29.79
CA ASP J 294 -49.34 -48.43 28.52
C ASP J 294 -49.36 -49.95 28.70
N ALA J 295 -50.52 -50.60 28.93
CA ALA J 295 -51.87 -50.01 29.01
C ALA J 295 -52.27 -49.19 27.77
N ALA J 296 -52.78 -47.97 27.98
CA ALA J 296 -53.35 -47.14 26.91
C ALA J 296 -52.40 -46.89 25.72
N GLY J 297 -51.13 -46.63 26.01
CA GLY J 297 -50.12 -46.37 24.98
C GLY J 297 -50.09 -47.37 23.84
N ASP J 298 -50.08 -48.64 24.18
CA ASP J 298 -50.03 -49.70 23.18
C ASP J 298 -51.40 -49.75 22.52
N ALA J 299 -52.45 -49.87 23.34
CA ALA J 299 -53.83 -49.95 22.85
C ALA J 299 -54.13 -48.85 21.83
N LEU J 300 -53.60 -47.64 22.11
CA LEU J 300 -53.77 -46.49 21.22
C LEU J 300 -53.07 -46.73 19.88
N VAL J 301 -51.76 -46.96 19.92
CA VAL J 301 -50.97 -47.19 18.71
C VAL J 301 -51.51 -48.36 17.89
N SER J 302 -51.88 -49.42 18.57
CA SER J 302 -52.46 -50.58 17.94
C SER J 302 -53.64 -50.20 17.05
N LYS J 303 -54.69 -49.67 17.67
CA LYS J 303 -55.96 -49.39 16.97
C LYS J 303 -55.81 -48.24 15.96
N MET J 304 -54.91 -47.30 16.24
CA MET J 304 -54.63 -46.17 15.36
C MET J 304 -54.05 -46.67 14.03
N THR J 305 -53.01 -47.49 14.13
CA THR J 305 -52.42 -48.16 12.96
C THR J 305 -53.50 -48.84 12.12
N GLN J 306 -54.36 -49.62 12.76
CA GLN J 306 -55.47 -50.30 12.08
C GLN J 306 -56.34 -49.34 11.26
N ALA J 307 -56.88 -48.32 11.94
CA ALA J 307 -57.76 -47.34 11.30
C ALA J 307 -57.04 -46.47 10.26
N MET J 308 -55.73 -46.29 10.45
CA MET J 308 -54.90 -45.48 9.56
C MET J 308 -54.68 -46.11 8.19
N GLN J 309 -54.68 -47.44 8.12
CA GLN J 309 -54.64 -48.16 6.82
C GLN J 309 -55.77 -47.75 5.88
N LYS J 310 -56.96 -47.49 6.43
CA LYS J 310 -58.14 -47.16 5.62
C LYS J 310 -58.06 -45.76 4.93
N LEU J 311 -57.10 -44.94 5.37
CA LEU J 311 -56.93 -43.57 4.87
C LEU J 311 -56.62 -43.48 3.39
N LYS J 312 -57.24 -42.52 2.72
CA LYS J 312 -57.13 -42.33 1.28
C LYS J 312 -56.58 -40.94 0.93
N VAL J 313 -55.30 -40.87 0.58
CA VAL J 313 -54.62 -39.61 0.28
C VAL J 313 -54.60 -39.39 -1.22
N GLY J 314 -55.07 -38.23 -1.66
CA GLY J 314 -55.15 -37.94 -3.10
C GLY J 314 -55.73 -36.58 -3.42
N PRO J 315 -55.93 -36.28 -4.70
CA PRO J 315 -56.38 -34.94 -5.13
C PRO J 315 -57.84 -34.59 -4.83
N SER J 316 -58.13 -33.30 -4.74
CA SER J 316 -59.52 -32.87 -4.44
C SER J 316 -60.54 -33.22 -5.54
N THR J 317 -60.08 -33.58 -6.75
CA THR J 317 -60.95 -34.08 -7.84
C THR J 317 -61.69 -35.36 -7.48
N ASP J 318 -61.02 -36.20 -6.70
CA ASP J 318 -61.63 -37.38 -6.11
C ASP J 318 -62.13 -37.02 -4.72
N SER J 319 -63.44 -36.77 -4.61
CA SER J 319 -64.11 -36.71 -3.30
C SER J 319 -64.03 -38.08 -2.65
N GLY J 320 -64.10 -38.11 -1.33
CA GLY J 320 -63.94 -39.38 -0.61
C GLY J 320 -62.49 -39.75 -0.31
N ASN J 321 -61.54 -39.01 -0.88
CA ASN J 321 -60.21 -38.93 -0.28
C ASN J 321 -60.35 -38.23 1.07
N ASP J 322 -59.63 -38.75 2.06
CA ASP J 322 -59.70 -38.19 3.43
C ASP J 322 -59.03 -36.82 3.47
N PHE J 323 -57.82 -36.75 2.95
CA PHE J 323 -57.12 -35.49 2.88
C PHE J 323 -56.21 -35.33 1.67
N GLY J 324 -55.87 -34.07 1.40
CA GLY J 324 -55.23 -33.71 0.15
C GLY J 324 -53.73 -33.57 0.29
N PRO J 325 -53.09 -32.88 -0.67
CA PRO J 325 -51.67 -32.63 -0.56
C PRO J 325 -51.37 -31.47 0.35
N VAL J 326 -50.13 -31.45 0.80
CA VAL J 326 -49.54 -30.28 1.44
C VAL J 326 -49.52 -29.06 0.48
N ILE J 327 -49.34 -27.88 1.04
CA ILE J 327 -49.45 -26.64 0.27
C ILE J 327 -48.37 -26.41 -0.79
N THR J 328 -47.11 -26.66 -0.46
CA THR J 328 -45.98 -26.42 -1.40
C THR J 328 -44.89 -27.49 -1.30
N ARG J 329 -44.03 -27.51 -2.32
CA ARG J 329 -42.87 -28.38 -2.34
C ARG J 329 -41.97 -28.05 -1.15
N GLN J 330 -41.67 -26.78 -0.98
CA GLN J 330 -40.90 -26.35 0.17
C GLN J 330 -41.47 -26.90 1.48
N HIS J 331 -42.80 -26.85 1.65
CA HIS J 331 -43.44 -27.40 2.87
C HIS J 331 -43.40 -28.93 2.92
N GLN J 332 -43.66 -29.59 1.79
CA GLN J 332 -43.51 -31.05 1.71
C GLN J 332 -42.15 -31.49 2.27
N GLU J 333 -41.06 -30.90 1.77
CA GLU J 333 -39.71 -31.29 2.21
C GLU J 333 -39.47 -31.02 3.70
N LYS J 334 -40.08 -29.97 4.24
CA LYS J 334 -39.97 -29.63 5.66
C LYS J 334 -40.66 -30.68 6.53
N VAL J 335 -41.88 -31.03 6.14
CA VAL J 335 -42.61 -32.13 6.78
C VAL J 335 -41.78 -33.43 6.74
N ILE J 336 -41.23 -33.74 5.56
CA ILE J 336 -40.38 -34.92 5.34
C ILE J 336 -39.15 -34.84 6.26
N GLY J 337 -38.53 -33.67 6.32
CA GLY J 337 -37.36 -33.44 7.18
C GLY J 337 -37.62 -33.66 8.67
N TYR J 338 -38.81 -33.27 9.12
CA TYR J 338 -39.22 -33.49 10.50
C TYR J 338 -39.31 -34.99 10.80
N ILE J 339 -40.09 -35.70 9.98
CA ILE J 339 -40.26 -37.16 10.12
C ILE J 339 -38.88 -37.86 10.19
N ASN J 340 -37.97 -37.48 9.28
CA ASN J 340 -36.58 -37.96 9.27
C ASN J 340 -35.87 -37.63 10.60
N SER J 341 -35.96 -36.36 11.01
CA SER J 341 -35.41 -35.91 12.30
C SER J 341 -35.94 -36.69 13.51
N ALA J 342 -37.19 -37.16 13.44
CA ALA J 342 -37.78 -38.05 14.45
C ALA J 342 -37.10 -39.41 14.48
N GLU J 343 -37.08 -40.07 13.31
CA GLU J 343 -36.47 -41.41 13.17
C GLU J 343 -35.03 -41.43 13.67
N GLN J 344 -34.27 -40.41 13.26
CA GLN J 344 -32.85 -40.27 13.62
C GLN J 344 -32.54 -40.01 15.11
N GLN J 345 -33.48 -39.39 15.83
CA GLN J 345 -33.29 -39.13 17.27
C GLN J 345 -33.89 -40.24 18.16
N GLY J 346 -34.50 -41.25 17.54
CA GLY J 346 -34.88 -42.50 18.23
C GLY J 346 -36.34 -42.85 18.30
N ALA J 347 -37.16 -42.26 17.43
CA ALA J 347 -38.58 -42.50 17.44
C ALA J 347 -38.93 -43.64 16.50
N THR J 348 -39.88 -44.50 16.91
CA THR J 348 -40.39 -45.60 16.10
C THR J 348 -41.41 -45.11 15.09
N ILE J 349 -40.99 -44.95 13.84
CA ILE J 349 -41.93 -44.65 12.77
C ILE J 349 -42.83 -45.88 12.58
N VAL J 350 -43.98 -45.89 13.24
CA VAL J 350 -44.94 -47.01 13.15
C VAL J 350 -45.58 -47.07 11.75
N VAL J 351 -46.20 -45.98 11.32
CA VAL J 351 -46.76 -45.86 9.94
C VAL J 351 -45.92 -44.81 9.19
N ASP J 352 -45.55 -45.12 7.95
CA ASP J 352 -44.59 -44.31 7.18
C ASP J 352 -45.27 -43.74 5.95
N GLY J 353 -45.31 -42.41 5.87
CA GLY J 353 -45.99 -41.72 4.78
C GLY J 353 -45.10 -40.69 4.10
N ARG J 354 -43.78 -40.89 4.20
CA ARG J 354 -42.79 -40.01 3.57
C ARG J 354 -42.72 -40.25 2.09
N GLN J 355 -42.96 -41.52 1.71
CA GLN J 355 -43.01 -41.96 0.32
C GLN J 355 -44.43 -42.44 0.04
N PRO J 356 -45.39 -41.50 -0.04
CA PRO J 356 -46.77 -41.96 -0.16
C PRO J 356 -46.97 -42.71 -1.45
N LYS J 357 -46.61 -42.06 -2.57
CA LYS J 357 -46.70 -42.66 -3.90
C LYS J 357 -48.12 -43.16 -4.23
N VAL J 358 -49.11 -42.73 -3.44
CA VAL J 358 -50.49 -43.24 -3.56
C VAL J 358 -51.05 -42.74 -4.90
N PRO J 359 -50.80 -41.46 -5.25
CA PRO J 359 -51.07 -41.07 -6.63
C PRO J 359 -49.98 -41.69 -7.50
N ASN J 360 -50.23 -42.18 -8.72
CA ASN J 360 -51.45 -42.05 -9.58
C ASN J 360 -51.51 -40.73 -10.29
N HIS J 361 -50.56 -40.57 -11.21
CA HIS J 361 -50.52 -39.42 -12.11
C HIS J 361 -50.30 -38.11 -11.36
N GLU J 362 -49.63 -38.18 -10.20
CA GLU J 362 -49.33 -36.99 -9.42
C GLU J 362 -47.98 -37.09 -8.68
N ASN J 363 -47.03 -36.28 -9.14
CA ASN J 363 -45.84 -35.89 -8.38
C ASN J 363 -46.02 -34.47 -7.76
N GLY J 364 -47.17 -34.21 -7.18
CA GLY J 364 -47.37 -32.97 -6.43
C GLY J 364 -46.84 -33.11 -5.02
N PHE J 365 -47.39 -32.30 -4.11
CA PHE J 365 -46.80 -32.16 -2.77
C PHE J 365 -47.42 -33.07 -1.71
N PHE J 366 -47.56 -34.36 -2.04
CA PHE J 366 -48.31 -35.31 -1.22
C PHE J 366 -47.47 -35.89 -0.07
N VAL J 367 -48.11 -36.03 1.09
CA VAL J 367 -47.51 -36.71 2.23
C VAL J 367 -48.62 -37.55 2.82
N GLY J 368 -48.27 -38.77 3.19
CA GLY J 368 -49.22 -39.71 3.74
C GLY J 368 -49.27 -39.61 5.25
N GLY J 369 -50.36 -40.10 5.82
CA GLY J 369 -50.48 -40.19 7.26
C GLY J 369 -49.30 -40.95 7.80
N THR J 370 -48.68 -40.39 8.85
CA THR J 370 -47.57 -41.06 9.54
C THR J 370 -47.77 -41.03 11.06
N LEU J 371 -47.56 -42.18 11.68
CA LEU J 371 -47.65 -42.34 13.13
C LEU J 371 -46.23 -42.51 13.67
N ILE J 372 -45.90 -41.71 14.66
CA ILE J 372 -44.59 -41.74 15.29
C ILE J 372 -44.81 -42.11 16.74
N ASP J 373 -44.14 -43.15 17.20
CA ASP J 373 -44.26 -43.63 18.58
C ASP J 373 -42.98 -43.38 19.36
N HIS J 374 -43.11 -43.38 20.69
CA HIS J 374 -41.98 -43.27 21.61
C HIS J 374 -41.22 -41.99 21.33
N VAL J 375 -41.94 -40.87 21.22
CA VAL J 375 -41.28 -39.57 21.09
C VAL J 375 -41.05 -39.03 22.51
N THR J 376 -40.17 -38.05 22.60
CA THR J 376 -39.75 -37.50 23.88
C THR J 376 -39.59 -35.99 23.78
N PRO J 377 -39.61 -35.29 24.94
CA PRO J 377 -39.55 -33.82 24.93
C PRO J 377 -38.29 -33.19 24.32
N GLU J 378 -37.23 -33.97 24.19
CA GLU J 378 -35.92 -33.44 23.71
C GLU J 378 -35.79 -33.49 22.19
N MET J 379 -36.69 -34.22 21.51
CA MET J 379 -36.71 -34.27 20.04
C MET J 379 -37.14 -32.94 19.40
N THR J 380 -36.60 -32.64 18.22
CA THR J 380 -36.87 -31.36 17.54
C THR J 380 -38.23 -31.37 16.84
N SER J 381 -38.61 -32.52 16.29
CA SER J 381 -39.93 -32.68 15.67
C SER J 381 -41.09 -32.59 16.66
N TYR J 382 -40.82 -32.88 17.93
CA TYR J 382 -41.80 -32.64 18.99
C TYR J 382 -41.89 -31.14 19.34
N GLN J 383 -40.75 -30.52 19.59
CA GLN J 383 -40.70 -29.12 20.06
C GLN J 383 -41.27 -28.10 19.08
N GLU J 384 -41.13 -28.39 17.78
CA GLU J 384 -41.59 -27.50 16.70
C GLU J 384 -42.88 -28.01 16.02
N GLU J 385 -43.59 -27.08 15.39
CA GLU J 385 -44.88 -27.37 14.77
C GLU J 385 -44.60 -27.95 13.40
N ILE J 386 -44.93 -29.23 13.22
CA ILE J 386 -44.69 -29.87 11.94
C ILE J 386 -45.66 -29.31 10.91
N PHE J 387 -46.94 -29.33 11.24
CA PHE J 387 -47.99 -28.79 10.35
C PHE J 387 -48.18 -29.68 9.13
N GLY J 388 -48.16 -30.98 9.37
CA GLY J 388 -48.43 -31.97 8.34
C GLY J 388 -49.17 -33.17 8.90
N PRO J 389 -49.50 -34.16 8.05
CA PRO J 389 -50.32 -35.30 8.48
C PRO J 389 -49.53 -36.30 9.33
N VAL J 390 -49.22 -35.86 10.54
CA VAL J 390 -48.32 -36.56 11.44
C VAL J 390 -48.81 -36.56 12.88
N LEU J 391 -49.12 -37.75 13.42
CA LEU J 391 -49.45 -37.89 14.82
C LEU J 391 -48.29 -38.48 15.61
N GLN J 392 -47.80 -37.73 16.58
CA GLN J 392 -46.74 -38.18 17.49
C GLN J 392 -47.31 -38.70 18.83
N VAL J 393 -46.86 -39.88 19.28
CA VAL J 393 -47.37 -40.47 20.53
C VAL J 393 -46.31 -40.42 21.58
N VAL J 394 -46.67 -39.86 22.74
CA VAL J 394 -45.78 -39.77 23.90
C VAL J 394 -46.41 -40.56 25.04
N ARG J 395 -45.57 -41.19 25.86
CA ARG J 395 -46.05 -42.04 26.94
C ARG J 395 -45.52 -41.50 28.25
N VAL J 396 -46.41 -41.44 29.23
CA VAL J 396 -46.09 -40.94 30.57
C VAL J 396 -46.75 -41.81 31.62
N ALA J 397 -46.24 -41.70 32.84
CA ALA J 397 -46.73 -42.52 33.95
C ALA J 397 -48.13 -42.14 34.43
N THR J 398 -48.33 -40.84 34.64
CA THR J 398 -49.55 -40.32 35.26
C THR J 398 -50.13 -39.09 34.49
N MET J 399 -51.40 -38.79 34.74
CA MET J 399 -52.10 -37.66 34.12
C MET J 399 -51.40 -36.32 34.37
N GLN J 400 -50.90 -36.13 35.59
CA GLN J 400 -50.19 -34.90 35.95
C GLN J 400 -48.87 -34.71 35.18
N ASP J 401 -48.23 -35.81 34.78
CA ASP J 401 -47.02 -35.76 33.94
C ASP J 401 -47.40 -35.27 32.55
N ALA J 402 -48.52 -35.78 32.04
CA ALA J 402 -49.09 -35.32 30.79
C ALA J 402 -49.42 -33.81 30.82
N MET J 403 -49.98 -33.33 31.92
CA MET J 403 -50.30 -31.93 32.04
C MET J 403 -49.04 -31.09 32.21
N ASP J 404 -48.05 -31.62 32.90
CA ASP J 404 -46.77 -30.93 33.07
C ASP J 404 -46.06 -30.80 31.72
N LEU J 405 -46.13 -31.87 30.92
CA LEU J 405 -45.56 -31.86 29.58
C LEU J 405 -46.19 -30.79 28.69
N ILE J 406 -47.52 -30.71 28.71
CA ILE J 406 -48.23 -29.70 27.95
C ILE J 406 -47.90 -28.29 28.40
N ASP J 407 -47.99 -28.02 29.70
CA ASP J 407 -47.70 -26.67 30.25
C ASP J 407 -46.29 -26.13 29.99
N ALA J 408 -45.35 -27.07 29.84
CA ALA J 408 -43.95 -26.75 29.55
C ALA J 408 -43.76 -26.33 28.09
N HIS J 409 -44.64 -26.80 27.22
CA HIS J 409 -44.47 -26.53 25.80
C HIS J 409 -44.51 -25.02 25.55
N GLU J 410 -43.91 -24.62 24.43
CA GLU J 410 -43.83 -23.23 23.96
C GLU J 410 -45.21 -22.68 23.65
N TYR J 411 -45.99 -23.48 22.89
CA TYR J 411 -47.37 -23.19 22.46
C TYR J 411 -48.46 -23.64 23.41
N GLY J 412 -49.55 -22.88 23.45
CA GLY J 412 -50.73 -23.24 24.25
C GLY J 412 -52.01 -22.86 23.54
N ASN J 413 -52.21 -23.42 22.35
CA ASN J 413 -53.39 -23.09 21.56
C ASN J 413 -54.58 -23.94 22.02
N GLY J 414 -54.45 -25.24 21.83
CA GLY J 414 -55.54 -26.18 22.00
C GLY J 414 -55.10 -27.46 22.68
N THR J 415 -56.06 -28.10 23.31
CA THR J 415 -55.80 -29.32 24.02
C THR J 415 -57.08 -30.09 24.23
N CYS J 416 -56.92 -31.36 24.58
CA CYS J 416 -58.05 -32.28 24.78
C CYS J 416 -57.71 -33.33 25.80
N ILE J 417 -58.72 -33.88 26.44
CA ILE J 417 -58.54 -35.01 27.32
C ILE J 417 -59.67 -35.98 27.02
N PHE J 418 -59.35 -37.25 26.89
CA PHE J 418 -60.34 -38.29 26.70
C PHE J 418 -60.53 -39.00 28.02
N THR J 419 -61.74 -38.92 28.58
CA THR J 419 -62.05 -39.52 29.88
C THR J 419 -63.55 -39.52 30.09
N ARG J 420 -64.01 -40.39 30.99
CA ARG J 420 -65.40 -40.45 31.41
C ARG J 420 -65.57 -39.92 32.84
N ASP J 421 -64.45 -39.66 33.51
CA ASP J 421 -64.45 -39.17 34.88
C ASP J 421 -64.62 -37.65 34.88
N GLY J 422 -65.52 -37.17 35.75
CA GLY J 422 -65.83 -35.75 35.86
C GLY J 422 -64.72 -35.02 36.59
N GLU J 423 -64.17 -35.63 37.63
CA GLU J 423 -63.17 -34.96 38.44
C GLU J 423 -61.96 -34.63 37.61
N ALA J 424 -61.53 -35.61 36.84
CA ALA J 424 -60.40 -35.45 35.95
C ALA J 424 -60.65 -34.33 34.96
N ALA J 425 -61.83 -34.39 34.32
CA ALA J 425 -62.18 -33.40 33.32
C ALA J 425 -62.07 -31.98 33.89
N ARG J 426 -62.60 -31.73 35.09
CA ARG J 426 -62.56 -30.34 35.64
C ARG J 426 -61.14 -29.87 36.06
N TYR J 427 -60.39 -30.77 36.69
CA TYR J 427 -59.02 -30.45 37.09
C TYR J 427 -58.15 -30.12 35.88
N PHE J 428 -58.40 -30.85 34.79
CA PHE J 428 -57.75 -30.55 33.53
C PHE J 428 -58.17 -29.17 33.00
N SER J 429 -59.45 -29.02 32.65
CA SER J 429 -59.96 -27.78 32.06
C SER J 429 -59.60 -26.54 32.87
N ASP J 430 -59.62 -26.68 34.20
CA ASP J 430 -59.34 -25.56 35.09
C ASP J 430 -57.88 -25.15 35.16
N ASN J 431 -56.98 -26.13 35.29
CA ASN J 431 -55.55 -25.86 35.51
C ASN J 431 -54.69 -25.77 34.26
N ILE J 432 -55.07 -26.49 33.20
CA ILE J 432 -54.23 -26.58 31.99
C ILE J 432 -54.02 -25.20 31.39
N GLN J 433 -52.77 -24.93 30.98
CA GLN J 433 -52.39 -23.61 30.48
C GLN J 433 -52.50 -23.53 28.98
N VAL J 434 -53.70 -23.78 28.47
CA VAL J 434 -53.96 -23.56 27.05
C VAL J 434 -55.33 -22.89 26.90
N GLY J 435 -55.49 -22.17 25.80
CA GLY J 435 -56.64 -21.32 25.56
C GLY J 435 -57.92 -22.05 25.28
N MET J 436 -57.85 -23.07 24.43
CA MET J 436 -59.05 -23.79 24.04
C MET J 436 -58.96 -25.21 24.53
N VAL J 437 -59.86 -25.61 25.43
CA VAL J 437 -59.83 -26.92 26.07
C VAL J 437 -61.05 -27.74 25.75
N GLY J 438 -60.82 -28.95 25.26
CA GLY J 438 -61.87 -29.93 25.03
C GLY J 438 -61.91 -31.09 26.04
N ILE J 439 -63.12 -31.58 26.31
CA ILE J 439 -63.38 -32.81 27.06
C ILE J 439 -64.05 -33.78 26.07
N ASN J 440 -63.29 -34.78 25.64
CA ASN J 440 -63.71 -35.74 24.59
C ASN J 440 -64.03 -35.01 23.30
N ILE J 441 -63.28 -33.93 23.04
CA ILE J 441 -63.42 -33.09 21.83
C ILE J 441 -62.00 -32.74 21.33
N PRO J 442 -61.49 -33.50 20.33
CA PRO J 442 -60.09 -33.30 19.88
C PRO J 442 -59.85 -31.96 19.15
N LEU J 443 -60.91 -31.35 18.62
CA LEU J 443 -60.82 -30.02 17.99
C LEU J 443 -61.75 -29.04 18.67
N PRO J 444 -61.34 -28.49 19.82
CA PRO J 444 -62.26 -27.67 20.62
C PRO J 444 -62.32 -26.22 20.12
N VAL J 445 -62.65 -26.08 18.84
CA VAL J 445 -62.74 -24.79 18.19
C VAL J 445 -64.01 -24.15 18.68
N PRO J 446 -63.89 -22.98 19.34
CA PRO J 446 -65.05 -22.22 19.77
C PRO J 446 -65.99 -21.90 18.62
N VAL J 447 -67.28 -21.84 18.94
CA VAL J 447 -68.30 -21.55 17.94
C VAL J 447 -68.20 -20.04 17.63
N ALA J 448 -68.79 -19.61 16.53
CA ALA J 448 -68.77 -18.20 16.09
C ALA J 448 -69.30 -17.11 17.07
N TYR J 449 -70.06 -17.54 18.08
CA TYR J 449 -70.51 -16.69 19.19
C TYR J 449 -69.63 -16.82 20.45
N HIS J 450 -68.53 -17.52 20.34
CA HIS J 450 -67.45 -17.39 21.31
C HIS J 450 -66.22 -16.87 20.58
N SER J 451 -65.10 -16.75 21.29
CA SER J 451 -63.87 -16.28 20.68
C SER J 451 -62.73 -17.32 20.72
N PHE J 452 -61.87 -17.20 19.71
CA PHE J 452 -60.82 -18.17 19.41
C PHE J 452 -59.56 -17.47 19.77
N GLY J 453 -58.71 -18.18 20.50
CA GLY J 453 -57.43 -17.66 20.94
C GLY J 453 -56.66 -18.55 21.90
N GLY J 454 -55.37 -18.71 21.59
CA GLY J 454 -54.46 -19.52 22.37
C GLY J 454 -53.78 -18.76 23.48
N TRP J 455 -53.09 -19.51 24.32
CA TRP J 455 -52.28 -18.97 25.40
C TRP J 455 -50.78 -19.09 25.11
N LYS J 456 -50.02 -18.36 25.92
CA LYS J 456 -48.57 -18.30 25.84
C LYS J 456 -48.19 -17.77 24.44
N ARG J 457 -47.32 -18.50 23.73
CA ARG J 457 -46.79 -18.09 22.42
C ARG J 457 -47.72 -18.32 21.22
N SER J 458 -48.87 -18.96 21.45
CA SER J 458 -49.84 -19.16 20.39
C SER J 458 -50.62 -17.85 20.10
N LEU J 459 -50.59 -16.89 21.01
CA LEU J 459 -51.25 -15.57 20.78
C LEU J 459 -50.44 -14.41 21.33
N PHE J 460 -50.54 -13.26 20.65
CA PHE J 460 -50.00 -11.99 21.13
C PHE J 460 -51.09 -10.92 21.24
N GLY J 461 -51.33 -10.43 22.44
CA GLY J 461 -52.42 -9.47 22.69
C GLY J 461 -53.39 -9.97 23.73
N ASP J 462 -54.48 -9.22 23.90
CA ASP J 462 -55.45 -9.47 24.97
C ASP J 462 -56.95 -9.56 24.51
N LEU J 463 -57.22 -9.47 23.21
CA LEU J 463 -58.53 -9.69 22.67
C LEU J 463 -58.40 -10.73 21.59
N HIS J 464 -59.15 -11.82 21.72
CA HIS J 464 -59.00 -13.00 20.89
C HIS J 464 -59.79 -12.84 19.59
N ALA J 465 -59.76 -13.88 18.76
CA ALA J 465 -60.30 -13.82 17.41
C ALA J 465 -61.80 -14.04 17.34
N TYR J 466 -62.44 -13.23 16.49
CA TYR J 466 -63.89 -13.26 16.24
C TYR J 466 -64.69 -13.25 17.53
N GLY J 467 -66.01 -13.42 17.44
CA GLY J 467 -66.84 -13.52 18.62
C GLY J 467 -66.99 -12.22 19.39
N PRO J 468 -67.18 -12.31 20.72
CA PRO J 468 -67.35 -11.09 21.51
C PRO J 468 -66.12 -10.24 21.54
N ASP J 469 -64.97 -10.88 21.46
CA ASP J 469 -63.71 -10.18 21.57
C ASP J 469 -63.47 -9.36 20.34
N ALA J 470 -63.86 -9.87 19.19
CA ALA J 470 -63.73 -9.11 17.96
C ALA J 470 -64.53 -7.84 17.97
N VAL J 471 -65.69 -7.86 18.63
CA VAL J 471 -66.51 -6.65 18.78
C VAL J 471 -65.67 -5.60 19.51
N ARG J 472 -64.97 -6.02 20.55
CA ARG J 472 -64.17 -5.10 21.36
C ARG J 472 -62.90 -4.72 20.67
N PHE J 473 -62.36 -5.63 19.89
CA PHE J 473 -61.15 -5.34 19.13
C PHE J 473 -61.40 -4.39 17.94
N TYR J 474 -62.55 -4.52 17.27
CA TYR J 474 -62.86 -3.69 16.10
C TYR J 474 -63.62 -2.44 16.50
N THR J 475 -63.67 -2.13 17.78
CA THR J 475 -64.28 -0.88 18.22
C THR J 475 -63.39 -0.23 19.25
N LYS J 476 -63.72 1.01 19.60
CA LYS J 476 -63.06 1.72 20.72
C LYS J 476 -64.08 2.34 21.69
N ARG J 477 -63.70 2.35 22.97
CA ARG J 477 -64.61 2.78 24.04
C ARG J 477 -64.63 4.29 24.07
N LYS J 478 -65.82 4.85 24.04
CA LYS J 478 -66.01 6.25 24.38
C LYS J 478 -66.91 6.22 25.61
N THR J 479 -66.70 7.18 26.50
CA THR J 479 -67.56 7.30 27.67
C THR J 479 -68.04 8.71 27.74
N VAL J 480 -69.35 8.89 27.65
CA VAL J 480 -69.98 10.22 27.74
C VAL J 480 -70.51 10.43 29.14
N THR J 481 -70.37 11.65 29.64
CA THR J 481 -70.97 12.04 30.93
C THR J 481 -71.75 13.35 30.72
N GLN J 482 -73.05 13.30 30.98
CA GLN J 482 -74.01 14.32 30.56
C GLN J 482 -74.59 14.98 31.78
N ARG J 483 -74.73 16.29 31.71
CA ARG J 483 -75.38 17.08 32.75
C ARG J 483 -76.04 18.28 32.10
N TRP J 484 -77.16 18.73 32.65
CA TRP J 484 -77.91 19.87 32.12
C TRP J 484 -78.27 20.84 33.24
N PRO J 485 -77.38 21.79 33.53
CA PRO J 485 -77.56 22.67 34.68
C PRO J 485 -78.54 23.82 34.49
N SER J 486 -78.68 24.28 33.27
CA SER J 486 -79.51 25.43 32.92
C SER J 486 -80.95 24.99 32.59
N ALA J 487 -81.79 24.99 33.62
CA ALA J 487 -83.20 24.58 33.53
C ALA J 487 -84.14 25.80 33.31
N GLY J 488 -83.86 26.58 32.26
CA GLY J 488 -84.64 27.77 31.90
C GLY J 488 -85.91 27.48 31.11
N VAL J 489 -85.86 26.48 30.23
CA VAL J 489 -87.01 26.07 29.41
C VAL J 489 -88.10 25.44 30.29
N ARG J 490 -87.68 24.68 31.30
CA ARG J 490 -88.56 24.24 32.40
C ARG J 490 -89.07 25.45 33.24
N GLU J 491 -90.24 25.94 32.88
CA GLU J 491 -90.81 27.15 33.45
C GLU J 491 -92.34 27.12 33.28
N MET K 4 -32.04 11.65 56.32
CA MET K 4 -31.82 10.28 55.79
C MET K 4 -32.84 9.25 56.31
N THR K 5 -34.10 9.67 56.52
CA THR K 5 -35.18 8.71 56.79
C THR K 5 -35.40 8.11 55.41
N THR K 6 -35.23 6.80 55.33
CA THR K 6 -35.27 6.04 54.09
C THR K 6 -36.54 5.21 53.98
N ILE K 7 -37.35 5.54 52.97
CA ILE K 7 -38.50 4.73 52.59
C ILE K 7 -38.07 3.49 51.80
N GLY K 8 -38.57 2.34 52.21
CA GLY K 8 -38.23 1.07 51.55
C GLY K 8 -39.25 0.54 50.55
N HIS K 9 -39.37 -0.78 50.57
CA HIS K 9 -40.19 -1.52 49.62
C HIS K 9 -41.06 -2.46 50.39
N LEU K 10 -42.24 -2.77 49.84
CA LEU K 10 -43.08 -3.80 50.40
C LEU K 10 -42.90 -5.08 49.56
N ILE K 11 -42.33 -6.12 50.18
CA ILE K 11 -42.09 -7.39 49.51
C ILE K 11 -42.45 -8.54 50.44
N ASN K 12 -43.25 -9.48 49.94
CA ASN K 12 -43.79 -10.56 50.77
C ASN K 12 -44.21 -10.11 52.19
N GLY K 13 -45.02 -9.06 52.26
CA GLY K 13 -45.56 -8.57 53.54
C GLY K 13 -44.54 -8.09 54.55
N GLN K 14 -43.52 -7.37 54.08
CA GLN K 14 -42.45 -6.87 54.94
C GLN K 14 -41.73 -5.71 54.32
N LEU K 15 -41.37 -4.74 55.15
CA LEU K 15 -40.59 -3.60 54.70
C LEU K 15 -39.15 -4.01 54.59
N VAL K 16 -38.58 -3.79 53.41
CA VAL K 16 -37.16 -4.04 53.15
C VAL K 16 -36.52 -2.91 52.37
N THR K 17 -35.21 -2.83 52.51
CA THR K 17 -34.46 -1.77 51.91
C THR K 17 -33.15 -2.38 51.43
N GLU K 18 -32.77 -2.04 50.20
CA GLU K 18 -31.59 -2.58 49.51
C GLU K 18 -30.34 -1.82 49.93
N ASN K 19 -30.46 -0.48 49.93
CA ASN K 19 -29.42 0.43 50.39
C ASN K 19 -28.22 0.51 49.45
N THR K 20 -28.48 0.52 48.17
CA THR K 20 -27.40 0.63 47.21
C THR K 20 -27.56 1.83 46.34
N ARG K 21 -28.47 2.72 46.69
CA ARG K 21 -28.84 3.84 45.82
C ARG K 21 -30.06 4.46 46.49
N SER K 22 -30.15 5.78 46.47
CA SER K 22 -31.30 6.49 47.06
C SER K 22 -31.57 7.88 46.48
N GLN K 23 -32.83 8.26 46.42
CA GLN K 23 -33.24 9.54 45.82
C GLN K 23 -33.94 10.48 46.81
N ASN K 24 -33.77 11.77 46.59
CA ASN K 24 -34.44 12.77 47.43
C ASN K 24 -35.90 12.86 47.09
N VAL K 25 -36.74 12.85 48.13
CA VAL K 25 -38.14 13.23 47.98
C VAL K 25 -38.25 14.57 48.68
N PHE K 26 -38.98 15.47 48.05
CA PHE K 26 -39.03 16.86 48.46
C PHE K 26 -40.35 17.21 49.11
N ASN K 27 -40.33 18.27 49.90
CA ASN K 27 -41.55 18.99 50.24
C ASN K 27 -41.71 20.15 49.25
N PRO K 28 -42.48 19.96 48.16
CA PRO K 28 -42.52 20.96 47.11
C PRO K 28 -42.97 22.35 47.56
N ALA K 29 -43.62 22.42 48.73
CA ALA K 29 -44.05 23.71 49.27
C ALA K 29 -42.86 24.50 49.79
N THR K 30 -41.99 23.84 50.54
CA THR K 30 -40.81 24.49 51.09
C THR K 30 -39.60 24.37 50.16
N GLY K 31 -39.57 23.34 49.33
CA GLY K 31 -38.41 23.06 48.48
C GLY K 31 -37.28 22.27 49.16
N GLU K 32 -37.50 21.91 50.43
CA GLU K 32 -36.48 21.19 51.19
C GLU K 32 -36.64 19.69 50.95
N ILE K 33 -35.59 18.96 51.30
CA ILE K 33 -35.59 17.51 51.22
C ILE K 33 -36.26 16.97 52.48
N GLY K 34 -37.37 16.24 52.28
CA GLY K 34 -38.12 15.62 53.35
C GLY K 34 -37.63 14.24 53.77
N LYS K 35 -37.25 13.43 52.79
CA LYS K 35 -36.92 12.01 53.04
C LYS K 35 -36.02 11.50 51.91
N GLN K 36 -35.42 10.33 52.12
CA GLN K 36 -34.70 9.59 51.09
C GLN K 36 -35.55 8.40 50.65
N LEU K 37 -35.51 8.09 49.35
CA LEU K 37 -36.19 6.92 48.79
C LEU K 37 -35.19 5.89 48.25
N ASP K 38 -35.15 4.72 48.86
CA ASP K 38 -34.32 3.62 48.36
C ASP K 38 -34.79 3.14 47.01
N LEU K 39 -33.86 3.03 46.06
CA LEU K 39 -34.16 2.57 44.70
C LEU K 39 -33.75 1.13 44.55
N ALA K 40 -34.71 0.33 44.12
CA ALA K 40 -34.51 -1.10 43.98
C ALA K 40 -33.81 -1.35 42.66
N SER K 41 -32.84 -2.26 42.68
CA SER K 41 -32.14 -2.72 41.52
C SER K 41 -32.88 -3.93 40.96
N THR K 42 -32.40 -4.46 39.83
CA THR K 42 -33.10 -5.58 39.18
C THR K 42 -33.18 -6.80 40.14
N LYS K 43 -32.21 -6.97 41.02
CA LYS K 43 -32.28 -8.05 42.01
C LYS K 43 -33.46 -7.91 42.96
N THR K 44 -33.67 -6.70 43.47
CA THR K 44 -34.71 -6.41 44.47
C THR K 44 -36.12 -6.55 43.86
N VAL K 45 -36.26 -6.20 42.58
CA VAL K 45 -37.50 -6.37 41.83
C VAL K 45 -37.77 -7.85 41.58
N GLU K 46 -36.74 -8.64 41.35
CA GLU K 46 -36.89 -10.08 41.13
C GLU K 46 -37.33 -10.76 42.40
N GLN K 47 -36.87 -10.24 43.53
CA GLN K 47 -37.35 -10.74 44.82
C GLN K 47 -38.83 -10.49 44.98
N ALA K 48 -39.27 -9.28 44.62
CA ALA K 48 -40.67 -8.96 44.60
C ALA K 48 -41.46 -9.90 43.69
N ILE K 49 -41.01 -10.06 42.44
CA ILE K 49 -41.67 -10.94 41.45
C ILE K 49 -41.71 -12.40 41.91
N SER K 50 -40.64 -12.86 42.55
CA SER K 50 -40.61 -14.21 43.15
C SER K 50 -41.61 -14.39 44.28
N ALA K 51 -41.84 -13.33 45.06
CA ALA K 51 -42.77 -13.42 46.18
C ALA K 51 -44.21 -13.53 45.66
N ALA K 52 -44.48 -12.80 44.58
CA ALA K 52 -45.77 -12.77 43.90
C ALA K 52 -46.06 -14.09 43.20
N GLN K 53 -45.07 -14.59 42.46
CA GLN K 53 -45.20 -15.88 41.78
C GLN K 53 -45.43 -16.98 42.81
N HIS K 54 -44.75 -16.90 43.94
CA HIS K 54 -44.89 -17.91 44.98
C HIS K 54 -46.29 -17.89 45.62
N ALA K 55 -46.87 -16.70 45.79
CA ALA K 55 -48.18 -16.58 46.40
C ALA K 55 -49.31 -16.84 45.42
N PHE K 56 -49.01 -16.85 44.13
CA PHE K 56 -50.05 -16.93 43.11
C PHE K 56 -50.88 -18.22 43.14
N PRO K 57 -50.23 -19.39 43.10
CA PRO K 57 -51.05 -20.58 42.90
C PRO K 57 -52.27 -20.70 43.82
N THR K 58 -52.08 -20.51 45.13
CA THR K 58 -53.18 -20.57 46.10
C THR K 58 -54.12 -19.37 46.00
N TRP K 59 -53.60 -18.20 45.68
CA TRP K 59 -54.45 -17.02 45.44
C TRP K 59 -55.32 -17.19 44.18
N ARG K 60 -54.78 -17.81 43.15
CA ARG K 60 -55.53 -18.15 41.94
C ARG K 60 -56.75 -19.07 42.19
N ASN K 61 -56.67 -19.94 43.18
CA ASN K 61 -57.75 -20.88 43.52
C ASN K 61 -58.57 -20.45 44.72
N THR K 62 -58.29 -19.25 45.23
CA THR K 62 -59.13 -18.65 46.25
C THR K 62 -60.44 -18.21 45.57
N PRO K 63 -61.56 -18.59 46.15
CA PRO K 63 -62.82 -18.14 45.61
C PRO K 63 -62.93 -16.63 45.50
N PRO K 64 -63.48 -16.12 44.40
CA PRO K 64 -63.72 -14.69 44.23
C PRO K 64 -64.41 -14.02 45.42
N LEU K 65 -65.39 -14.69 45.99
CA LEU K 65 -66.04 -14.16 47.17
C LEU K 65 -65.01 -13.76 48.23
N LYS K 66 -64.15 -14.72 48.56
CA LYS K 66 -63.15 -14.53 49.58
C LYS K 66 -62.14 -13.46 49.17
N ARG K 67 -61.71 -13.50 47.92
CA ARG K 67 -60.78 -12.48 47.43
C ARG K 67 -61.40 -11.11 47.60
N ALA K 68 -62.70 -10.99 47.29
CA ALA K 68 -63.39 -9.71 47.38
C ALA K 68 -63.52 -9.21 48.82
N ARG K 69 -63.63 -10.13 49.78
CA ARG K 69 -63.83 -9.73 51.18
C ARG K 69 -62.60 -8.93 51.69
N VAL K 70 -61.45 -9.22 51.11
CA VAL K 70 -60.25 -8.42 51.38
C VAL K 70 -60.45 -6.95 51.02
N MET K 71 -61.09 -6.71 49.87
CA MET K 71 -61.39 -5.37 49.36
C MET K 71 -62.53 -4.69 50.14
N PHE K 72 -63.46 -5.48 50.66
CA PHE K 72 -64.44 -4.94 51.61
C PHE K 72 -63.73 -4.41 52.86
N ARG K 73 -62.75 -5.14 53.38
CA ARG K 73 -62.04 -4.70 54.58
C ARG K 73 -61.09 -3.58 54.26
N PHE K 74 -60.54 -3.62 53.06
CA PHE K 74 -59.64 -2.57 52.57
C PHE K 74 -60.31 -1.21 52.44
N LYS K 75 -61.54 -1.20 51.96
CA LYS K 75 -62.35 -0.01 51.86
C LYS K 75 -62.46 0.71 53.22
N GLU K 76 -62.70 -0.07 54.28
CA GLU K 76 -62.83 0.49 55.63
C GLU K 76 -61.52 1.14 56.06
N LEU K 77 -60.43 0.43 55.87
CA LEU K 77 -59.14 0.94 56.31
C LEU K 77 -58.77 2.27 55.62
N LEU K 78 -59.10 2.37 54.34
CA LEU K 78 -58.82 3.54 53.56
C LEU K 78 -59.59 4.74 54.08
N GLU K 79 -60.84 4.53 54.45
CA GLU K 79 -61.70 5.57 55.05
C GLU K 79 -61.25 5.98 56.45
N GLN K 80 -60.86 4.97 57.24
CA GLN K 80 -60.41 5.18 58.62
C GLN K 80 -59.09 5.89 58.72
N HIS K 81 -58.18 5.59 57.80
CA HIS K 81 -56.89 6.25 57.73
C HIS K 81 -56.84 7.41 56.74
N ALA K 82 -57.99 8.03 56.44
CA ALA K 82 -58.05 8.98 55.35
C ALA K 82 -57.24 10.24 55.66
N ASP K 83 -57.24 10.67 56.92
CA ASP K 83 -56.49 11.86 57.32
C ASP K 83 -54.99 11.72 57.13
N GLU K 84 -54.49 10.53 57.42
CA GLU K 84 -53.05 10.22 57.34
C GLU K 84 -52.62 10.16 55.89
N ILE K 85 -53.43 9.50 55.07
CA ILE K 85 -53.20 9.34 53.66
C ILE K 85 -53.16 10.70 52.99
N CYS K 86 -54.15 11.55 53.28
CA CYS K 86 -54.22 12.90 52.68
C CYS K 86 -53.06 13.76 53.15
N ARG K 87 -52.56 13.51 54.36
CA ARG K 87 -51.33 14.17 54.82
C ARG K 87 -50.09 13.77 54.02
N LEU K 88 -49.89 12.46 53.89
CA LEU K 88 -48.81 11.89 53.09
C LEU K 88 -48.81 12.37 51.61
N ILE K 89 -50.00 12.50 51.02
CA ILE K 89 -50.16 13.04 49.66
C ILE K 89 -49.77 14.49 49.69
N GLY K 90 -50.27 15.21 50.70
CA GLY K 90 -49.99 16.64 50.86
C GLY K 90 -48.52 16.93 51.04
N GLU K 91 -47.83 16.11 51.82
CA GLU K 91 -46.42 16.35 52.19
C GLU K 91 -45.45 16.26 51.00
N GLU K 92 -45.76 15.39 50.01
CA GLU K 92 -44.87 15.08 48.90
C GLU K 92 -45.35 15.63 47.55
N HIS K 93 -46.61 15.39 47.21
CA HIS K 93 -47.18 16.01 46.00
C HIS K 93 -47.42 17.51 46.20
N GLY K 94 -47.92 17.86 47.38
CA GLY K 94 -48.21 19.24 47.73
C GLY K 94 -49.68 19.64 47.70
N LYS K 95 -50.54 18.76 47.19
CA LYS K 95 -51.95 19.07 47.01
C LYS K 95 -52.66 19.21 48.36
N ILE K 96 -53.65 20.10 48.39
CA ILE K 96 -54.27 20.49 49.66
C ILE K 96 -55.39 19.49 49.93
N ALA K 97 -55.77 19.40 51.20
CA ALA K 97 -56.69 18.39 51.74
C ALA K 97 -57.83 17.99 50.80
N HIS K 98 -58.59 18.97 50.33
CA HIS K 98 -59.75 18.68 49.50
C HIS K 98 -59.38 17.91 48.22
N ASP K 99 -58.29 18.28 47.57
CA ASP K 99 -57.84 17.54 46.39
C ASP K 99 -57.40 16.14 46.76
N ALA K 100 -56.67 16.02 47.86
CA ALA K 100 -56.22 14.71 48.30
C ALA K 100 -57.37 13.78 48.71
N MET K 101 -58.35 14.29 49.46
CA MET K 101 -59.59 13.56 49.76
C MET K 101 -60.33 13.14 48.50
N GLY K 102 -60.51 14.07 47.57
CA GLY K 102 -61.15 13.76 46.30
C GLY K 102 -60.50 12.57 45.61
N GLU K 103 -59.16 12.56 45.60
CA GLU K 103 -58.36 11.51 45.00
C GLU K 103 -58.59 10.20 45.72
N LEU K 104 -58.44 10.24 47.04
CA LEU K 104 -58.70 9.08 47.89
C LEU K 104 -60.10 8.53 47.72
N GLN K 105 -61.08 9.41 47.53
CA GLN K 105 -62.48 9.02 47.40
C GLN K 105 -62.68 8.21 46.11
N ARG K 106 -62.18 8.75 45.00
CA ARG K 106 -62.24 8.06 43.71
C ARG K 106 -61.45 6.74 43.73
N GLY K 107 -60.38 6.70 44.50
CA GLY K 107 -59.65 5.46 44.67
C GLY K 107 -60.47 4.42 45.43
N ILE K 108 -61.20 4.87 46.44
CA ILE K 108 -62.06 3.97 47.20
C ILE K 108 -63.14 3.44 46.26
N GLU K 109 -63.65 4.28 45.38
CA GLU K 109 -64.65 3.85 44.39
C GLU K 109 -64.17 2.65 43.58
N ASN K 110 -62.90 2.67 43.20
CA ASN K 110 -62.29 1.55 42.46
C ASN K 110 -62.26 0.29 43.31
N VAL K 111 -62.13 0.48 44.62
CA VAL K 111 -62.12 -0.61 45.58
C VAL K 111 -63.53 -1.19 45.69
N GLU K 112 -64.48 -0.27 45.82
CA GLU K 112 -65.90 -0.62 45.89
C GLU K 112 -66.32 -1.48 44.70
N TYR K 113 -65.87 -1.10 43.50
CA TYR K 113 -66.19 -1.85 42.30
C TYR K 113 -65.60 -3.25 42.38
N ALA K 114 -64.42 -3.35 42.97
CA ALA K 114 -63.74 -4.61 43.03
C ALA K 114 -64.36 -5.57 44.04
N CYS K 115 -65.16 -5.02 44.95
CA CYS K 115 -65.84 -5.83 45.95
C CYS K 115 -66.88 -6.76 45.30
N GLY K 116 -67.36 -6.36 44.12
CA GLY K 116 -68.29 -7.20 43.34
C GLY K 116 -67.62 -8.04 42.28
N ALA K 117 -66.44 -8.58 42.59
CA ALA K 117 -65.66 -9.36 41.63
C ALA K 117 -66.40 -10.57 41.05
N PRO K 118 -67.14 -11.31 41.90
CA PRO K 118 -67.83 -12.51 41.38
C PRO K 118 -68.79 -12.24 40.25
N GLU K 119 -69.52 -11.13 40.34
CA GLU K 119 -70.37 -10.68 39.23
C GLU K 119 -69.53 -10.41 38.00
N LEU K 120 -68.43 -9.70 38.19
CA LEU K 120 -67.60 -9.23 37.05
C LEU K 120 -66.84 -10.36 36.34
N LEU K 121 -66.51 -11.40 37.11
CA LEU K 121 -65.84 -12.60 36.60
C LEU K 121 -66.77 -13.64 35.98
N LYS K 122 -68.06 -13.33 35.82
CA LYS K 122 -68.96 -14.29 35.20
C LYS K 122 -68.50 -14.51 33.77
N GLY K 123 -68.39 -15.79 33.41
CA GLY K 123 -68.19 -16.25 32.05
C GLY K 123 -69.51 -16.52 31.36
N GLU K 124 -69.48 -16.89 30.09
CA GLU K 124 -70.68 -17.13 29.32
C GLU K 124 -70.82 -18.64 29.06
N HIS K 125 -72.00 -19.19 29.39
CA HIS K 125 -72.27 -20.63 29.26
C HIS K 125 -73.24 -20.85 28.14
N SER K 126 -72.88 -21.71 27.19
CA SER K 126 -73.72 -22.01 26.03
C SER K 126 -74.20 -23.45 26.11
N ARG K 127 -75.51 -23.67 26.07
CA ARG K 127 -76.04 -25.02 26.01
C ARG K 127 -76.10 -25.48 24.55
N ASN K 128 -75.72 -26.75 24.30
CA ASN K 128 -75.95 -27.41 23.01
C ASN K 128 -75.43 -26.60 21.86
N VAL K 129 -74.15 -26.28 21.92
CA VAL K 129 -73.48 -25.68 20.75
C VAL K 129 -73.50 -26.64 19.59
N GLY K 130 -73.39 -27.92 19.93
CA GLY K 130 -73.79 -29.02 19.06
C GLY K 130 -74.57 -30.03 19.86
N PRO K 131 -75.16 -31.05 19.19
CA PRO K 131 -76.06 -31.96 19.91
C PRO K 131 -75.36 -32.62 21.11
N GLY K 132 -75.82 -32.27 22.31
CA GLY K 132 -75.28 -32.82 23.54
C GLY K 132 -73.89 -32.29 23.89
N ILE K 133 -73.57 -31.11 23.37
CA ILE K 133 -72.24 -30.56 23.55
C ILE K 133 -72.38 -29.18 24.09
N ASP K 134 -71.78 -28.94 25.25
CA ASP K 134 -71.85 -27.67 25.93
C ASP K 134 -70.49 -26.97 25.81
N SER K 135 -70.49 -25.64 25.89
CA SER K 135 -69.28 -24.83 25.84
C SER K 135 -69.43 -23.58 26.67
N TRP K 136 -68.35 -23.19 27.34
CA TRP K 136 -68.36 -22.01 28.17
C TRP K 136 -67.00 -21.33 28.28
N SER K 137 -67.03 -20.05 28.58
CA SER K 137 -65.84 -19.23 28.72
C SER K 137 -65.51 -19.00 30.19
N GLU K 138 -64.22 -18.97 30.49
CA GLU K 138 -63.74 -18.61 31.83
C GLU K 138 -62.68 -17.53 31.69
N PHE K 139 -62.80 -16.45 32.45
CA PHE K 139 -61.73 -15.44 32.52
C PHE K 139 -60.76 -15.70 33.68
N GLN K 140 -59.74 -16.51 33.43
CA GLN K 140 -58.85 -16.94 34.50
C GLN K 140 -57.71 -15.94 34.75
N PRO K 141 -57.08 -15.99 35.93
CA PRO K 141 -55.98 -15.06 36.23
C PRO K 141 -54.74 -15.19 35.32
N MET K 142 -54.10 -14.05 35.09
CA MET K 142 -52.89 -13.96 34.30
C MET K 142 -51.69 -14.56 35.02
N GLY K 143 -51.53 -14.18 36.28
CA GLY K 143 -50.40 -14.59 37.09
C GLY K 143 -49.88 -13.39 37.85
N VAL K 144 -48.62 -13.02 37.58
CA VAL K 144 -47.99 -11.84 38.17
C VAL K 144 -48.13 -10.67 37.23
N VAL K 145 -48.66 -9.58 37.77
CA VAL K 145 -49.02 -8.41 37.01
C VAL K 145 -48.18 -7.22 37.47
N ALA K 146 -47.92 -6.29 36.55
CA ALA K 146 -47.06 -5.16 36.84
C ALA K 146 -47.77 -3.82 36.66
N GLY K 147 -47.61 -2.95 37.66
CA GLY K 147 -48.24 -1.65 37.66
C GLY K 147 -47.21 -0.55 37.80
N ILE K 148 -47.33 0.46 36.94
CA ILE K 148 -46.42 1.60 36.91
C ILE K 148 -47.24 2.87 36.84
N THR K 149 -47.09 3.72 37.87
CA THR K 149 -48.04 4.81 38.16
C THR K 149 -47.34 6.14 38.31
N PRO K 150 -48.05 7.23 37.98
CA PRO K 150 -47.46 8.57 37.92
C PRO K 150 -47.50 9.35 39.24
N PHE K 151 -46.94 10.55 39.24
CA PHE K 151 -46.77 11.33 40.47
C PHE K 151 -47.98 12.12 40.81
N ASN K 152 -48.82 12.44 39.82
CA ASN K 152 -50.01 13.29 40.06
C ASN K 152 -51.09 12.64 40.92
N PHE K 153 -51.16 11.32 40.91
CA PHE K 153 -52.16 10.59 41.67
C PHE K 153 -51.50 9.36 42.32
N PRO K 154 -50.71 9.59 43.38
CA PRO K 154 -50.01 8.49 44.02
C PRO K 154 -50.94 7.52 44.70
N VAL K 155 -52.19 7.91 44.96
CA VAL K 155 -53.16 7.02 45.58
C VAL K 155 -54.13 6.49 44.52
N MET K 156 -54.78 7.37 43.76
CA MET K 156 -55.88 6.94 42.93
C MET K 156 -55.47 5.93 41.85
N VAL K 157 -54.42 6.30 41.11
CA VAL K 157 -54.03 5.54 39.93
C VAL K 157 -53.55 4.16 40.34
N PRO K 158 -52.76 4.07 41.41
CA PRO K 158 -52.51 2.74 41.92
C PRO K 158 -53.78 1.94 42.24
N LEU K 159 -54.82 2.59 42.76
CA LEU K 159 -56.09 1.89 43.08
C LEU K 159 -56.91 1.61 41.81
N TRP K 160 -56.54 2.22 40.69
CA TRP K 160 -57.06 1.85 39.38
C TRP K 160 -56.68 0.41 39.02
N MET K 161 -55.52 -0.02 39.52
CA MET K 161 -54.86 -1.23 39.07
C MET K 161 -54.96 -2.41 40.03
N PHE K 162 -54.20 -2.37 41.12
CA PHE K 162 -54.06 -3.56 41.96
C PHE K 162 -55.33 -4.07 42.67
N PRO K 163 -56.26 -3.17 43.05
CA PRO K 163 -57.52 -3.69 43.59
C PRO K 163 -58.20 -4.66 42.63
N MET K 164 -58.41 -4.25 41.38
CA MET K 164 -59.08 -5.12 40.42
C MET K 164 -58.21 -6.31 40.06
N ALA K 165 -56.95 -6.03 39.79
CA ALA K 165 -55.98 -7.07 39.45
C ALA K 165 -55.96 -8.15 40.51
N ILE K 166 -55.83 -7.76 41.78
CA ILE K 166 -55.77 -8.74 42.87
C ILE K 166 -57.07 -9.54 43.01
N VAL K 167 -58.20 -8.85 42.96
CA VAL K 167 -59.48 -9.51 43.10
C VAL K 167 -59.75 -10.48 41.91
N CYS K 168 -59.23 -10.15 40.73
CA CYS K 168 -59.29 -11.12 39.63
C CYS K 168 -58.32 -12.32 39.76
N GLY K 169 -57.64 -12.42 40.90
CA GLY K 169 -56.84 -13.61 41.23
C GLY K 169 -55.36 -13.53 40.83
N ASN K 170 -54.88 -12.34 40.50
CA ASN K 170 -53.48 -12.13 40.17
C ASN K 170 -52.67 -11.69 41.37
N CYS K 171 -51.36 -11.71 41.20
CA CYS K 171 -50.46 -11.08 42.17
C CYS K 171 -49.80 -9.91 41.47
N PHE K 172 -49.47 -8.89 42.24
CA PHE K 172 -49.16 -7.60 41.70
C PHE K 172 -47.83 -7.12 42.20
N VAL K 173 -47.12 -6.36 41.36
CA VAL K 173 -45.92 -5.67 41.75
C VAL K 173 -46.08 -4.24 41.25
N LEU K 174 -46.22 -3.29 42.18
CA LEU K 174 -46.42 -1.87 41.82
C LEU K 174 -45.09 -1.18 41.83
N LYS K 175 -44.88 -0.28 40.88
CA LYS K 175 -43.67 0.55 40.85
C LYS K 175 -44.07 1.98 40.69
N PRO K 176 -44.28 2.67 41.82
CA PRO K 176 -44.88 3.98 41.79
C PRO K 176 -43.87 5.09 41.69
N SER K 177 -44.35 6.27 41.31
CA SER K 177 -43.53 7.47 41.19
C SER K 177 -42.63 7.68 42.39
N GLU K 178 -41.36 7.85 42.10
CA GLU K 178 -40.32 8.14 43.07
C GLU K 178 -40.43 9.55 43.63
N ARG K 179 -41.26 10.40 43.03
CA ARG K 179 -41.45 11.74 43.53
C ARG K 179 -42.40 11.86 44.75
N ASP K 180 -43.33 10.93 44.92
CA ASP K 180 -44.23 10.91 46.07
C ASP K 180 -44.69 9.48 46.40
N PRO K 181 -43.80 8.67 46.98
CA PRO K 181 -44.05 7.24 47.24
C PRO K 181 -44.62 6.88 48.59
N SER K 182 -44.72 7.84 49.50
CA SER K 182 -45.06 7.56 50.91
C SER K 182 -46.51 7.22 51.08
N SER K 183 -47.36 7.98 50.38
CA SER K 183 -48.78 7.74 50.41
C SER K 183 -49.06 6.38 49.83
N THR K 184 -48.45 6.13 48.69
CA THR K 184 -48.65 4.92 47.90
C THR K 184 -48.25 3.67 48.65
N LEU K 185 -47.12 3.72 49.33
CA LEU K 185 -46.70 2.59 50.14
C LEU K 185 -47.62 2.33 51.31
N TYR K 186 -48.14 3.41 51.89
CA TYR K 186 -48.93 3.36 53.12
C TYR K 186 -50.22 2.59 52.93
N ILE K 187 -50.93 2.91 51.85
CA ILE K 187 -52.14 2.21 51.48
C ILE K 187 -51.88 0.75 51.20
N ALA K 188 -50.71 0.47 50.63
CA ALA K 188 -50.32 -0.91 50.35
C ALA K 188 -50.14 -1.73 51.62
N GLN K 189 -49.64 -1.08 52.66
CA GLN K 189 -49.43 -1.76 53.94
C GLN K 189 -50.70 -2.03 54.72
N LEU K 190 -51.73 -1.23 54.49
CA LEU K 190 -53.07 -1.50 55.03
C LEU K 190 -53.62 -2.81 54.47
N LEU K 191 -53.22 -3.13 53.25
CA LEU K 191 -53.71 -4.30 52.55
C LEU K 191 -53.45 -5.61 53.27
N GLN K 192 -52.32 -5.71 53.98
CA GLN K 192 -52.05 -6.86 54.85
C GLN K 192 -53.01 -6.95 56.07
N GLU K 193 -53.31 -5.80 56.69
CA GLU K 193 -54.34 -5.72 57.78
C GLU K 193 -55.73 -6.14 57.32
N ALA K 194 -56.02 -5.96 56.02
CA ALA K 194 -57.31 -6.35 55.45
C ALA K 194 -57.39 -7.86 55.22
N GLY K 195 -56.31 -8.56 55.53
CA GLY K 195 -56.27 -9.99 55.43
C GLY K 195 -55.74 -10.49 54.11
N LEU K 196 -54.95 -9.69 53.41
CA LEU K 196 -54.36 -10.13 52.14
C LEU K 196 -53.19 -11.04 52.45
N PRO K 197 -53.11 -12.19 51.79
CA PRO K 197 -51.93 -13.01 52.02
C PRO K 197 -50.62 -12.34 51.57
N ASP K 198 -49.54 -12.65 52.28
CA ASP K 198 -48.22 -12.09 51.98
C ASP K 198 -47.77 -12.44 50.58
N GLY K 199 -47.23 -11.44 49.89
CA GLY K 199 -46.69 -11.64 48.56
C GLY K 199 -47.66 -11.37 47.44
N VAL K 200 -48.98 -11.37 47.71
CA VAL K 200 -49.99 -11.08 46.68
C VAL K 200 -49.88 -9.62 46.15
N MET K 201 -49.67 -8.67 47.05
CA MET K 201 -49.34 -7.30 46.63
C MET K 201 -47.93 -6.93 47.10
N ASN K 202 -47.13 -6.37 46.19
CA ASN K 202 -45.81 -5.84 46.47
C ASN K 202 -45.62 -4.49 45.81
N VAL K 203 -44.92 -3.60 46.51
CA VAL K 203 -44.49 -2.32 45.97
C VAL K 203 -42.98 -2.32 45.92
N VAL K 204 -42.42 -2.00 44.76
CA VAL K 204 -40.99 -1.74 44.64
C VAL K 204 -40.81 -0.34 44.11
N ASN K 205 -39.98 0.41 44.80
CA ASN K 205 -39.68 1.79 44.44
C ASN K 205 -38.41 1.87 43.60
N GLY K 206 -38.34 2.87 42.76
CA GLY K 206 -37.23 2.98 41.85
C GLY K 206 -37.46 3.94 40.70
N ASP K 207 -36.61 3.75 39.70
CA ASP K 207 -36.60 4.56 38.49
C ASP K 207 -36.58 3.55 37.34
N LYS K 208 -36.15 3.99 36.15
CA LYS K 208 -36.21 3.14 34.93
C LYS K 208 -35.64 1.72 35.13
N GLU K 209 -34.66 1.55 36.01
CA GLU K 209 -34.07 0.23 36.27
C GLU K 209 -35.09 -0.76 36.81
N ALA K 210 -35.92 -0.32 37.74
CA ALA K 210 -37.02 -1.15 38.28
C ALA K 210 -38.04 -1.45 37.20
N VAL K 211 -38.43 -0.42 36.46
CA VAL K 211 -39.40 -0.55 35.39
C VAL K 211 -38.98 -1.59 34.36
N ASP K 212 -37.73 -1.46 33.88
CA ASP K 212 -37.16 -2.41 32.91
C ASP K 212 -37.08 -3.79 33.53
N ALA K 213 -36.69 -3.90 34.79
CA ALA K 213 -36.64 -5.24 35.37
C ALA K 213 -38.01 -5.98 35.21
N LEU K 214 -39.10 -5.26 35.52
CA LEU K 214 -40.48 -5.76 35.39
C LEU K 214 -40.87 -6.11 33.95
N LEU K 215 -40.49 -5.26 32.99
CA LEU K 215 -40.77 -5.50 31.57
C LEU K 215 -40.00 -6.69 30.99
N HIS K 216 -38.85 -7.04 31.56
CA HIS K 216 -38.00 -8.12 30.98
C HIS K 216 -38.09 -9.47 31.71
N ASP K 217 -38.70 -9.49 32.88
CA ASP K 217 -38.92 -10.74 33.58
C ASP K 217 -40.10 -11.50 32.94
N ASP K 218 -39.88 -12.78 32.63
CA ASP K 218 -40.91 -13.62 31.96
C ASP K 218 -42.10 -13.94 32.83
N ARG K 219 -41.93 -13.83 34.14
CA ARG K 219 -43.00 -14.09 35.07
C ARG K 219 -44.06 -12.98 35.18
N VAL K 220 -43.75 -11.81 34.62
CA VAL K 220 -44.69 -10.71 34.51
C VAL K 220 -45.42 -10.88 33.23
N LYS K 221 -46.72 -11.15 33.33
CA LYS K 221 -47.56 -11.48 32.18
C LYS K 221 -48.35 -10.30 31.65
N ALA K 222 -48.46 -9.24 32.43
CA ALA K 222 -49.23 -8.07 32.02
C ALA K 222 -48.66 -6.78 32.65
N VAL K 223 -48.82 -5.67 31.95
CA VAL K 223 -48.24 -4.39 32.40
C VAL K 223 -49.21 -3.21 32.24
N SER K 224 -49.69 -2.67 33.36
CA SER K 224 -50.47 -1.45 33.33
C SER K 224 -49.54 -0.25 33.57
N PHE K 225 -49.52 0.68 32.61
CA PHE K 225 -48.79 1.95 32.77
C PHE K 225 -49.71 3.16 32.65
N VAL K 226 -49.49 4.14 33.52
CA VAL K 226 -50.11 5.45 33.38
C VAL K 226 -49.04 6.51 33.60
N GLY K 227 -48.98 7.50 32.71
CA GLY K 227 -47.96 8.52 32.79
C GLY K 227 -47.98 9.40 31.56
N SER K 228 -46.80 9.74 31.05
CA SER K 228 -46.68 10.65 29.88
C SER K 228 -46.59 9.86 28.60
N THR K 229 -46.95 10.46 27.47
CA THR K 229 -46.96 9.77 26.18
C THR K 229 -45.63 9.22 25.71
N PRO K 230 -44.55 10.01 25.81
CA PRO K 230 -43.25 9.44 25.48
C PRO K 230 -42.95 8.12 26.21
N ILE K 231 -43.21 8.09 27.52
CA ILE K 231 -42.86 6.92 28.33
C ILE K 231 -43.87 5.79 28.11
N ALA K 232 -45.15 6.13 28.03
CA ALA K 232 -46.17 5.14 27.68
C ALA K 232 -45.71 4.35 26.44
N GLU K 233 -45.40 5.10 25.37
CA GLU K 233 -44.91 4.54 24.09
C GLU K 233 -43.73 3.56 24.27
N TYR K 234 -42.78 3.98 25.08
CA TYR K 234 -41.63 3.15 25.40
C TYR K 234 -42.06 1.87 26.11
N ILE K 235 -42.97 1.99 27.09
CA ILE K 235 -43.42 0.86 27.88
C ILE K 235 -44.21 -0.09 26.99
N TYR K 236 -45.10 0.46 26.16
CA TYR K 236 -45.92 -0.37 25.28
C TYR K 236 -45.04 -1.16 24.34
N ARG K 237 -44.14 -0.44 23.66
CA ARG K 237 -43.24 -1.02 22.67
C ARG K 237 -42.39 -2.14 23.26
N THR K 238 -41.76 -1.83 24.38
CA THR K 238 -40.89 -2.76 25.06
C THR K 238 -41.69 -3.98 25.42
N ALA K 239 -42.76 -3.79 26.18
CA ALA K 239 -43.61 -4.90 26.62
C ALA K 239 -44.07 -5.78 25.43
N SER K 240 -44.56 -5.10 24.38
CA SER K 240 -45.02 -5.80 23.20
C SER K 240 -43.99 -6.71 22.60
N ALA K 241 -42.76 -6.22 22.54
CA ALA K 241 -41.62 -7.01 22.07
C ALA K 241 -41.30 -8.20 22.96
N ASN K 242 -41.48 -8.08 24.27
CA ASN K 242 -41.29 -9.22 25.21
C ASN K 242 -42.49 -10.16 25.31
N GLY K 243 -43.52 -9.93 24.48
CA GLY K 243 -44.65 -10.85 24.29
C GLY K 243 -45.89 -10.57 25.16
N LYS K 244 -45.65 -10.12 26.38
CA LYS K 244 -46.70 -9.75 27.33
C LYS K 244 -47.63 -8.56 26.94
N ARG K 245 -48.89 -8.71 27.35
CA ARG K 245 -49.93 -7.73 27.11
C ARG K 245 -49.69 -6.48 27.91
N CYS K 246 -50.18 -5.37 27.37
CA CYS K 246 -49.93 -4.06 27.97
C CYS K 246 -51.03 -3.05 27.61
N GLN K 247 -51.25 -2.13 28.57
CA GLN K 247 -52.04 -0.93 28.39
C GLN K 247 -51.19 0.21 28.94
N ALA K 248 -51.14 1.31 28.19
CA ALA K 248 -50.26 2.42 28.56
C ALA K 248 -50.92 3.74 28.26
N LEU K 249 -51.28 4.44 29.34
CA LEU K 249 -52.03 5.67 29.24
C LEU K 249 -51.07 6.84 29.32
N GLY K 250 -51.32 7.84 28.49
CA GLY K 250 -50.35 8.89 28.22
C GLY K 250 -50.96 10.23 28.51
N GLY K 251 -50.46 11.26 27.85
CA GLY K 251 -50.86 12.61 28.17
C GLY K 251 -52.11 13.10 27.48
N ALA K 252 -52.33 14.40 27.63
CA ALA K 252 -53.55 15.06 27.25
C ALA K 252 -53.39 16.55 26.95
N LYS K 253 -54.30 17.06 26.11
CA LYS K 253 -54.57 18.50 25.97
C LYS K 253 -56.07 18.66 25.78
N ASN K 254 -56.77 18.84 26.89
CA ASN K 254 -58.22 18.71 26.90
C ASN K 254 -58.87 20.03 26.58
N HIS K 255 -59.81 20.00 25.65
CA HIS K 255 -60.46 21.19 25.15
C HIS K 255 -61.91 21.24 25.60
N ALA K 256 -62.40 22.47 25.83
CA ALA K 256 -63.79 22.75 26.15
C ALA K 256 -64.36 23.77 25.22
N ILE K 257 -65.33 23.37 24.40
CA ILE K 257 -66.04 24.29 23.49
C ILE K 257 -67.08 25.11 24.25
N VAL K 258 -66.91 26.43 24.32
CA VAL K 258 -67.92 27.30 24.97
C VAL K 258 -68.90 27.90 23.95
N MET K 259 -70.05 27.24 23.77
CA MET K 259 -71.05 27.68 22.78
C MET K 259 -71.73 29.00 23.19
N PRO K 260 -72.32 29.72 22.21
CA PRO K 260 -73.06 30.94 22.48
C PRO K 260 -74.20 30.74 23.47
N ASP K 261 -74.99 29.68 23.30
CA ASP K 261 -76.13 29.41 24.20
C ASP K 261 -75.78 28.90 25.60
N ALA K 262 -74.48 28.75 25.91
CA ALA K 262 -74.02 28.21 27.20
C ALA K 262 -74.22 29.20 28.30
N ASP K 263 -74.45 28.71 29.52
CA ASP K 263 -74.42 29.60 30.68
C ASP K 263 -72.97 29.85 30.97
N MET K 264 -72.55 31.10 30.79
CA MET K 264 -71.16 31.45 30.97
C MET K 264 -70.74 31.34 32.44
N ASP K 265 -71.63 31.67 33.37
CA ASP K 265 -71.27 31.69 34.78
C ASP K 265 -70.93 30.31 35.28
N ASN K 266 -71.79 29.35 34.96
CA ASN K 266 -71.54 27.93 35.21
C ASN K 266 -70.24 27.45 34.57
N ALA K 267 -70.02 27.84 33.32
CA ALA K 267 -68.86 27.40 32.57
C ALA K 267 -67.58 27.87 33.26
N VAL K 268 -67.55 29.15 33.63
CA VAL K 268 -66.39 29.75 34.28
C VAL K 268 -66.11 29.16 35.67
N ASN K 269 -67.12 29.07 36.53
CA ASN K 269 -66.99 28.42 37.85
C ASN K 269 -66.43 27.01 37.69
N GLN K 270 -67.02 26.24 36.77
CA GLN K 270 -66.57 24.86 36.51
C GLN K 270 -65.16 24.75 35.90
N LEU K 271 -64.80 25.73 35.07
CA LEU K 271 -63.45 25.81 34.48
C LEU K 271 -62.32 26.26 35.43
N LEU K 272 -62.66 26.80 36.59
CA LEU K 272 -61.66 27.08 37.60
C LEU K 272 -61.04 25.79 38.16
N GLY K 273 -61.90 24.89 38.64
CA GLY K 273 -61.47 23.64 39.24
C GLY K 273 -60.80 22.79 38.18
N ALA K 274 -61.35 22.82 36.97
CA ALA K 274 -60.93 21.94 35.88
C ALA K 274 -59.54 22.25 35.38
N ALA K 275 -59.25 23.54 35.23
CA ALA K 275 -57.96 24.04 34.74
C ALA K 275 -56.89 24.16 35.84
N PHE K 276 -57.28 24.72 36.98
CA PHE K 276 -56.35 24.99 38.10
C PHE K 276 -56.45 24.07 39.32
N GLY K 277 -57.40 23.15 39.33
CA GLY K 277 -57.47 22.14 40.38
C GLY K 277 -56.23 21.28 40.30
N SER K 278 -55.73 20.85 41.46
CA SER K 278 -54.48 20.09 41.57
C SER K 278 -53.33 20.74 40.77
N SER K 279 -53.32 22.07 40.74
CA SER K 279 -52.26 22.89 40.11
C SER K 279 -52.12 22.59 38.60
N GLY K 280 -53.25 22.31 37.95
CA GLY K 280 -53.29 21.81 36.58
C GLY K 280 -52.59 20.49 36.30
N GLU K 281 -52.10 19.80 37.34
CA GLU K 281 -51.26 18.62 37.19
C GLU K 281 -52.13 17.38 37.09
N ARG K 282 -52.89 17.29 36.00
CA ARG K 282 -53.95 16.31 35.93
C ARG K 282 -54.17 15.86 34.49
N CYS K 283 -54.20 14.54 34.29
CA CYS K 283 -54.42 13.91 32.97
C CYS K 283 -55.76 14.33 32.32
N MET K 284 -56.72 14.75 33.14
CA MET K 284 -57.99 15.31 32.63
C MET K 284 -58.12 16.82 32.84
N ALA K 285 -57.01 17.52 33.09
CA ALA K 285 -57.04 18.98 33.30
C ALA K 285 -57.51 19.73 32.07
N LEU K 286 -58.46 20.63 32.26
CA LEU K 286 -59.03 21.35 31.13
C LEU K 286 -58.20 22.58 30.82
N SER K 287 -57.29 22.41 29.87
CA SER K 287 -56.17 23.35 29.62
C SER K 287 -56.38 24.24 28.40
N VAL K 288 -57.46 24.02 27.66
CA VAL K 288 -57.79 24.82 26.49
C VAL K 288 -59.30 25.08 26.50
N ALA K 289 -59.69 26.35 26.54
CA ALA K 289 -61.08 26.71 26.34
C ALA K 289 -61.23 27.33 24.95
N VAL K 290 -61.94 26.63 24.05
CA VAL K 290 -62.22 27.10 22.69
C VAL K 290 -63.53 27.88 22.69
N ALA K 291 -63.47 29.20 22.49
CA ALA K 291 -64.66 30.07 22.50
C ALA K 291 -65.16 30.31 21.09
N VAL K 292 -66.33 29.76 20.78
CA VAL K 292 -66.92 29.87 19.45
C VAL K 292 -67.64 31.22 19.38
N GLY K 293 -67.10 32.12 18.55
CA GLY K 293 -67.54 33.52 18.52
C GLY K 293 -66.84 34.33 19.60
N ASP K 294 -67.01 35.64 19.52
CA ASP K 294 -66.49 36.55 20.54
C ASP K 294 -67.10 37.95 20.46
N ALA K 295 -68.31 38.20 20.99
CA ALA K 295 -69.20 37.23 21.66
C ALA K 295 -68.51 36.47 22.79
N ALA K 296 -68.70 35.15 22.86
CA ALA K 296 -68.27 34.34 24.00
C ALA K 296 -66.82 34.61 24.42
N GLY K 297 -65.91 34.65 23.47
CA GLY K 297 -64.48 34.87 23.73
C GLY K 297 -64.16 36.00 24.69
N ASP K 298 -64.87 37.10 24.55
CA ASP K 298 -64.67 38.25 25.46
C ASP K 298 -65.34 38.02 26.79
N ALA K 299 -66.56 37.49 26.76
CA ALA K 299 -67.30 37.15 27.98
C ALA K 299 -66.55 36.14 28.85
N LEU K 300 -65.94 35.14 28.20
CA LEU K 300 -65.18 34.09 28.89
C LEU K 300 -63.99 34.71 29.59
N VAL K 301 -63.16 35.40 28.82
CA VAL K 301 -61.93 35.99 29.34
C VAL K 301 -62.19 37.02 30.45
N SER K 302 -63.28 37.77 30.30
CA SER K 302 -63.64 38.80 31.25
C SER K 302 -64.01 38.17 32.61
N LYS K 303 -65.03 37.31 32.62
CA LYS K 303 -65.50 36.69 33.86
C LYS K 303 -64.47 35.72 34.50
N MET K 304 -63.69 35.05 33.66
CA MET K 304 -62.62 34.16 34.14
C MET K 304 -61.54 34.94 34.91
N THR K 305 -61.21 36.13 34.43
CA THR K 305 -60.20 36.95 35.07
C THR K 305 -60.68 37.36 36.45
N GLN K 306 -61.92 37.86 36.53
CA GLN K 306 -62.55 38.21 37.80
C GLN K 306 -62.42 37.08 38.83
N ALA K 307 -62.98 35.92 38.48
CA ALA K 307 -62.98 34.73 39.35
C ALA K 307 -61.58 34.22 39.71
N MET K 308 -60.63 34.46 38.82
CA MET K 308 -59.24 34.08 39.01
C MET K 308 -58.50 34.96 40.06
N GLN K 309 -59.02 36.14 40.38
CA GLN K 309 -58.45 37.00 41.46
C GLN K 309 -58.63 36.43 42.87
N LYS K 310 -59.74 35.74 43.07
CA LYS K 310 -60.09 35.15 44.36
C LYS K 310 -59.22 33.92 44.69
N LEU K 311 -58.55 33.36 43.68
CA LEU K 311 -57.75 32.13 43.84
C LEU K 311 -56.62 32.28 44.86
N LYS K 312 -56.34 31.20 45.57
CA LYS K 312 -55.41 31.23 46.70
C LYS K 312 -54.41 30.10 46.58
N VAL K 313 -53.16 30.43 46.22
CA VAL K 313 -52.11 29.43 46.04
C VAL K 313 -51.22 29.34 47.26
N GLY K 314 -50.95 28.12 47.72
CA GLY K 314 -50.06 27.93 48.88
C GLY K 314 -49.97 26.50 49.41
N PRO K 315 -49.26 26.31 50.53
CA PRO K 315 -48.96 24.96 50.99
C PRO K 315 -50.17 24.24 51.54
N SER K 316 -50.06 22.91 51.60
CA SER K 316 -51.17 22.09 52.08
C SER K 316 -51.47 22.33 53.56
N THR K 317 -50.51 22.90 54.31
CA THR K 317 -50.69 23.28 55.72
C THR K 317 -51.80 24.29 55.95
N ASP K 318 -52.03 25.18 54.99
CA ASP K 318 -53.22 26.03 55.02
C ASP K 318 -54.33 25.42 54.15
N SER K 319 -55.27 24.70 54.76
CA SER K 319 -56.51 24.32 54.07
C SER K 319 -57.26 25.59 53.73
N GLY K 320 -57.93 25.60 52.60
CA GLY K 320 -58.56 26.84 52.14
C GLY K 320 -57.77 27.49 51.04
N ASN K 321 -56.57 26.99 50.77
CA ASN K 321 -55.90 27.24 49.47
C ASN K 321 -56.55 26.42 48.39
N ASP K 322 -56.70 27.00 47.21
CA ASP K 322 -57.36 26.33 46.09
C ASP K 322 -56.50 25.21 45.51
N PHE K 323 -55.19 25.41 45.48
CA PHE K 323 -54.28 24.40 44.98
C PHE K 323 -52.86 24.63 45.47
N GLY K 324 -52.01 23.62 45.33
CA GLY K 324 -50.66 23.65 45.91
C GLY K 324 -49.56 24.00 44.93
N PRO K 325 -48.33 23.58 45.24
CA PRO K 325 -47.23 23.76 44.33
C PRO K 325 -47.19 22.71 43.24
N VAL K 326 -46.35 23.01 42.27
CA VAL K 326 -45.94 22.06 41.25
C VAL K 326 -44.98 21.07 41.91
N ILE K 327 -44.86 19.90 41.29
CA ILE K 327 -44.19 18.73 41.90
C ILE K 327 -42.67 18.83 42.10
N THR K 328 -41.98 19.53 41.19
CA THR K 328 -40.51 19.70 41.25
C THR K 328 -40.05 21.04 40.70
N ARG K 329 -38.81 21.39 41.02
CA ARG K 329 -38.21 22.62 40.49
C ARG K 329 -38.13 22.52 38.96
N GLN K 330 -37.59 21.41 38.48
CA GLN K 330 -37.54 21.17 37.04
C GLN K 330 -38.90 21.34 36.35
N HIS K 331 -39.94 20.76 36.94
CA HIS K 331 -41.30 20.93 36.43
C HIS K 331 -41.74 22.40 36.50
N GLN K 332 -41.36 23.10 37.57
CA GLN K 332 -41.68 24.54 37.73
C GLN K 332 -41.10 25.38 36.60
N GLU K 333 -39.82 25.15 36.32
CA GLU K 333 -39.11 25.84 35.26
C GLU K 333 -39.73 25.52 33.90
N LYS K 334 -40.14 24.27 33.72
CA LYS K 334 -40.80 23.88 32.47
C LYS K 334 -42.14 24.61 32.24
N VAL K 335 -42.93 24.80 33.30
CA VAL K 335 -44.23 25.49 33.25
C VAL K 335 -44.07 27.01 33.06
N ILE K 336 -43.11 27.60 33.74
CA ILE K 336 -42.78 29.00 33.49
C ILE K 336 -42.38 29.16 32.01
N GLY K 337 -41.53 28.24 31.53
CA GLY K 337 -41.00 28.22 30.15
C GLY K 337 -42.01 28.19 29.03
N TYR K 338 -43.09 27.42 29.22
CA TYR K 338 -44.24 27.44 28.32
C TYR K 338 -44.96 28.81 28.36
N ILE K 339 -45.03 29.43 29.53
CA ILE K 339 -45.72 30.72 29.65
C ILE K 339 -44.88 31.81 29.02
N ASN K 340 -43.56 31.65 29.06
CA ASN K 340 -42.66 32.53 28.33
C ASN K 340 -42.77 32.33 26.81
N SER K 341 -42.69 31.06 26.41
CA SER K 341 -42.91 30.65 25.02
C SER K 341 -44.19 31.24 24.46
N ALA K 342 -45.28 31.13 25.23
CA ALA K 342 -46.60 31.60 24.80
C ALA K 342 -46.65 33.11 24.54
N GLU K 343 -46.04 33.87 25.44
CA GLU K 343 -45.97 35.34 25.31
C GLU K 343 -45.09 35.74 24.11
N GLN K 344 -43.94 35.10 24.01
CA GLN K 344 -43.04 35.27 22.89
C GLN K 344 -43.67 35.01 21.50
N GLN K 345 -44.60 34.04 21.42
CA GLN K 345 -45.23 33.69 20.13
C GLN K 345 -46.53 34.46 19.86
N GLY K 346 -46.83 35.45 20.69
CA GLY K 346 -47.91 36.41 20.41
C GLY K 346 -49.09 36.42 21.35
N ALA K 347 -49.15 35.46 22.28
CA ALA K 347 -50.34 35.27 23.07
C ALA K 347 -50.41 36.36 24.12
N THR K 348 -51.62 36.79 24.43
CA THR K 348 -51.81 37.79 25.45
C THR K 348 -51.81 37.05 26.77
N ILE K 349 -50.85 37.36 27.63
CA ILE K 349 -50.87 36.90 29.01
C ILE K 349 -51.87 37.78 29.81
N VAL K 350 -53.11 37.34 29.92
CA VAL K 350 -54.15 38.12 30.60
C VAL K 350 -53.89 38.18 32.11
N VAL K 351 -53.69 37.02 32.73
CA VAL K 351 -53.39 36.90 34.16
C VAL K 351 -52.06 36.18 34.28
N ASP K 352 -51.10 36.81 34.96
CA ASP K 352 -49.75 36.30 34.99
C ASP K 352 -49.43 35.70 36.35
N GLY K 353 -49.11 34.40 36.34
CA GLY K 353 -48.83 33.65 37.57
C GLY K 353 -47.43 33.06 37.55
N ARG K 354 -46.53 33.67 36.78
CA ARG K 354 -45.14 33.21 36.68
C ARG K 354 -44.36 33.51 37.94
N GLN K 355 -44.64 34.70 38.47
CA GLN K 355 -43.98 35.22 39.67
C GLN K 355 -45.01 35.27 40.81
N PRO K 356 -45.54 34.08 41.23
CA PRO K 356 -46.66 34.11 42.15
C PRO K 356 -46.29 34.85 43.40
N LYS K 357 -45.18 34.45 44.02
CA LYS K 357 -44.65 35.10 45.21
C LYS K 357 -45.67 35.14 46.34
N VAL K 358 -46.78 34.40 46.20
CA VAL K 358 -47.92 34.48 47.13
C VAL K 358 -47.45 33.94 48.48
N PRO K 359 -46.69 32.82 48.48
CA PRO K 359 -45.97 32.52 49.70
C PRO K 359 -44.90 33.58 49.87
N ASN K 360 -44.56 34.10 51.05
CA ASN K 360 -44.91 33.65 52.42
C ASN K 360 -44.07 32.47 52.86
N HIS K 361 -42.85 32.77 53.25
CA HIS K 361 -41.93 31.79 53.80
C HIS K 361 -41.81 30.54 52.93
N GLU K 362 -42.10 30.69 51.62
CA GLU K 362 -41.99 29.57 50.69
C GLU K 362 -41.36 30.01 49.34
N ASN K 363 -40.09 29.61 49.12
CA ASN K 363 -39.39 29.54 47.81
C ASN K 363 -39.44 28.11 47.26
N GLY K 364 -40.64 27.54 47.27
CA GLY K 364 -40.84 26.20 46.76
C GLY K 364 -41.37 26.34 45.35
N PHE K 365 -41.96 25.27 44.84
CA PHE K 365 -42.17 25.10 43.40
C PHE K 365 -43.52 25.66 42.95
N PHE K 366 -43.85 26.87 43.39
CA PHE K 366 -45.20 27.41 43.25
C PHE K 366 -45.38 28.13 41.92
N VAL K 367 -46.58 28.00 41.34
CA VAL K 367 -46.97 28.71 40.12
C VAL K 367 -48.41 29.14 40.27
N GLY K 368 -48.66 30.43 40.11
CA GLY K 368 -49.99 30.99 40.24
C GLY K 368 -50.79 30.71 39.00
N GLY K 369 -52.09 30.89 39.13
CA GLY K 369 -53.02 30.52 38.06
C GLY K 369 -52.92 31.53 36.95
N THR K 370 -52.66 31.05 35.74
CA THR K 370 -52.43 31.96 34.62
C THR K 370 -53.38 31.76 33.47
N LEU K 371 -53.74 32.86 32.82
CA LEU K 371 -54.68 32.87 31.72
C LEU K 371 -53.97 33.41 30.52
N ILE K 372 -54.04 32.67 29.42
CA ILE K 372 -53.45 33.06 28.17
C ILE K 372 -54.56 33.17 27.12
N ASP K 373 -54.57 34.28 26.39
CA ASP K 373 -55.63 34.57 25.40
C ASP K 373 -55.01 34.65 24.02
N HIS K 374 -55.88 34.51 23.01
CA HIS K 374 -55.53 34.60 21.58
C HIS K 374 -54.48 33.59 21.14
N VAL K 375 -54.55 32.37 21.69
CA VAL K 375 -53.56 31.33 21.36
C VAL K 375 -53.98 30.68 20.05
N THR K 376 -53.01 30.06 19.38
CA THR K 376 -53.19 29.52 18.03
C THR K 376 -52.54 28.14 17.88
N PRO K 377 -52.99 27.35 16.89
CA PRO K 377 -52.45 25.98 16.67
C PRO K 377 -50.96 25.89 16.38
N GLU K 378 -50.35 27.01 16.01
CA GLU K 378 -48.92 27.05 15.64
C GLU K 378 -47.99 27.36 16.83
N MET K 379 -48.56 27.58 18.01
CA MET K 379 -47.78 27.83 19.22
C MET K 379 -47.33 26.50 19.84
N THR K 380 -46.14 26.48 20.40
CA THR K 380 -45.59 25.26 21.00
C THR K 380 -46.29 24.92 22.31
N SER K 381 -46.58 25.95 23.11
CA SER K 381 -47.38 25.79 24.34
C SER K 381 -48.76 25.18 24.09
N TYR K 382 -49.36 25.50 22.93
CA TYR K 382 -50.65 24.92 22.54
C TYR K 382 -50.50 23.47 22.11
N GLN K 383 -49.45 23.14 21.35
CA GLN K 383 -49.29 21.76 20.86
C GLN K 383 -48.93 20.75 21.95
N GLU K 384 -48.13 21.19 22.92
CA GLU K 384 -47.62 20.35 23.98
C GLU K 384 -48.42 20.49 25.29
N GLU K 385 -48.25 19.50 26.17
CA GLU K 385 -48.93 19.46 27.47
C GLU K 385 -48.10 20.20 28.54
N ILE K 386 -48.65 21.30 29.01
CA ILE K 386 -48.01 22.13 30.03
C ILE K 386 -48.00 21.41 31.39
N PHE K 387 -49.17 20.92 31.81
CA PHE K 387 -49.34 20.15 33.05
C PHE K 387 -49.03 21.06 34.25
N GLY K 388 -49.69 22.21 34.26
CA GLY K 388 -49.53 23.23 35.30
C GLY K 388 -50.78 24.09 35.29
N PRO K 389 -50.86 25.11 36.16
CA PRO K 389 -52.07 25.90 36.22
C PRO K 389 -52.13 26.96 35.15
N VAL K 390 -52.48 26.52 33.94
CA VAL K 390 -52.57 27.40 32.80
C VAL K 390 -53.83 27.11 32.03
N LEU K 391 -54.55 28.16 31.63
CA LEU K 391 -55.73 28.02 30.81
C LEU K 391 -55.51 28.86 29.57
N GLN K 392 -55.79 28.28 28.42
CA GLN K 392 -55.52 28.91 27.15
C GLN K 392 -56.84 29.14 26.47
N VAL K 393 -57.00 30.31 25.86
CA VAL K 393 -58.22 30.60 25.11
C VAL K 393 -57.89 30.62 23.64
N VAL K 394 -58.59 29.80 22.88
CA VAL K 394 -58.49 29.80 21.44
C VAL K 394 -59.80 30.34 20.95
N ARG K 395 -59.75 31.09 19.85
CA ARG K 395 -60.94 31.74 19.31
C ARG K 395 -61.25 31.21 17.92
N VAL K 396 -62.50 30.79 17.71
CA VAL K 396 -62.93 30.27 16.41
C VAL K 396 -64.30 30.81 16.03
N ALA K 397 -64.62 30.70 14.75
CA ALA K 397 -65.85 31.26 14.17
C ALA K 397 -67.08 30.39 14.39
N THR K 398 -66.94 29.09 14.17
CA THR K 398 -68.05 28.16 14.29
C THR K 398 -67.68 26.92 15.09
N MET K 399 -68.71 26.19 15.52
CA MET K 399 -68.58 24.99 16.35
C MET K 399 -67.71 23.95 15.67
N GLN K 400 -67.98 23.70 14.39
CA GLN K 400 -67.20 22.73 13.60
C GLN K 400 -65.70 23.06 13.54
N ASP K 401 -65.38 24.35 13.55
CA ASP K 401 -63.98 24.80 13.55
C ASP K 401 -63.34 24.41 14.89
N ALA K 402 -64.12 24.48 15.96
CA ALA K 402 -63.68 23.99 17.27
C ALA K 402 -63.45 22.45 17.31
N MET K 403 -64.37 21.69 16.74
CA MET K 403 -64.22 20.25 16.72
C MET K 403 -63.03 19.83 15.84
N ASP K 404 -62.83 20.54 14.74
CA ASP K 404 -61.74 20.27 13.80
C ASP K 404 -60.40 20.52 14.49
N LEU K 405 -60.38 21.59 15.27
CA LEU K 405 -59.22 21.91 16.09
C LEU K 405 -58.87 20.81 17.12
N ILE K 406 -59.89 20.26 17.76
CA ILE K 406 -59.71 19.19 18.75
C ILE K 406 -59.29 17.89 18.07
N ASP K 407 -59.97 17.55 16.98
CA ASP K 407 -59.65 16.33 16.25
C ASP K 407 -58.19 16.38 15.70
N ALA K 408 -57.76 17.58 15.30
CA ALA K 408 -56.40 17.79 14.74
C ALA K 408 -55.27 17.61 15.74
N HIS K 409 -55.57 17.62 17.04
CA HIS K 409 -54.51 17.61 18.04
C HIS K 409 -53.94 16.21 18.20
N GLU K 410 -52.69 16.14 18.62
CA GLU K 410 -51.97 14.88 18.85
C GLU K 410 -52.75 13.93 19.80
N TYR K 411 -53.06 14.44 20.99
CA TYR K 411 -53.84 13.77 22.03
C TYR K 411 -55.35 13.76 21.83
N GLY K 412 -56.00 12.82 22.51
CA GLY K 412 -57.45 12.70 22.52
C GLY K 412 -57.96 12.01 23.78
N ASN K 413 -57.60 12.58 24.93
CA ASN K 413 -58.01 12.01 26.24
C ASN K 413 -59.43 12.46 26.59
N GLY K 414 -59.58 13.75 26.87
CA GLY K 414 -60.79 14.29 27.46
C GLY K 414 -61.26 15.59 26.83
N THR K 415 -62.57 15.73 26.69
CA THR K 415 -63.17 16.97 26.19
C THR K 415 -64.53 17.32 26.79
N CYS K 416 -64.94 18.56 26.59
CA CYS K 416 -66.20 19.06 27.11
C CYS K 416 -66.87 20.08 26.18
N ILE K 417 -68.20 20.12 26.19
CA ILE K 417 -68.94 21.15 25.47
C ILE K 417 -69.97 21.77 26.40
N PHE K 418 -69.88 23.07 26.57
CA PHE K 418 -70.87 23.80 27.34
C PHE K 418 -71.96 24.25 26.37
N THR K 419 -73.19 23.77 26.57
CA THR K 419 -74.35 24.11 25.72
C THR K 419 -75.63 23.66 26.39
N ARG K 420 -76.72 24.32 26.03
CA ARG K 420 -78.07 23.91 26.44
C ARG K 420 -78.75 23.08 25.35
N ASP K 421 -78.27 23.19 24.12
CA ASP K 421 -78.87 22.54 22.97
C ASP K 421 -78.59 21.04 22.90
N GLY K 422 -79.66 20.29 22.61
CA GLY K 422 -79.62 18.85 22.61
C GLY K 422 -78.88 18.35 21.41
N GLU K 423 -79.20 18.94 20.25
CA GLU K 423 -78.59 18.59 18.95
C GLU K 423 -77.06 18.78 18.92
N ALA K 424 -76.63 19.90 19.48
CA ALA K 424 -75.24 20.25 19.59
C ALA K 424 -74.51 19.24 20.40
N ALA K 425 -75.09 18.88 21.54
CA ALA K 425 -74.52 17.91 22.45
C ALA K 425 -74.33 16.56 21.80
N ARG K 426 -75.30 16.10 21.02
CA ARG K 426 -75.18 14.78 20.39
C ARG K 426 -74.17 14.78 19.28
N TYR K 427 -74.20 15.79 18.42
CA TYR K 427 -73.26 15.87 17.30
C TYR K 427 -71.82 15.90 17.79
N PHE K 428 -71.61 16.60 18.90
CA PHE K 428 -70.31 16.68 19.58
C PHE K 428 -69.90 15.35 20.15
N SER K 429 -70.72 14.76 21.01
CA SER K 429 -70.36 13.51 21.70
C SER K 429 -70.15 12.36 20.74
N ASP K 430 -70.93 12.32 19.66
CA ASP K 430 -70.85 11.21 18.72
C ASP K 430 -69.59 11.34 17.85
N ASN K 431 -69.33 12.55 17.33
CA ASN K 431 -68.29 12.71 16.33
C ASN K 431 -66.89 12.96 16.87
N ILE K 432 -66.79 13.52 18.06
CA ILE K 432 -65.50 14.00 18.51
C ILE K 432 -64.58 12.83 18.73
N GLN K 433 -63.33 13.00 18.31
CA GLN K 433 -62.35 11.95 18.38
C GLN K 433 -61.59 12.05 19.70
N VAL K 434 -62.33 11.92 20.79
CA VAL K 434 -61.71 11.76 22.12
C VAL K 434 -62.48 10.70 22.93
N GLY K 435 -61.75 10.04 23.84
CA GLY K 435 -62.26 8.89 24.58
C GLY K 435 -63.33 9.25 25.59
N MET K 436 -63.07 10.30 26.36
CA MET K 436 -63.98 10.72 27.41
C MET K 436 -64.54 12.12 27.19
N VAL K 437 -65.87 12.17 27.01
CA VAL K 437 -66.60 13.38 26.64
C VAL K 437 -67.52 13.88 27.76
N GLY K 438 -67.43 15.14 28.10
CA GLY K 438 -68.39 15.75 29.01
C GLY K 438 -69.38 16.58 28.23
N ILE K 439 -70.62 16.64 28.70
CA ILE K 439 -71.61 17.61 28.25
C ILE K 439 -71.88 18.43 29.48
N ASN K 440 -71.50 19.71 29.45
CA ASN K 440 -71.48 20.59 30.63
C ASN K 440 -70.72 20.00 31.84
N ILE K 441 -69.76 19.10 31.54
CA ILE K 441 -68.92 18.46 32.56
C ILE K 441 -67.44 18.61 32.11
N PRO K 442 -66.73 19.57 32.71
CA PRO K 442 -65.36 19.82 32.29
C PRO K 442 -64.40 18.67 32.58
N LEU K 443 -64.70 17.86 33.59
CA LEU K 443 -63.86 16.73 33.96
C LEU K 443 -64.64 15.47 33.78
N PRO K 444 -64.82 15.01 32.52
CA PRO K 444 -65.67 13.82 32.31
C PRO K 444 -64.96 12.50 32.65
N VAL K 445 -64.50 12.40 33.88
CA VAL K 445 -63.83 11.22 34.37
C VAL K 445 -64.88 10.15 34.64
N PRO K 446 -64.82 9.04 33.91
CA PRO K 446 -65.69 7.90 34.20
C PRO K 446 -65.63 7.43 35.64
N VAL K 447 -66.76 6.92 36.09
CA VAL K 447 -66.91 6.42 37.43
C VAL K 447 -66.25 5.02 37.50
N ALA K 448 -65.99 4.53 38.71
CA ALA K 448 -65.33 3.25 38.92
C ALA K 448 -65.91 2.05 38.15
N TYR K 449 -67.24 2.01 38.02
CA TYR K 449 -67.95 0.94 37.24
C TYR K 449 -67.95 1.15 35.68
N HIS K 450 -67.27 2.20 35.23
CA HIS K 450 -66.96 2.43 33.82
C HIS K 450 -65.43 2.41 33.69
N SER K 451 -64.91 2.54 32.47
CA SER K 451 -63.47 2.51 32.28
C SER K 451 -62.95 3.83 31.70
N PHE K 452 -61.67 4.07 31.99
CA PHE K 452 -61.01 5.34 31.73
C PHE K 452 -60.00 5.09 30.64
N GLY K 453 -59.98 5.95 29.64
CA GLY K 453 -59.08 5.78 28.51
C GLY K 453 -59.28 6.82 27.41
N GLY K 454 -58.18 7.40 26.97
CA GLY K 454 -58.18 8.29 25.82
C GLY K 454 -58.10 7.57 24.49
N TRP K 455 -58.17 8.37 23.43
CA TRP K 455 -58.01 7.91 22.07
C TRP K 455 -56.73 8.48 21.53
N LYS K 456 -56.36 8.03 20.32
CA LYS K 456 -55.19 8.52 19.59
C LYS K 456 -53.97 8.29 20.48
N ARG K 457 -53.13 9.31 20.63
CA ARG K 457 -51.83 9.19 21.28
C ARG K 457 -51.89 9.26 22.80
N SER K 458 -53.08 9.42 23.37
CA SER K 458 -53.26 9.43 24.81
C SER K 458 -53.27 8.02 25.40
N LEU K 459 -53.46 6.99 24.57
CA LEU K 459 -53.54 5.64 25.08
C LEU K 459 -52.98 4.67 24.06
N PHE K 460 -52.23 3.68 24.55
CA PHE K 460 -51.74 2.58 23.75
C PHE K 460 -52.34 1.28 24.22
N GLY K 461 -52.97 0.56 23.29
CA GLY K 461 -53.62 -0.73 23.54
C GLY K 461 -55.10 -0.72 23.17
N ASP K 462 -55.79 -1.77 23.54
CA ASP K 462 -57.22 -1.94 23.21
C ASP K 462 -58.17 -2.18 24.44
N LEU K 463 -57.63 -2.18 25.65
CA LEU K 463 -58.43 -2.30 26.87
C LEU K 463 -58.06 -1.15 27.78
N HIS K 464 -59.07 -0.44 28.26
CA HIS K 464 -58.87 0.78 29.00
C HIS K 464 -58.74 0.55 30.52
N ALA K 465 -58.43 1.62 31.24
CA ALA K 465 -58.08 1.55 32.66
C ALA K 465 -59.27 1.38 33.62
N TYR K 466 -59.09 0.45 34.57
CA TYR K 466 -60.09 0.07 35.58
C TYR K 466 -61.45 -0.31 35.01
N GLY K 467 -62.42 -0.55 35.87
CA GLY K 467 -63.79 -0.80 35.41
C GLY K 467 -63.91 -2.12 34.66
N PRO K 468 -64.90 -2.23 33.77
CA PRO K 468 -65.13 -3.47 33.07
C PRO K 468 -63.90 -3.98 32.32
N ASP K 469 -63.17 -3.04 31.70
CA ASP K 469 -61.99 -3.40 30.88
C ASP K 469 -60.85 -3.98 31.73
N ALA K 470 -60.66 -3.47 32.93
CA ALA K 470 -59.59 -4.01 33.79
C ALA K 470 -59.79 -5.48 34.12
N VAL K 471 -61.05 -5.90 34.16
CA VAL K 471 -61.35 -7.29 34.44
C VAL K 471 -60.78 -8.11 33.28
N ARG K 472 -61.04 -7.64 32.06
CA ARG K 472 -60.63 -8.33 30.85
C ARG K 472 -59.12 -8.24 30.64
N PHE K 473 -58.55 -7.16 31.15
CA PHE K 473 -57.13 -6.95 31.00
C PHE K 473 -56.33 -7.77 31.97
N TYR K 474 -56.84 -7.85 33.20
CA TYR K 474 -56.24 -8.69 34.24
C TYR K 474 -56.68 -10.18 34.21
N THR K 475 -57.34 -10.63 33.13
CA THR K 475 -57.68 -12.05 33.00
C THR K 475 -57.46 -12.48 31.56
N LYS K 476 -57.55 -13.78 31.31
CA LYS K 476 -57.37 -14.30 29.98
C LYS K 476 -58.46 -15.31 29.69
N ARG K 477 -58.98 -15.25 28.46
CA ARG K 477 -60.11 -16.08 28.04
C ARG K 477 -59.71 -17.54 27.81
N LYS K 478 -60.35 -18.43 28.56
CA LYS K 478 -60.33 -19.88 28.27
C LYS K 478 -61.73 -20.33 27.84
N THR K 479 -61.78 -21.14 26.77
CA THR K 479 -63.05 -21.66 26.27
C THR K 479 -62.96 -23.16 26.34
N VAL K 480 -63.91 -23.76 27.05
CA VAL K 480 -63.95 -25.20 27.24
C VAL K 480 -65.10 -25.69 26.39
N THR K 481 -64.93 -26.82 25.71
CA THR K 481 -66.05 -27.46 24.98
C THR K 481 -66.14 -28.89 25.44
N GLN K 482 -67.29 -29.29 25.99
CA GLN K 482 -67.45 -30.54 26.72
C GLN K 482 -68.43 -31.47 26.04
N ARG K 483 -68.09 -32.75 26.00
CA ARG K 483 -68.91 -33.79 25.43
C ARG K 483 -68.67 -35.08 26.21
N TRP K 484 -69.69 -35.92 26.33
CA TRP K 484 -69.58 -37.17 27.07
C TRP K 484 -70.14 -38.33 26.26
N PRO K 485 -69.33 -38.95 25.39
CA PRO K 485 -69.82 -40.04 24.54
C PRO K 485 -70.02 -41.34 25.31
N SER K 486 -70.78 -42.27 24.72
CA SER K 486 -71.09 -43.59 25.32
C SER K 486 -71.68 -43.47 26.77
N ALA K 487 -72.96 -43.78 26.91
CA ALA K 487 -73.70 -43.58 28.16
C ALA K 487 -73.24 -44.50 29.30
N GLY K 488 -73.65 -45.78 29.26
CA GLY K 488 -73.22 -46.79 30.24
C GLY K 488 -73.83 -46.66 31.63
N VAL K 489 -73.18 -45.87 32.47
CA VAL K 489 -73.72 -45.49 33.78
C VAL K 489 -74.84 -44.50 33.41
N ARG K 490 -76.04 -45.05 33.17
CA ARG K 490 -77.22 -44.25 32.80
C ARG K 490 -78.44 -45.16 32.59
N MET L 4 -118.07 -20.09 -0.48
CA MET L 4 -117.47 -19.19 0.56
C MET L 4 -116.22 -19.84 1.19
N THR L 5 -115.18 -19.03 1.39
CA THR L 5 -113.90 -19.48 1.98
C THR L 5 -113.99 -19.48 3.51
N THR L 6 -114.17 -20.67 4.07
CA THR L 6 -114.22 -20.90 5.53
C THR L 6 -112.82 -21.21 6.11
N ILE L 7 -112.09 -20.16 6.51
CA ILE L 7 -110.71 -20.23 7.08
C ILE L 7 -110.61 -21.14 8.32
N GLY L 8 -109.59 -21.99 8.30
CA GLY L 8 -109.37 -23.00 9.32
C GLY L 8 -108.17 -22.73 10.22
N HIS L 9 -107.55 -23.82 10.65
CA HIS L 9 -106.49 -23.77 11.67
C HIS L 9 -105.27 -24.49 11.15
N LEU L 10 -104.11 -24.03 11.60
CA LEU L 10 -102.86 -24.76 11.38
C LEU L 10 -102.53 -25.61 12.61
N ILE L 11 -102.47 -26.92 12.46
CA ILE L 11 -102.20 -27.83 13.57
C ILE L 11 -101.34 -28.95 13.04
N ASN L 12 -100.19 -29.15 13.69
CA ASN L 12 -99.21 -30.17 13.31
C ASN L 12 -98.76 -30.06 11.85
N GLY L 13 -98.60 -28.83 11.38
CA GLY L 13 -98.24 -28.57 9.98
C GLY L 13 -99.32 -28.68 8.90
N GLN L 14 -100.58 -28.89 9.29
CA GLN L 14 -101.69 -29.07 8.34
C GLN L 14 -102.87 -28.15 8.60
N LEU L 15 -103.59 -27.83 7.53
CA LEU L 15 -104.82 -27.09 7.65
C LEU L 15 -105.93 -28.08 8.01
N VAL L 16 -106.66 -27.74 9.06
CA VAL L 16 -107.79 -28.51 9.49
C VAL L 16 -108.91 -27.52 9.80
N THR L 17 -110.12 -28.07 9.92
CA THR L 17 -111.28 -27.28 10.27
C THR L 17 -112.26 -28.18 11.03
N GLU L 18 -112.99 -27.61 11.98
CA GLU L 18 -113.90 -28.34 12.88
C GLU L 18 -115.36 -28.30 12.36
N ASN L 19 -115.77 -27.16 11.80
CA ASN L 19 -117.10 -26.98 11.18
C ASN L 19 -118.32 -27.22 12.11
N THR L 20 -118.18 -26.87 13.38
CA THR L 20 -119.34 -26.86 14.27
C THR L 20 -119.91 -25.45 14.31
N ARG L 21 -119.06 -24.46 14.09
CA ARG L 21 -119.37 -23.08 14.39
C ARG L 21 -118.48 -22.25 13.49
N SER L 22 -118.98 -21.10 13.05
CA SER L 22 -118.22 -20.16 12.21
C SER L 22 -118.76 -18.72 12.29
N GLN L 23 -117.94 -17.79 11.84
CA GLN L 23 -118.20 -16.38 12.01
C GLN L 23 -117.77 -15.68 10.73
N ASN L 24 -118.35 -14.50 10.49
CA ASN L 24 -117.99 -13.67 9.36
C ASN L 24 -116.67 -12.93 9.61
N VAL L 25 -115.84 -12.81 8.57
CA VAL L 25 -114.77 -11.79 8.52
C VAL L 25 -115.14 -10.84 7.38
N PHE L 26 -115.01 -9.55 7.64
CA PHE L 26 -115.50 -8.56 6.70
C PHE L 26 -114.36 -8.07 5.81
N ASN L 27 -114.71 -7.28 4.82
CA ASN L 27 -113.80 -6.39 4.18
C ASN L 27 -114.29 -5.03 4.60
N PRO L 28 -113.61 -4.43 5.57
CA PRO L 28 -114.10 -3.20 6.19
C PRO L 28 -114.17 -1.99 5.28
N ALA L 29 -113.58 -2.04 4.09
CA ALA L 29 -113.72 -0.98 3.10
C ALA L 29 -115.13 -0.96 2.50
N THR L 30 -115.54 -2.11 1.97
CA THR L 30 -116.89 -2.27 1.39
C THR L 30 -117.99 -2.37 2.46
N GLY L 31 -117.72 -3.12 3.52
CA GLY L 31 -118.75 -3.52 4.50
C GLY L 31 -119.26 -4.94 4.29
N GLU L 32 -118.85 -5.57 3.18
CA GLU L 32 -119.39 -6.85 2.75
C GLU L 32 -118.62 -8.01 3.36
N ILE L 33 -119.33 -9.11 3.59
CA ILE L 33 -118.77 -10.33 4.19
C ILE L 33 -117.91 -11.04 3.15
N GLY L 34 -116.59 -11.01 3.35
CA GLY L 34 -115.64 -11.65 2.45
C GLY L 34 -115.52 -13.17 2.63
N LYS L 35 -115.23 -13.60 3.87
CA LYS L 35 -114.88 -15.00 4.19
C LYS L 35 -115.58 -15.43 5.48
N GLN L 36 -115.65 -16.73 5.72
CA GLN L 36 -116.08 -17.28 7.00
C GLN L 36 -114.81 -17.65 7.77
N LEU L 37 -114.90 -17.69 9.11
CA LEU L 37 -113.80 -18.17 9.95
C LEU L 37 -114.29 -19.28 10.88
N ASP L 38 -113.68 -20.46 10.77
CA ASP L 38 -114.02 -21.60 11.61
C ASP L 38 -113.52 -21.34 13.04
N LEU L 39 -114.42 -21.46 14.03
CA LEU L 39 -114.07 -21.17 15.43
C LEU L 39 -113.76 -22.46 16.22
N ALA L 40 -112.53 -22.57 16.71
CA ALA L 40 -112.09 -23.78 17.39
C ALA L 40 -112.65 -23.84 18.78
N SER L 41 -113.27 -24.97 19.09
CA SER L 41 -113.81 -25.23 20.41
C SER L 41 -112.67 -25.86 21.23
N THR L 42 -112.91 -26.14 22.51
CA THR L 42 -111.80 -26.56 23.37
C THR L 42 -111.21 -27.88 22.90
N LYS L 43 -112.00 -28.74 22.27
CA LYS L 43 -111.45 -30.00 21.78
C LYS L 43 -110.35 -29.75 20.73
N THR L 44 -110.60 -28.79 19.85
CA THR L 44 -109.69 -28.47 18.75
C THR L 44 -108.42 -27.76 19.25
N VAL L 45 -108.57 -26.93 20.27
CA VAL L 45 -107.41 -26.30 20.91
C VAL L 45 -106.55 -27.39 21.58
N GLU L 46 -107.15 -28.33 22.28
CA GLU L 46 -106.40 -29.44 22.85
C GLU L 46 -105.62 -30.25 21.83
N GLN L 47 -106.11 -30.36 20.60
CA GLN L 47 -105.36 -31.07 19.53
C GLN L 47 -104.08 -30.26 19.20
N ALA L 48 -104.23 -28.93 19.19
CA ALA L 48 -103.11 -28.06 18.93
C ALA L 48 -102.06 -28.16 20.04
N ILE L 49 -102.53 -28.14 21.29
CA ILE L 49 -101.65 -28.28 22.43
C ILE L 49 -101.00 -29.66 22.42
N SER L 50 -101.74 -30.72 22.14
CA SER L 50 -101.13 -32.09 22.06
C SER L 50 -100.06 -32.20 20.97
N ALA L 51 -100.29 -31.52 19.85
CA ALA L 51 -99.31 -31.45 18.80
C ALA L 51 -98.04 -30.75 19.30
N ALA L 52 -98.23 -29.58 19.89
CA ALA L 52 -97.12 -28.80 20.43
C ALA L 52 -96.36 -29.61 21.47
N GLN L 53 -97.07 -30.28 22.35
CA GLN L 53 -96.40 -31.04 23.40
C GLN L 53 -95.62 -32.21 22.81
N HIS L 54 -96.17 -32.84 21.77
CA HIS L 54 -95.53 -33.98 21.13
C HIS L 54 -94.23 -33.55 20.43
N ALA L 55 -94.25 -32.39 19.79
CA ALA L 55 -93.06 -31.86 19.06
C ALA L 55 -91.92 -31.28 19.93
N PHE L 56 -92.20 -31.10 21.22
CA PHE L 56 -91.36 -30.31 22.12
C PHE L 56 -90.06 -30.99 22.51
N PRO L 57 -90.13 -32.24 23.04
CA PRO L 57 -88.90 -32.96 23.44
C PRO L 57 -87.72 -32.86 22.45
N THR L 58 -87.90 -33.25 21.19
CA THR L 58 -86.79 -33.15 20.19
C THR L 58 -86.35 -31.71 19.90
N TRP L 59 -87.31 -30.78 19.84
CA TRP L 59 -87.04 -29.37 19.58
C TRP L 59 -86.36 -28.68 20.81
N ARG L 60 -86.72 -29.15 22.01
CA ARG L 60 -86.03 -28.72 23.23
C ARG L 60 -84.51 -28.93 23.13
N ASN L 61 -84.15 -30.13 22.70
CA ASN L 61 -82.74 -30.52 22.64
C ASN L 61 -82.08 -30.17 21.30
N THR L 62 -82.84 -29.55 20.39
CA THR L 62 -82.28 -29.07 19.12
C THR L 62 -81.31 -27.93 19.47
N PRO L 63 -80.15 -27.88 18.81
CA PRO L 63 -79.22 -26.79 19.06
C PRO L 63 -79.75 -25.43 18.63
N PRO L 64 -79.48 -24.37 19.41
CA PRO L 64 -80.02 -23.05 19.09
C PRO L 64 -79.62 -22.56 17.72
N LEU L 65 -78.41 -22.94 17.31
CA LEU L 65 -77.94 -22.66 15.94
C LEU L 65 -78.88 -23.17 14.88
N LYS L 66 -79.23 -24.46 14.98
CA LYS L 66 -80.15 -25.08 14.05
C LYS L 66 -81.57 -24.45 14.14
N ARG L 67 -81.98 -24.09 15.35
CA ARG L 67 -83.26 -23.44 15.57
C ARG L 67 -83.22 -22.11 14.84
N ALA L 68 -82.11 -21.38 14.99
CA ALA L 68 -81.98 -20.04 14.44
C ALA L 68 -81.95 -20.02 12.91
N ARG L 69 -81.42 -21.06 12.31
CA ARG L 69 -81.39 -21.13 10.85
C ARG L 69 -82.77 -21.21 10.25
N VAL L 70 -83.73 -21.79 10.97
CA VAL L 70 -85.12 -21.73 10.55
C VAL L 70 -85.57 -20.26 10.42
N MET L 71 -85.20 -19.41 11.37
CA MET L 71 -85.64 -18.00 11.34
C MET L 71 -84.91 -17.21 10.27
N PHE L 72 -83.69 -17.63 9.94
CA PHE L 72 -82.96 -17.07 8.79
C PHE L 72 -83.71 -17.26 7.47
N ARG L 73 -84.25 -18.45 7.24
CA ARG L 73 -85.03 -18.72 6.03
C ARG L 73 -86.36 -18.02 6.15
N PHE L 74 -86.96 -18.11 7.33
CA PHE L 74 -88.24 -17.48 7.60
C PHE L 74 -88.18 -16.00 7.30
N LYS L 75 -87.03 -15.38 7.53
CA LYS L 75 -86.83 -14.00 7.13
C LYS L 75 -86.98 -13.78 5.63
N GLU L 76 -86.36 -14.64 4.83
CA GLU L 76 -86.37 -14.49 3.36
C GLU L 76 -87.76 -14.60 2.80
N LEU L 77 -88.52 -15.56 3.33
CA LEU L 77 -89.85 -15.85 2.85
C LEU L 77 -90.80 -14.74 3.14
N LEU L 78 -90.66 -14.14 4.31
CA LEU L 78 -91.48 -12.97 4.63
C LEU L 78 -91.19 -11.88 3.62
N GLU L 79 -89.92 -11.74 3.26
CA GLU L 79 -89.48 -10.76 2.25
C GLU L 79 -89.96 -11.05 0.81
N GLN L 80 -89.87 -12.31 0.38
CA GLN L 80 -90.43 -12.74 -0.90
C GLN L 80 -91.90 -12.44 -0.98
N HIS L 81 -92.67 -12.92 0.01
CA HIS L 81 -94.13 -12.85 -0.01
C HIS L 81 -94.69 -11.56 0.62
N ALA L 82 -93.94 -10.47 0.52
CA ALA L 82 -94.31 -9.23 1.20
C ALA L 82 -95.56 -8.58 0.63
N ASP L 83 -95.74 -8.67 -0.68
CA ASP L 83 -96.93 -8.14 -1.33
C ASP L 83 -98.19 -8.92 -0.94
N GLU L 84 -98.14 -10.25 -0.99
CA GLU L 84 -99.28 -11.14 -0.65
C GLU L 84 -99.69 -11.00 0.80
N ILE L 85 -98.70 -10.73 1.68
CA ILE L 85 -98.97 -10.49 3.09
C ILE L 85 -99.66 -9.14 3.30
N CYS L 86 -99.13 -8.08 2.70
CA CYS L 86 -99.79 -6.75 2.76
C CYS L 86 -101.17 -6.69 2.10
N ARG L 87 -101.37 -7.61 1.17
CA ARG L 87 -102.65 -7.76 0.51
C ARG L 87 -103.64 -8.30 1.54
N LEU L 88 -103.27 -9.40 2.17
CA LEU L 88 -104.10 -10.07 3.17
C LEU L 88 -104.41 -9.17 4.36
N ILE L 89 -103.44 -8.38 4.77
CA ILE L 89 -103.67 -7.41 5.83
C ILE L 89 -104.69 -6.39 5.35
N GLY L 90 -104.43 -5.78 4.20
CA GLY L 90 -105.35 -4.81 3.59
C GLY L 90 -106.79 -5.31 3.43
N GLU L 91 -106.93 -6.57 3.03
CA GLU L 91 -108.23 -7.19 2.75
C GLU L 91 -109.14 -7.34 3.98
N GLU L 92 -108.53 -7.47 5.17
CA GLU L 92 -109.28 -7.71 6.41
C GLU L 92 -109.20 -6.60 7.45
N HIS L 93 -108.01 -6.04 7.68
CA HIS L 93 -107.85 -4.89 8.56
C HIS L 93 -108.30 -3.62 7.87
N GLY L 94 -108.01 -3.54 6.57
CA GLY L 94 -108.31 -2.33 5.80
C GLY L 94 -107.13 -1.40 5.53
N LYS L 95 -105.96 -1.66 6.13
CA LYS L 95 -104.85 -0.69 6.09
C LYS L 95 -104.11 -0.77 4.77
N ILE L 96 -103.59 0.37 4.35
CA ILE L 96 -103.10 0.52 3.00
C ILE L 96 -101.62 0.05 2.95
N ALA L 97 -101.20 -0.38 1.76
CA ALA L 97 -99.85 -0.92 1.48
C ALA L 97 -98.70 -0.39 2.35
N HIS L 98 -98.53 0.93 2.46
CA HIS L 98 -97.39 1.42 3.20
C HIS L 98 -97.48 1.06 4.68
N ASP L 99 -98.68 1.11 5.27
CA ASP L 99 -98.83 0.70 6.67
C ASP L 99 -98.60 -0.78 6.81
N ALA L 100 -99.25 -1.59 6.00
CA ALA L 100 -99.02 -3.06 6.05
C ALA L 100 -97.52 -3.45 5.83
N MET L 101 -96.82 -2.78 4.90
CA MET L 101 -95.36 -2.95 4.75
C MET L 101 -94.59 -2.55 6.01
N GLY L 102 -94.89 -1.38 6.58
CA GLY L 102 -94.26 -0.95 7.84
C GLY L 102 -94.45 -1.97 8.95
N GLU L 103 -95.66 -2.50 9.07
CA GLU L 103 -95.96 -3.53 10.02
C GLU L 103 -95.11 -4.72 9.73
N LEU L 104 -95.07 -5.14 8.47
CA LEU L 104 -94.30 -6.32 8.08
C LEU L 104 -92.80 -6.13 8.36
N GLN L 105 -92.31 -4.92 8.16
CA GLN L 105 -90.88 -4.67 8.35
C GLN L 105 -90.47 -4.83 9.80
N ARG L 106 -91.22 -4.21 10.72
CA ARG L 106 -90.92 -4.34 12.14
C ARG L 106 -91.04 -5.81 12.55
N GLY L 107 -92.06 -6.48 12.05
CA GLY L 107 -92.20 -7.92 12.25
C GLY L 107 -90.97 -8.71 11.83
N ILE L 108 -90.39 -8.32 10.69
CA ILE L 108 -89.21 -9.01 10.16
C ILE L 108 -88.01 -8.78 11.10
N GLU L 109 -87.88 -7.55 11.61
CA GLU L 109 -86.85 -7.21 12.60
C GLU L 109 -86.90 -8.05 13.88
N ASN L 110 -88.10 -8.46 14.30
CA ASN L 110 -88.19 -9.43 15.39
C ASN L 110 -87.62 -10.75 14.96
N VAL L 111 -87.90 -11.15 13.72
CA VAL L 111 -87.30 -12.37 13.16
C VAL L 111 -85.79 -12.26 13.03
N GLU L 112 -85.30 -11.06 12.71
CA GLU L 112 -83.84 -10.81 12.64
C GLU L 112 -83.16 -11.07 13.99
N TYR L 113 -83.71 -10.44 15.03
CA TYR L 113 -83.15 -10.49 16.37
C TYR L 113 -83.20 -11.93 16.91
N ALA L 114 -84.22 -12.69 16.52
CA ALA L 114 -84.34 -14.08 16.90
C ALA L 114 -83.26 -14.97 16.24
N CYS L 115 -82.79 -14.56 15.06
CA CYS L 115 -81.71 -15.31 14.34
C CYS L 115 -80.43 -15.40 15.15
N GLY L 116 -80.23 -14.45 16.05
CA GLY L 116 -79.09 -14.47 16.97
C GLY L 116 -79.34 -15.15 18.31
N ALA L 117 -80.20 -16.16 18.33
CA ALA L 117 -80.61 -16.84 19.57
C ALA L 117 -79.46 -17.43 20.41
N PRO L 118 -78.35 -17.84 19.76
CA PRO L 118 -77.26 -18.44 20.55
C PRO L 118 -76.57 -17.49 21.53
N GLU L 119 -76.34 -16.27 21.06
CA GLU L 119 -75.82 -15.17 21.84
C GLU L 119 -76.79 -14.81 22.95
N LEU L 120 -78.06 -14.70 22.59
CA LEU L 120 -79.12 -14.34 23.55
C LEU L 120 -79.39 -15.38 24.63
N LEU L 121 -79.13 -16.65 24.32
CA LEU L 121 -79.35 -17.79 25.26
C LEU L 121 -78.18 -18.08 26.20
N LYS L 122 -77.14 -17.30 26.10
CA LYS L 122 -76.00 -17.51 26.95
C LYS L 122 -76.37 -17.30 28.41
N GLY L 123 -76.01 -18.29 29.22
CA GLY L 123 -76.02 -18.21 30.67
C GLY L 123 -74.73 -17.68 31.26
N GLU L 124 -74.65 -17.71 32.57
CA GLU L 124 -73.56 -17.08 33.29
C GLU L 124 -72.83 -18.17 34.01
N HIS L 125 -71.58 -18.38 33.62
CA HIS L 125 -70.74 -19.41 34.21
C HIS L 125 -69.90 -18.81 35.34
N SER L 126 -69.83 -19.46 36.51
CA SER L 126 -69.09 -18.92 37.67
C SER L 126 -68.10 -19.92 38.23
N ARG L 127 -66.82 -19.57 38.21
CA ARG L 127 -65.75 -20.45 38.66
C ARG L 127 -65.46 -20.26 40.13
N ASN L 128 -65.37 -21.39 40.83
CA ASN L 128 -65.03 -21.49 42.26
C ASN L 128 -65.92 -20.64 43.13
N VAL L 129 -67.23 -20.85 43.02
CA VAL L 129 -68.17 -20.25 43.97
C VAL L 129 -67.79 -20.65 45.40
N GLY L 130 -67.45 -21.93 45.57
CA GLY L 130 -66.71 -22.43 46.72
C GLY L 130 -65.38 -22.97 46.22
N PRO L 131 -64.55 -23.55 47.11
CA PRO L 131 -63.29 -24.14 46.66
C PRO L 131 -63.49 -25.39 45.83
N GLY L 132 -63.01 -25.34 44.59
CA GLY L 132 -63.27 -26.39 43.58
C GLY L 132 -64.74 -26.67 43.27
N ILE L 133 -65.58 -25.65 43.34
CA ILE L 133 -67.02 -25.81 43.09
C ILE L 133 -67.46 -24.74 42.11
N ASP L 134 -67.98 -25.16 40.96
CA ASP L 134 -68.43 -24.22 39.94
C ASP L 134 -69.94 -24.20 39.92
N SER L 135 -70.49 -23.13 39.35
CA SER L 135 -71.93 -22.96 39.24
C SER L 135 -72.22 -22.17 37.99
N TRP L 136 -73.17 -22.64 37.17
CA TRP L 136 -73.58 -21.84 36.02
C TRP L 136 -75.09 -21.75 35.91
N SER L 137 -75.59 -20.76 35.17
CA SER L 137 -77.02 -20.66 34.87
C SER L 137 -77.31 -21.09 33.43
N GLU L 138 -78.46 -21.73 33.24
CA GLU L 138 -78.97 -22.04 31.92
C GLU L 138 -80.40 -21.55 31.90
N PHE L 139 -80.80 -21.03 30.75
CA PHE L 139 -82.17 -20.60 30.51
C PHE L 139 -82.86 -21.58 29.58
N GLN L 140 -83.47 -22.60 30.14
CA GLN L 140 -84.03 -23.69 29.34
C GLN L 140 -85.47 -23.39 28.89
N PRO L 141 -85.95 -24.07 27.84
CA PRO L 141 -87.30 -23.89 27.32
C PRO L 141 -88.40 -24.23 28.29
N MET L 142 -89.52 -23.51 28.16
CA MET L 142 -90.67 -23.70 29.00
C MET L 142 -91.41 -24.99 28.63
N GLY L 143 -91.69 -25.18 27.35
CA GLY L 143 -92.62 -26.20 26.89
C GLY L 143 -93.55 -25.58 25.86
N VAL L 144 -94.86 -25.77 26.05
CA VAL L 144 -95.86 -25.20 25.17
C VAL L 144 -96.22 -23.79 25.65
N VAL L 145 -96.09 -22.84 24.74
CA VAL L 145 -96.32 -21.46 25.02
C VAL L 145 -97.53 -21.00 24.21
N ALA L 146 -98.33 -20.12 24.82
CA ALA L 146 -99.55 -19.63 24.26
C ALA L 146 -99.36 -18.19 23.89
N GLY L 147 -99.79 -17.80 22.68
CA GLY L 147 -99.84 -16.40 22.27
C GLY L 147 -101.24 -15.99 21.83
N ILE L 148 -101.66 -14.77 22.17
CA ILE L 148 -103.01 -14.27 21.93
C ILE L 148 -102.79 -12.86 21.48
N THR L 149 -103.29 -12.50 20.30
CA THR L 149 -102.88 -11.25 19.65
C THR L 149 -104.08 -10.45 19.17
N PRO L 150 -103.93 -9.12 19.04
CA PRO L 150 -105.03 -8.28 18.62
C PRO L 150 -105.14 -8.12 17.10
N PHE L 151 -106.20 -7.42 16.69
CA PHE L 151 -106.56 -7.21 15.29
C PHE L 151 -105.68 -6.18 14.63
N ASN L 152 -105.24 -5.20 15.41
CA ASN L 152 -104.64 -4.02 14.81
C ASN L 152 -103.25 -4.24 14.21
N PHE L 153 -102.57 -5.29 14.68
CA PHE L 153 -101.34 -5.80 14.04
C PHE L 153 -101.33 -7.32 13.84
N PRO L 154 -102.07 -7.82 12.82
CA PRO L 154 -102.24 -9.27 12.67
C PRO L 154 -100.97 -10.03 12.28
N VAL L 155 -99.91 -9.28 11.96
CA VAL L 155 -98.63 -9.85 11.56
C VAL L 155 -97.48 -9.52 12.52
N MET L 156 -97.34 -8.25 12.91
CA MET L 156 -96.23 -7.84 13.76
C MET L 156 -96.30 -8.40 15.18
N VAL L 157 -97.43 -8.20 15.85
CA VAL L 157 -97.56 -8.61 17.23
C VAL L 157 -97.34 -10.11 17.24
N PRO L 158 -98.00 -10.88 16.37
CA PRO L 158 -97.65 -12.29 16.44
C PRO L 158 -96.15 -12.55 16.27
N LEU L 159 -95.50 -11.78 15.41
CA LEU L 159 -94.03 -11.89 15.25
C LEU L 159 -93.19 -11.37 16.44
N TRP L 160 -93.82 -10.59 17.33
CA TRP L 160 -93.28 -10.32 18.67
C TRP L 160 -93.04 -11.59 19.48
N MET L 161 -93.88 -12.60 19.24
CA MET L 161 -94.04 -13.73 20.14
C MET L 161 -93.38 -15.03 19.66
N PHE L 162 -93.92 -15.62 18.59
CA PHE L 162 -93.54 -17.00 18.21
C PHE L 162 -92.13 -17.15 17.65
N PRO L 163 -91.61 -16.12 16.98
CA PRO L 163 -90.21 -16.21 16.53
C PRO L 163 -89.25 -16.43 17.68
N MET L 164 -89.33 -15.58 18.71
CA MET L 164 -88.40 -15.73 19.85
C MET L 164 -88.73 -16.97 20.71
N ALA L 165 -90.03 -17.20 20.96
CA ALA L 165 -90.47 -18.34 21.75
C ALA L 165 -89.97 -19.64 21.15
N ILE L 166 -90.09 -19.77 19.82
CA ILE L 166 -89.78 -21.04 19.13
C ILE L 166 -88.27 -21.20 19.05
N VAL L 167 -87.58 -20.09 18.79
CA VAL L 167 -86.14 -20.16 18.67
C VAL L 167 -85.51 -20.44 20.05
N CYS L 168 -86.18 -20.04 21.14
CA CYS L 168 -85.76 -20.39 22.51
C CYS L 168 -86.08 -21.82 22.95
N GLY L 169 -86.60 -22.65 22.05
CA GLY L 169 -86.81 -24.08 22.32
C GLY L 169 -88.23 -24.48 22.69
N ASN L 170 -89.16 -23.55 22.53
CA ASN L 170 -90.57 -23.85 22.80
C ASN L 170 -91.38 -24.23 21.55
N CYS L 171 -92.50 -24.88 21.78
CA CYS L 171 -93.53 -25.01 20.78
C CYS L 171 -94.60 -23.99 21.11
N PHE L 172 -95.35 -23.55 20.11
CA PHE L 172 -96.24 -22.39 20.25
C PHE L 172 -97.64 -22.74 19.76
N VAL L 173 -98.64 -22.09 20.36
CA VAL L 173 -100.00 -22.18 19.89
C VAL L 173 -100.49 -20.76 19.92
N LEU L 174 -100.67 -20.19 18.73
CA LEU L 174 -101.10 -18.82 18.59
C LEU L 174 -102.59 -18.79 18.42
N LYS L 175 -103.23 -17.78 19.03
CA LYS L 175 -104.65 -17.51 18.88
C LYS L 175 -104.79 -16.03 18.55
N PRO L 176 -104.81 -15.70 17.25
CA PRO L 176 -104.88 -14.32 16.78
C PRO L 176 -106.30 -13.80 16.61
N SER L 177 -106.40 -12.52 16.28
CA SER L 177 -107.71 -11.86 16.20
C SER L 177 -108.59 -12.48 15.14
N GLU L 178 -109.84 -12.76 15.52
CA GLU L 178 -110.86 -13.33 14.61
C GLU L 178 -111.29 -12.35 13.50
N ARG L 179 -110.98 -11.06 13.70
CA ARG L 179 -111.34 -10.00 12.78
C ARG L 179 -110.50 -9.98 11.52
N ASP L 180 -109.24 -10.41 11.60
CA ASP L 180 -108.36 -10.50 10.41
C ASP L 180 -107.36 -11.64 10.43
N PRO L 181 -107.83 -12.89 10.41
CA PRO L 181 -106.97 -14.05 10.59
C PRO L 181 -106.12 -14.50 9.39
N SER L 182 -106.40 -14.00 8.18
CA SER L 182 -105.78 -14.55 6.95
C SER L 182 -104.29 -14.23 6.83
N SER L 183 -103.94 -12.97 7.08
CA SER L 183 -102.54 -12.55 7.01
C SER L 183 -101.68 -13.35 7.97
N THR L 184 -102.15 -13.42 9.20
CA THR L 184 -101.50 -14.18 10.25
C THR L 184 -101.30 -15.65 9.88
N LEU L 185 -102.33 -16.29 9.35
CA LEU L 185 -102.30 -17.73 9.07
C LEU L 185 -101.37 -18.03 7.93
N TYR L 186 -101.25 -17.08 7.01
CA TYR L 186 -100.37 -17.19 5.85
C TYR L 186 -98.93 -17.28 6.32
N ILE L 187 -98.59 -16.30 7.13
CA ILE L 187 -97.29 -16.19 7.75
C ILE L 187 -96.87 -17.45 8.52
N ALA L 188 -97.82 -18.08 9.19
CA ALA L 188 -97.54 -19.30 9.94
C ALA L 188 -97.27 -20.49 9.02
N GLN L 189 -97.90 -20.52 7.85
CA GLN L 189 -97.66 -21.57 6.85
C GLN L 189 -96.25 -21.41 6.31
N LEU L 190 -95.84 -20.16 6.09
CA LEU L 190 -94.47 -19.84 5.66
C LEU L 190 -93.34 -20.35 6.57
N LEU L 191 -93.64 -20.56 7.85
CA LEU L 191 -92.71 -21.19 8.79
C LEU L 191 -92.51 -22.70 8.54
N GLN L 192 -93.55 -23.42 8.07
CA GLN L 192 -93.37 -24.84 7.65
C GLN L 192 -92.39 -24.90 6.52
N GLU L 193 -92.64 -24.08 5.50
CA GLU L 193 -91.76 -23.93 4.35
C GLU L 193 -90.30 -23.59 4.76
N ALA L 194 -90.12 -22.76 5.80
CA ALA L 194 -88.77 -22.41 6.27
C ALA L 194 -88.01 -23.57 6.94
N GLY L 195 -88.70 -24.70 7.15
CA GLY L 195 -88.08 -25.92 7.66
C GLY L 195 -88.48 -26.32 9.08
N LEU L 196 -89.48 -25.64 9.64
CA LEU L 196 -89.82 -25.87 11.02
C LEU L 196 -90.54 -27.18 11.17
N PRO L 197 -90.08 -28.04 12.09
CA PRO L 197 -90.83 -29.28 12.32
C PRO L 197 -92.35 -29.13 12.59
N ASP L 198 -93.11 -30.10 12.09
CA ASP L 198 -94.52 -30.13 12.35
C ASP L 198 -94.78 -30.05 13.85
N GLY L 199 -95.74 -29.21 14.21
CA GLY L 199 -96.26 -29.18 15.55
C GLY L 199 -95.61 -28.15 16.43
N VAL L 200 -94.46 -27.65 15.99
CA VAL L 200 -93.75 -26.63 16.75
C VAL L 200 -94.50 -25.29 16.71
N MET L 201 -95.11 -24.98 15.58
CA MET L 201 -95.94 -23.78 15.48
C MET L 201 -97.33 -24.21 15.05
N ASN L 202 -98.31 -23.82 15.86
CA ASN L 202 -99.69 -24.12 15.61
C ASN L 202 -100.46 -22.82 15.70
N VAL L 203 -101.61 -22.80 15.03
CA VAL L 203 -102.52 -21.64 15.03
C VAL L 203 -103.94 -22.13 15.26
N VAL L 204 -104.63 -21.53 16.24
CA VAL L 204 -106.06 -21.79 16.41
C VAL L 204 -106.87 -20.50 16.43
N ASN L 205 -107.77 -20.41 15.48
CA ASN L 205 -108.70 -19.33 15.39
C ASN L 205 -109.98 -19.62 16.20
N GLY L 206 -110.52 -18.55 16.79
CA GLY L 206 -111.67 -18.66 17.65
C GLY L 206 -111.87 -17.38 18.46
N ASP L 207 -112.63 -17.54 19.54
CA ASP L 207 -112.99 -16.44 20.43
C ASP L 207 -112.64 -16.87 21.87
N LYS L 208 -113.38 -16.34 22.86
CA LYS L 208 -113.13 -16.59 24.29
C LYS L 208 -113.00 -18.05 24.64
N GLU L 209 -113.72 -18.93 23.93
CA GLU L 209 -113.65 -20.38 24.18
C GLU L 209 -112.28 -20.93 23.82
N ALA L 210 -111.65 -20.38 22.80
CA ALA L 210 -110.36 -20.88 22.40
C ALA L 210 -109.31 -20.38 23.39
N VAL L 211 -109.40 -19.09 23.74
CA VAL L 211 -108.50 -18.50 24.72
C VAL L 211 -108.59 -19.25 26.06
N ASP L 212 -109.81 -19.43 26.58
CA ASP L 212 -110.01 -20.12 27.86
C ASP L 212 -109.42 -21.53 27.86
N ALA L 213 -109.49 -22.19 26.70
CA ALA L 213 -108.89 -23.52 26.57
C ALA L 213 -107.38 -23.47 26.82
N LEU L 214 -106.71 -22.51 26.18
CA LEU L 214 -105.27 -22.26 26.43
C LEU L 214 -104.91 -21.91 27.88
N LEU L 215 -105.72 -21.06 28.50
CA LEU L 215 -105.47 -20.67 29.87
C LEU L 215 -105.73 -21.76 30.90
N HIS L 216 -106.57 -22.75 30.58
CA HIS L 216 -106.90 -23.81 31.57
C HIS L 216 -106.21 -25.16 31.36
N ASP L 217 -105.46 -25.30 30.28
CA ASP L 217 -104.78 -26.58 29.99
C ASP L 217 -103.43 -26.52 30.70
N ASP L 218 -103.14 -27.51 31.53
CA ASP L 218 -101.89 -27.51 32.31
C ASP L 218 -100.61 -27.58 31.46
N ARG L 219 -100.72 -28.08 30.23
CA ARG L 219 -99.58 -28.16 29.33
C ARG L 219 -99.08 -26.79 28.85
N VAL L 220 -99.95 -25.78 28.85
CA VAL L 220 -99.55 -24.44 28.42
C VAL L 220 -98.86 -23.80 29.59
N LYS L 221 -97.54 -23.63 29.47
CA LYS L 221 -96.69 -23.14 30.56
C LYS L 221 -96.45 -21.63 30.57
N ALA L 222 -96.90 -20.92 29.55
CA ALA L 222 -96.73 -19.46 29.54
C ALA L 222 -97.69 -18.80 28.55
N VAL L 223 -98.09 -17.57 28.86
CA VAL L 223 -99.15 -16.89 28.09
C VAL L 223 -98.73 -15.44 27.78
N SER L 224 -98.61 -15.13 26.50
CA SER L 224 -98.27 -13.80 26.05
C SER L 224 -99.52 -13.24 25.46
N PHE L 225 -100.09 -12.25 26.13
CA PHE L 225 -101.24 -11.52 25.63
C PHE L 225 -100.86 -10.10 25.23
N VAL L 226 -101.48 -9.65 24.14
CA VAL L 226 -101.45 -8.26 23.75
C VAL L 226 -102.83 -7.87 23.27
N GLY L 227 -103.42 -6.84 23.89
CA GLY L 227 -104.75 -6.35 23.50
C GLY L 227 -105.26 -5.20 24.35
N SER L 228 -106.55 -5.19 24.66
CA SER L 228 -107.15 -4.16 25.52
C SER L 228 -106.91 -4.49 27.00
N THR L 229 -107.00 -3.45 27.84
CA THR L 229 -106.74 -3.55 29.29
C THR L 229 -107.74 -4.46 30.00
N PRO L 230 -109.05 -4.27 29.74
CA PRO L 230 -110.03 -5.14 30.40
C PRO L 230 -109.75 -6.61 30.12
N ILE L 231 -109.40 -6.97 28.89
CA ILE L 231 -109.09 -8.37 28.57
C ILE L 231 -107.70 -8.76 29.08
N ALA L 232 -106.71 -7.88 28.93
CA ALA L 232 -105.40 -8.12 29.54
C ALA L 232 -105.54 -8.56 31.00
N GLU L 233 -106.28 -7.76 31.76
CA GLU L 233 -106.55 -8.02 33.19
C GLU L 233 -107.23 -9.35 33.43
N TYR L 234 -108.19 -9.69 32.57
CA TYR L 234 -108.82 -11.00 32.66
C TYR L 234 -107.80 -12.09 32.39
N ILE L 235 -107.04 -11.93 31.31
CA ILE L 235 -106.04 -12.95 30.95
C ILE L 235 -104.97 -13.08 32.06
N TYR L 236 -104.48 -11.95 32.54
CA TYR L 236 -103.45 -11.95 33.55
C TYR L 236 -103.94 -12.60 34.83
N ARG L 237 -105.15 -12.25 35.22
CA ARG L 237 -105.74 -12.82 36.41
C ARG L 237 -105.96 -14.34 36.28
N THR L 238 -106.57 -14.76 35.19
CA THR L 238 -106.85 -16.18 34.95
C THR L 238 -105.57 -16.97 34.83
N ALA L 239 -104.56 -16.40 34.20
CA ALA L 239 -103.33 -17.15 33.98
C ALA L 239 -102.62 -17.37 35.31
N SER L 240 -102.56 -16.30 36.09
CA SER L 240 -102.03 -16.33 37.47
C SER L 240 -102.79 -17.24 38.41
N ALA L 241 -104.11 -17.22 38.36
CA ALA L 241 -104.92 -18.18 39.13
C ALA L 241 -104.55 -19.63 38.84
N ASN L 242 -104.39 -19.95 37.56
CA ASN L 242 -104.00 -21.27 37.10
C ASN L 242 -102.52 -21.62 37.29
N GLY L 243 -101.73 -20.66 37.77
CA GLY L 243 -100.31 -20.86 38.18
C GLY L 243 -99.23 -20.53 37.15
N LYS L 244 -99.61 -20.46 35.88
CA LYS L 244 -98.67 -20.22 34.78
C LYS L 244 -98.27 -18.77 34.66
N ARG L 245 -97.07 -18.55 34.17
CA ARG L 245 -96.55 -17.19 34.00
C ARG L 245 -97.27 -16.50 32.86
N CYS L 246 -97.25 -15.17 32.87
CA CYS L 246 -98.01 -14.40 31.91
C CYS L 246 -97.49 -12.96 31.77
N GLN L 247 -97.57 -12.47 30.54
CA GLN L 247 -97.40 -11.05 30.27
C GLN L 247 -98.59 -10.58 29.44
N ALA L 248 -99.22 -9.50 29.87
CA ALA L 248 -100.41 -9.00 29.19
C ALA L 248 -100.30 -7.51 29.01
N LEU L 249 -100.21 -7.12 27.75
CA LEU L 249 -100.12 -5.72 27.41
C LEU L 249 -101.49 -5.18 27.11
N GLY L 250 -101.70 -3.95 27.53
CA GLY L 250 -103.03 -3.32 27.49
C GLY L 250 -103.15 -2.05 26.65
N GLY L 251 -104.17 -1.26 26.96
CA GLY L 251 -104.47 -0.08 26.19
C GLY L 251 -103.51 1.05 26.42
N ALA L 252 -103.87 2.21 25.89
CA ALA L 252 -103.00 3.36 25.91
C ALA L 252 -103.75 4.64 25.59
N LYS L 253 -103.29 5.74 26.19
CA LYS L 253 -103.62 7.10 25.79
C LYS L 253 -102.31 7.88 25.80
N ASN L 254 -101.65 7.88 24.66
CA ASN L 254 -100.33 8.50 24.52
C ASN L 254 -100.41 10.01 24.38
N HIS L 255 -99.66 10.71 25.22
CA HIS L 255 -99.62 12.16 25.22
C HIS L 255 -98.28 12.63 24.66
N ALA L 256 -98.28 13.76 23.96
CA ALA L 256 -97.05 14.45 23.54
C ALA L 256 -97.04 15.88 24.05
N ILE L 257 -95.97 16.27 24.73
CA ILE L 257 -95.82 17.66 25.15
C ILE L 257 -95.20 18.43 24.00
N VAL L 258 -95.84 19.53 23.61
CA VAL L 258 -95.28 20.44 22.62
C VAL L 258 -94.79 21.66 23.39
N MET L 259 -93.48 21.84 23.45
CA MET L 259 -92.90 22.90 24.24
C MET L 259 -92.77 24.15 23.41
N PRO L 260 -92.71 25.33 24.07
CA PRO L 260 -92.55 26.58 23.33
C PRO L 260 -91.39 26.57 22.32
N ASP L 261 -90.23 26.05 22.72
CA ASP L 261 -89.03 26.05 21.88
C ASP L 261 -89.05 25.06 20.69
N ALA L 262 -90.04 24.18 20.62
CA ALA L 262 -90.11 23.14 19.60
C ALA L 262 -90.29 23.65 18.17
N ASP L 263 -89.74 22.94 17.19
CA ASP L 263 -90.05 23.25 15.80
C ASP L 263 -91.43 22.73 15.45
N MET L 264 -92.40 23.64 15.45
CA MET L 264 -93.80 23.27 15.31
C MET L 264 -94.07 22.54 13.99
N ASP L 265 -93.41 22.95 12.92
CA ASP L 265 -93.61 22.30 11.62
C ASP L 265 -93.25 20.82 11.70
N ASN L 266 -92.10 20.54 12.28
CA ASN L 266 -91.66 19.16 12.48
C ASN L 266 -92.58 18.38 13.45
N ALA L 267 -93.12 19.08 14.44
CA ALA L 267 -94.02 18.47 15.39
C ALA L 267 -95.28 18.01 14.66
N VAL L 268 -95.93 18.95 13.98
CA VAL L 268 -97.16 18.70 13.27
C VAL L 268 -97.00 17.63 12.22
N ASN L 269 -95.97 17.78 11.36
CA ASN L 269 -95.68 16.77 10.34
C ASN L 269 -95.60 15.37 10.96
N GLN L 270 -94.97 15.25 12.13
CA GLN L 270 -94.82 13.94 12.78
C GLN L 270 -96.06 13.46 13.55
N LEU L 271 -96.89 14.40 14.01
CA LEU L 271 -98.16 14.07 14.64
C LEU L 271 -99.22 13.56 13.68
N LEU L 272 -99.15 13.91 12.40
CA LEU L 272 -100.05 13.32 11.38
C LEU L 272 -99.97 11.79 11.38
N GLY L 273 -98.77 11.29 11.13
CA GLY L 273 -98.55 9.86 11.08
C GLY L 273 -98.81 9.18 12.41
N ALA L 274 -98.49 9.89 13.49
CA ALA L 274 -98.57 9.37 14.86
C ALA L 274 -100.00 9.16 15.31
N ALA L 275 -100.85 10.15 15.00
CA ALA L 275 -102.27 10.16 15.38
C ALA L 275 -103.18 9.44 14.40
N PHE L 276 -102.93 9.63 13.11
CA PHE L 276 -103.84 9.17 12.06
C PHE L 276 -103.33 7.98 11.26
N GLY L 277 -102.04 7.65 11.42
CA GLY L 277 -101.51 6.42 10.84
C GLY L 277 -102.27 5.19 11.33
N SER L 278 -102.45 4.24 10.41
CA SER L 278 -103.28 3.04 10.63
C SER L 278 -104.69 3.37 11.17
N SER L 279 -105.22 4.53 10.75
CA SER L 279 -106.56 5.02 11.15
C SER L 279 -106.69 5.26 12.67
N GLY L 280 -105.56 5.56 13.31
CA GLY L 280 -105.47 5.67 14.77
C GLY L 280 -105.46 4.36 15.56
N GLU L 281 -105.76 3.23 14.89
CA GLU L 281 -105.89 1.92 15.53
C GLU L 281 -104.54 1.35 15.91
N ARG L 282 -103.94 1.97 16.91
CA ARG L 282 -102.58 1.68 17.32
C ARG L 282 -102.43 1.91 18.84
N CYS L 283 -101.57 1.13 19.47
CA CYS L 283 -101.27 1.24 20.91
C CYS L 283 -100.30 2.35 21.23
N MET L 284 -99.49 2.69 20.23
CA MET L 284 -98.56 3.79 20.30
C MET L 284 -99.07 5.08 19.63
N ALA L 285 -100.29 5.00 19.08
CA ALA L 285 -100.98 6.13 18.48
C ALA L 285 -100.89 7.30 19.43
N LEU L 286 -100.54 8.45 18.88
CA LEU L 286 -100.40 9.63 19.68
C LEU L 286 -101.70 10.41 19.57
N SER L 287 -102.51 10.30 20.62
CA SER L 287 -103.91 10.71 20.57
C SER L 287 -104.14 11.94 21.38
N VAL L 288 -103.13 12.38 22.13
CA VAL L 288 -103.22 13.59 22.96
C VAL L 288 -101.97 14.42 22.81
N ALA L 289 -102.16 15.66 22.36
CA ALA L 289 -101.09 16.62 22.19
C ALA L 289 -101.31 17.67 23.24
N VAL L 290 -100.44 17.67 24.25
CA VAL L 290 -100.49 18.65 25.30
C VAL L 290 -99.63 19.85 24.93
N ALA L 291 -100.29 20.95 24.54
CA ALA L 291 -99.58 22.17 24.25
C ALA L 291 -99.39 22.97 25.53
N VAL L 292 -98.14 23.35 25.81
CA VAL L 292 -97.80 24.17 27.00
C VAL L 292 -97.66 25.64 26.58
N GLY L 293 -98.56 26.47 27.12
CA GLY L 293 -98.76 27.84 26.66
C GLY L 293 -99.75 27.86 25.51
N ASP L 294 -100.11 29.06 25.06
CA ASP L 294 -100.94 29.20 23.86
C ASP L 294 -101.01 30.65 23.38
N ALA L 295 -100.06 31.16 22.60
CA ALA L 295 -98.80 30.52 22.17
C ALA L 295 -98.99 29.21 21.36
N ALA L 296 -98.26 28.16 21.75
CA ALA L 296 -98.15 26.90 21.00
C ALA L 296 -99.48 26.22 20.69
N GLY L 297 -100.43 26.28 21.63
CA GLY L 297 -101.76 25.68 21.45
C GLY L 297 -102.40 26.13 20.15
N ASP L 298 -102.44 27.45 19.97
CA ASP L 298 -103.07 28.08 18.81
C ASP L 298 -102.32 27.72 17.54
N ALA L 299 -100.99 27.88 17.63
CA ALA L 299 -100.06 27.56 16.55
C ALA L 299 -100.15 26.09 16.12
N LEU L 300 -100.33 25.20 17.12
CA LEU L 300 -100.46 23.76 16.90
C LEU L 300 -101.77 23.43 16.21
N VAL L 301 -102.86 23.96 16.74
CA VAL L 301 -104.18 23.72 16.15
C VAL L 301 -104.25 24.24 14.73
N SER L 302 -103.72 25.44 14.52
CA SER L 302 -103.73 26.09 13.20
C SER L 302 -103.03 25.18 12.18
N LYS L 303 -101.75 24.92 12.41
CA LYS L 303 -100.93 24.10 11.49
C LYS L 303 -101.40 22.65 11.37
N MET L 304 -101.98 22.11 12.43
CA MET L 304 -102.53 20.75 12.39
C MET L 304 -103.80 20.69 11.55
N THR L 305 -104.63 21.74 11.63
CA THR L 305 -105.81 21.85 10.78
C THR L 305 -105.41 21.85 9.30
N GLN L 306 -104.36 22.61 9.00
CA GLN L 306 -103.82 22.75 7.64
C GLN L 306 -103.51 21.42 7.01
N ALA L 307 -102.52 20.74 7.61
CA ALA L 307 -101.99 19.49 7.07
C ALA L 307 -103.06 18.42 6.99
N MET L 308 -103.94 18.39 7.99
CA MET L 308 -105.07 17.45 8.06
C MET L 308 -106.00 17.50 6.83
N GLN L 309 -106.12 18.67 6.19
CA GLN L 309 -106.88 18.80 4.93
C GLN L 309 -106.25 17.97 3.78
N LYS L 310 -104.92 17.79 3.81
CA LYS L 310 -104.18 16.97 2.81
C LYS L 310 -104.45 15.46 2.91
N LEU L 311 -105.07 15.01 4.00
CA LEU L 311 -105.32 13.59 4.23
C LEU L 311 -106.30 12.91 3.28
N LYS L 312 -106.01 11.65 2.98
CA LYS L 312 -106.79 10.88 2.04
C LYS L 312 -107.20 9.59 2.72
N VAL L 313 -108.49 9.45 2.94
CA VAL L 313 -109.05 8.28 3.58
C VAL L 313 -109.68 7.47 2.47
N GLY L 314 -109.26 6.24 2.33
CA GLY L 314 -109.89 5.42 1.34
C GLY L 314 -109.49 3.98 1.50
N PRO L 315 -109.98 3.13 0.62
CA PRO L 315 -109.62 1.73 0.72
C PRO L 315 -108.16 1.46 0.37
N SER L 316 -107.70 0.27 0.77
CA SER L 316 -106.36 -0.27 0.47
C SER L 316 -106.12 -0.69 -1.00
N THR L 317 -107.16 -0.73 -1.83
CA THR L 317 -107.01 -0.90 -3.29
C THR L 317 -106.36 0.34 -3.90
N ASP L 318 -106.74 1.53 -3.41
CA ASP L 318 -106.02 2.75 -3.73
C ASP L 318 -104.84 2.97 -2.76
N SER L 319 -103.62 2.74 -3.26
CA SER L 319 -102.40 3.26 -2.62
C SER L 319 -102.45 4.77 -2.70
N GLY L 320 -101.63 5.43 -1.89
CA GLY L 320 -101.65 6.89 -1.89
C GLY L 320 -102.68 7.47 -0.94
N ASN L 321 -103.70 6.68 -0.57
CA ASN L 321 -104.46 6.88 0.66
C ASN L 321 -103.54 6.85 1.89
N ASP L 322 -103.72 7.81 2.77
CA ASP L 322 -102.95 7.88 3.99
C ASP L 322 -103.39 6.77 4.99
N PHE L 323 -104.70 6.57 5.17
CA PHE L 323 -105.21 5.50 6.02
C PHE L 323 -106.51 4.87 5.57
N GLY L 324 -106.77 3.67 6.08
CA GLY L 324 -107.92 2.86 5.70
C GLY L 324 -109.14 3.01 6.61
N PRO L 325 -110.06 2.03 6.55
CA PRO L 325 -111.20 2.04 7.43
C PRO L 325 -110.89 1.45 8.78
N VAL L 326 -111.66 1.88 9.76
CA VAL L 326 -111.75 1.26 11.08
C VAL L 326 -112.16 -0.21 10.90
N ILE L 327 -111.90 -1.03 11.91
CA ILE L 327 -112.07 -2.50 11.79
C ILE L 327 -113.51 -3.03 11.59
N THR L 328 -114.48 -2.49 12.33
CA THR L 328 -115.88 -2.98 12.34
C THR L 328 -116.88 -1.84 12.32
N ARG L 329 -118.15 -2.18 12.06
CA ARG L 329 -119.26 -1.26 12.21
C ARG L 329 -119.42 -0.88 13.67
N GLN L 330 -119.29 -1.86 14.55
CA GLN L 330 -119.38 -1.65 15.99
C GLN L 330 -118.33 -0.64 16.47
N HIS L 331 -117.08 -0.86 16.05
CA HIS L 331 -115.99 0.08 16.32
C HIS L 331 -116.15 1.46 15.65
N GLN L 332 -116.72 1.47 14.44
CA GLN L 332 -117.03 2.73 13.79
C GLN L 332 -117.94 3.57 14.66
N GLU L 333 -119.06 2.97 15.08
CA GLU L 333 -120.05 3.67 15.90
C GLU L 333 -119.44 4.18 17.22
N LYS L 334 -118.61 3.32 17.83
CA LYS L 334 -117.96 3.64 19.11
C LYS L 334 -117.09 4.90 19.00
N VAL L 335 -116.31 4.97 17.93
CA VAL L 335 -115.43 6.12 17.65
C VAL L 335 -116.23 7.40 17.39
N ILE L 336 -117.28 7.27 16.59
CA ILE L 336 -118.23 8.36 16.34
C ILE L 336 -118.75 8.83 17.71
N GLY L 337 -119.28 7.87 18.48
CA GLY L 337 -119.79 8.11 19.85
C GLY L 337 -118.88 8.83 20.83
N TYR L 338 -117.57 8.61 20.71
CA TYR L 338 -116.57 9.37 21.50
C TYR L 338 -116.47 10.82 21.04
N ILE L 339 -116.48 11.02 19.72
CA ILE L 339 -116.38 12.36 19.15
C ILE L 339 -117.63 13.18 19.52
N ASN L 340 -118.80 12.54 19.42
CA ASN L 340 -120.05 13.11 19.92
C ASN L 340 -119.92 13.50 21.38
N SER L 341 -119.55 12.54 22.22
CA SER L 341 -119.24 12.78 23.64
C SER L 341 -118.20 13.88 23.89
N ALA L 342 -117.22 14.05 23.01
CA ALA L 342 -116.27 15.15 23.13
C ALA L 342 -116.96 16.49 22.93
N GLU L 343 -117.65 16.61 21.80
CA GLU L 343 -118.34 17.85 21.43
C GLU L 343 -119.30 18.28 22.52
N GLN L 344 -120.15 17.33 22.90
CA GLN L 344 -121.13 17.51 23.95
C GLN L 344 -120.52 18.17 25.19
N GLN L 345 -119.52 17.51 25.76
CA GLN L 345 -118.90 17.92 27.03
C GLN L 345 -118.06 19.21 26.97
N GLY L 346 -118.06 19.91 25.83
CA GLY L 346 -117.51 21.28 25.73
C GLY L 346 -116.37 21.46 24.75
N ALA L 347 -115.95 20.36 24.13
CA ALA L 347 -114.76 20.33 23.27
C ALA L 347 -115.03 20.82 21.85
N THR L 348 -114.11 21.64 21.34
CA THR L 348 -114.21 22.22 20.01
C THR L 348 -113.79 21.26 18.88
N ILE L 349 -114.76 20.81 18.09
CA ILE L 349 -114.48 19.91 16.97
C ILE L 349 -113.90 20.72 15.79
N VAL L 350 -112.60 21.01 15.86
CA VAL L 350 -111.94 21.84 14.85
C VAL L 350 -112.11 21.21 13.47
N VAL L 351 -111.71 19.95 13.33
CA VAL L 351 -111.91 19.21 12.07
C VAL L 351 -112.85 18.05 12.32
N ASP L 352 -113.96 17.98 11.59
CA ASP L 352 -115.03 16.98 11.84
C ASP L 352 -114.95 15.87 10.83
N GLY L 353 -114.64 14.66 11.28
CA GLY L 353 -114.57 13.49 10.39
C GLY L 353 -115.59 12.41 10.67
N ARG L 354 -116.63 12.74 11.46
CA ARG L 354 -117.72 11.80 11.78
C ARG L 354 -118.53 11.43 10.56
N GLN L 355 -118.61 12.36 9.63
CA GLN L 355 -119.32 12.17 8.36
C GLN L 355 -118.28 12.26 7.22
N PRO L 356 -117.39 11.24 7.09
CA PRO L 356 -116.31 11.36 6.10
C PRO L 356 -116.86 11.40 4.70
N LYS L 357 -117.69 10.41 4.38
CA LYS L 357 -118.36 10.33 3.09
C LYS L 357 -117.37 10.43 1.92
N VAL L 358 -116.08 10.31 2.20
CA VAL L 358 -115.03 10.52 1.19
C VAL L 358 -115.17 9.43 0.13
N PRO L 359 -115.38 8.15 0.55
CA PRO L 359 -115.79 7.14 -0.43
C PRO L 359 -117.24 7.38 -0.86
N ASN L 360 -117.65 7.21 -2.13
CA ASN L 360 -116.94 6.60 -3.29
C ASN L 360 -117.09 5.10 -3.32
N HIS L 361 -118.34 4.66 -3.47
CA HIS L 361 -118.73 3.25 -3.65
C HIS L 361 -118.47 2.40 -2.42
N GLU L 362 -118.43 3.07 -1.26
CA GLU L 362 -118.14 2.44 0.03
C GLU L 362 -119.01 3.05 1.15
N ASN L 363 -119.97 2.24 1.63
CA ASN L 363 -120.58 2.39 2.97
C ASN L 363 -119.92 1.34 3.92
N GLY L 364 -118.58 1.31 3.90
CA GLY L 364 -117.81 0.56 4.87
C GLY L 364 -117.54 1.46 6.06
N PHE L 365 -116.60 1.01 6.89
CA PHE L 365 -116.48 1.48 8.27
C PHE L 365 -115.50 2.66 8.38
N PHE L 366 -115.71 3.68 7.53
CA PHE L 366 -114.77 4.80 7.40
C PHE L 366 -114.98 5.93 8.40
N VAL L 367 -113.88 6.43 8.91
CA VAL L 367 -113.88 7.58 9.81
C VAL L 367 -112.74 8.48 9.34
N GLY L 368 -113.05 9.74 9.13
CA GLY L 368 -112.06 10.71 8.67
C GLY L 368 -111.27 11.32 9.81
N GLY L 369 -110.14 11.93 9.46
CA GLY L 369 -109.22 12.50 10.45
C GLY L 369 -109.88 13.64 11.18
N THR L 370 -109.89 13.59 12.51
CA THR L 370 -110.53 14.64 13.31
C THR L 370 -109.57 15.27 14.31
N LEU L 371 -109.88 16.51 14.62
CA LEU L 371 -109.12 17.32 15.57
C LEU L 371 -110.15 17.85 16.54
N ILE L 372 -109.91 17.61 17.82
CA ILE L 372 -110.75 18.11 18.86
C ILE L 372 -109.86 18.98 19.71
N ASP L 373 -110.35 20.15 20.06
CA ASP L 373 -109.56 21.16 20.76
C ASP L 373 -110.26 21.46 22.08
N HIS L 374 -109.53 22.11 22.99
CA HIS L 374 -110.02 22.50 24.31
C HIS L 374 -110.59 21.29 25.09
N VAL L 375 -109.83 20.18 25.16
CA VAL L 375 -110.29 18.99 25.92
C VAL L 375 -109.70 19.03 27.34
N THR L 376 -110.47 18.51 28.28
CA THR L 376 -110.17 18.61 29.70
C THR L 376 -110.09 17.22 30.31
N PRO L 377 -109.42 17.09 31.48
CA PRO L 377 -109.29 15.78 32.13
C PRO L 377 -110.61 15.10 32.55
N GLU L 378 -111.70 15.87 32.62
CA GLU L 378 -113.02 15.37 33.08
C GLU L 378 -113.87 14.78 31.93
N MET L 379 -113.41 14.92 30.68
CA MET L 379 -114.12 14.34 29.52
C MET L 379 -113.95 12.82 29.42
N THR L 380 -115.06 12.11 29.24
CA THR L 380 -115.03 10.65 29.04
C THR L 380 -114.05 10.33 27.91
N SER L 381 -114.24 10.99 26.76
CA SER L 381 -113.43 10.79 25.53
C SER L 381 -111.90 11.05 25.69
N TYR L 382 -111.52 11.82 26.71
CA TYR L 382 -110.10 11.95 27.12
C TYR L 382 -109.63 10.81 28.02
N GLN L 383 -110.41 10.48 29.05
CA GLN L 383 -110.07 9.39 29.98
C GLN L 383 -109.93 8.04 29.29
N GLU L 384 -110.82 7.73 28.36
CA GLU L 384 -110.84 6.42 27.72
C GLU L 384 -110.09 6.40 26.37
N GLU L 385 -109.71 5.20 25.94
CA GLU L 385 -109.04 5.00 24.66
C GLU L 385 -110.03 4.96 23.47
N ILE L 386 -109.97 5.98 22.61
CA ILE L 386 -110.85 6.05 21.45
C ILE L 386 -110.48 5.00 20.43
N PHE L 387 -109.17 4.90 20.16
CA PHE L 387 -108.62 3.92 19.22
C PHE L 387 -109.10 4.18 17.78
N GLY L 388 -108.95 5.42 17.33
CA GLY L 388 -109.41 5.84 16.00
C GLY L 388 -108.72 7.11 15.51
N PRO L 389 -109.02 7.56 14.28
CA PRO L 389 -108.26 8.68 13.72
C PRO L 389 -108.59 10.01 14.37
N VAL L 390 -108.37 10.10 15.68
CA VAL L 390 -108.73 11.29 16.45
C VAL L 390 -107.55 11.79 17.25
N LEU L 391 -107.13 13.01 16.97
CA LEU L 391 -106.17 13.73 17.79
C LEU L 391 -106.95 14.72 18.67
N GLN L 392 -106.54 14.84 19.93
CA GLN L 392 -107.19 15.71 20.91
C GLN L 392 -106.14 16.63 21.47
N VAL L 393 -106.51 17.86 21.79
CA VAL L 393 -105.55 18.84 22.30
C VAL L 393 -105.98 19.30 23.67
N VAL L 394 -104.98 19.44 24.55
CA VAL L 394 -105.16 19.98 25.88
C VAL L 394 -104.19 21.13 26.06
N ARG L 395 -104.70 22.22 26.61
CA ARG L 395 -103.87 23.38 26.84
C ARG L 395 -103.59 23.45 28.34
N VAL L 396 -102.33 23.73 28.64
CA VAL L 396 -101.83 23.83 30.00
C VAL L 396 -100.76 24.92 30.08
N ALA L 397 -100.54 25.37 31.31
CA ALA L 397 -99.72 26.54 31.60
C ALA L 397 -98.21 26.24 31.53
N THR L 398 -97.77 25.26 32.32
CA THR L 398 -96.34 24.88 32.44
C THR L 398 -96.11 23.41 32.03
N MET L 399 -94.85 23.06 31.81
CA MET L 399 -94.40 21.69 31.44
C MET L 399 -94.72 20.66 32.52
N GLN L 400 -94.54 21.08 33.77
CA GLN L 400 -94.85 20.26 34.94
C GLN L 400 -96.35 19.90 35.02
N ASP L 401 -97.21 20.82 34.59
CA ASP L 401 -98.65 20.59 34.57
C ASP L 401 -98.96 19.49 33.55
N ALA L 402 -98.26 19.56 32.41
CA ALA L 402 -98.35 18.52 31.37
C ALA L 402 -97.86 17.14 31.89
N MET L 403 -96.73 17.11 32.59
CA MET L 403 -96.25 15.85 33.16
C MET L 403 -97.19 15.26 34.20
N ASP L 404 -97.73 16.11 35.08
CA ASP L 404 -98.72 15.69 36.09
C ASP L 404 -99.99 15.15 35.45
N LEU L 405 -100.40 15.77 34.35
CA LEU L 405 -101.58 15.33 33.60
C LEU L 405 -101.35 13.91 33.09
N ILE L 406 -100.17 13.70 32.51
CA ILE L 406 -99.79 12.41 31.93
C ILE L 406 -99.73 11.38 33.02
N ASP L 407 -98.96 11.70 34.07
CA ASP L 407 -98.78 10.81 35.23
C ASP L 407 -100.12 10.37 35.87
N ALA L 408 -101.07 11.31 35.91
CA ALA L 408 -102.41 11.06 36.41
C ALA L 408 -103.23 10.02 35.60
N HIS L 409 -102.86 9.79 34.34
CA HIS L 409 -103.69 8.97 33.47
C HIS L 409 -103.63 7.46 33.83
N GLU L 410 -104.74 6.77 33.61
CA GLU L 410 -104.87 5.33 33.88
C GLU L 410 -103.73 4.57 33.21
N TYR L 411 -103.60 4.84 31.90
CA TYR L 411 -102.55 4.28 31.05
C TYR L 411 -101.18 4.97 31.15
N GLY L 412 -100.16 4.31 30.61
CA GLY L 412 -98.79 4.82 30.57
C GLY L 412 -97.93 4.05 29.56
N ASN L 413 -98.47 3.86 28.37
CA ASN L 413 -97.79 3.06 27.35
C ASN L 413 -96.65 3.81 26.69
N GLY L 414 -96.94 4.99 26.18
CA GLY L 414 -96.04 5.68 25.24
C GLY L 414 -96.23 7.19 25.33
N THR L 415 -95.12 7.92 25.31
CA THR L 415 -95.17 9.38 25.40
C THR L 415 -94.01 10.00 24.63
N CYS L 416 -94.07 11.32 24.52
CA CYS L 416 -93.12 12.05 23.68
C CYS L 416 -93.00 13.47 24.14
N ILE L 417 -91.85 14.06 23.87
CA ILE L 417 -91.69 15.48 24.07
C ILE L 417 -91.02 16.06 22.82
N PHE L 418 -91.59 17.17 22.32
CA PHE L 418 -91.02 17.97 21.22
C PHE L 418 -90.36 19.20 21.81
N THR L 419 -89.03 19.20 21.80
CA THR L 419 -88.25 20.30 22.35
C THR L 419 -86.85 20.25 21.79
N ARG L 420 -86.12 21.32 22.05
CA ARG L 420 -84.74 21.48 21.61
C ARG L 420 -83.79 21.52 22.79
N ASP L 421 -84.35 21.73 23.99
CA ASP L 421 -83.56 21.86 25.22
C ASP L 421 -83.22 20.52 25.87
N GLY L 422 -81.95 20.36 26.22
CA GLY L 422 -81.47 19.09 26.75
C GLY L 422 -81.98 18.84 28.14
N GLU L 423 -81.87 19.86 28.98
CA GLU L 423 -82.39 19.80 30.35
C GLU L 423 -83.86 19.31 30.44
N ALA L 424 -84.71 19.86 29.57
CA ALA L 424 -86.11 19.48 29.54
C ALA L 424 -86.24 18.06 29.09
N ALA L 425 -85.38 17.64 28.18
CA ALA L 425 -85.47 16.28 27.64
C ALA L 425 -85.11 15.19 28.68
N ARG L 426 -84.17 15.47 29.58
CA ARG L 426 -83.82 14.49 30.60
C ARG L 426 -84.82 14.45 31.72
N TYR L 427 -85.21 15.63 32.20
CA TYR L 427 -86.23 15.73 33.25
C TYR L 427 -87.45 14.93 32.84
N PHE L 428 -87.93 15.17 31.63
CA PHE L 428 -89.01 14.40 31.05
C PHE L 428 -88.71 12.88 31.08
N SER L 429 -87.65 12.45 30.39
CA SER L 429 -87.38 11.00 30.24
C SER L 429 -86.95 10.31 31.52
N ASP L 430 -86.41 11.06 32.48
CA ASP L 430 -86.14 10.49 33.78
C ASP L 430 -87.38 10.31 34.65
N ASN L 431 -88.21 11.35 34.74
CA ASN L 431 -89.34 11.35 35.66
C ASN L 431 -90.71 10.90 35.13
N ILE L 432 -90.90 10.84 33.82
CA ILE L 432 -92.24 10.60 33.34
C ILE L 432 -92.64 9.14 33.57
N GLN L 433 -93.85 8.93 34.06
CA GLN L 433 -94.29 7.59 34.47
C GLN L 433 -94.90 6.87 33.31
N VAL L 434 -94.10 6.69 32.26
CA VAL L 434 -94.53 5.86 31.15
C VAL L 434 -93.38 4.99 30.67
N GLY L 435 -93.76 3.83 30.16
CA GLY L 435 -92.83 2.80 29.74
C GLY L 435 -91.92 3.29 28.66
N MET L 436 -92.48 3.78 27.55
CA MET L 436 -91.67 4.16 26.39
C MET L 436 -91.66 5.66 26.10
N VAL L 437 -90.48 6.26 26.20
CA VAL L 437 -90.34 7.69 26.07
C VAL L 437 -89.59 8.05 24.81
N GLY L 438 -90.11 9.05 24.11
CA GLY L 438 -89.46 9.61 22.92
C GLY L 438 -89.03 11.06 23.14
N ILE L 439 -87.90 11.43 22.55
CA ILE L 439 -87.52 12.82 22.44
C ILE L 439 -87.57 13.19 20.95
N ASN L 440 -88.50 14.09 20.61
CA ASN L 440 -88.85 14.42 19.22
C ASN L 440 -89.10 13.15 18.42
N ILE L 441 -89.75 12.20 19.08
CA ILE L 441 -90.18 10.96 18.46
C ILE L 441 -91.60 10.74 18.98
N PRO L 442 -92.61 10.98 18.15
CA PRO L 442 -93.96 10.71 18.61
C PRO L 442 -94.31 9.19 18.70
N LEU L 443 -93.61 8.33 17.93
CA LEU L 443 -93.79 6.87 18.04
C LEU L 443 -92.50 6.20 18.47
N PRO L 444 -92.18 6.27 19.77
CA PRO L 444 -90.95 5.72 20.31
C PRO L 444 -91.02 4.22 20.54
N VAL L 445 -91.25 3.48 19.46
CA VAL L 445 -91.43 2.03 19.49
C VAL L 445 -90.03 1.40 19.55
N PRO L 446 -89.76 0.62 20.59
CA PRO L 446 -88.43 0.03 20.74
C PRO L 446 -88.10 -0.90 19.61
N VAL L 447 -86.86 -0.88 19.22
CA VAL L 447 -86.42 -1.67 18.10
C VAL L 447 -86.37 -3.12 18.56
N ALA L 448 -86.27 -4.07 17.64
CA ALA L 448 -86.42 -5.51 17.95
C ALA L 448 -85.41 -6.11 18.92
N TYR L 449 -84.27 -5.43 19.05
CA TYR L 449 -83.23 -5.75 20.04
C TYR L 449 -83.39 -4.91 21.33
N HIS L 450 -84.55 -4.29 21.48
CA HIS L 450 -85.02 -3.81 22.77
C HIS L 450 -86.35 -4.47 23.05
N SER L 451 -86.99 -4.12 24.17
CA SER L 451 -88.31 -4.69 24.49
C SER L 451 -89.38 -3.61 24.61
N PHE L 452 -90.62 -3.97 24.25
CA PHE L 452 -91.78 -3.07 24.21
C PHE L 452 -92.66 -3.36 25.41
N GLY L 453 -93.02 -2.32 26.16
CA GLY L 453 -93.95 -2.50 27.25
C GLY L 453 -94.26 -1.22 27.98
N GLY L 454 -95.54 -1.05 28.31
CA GLY L 454 -96.01 0.11 29.06
C GLY L 454 -95.87 -0.05 30.57
N TRP L 455 -96.28 1.01 31.26
CA TRP L 455 -96.35 1.12 32.72
C TRP L 455 -97.80 1.24 33.18
N LYS L 456 -97.99 1.13 34.49
CA LYS L 456 -99.30 1.25 35.12
C LYS L 456 -100.23 0.26 34.43
N ARG L 457 -101.44 0.70 34.08
CA ARG L 457 -102.47 -0.19 33.56
C ARG L 457 -102.26 -0.62 32.09
N SER L 458 -101.24 -0.06 31.44
CA SER L 458 -100.90 -0.44 30.08
C SER L 458 -100.15 -1.75 29.99
N LEU L 459 -99.76 -2.33 31.13
CA LEU L 459 -99.15 -3.66 31.13
C LEU L 459 -99.31 -4.37 32.45
N PHE L 460 -99.49 -5.69 32.36
CA PHE L 460 -99.51 -6.58 33.51
C PHE L 460 -98.37 -7.62 33.37
N GLY L 461 -97.60 -7.76 34.45
CA GLY L 461 -96.38 -8.58 34.50
C GLY L 461 -95.09 -7.77 34.68
N ASP L 462 -93.97 -8.49 34.72
CA ASP L 462 -92.66 -7.87 34.98
C ASP L 462 -91.63 -8.13 33.88
N LEU L 463 -92.03 -8.83 32.81
CA LEU L 463 -91.19 -8.97 31.61
C LEU L 463 -91.96 -8.53 30.38
N HIS L 464 -91.30 -7.65 29.64
CA HIS L 464 -91.92 -6.96 28.53
C HIS L 464 -91.86 -7.75 27.24
N ALA L 465 -92.39 -7.15 26.16
CA ALA L 465 -92.70 -7.82 24.90
C ALA L 465 -91.51 -7.83 23.97
N TYR L 466 -91.24 -8.99 23.40
CA TYR L 466 -90.14 -9.20 22.46
C TYR L 466 -88.83 -8.67 23.02
N GLY L 467 -87.76 -8.68 22.25
CA GLY L 467 -86.45 -8.25 22.76
C GLY L 467 -85.85 -9.14 23.82
N PRO L 468 -84.87 -8.61 24.58
CA PRO L 468 -84.25 -9.34 25.68
C PRO L 468 -85.23 -9.98 26.65
N ASP L 469 -86.27 -9.23 27.01
CA ASP L 469 -87.27 -9.69 27.99
C ASP L 469 -88.01 -10.93 27.53
N ALA L 470 -88.28 -11.01 26.24
CA ALA L 470 -88.92 -12.19 25.68
C ALA L 470 -88.08 -13.43 25.87
N VAL L 471 -86.76 -13.27 25.82
CA VAL L 471 -85.81 -14.38 26.03
C VAL L 471 -85.97 -14.94 27.44
N ARG L 472 -86.20 -14.04 28.40
CA ARG L 472 -86.37 -14.43 29.80
C ARG L 472 -87.77 -14.92 30.08
N PHE L 473 -88.75 -14.30 29.45
CA PHE L 473 -90.13 -14.77 29.55
C PHE L 473 -90.33 -16.15 28.90
N TYR L 474 -89.64 -16.43 27.79
CA TYR L 474 -89.84 -17.68 27.08
C TYR L 474 -88.86 -18.77 27.52
N THR L 475 -88.05 -18.47 28.54
CA THR L 475 -87.19 -19.48 29.16
C THR L 475 -87.29 -19.39 30.68
N LYS L 476 -86.84 -20.46 31.33
CA LYS L 476 -86.85 -20.56 32.79
C LYS L 476 -85.46 -20.84 33.31
N ARG L 477 -85.12 -20.21 34.43
CA ARG L 477 -83.77 -20.26 35.00
C ARG L 477 -83.49 -21.55 35.78
N LYS L 478 -82.46 -22.27 35.31
CA LYS L 478 -81.85 -23.37 36.04
C LYS L 478 -80.51 -22.88 36.51
N THR L 479 -80.14 -23.24 37.72
CA THR L 479 -78.81 -22.94 38.24
C THR L 479 -78.16 -24.26 38.68
N VAL L 480 -77.13 -24.70 37.98
CA VAL L 480 -76.38 -25.91 38.35
C VAL L 480 -75.23 -25.55 39.27
N THR L 481 -75.00 -26.33 40.32
CA THR L 481 -73.80 -26.20 41.14
C THR L 481 -73.09 -27.54 41.13
N GLN L 482 -71.80 -27.52 40.79
CA GLN L 482 -71.04 -28.71 40.43
C GLN L 482 -69.83 -28.91 41.30
N ARG L 483 -69.60 -30.15 41.68
CA ARG L 483 -68.46 -30.51 42.51
C ARG L 483 -68.08 -31.98 42.23
N TRP L 484 -66.80 -32.31 42.36
CA TRP L 484 -66.31 -33.65 42.02
C TRP L 484 -65.44 -34.20 43.13
N PRO L 485 -66.05 -34.89 44.10
CA PRO L 485 -65.48 -35.14 45.42
C PRO L 485 -64.21 -35.99 45.49
N SER L 486 -64.00 -36.88 44.53
CA SER L 486 -62.90 -37.85 44.60
C SER L 486 -62.15 -37.90 43.27
N ALA L 487 -60.80 -37.92 43.34
CA ALA L 487 -59.92 -37.83 42.16
C ALA L 487 -59.75 -39.14 41.38
N GLY L 488 -59.32 -40.19 42.08
CA GLY L 488 -59.41 -41.60 41.62
C GLY L 488 -58.81 -41.98 40.28
N VAL L 489 -59.60 -41.78 39.23
CA VAL L 489 -59.17 -41.96 37.85
C VAL L 489 -57.97 -41.06 37.54
N ARG L 490 -58.01 -39.81 38.00
CA ARG L 490 -56.90 -38.89 37.80
C ARG L 490 -55.57 -39.41 38.39
N GLU L 491 -55.65 -40.12 39.52
CA GLU L 491 -54.48 -40.53 40.30
C GLU L 491 -54.47 -42.04 40.62
PA NAD M . 98.14 -3.06 -59.74
O1A NAD M . 99.19 -3.18 -60.84
O2A NAD M . 98.51 -3.09 -58.27
O5B NAD M . 97.35 -1.65 -59.94
C5B NAD M . 96.21 -1.49 -60.79
C4B NAD M . 96.05 -0.04 -61.25
O4B NAD M . 97.16 0.75 -60.82
C3B NAD M . 95.96 0.12 -62.76
O3B NAD M . 94.93 1.06 -63.05
C2B NAD M . 97.36 0.58 -63.19
O2B NAD M . 97.46 1.52 -64.26
C1B NAD M . 97.90 1.26 -61.94
N9A NAD M . 99.37 1.04 -61.76
C8A NAD M . 100.04 -0.12 -62.00
N7A NAD M . 101.36 0.04 -61.71
C5A NAD M . 101.54 1.31 -61.28
C6A NAD M . 102.71 2.13 -60.83
N6A NAD M . 103.93 1.58 -60.78
N1A NAD M . 102.47 3.43 -60.47
C2A NAD M . 101.23 3.97 -60.53
N3A NAD M . 100.13 3.30 -60.92
C4A NAD M . 100.22 1.99 -61.31
O3 NAD M . 96.98 -4.19 -59.98
PN NAD M . 96.69 -5.12 -61.30
O1N NAD M . 96.13 -4.30 -62.46
O2N NAD M . 97.82 -6.13 -61.58
O5D NAD M . 95.50 -5.94 -60.61
C5D NAD M . 95.79 -7.00 -59.68
C4D NAD M . 95.77 -6.60 -58.20
O4D NAD M . 94.48 -6.16 -57.69
C3D NAD M . 96.16 -7.79 -57.31
O3D NAD M . 97.50 -7.66 -56.83
C2D NAD M . 95.14 -7.85 -56.16
O2D NAD M . 95.76 -8.02 -54.89
C1D NAD M . 94.41 -6.53 -56.30
N1N NAD M . 93.03 -6.52 -55.83
C2N NAD M . 92.82 -5.99 -54.61
C3N NAD M . 91.53 -5.92 -54.08
C7N NAD M . 91.23 -5.37 -52.71
O7N NAD M . 91.79 -5.77 -51.68
N7N NAD M . 90.28 -4.45 -52.65
C4N NAD M . 90.46 -6.38 -54.85
C5N NAD M . 90.69 -6.91 -56.11
C6N NAD M . 92.00 -6.97 -56.59
PA NAD N . 37.45 10.34 -44.89
O1A NAD N . 36.06 10.00 -45.39
O2A NAD N . 37.65 11.05 -43.58
O5B NAD N . 38.29 8.95 -44.83
C5B NAD N . 38.88 8.23 -45.93
C4B NAD N . 38.51 6.73 -45.92
O4B NAD N . 37.75 6.41 -44.73
C3B NAD N . 37.69 6.22 -47.12
O3B NAD N . 38.34 5.07 -47.71
C2B NAD N . 36.31 5.90 -46.56
O2B NAD N . 35.64 4.75 -47.15
C1B NAD N . 36.57 5.69 -45.06
N9A NAD N . 35.41 6.10 -44.22
C8A NAD N . 34.62 7.19 -44.41
N7A NAD N . 33.63 7.24 -43.48
C5A NAD N . 33.78 6.18 -42.68
C6A NAD N . 33.06 5.66 -41.51
N6A NAD N . 31.99 6.33 -41.03
N1A NAD N . 33.55 4.52 -40.95
C2A NAD N . 34.64 3.86 -41.44
N3A NAD N . 35.34 4.28 -42.52
C4A NAD N . 34.96 5.42 -43.17
O3 NAD N . 38.32 11.14 -45.97
PN NAD N . 37.90 11.41 -47.51
O1N NAD N . 37.90 10.16 -48.41
O2N NAD N . 36.69 12.35 -47.48
O5D NAD N . 39.17 12.36 -47.81
C5D NAD N . 39.26 13.66 -47.23
C4D NAD N . 40.13 13.71 -45.96
O4D NAD N . 41.49 13.32 -46.24
C3D NAD N . 40.19 15.14 -45.36
O3D NAD N . 39.29 15.37 -44.26
C2D NAD N . 41.66 15.30 -44.96
O2D NAD N . 41.80 15.73 -43.61
C1D NAD N . 42.28 13.93 -45.20
N1N NAD N . 43.73 14.01 -45.43
C2N NAD N . 44.53 13.90 -44.37
C3N NAD N . 45.91 13.96 -44.51
C7N NAD N . 46.80 13.86 -43.30
O7N NAD N . 47.79 13.15 -43.39
N7N NAD N . 46.53 14.55 -42.15
C4N NAD N . 46.46 14.10 -45.78
C5N NAD N . 45.64 14.21 -46.88
C6N NAD N . 44.25 14.15 -46.66
PA NAD O . 49.24 -5.46 -12.23
O1A NAD O . 48.88 -5.37 -13.69
O2A NAD O . 48.28 -6.11 -11.27
O5B NAD O . 49.64 -3.98 -11.71
C5B NAD O . 50.39 -3.07 -12.52
C4B NAD O . 49.91 -1.69 -12.13
O4B NAD O . 48.55 -1.45 -12.50
C3B NAD O . 49.99 -1.45 -10.63
O3B NAD O . 50.66 -0.20 -10.43
C2B NAD O . 48.59 -1.30 -10.13
O2B NAD O . 48.53 -0.20 -9.23
C1B NAD O . 47.78 -0.98 -11.39
N9A NAD O . 46.46 -1.62 -11.42
C8A NAD O . 46.16 -2.80 -10.83
N7A NAD O . 44.88 -3.12 -11.05
C5A NAD O . 44.32 -2.16 -11.80
C6A NAD O . 42.98 -1.94 -12.37
N6A NAD O . 42.00 -2.83 -12.15
N1A NAD O . 42.79 -0.83 -13.11
C2A NAD O . 43.80 0.06 -13.31
N3A NAD O . 45.05 -0.08 -12.82
C4A NAD O . 45.37 -1.17 -12.06
O3 NAD O . 50.69 -6.17 -12.19
PN NAD O . 51.43 -6.58 -10.83
O1N NAD O . 50.43 -7.34 -9.98
O2N NAD O . 52.02 -5.30 -10.26
O5D NAD O . 52.49 -7.75 -11.20
C5D NAD O . 53.34 -7.72 -12.34
C4D NAD O . 52.66 -8.35 -13.58
O4D NAD O . 53.10 -7.61 -14.73
C3D NAD O . 52.99 -9.81 -13.86
O3D NAD O . 51.89 -10.40 -14.55
C2D NAD O . 54.18 -9.73 -14.79
O2D NAD O . 54.36 -10.82 -15.71
C1D NAD O . 53.92 -8.43 -15.53
N1N NAD O . 55.18 -7.73 -15.77
C2N NAD O . 55.53 -7.60 -17.05
C3N NAD O . 56.71 -7.00 -17.43
C7N NAD O . 56.98 -6.93 -18.91
O7N NAD O . 56.72 -7.83 -19.70
N7N NAD O . 57.51 -5.80 -19.35
C4N NAD O . 57.55 -6.48 -16.44
C5N NAD O . 57.19 -6.61 -15.10
C6N NAD O . 55.98 -7.24 -14.77
PA NAD P . 30.54 -9.98 -10.43
O1A NAD P . 31.82 -10.58 -10.95
O2A NAD P . 30.62 -9.17 -9.14
O5B NAD P . 29.80 -9.13 -11.60
C5B NAD P . 28.63 -8.32 -11.35
C4B NAD P . 28.29 -7.27 -12.42
O4B NAD P . 29.20 -6.18 -12.44
C3B NAD P . 28.25 -7.82 -13.84
O3B NAD P . 27.12 -7.25 -14.54
C2B NAD P . 29.56 -7.41 -14.46
O2B NAD P . 29.37 -7.00 -15.81
C1B NAD P . 30.03 -6.23 -13.63
N9A NAD P . 31.47 -6.27 -13.20
C8A NAD P . 32.31 -7.32 -13.02
N7A NAD P . 33.54 -6.90 -12.62
C5A NAD P . 33.49 -5.55 -12.53
C6A NAD P . 34.41 -4.43 -12.15
N6A NAD P . 35.68 -4.68 -11.78
N1A NAD P . 33.95 -3.16 -12.17
C2A NAD P . 32.68 -2.88 -12.54
N3A NAD P . 31.80 -3.83 -12.90
C4A NAD P . 32.13 -5.14 -12.91
O3 NAD P . 29.47 -11.11 -10.03
PN NAD P . 29.13 -12.36 -10.96
O1N NAD P . 30.35 -13.30 -10.89
O2N NAD P . 28.57 -11.84 -12.27
O5D NAD P . 27.90 -13.01 -10.14
C5D NAD P . 28.11 -13.88 -9.02
C4D NAD P . 28.34 -13.08 -7.73
O4D NAD P . 27.28 -12.15 -7.52
C3D NAD P . 28.34 -13.94 -6.46
O3D NAD P . 29.31 -13.46 -5.51
C2D NAD P . 26.94 -13.82 -5.86
O2D NAD P . 26.85 -13.98 -4.43
C1D NAD P . 26.66 -12.40 -6.25
N1N NAD P . 25.22 -12.20 -6.20
C2N NAD P . 24.70 -11.77 -5.05
C3N NAD P . 23.35 -11.54 -4.92
C7N NAD P . 22.83 -11.11 -3.60
O7N NAD P . 23.30 -10.20 -2.92
N7N NAD P . 21.82 -11.83 -3.18
C4N NAD P . 22.51 -11.79 -5.98
C5N NAD P . 23.06 -12.24 -7.18
C6N NAD P . 24.43 -12.45 -7.26
PA NAD Q . -96.28 -19.79 55.29
O1A NAD Q . -96.10 -20.20 53.84
O2A NAD Q . -97.70 -19.71 55.85
O5B NAD Q . -95.44 -18.42 55.66
C5B NAD Q . -95.13 -17.35 54.78
C4B NAD Q . -95.57 -15.97 55.31
O4B NAD Q . -96.98 -15.72 55.07
C3B NAD Q . -95.35 -15.77 56.82
O3B NAD Q . -94.82 -14.44 57.05
C2B NAD Q . -96.74 -16.04 57.40
O2B NAD Q . -97.07 -15.32 58.59
C1B NAD Q . -97.70 -15.58 56.30
N9A NAD Q . -98.97 -16.36 56.20
C8A NAD Q . -99.26 -17.55 56.76
N7A NAD Q . -100.51 -17.93 56.43
C5A NAD Q . -101.04 -16.98 55.64
C6A NAD Q . -102.33 -16.77 54.94
N6A NAD Q . -103.31 -17.69 55.03
N1A NAD Q . -102.48 -15.64 54.21
C2A NAD Q . -101.51 -14.70 54.11
N3A NAD Q . -100.30 -14.84 54.72
C4A NAD Q . -100.02 -15.93 55.48
O3 NAD Q . -95.57 -20.89 56.23
PN NAD Q . -94.11 -20.89 56.95
O1N NAD Q . -94.47 -21.63 58.23
O2N NAD Q . -93.42 -19.54 57.07
O5D NAD Q . -93.44 -21.91 55.88
C5D NAD Q . -92.09 -22.41 55.76
C4D NAD Q . -91.74 -22.30 54.29
O4D NAD Q . -90.49 -21.64 54.06
C3D NAD Q . -91.62 -23.58 53.43
O3D NAD Q . -92.79 -24.41 53.23
C2D NAD Q . -91.12 -22.93 52.15
O2D NAD Q . -92.16 -22.58 51.24
C1D NAD Q . -90.40 -21.64 52.63
N1N NAD Q . -89.09 -21.61 52.01
C2N NAD Q . -89.14 -21.62 50.68
C3N NAD Q . -88.00 -21.62 49.92
C7N NAD Q . -88.22 -21.63 48.43
O7N NAD Q . -88.57 -22.63 47.78
N7N NAD Q . -88.04 -20.46 47.86
C4N NAD Q . -86.77 -21.56 50.57
C5N NAD Q . -86.74 -21.54 51.98
C6N NAD Q . -87.93 -21.57 52.68
PA NAD R . -109.03 -7.29 22.42
O1A NAD R . -108.69 -6.88 23.84
O2A NAD R . -110.46 -7.21 21.93
O5B NAD R . -108.56 -8.80 22.13
C5B NAD R . -107.32 -9.13 21.55
C4B NAD R . -107.20 -10.64 21.58
O4B NAD R . -107.92 -11.07 22.73
C3B NAD R . -107.79 -11.40 20.38
O3B NAD R . -107.02 -12.57 20.02
C2B NAD R . -109.17 -11.82 20.85
O2B NAD R . -109.55 -13.09 20.29
C1B NAD R . -108.98 -11.94 22.35
N9A NAD R . -110.17 -11.59 23.14
C8A NAD R . -110.99 -10.54 22.99
N7A NAD R . -111.99 -10.57 23.91
C5A NAD R . -111.79 -11.67 24.65
C6A NAD R . -112.46 -12.30 25.78
N6A NAD R . -113.58 -11.76 26.32
N1A NAD R . -111.92 -13.44 26.27
C2A NAD R . -110.82 -14.01 25.75
N3A NAD R . -110.15 -13.49 24.72
C4A NAD R . -110.59 -12.34 24.14
O3 NAD R . -108.05 -6.44 21.47
PN NAD R . -108.53 -5.91 20.02
O1N NAD R . -108.44 -7.08 19.04
O2N NAD R . -109.80 -5.07 20.12
O5D NAD R . -107.29 -4.87 19.84
C5D NAD R . -107.38 -3.54 20.36
C4D NAD R . -106.49 -3.38 21.59
O4D NAD R . -105.15 -3.89 21.37
C3D NAD R . -106.33 -1.90 21.96
O3D NAD R . -106.99 -1.63 23.20
C2D NAD R . -104.81 -1.65 21.99
O2D NAD R . -104.31 -0.80 23.04
C1D NAD R . -104.25 -3.04 22.11
N1N NAD R . -102.82 -3.04 21.74
C2N NAD R . -101.95 -2.98 22.76
C3N NAD R . -100.58 -2.95 22.55
C7N NAD R . -99.66 -2.90 23.74
O7N NAD R . -98.78 -3.75 23.74
N7N NAD R . -99.82 -2.03 24.75
C4N NAD R . -100.09 -2.99 21.24
C5N NAD R . -101.00 -3.03 20.18
C6N NAD R . -102.38 -3.06 20.47
#